data_9HAQ
#
_entry.id   9HAQ
#
_cell.length_a   113.832
_cell.length_b   151.945
_cell.length_c   316.557
_cell.angle_alpha   90
_cell.angle_beta   90
_cell.angle_gamma   90
#
_symmetry.space_group_name_H-M   'P 21 21 21'
#
loop_
_entity.id
_entity.type
_entity.pdbx_description
1 polymer 'Cystathionine gamma-synthase'
2 polymer 'Cystathionine gamma-synthase'
3 non-polymer NORLEUCINE
4 non-polymer '2-[O-PHOSPHONOPYRIDOXYL]-AMINO-HEXANOIC ACID'
5 non-polymer DI(HYDROXYETHYL)ETHER
6 non-polymer "PYRIDOXAL-5'-PHOSPHATE"
7 water water
#
loop_
_entity_poly.entity_id
_entity_poly.type
_entity_poly.pdbx_seq_one_letter_code
_entity_poly.pdbx_strand_id
1 'polypeptide(L)'
;MGSSHHHHHHSSGLVPRGSHMNSMHPETLMVHGGMDGLTEAGVHVPAIDLSTTNPVNDVATGGDSYEWLATGHALKDGDS
AVYQRLWQPGVARFETALAELEHADEAVAFATGMAAMTAALLAAVNAGTPHIVAVRPLYGGSDHLLETGLLGTTVTWAKE
AEIASAIQDDTGLVIVETPANPSLDLVDLDSVVAAAGTVPVLVDNTFCTPVLQQPIRHGAALVLHSAT(LLP)YLGGHGD
AMGGIIATNSDWAMRLRQVRAITGALLHPMGAYLLHRGLRTLAVRMRAAQTTAGELAERLAAHPAITAVHYPGLNGQDPR
GLLGRQMSGGGAMIALELAGGFDAARSFVEHCSLVVHAVSLGGADTLIQHPASLTHRPVAATAKPGDGLIRLSVGLEHVD
DLEDDLIAALDASRAAA
;
A,B,D,F,H,I,J,L,P
2 'polypeptide(L)'
;MGSSHHHHHHSSGLVPRGSHMNSMHPETLMVHGGMDGLTEAGVHVPAIDLSTTNPVNDVATGGDSYEWLATGHALKDGDS
AVYQRLWQPGVARFETALAELEHADEAVAFATGMAAMTAALLAAVNAGTPHIVAVRPLYGGSDHLLETGLLGTTVTWAKE
AEIASAIQDDTGLVIVETPANPSLDLVDLDSVVAAAGTVPVLVDNTFCTPVLQQPIRHGAALVLHSATKYLGGHGDAMGG
IIATNSDWAMRLRQVRAITGALLHPMGAYLLHRGLRTLAVRMRAAQTTAGELAERLAAHPAITAVHYPGLNGQDPRGLLG
RQMSGGGAMIALELAGGFDAARSFVEHCSLVVHAVSLGGADTLIQHPASLTHRPVAATAKPGDGLIRLSVGLEHVDDLED
DLIAALDASRAAA
;
C,E,G,K,M,N,O
#
# COMPACT_ATOMS: atom_id res chain seq x y z
N ASN A 22 -32.36 19.49 -19.94
CA ASN A 22 -33.78 19.77 -19.71
C ASN A 22 -34.02 19.95 -18.20
N SER A 23 -33.62 18.97 -17.38
CA SER A 23 -33.75 19.06 -15.92
C SER A 23 -32.53 19.75 -15.26
N MET A 24 -31.40 19.87 -15.98
CA MET A 24 -30.20 20.51 -15.41
C MET A 24 -30.25 22.01 -15.62
N HIS A 25 -29.71 22.76 -14.66
CA HIS A 25 -29.65 24.23 -14.73
C HIS A 25 -28.61 24.68 -15.80
N PRO A 26 -28.66 25.92 -16.34
CA PRO A 26 -27.65 26.32 -17.34
C PRO A 26 -26.20 26.27 -16.86
N GLU A 27 -25.96 26.50 -15.56
CA GLU A 27 -24.60 26.48 -15.00
C GLU A 27 -23.98 25.08 -15.08
N THR A 28 -24.80 24.02 -14.87
CA THR A 28 -24.35 22.63 -14.96
C THR A 28 -24.11 22.25 -16.42
N LEU A 29 -25.04 22.66 -17.31
CA LEU A 29 -24.95 22.40 -18.75
C LEU A 29 -23.70 22.99 -19.38
N MET A 30 -23.21 24.13 -18.89
CA MET A 30 -22.00 24.73 -19.44
C MET A 30 -20.75 23.90 -19.10
N VAL A 31 -20.71 23.29 -17.90
CA VAL A 31 -19.57 22.47 -17.49
C VAL A 31 -19.57 21.10 -18.20
N HIS A 32 -20.70 20.36 -18.13
CA HIS A 32 -20.81 19.02 -18.70
C HIS A 32 -21.37 18.92 -20.13
N GLY A 33 -21.66 20.05 -20.76
CA GLY A 33 -22.18 20.06 -22.13
C GLY A 33 -21.14 19.60 -23.13
N GLY A 34 -21.51 18.68 -24.00
CA GLY A 34 -20.61 18.13 -25.00
C GLY A 34 -19.51 17.23 -24.45
N MET A 35 -19.69 16.72 -23.22
CA MET A 35 -18.72 15.85 -22.54
C MET A 35 -19.29 14.43 -22.34
N ASP A 36 -20.21 13.98 -23.23
CA ASP A 36 -20.83 12.67 -23.09
C ASP A 36 -19.89 11.56 -23.57
N GLY A 37 -19.84 10.47 -22.81
CA GLY A 37 -18.99 9.32 -23.14
C GLY A 37 -17.54 9.42 -22.72
N LEU A 38 -17.07 10.60 -22.26
CA LEU A 38 -15.68 10.76 -21.85
C LEU A 38 -15.42 10.03 -20.53
N THR A 39 -16.35 10.13 -19.57
CA THR A 39 -16.22 9.44 -18.28
C THR A 39 -16.24 7.92 -18.48
N GLU A 40 -17.04 7.42 -19.43
CA GLU A 40 -17.12 5.99 -19.73
C GLU A 40 -15.81 5.50 -20.38
N ALA A 41 -15.17 6.34 -21.22
CA ALA A 41 -13.90 6.03 -21.86
C ALA A 41 -12.67 6.18 -20.91
N GLY A 42 -12.88 6.63 -19.67
CA GLY A 42 -11.80 6.80 -18.71
C GLY A 42 -10.94 8.02 -18.94
N VAL A 43 -11.52 9.12 -19.48
CA VAL A 43 -10.80 10.36 -19.75
C VAL A 43 -11.55 11.56 -19.12
N HIS A 44 -10.83 12.66 -18.85
CA HIS A 44 -11.39 13.85 -18.19
C HIS A 44 -11.86 14.93 -19.16
N VAL A 45 -11.03 15.27 -20.17
CA VAL A 45 -11.32 16.32 -21.16
C VAL A 45 -11.32 15.71 -22.58
N PRO A 46 -12.01 16.29 -23.60
CA PRO A 46 -11.98 15.67 -24.94
C PRO A 46 -10.60 15.77 -25.58
N ALA A 47 -10.17 14.71 -26.27
CA ALA A 47 -8.86 14.70 -26.92
C ALA A 47 -8.86 15.54 -28.19
N ILE A 48 -7.70 16.07 -28.57
CA ILE A 48 -7.54 16.88 -29.77
C ILE A 48 -7.06 15.95 -30.89
N ASP A 49 -7.98 15.56 -31.80
CA ASP A 49 -7.63 14.68 -32.92
C ASP A 49 -7.31 15.54 -34.13
N LEU A 50 -6.01 15.70 -34.45
CA LEU A 50 -5.58 16.52 -35.58
C LEU A 50 -5.74 15.84 -36.96
N SER A 51 -6.13 14.55 -36.99
CA SER A 51 -6.30 13.78 -38.23
C SER A 51 -7.05 14.52 -39.34
N THR A 52 -6.44 14.63 -40.51
CA THR A 52 -7.06 15.26 -41.69
C THR A 52 -7.99 14.25 -42.35
N THR A 53 -7.53 12.99 -42.49
CA THR A 53 -8.32 11.90 -43.07
C THR A 53 -8.72 10.90 -41.98
N ASN A 54 -9.79 10.13 -42.24
CA ASN A 54 -10.32 9.14 -41.31
C ASN A 54 -10.56 7.82 -42.04
N PRO A 55 -9.82 6.72 -41.77
CA PRO A 55 -10.06 5.46 -42.49
C PRO A 55 -11.47 4.88 -42.38
N VAL A 56 -11.86 4.07 -43.39
CA VAL A 56 -13.18 3.44 -43.46
C VAL A 56 -13.08 1.91 -43.32
N ASN A 57 -14.14 1.28 -42.80
CA ASN A 57 -14.16 -0.17 -42.58
C ASN A 57 -14.24 -0.93 -43.89
N ASP A 58 -15.14 -0.51 -44.80
CA ASP A 58 -15.31 -1.14 -46.10
C ASP A 58 -15.79 -0.12 -47.15
N VAL A 59 -15.80 -0.51 -48.44
CA VAL A 59 -16.19 0.35 -49.55
C VAL A 59 -17.66 0.78 -49.42
N ALA A 60 -18.56 -0.15 -49.08
CA ALA A 60 -19.98 0.15 -48.96
C ALA A 60 -20.29 1.19 -47.86
N THR A 61 -19.78 1.01 -46.63
CA THR A 61 -20.04 1.96 -45.55
C THR A 61 -19.29 3.27 -45.76
N GLY A 62 -18.07 3.20 -46.30
CA GLY A 62 -17.28 4.40 -46.61
C GLY A 62 -17.98 5.34 -47.58
N GLY A 63 -18.45 4.78 -48.69
CA GLY A 63 -19.17 5.52 -49.72
C GLY A 63 -20.48 6.09 -49.22
N ASP A 64 -21.22 5.31 -48.40
CA ASP A 64 -22.48 5.78 -47.81
C ASP A 64 -22.22 6.95 -46.84
N SER A 65 -21.16 6.83 -46.01
CA SER A 65 -20.83 7.87 -45.02
C SER A 65 -20.33 9.15 -45.68
N TYR A 66 -19.55 9.04 -46.78
CA TYR A 66 -19.08 10.20 -47.53
C TYR A 66 -20.27 11.01 -48.07
N GLU A 67 -21.22 10.33 -48.75
CA GLU A 67 -22.38 11.00 -49.34
C GLU A 67 -23.29 11.60 -48.27
N TRP A 68 -23.46 10.88 -47.16
CA TRP A 68 -24.25 11.32 -46.01
C TRP A 68 -23.74 12.67 -45.47
N LEU A 69 -22.42 12.78 -45.26
CA LEU A 69 -21.85 14.02 -44.72
C LEU A 69 -21.70 15.12 -45.76
N ALA A 70 -21.40 14.77 -47.03
CA ALA A 70 -21.27 15.79 -48.09
C ALA A 70 -22.60 16.51 -48.32
N THR A 71 -23.73 15.79 -48.17
CA THR A 71 -25.06 16.38 -48.33
C THR A 71 -25.55 17.10 -47.03
N GLY A 72 -24.64 17.45 -46.13
CA GLY A 72 -24.95 18.21 -44.93
C GLY A 72 -25.53 17.47 -43.73
N HIS A 73 -25.61 16.13 -43.74
CA HIS A 73 -26.16 15.40 -42.61
C HIS A 73 -25.14 15.25 -41.48
N ALA A 74 -25.63 15.08 -40.25
CA ALA A 74 -24.77 14.88 -39.09
C ALA A 74 -24.21 13.45 -39.08
N LEU A 75 -23.06 13.26 -38.43
CA LEU A 75 -22.42 11.94 -38.38
C LEU A 75 -23.21 10.96 -37.53
N LYS A 76 -23.45 9.76 -38.06
CA LYS A 76 -24.13 8.70 -37.34
C LYS A 76 -23.12 8.08 -36.36
N ASP A 77 -23.58 7.65 -35.17
CA ASP A 77 -22.69 7.04 -34.19
C ASP A 77 -22.12 5.72 -34.73
N GLY A 78 -20.81 5.54 -34.58
CA GLY A 78 -20.12 4.35 -35.07
C GLY A 78 -19.55 4.51 -36.46
N ASP A 79 -20.11 5.42 -37.28
CA ASP A 79 -19.63 5.65 -38.64
C ASP A 79 -18.34 6.46 -38.67
N SER A 80 -17.53 6.27 -39.71
CA SER A 80 -16.26 7.00 -39.87
C SER A 80 -16.51 8.42 -40.35
N ALA A 81 -15.70 9.38 -39.87
CA ALA A 81 -15.82 10.78 -40.28
C ALA A 81 -15.38 11.02 -41.73
N VAL A 82 -14.65 10.07 -42.36
CA VAL A 82 -14.16 10.08 -43.74
C VAL A 82 -13.04 11.14 -43.97
N TYR A 83 -13.35 12.43 -43.77
CA TYR A 83 -12.41 13.54 -43.96
C TYR A 83 -12.78 14.69 -43.03
N GLN A 84 -11.80 15.54 -42.66
CA GLN A 84 -12.02 16.64 -41.74
C GLN A 84 -12.96 17.71 -42.27
N ARG A 85 -12.94 17.95 -43.59
CA ARG A 85 -13.86 18.92 -44.19
C ARG A 85 -15.33 18.44 -44.19
N LEU A 86 -15.57 17.13 -43.93
CA LEU A 86 -16.91 16.55 -43.82
C LEU A 86 -17.33 16.47 -42.35
N TRP A 87 -16.42 16.04 -41.46
CA TRP A 87 -16.72 15.96 -40.02
C TRP A 87 -15.44 15.90 -39.18
N GLN A 88 -15.49 16.48 -37.96
CA GLN A 88 -14.37 16.47 -36.99
C GLN A 88 -14.99 16.25 -35.58
N PRO A 89 -14.51 15.29 -34.76
CA PRO A 89 -15.18 15.04 -33.46
C PRO A 89 -15.10 16.15 -32.41
N GLY A 90 -13.96 16.83 -32.31
CA GLY A 90 -13.77 17.91 -31.37
C GLY A 90 -14.67 19.10 -31.65
N VAL A 91 -14.88 19.39 -32.94
CA VAL A 91 -15.76 20.49 -33.36
C VAL A 91 -17.20 20.07 -33.03
N ALA A 92 -17.58 18.83 -33.35
CA ALA A 92 -18.90 18.29 -33.05
C ALA A 92 -19.26 18.36 -31.56
N ARG A 93 -18.27 18.17 -30.66
CA ARG A 93 -18.51 18.26 -29.22
C ARG A 93 -18.84 19.69 -28.82
N PHE A 94 -18.10 20.67 -29.38
CA PHE A 94 -18.37 22.09 -29.15
C PHE A 94 -19.75 22.47 -29.70
N GLU A 95 -20.12 21.93 -30.87
CA GLU A 95 -21.40 22.17 -31.51
C GLU A 95 -22.57 21.70 -30.63
N THR A 96 -22.51 20.46 -30.10
CA THR A 96 -23.57 19.94 -29.24
C THR A 96 -23.64 20.69 -27.90
N ALA A 97 -22.49 21.18 -27.40
CA ALA A 97 -22.47 21.93 -26.14
C ALA A 97 -23.24 23.25 -26.26
N LEU A 98 -23.03 24.03 -27.33
CA LEU A 98 -23.75 25.30 -27.50
C LEU A 98 -25.21 25.10 -27.85
N ALA A 99 -25.53 24.09 -28.69
CA ALA A 99 -26.91 23.81 -29.07
C ALA A 99 -27.80 23.55 -27.83
N GLU A 100 -27.27 22.85 -26.82
CA GLU A 100 -28.01 22.59 -25.59
C GLU A 100 -28.26 23.89 -24.80
N LEU A 101 -27.31 24.82 -24.84
CA LEU A 101 -27.42 26.09 -24.13
C LEU A 101 -28.43 27.01 -24.81
N GLU A 102 -28.40 27.10 -26.16
CA GLU A 102 -29.36 27.93 -26.90
C GLU A 102 -30.72 27.24 -27.11
N HIS A 103 -30.91 25.98 -26.62
CA HIS A 103 -32.14 25.21 -26.81
C HIS A 103 -32.43 24.95 -28.30
N ALA A 104 -31.36 24.79 -29.11
CA ALA A 104 -31.46 24.51 -30.54
C ALA A 104 -31.27 23.02 -30.80
N ASP A 105 -31.77 22.53 -31.95
CA ASP A 105 -31.64 21.12 -32.29
C ASP A 105 -30.16 20.78 -32.58
N GLU A 106 -29.50 21.58 -33.46
CA GLU A 106 -28.11 21.36 -33.87
C GLU A 106 -27.35 22.70 -33.97
N ALA A 107 -26.02 22.64 -34.16
CA ALA A 107 -25.19 23.83 -34.35
C ALA A 107 -24.05 23.52 -35.34
N VAL A 108 -23.60 24.52 -36.11
CA VAL A 108 -22.53 24.35 -37.10
C VAL A 108 -21.43 25.39 -36.80
N ALA A 109 -20.18 24.93 -36.62
CA ALA A 109 -19.03 25.79 -36.29
C ALA A 109 -18.14 26.04 -37.50
N PHE A 110 -17.51 27.22 -37.55
CA PHE A 110 -16.61 27.68 -38.62
C PHE A 110 -15.36 28.38 -38.04
N ALA A 111 -14.40 28.76 -38.91
CA ALA A 111 -13.15 29.42 -38.51
C ALA A 111 -13.34 30.72 -37.74
N THR A 112 -14.27 31.59 -38.17
CA THR A 112 -14.56 32.90 -37.55
C THR A 112 -16.09 33.18 -37.56
N GLY A 113 -16.53 34.22 -36.83
CA GLY A 113 -17.92 34.65 -36.84
C GLY A 113 -18.35 35.09 -38.22
N MET A 114 -17.42 35.70 -39.00
CA MET A 114 -17.71 36.11 -40.37
C MET A 114 -17.85 34.91 -41.31
N ALA A 115 -17.15 33.80 -41.06
CA ALA A 115 -17.30 32.58 -41.86
C ALA A 115 -18.69 31.99 -41.67
N ALA A 116 -19.22 32.05 -40.44
CA ALA A 116 -20.57 31.59 -40.14
C ALA A 116 -21.59 32.47 -40.88
N MET A 117 -21.43 33.80 -40.83
CA MET A 117 -22.30 34.76 -41.55
C MET A 117 -22.24 34.51 -43.06
N THR A 118 -21.04 34.26 -43.59
CA THR A 118 -20.82 33.97 -45.00
C THR A 118 -21.59 32.73 -45.42
N ALA A 119 -21.49 31.65 -44.62
CA ALA A 119 -22.19 30.42 -44.92
C ALA A 119 -23.70 30.59 -44.83
N ALA A 120 -24.18 31.33 -43.81
CA ALA A 120 -25.61 31.61 -43.64
C ALA A 120 -26.17 32.35 -44.84
N LEU A 121 -25.43 33.33 -45.38
CA LEU A 121 -25.87 34.08 -46.55
C LEU A 121 -25.82 33.23 -47.82
N LEU A 122 -24.76 32.42 -47.99
CA LEU A 122 -24.64 31.55 -49.18
C LEU A 122 -25.71 30.46 -49.19
N ALA A 123 -26.12 29.97 -48.01
CA ALA A 123 -27.19 28.97 -47.93
C ALA A 123 -28.51 29.57 -48.41
N ALA A 124 -28.78 30.82 -48.04
CA ALA A 124 -29.99 31.52 -48.48
C ALA A 124 -29.96 31.77 -49.99
N VAL A 125 -28.80 32.18 -50.54
CA VAL A 125 -28.64 32.44 -51.97
C VAL A 125 -28.87 31.13 -52.75
N ASN A 126 -28.26 30.03 -52.30
CA ASN A 126 -28.41 28.72 -52.95
C ASN A 126 -29.86 28.23 -52.97
N ALA A 127 -30.64 28.56 -51.92
CA ALA A 127 -32.05 28.19 -51.86
C ALA A 127 -32.99 29.10 -52.69
N GLY A 128 -32.43 29.96 -53.54
CA GLY A 128 -33.23 30.86 -54.36
C GLY A 128 -33.81 32.05 -53.61
N THR A 129 -33.20 32.44 -52.48
CA THR A 129 -33.66 33.57 -51.67
C THR A 129 -32.46 34.50 -51.38
N PRO A 130 -31.94 35.25 -52.38
CA PRO A 130 -30.77 36.10 -52.13
C PRO A 130 -31.03 37.41 -51.38
N HIS A 131 -32.31 37.83 -51.21
CA HIS A 131 -32.62 39.09 -50.54
C HIS A 131 -32.60 38.94 -49.02
N ILE A 132 -32.05 39.94 -48.31
CA ILE A 132 -31.95 39.95 -46.84
C ILE A 132 -32.52 41.27 -46.32
N VAL A 133 -33.34 41.20 -45.26
CA VAL A 133 -33.89 42.35 -44.54
C VAL A 133 -33.01 42.47 -43.30
N ALA A 134 -32.45 43.67 -43.02
CA ALA A 134 -31.57 43.83 -41.87
C ALA A 134 -31.73 45.17 -41.18
N VAL A 135 -31.58 45.18 -39.84
CA VAL A 135 -31.64 46.42 -39.06
C VAL A 135 -30.28 47.11 -39.18
N ARG A 136 -30.26 48.46 -39.35
CA ARG A 136 -29.00 49.18 -39.56
C ARG A 136 -27.94 49.04 -38.44
N PRO A 137 -28.28 49.12 -37.13
CA PRO A 137 -27.22 48.99 -36.11
C PRO A 137 -26.70 47.54 -35.99
N LEU A 138 -25.72 47.21 -36.85
CA LEU A 138 -25.08 45.90 -36.95
C LEU A 138 -23.56 46.03 -36.82
N TYR A 139 -22.87 44.89 -36.64
CA TYR A 139 -21.42 44.83 -36.60
C TYR A 139 -20.87 45.30 -37.97
N GLY A 140 -19.79 46.09 -37.96
CA GLY A 140 -19.17 46.64 -39.16
C GLY A 140 -18.95 45.66 -40.31
N GLY A 141 -18.37 44.50 -40.01
CA GLY A 141 -18.12 43.47 -41.00
C GLY A 141 -19.38 42.88 -41.59
N SER A 142 -20.37 42.58 -40.73
CA SER A 142 -21.66 42.05 -41.18
C SER A 142 -22.37 43.08 -42.08
N ASP A 143 -22.29 44.37 -41.72
CA ASP A 143 -22.88 45.44 -42.50
C ASP A 143 -22.17 45.58 -43.87
N HIS A 144 -20.83 45.57 -43.88
CA HIS A 144 -20.06 45.70 -45.11
C HIS A 144 -20.26 44.51 -46.05
N LEU A 145 -20.39 43.29 -45.50
CA LEU A 145 -20.60 42.09 -46.30
C LEU A 145 -21.96 42.13 -47.03
N LEU A 146 -23.00 42.67 -46.38
CA LEU A 146 -24.32 42.79 -46.98
C LEU A 146 -24.34 43.92 -48.03
N GLU A 147 -23.71 45.07 -47.72
CA GLU A 147 -23.67 46.23 -48.62
C GLU A 147 -22.93 45.93 -49.93
N THR A 148 -21.79 45.23 -49.85
CA THR A 148 -20.99 44.90 -51.04
C THR A 148 -21.74 43.94 -51.98
N GLY A 149 -22.48 42.98 -51.42
CA GLY A 149 -23.17 41.98 -52.22
C GLY A 149 -22.20 41.02 -52.87
N LEU A 150 -21.13 40.67 -52.15
CA LEU A 150 -20.07 39.78 -52.65
C LEU A 150 -20.59 38.37 -52.88
N LEU A 151 -21.43 37.86 -51.97
CA LEU A 151 -21.96 36.49 -52.06
C LEU A 151 -23.27 36.42 -52.87
N GLY A 152 -23.49 37.35 -53.79
CA GLY A 152 -24.71 37.39 -54.60
C GLY A 152 -25.95 37.72 -53.82
N THR A 153 -25.83 38.62 -52.83
CA THR A 153 -26.93 39.04 -51.95
C THR A 153 -27.38 40.46 -52.25
N THR A 154 -28.67 40.73 -52.07
CA THR A 154 -29.29 42.05 -52.17
C THR A 154 -29.84 42.36 -50.78
N VAL A 155 -29.69 43.61 -50.30
CA VAL A 155 -30.12 43.96 -48.95
C VAL A 155 -31.03 45.20 -48.93
N THR A 156 -32.06 45.17 -48.05
CA THR A 156 -32.97 46.27 -47.84
C THR A 156 -32.84 46.61 -46.36
N TRP A 157 -32.23 47.76 -46.05
CA TRP A 157 -32.04 48.18 -44.68
C TRP A 157 -33.35 48.69 -44.12
N ALA A 158 -33.84 48.08 -43.04
CA ALA A 158 -35.12 48.43 -42.43
C ALA A 158 -35.03 48.59 -40.92
N LYS A 159 -35.92 49.39 -40.35
CA LYS A 159 -36.00 49.61 -38.91
C LYS A 159 -36.86 48.49 -38.26
N GLU A 160 -36.90 48.41 -36.92
CA GLU A 160 -37.69 47.39 -36.22
C GLU A 160 -39.17 47.37 -36.65
N ALA A 161 -39.80 48.54 -36.78
CA ALA A 161 -41.20 48.63 -37.19
C ALA A 161 -41.40 48.37 -38.69
N GLU A 162 -40.39 48.68 -39.53
CA GLU A 162 -40.50 48.53 -40.99
C GLU A 162 -39.96 47.18 -41.51
N ILE A 163 -39.89 46.14 -40.67
CA ILE A 163 -39.39 44.83 -41.12
C ILE A 163 -40.42 44.18 -42.05
N ALA A 164 -41.69 44.11 -41.63
CA ALA A 164 -42.78 43.52 -42.42
C ALA A 164 -42.89 44.11 -43.82
N SER A 165 -42.75 45.45 -43.95
CA SER A 165 -42.82 46.10 -45.25
C SER A 165 -41.64 45.77 -46.16
N ALA A 166 -40.44 45.69 -45.58
CA ALA A 166 -39.23 45.36 -46.32
C ALA A 166 -39.18 43.91 -46.82
N ILE A 167 -40.05 43.02 -46.29
CA ILE A 167 -40.07 41.62 -46.70
C ILE A 167 -40.52 41.52 -48.17
N GLN A 168 -39.69 40.90 -49.02
CA GLN A 168 -39.98 40.65 -50.42
C GLN A 168 -40.27 39.16 -50.61
N ASP A 169 -40.83 38.77 -51.77
CA ASP A 169 -41.01 37.35 -52.09
C ASP A 169 -39.65 36.63 -52.33
N ASP A 170 -38.51 37.37 -52.27
CA ASP A 170 -37.14 36.94 -52.47
C ASP A 170 -36.32 36.89 -51.16
N THR A 171 -36.92 37.27 -49.99
CA THR A 171 -36.17 37.28 -48.74
C THR A 171 -35.95 35.89 -48.16
N GLY A 172 -34.70 35.58 -47.84
CA GLY A 172 -34.32 34.31 -47.23
C GLY A 172 -34.03 34.41 -45.75
N LEU A 173 -33.66 35.61 -45.25
CA LEU A 173 -33.38 35.79 -43.83
C LEU A 173 -33.57 37.25 -43.36
N VAL A 174 -33.89 37.41 -42.06
CA VAL A 174 -34.03 38.71 -41.39
C VAL A 174 -32.90 38.76 -40.35
N ILE A 175 -31.91 39.64 -40.54
CA ILE A 175 -30.75 39.72 -39.65
C ILE A 175 -30.94 40.82 -38.60
N VAL A 176 -30.78 40.46 -37.32
CA VAL A 176 -30.92 41.34 -36.17
C VAL A 176 -29.76 41.06 -35.17
N GLU A 177 -29.37 42.10 -34.40
CA GLU A 177 -28.32 42.00 -33.39
C GLU A 177 -28.76 42.84 -32.18
N THR A 178 -28.72 42.26 -30.96
CA THR A 178 -29.12 42.98 -29.73
C THR A 178 -28.38 42.43 -28.49
N PRO A 179 -27.70 43.28 -27.67
CA PRO A 179 -27.45 44.73 -27.84
C PRO A 179 -26.57 44.99 -29.07
N ALA A 180 -26.86 46.07 -29.82
CA ALA A 180 -26.11 46.38 -31.03
C ALA A 180 -24.67 46.80 -30.77
N ASN A 181 -23.79 46.56 -31.74
CA ASN A 181 -22.38 46.92 -31.64
C ASN A 181 -22.19 48.24 -32.41
N PRO A 182 -21.74 49.39 -31.84
CA PRO A 182 -21.32 49.65 -30.44
C PRO A 182 -22.36 50.23 -29.46
N SER A 183 -23.31 51.04 -29.94
CA SER A 183 -24.35 51.76 -29.17
C SER A 183 -25.14 50.96 -28.12
N LEU A 184 -25.24 49.64 -28.25
CA LEU A 184 -26.00 48.76 -27.34
C LEU A 184 -27.50 49.02 -27.40
N ASP A 185 -28.01 49.28 -28.61
CA ASP A 185 -29.43 49.49 -28.80
C ASP A 185 -30.11 48.13 -28.76
N LEU A 186 -31.20 48.00 -28.01
CA LEU A 186 -31.92 46.73 -27.87
C LEU A 186 -33.02 46.59 -28.93
N VAL A 187 -33.35 45.34 -29.29
CA VAL A 187 -34.36 45.01 -30.30
C VAL A 187 -35.34 44.01 -29.69
N ASP A 188 -36.66 44.26 -29.82
CA ASP A 188 -37.66 43.33 -29.30
C ASP A 188 -37.75 42.13 -30.23
N LEU A 189 -37.25 40.97 -29.78
CA LEU A 189 -37.22 39.76 -30.61
C LEU A 189 -38.61 39.19 -30.85
N ASP A 190 -39.55 39.33 -29.90
CA ASP A 190 -40.91 38.83 -30.10
C ASP A 190 -41.59 39.58 -31.25
N SER A 191 -41.41 40.91 -31.32
CA SER A 191 -42.01 41.72 -32.39
C SER A 191 -41.34 41.44 -33.74
N VAL A 192 -40.03 41.19 -33.76
CA VAL A 192 -39.30 40.93 -35.02
C VAL A 192 -39.80 39.61 -35.64
N VAL A 193 -39.93 38.56 -34.83
CA VAL A 193 -40.40 37.25 -35.33
C VAL A 193 -41.82 37.39 -35.89
N ALA A 194 -42.68 38.15 -35.21
CA ALA A 194 -44.04 38.40 -35.67
C ALA A 194 -44.05 39.15 -37.02
N ALA A 195 -43.17 40.15 -37.17
CA ALA A 195 -43.06 40.93 -38.41
C ALA A 195 -42.53 40.09 -39.56
N ALA A 196 -41.53 39.24 -39.30
CA ALA A 196 -40.95 38.37 -40.32
C ALA A 196 -41.96 37.32 -40.81
N GLY A 197 -42.73 36.75 -39.89
CA GLY A 197 -43.74 35.75 -40.23
C GLY A 197 -43.12 34.43 -40.62
N THR A 198 -43.22 34.07 -41.92
CA THR A 198 -42.67 32.82 -42.43
C THR A 198 -41.17 32.90 -42.74
N VAL A 199 -40.57 34.11 -42.76
CA VAL A 199 -39.15 34.26 -43.09
C VAL A 199 -38.31 33.91 -41.85
N PRO A 200 -37.24 33.08 -41.95
CA PRO A 200 -36.42 32.81 -40.75
C PRO A 200 -35.71 34.07 -40.24
N VAL A 201 -35.45 34.12 -38.92
CA VAL A 201 -34.77 35.26 -38.27
C VAL A 201 -33.43 34.81 -37.73
N LEU A 202 -32.34 35.51 -38.10
CA LEU A 202 -31.00 35.23 -37.60
C LEU A 202 -30.67 36.30 -36.54
N VAL A 203 -30.41 35.88 -35.29
CA VAL A 203 -30.12 36.79 -34.21
C VAL A 203 -28.67 36.63 -33.76
N ASP A 204 -27.88 37.69 -33.93
CA ASP A 204 -26.48 37.71 -33.51
C ASP A 204 -26.49 37.93 -31.99
N ASN A 205 -26.26 36.86 -31.22
CA ASN A 205 -26.28 36.87 -29.76
C ASN A 205 -24.85 36.87 -29.16
N THR A 206 -23.89 37.48 -29.86
CA THR A 206 -22.49 37.51 -29.40
C THR A 206 -22.33 38.22 -28.05
N PHE A 207 -22.89 39.43 -27.93
CA PHE A 207 -22.78 40.26 -26.73
C PHE A 207 -23.50 39.69 -25.49
N CYS A 208 -24.73 39.19 -25.66
CA CYS A 208 -25.50 38.63 -24.54
C CYS A 208 -25.01 37.25 -24.11
N THR A 209 -24.70 36.36 -25.07
CA THR A 209 -24.30 34.95 -24.86
C THR A 209 -25.51 34.10 -24.38
N PRO A 210 -25.49 32.75 -24.49
CA PRO A 210 -26.65 31.97 -24.00
C PRO A 210 -26.98 32.13 -22.51
N VAL A 211 -26.09 32.76 -21.73
CA VAL A 211 -26.30 32.97 -20.29
C VAL A 211 -27.43 33.99 -20.09
N LEU A 212 -27.38 35.11 -20.82
CA LEU A 212 -28.34 36.21 -20.70
C LEU A 212 -29.53 36.11 -21.66
N GLN A 213 -29.30 35.69 -22.91
CA GLN A 213 -30.36 35.65 -23.92
C GLN A 213 -30.36 34.34 -24.69
N GLN A 214 -31.56 33.87 -25.07
CA GLN A 214 -31.76 32.65 -25.85
C GLN A 214 -32.79 33.00 -26.93
N PRO A 215 -32.38 33.61 -28.07
CA PRO A 215 -33.38 33.99 -29.10
C PRO A 215 -34.26 32.86 -29.64
N ILE A 216 -33.78 31.59 -29.63
CA ILE A 216 -34.56 30.43 -30.10
C ILE A 216 -35.88 30.34 -29.32
N ARG A 217 -35.86 30.66 -28.01
CA ARG A 217 -37.06 30.62 -27.18
C ARG A 217 -38.08 31.71 -27.59
N HIS A 218 -37.61 32.84 -28.13
CA HIS A 218 -38.48 33.91 -28.63
C HIS A 218 -39.00 33.65 -30.08
N GLY A 219 -38.58 32.56 -30.72
CA GLY A 219 -39.03 32.19 -32.05
C GLY A 219 -38.03 32.38 -33.17
N ALA A 220 -36.75 32.66 -32.87
CA ALA A 220 -35.73 32.83 -33.91
C ALA A 220 -35.35 31.47 -34.51
N ALA A 221 -34.93 31.47 -35.79
CA ALA A 221 -34.55 30.26 -36.49
C ALA A 221 -33.06 29.97 -36.40
N LEU A 222 -32.22 31.01 -36.48
CA LEU A 222 -30.76 30.87 -36.41
C LEU A 222 -30.18 31.85 -35.39
N VAL A 223 -29.16 31.43 -34.62
CA VAL A 223 -28.52 32.28 -33.60
C VAL A 223 -27.02 32.25 -33.83
N LEU A 224 -26.45 33.37 -34.29
CA LEU A 224 -25.03 33.48 -34.56
C LEU A 224 -24.25 33.97 -33.34
N HIS A 225 -23.06 33.41 -33.14
CA HIS A 225 -22.17 33.81 -32.06
C HIS A 225 -20.76 33.88 -32.60
N SER A 226 -20.07 34.97 -32.36
CA SER A 226 -18.67 35.07 -32.69
C SER A 226 -17.98 34.45 -31.49
N ALA A 227 -17.69 33.15 -31.56
CA ALA A 227 -17.05 32.42 -30.46
C ALA A 227 -15.74 33.05 -29.99
N THR A 228 -15.06 33.79 -30.88
CA THR A 228 -13.85 34.58 -30.59
C THR A 228 -14.02 35.43 -29.29
N TYR A 230 -16.19 36.00 -25.59
CA TYR A 230 -16.94 35.39 -24.48
C TYR A 230 -16.95 33.86 -24.46
N LEU A 231 -17.26 33.18 -25.58
CA LEU A 231 -17.24 31.71 -25.60
C LEU A 231 -15.81 31.22 -25.37
N GLY A 232 -14.84 31.86 -26.01
CA GLY A 232 -13.43 31.58 -25.78
C GLY A 232 -13.04 32.19 -24.45
N GLY A 233 -13.26 33.50 -24.33
CA GLY A 233 -13.06 34.25 -23.10
C GLY A 233 -11.64 34.65 -22.74
N HIS A 234 -10.63 34.17 -23.48
CA HIS A 234 -9.24 34.50 -23.19
C HIS A 234 -8.47 35.16 -24.36
N GLY A 235 -9.19 35.59 -25.40
CA GLY A 235 -8.58 36.24 -26.56
C GLY A 235 -7.51 35.43 -27.25
N ASP A 236 -7.73 34.12 -27.40
CA ASP A 236 -6.76 33.22 -28.03
C ASP A 236 -7.36 32.11 -28.90
N ALA A 237 -8.65 32.24 -29.30
CA ALA A 237 -9.29 31.24 -30.12
C ALA A 237 -10.35 31.89 -31.01
N MET A 238 -10.07 31.97 -32.32
CA MET A 238 -11.04 32.51 -33.27
C MET A 238 -12.12 31.44 -33.48
N GLY A 239 -13.34 31.86 -33.78
CA GLY A 239 -14.42 30.93 -34.03
C GLY A 239 -15.76 31.57 -34.30
N GLY A 240 -16.65 30.79 -34.89
CA GLY A 240 -18.00 31.21 -35.25
C GLY A 240 -18.92 30.01 -35.19
N ILE A 241 -20.16 30.20 -34.76
CA ILE A 241 -21.10 29.08 -34.61
C ILE A 241 -22.56 29.56 -34.68
N ILE A 242 -23.42 28.79 -35.35
CA ILE A 242 -24.84 29.12 -35.49
C ILE A 242 -25.65 27.99 -34.88
N ALA A 243 -26.42 28.27 -33.84
CA ALA A 243 -27.31 27.29 -33.21
C ALA A 243 -28.63 27.42 -33.96
N THR A 244 -29.10 26.32 -34.60
CA THR A 244 -30.32 26.37 -35.42
C THR A 244 -31.03 25.00 -35.53
N ASN A 245 -32.22 24.96 -36.17
CA ASN A 245 -32.96 23.72 -36.41
C ASN A 245 -32.21 22.81 -37.42
N SER A 246 -32.62 21.54 -37.53
CA SER A 246 -31.98 20.57 -38.43
C SER A 246 -31.94 20.95 -39.91
N ASP A 247 -32.96 21.67 -40.42
CA ASP A 247 -33.00 22.08 -41.82
C ASP A 247 -31.86 23.06 -42.16
N TRP A 248 -31.71 24.15 -41.38
CA TRP A 248 -30.64 25.11 -41.62
C TRP A 248 -29.26 24.55 -41.27
N ALA A 249 -29.18 23.62 -40.31
CA ALA A 249 -27.90 22.99 -39.96
C ALA A 249 -27.38 22.17 -41.14
N MET A 250 -28.28 21.47 -41.85
CA MET A 250 -27.91 20.68 -43.02
C MET A 250 -27.43 21.59 -44.15
N ARG A 251 -28.15 22.70 -44.39
CA ARG A 251 -27.80 23.69 -45.42
C ARG A 251 -26.45 24.34 -45.12
N LEU A 252 -26.16 24.63 -43.84
CA LEU A 252 -24.89 25.23 -43.44
C LEU A 252 -23.75 24.23 -43.59
N ARG A 253 -23.96 22.96 -43.24
CA ARG A 253 -22.95 21.92 -43.40
C ARG A 253 -22.68 21.62 -44.88
N GLN A 254 -23.71 21.71 -45.75
CA GLN A 254 -23.54 21.53 -47.20
C GLN A 254 -22.57 22.60 -47.74
N VAL A 255 -22.70 23.84 -47.24
CA VAL A 255 -21.82 24.94 -47.63
C VAL A 255 -20.43 24.68 -47.05
N ARG A 256 -20.34 24.36 -45.76
CA ARG A 256 -19.07 24.09 -45.09
C ARG A 256 -18.26 22.98 -45.79
N ALA A 257 -18.91 21.90 -46.25
CA ALA A 257 -18.21 20.78 -46.89
C ALA A 257 -17.49 21.16 -48.20
N ILE A 258 -18.02 22.14 -48.97
CA ILE A 258 -17.40 22.54 -50.25
C ILE A 258 -16.66 23.91 -50.14
N THR A 259 -17.03 24.82 -49.22
CA THR A 259 -16.30 26.09 -49.05
C THR A 259 -15.12 25.92 -48.08
N GLY A 260 -15.25 25.03 -47.10
CA GLY A 260 -14.16 24.69 -46.18
C GLY A 260 -13.63 25.73 -45.21
N ALA A 261 -14.48 26.58 -44.62
CA ALA A 261 -14.03 27.54 -43.60
C ALA A 261 -14.13 26.81 -42.27
N LEU A 262 -13.19 25.88 -42.03
CA LEU A 262 -13.23 25.00 -40.86
C LEU A 262 -12.60 25.56 -39.61
N LEU A 263 -13.14 25.15 -38.47
CA LEU A 263 -12.61 25.49 -37.16
C LEU A 263 -11.55 24.44 -36.84
N HIS A 264 -10.33 24.86 -36.49
CA HIS A 264 -9.23 23.95 -36.21
C HIS A 264 -9.50 23.12 -34.94
N PRO A 265 -9.11 21.83 -34.84
CA PRO A 265 -9.39 21.07 -33.60
C PRO A 265 -8.92 21.71 -32.29
N MET A 266 -7.74 22.37 -32.25
CA MET A 266 -7.30 23.04 -31.03
C MET A 266 -8.15 24.28 -30.74
N GLY A 267 -8.59 24.99 -31.79
CA GLY A 267 -9.49 26.12 -31.63
C GLY A 267 -10.82 25.68 -31.05
N ALA A 268 -11.37 24.57 -31.56
CA ALA A 268 -12.62 23.99 -31.03
C ALA A 268 -12.43 23.51 -29.60
N TYR A 269 -11.26 22.96 -29.27
CA TYR A 269 -10.97 22.53 -27.91
C TYR A 269 -11.00 23.70 -26.94
N LEU A 270 -10.35 24.82 -27.28
CA LEU A 270 -10.29 25.99 -26.41
C LEU A 270 -11.63 26.70 -26.28
N LEU A 271 -12.47 26.69 -27.33
CA LEU A 271 -13.80 27.32 -27.26
C LEU A 271 -14.74 26.47 -26.41
N HIS A 272 -14.64 25.13 -26.51
CA HIS A 272 -15.43 24.21 -25.69
C HIS A 272 -14.96 24.32 -24.22
N ARG A 273 -13.63 24.44 -24.00
CA ARG A 273 -13.00 24.63 -22.69
C ARG A 273 -13.53 25.92 -22.04
N GLY A 274 -13.63 26.98 -22.83
CA GLY A 274 -14.12 28.27 -22.38
C GLY A 274 -15.59 28.26 -21.99
N LEU A 275 -16.41 27.43 -22.67
CA LEU A 275 -17.83 27.32 -22.34
C LEU A 275 -18.07 26.85 -20.92
N ARG A 276 -17.12 26.11 -20.32
CA ARG A 276 -17.25 25.58 -18.95
C ARG A 276 -17.26 26.72 -17.93
N THR A 277 -16.44 27.75 -18.16
CA THR A 277 -16.33 28.93 -17.28
C THR A 277 -17.15 30.14 -17.79
N LEU A 278 -17.98 29.98 -18.83
CA LEU A 278 -18.75 31.08 -19.40
C LEU A 278 -19.69 31.73 -18.39
N ALA A 279 -20.49 30.94 -17.65
CA ALA A 279 -21.42 31.50 -16.68
C ALA A 279 -20.74 32.24 -15.55
N VAL A 280 -19.62 31.70 -15.05
CA VAL A 280 -18.86 32.32 -13.96
C VAL A 280 -18.19 33.61 -14.44
N ARG A 281 -17.58 33.61 -15.64
CA ARG A 281 -16.91 34.80 -16.16
C ARG A 281 -17.89 35.91 -16.51
N MET A 282 -19.02 35.57 -17.16
CA MET A 282 -19.99 36.58 -17.58
C MET A 282 -20.57 37.29 -16.36
N ARG A 283 -20.99 36.53 -15.33
CA ARG A 283 -21.56 37.13 -14.11
C ARG A 283 -20.55 38.04 -13.39
N ALA A 284 -19.26 37.67 -13.40
CA ALA A 284 -18.23 38.48 -12.75
C ALA A 284 -17.99 39.80 -13.49
N ALA A 285 -17.90 39.76 -14.84
CA ALA A 285 -17.71 40.95 -15.65
C ALA A 285 -18.95 41.85 -15.63
N GLN A 286 -20.15 41.22 -15.58
CA GLN A 286 -21.45 41.92 -15.51
C GLN A 286 -21.57 42.76 -14.24
N THR A 287 -21.12 42.20 -13.10
CA THR A 287 -21.16 42.90 -11.81
C THR A 287 -20.23 44.12 -11.87
N THR A 288 -19.03 43.96 -12.43
CA THR A 288 -18.07 45.05 -12.57
C THR A 288 -18.60 46.13 -13.52
N ALA A 289 -19.22 45.73 -14.64
CA ALA A 289 -19.77 46.67 -15.61
C ALA A 289 -20.94 47.48 -15.06
N GLY A 290 -21.82 46.84 -14.30
CA GLY A 290 -22.95 47.53 -13.67
C GLY A 290 -22.51 48.61 -12.72
N GLU A 291 -21.43 48.36 -11.96
CA GLU A 291 -20.87 49.33 -11.03
C GLU A 291 -20.10 50.43 -11.77
N LEU A 292 -19.29 50.06 -12.77
CA LEU A 292 -18.51 51.03 -13.56
C LEU A 292 -19.40 52.02 -14.31
N ALA A 293 -20.51 51.55 -14.90
CA ALA A 293 -21.42 52.43 -15.64
C ALA A 293 -21.97 53.55 -14.76
N GLU A 294 -22.30 53.24 -13.50
CA GLU A 294 -22.82 54.23 -12.56
C GLU A 294 -21.73 55.18 -12.05
N ARG A 295 -20.52 54.65 -11.81
CA ARG A 295 -19.39 55.47 -11.33
C ARG A 295 -18.91 56.43 -12.41
N LEU A 296 -18.87 55.98 -13.67
CA LEU A 296 -18.43 56.83 -14.77
C LEU A 296 -19.46 57.92 -15.11
N ALA A 297 -20.76 57.66 -14.85
CA ALA A 297 -21.80 58.65 -15.11
C ALA A 297 -21.60 59.92 -14.27
N ALA A 298 -21.08 59.78 -13.05
CA ALA A 298 -20.82 60.91 -12.17
C ALA A 298 -19.68 61.83 -12.66
N HIS A 299 -18.80 61.34 -13.57
CA HIS A 299 -17.70 62.16 -14.08
C HIS A 299 -18.25 63.26 -15.00
N PRO A 300 -17.78 64.53 -14.91
CA PRO A 300 -18.34 65.57 -15.79
C PRO A 300 -17.94 65.49 -17.26
N ALA A 301 -16.80 64.83 -17.58
CA ALA A 301 -16.35 64.70 -18.96
C ALA A 301 -17.27 63.81 -19.82
N ILE A 302 -18.00 62.87 -19.18
CA ILE A 302 -18.90 61.95 -19.88
C ILE A 302 -20.33 62.51 -19.90
N THR A 303 -20.91 62.63 -21.11
CA THR A 303 -22.27 63.14 -21.31
C THR A 303 -23.32 62.03 -21.23
N ALA A 304 -23.01 60.80 -21.65
CA ALA A 304 -23.98 59.69 -21.60
C ALA A 304 -23.31 58.35 -21.42
N VAL A 305 -23.97 57.43 -20.68
CA VAL A 305 -23.48 56.07 -20.43
C VAL A 305 -24.51 55.06 -20.94
N HIS A 306 -24.17 54.36 -22.02
CA HIS A 306 -25.04 53.35 -22.62
C HIS A 306 -24.81 52.02 -21.92
N TYR A 307 -25.81 51.51 -21.20
CA TYR A 307 -25.72 50.21 -20.56
C TYR A 307 -27.15 49.66 -20.38
N PRO A 308 -27.51 48.46 -20.88
CA PRO A 308 -28.91 47.99 -20.73
C PRO A 308 -29.48 48.06 -19.31
N GLY A 309 -28.67 47.80 -18.28
CA GLY A 309 -29.09 47.84 -16.88
C GLY A 309 -29.39 49.23 -16.33
N LEU A 310 -28.54 50.22 -16.68
CA LEU A 310 -28.64 51.63 -16.28
C LEU A 310 -28.88 52.31 -17.62
N ASN A 311 -30.05 52.03 -18.18
CA ASN A 311 -30.42 52.38 -19.54
C ASN A 311 -31.10 53.72 -19.76
N GLY A 312 -30.93 54.23 -20.97
CA GLY A 312 -31.62 55.37 -21.52
C GLY A 312 -32.46 55.01 -22.73
N GLN A 313 -32.57 53.68 -23.05
CA GLN A 313 -33.28 53.13 -24.21
C GLN A 313 -33.86 51.72 -23.96
N ASP A 314 -34.42 51.45 -22.74
CA ASP A 314 -35.13 50.19 -22.44
C ASP A 314 -36.55 50.45 -21.83
N PRO A 315 -37.37 51.28 -22.49
CA PRO A 315 -38.75 51.49 -22.06
C PRO A 315 -39.69 50.29 -22.30
N ARG A 316 -39.27 49.31 -23.14
CA ARG A 316 -40.09 48.15 -23.46
C ARG A 316 -40.05 47.00 -22.42
N GLY A 317 -39.23 47.14 -21.38
CA GLY A 317 -39.12 46.10 -20.35
C GLY A 317 -38.49 44.82 -20.85
N LEU A 318 -37.50 44.95 -21.75
CA LEU A 318 -36.79 43.80 -22.32
C LEU A 318 -35.84 43.18 -21.29
N LEU A 319 -35.28 43.98 -20.37
CA LEU A 319 -34.41 43.45 -19.33
C LEU A 319 -35.29 42.75 -18.28
N GLY A 320 -35.48 41.45 -18.47
CA GLY A 320 -36.34 40.63 -17.62
C GLY A 320 -37.11 39.64 -18.47
N ARG A 321 -37.70 40.15 -19.55
CA ARG A 321 -38.48 39.37 -20.52
C ARG A 321 -37.58 38.67 -21.55
N GLN A 322 -36.57 39.39 -22.06
CA GLN A 322 -35.64 38.91 -23.08
C GLN A 322 -34.22 38.66 -22.56
N MET A 323 -33.69 39.57 -21.72
CA MET A 323 -32.33 39.48 -21.18
C MET A 323 -32.36 39.28 -19.67
N SER A 324 -31.60 38.29 -19.16
CA SER A 324 -31.52 38.07 -17.71
C SER A 324 -30.37 38.87 -17.04
N GLY A 325 -29.75 39.81 -17.75
CA GLY A 325 -28.66 40.60 -17.20
C GLY A 325 -28.27 41.76 -18.11
N GLY A 326 -27.59 42.74 -17.52
CA GLY A 326 -27.16 43.93 -18.25
C GLY A 326 -26.02 43.75 -19.23
N GLY A 327 -25.20 42.73 -19.06
CA GLY A 327 -24.07 42.47 -19.94
C GLY A 327 -22.76 43.00 -19.38
N ALA A 328 -21.69 42.89 -20.17
CA ALA A 328 -20.35 43.36 -19.79
C ALA A 328 -19.78 44.40 -20.76
N MET A 329 -20.62 45.05 -21.59
CA MET A 329 -20.19 46.06 -22.56
C MET A 329 -20.78 47.42 -22.15
N ILE A 330 -20.00 48.51 -22.33
CA ILE A 330 -20.45 49.88 -21.99
C ILE A 330 -20.01 50.83 -23.10
N ALA A 331 -20.90 51.70 -23.58
CA ALA A 331 -20.56 52.74 -24.55
C ALA A 331 -20.65 54.09 -23.80
N LEU A 332 -19.66 54.98 -24.01
CA LEU A 332 -19.60 56.26 -23.31
C LEU A 332 -19.49 57.42 -24.29
N GLU A 333 -20.38 58.40 -24.19
CA GLU A 333 -20.35 59.60 -25.03
C GLU A 333 -19.57 60.66 -24.25
N LEU A 334 -18.57 61.33 -24.86
CA LEU A 334 -17.77 62.34 -24.15
C LEU A 334 -18.11 63.77 -24.63
N ALA A 335 -17.85 64.76 -23.76
CA ALA A 335 -18.17 66.17 -24.02
C ALA A 335 -17.22 66.95 -24.94
N GLY A 336 -16.16 66.33 -25.46
CA GLY A 336 -15.26 67.02 -26.40
C GLY A 336 -15.24 66.44 -27.81
N GLY A 337 -16.09 65.46 -28.09
CA GLY A 337 -16.18 64.83 -29.39
C GLY A 337 -14.99 63.94 -29.68
N PHE A 338 -14.47 64.04 -30.91
CA PHE A 338 -13.35 63.21 -31.36
C PHE A 338 -12.08 63.43 -30.53
N ASP A 339 -11.71 64.69 -30.25
CA ASP A 339 -10.47 64.99 -29.53
C ASP A 339 -10.43 64.39 -28.12
N ALA A 340 -11.53 64.50 -27.36
CA ALA A 340 -11.61 63.92 -26.02
C ALA A 340 -11.61 62.40 -26.08
N ALA A 341 -12.35 61.82 -27.03
CA ALA A 341 -12.42 60.37 -27.23
C ALA A 341 -11.04 59.78 -27.57
N ARG A 342 -10.28 60.46 -28.44
CA ARG A 342 -8.93 60.05 -28.86
C ARG A 342 -7.95 60.13 -27.69
N SER A 343 -7.97 61.23 -26.92
CA SER A 343 -7.09 61.41 -25.77
C SER A 343 -7.36 60.37 -24.67
N PHE A 344 -8.65 60.09 -24.40
CA PHE A 344 -9.06 59.11 -23.39
C PHE A 344 -8.53 57.71 -23.73
N VAL A 345 -8.63 57.30 -24.99
CA VAL A 345 -8.15 55.99 -25.45
C VAL A 345 -6.62 55.89 -25.35
N GLU A 346 -5.88 56.94 -25.75
CA GLU A 346 -4.42 56.95 -25.70
C GLU A 346 -3.82 57.03 -24.29
N HIS A 347 -4.51 57.71 -23.34
CA HIS A 347 -3.98 57.84 -21.97
C HIS A 347 -4.29 56.65 -21.05
N CYS A 348 -5.01 55.62 -21.54
CA CYS A 348 -5.28 54.43 -20.72
C CYS A 348 -4.01 53.58 -20.65
N SER A 349 -3.67 53.06 -19.44
CA SER A 349 -2.47 52.24 -19.24
C SER A 349 -2.85 50.78 -18.92
N LEU A 350 -3.68 50.55 -17.88
CA LEU A 350 -4.15 49.22 -17.49
C LEU A 350 -5.15 48.73 -18.52
N VAL A 351 -6.12 49.57 -18.89
CA VAL A 351 -7.12 49.24 -19.91
C VAL A 351 -6.39 49.36 -21.25
N VAL A 352 -6.41 48.30 -22.06
CA VAL A 352 -5.67 48.27 -23.33
C VAL A 352 -6.51 48.73 -24.51
N HIS A 353 -5.96 49.65 -25.34
CA HIS A 353 -6.64 50.13 -26.54
C HIS A 353 -6.48 49.11 -27.66
N ALA A 354 -7.53 48.31 -27.89
CA ALA A 354 -7.53 47.28 -28.92
C ALA A 354 -8.97 46.94 -29.34
N VAL A 355 -9.14 46.39 -30.54
CA VAL A 355 -10.46 45.94 -31.01
C VAL A 355 -10.80 44.59 -30.31
N SER A 356 -12.02 44.06 -30.49
CA SER A 356 -12.47 42.79 -29.88
C SER A 356 -13.01 43.00 -28.46
N LEU A 357 -13.66 41.96 -27.89
CA LEU A 357 -14.32 42.01 -26.60
C LEU A 357 -14.46 40.60 -25.97
N GLY A 358 -15.04 40.51 -24.78
CA GLY A 358 -15.29 39.23 -24.12
C GLY A 358 -14.11 38.54 -23.46
N GLY A 359 -12.93 39.16 -23.50
CA GLY A 359 -11.73 38.59 -22.91
C GLY A 359 -11.64 38.82 -21.41
N ALA A 360 -10.61 38.23 -20.79
CA ALA A 360 -10.36 38.38 -19.35
C ALA A 360 -9.92 39.81 -18.99
N ASP A 361 -9.33 40.57 -19.95
CA ASP A 361 -8.87 41.93 -19.71
C ASP A 361 -9.82 42.97 -20.32
N THR A 362 -9.81 44.17 -19.73
CA THR A 362 -10.68 45.27 -20.15
C THR A 362 -10.04 45.99 -21.34
N LEU A 363 -10.76 46.03 -22.48
CA LEU A 363 -10.31 46.69 -23.69
C LEU A 363 -11.16 47.94 -23.97
N ILE A 364 -10.60 48.86 -24.76
CA ILE A 364 -11.26 50.13 -25.11
C ILE A 364 -10.97 50.49 -26.58
N GLN A 365 -11.92 51.15 -27.25
CA GLN A 365 -11.76 51.56 -28.64
C GLN A 365 -12.63 52.79 -28.99
N HIS A 366 -12.31 53.43 -30.13
CA HIS A 366 -13.09 54.51 -30.72
C HIS A 366 -13.76 53.86 -31.94
N PRO A 367 -15.03 53.39 -31.85
CA PRO A 367 -15.63 52.67 -32.99
C PRO A 367 -15.60 53.35 -34.35
N ALA A 368 -15.74 54.70 -34.37
CA ALA A 368 -15.74 55.47 -35.61
C ALA A 368 -14.43 55.37 -36.41
N SER A 369 -13.28 55.11 -35.75
CA SER A 369 -11.98 54.93 -36.40
C SER A 369 -11.54 53.46 -36.58
N LEU A 370 -12.14 52.50 -35.86
CA LEU A 370 -11.72 51.09 -35.96
C LEU A 370 -12.89 50.18 -36.42
N THR A 371 -13.99 50.11 -35.64
CA THR A 371 -15.19 49.34 -36.03
C THR A 371 -15.99 50.06 -37.12
N PRO A 374 -15.55 54.60 -40.63
CA PRO A 374 -14.29 55.34 -40.82
C PRO A 374 -14.07 55.92 -42.22
N VAL A 375 -14.91 55.55 -43.21
CA VAL A 375 -14.76 56.05 -44.59
C VAL A 375 -16.12 56.17 -45.35
N ALA A 376 -17.04 55.21 -45.20
CA ALA A 376 -18.33 55.23 -45.90
C ALA A 376 -19.42 54.54 -45.11
N ALA A 377 -20.37 55.32 -44.52
CA ALA A 377 -21.48 54.76 -43.73
C ALA A 377 -22.59 55.78 -43.51
N THR A 378 -23.83 55.29 -43.32
CA THR A 378 -25.00 56.11 -43.01
C THR A 378 -25.22 56.01 -41.49
N ALA A 379 -25.20 54.76 -40.95
CA ALA A 379 -25.34 54.48 -39.52
C ALA A 379 -23.94 54.36 -38.89
N LYS A 380 -23.14 55.41 -39.06
CA LYS A 380 -21.78 55.52 -38.48
C LYS A 380 -21.98 56.01 -37.04
N PRO A 381 -21.32 55.47 -35.98
CA PRO A 381 -21.61 55.99 -34.62
C PRO A 381 -20.99 57.37 -34.37
N GLY A 382 -21.41 58.01 -33.28
CA GLY A 382 -20.92 59.33 -32.93
C GLY A 382 -19.42 59.35 -32.66
N ASP A 383 -18.77 60.48 -32.92
CA ASP A 383 -17.33 60.64 -32.71
C ASP A 383 -16.98 60.63 -31.22
N GLY A 384 -17.85 61.17 -30.38
CA GLY A 384 -17.65 61.16 -28.94
C GLY A 384 -17.88 59.81 -28.28
N LEU A 385 -18.47 58.84 -29.00
CA LEU A 385 -18.76 57.52 -28.44
C LEU A 385 -17.50 56.64 -28.35
N ILE A 386 -17.38 55.90 -27.24
CA ILE A 386 -16.26 55.01 -26.91
C ILE A 386 -16.83 53.69 -26.40
N ARG A 387 -16.44 52.54 -26.99
CA ARG A 387 -16.90 51.23 -26.55
C ARG A 387 -15.89 50.68 -25.54
N LEU A 388 -16.38 50.00 -24.51
CA LEU A 388 -15.56 49.48 -23.42
C LEU A 388 -15.97 48.06 -23.03
N SER A 389 -15.12 47.07 -23.33
CA SER A 389 -15.36 45.67 -22.97
C SER A 389 -14.85 45.47 -21.54
N VAL A 390 -15.72 45.15 -20.60
CA VAL A 390 -15.30 44.97 -19.21
C VAL A 390 -14.79 43.54 -18.97
N GLY A 391 -13.59 43.42 -18.40
CA GLY A 391 -12.96 42.14 -18.11
C GLY A 391 -13.23 41.67 -16.69
N LEU A 392 -12.27 40.93 -16.11
CA LEU A 392 -12.37 40.35 -14.77
C LEU A 392 -11.45 41.04 -13.75
N GLU A 393 -11.07 42.30 -13.97
CA GLU A 393 -10.22 43.02 -13.03
C GLU A 393 -11.08 43.63 -11.90
N HIS A 394 -10.43 44.10 -10.82
CA HIS A 394 -11.17 44.73 -9.72
C HIS A 394 -11.83 46.02 -10.20
N VAL A 395 -13.02 46.33 -9.69
CA VAL A 395 -13.77 47.52 -10.11
C VAL A 395 -13.02 48.83 -9.73
N ASP A 396 -12.36 48.89 -8.56
CA ASP A 396 -11.63 50.10 -8.16
C ASP A 396 -10.42 50.39 -9.06
N ASP A 397 -9.64 49.36 -9.42
CA ASP A 397 -8.47 49.56 -10.30
C ASP A 397 -8.85 50.01 -11.70
N LEU A 398 -10.01 49.55 -12.22
CA LEU A 398 -10.44 49.95 -13.55
C LEU A 398 -10.91 51.40 -13.55
N GLU A 399 -11.66 51.84 -12.51
CA GLU A 399 -12.13 53.22 -12.44
C GLU A 399 -10.95 54.17 -12.24
N ASP A 400 -9.93 53.80 -11.44
CA ASP A 400 -8.76 54.67 -11.22
C ASP A 400 -8.03 54.92 -12.53
N ASP A 401 -7.91 53.90 -13.40
CA ASP A 401 -7.25 54.04 -14.67
C ASP A 401 -8.06 54.87 -15.66
N LEU A 402 -9.39 54.66 -15.72
CA LEU A 402 -10.26 55.40 -16.65
C LEU A 402 -10.37 56.87 -16.21
N ILE A 403 -10.42 57.14 -14.89
CA ILE A 403 -10.49 58.52 -14.38
C ILE A 403 -9.17 59.23 -14.71
N ALA A 404 -8.02 58.56 -14.53
CA ALA A 404 -6.72 59.15 -14.85
C ALA A 404 -6.63 59.54 -16.34
N ALA A 405 -7.17 58.70 -17.24
CA ALA A 405 -7.17 58.97 -18.67
C ALA A 405 -8.11 60.14 -19.02
N LEU A 406 -9.27 60.25 -18.35
CA LEU A 406 -10.21 61.35 -18.58
C LEU A 406 -9.62 62.68 -18.09
N ASP A 407 -8.95 62.67 -16.93
CA ASP A 407 -8.33 63.86 -16.35
C ASP A 407 -7.09 64.31 -17.14
N ALA A 408 -6.47 63.42 -17.94
CA ALA A 408 -5.29 63.77 -18.74
C ALA A 408 -5.62 64.68 -19.96
N SER A 409 -6.88 65.14 -20.11
CA SER A 409 -7.27 66.03 -21.20
C SER A 409 -6.67 67.42 -21.01
N ASN B 22 17.49 33.74 -53.07
CA ASN B 22 17.43 33.65 -54.53
C ASN B 22 18.65 32.89 -55.06
N SER B 23 19.86 33.21 -54.55
CA SER B 23 21.09 32.50 -54.93
C SER B 23 21.24 31.11 -54.25
N MET B 24 20.26 30.69 -53.43
CA MET B 24 20.21 29.43 -52.69
C MET B 24 19.44 28.36 -53.47
N HIS B 25 19.81 27.09 -53.30
CA HIS B 25 19.12 25.97 -53.94
C HIS B 25 17.72 25.75 -53.31
N PRO B 26 16.75 25.07 -54.00
CA PRO B 26 15.44 24.86 -53.37
C PRO B 26 15.47 24.06 -52.06
N GLU B 27 16.44 23.14 -51.90
CA GLU B 27 16.56 22.33 -50.69
C GLU B 27 16.91 23.22 -49.47
N THR B 28 17.78 24.22 -49.67
CA THR B 28 18.15 25.17 -48.62
C THR B 28 16.97 26.09 -48.31
N LEU B 29 16.28 26.58 -49.36
CA LEU B 29 15.12 27.46 -49.21
C LEU B 29 13.97 26.82 -48.44
N MET B 30 13.81 25.49 -48.54
CA MET B 30 12.74 24.80 -47.80
C MET B 30 13.01 24.87 -46.29
N VAL B 31 14.27 24.79 -45.88
CA VAL B 31 14.65 24.81 -44.46
C VAL B 31 14.57 26.24 -43.87
N HIS B 32 15.23 27.22 -44.51
CA HIS B 32 15.31 28.59 -44.00
C HIS B 32 14.24 29.56 -44.53
N GLY B 33 13.32 29.10 -45.36
CA GLY B 33 12.27 29.97 -45.91
C GLY B 33 11.29 30.39 -44.84
N GLY B 34 11.00 31.70 -44.78
CA GLY B 34 10.10 32.26 -43.78
C GLY B 34 10.63 32.27 -42.37
N MET B 35 11.96 32.14 -42.20
CA MET B 35 12.63 32.12 -40.90
C MET B 35 13.53 33.36 -40.71
N ASP B 36 13.19 34.50 -41.34
CA ASP B 36 14.01 35.70 -41.25
C ASP B 36 13.77 36.43 -39.94
N GLY B 37 14.85 36.91 -39.32
CA GLY B 37 14.77 37.62 -38.05
C GLY B 37 14.69 36.78 -36.80
N LEU B 38 14.49 35.45 -36.93
CA LEU B 38 14.40 34.58 -35.75
C LEU B 38 15.77 34.41 -35.10
N THR B 39 16.83 34.23 -35.90
CA THR B 39 18.20 34.10 -35.37
C THR B 39 18.63 35.40 -34.67
N GLU B 40 18.23 36.56 -35.19
CA GLU B 40 18.55 37.86 -34.60
C GLU B 40 17.81 38.03 -33.26
N ALA B 41 16.57 37.53 -33.16
CA ALA B 41 15.77 37.58 -31.93
C ALA B 41 16.19 36.52 -30.87
N GLY B 42 17.16 35.65 -31.19
CA GLY B 42 17.63 34.63 -30.28
C GLY B 42 16.70 33.44 -30.12
N VAL B 43 15.96 33.08 -31.18
CA VAL B 43 15.02 31.95 -31.16
C VAL B 43 15.30 31.01 -32.36
N HIS B 44 14.91 29.73 -32.24
CA HIS B 44 15.18 28.71 -33.25
C HIS B 44 14.01 28.52 -34.25
N VAL B 45 12.78 28.40 -33.74
CA VAL B 45 11.57 28.18 -34.56
C VAL B 45 10.57 29.34 -34.35
N PRO B 46 9.64 29.65 -35.31
CA PRO B 46 8.72 30.77 -35.06
C PRO B 46 7.72 30.45 -33.94
N ALA B 47 7.42 31.45 -33.10
CA ALA B 47 6.50 31.26 -31.98
C ALA B 47 5.05 31.22 -32.47
N ILE B 48 4.19 30.53 -31.73
CA ILE B 48 2.76 30.42 -32.06
C ILE B 48 2.03 31.49 -31.26
N ASP B 49 1.63 32.59 -31.92
CA ASP B 49 0.92 33.69 -31.27
C ASP B 49 -0.58 33.47 -31.46
N LEU B 50 -1.27 32.98 -30.42
CA LEU B 50 -2.71 32.71 -30.50
C LEU B 50 -3.59 33.97 -30.40
N SER B 51 -3.01 35.16 -30.13
CA SER B 51 -3.73 36.42 -29.97
C SER B 51 -4.80 36.67 -31.05
N THR B 52 -6.04 36.90 -30.62
CA THR B 52 -7.14 37.21 -31.53
C THR B 52 -7.07 38.68 -31.90
N THR B 53 -6.82 39.55 -30.90
CA THR B 53 -6.70 41.00 -31.09
C THR B 53 -5.24 41.43 -30.91
N ASN B 54 -4.86 42.56 -31.52
CA ASN B 54 -3.51 43.10 -31.45
C ASN B 54 -3.55 44.59 -31.08
N PRO B 55 -3.10 45.01 -29.87
CA PRO B 55 -3.19 46.44 -29.52
C PRO B 55 -2.51 47.42 -30.48
N VAL B 56 -3.01 48.67 -30.50
CA VAL B 56 -2.50 49.74 -31.37
C VAL B 56 -1.86 50.87 -30.54
N ASN B 57 -0.89 51.58 -31.14
CA ASN B 57 -0.19 52.66 -30.46
C ASN B 57 -1.08 53.88 -30.23
N ASP B 58 -1.82 54.30 -31.28
CA ASP B 58 -2.74 55.43 -31.20
C ASP B 58 -3.92 55.26 -32.18
N VAL B 59 -4.94 56.12 -32.08
CA VAL B 59 -6.14 56.05 -32.92
C VAL B 59 -5.79 56.27 -34.41
N ALA B 60 -4.93 57.25 -34.71
CA ALA B 60 -4.55 57.54 -36.09
C ALA B 60 -3.83 56.37 -36.79
N THR B 61 -2.78 55.78 -36.18
CA THR B 61 -2.07 54.67 -36.79
C THR B 61 -2.90 53.38 -36.77
N GLY B 62 -3.65 53.18 -35.69
CA GLY B 62 -4.51 52.02 -35.55
C GLY B 62 -5.61 51.96 -36.60
N GLY B 63 -6.25 53.11 -36.84
CA GLY B 63 -7.29 53.23 -37.85
C GLY B 63 -6.76 53.06 -39.26
N ASP B 64 -5.58 53.64 -39.54
CA ASP B 64 -4.95 53.53 -40.86
C ASP B 64 -4.52 52.09 -41.14
N SER B 65 -3.93 51.42 -40.13
CA SER B 65 -3.53 50.02 -40.28
C SER B 65 -4.75 49.12 -40.49
N TYR B 66 -5.88 49.44 -39.83
CA TYR B 66 -7.12 48.70 -39.99
C TYR B 66 -7.59 48.80 -41.45
N GLU B 67 -7.68 50.02 -42.00
CA GLU B 67 -8.16 50.25 -43.36
C GLU B 67 -7.22 49.63 -44.39
N TRP B 68 -5.89 49.67 -44.19
CA TRP B 68 -4.97 49.08 -45.17
C TRP B 68 -5.14 47.55 -45.23
N LEU B 69 -5.22 46.88 -44.07
CA LEU B 69 -5.39 45.44 -44.04
C LEU B 69 -6.79 45.01 -44.47
N ALA B 70 -7.84 45.81 -44.18
CA ALA B 70 -9.20 45.47 -44.61
C ALA B 70 -9.33 45.55 -46.13
N THR B 71 -8.60 46.51 -46.77
CA THR B 71 -8.59 46.64 -48.23
C THR B 71 -7.55 45.68 -48.89
N GLY B 72 -7.12 44.64 -48.18
CA GLY B 72 -6.22 43.61 -48.70
C GLY B 72 -4.74 43.95 -48.84
N HIS B 73 -4.23 44.98 -48.15
CA HIS B 73 -2.80 45.30 -48.23
C HIS B 73 -2.01 44.41 -47.26
N ALA B 74 -0.76 44.05 -47.62
CA ALA B 74 0.11 43.29 -46.72
C ALA B 74 0.52 44.19 -45.55
N LEU B 75 0.87 43.59 -44.40
CA LEU B 75 1.26 44.34 -43.22
C LEU B 75 2.60 45.04 -43.41
N LYS B 76 2.64 46.36 -43.20
CA LYS B 76 3.89 47.12 -43.29
C LYS B 76 4.67 46.90 -41.97
N ASP B 77 6.01 46.83 -42.06
CA ASP B 77 6.89 46.53 -40.93
C ASP B 77 6.75 47.59 -39.83
N GLY B 78 6.61 47.13 -38.59
CA GLY B 78 6.44 48.01 -37.43
C GLY B 78 4.99 48.28 -37.07
N ASP B 79 4.07 48.13 -38.04
CA ASP B 79 2.65 48.38 -37.81
C ASP B 79 1.99 47.22 -37.06
N SER B 80 0.92 47.52 -36.32
CA SER B 80 0.17 46.52 -35.56
C SER B 80 -0.73 45.70 -36.49
N ALA B 81 -0.88 44.41 -36.20
CA ALA B 81 -1.74 43.52 -36.98
C ALA B 81 -3.25 43.84 -36.79
N VAL B 82 -3.62 44.62 -35.74
CA VAL B 82 -4.98 45.06 -35.37
C VAL B 82 -5.88 43.88 -34.91
N TYR B 83 -6.12 42.90 -35.79
CA TYR B 83 -6.98 41.76 -35.51
C TYR B 83 -6.51 40.55 -36.34
N GLN B 84 -6.77 39.33 -35.86
CA GLN B 84 -6.33 38.11 -36.53
C GLN B 84 -6.98 37.91 -37.89
N ARG B 85 -8.25 38.32 -38.07
CA ARG B 85 -8.91 38.22 -39.37
C ARG B 85 -8.31 39.18 -40.42
N LEU B 86 -7.51 40.17 -39.99
CA LEU B 86 -6.84 41.12 -40.88
C LEU B 86 -5.39 40.66 -41.14
N TRP B 87 -4.67 40.19 -40.08
CA TRP B 87 -3.29 39.70 -40.23
C TRP B 87 -2.88 38.83 -39.04
N GLN B 88 -2.02 37.82 -39.29
CA GLN B 88 -1.47 36.92 -38.27
C GLN B 88 0.00 36.66 -38.62
N PRO B 89 0.99 36.82 -37.68
CA PRO B 89 2.41 36.66 -38.08
C PRO B 89 2.86 35.25 -38.47
N GLY B 90 2.36 34.23 -37.79
CA GLY B 90 2.71 32.84 -38.08
C GLY B 90 2.24 32.40 -39.45
N VAL B 91 1.05 32.87 -39.86
CA VAL B 91 0.50 32.57 -41.18
C VAL B 91 1.36 33.29 -42.22
N ALA B 92 1.66 34.59 -41.98
CA ALA B 92 2.52 35.38 -42.87
C ALA B 92 3.89 34.74 -43.11
N ARG B 93 4.48 34.07 -42.09
CA ARG B 93 5.77 33.40 -42.26
C ARG B 93 5.63 32.21 -43.21
N PHE B 94 4.55 31.43 -43.07
CA PHE B 94 4.25 30.31 -43.97
C PHE B 94 4.01 30.81 -45.40
N GLU B 95 3.33 31.95 -45.53
CA GLU B 95 3.02 32.57 -46.82
C GLU B 95 4.31 32.98 -47.55
N THR B 96 5.24 33.66 -46.86
CA THR B 96 6.50 34.06 -47.50
C THR B 96 7.38 32.86 -47.83
N ALA B 97 7.30 31.78 -47.04
CA ALA B 97 8.09 30.58 -47.29
C ALA B 97 7.69 29.90 -48.60
N LEU B 98 6.38 29.71 -48.84
CA LEU B 98 5.92 29.07 -50.06
C LEU B 98 6.13 29.97 -51.26
N ALA B 99 5.83 31.28 -51.14
CA ALA B 99 6.01 32.23 -52.24
C ALA B 99 7.44 32.18 -52.83
N GLU B 100 8.48 32.08 -51.97
CA GLU B 100 9.87 31.98 -52.42
C GLU B 100 10.12 30.67 -53.20
N LEU B 101 9.46 29.58 -52.79
CA LEU B 101 9.61 28.28 -53.45
C LEU B 101 8.96 28.28 -54.84
N GLU B 102 7.76 28.88 -54.96
CA GLU B 102 7.04 28.96 -56.23
C GLU B 102 7.50 30.15 -57.11
N HIS B 103 8.46 30.98 -56.65
CA HIS B 103 8.94 32.17 -57.35
C HIS B 103 7.84 33.21 -57.56
N ALA B 104 6.89 33.31 -56.62
CA ALA B 104 5.78 34.26 -56.65
C ALA B 104 6.08 35.48 -55.77
N ASP B 105 5.43 36.61 -56.04
CA ASP B 105 5.63 37.82 -55.27
C ASP B 105 5.10 37.65 -53.84
N GLU B 106 3.83 37.19 -53.70
CA GLU B 106 3.17 37.00 -52.40
C GLU B 106 2.34 35.70 -52.40
N ALA B 107 1.81 35.31 -51.22
CA ALA B 107 0.94 34.15 -51.07
C ALA B 107 -0.11 34.43 -49.99
N VAL B 108 -1.31 33.83 -50.12
CA VAL B 108 -2.42 34.01 -49.16
C VAL B 108 -2.87 32.64 -48.69
N ALA B 109 -2.88 32.41 -47.36
CA ALA B 109 -3.27 31.13 -46.76
C ALA B 109 -4.68 31.16 -46.16
N PHE B 110 -5.36 30.01 -46.17
CA PHE B 110 -6.73 29.83 -45.68
C PHE B 110 -6.86 28.50 -44.89
N ALA B 111 -8.03 28.24 -44.28
CA ALA B 111 -8.30 27.04 -43.49
C ALA B 111 -8.09 25.71 -44.24
N THR B 112 -8.55 25.63 -45.50
CA THR B 112 -8.46 24.43 -46.35
C THR B 112 -8.15 24.83 -47.82
N GLY B 113 -7.81 23.85 -48.66
CA GLY B 113 -7.60 24.08 -50.09
C GLY B 113 -8.87 24.58 -50.76
N MET B 114 -10.05 24.12 -50.30
CA MET B 114 -11.33 24.58 -50.82
C MET B 114 -11.63 26.02 -50.41
N ALA B 115 -11.16 26.47 -49.24
CA ALA B 115 -11.32 27.86 -48.83
C ALA B 115 -10.53 28.79 -49.75
N ALA B 116 -9.34 28.36 -50.17
CA ALA B 116 -8.51 29.11 -51.10
C ALA B 116 -9.22 29.20 -52.47
N MET B 117 -9.76 28.09 -52.96
CA MET B 117 -10.51 28.07 -54.23
C MET B 117 -11.72 28.99 -54.14
N THR B 118 -12.46 28.91 -53.03
CA THR B 118 -13.63 29.74 -52.79
C THR B 118 -13.29 31.22 -52.85
N ALA B 119 -12.19 31.62 -52.20
CA ALA B 119 -11.75 33.02 -52.21
C ALA B 119 -11.27 33.47 -53.59
N ALA B 120 -10.58 32.61 -54.34
CA ALA B 120 -10.11 32.95 -55.69
C ALA B 120 -11.29 33.16 -56.63
N LEU B 121 -12.36 32.36 -56.48
CA LEU B 121 -13.53 32.51 -57.32
C LEU B 121 -14.31 33.77 -56.92
N LEU B 122 -14.46 34.05 -55.62
CA LEU B 122 -15.17 35.24 -55.16
C LEU B 122 -14.42 36.52 -55.54
N ALA B 123 -13.08 36.48 -55.59
CA ALA B 123 -12.24 37.61 -56.01
C ALA B 123 -12.53 37.96 -57.48
N ALA B 124 -12.68 36.92 -58.32
CA ALA B 124 -12.98 37.10 -59.74
C ALA B 124 -14.40 37.64 -59.92
N VAL B 125 -15.38 37.12 -59.16
CA VAL B 125 -16.77 37.57 -59.23
C VAL B 125 -16.86 39.04 -58.84
N ASN B 126 -16.20 39.43 -57.73
CA ASN B 126 -16.22 40.81 -57.26
C ASN B 126 -15.60 41.78 -58.28
N ALA B 127 -14.60 41.34 -59.05
CA ALA B 127 -13.97 42.16 -60.08
C ALA B 127 -14.78 42.25 -61.39
N GLY B 128 -16.04 41.78 -61.39
CA GLY B 128 -16.89 41.80 -62.58
C GLY B 128 -16.53 40.77 -63.63
N THR B 129 -15.89 39.66 -63.22
CA THR B 129 -15.50 38.57 -64.12
C THR B 129 -15.98 37.23 -63.53
N PRO B 130 -17.30 36.94 -63.50
CA PRO B 130 -17.76 35.68 -62.89
C PRO B 130 -17.56 34.42 -63.72
N HIS B 131 -17.21 34.54 -65.01
CA HIS B 131 -17.02 33.36 -65.86
C HIS B 131 -15.63 32.76 -65.67
N ILE B 132 -15.55 31.42 -65.61
CA ILE B 132 -14.30 30.67 -65.43
C ILE B 132 -14.24 29.58 -66.51
N VAL B 133 -13.07 29.44 -67.17
CA VAL B 133 -12.81 28.40 -68.15
C VAL B 133 -11.99 27.33 -67.41
N ALA B 134 -12.40 26.06 -67.45
CA ALA B 134 -11.70 25.01 -66.73
C ALA B 134 -11.61 23.71 -67.51
N VAL B 135 -10.49 22.97 -67.35
CA VAL B 135 -10.30 21.70 -68.04
C VAL B 135 -10.94 20.60 -67.16
N ARG B 136 -11.73 19.68 -67.76
CA ARG B 136 -12.57 18.72 -67.02
C ARG B 136 -11.88 17.85 -65.95
N PRO B 137 -10.68 17.26 -66.18
CA PRO B 137 -10.06 16.43 -65.12
C PRO B 137 -9.53 17.28 -63.95
N LEU B 138 -10.40 17.52 -62.96
CA LEU B 138 -10.11 18.31 -61.75
C LEU B 138 -10.51 17.53 -60.48
N TYR B 139 -10.10 18.03 -59.30
CA TYR B 139 -10.48 17.47 -58.02
C TYR B 139 -12.01 17.61 -57.87
N GLY B 140 -12.65 16.55 -57.35
CA GLY B 140 -14.09 16.47 -57.16
C GLY B 140 -14.76 17.70 -56.56
N GLY B 141 -14.20 18.21 -55.48
CA GLY B 141 -14.73 19.39 -54.80
C GLY B 141 -14.64 20.64 -55.65
N SER B 142 -13.48 20.85 -56.31
CA SER B 142 -13.28 22.00 -57.20
C SER B 142 -14.26 21.94 -58.37
N ASP B 143 -14.49 20.73 -58.92
CA ASP B 143 -15.42 20.51 -60.02
C ASP B 143 -16.87 20.80 -59.57
N HIS B 144 -17.26 20.29 -58.40
CA HIS B 144 -18.62 20.48 -57.88
C HIS B 144 -18.90 21.95 -57.52
N LEU B 145 -17.89 22.66 -57.00
CA LEU B 145 -18.05 24.08 -56.64
C LEU B 145 -18.31 24.94 -57.88
N LEU B 146 -17.64 24.62 -59.01
CA LEU B 146 -17.83 25.36 -60.25
C LEU B 146 -19.19 25.02 -60.89
N GLU B 147 -19.56 23.72 -60.89
CA GLU B 147 -20.81 23.26 -61.49
C GLU B 147 -22.05 23.82 -60.79
N THR B 148 -22.05 23.87 -59.46
CA THR B 148 -23.18 24.38 -58.69
C THR B 148 -23.40 25.90 -58.92
N GLY B 149 -22.32 26.65 -59.04
CA GLY B 149 -22.40 28.09 -59.22
C GLY B 149 -22.88 28.77 -57.94
N LEU B 150 -22.42 28.26 -56.79
CA LEU B 150 -22.80 28.76 -55.47
C LEU B 150 -22.29 30.17 -55.23
N LEU B 151 -21.06 30.46 -55.66
CA LEU B 151 -20.44 31.76 -55.46
C LEU B 151 -20.72 32.76 -56.59
N GLY B 152 -21.83 32.58 -57.32
CA GLY B 152 -22.20 33.44 -58.43
C GLY B 152 -21.28 33.30 -59.62
N THR B 153 -20.81 32.07 -59.90
CA THR B 153 -19.90 31.77 -61.00
C THR B 153 -20.60 30.99 -62.11
N THR B 154 -20.16 31.24 -63.36
CA THR B 154 -20.61 30.52 -64.54
C THR B 154 -19.36 29.82 -65.10
N VAL B 155 -19.49 28.59 -65.57
CA VAL B 155 -18.33 27.82 -66.03
C VAL B 155 -18.56 27.24 -67.42
N THR B 156 -17.49 27.22 -68.23
CA THR B 156 -17.48 26.62 -69.54
C THR B 156 -16.37 25.58 -69.50
N TRP B 157 -16.75 24.30 -69.51
CA TRP B 157 -15.77 23.22 -69.48
C TRP B 157 -15.12 23.09 -70.84
N ALA B 158 -13.79 23.22 -70.90
CA ALA B 158 -13.06 23.17 -72.17
C ALA B 158 -11.85 22.25 -72.08
N LYS B 159 -11.43 21.71 -73.23
CA LYS B 159 -10.25 20.85 -73.32
C LYS B 159 -9.00 21.74 -73.50
N GLU B 160 -7.79 21.16 -73.37
CA GLU B 160 -6.54 21.92 -73.52
C GLU B 160 -6.47 22.74 -74.81
N ALA B 161 -6.88 22.15 -75.94
CA ALA B 161 -6.85 22.86 -77.23
C ALA B 161 -8.00 23.88 -77.37
N GLU B 162 -9.14 23.65 -76.70
CA GLU B 162 -10.31 24.53 -76.82
C GLU B 162 -10.38 25.61 -75.74
N ILE B 163 -9.24 25.97 -75.10
CA ILE B 163 -9.25 27.00 -74.04
C ILE B 163 -9.51 28.38 -74.66
N ALA B 164 -8.76 28.74 -75.71
CA ALA B 164 -8.88 30.02 -76.40
C ALA B 164 -10.30 30.31 -76.88
N SER B 165 -11.01 29.30 -77.42
CA SER B 165 -12.38 29.46 -77.89
C SER B 165 -13.37 29.68 -76.75
N ALA B 166 -13.17 28.96 -75.63
CA ALA B 166 -14.04 29.10 -74.46
C ALA B 166 -13.88 30.44 -73.73
N ILE B 167 -12.83 31.22 -74.02
CA ILE B 167 -12.61 32.52 -73.36
C ILE B 167 -13.71 33.48 -73.77
N GLN B 168 -14.44 34.01 -72.78
CA GLN B 168 -15.52 35.00 -72.97
C GLN B 168 -15.03 36.39 -72.51
N ASP B 169 -15.77 37.45 -72.86
CA ASP B 169 -15.41 38.82 -72.47
C ASP B 169 -15.39 39.06 -70.94
N ASP B 170 -16.13 38.23 -70.17
CA ASP B 170 -16.18 38.35 -68.71
C ASP B 170 -15.44 37.20 -67.99
N THR B 171 -14.35 36.68 -68.57
CA THR B 171 -13.59 35.59 -67.93
C THR B 171 -12.62 36.16 -66.92
N GLY B 172 -12.64 35.59 -65.72
CA GLY B 172 -11.75 35.99 -64.64
C GLY B 172 -10.55 35.07 -64.48
N LEU B 173 -10.74 33.76 -64.67
CA LEU B 173 -9.67 32.78 -64.49
C LEU B 173 -9.74 31.60 -65.45
N VAL B 174 -8.60 30.88 -65.60
CA VAL B 174 -8.46 29.66 -66.37
C VAL B 174 -7.91 28.63 -65.36
N ILE B 175 -8.76 27.70 -64.90
CA ILE B 175 -8.37 26.73 -63.87
C ILE B 175 -7.84 25.44 -64.51
N VAL B 176 -6.61 25.04 -64.14
CA VAL B 176 -5.93 23.83 -64.63
C VAL B 176 -5.29 23.09 -63.43
N GLU B 177 -5.15 21.76 -63.54
CA GLU B 177 -4.55 20.90 -62.50
C GLU B 177 -3.75 19.81 -63.21
N THR B 178 -2.47 19.65 -62.84
CA THR B 178 -1.60 18.65 -63.45
C THR B 178 -0.52 18.14 -62.46
N PRO B 179 -0.34 16.81 -62.24
CA PRO B 179 -1.15 15.68 -62.74
C PRO B 179 -2.57 15.74 -62.17
N ALA B 180 -3.58 15.42 -62.99
CA ALA B 180 -4.96 15.49 -62.54
C ALA B 180 -5.29 14.46 -61.47
N ASN B 181 -6.30 14.77 -60.64
CA ASN B 181 -6.74 13.87 -59.59
C ASN B 181 -8.02 13.16 -60.09
N PRO B 182 -8.14 11.80 -60.16
CA PRO B 182 -7.16 10.74 -59.84
C PRO B 182 -6.27 10.18 -60.99
N SER B 183 -6.75 10.21 -62.26
CA SER B 183 -6.08 9.67 -63.47
C SER B 183 -4.61 10.07 -63.71
N LEU B 184 -4.14 11.21 -63.16
CA LEU B 184 -2.78 11.73 -63.34
C LEU B 184 -2.50 12.16 -64.78
N ASP B 185 -3.51 12.74 -65.45
CA ASP B 185 -3.36 13.24 -66.82
C ASP B 185 -2.59 14.55 -66.75
N LEU B 186 -1.59 14.72 -67.62
CA LEU B 186 -0.75 15.91 -67.62
C LEU B 186 -1.29 16.98 -68.58
N VAL B 187 -0.99 18.25 -68.29
CA VAL B 187 -1.44 19.41 -69.08
C VAL B 187 -0.21 20.26 -69.42
N ASP B 188 -0.03 20.62 -70.70
CA ASP B 188 1.08 21.48 -71.11
C ASP B 188 0.76 22.91 -70.67
N LEU B 189 1.41 23.39 -69.61
CA LEU B 189 1.15 24.72 -69.06
C LEU B 189 1.60 25.86 -69.97
N ASP B 190 2.65 25.64 -70.79
CA ASP B 190 3.12 26.67 -71.71
C ASP B 190 2.06 27.00 -72.76
N SER B 191 1.39 25.96 -73.30
CA SER B 191 0.33 26.14 -74.29
C SER B 191 -0.94 26.74 -73.68
N VAL B 192 -1.23 26.40 -72.41
CA VAL B 192 -2.41 26.93 -71.70
C VAL B 192 -2.28 28.45 -71.53
N VAL B 193 -1.11 28.92 -71.07
CA VAL B 193 -0.88 30.36 -70.87
C VAL B 193 -1.01 31.11 -72.20
N ALA B 194 -0.48 30.53 -73.28
CA ALA B 194 -0.59 31.12 -74.61
C ALA B 194 -2.05 31.21 -75.06
N ALA B 195 -2.85 30.17 -74.81
CA ALA B 195 -4.28 30.14 -75.17
C ALA B 195 -5.08 31.15 -74.34
N ALA B 196 -4.79 31.27 -73.04
CA ALA B 196 -5.50 32.20 -72.17
C ALA B 196 -5.20 33.66 -72.55
N GLY B 197 -3.95 33.95 -72.89
CA GLY B 197 -3.55 35.30 -73.29
C GLY B 197 -3.54 36.26 -72.12
N THR B 198 -4.48 37.21 -72.11
CA THR B 198 -4.57 38.21 -71.03
C THR B 198 -5.31 37.69 -69.79
N VAL B 199 -5.99 36.52 -69.86
CA VAL B 199 -6.74 35.99 -68.73
C VAL B 199 -5.75 35.30 -67.76
N PRO B 200 -5.76 35.58 -66.44
CA PRO B 200 -4.81 34.88 -65.54
C PRO B 200 -5.12 33.39 -65.39
N VAL B 201 -4.05 32.56 -65.31
CA VAL B 201 -4.18 31.11 -65.19
C VAL B 201 -3.91 30.65 -63.77
N LEU B 202 -4.87 29.95 -63.16
CA LEU B 202 -4.72 29.37 -61.83
C LEU B 202 -4.38 27.90 -62.02
N VAL B 203 -3.23 27.46 -61.47
CA VAL B 203 -2.76 26.09 -61.59
C VAL B 203 -2.72 25.43 -60.22
N ASP B 204 -3.45 24.34 -60.05
CA ASP B 204 -3.44 23.58 -58.81
C ASP B 204 -2.20 22.69 -58.88
N ASN B 205 -1.23 22.94 -57.98
CA ASN B 205 0.05 22.22 -57.95
C ASN B 205 0.17 21.37 -56.68
N THR B 206 -0.95 20.84 -56.17
CA THR B 206 -0.96 20.02 -54.95
C THR B 206 -0.10 18.75 -55.10
N PHE B 207 -0.32 17.99 -56.17
CA PHE B 207 0.34 16.71 -56.43
C PHE B 207 1.86 16.82 -56.68
N CYS B 208 2.29 17.78 -57.51
CA CYS B 208 3.73 17.91 -57.82
C CYS B 208 4.51 18.65 -56.73
N THR B 209 3.91 19.68 -56.10
CA THR B 209 4.55 20.51 -55.05
C THR B 209 5.67 21.41 -55.67
N PRO B 210 6.14 22.49 -54.99
CA PRO B 210 7.23 23.29 -55.60
C PRO B 210 8.55 22.55 -55.84
N VAL B 211 8.68 21.31 -55.35
CA VAL B 211 9.88 20.50 -55.53
C VAL B 211 9.98 20.08 -57.01
N LEU B 212 8.86 19.62 -57.58
CA LEU B 212 8.80 19.10 -58.95
C LEU B 212 8.33 20.12 -59.99
N GLN B 213 7.34 20.96 -59.67
CA GLN B 213 6.78 21.90 -60.63
C GLN B 213 6.64 23.30 -60.05
N GLN B 214 6.84 24.32 -60.89
CA GLN B 214 6.71 25.73 -60.53
C GLN B 214 5.92 26.40 -61.67
N PRO B 215 4.56 26.35 -61.65
CA PRO B 215 3.80 26.96 -62.76
C PRO B 215 4.06 28.44 -63.03
N ILE B 216 4.50 29.23 -62.03
CA ILE B 216 4.79 30.67 -62.21
C ILE B 216 5.87 30.84 -63.30
N ARG B 217 6.90 29.96 -63.30
CA ARG B 217 7.96 29.98 -64.31
C ARG B 217 7.41 29.81 -65.73
N HIS B 218 6.36 29.00 -65.90
CA HIS B 218 5.71 28.77 -67.19
C HIS B 218 4.73 29.90 -67.60
N GLY B 219 4.52 30.90 -66.75
CA GLY B 219 3.66 32.03 -67.03
C GLY B 219 2.32 32.06 -66.31
N ALA B 220 2.09 31.14 -65.33
CA ALA B 220 0.84 31.13 -64.59
C ALA B 220 0.80 32.30 -63.62
N ALA B 221 -0.40 32.81 -63.33
CA ALA B 221 -0.56 33.95 -62.40
C ALA B 221 -0.75 33.49 -60.95
N LEU B 222 -1.60 32.47 -60.72
CA LEU B 222 -1.88 31.93 -59.38
C LEU B 222 -1.56 30.44 -59.33
N VAL B 223 -1.07 29.96 -58.18
CA VAL B 223 -0.73 28.55 -57.95
C VAL B 223 -1.35 28.11 -56.63
N LEU B 224 -2.43 27.31 -56.72
CA LEU B 224 -3.15 26.78 -55.57
C LEU B 224 -2.48 25.50 -55.07
N HIS B 225 -2.46 25.30 -53.75
CA HIS B 225 -1.92 24.10 -53.11
C HIS B 225 -2.82 23.75 -51.96
N SER B 226 -3.22 22.49 -51.86
CA SER B 226 -3.94 22.01 -50.70
C SER B 226 -2.82 21.64 -49.73
N ALA B 227 -2.45 22.56 -48.84
CA ALA B 227 -1.38 22.34 -47.87
C ALA B 227 -1.60 21.10 -46.99
N THR B 228 -2.88 20.69 -46.83
CA THR B 228 -3.31 19.45 -46.16
C THR B 228 -2.49 18.22 -46.62
N TYR B 230 1.19 16.84 -48.53
CA TYR B 230 2.61 17.06 -48.84
C TYR B 230 3.25 18.25 -48.09
N LEU B 231 2.64 19.44 -48.11
CA LEU B 231 3.21 20.60 -47.39
C LEU B 231 3.21 20.29 -45.89
N GLY B 232 2.11 19.74 -45.38
CA GLY B 232 2.04 19.28 -44.00
C GLY B 232 2.84 18.00 -43.87
N GLY B 233 2.49 17.02 -44.70
CA GLY B 233 3.20 15.75 -44.80
C GLY B 233 2.94 14.70 -43.75
N HIS B 234 2.20 15.03 -42.67
CA HIS B 234 1.93 14.08 -41.60
C HIS B 234 0.44 13.84 -41.32
N GLY B 235 -0.45 14.30 -42.21
CA GLY B 235 -1.88 14.11 -42.06
C GLY B 235 -2.47 14.68 -40.78
N ASP B 236 -2.00 15.85 -40.35
CA ASP B 236 -2.45 16.47 -39.10
C ASP B 236 -2.60 18.00 -39.16
N ALA B 237 -2.64 18.60 -40.35
CA ALA B 237 -2.78 20.04 -40.49
C ALA B 237 -3.52 20.37 -41.78
N MET B 238 -4.77 20.83 -41.66
CA MET B 238 -5.54 21.25 -42.83
C MET B 238 -5.01 22.62 -43.28
N GLY B 239 -5.09 22.91 -44.56
CA GLY B 239 -4.64 24.19 -45.06
C GLY B 239 -4.76 24.36 -46.56
N GLY B 240 -4.71 25.61 -47.00
CA GLY B 240 -4.82 25.99 -48.40
C GLY B 240 -4.03 27.26 -48.61
N ILE B 241 -3.37 27.40 -49.78
CA ILE B 241 -2.53 28.57 -50.04
C ILE B 241 -2.38 28.80 -51.55
N ILE B 242 -2.39 30.07 -51.96
CA ILE B 242 -2.25 30.45 -53.36
C ILE B 242 -1.06 31.38 -53.49
N ALA B 243 0.01 30.94 -54.18
CA ALA B 243 1.18 31.76 -54.46
C ALA B 243 0.84 32.53 -55.72
N THR B 244 0.85 33.88 -55.66
CA THR B 244 0.45 34.73 -56.79
C THR B 244 1.09 36.14 -56.75
N ASN B 245 0.94 36.90 -57.85
CA ASN B 245 1.36 38.30 -57.94
C ASN B 245 0.66 39.17 -56.87
N SER B 246 1.15 40.40 -56.66
CA SER B 246 0.58 41.33 -55.68
C SER B 246 -0.89 41.71 -55.94
N ASP B 247 -1.34 41.72 -57.21
CA ASP B 247 -2.71 42.05 -57.58
C ASP B 247 -3.70 41.03 -57.00
N TRP B 248 -3.55 39.74 -57.35
CA TRP B 248 -4.44 38.71 -56.83
C TRP B 248 -4.26 38.49 -55.34
N ALA B 249 -3.06 38.74 -54.79
CA ALA B 249 -2.85 38.59 -53.36
C ALA B 249 -3.72 39.58 -52.57
N MET B 250 -3.91 40.82 -53.09
CA MET B 250 -4.78 41.79 -52.44
C MET B 250 -6.24 41.37 -52.55
N ARG B 251 -6.66 40.88 -53.72
CA ARG B 251 -8.05 40.46 -53.92
C ARG B 251 -8.39 39.29 -52.99
N LEU B 252 -7.46 38.34 -52.84
CA LEU B 252 -7.64 37.19 -51.96
C LEU B 252 -7.71 37.62 -50.49
N ARG B 253 -6.86 38.57 -50.08
CA ARG B 253 -6.87 39.06 -48.69
C ARG B 253 -8.11 39.91 -48.42
N GLN B 254 -8.61 40.68 -49.42
CA GLN B 254 -9.86 41.44 -49.28
C GLN B 254 -11.01 40.48 -48.98
N VAL B 255 -11.05 39.32 -49.66
CA VAL B 255 -12.08 38.32 -49.44
C VAL B 255 -11.87 37.66 -48.07
N ARG B 256 -10.62 37.30 -47.74
CA ARG B 256 -10.27 36.68 -46.46
C ARG B 256 -10.68 37.54 -45.25
N ALA B 257 -10.48 38.86 -45.33
CA ALA B 257 -10.80 39.78 -44.24
C ALA B 257 -12.28 39.82 -43.87
N ILE B 258 -13.20 39.64 -44.85
CA ILE B 258 -14.65 39.71 -44.58
C ILE B 258 -15.31 38.29 -44.57
N THR B 259 -14.76 37.28 -45.28
CA THR B 259 -15.32 35.92 -45.24
C THR B 259 -14.73 35.13 -44.06
N GLY B 260 -13.48 35.39 -43.69
CA GLY B 260 -12.85 34.79 -42.53
C GLY B 260 -12.57 33.31 -42.51
N ALA B 261 -12.14 32.71 -43.63
CA ALA B 261 -11.76 31.29 -43.64
C ALA B 261 -10.27 31.27 -43.29
N LEU B 262 -9.95 31.49 -42.01
CA LEU B 262 -8.57 31.64 -41.56
C LEU B 262 -7.87 30.35 -41.21
N LEU B 263 -6.55 30.34 -41.41
CA LEU B 263 -5.69 29.23 -41.06
C LEU B 263 -5.28 29.48 -39.60
N HIS B 264 -5.49 28.50 -38.72
CA HIS B 264 -5.19 28.64 -37.29
C HIS B 264 -3.67 28.77 -37.06
N PRO B 265 -3.18 29.60 -36.10
CA PRO B 265 -1.73 29.70 -35.90
C PRO B 265 -0.97 28.38 -35.72
N MET B 266 -1.52 27.38 -35.01
CA MET B 266 -0.84 26.10 -34.86
C MET B 266 -0.85 25.32 -36.19
N GLY B 267 -1.92 25.45 -36.97
CA GLY B 267 -1.99 24.84 -38.29
C GLY B 267 -0.93 25.43 -39.22
N ALA B 268 -0.77 26.76 -39.20
CA ALA B 268 0.26 27.45 -39.97
C ALA B 268 1.66 27.05 -39.50
N TYR B 269 1.83 26.86 -38.20
CA TYR B 269 3.11 26.44 -37.64
C TYR B 269 3.50 25.05 -38.17
N LEU B 270 2.56 24.09 -38.16
CA LEU B 270 2.85 22.73 -38.62
C LEU B 270 3.06 22.64 -40.13
N LEU B 271 2.40 23.51 -40.90
CA LEU B 271 2.58 23.50 -42.36
C LEU B 271 3.94 24.11 -42.72
N HIS B 272 4.32 25.19 -42.02
CA HIS B 272 5.64 25.82 -42.21
C HIS B 272 6.73 24.81 -41.77
N ARG B 273 6.50 24.09 -40.65
CA ARG B 273 7.40 23.06 -40.11
C ARG B 273 7.59 21.93 -41.14
N GLY B 274 6.50 21.52 -41.79
CA GLY B 274 6.52 20.50 -42.82
C GLY B 274 7.28 20.88 -44.06
N LEU B 275 7.30 22.18 -44.42
CA LEU B 275 8.04 22.64 -45.60
C LEU B 275 9.53 22.39 -45.46
N ARG B 276 10.08 22.38 -44.23
CA ARG B 276 11.50 22.14 -44.00
C ARG B 276 11.94 20.76 -44.48
N THR B 277 11.07 19.74 -44.33
CA THR B 277 11.33 18.37 -44.74
C THR B 277 10.63 17.98 -46.07
N LEU B 278 10.04 18.94 -46.80
CA LEU B 278 9.30 18.63 -48.01
C LEU B 278 10.16 18.01 -49.13
N ALA B 279 11.33 18.60 -49.43
CA ALA B 279 12.19 18.07 -50.48
C ALA B 279 12.71 16.67 -50.13
N VAL B 280 13.05 16.44 -48.86
CA VAL B 280 13.56 15.14 -48.41
C VAL B 280 12.45 14.07 -48.42
N ARG B 281 11.23 14.42 -47.98
CA ARG B 281 10.11 13.47 -47.99
C ARG B 281 9.64 13.15 -49.41
N MET B 282 9.51 14.18 -50.26
CA MET B 282 9.02 13.97 -51.62
C MET B 282 9.97 13.07 -52.41
N ARG B 283 11.28 13.33 -52.36
CA ARG B 283 12.26 12.50 -53.06
C ARG B 283 12.25 11.04 -52.57
N ALA B 284 12.04 10.81 -51.26
CA ALA B 284 11.99 9.46 -50.71
C ALA B 284 10.73 8.71 -51.19
N ALA B 285 9.56 9.35 -51.17
CA ALA B 285 8.31 8.75 -51.63
C ALA B 285 8.31 8.54 -53.14
N GLN B 286 8.92 9.47 -53.88
CA GLN B 286 9.06 9.41 -55.35
C GLN B 286 9.91 8.22 -55.76
N THR B 287 10.98 7.93 -55.00
CA THR B 287 11.84 6.79 -55.27
C THR B 287 11.05 5.48 -55.12
N THR B 288 10.30 5.36 -54.02
CA THR B 288 9.46 4.19 -53.76
C THR B 288 8.34 4.06 -54.80
N ALA B 289 7.78 5.18 -55.27
CA ALA B 289 6.71 5.15 -56.26
C ALA B 289 7.23 4.68 -57.63
N GLY B 290 8.41 5.13 -58.03
CA GLY B 290 9.02 4.72 -59.28
C GLY B 290 9.30 3.24 -59.32
N GLU B 291 9.73 2.69 -58.17
CA GLU B 291 10.00 1.26 -58.05
C GLU B 291 8.70 0.45 -58.02
N LEU B 292 7.68 0.91 -57.26
CA LEU B 292 6.40 0.21 -57.20
C LEU B 292 5.65 0.24 -58.54
N ALA B 293 5.80 1.30 -59.35
CA ALA B 293 5.11 1.38 -60.63
C ALA B 293 5.54 0.25 -61.58
N GLU B 294 6.85 -0.05 -61.65
CA GLU B 294 7.35 -1.12 -62.52
C GLU B 294 7.09 -2.51 -61.91
N ARG B 295 7.05 -2.62 -60.57
CA ARG B 295 6.80 -3.91 -59.90
C ARG B 295 5.34 -4.31 -60.05
N LEU B 296 4.42 -3.35 -59.86
CA LEU B 296 2.99 -3.62 -59.99
C LEU B 296 2.56 -3.86 -61.44
N ALA B 297 3.29 -3.28 -62.42
CA ALA B 297 2.99 -3.50 -63.84
C ALA B 297 3.15 -4.96 -64.25
N ALA B 298 4.13 -5.67 -63.65
CA ALA B 298 4.36 -7.08 -63.94
C ALA B 298 3.24 -8.00 -63.44
N HIS B 299 2.38 -7.55 -62.51
CA HIS B 299 1.30 -8.37 -61.98
C HIS B 299 0.21 -8.56 -63.06
N PRO B 300 -0.35 -9.76 -63.27
CA PRO B 300 -1.37 -9.93 -64.32
C PRO B 300 -2.75 -9.31 -64.01
N ALA B 301 -3.07 -9.10 -62.72
CA ALA B 301 -4.36 -8.51 -62.33
C ALA B 301 -4.48 -7.04 -62.73
N ILE B 302 -3.36 -6.32 -62.89
CA ILE B 302 -3.35 -4.91 -63.28
C ILE B 302 -3.16 -4.81 -64.79
N THR B 303 -4.06 -4.10 -65.49
CA THR B 303 -3.98 -3.92 -66.94
C THR B 303 -3.05 -2.78 -67.31
N ALA B 304 -3.15 -1.65 -66.59
CA ALA B 304 -2.34 -0.47 -66.86
C ALA B 304 -2.00 0.26 -65.57
N VAL B 305 -0.78 0.82 -65.52
CA VAL B 305 -0.29 1.61 -64.38
C VAL B 305 -0.06 3.03 -64.89
N HIS B 306 -0.80 4.00 -64.34
CA HIS B 306 -0.66 5.40 -64.71
C HIS B 306 0.34 6.04 -63.73
N TYR B 307 1.47 6.58 -64.22
CA TYR B 307 2.46 7.21 -63.35
C TYR B 307 3.28 8.28 -64.11
N PRO B 308 3.19 9.59 -63.73
CA PRO B 308 3.97 10.62 -64.45
C PRO B 308 5.46 10.36 -64.67
N GLY B 309 6.10 9.59 -63.80
CA GLY B 309 7.52 9.27 -63.91
C GLY B 309 7.92 8.42 -65.09
N LEU B 310 6.95 7.80 -65.74
CA LEU B 310 7.18 6.95 -66.90
C LEU B 310 6.74 7.75 -68.13
N ASN B 311 7.61 7.84 -69.15
CA ASN B 311 7.35 8.65 -70.34
C ASN B 311 6.38 8.01 -71.36
N GLY B 312 5.67 6.95 -70.97
CA GLY B 312 4.74 6.26 -71.85
C GLY B 312 3.54 7.09 -72.24
N GLN B 313 2.65 7.38 -71.29
CA GLN B 313 1.48 8.21 -71.57
C GLN B 313 1.83 9.72 -71.67
N ASP B 314 3.14 10.10 -71.63
CA ASP B 314 3.60 11.48 -71.75
C ASP B 314 4.36 11.68 -73.08
N PRO B 315 3.63 11.79 -74.21
CA PRO B 315 4.31 11.98 -75.51
C PRO B 315 4.85 13.40 -75.76
N ARG B 316 4.38 14.40 -74.99
CA ARG B 316 4.81 15.79 -75.18
C ARG B 316 6.14 16.16 -74.50
N GLY B 317 6.75 15.25 -73.76
CA GLY B 317 8.02 15.53 -73.09
C GLY B 317 7.91 16.51 -71.95
N LEU B 318 6.82 16.44 -71.19
CA LEU B 318 6.59 17.33 -70.05
C LEU B 318 7.45 16.94 -68.85
N LEU B 319 7.82 15.66 -68.71
CA LEU B 319 8.69 15.21 -67.64
C LEU B 319 10.13 15.58 -68.03
N GLY B 320 10.57 16.76 -67.59
CA GLY B 320 11.88 17.32 -67.90
C GLY B 320 11.77 18.80 -68.15
N ARG B 321 10.75 19.21 -68.95
CA ARG B 321 10.49 20.61 -69.25
C ARG B 321 9.66 21.27 -68.13
N GLN B 322 8.61 20.57 -67.67
CA GLN B 322 7.66 21.05 -66.67
C GLN B 322 7.84 20.40 -65.28
N MET B 323 8.00 19.06 -65.24
CA MET B 323 8.14 18.31 -63.99
C MET B 323 9.53 17.73 -63.83
N SER B 324 10.21 18.01 -62.71
CA SER B 324 11.53 17.44 -62.44
C SER B 324 11.48 16.05 -61.79
N GLY B 325 10.31 15.41 -61.73
CA GLY B 325 10.16 14.10 -61.12
C GLY B 325 8.80 13.49 -61.38
N GLY B 326 8.71 12.18 -61.21
CA GLY B 326 7.48 11.44 -61.44
C GLY B 326 6.37 11.62 -60.44
N GLY B 327 6.71 12.01 -59.22
CA GLY B 327 5.71 12.18 -58.16
C GLY B 327 5.62 10.98 -57.24
N ALA B 328 4.67 11.02 -56.29
CA ALA B 328 4.44 9.91 -55.37
C ALA B 328 2.99 9.39 -55.45
N MET B 329 2.26 9.65 -56.55
CA MET B 329 0.89 9.18 -56.74
C MET B 329 0.87 8.18 -57.88
N ILE B 330 0.08 7.09 -57.73
CA ILE B 330 -0.03 6.05 -58.76
C ILE B 330 -1.51 5.68 -58.92
N ALA B 331 -2.01 5.65 -60.17
CA ALA B 331 -3.37 5.20 -60.47
C ALA B 331 -3.24 3.84 -61.16
N LEU B 332 -4.09 2.86 -60.79
CA LEU B 332 -4.02 1.51 -61.34
C LEU B 332 -5.36 1.10 -61.94
N GLU B 333 -5.36 0.53 -63.15
CA GLU B 333 -6.57 0.01 -63.78
C GLU B 333 -6.52 -1.50 -63.59
N LEU B 334 -7.54 -2.09 -62.96
CA LEU B 334 -7.60 -3.53 -62.69
C LEU B 334 -8.46 -4.28 -63.70
N ALA B 335 -8.11 -5.56 -63.95
CA ALA B 335 -8.80 -6.38 -64.94
C ALA B 335 -10.19 -6.93 -64.56
N GLY B 336 -10.70 -6.65 -63.37
CA GLY B 336 -12.03 -7.10 -62.97
C GLY B 336 -13.05 -6.00 -62.76
N GLY B 337 -12.67 -4.75 -63.01
CA GLY B 337 -13.56 -3.61 -62.85
C GLY B 337 -13.81 -3.27 -61.41
N PHE B 338 -15.07 -2.99 -61.07
CA PHE B 338 -15.49 -2.60 -59.72
C PHE B 338 -15.22 -3.69 -58.68
N ASP B 339 -15.52 -4.96 -58.97
CA ASP B 339 -15.36 -6.06 -58.02
C ASP B 339 -13.90 -6.26 -57.59
N ALA B 340 -12.96 -6.26 -58.55
CA ALA B 340 -11.53 -6.42 -58.24
C ALA B 340 -11.01 -5.21 -57.50
N ALA B 341 -11.42 -3.99 -57.90
CA ALA B 341 -11.03 -2.75 -57.24
C ALA B 341 -11.49 -2.71 -55.77
N ARG B 342 -12.72 -3.17 -55.51
CA ARG B 342 -13.31 -3.23 -54.18
C ARG B 342 -12.59 -4.24 -53.28
N SER B 343 -12.30 -5.43 -53.81
CA SER B 343 -11.60 -6.48 -53.08
C SER B 343 -10.14 -6.10 -52.74
N PHE B 344 -9.43 -5.50 -53.71
CA PHE B 344 -8.04 -5.06 -53.52
C PHE B 344 -7.92 -4.03 -52.39
N VAL B 345 -8.85 -3.07 -52.34
CA VAL B 345 -8.89 -2.04 -51.31
C VAL B 345 -9.14 -2.67 -49.92
N GLU B 346 -10.15 -3.54 -49.81
CA GLU B 346 -10.52 -4.16 -48.54
C GLU B 346 -9.50 -5.17 -47.99
N HIS B 347 -8.74 -5.86 -48.86
CA HIS B 347 -7.75 -6.84 -48.39
C HIS B 347 -6.38 -6.23 -48.02
N CYS B 348 -6.19 -4.89 -48.16
CA CYS B 348 -4.94 -4.25 -47.77
C CYS B 348 -4.89 -4.15 -46.23
N SER B 349 -3.74 -4.46 -45.62
CA SER B 349 -3.57 -4.42 -44.16
C SER B 349 -2.60 -3.29 -43.75
N LEU B 350 -1.37 -3.27 -44.30
CA LEU B 350 -0.38 -2.24 -44.02
C LEU B 350 -0.80 -0.94 -44.71
N VAL B 351 -1.19 -1.03 -46.00
CA VAL B 351 -1.66 0.14 -46.75
C VAL B 351 -3.08 0.39 -46.25
N VAL B 352 -3.37 1.61 -45.78
CA VAL B 352 -4.66 1.95 -45.18
C VAL B 352 -5.65 2.51 -46.21
N HIS B 353 -6.88 1.98 -46.23
CA HIS B 353 -7.93 2.46 -47.13
C HIS B 353 -8.54 3.73 -46.54
N ALA B 354 -8.13 4.89 -47.08
CA ALA B 354 -8.61 6.20 -46.62
C ALA B 354 -8.44 7.24 -47.73
N VAL B 355 -9.23 8.31 -47.67
CA VAL B 355 -9.10 9.42 -48.63
C VAL B 355 -7.86 10.28 -48.25
N SER B 356 -7.48 11.28 -49.07
CA SER B 356 -6.34 12.17 -48.83
C SER B 356 -5.01 11.54 -49.32
N LEU B 357 -3.94 12.34 -49.35
CA LEU B 357 -2.64 11.92 -49.88
C LEU B 357 -1.49 12.77 -49.28
N GLY B 358 -0.25 12.49 -49.67
CA GLY B 358 0.91 13.26 -49.22
C GLY B 358 1.43 13.00 -47.82
N GLY B 359 0.81 12.07 -47.10
CA GLY B 359 1.24 11.74 -45.74
C GLY B 359 2.42 10.79 -45.70
N ALA B 360 2.91 10.47 -44.49
CA ALA B 360 4.00 9.50 -44.33
C ALA B 360 3.45 8.06 -44.53
N ASP B 361 2.20 7.81 -44.11
CA ASP B 361 1.53 6.52 -44.29
C ASP B 361 1.05 6.40 -45.74
N THR B 362 1.16 5.19 -46.33
CA THR B 362 0.70 4.93 -47.69
C THR B 362 -0.79 4.67 -47.63
N LEU B 363 -1.58 5.39 -48.44
CA LEU B 363 -3.04 5.26 -48.47
C LEU B 363 -3.54 4.77 -49.82
N ILE B 364 -4.75 4.19 -49.85
CA ILE B 364 -5.38 3.64 -51.06
C ILE B 364 -6.87 3.98 -51.05
N GLN B 365 -7.43 4.20 -52.25
CA GLN B 365 -8.81 4.62 -52.37
C GLN B 365 -9.42 4.14 -53.68
N HIS B 366 -10.75 3.91 -53.69
CA HIS B 366 -11.47 3.56 -54.90
C HIS B 366 -12.24 4.83 -55.30
N PRO B 367 -11.71 5.70 -56.19
CA PRO B 367 -12.43 6.95 -56.50
C PRO B 367 -13.86 6.75 -56.99
N ALA B 368 -14.10 5.72 -57.80
CA ALA B 368 -15.45 5.43 -58.31
C ALA B 368 -16.43 4.89 -57.24
N SER B 369 -15.98 4.68 -55.98
CA SER B 369 -16.83 4.18 -54.90
C SER B 369 -16.90 5.08 -53.67
N LEU B 370 -16.05 6.12 -53.58
CA LEU B 370 -16.03 7.00 -52.40
C LEU B 370 -16.21 8.48 -52.82
N THR B 371 -15.16 9.16 -53.32
CA THR B 371 -15.24 10.58 -53.67
C THR B 371 -16.13 10.83 -54.89
N HIS B 372 -16.01 9.98 -55.92
CA HIS B 372 -16.78 10.14 -57.14
C HIS B 372 -17.89 9.10 -57.35
N ARG B 373 -18.44 8.52 -56.27
CA ARG B 373 -19.56 7.58 -56.41
C ARG B 373 -20.86 8.38 -56.75
N PRO B 374 -21.21 9.51 -56.07
CA PRO B 374 -22.42 10.25 -56.47
C PRO B 374 -22.15 11.25 -57.62
N VAL B 375 -21.28 10.90 -58.59
CA VAL B 375 -20.91 11.78 -59.72
C VAL B 375 -21.39 11.17 -61.05
N ALA B 376 -21.69 12.03 -62.04
CA ALA B 376 -22.17 11.61 -63.36
C ALA B 376 -21.12 10.81 -64.13
N ALA B 377 -21.59 9.85 -64.96
CA ALA B 377 -20.78 8.92 -65.77
C ALA B 377 -19.54 9.53 -66.44
N THR B 378 -19.67 10.71 -67.07
CA THR B 378 -18.56 11.35 -67.79
C THR B 378 -17.51 11.92 -66.83
N ALA B 379 -17.94 12.72 -65.84
CA ALA B 379 -17.01 13.33 -64.90
C ALA B 379 -16.35 12.32 -63.95
N LYS B 380 -17.02 11.18 -63.64
CA LYS B 380 -16.43 10.19 -62.73
C LYS B 380 -15.34 9.32 -63.41
N PRO B 381 -14.28 8.88 -62.70
CA PRO B 381 -13.26 8.03 -63.34
C PRO B 381 -13.73 6.57 -63.55
N GLY B 382 -12.90 5.75 -64.20
CA GLY B 382 -13.21 4.36 -64.49
C GLY B 382 -13.50 3.55 -63.24
N ASP B 383 -14.49 2.63 -63.31
CA ASP B 383 -14.88 1.81 -62.15
C ASP B 383 -13.78 0.84 -61.67
N GLY B 384 -12.74 0.62 -62.47
CA GLY B 384 -11.60 -0.21 -62.11
C GLY B 384 -10.39 0.56 -61.62
N LEU B 385 -10.41 1.91 -61.72
CA LEU B 385 -9.28 2.75 -61.31
C LEU B 385 -9.14 2.81 -59.80
N ILE B 386 -7.88 2.74 -59.32
CA ILE B 386 -7.53 2.78 -57.90
C ILE B 386 -6.40 3.79 -57.73
N ARG B 387 -6.58 4.80 -56.85
CA ARG B 387 -5.55 5.79 -56.59
C ARG B 387 -4.73 5.33 -55.37
N LEU B 388 -3.41 5.55 -55.39
CA LEU B 388 -2.50 5.11 -54.34
C LEU B 388 -1.48 6.19 -54.03
N SER B 389 -1.47 6.70 -52.79
CA SER B 389 -0.51 7.72 -52.35
C SER B 389 0.66 7.01 -51.67
N VAL B 390 1.85 7.04 -52.28
CA VAL B 390 3.03 6.35 -51.74
C VAL B 390 3.68 7.20 -50.63
N GLY B 391 4.04 6.53 -49.52
CA GLY B 391 4.64 7.16 -48.35
C GLY B 391 6.10 6.87 -48.15
N LEU B 392 6.55 6.82 -46.88
CA LEU B 392 7.96 6.61 -46.53
C LEU B 392 8.28 5.18 -46.06
N GLU B 393 7.40 4.21 -46.32
CA GLU B 393 7.67 2.82 -45.92
C GLU B 393 8.62 2.17 -46.94
N HIS B 394 9.23 1.04 -46.56
CA HIS B 394 10.15 0.34 -47.46
C HIS B 394 9.40 -0.24 -48.66
N VAL B 395 10.05 -0.21 -49.83
CA VAL B 395 9.47 -0.71 -51.08
C VAL B 395 9.10 -2.21 -50.99
N ASP B 396 9.91 -3.04 -50.31
CA ASP B 396 9.64 -4.47 -50.17
C ASP B 396 8.39 -4.75 -49.31
N ASP B 397 8.19 -3.99 -48.23
CA ASP B 397 7.02 -4.18 -47.38
C ASP B 397 5.72 -3.68 -48.04
N LEU B 398 5.81 -2.67 -48.92
CA LEU B 398 4.63 -2.15 -49.60
C LEU B 398 4.18 -3.08 -50.73
N GLU B 399 5.13 -3.61 -51.54
CA GLU B 399 4.76 -4.50 -52.63
C GLU B 399 4.19 -5.82 -52.09
N ASP B 400 4.74 -6.33 -50.97
CA ASP B 400 4.25 -7.57 -50.37
C ASP B 400 2.80 -7.45 -49.94
N ASP B 401 2.42 -6.30 -49.36
CA ASP B 401 1.05 -6.06 -48.92
C ASP B 401 0.09 -5.91 -50.10
N LEU B 402 0.49 -5.17 -51.16
CA LEU B 402 -0.36 -4.95 -52.32
C LEU B 402 -0.53 -6.23 -53.13
N ILE B 403 0.53 -7.06 -53.24
CA ILE B 403 0.46 -8.34 -53.95
C ILE B 403 -0.48 -9.29 -53.18
N ALA B 404 -0.39 -9.32 -51.84
CA ALA B 404 -1.27 -10.16 -51.02
C ALA B 404 -2.75 -9.77 -51.22
N ALA B 405 -3.04 -8.47 -51.32
CA ALA B 405 -4.40 -7.99 -51.54
C ALA B 405 -4.91 -8.34 -52.95
N LEU B 406 -4.03 -8.28 -53.97
CA LEU B 406 -4.41 -8.64 -55.34
C LEU B 406 -4.67 -10.13 -55.45
N ASP B 407 -3.83 -10.96 -54.81
CA ASP B 407 -3.99 -12.42 -54.82
C ASP B 407 -5.21 -12.90 -54.01
N ALA B 408 -5.73 -12.08 -53.09
CA ALA B 408 -6.91 -12.44 -52.29
C ALA B 408 -8.23 -12.43 -53.10
N SER B 409 -8.18 -12.21 -54.44
CA SER B 409 -9.37 -12.21 -55.29
C SER B 409 -9.10 -13.00 -56.57
N ASN C 22 6.88 -7.20 -37.04
CA ASN C 22 7.93 -8.16 -36.74
C ASN C 22 8.84 -8.37 -37.98
N SER C 23 8.29 -8.87 -39.12
CA SER C 23 9.08 -9.07 -40.34
C SER C 23 9.17 -7.80 -41.20
N MET C 24 8.97 -6.61 -40.60
CA MET C 24 8.99 -5.32 -41.31
C MET C 24 10.37 -4.68 -41.22
N HIS C 25 10.74 -3.92 -42.27
CA HIS C 25 12.02 -3.21 -42.31
C HIS C 25 12.03 -2.03 -41.29
N PRO C 26 13.21 -1.50 -40.85
CA PRO C 26 13.17 -0.35 -39.92
C PRO C 26 12.48 0.89 -40.46
N GLU C 27 12.49 1.10 -41.79
CA GLU C 27 11.86 2.25 -42.45
C GLU C 27 10.34 2.19 -42.32
N THR C 28 9.76 0.99 -42.48
CA THR C 28 8.32 0.77 -42.33
C THR C 28 7.93 0.93 -40.85
N LEU C 29 8.76 0.39 -39.94
CA LEU C 29 8.52 0.45 -38.50
C LEU C 29 8.56 1.87 -37.95
N MET C 30 9.32 2.78 -38.57
CA MET C 30 9.37 4.18 -38.12
C MET C 30 8.03 4.88 -38.41
N VAL C 31 7.38 4.56 -39.54
CA VAL C 31 6.11 5.17 -39.92
C VAL C 31 4.95 4.59 -39.08
N HIS C 32 4.82 3.25 -39.03
CA HIS C 32 3.71 2.59 -38.33
C HIS C 32 3.97 2.18 -36.88
N GLY C 33 5.15 2.47 -36.33
CA GLY C 33 5.47 2.12 -34.96
C GLY C 33 4.66 2.94 -33.97
N GLY C 34 4.04 2.27 -33.00
CA GLY C 34 3.21 2.93 -32.00
C GLY C 34 1.89 3.48 -32.52
N MET C 35 1.43 2.99 -33.70
CA MET C 35 0.19 3.43 -34.34
C MET C 35 -0.86 2.30 -34.37
N ASP C 36 -0.80 1.37 -33.41
CA ASP C 36 -1.73 0.24 -33.39
C ASP C 36 -3.11 0.64 -32.88
N GLY C 37 -4.15 0.15 -33.55
CA GLY C 37 -5.53 0.43 -33.17
C GLY C 37 -6.11 1.73 -33.68
N LEU C 38 -5.29 2.63 -34.28
CA LEU C 38 -5.81 3.91 -34.78
C LEU C 38 -6.65 3.68 -36.04
N THR C 39 -6.18 2.81 -36.94
CA THR C 39 -6.93 2.51 -38.17
C THR C 39 -8.28 1.85 -37.83
N GLU C 40 -8.31 1.00 -36.79
CA GLU C 40 -9.54 0.33 -36.36
C GLU C 40 -10.52 1.34 -35.75
N ALA C 41 -10.00 2.36 -35.03
CA ALA C 41 -10.82 3.42 -34.44
C ALA C 41 -11.28 4.49 -35.46
N GLY C 42 -10.86 4.39 -36.72
CA GLY C 42 -11.23 5.34 -37.76
C GLY C 42 -10.51 6.68 -37.68
N VAL C 43 -9.25 6.68 -37.21
CA VAL C 43 -8.42 7.89 -37.09
C VAL C 43 -7.06 7.69 -37.79
N HIS C 44 -6.40 8.78 -38.20
CA HIS C 44 -5.13 8.73 -38.93
C HIS C 44 -3.90 8.86 -38.03
N VAL C 45 -3.90 9.85 -37.12
CA VAL C 45 -2.77 10.12 -36.20
C VAL C 45 -3.24 9.98 -34.73
N PRO C 46 -2.35 9.70 -33.74
CA PRO C 46 -2.85 9.58 -32.36
C PRO C 46 -3.33 10.92 -31.80
N ALA C 47 -4.43 10.91 -31.05
CA ALA C 47 -4.99 12.13 -30.48
C ALA C 47 -4.17 12.58 -29.28
N ILE C 48 -4.18 13.89 -29.02
CA ILE C 48 -3.45 14.48 -27.89
C ILE C 48 -4.45 14.61 -26.73
N ASP C 49 -4.34 13.70 -25.74
CA ASP C 49 -5.22 13.71 -24.58
C ASP C 49 -4.54 14.50 -23.46
N LEU C 50 -4.96 15.75 -23.24
CA LEU C 50 -4.35 16.59 -22.21
C LEU C 50 -4.82 16.27 -20.77
N SER C 51 -5.80 15.35 -20.60
CA SER C 51 -6.35 14.97 -19.30
C SER C 51 -5.30 14.73 -18.22
N THR C 52 -5.41 15.44 -17.09
CA THR C 52 -4.51 15.28 -15.95
C THR C 52 -4.97 14.06 -15.14
N THR C 53 -6.29 13.93 -14.92
CA THR C 53 -6.89 12.81 -14.20
C THR C 53 -7.66 11.92 -15.17
N ASN C 54 -7.85 10.65 -14.79
CA ASN C 54 -8.54 9.65 -15.62
C ASN C 54 -9.58 8.93 -14.76
N PRO C 55 -10.90 9.10 -14.99
CA PRO C 55 -11.90 8.41 -14.14
C PRO C 55 -11.80 6.89 -14.09
N VAL C 56 -12.27 6.31 -12.98
CA VAL C 56 -12.25 4.85 -12.75
C VAL C 56 -13.67 4.28 -12.70
N ASN C 57 -13.81 3.00 -13.07
CA ASN C 57 -15.11 2.33 -13.11
C ASN C 57 -15.66 2.10 -11.70
N ASP C 58 -14.82 1.57 -10.80
CA ASP C 58 -15.20 1.30 -9.41
C ASP C 58 -13.98 1.43 -8.47
N VAL C 59 -14.22 1.40 -7.15
CA VAL C 59 -13.17 1.54 -6.14
C VAL C 59 -12.16 0.38 -6.22
N ALA C 60 -12.64 -0.87 -6.38
CA ALA C 60 -11.76 -2.03 -6.44
C ALA C 60 -10.79 -1.99 -7.64
N THR C 61 -11.29 -1.76 -8.88
CA THR C 61 -10.41 -1.72 -10.05
C THR C 61 -9.56 -0.44 -10.07
N GLY C 62 -10.13 0.67 -9.62
CA GLY C 62 -9.42 1.94 -9.55
C GLY C 62 -8.23 1.91 -8.61
N GLY C 63 -8.44 1.32 -7.43
CA GLY C 63 -7.38 1.17 -6.44
C GLY C 63 -6.29 0.21 -6.88
N ASP C 64 -6.67 -0.89 -7.53
CA ASP C 64 -5.72 -1.88 -8.02
C ASP C 64 -4.89 -1.30 -9.17
N SER C 65 -5.51 -0.58 -10.10
CA SER C 65 -4.76 0.05 -11.20
C SER C 65 -3.83 1.15 -10.66
N TYR C 66 -4.23 1.86 -9.59
CA TYR C 66 -3.37 2.87 -8.96
C TYR C 66 -2.10 2.19 -8.41
N GLU C 67 -2.27 1.11 -7.64
CA GLU C 67 -1.19 0.35 -7.01
C GLU C 67 -0.26 -0.28 -8.06
N TRP C 68 -0.85 -0.79 -9.14
CA TRP C 68 -0.15 -1.41 -10.28
C TRP C 68 0.79 -0.40 -10.96
N LEU C 69 0.30 0.81 -11.26
CA LEU C 69 1.11 1.82 -11.95
C LEU C 69 2.09 2.53 -11.01
N ALA C 70 1.72 2.73 -9.74
CA ALA C 70 2.61 3.38 -8.78
C ALA C 70 3.87 2.52 -8.53
N THR C 71 3.74 1.20 -8.56
CA THR C 71 4.86 0.26 -8.40
C THR C 71 5.66 0.03 -9.72
N GLY C 72 5.52 0.92 -10.70
CA GLY C 72 6.27 0.87 -11.94
C GLY C 72 5.80 -0.07 -13.04
N HIS C 73 4.64 -0.72 -12.90
CA HIS C 73 4.16 -1.64 -13.95
C HIS C 73 3.50 -0.90 -15.10
N ALA C 74 3.50 -1.54 -16.29
CA ALA C 74 2.87 -0.96 -17.48
C ALA C 74 1.35 -1.08 -17.38
N LEU C 75 0.62 -0.20 -18.08
CA LEU C 75 -0.84 -0.22 -18.04
C LEU C 75 -1.42 -1.43 -18.74
N LYS C 76 -2.36 -2.11 -18.08
CA LYS C 76 -3.06 -3.26 -18.65
C LYS C 76 -4.13 -2.73 -19.62
N ASP C 77 -4.38 -3.44 -20.72
CA ASP C 77 -5.39 -3.01 -21.69
C ASP C 77 -6.79 -3.03 -21.07
N GLY C 78 -7.54 -1.94 -21.26
CA GLY C 78 -8.87 -1.80 -20.71
C GLY C 78 -8.90 -1.09 -19.37
N ASP C 79 -7.79 -1.11 -18.62
CA ASP C 79 -7.70 -0.45 -17.32
C ASP C 79 -7.54 1.07 -17.47
N SER C 80 -8.01 1.82 -16.47
CA SER C 80 -7.92 3.27 -16.47
C SER C 80 -6.50 3.72 -16.12
N ALA C 81 -6.03 4.80 -16.73
CA ALA C 81 -4.71 5.36 -16.45
C ALA C 81 -4.61 6.00 -15.05
N VAL C 82 -5.77 6.28 -14.39
CA VAL C 82 -5.92 6.87 -13.04
C VAL C 82 -5.44 8.34 -12.98
N TYR C 83 -4.16 8.61 -13.28
CA TYR C 83 -3.57 9.95 -13.24
C TYR C 83 -2.42 10.03 -14.25
N GLN C 84 -2.13 11.23 -14.76
CA GLN C 84 -1.08 11.43 -15.77
C GLN C 84 0.32 11.12 -15.25
N ARG C 85 0.59 11.36 -13.96
CA ARG C 85 1.91 11.03 -13.38
C ARG C 85 2.12 9.50 -13.27
N LEU C 86 1.04 8.69 -13.39
CA LEU C 86 1.10 7.24 -13.35
C LEU C 86 1.16 6.69 -14.79
N TRP C 87 0.33 7.22 -15.71
CA TRP C 87 0.31 6.78 -17.11
C TRP C 87 -0.36 7.82 -18.03
N GLN C 88 0.13 7.91 -19.28
CA GLN C 88 -0.42 8.82 -20.32
C GLN C 88 -0.41 8.04 -21.66
N PRO C 89 -1.53 7.98 -22.43
CA PRO C 89 -1.52 7.15 -23.65
C PRO C 89 -0.62 7.63 -24.80
N GLY C 90 -0.53 8.93 -25.01
CA GLY C 90 0.32 9.50 -26.06
C GLY C 90 1.79 9.23 -25.83
N VAL C 91 2.22 9.29 -24.56
CA VAL C 91 3.60 9.02 -24.18
C VAL C 91 3.85 7.52 -24.40
N ALA C 92 2.93 6.66 -23.95
CA ALA C 92 3.02 5.21 -24.12
C ALA C 92 3.17 4.80 -25.59
N ARG C 93 2.52 5.53 -26.53
CA ARG C 93 2.63 5.23 -27.96
C ARG C 93 4.05 5.52 -28.43
N PHE C 94 4.61 6.66 -28.02
CA PHE C 94 5.98 7.02 -28.36
C PHE C 94 6.97 6.01 -27.77
N GLU C 95 6.71 5.54 -26.54
CA GLU C 95 7.53 4.55 -25.85
C GLU C 95 7.57 3.22 -26.61
N THR C 96 6.42 2.70 -27.03
CA THR C 96 6.38 1.43 -27.78
C THR C 96 7.01 1.59 -29.18
N ALA C 97 6.91 2.78 -29.79
CA ALA C 97 7.50 3.02 -31.10
C ALA C 97 9.03 2.92 -31.07
N LEU C 98 9.69 3.55 -30.08
CA LEU C 98 11.15 3.48 -29.98
C LEU C 98 11.64 2.11 -29.53
N ALA C 99 10.93 1.46 -28.59
CA ALA C 99 11.32 0.13 -28.11
C ALA C 99 11.40 -0.88 -29.26
N GLU C 100 10.48 -0.82 -30.24
CA GLU C 100 10.51 -1.70 -31.40
C GLU C 100 11.74 -1.41 -32.29
N LEU C 101 12.14 -0.14 -32.39
CA LEU C 101 13.28 0.27 -33.22
C LEU C 101 14.61 -0.16 -32.59
N GLU C 102 14.75 -0.03 -31.26
CA GLU C 102 15.95 -0.45 -30.54
C GLU C 102 15.96 -1.95 -30.17
N HIS C 103 14.89 -2.71 -30.51
CA HIS C 103 14.75 -4.13 -30.18
C HIS C 103 14.73 -4.38 -28.66
N ALA C 104 14.16 -3.42 -27.90
CA ALA C 104 14.03 -3.50 -26.45
C ALA C 104 12.62 -3.95 -26.07
N ASP C 105 12.47 -4.51 -24.86
CA ASP C 105 11.16 -4.98 -24.39
C ASP C 105 10.22 -3.79 -24.16
N GLU C 106 10.69 -2.77 -23.39
CA GLU C 106 9.89 -1.59 -23.05
C GLU C 106 10.76 -0.31 -23.11
N ALA C 107 10.13 0.87 -22.99
CA ALA C 107 10.83 2.16 -22.95
C ALA C 107 10.10 3.13 -22.01
N VAL C 108 10.84 4.04 -21.36
CA VAL C 108 10.26 5.01 -20.42
C VAL C 108 10.69 6.42 -20.86
N ALA C 109 9.72 7.32 -21.08
CA ALA C 109 9.96 8.69 -21.54
C ALA C 109 9.85 9.71 -20.40
N PHE C 110 10.62 10.80 -20.50
CA PHE C 110 10.68 11.89 -19.52
C PHE C 110 10.73 13.27 -20.23
N ALA C 111 10.68 14.38 -19.45
CA ALA C 111 10.70 15.75 -19.97
C ALA C 111 11.91 16.08 -20.85
N THR C 112 13.12 15.67 -20.44
CA THR C 112 14.38 15.93 -21.15
C THR C 112 15.32 14.69 -21.09
N GLY C 113 16.40 14.69 -21.88
CA GLY C 113 17.40 13.64 -21.83
C GLY C 113 18.08 13.56 -20.46
N MET C 114 18.24 14.74 -19.80
CA MET C 114 18.83 14.79 -18.46
C MET C 114 17.88 14.24 -17.41
N ALA C 115 16.55 14.36 -17.61
CA ALA C 115 15.57 13.78 -16.69
C ALA C 115 15.58 12.27 -16.76
N ALA C 116 15.85 11.70 -17.94
CA ALA C 116 15.96 10.26 -18.10
C ALA C 116 17.24 9.77 -17.42
N MET C 117 18.36 10.50 -17.60
CA MET C 117 19.65 10.19 -16.97
C MET C 117 19.50 10.26 -15.43
N THR C 118 18.81 11.30 -14.92
CA THR C 118 18.55 11.50 -13.50
C THR C 118 17.79 10.31 -12.93
N ALA C 119 16.74 9.84 -13.62
CA ALA C 119 15.95 8.71 -13.17
C ALA C 119 16.76 7.41 -13.21
N ALA C 120 17.62 7.23 -14.24
CA ALA C 120 18.46 6.04 -14.36
C ALA C 120 19.44 5.96 -13.20
N LEU C 121 20.02 7.10 -12.80
CA LEU C 121 20.97 7.13 -11.69
C LEU C 121 20.25 6.93 -10.36
N LEU C 122 19.07 7.56 -10.17
CA LEU C 122 18.31 7.38 -8.93
C LEU C 122 17.81 5.96 -8.76
N ALA C 123 17.47 5.26 -9.88
CA ALA C 123 17.04 3.86 -9.82
C ALA C 123 18.19 2.97 -9.33
N ALA C 124 19.43 3.25 -9.77
CA ALA C 124 20.61 2.50 -9.35
C ALA C 124 20.92 2.77 -7.87
N VAL C 125 20.85 4.04 -7.43
CA VAL C 125 21.13 4.44 -6.05
C VAL C 125 20.12 3.74 -5.12
N ASN C 126 18.83 3.76 -5.49
CA ASN C 126 17.77 3.13 -4.68
C ASN C 126 17.94 1.62 -4.55
N ALA C 127 18.49 0.96 -5.58
CA ALA C 127 18.76 -0.48 -5.55
C ALA C 127 20.04 -0.87 -4.77
N GLY C 128 20.63 0.07 -4.03
CA GLY C 128 21.84 -0.18 -3.26
C GLY C 128 23.11 -0.25 -4.09
N THR C 129 23.12 0.38 -5.28
CA THR C 129 24.28 0.39 -6.17
C THR C 129 24.56 1.84 -6.61
N PRO C 130 25.06 2.73 -5.70
CA PRO C 130 25.28 4.13 -6.10
C PRO C 130 26.53 4.39 -6.94
N HIS C 131 27.44 3.42 -7.07
CA HIS C 131 28.66 3.63 -7.84
C HIS C 131 28.42 3.42 -9.34
N ILE C 132 29.01 4.29 -10.16
CA ILE C 132 28.88 4.25 -11.63
C ILE C 132 30.27 4.32 -12.24
N VAL C 133 30.54 3.44 -13.23
CA VAL C 133 31.79 3.44 -13.98
C VAL C 133 31.45 4.12 -15.30
N ALA C 134 32.22 5.14 -15.71
CA ALA C 134 31.92 5.87 -16.94
C ALA C 134 33.16 6.25 -17.72
N VAL C 135 33.04 6.25 -19.07
CA VAL C 135 34.14 6.66 -19.95
C VAL C 135 34.17 8.19 -19.96
N ARG C 136 35.36 8.79 -19.93
CA ARG C 136 35.51 10.25 -19.83
C ARG C 136 34.85 11.05 -20.98
N PRO C 137 34.95 10.67 -22.28
CA PRO C 137 34.31 11.48 -23.33
C PRO C 137 32.77 11.32 -23.34
N LEU C 138 32.08 12.17 -22.57
CA LEU C 138 30.61 12.19 -22.42
C LEU C 138 30.06 13.63 -22.62
N TYR C 139 28.73 13.76 -22.78
CA TYR C 139 28.10 15.08 -22.88
C TYR C 139 28.29 15.83 -21.52
N GLY C 140 28.56 17.13 -21.61
CA GLY C 140 28.83 18.02 -20.49
C GLY C 140 27.92 17.89 -19.28
N GLY C 141 26.62 17.87 -19.52
CA GLY C 141 25.62 17.74 -18.45
C GLY C 141 25.70 16.40 -17.76
N SER C 142 25.81 15.30 -18.53
CA SER C 142 25.95 13.95 -17.97
C SER C 142 27.22 13.84 -17.13
N ASP C 143 28.31 14.46 -17.62
CA ASP C 143 29.60 14.48 -16.93
C ASP C 143 29.50 15.27 -15.62
N HIS C 144 28.88 16.47 -15.65
CA HIS C 144 28.73 17.31 -14.46
C HIS C 144 27.80 16.69 -13.41
N LEU C 145 26.73 16.00 -13.86
CA LEU C 145 25.79 15.34 -12.94
C LEU C 145 26.47 14.21 -12.16
N LEU C 146 27.38 13.46 -12.80
CA LEU C 146 28.11 12.38 -12.14
C LEU C 146 29.20 12.94 -11.20
N GLU C 147 29.93 13.98 -11.65
CA GLU C 147 30.99 14.59 -10.85
C GLU C 147 30.48 15.24 -9.56
N THR C 148 29.35 15.95 -9.63
CA THR C 148 28.77 16.61 -8.46
C THR C 148 28.28 15.61 -7.40
N GLY C 149 27.72 14.50 -7.83
CA GLY C 149 27.18 13.50 -6.92
C GLY C 149 25.93 14.00 -6.22
N LEU C 150 25.09 14.74 -6.97
CA LEU C 150 23.86 15.34 -6.45
C LEU C 150 22.84 14.29 -6.06
N LEU C 151 22.71 13.24 -6.88
CA LEU C 151 21.72 12.18 -6.64
C LEU C 151 22.26 11.03 -5.77
N GLY C 152 23.27 11.32 -4.94
CA GLY C 152 23.88 10.31 -4.07
C GLY C 152 24.69 9.28 -4.81
N THR C 153 25.38 9.70 -5.90
CA THR C 153 26.20 8.83 -6.75
C THR C 153 27.68 9.09 -6.57
N THR C 154 28.48 8.01 -6.69
CA THR C 154 29.94 8.06 -6.66
C THR C 154 30.40 7.57 -8.05
N VAL C 155 31.41 8.22 -8.65
CA VAL C 155 31.84 7.86 -9.99
C VAL C 155 33.35 7.59 -10.08
N THR C 156 33.73 6.58 -10.88
CA THR C 156 35.11 6.22 -11.15
C THR C 156 35.27 6.36 -12.66
N TRP C 157 36.01 7.38 -13.10
CA TRP C 157 36.22 7.62 -14.53
C TRP C 157 37.23 6.61 -15.05
N ALA C 158 36.84 5.80 -16.03
CA ALA C 158 37.69 4.75 -16.60
C ALA C 158 37.70 4.76 -18.11
N LYS C 159 38.78 4.25 -18.71
CA LYS C 159 38.93 4.14 -20.16
C LYS C 159 38.28 2.83 -20.65
N GLU C 160 38.15 2.63 -21.97
CA GLU C 160 37.54 1.41 -22.52
C GLU C 160 38.21 0.12 -22.00
N ALA C 161 39.54 0.09 -21.94
CA ALA C 161 40.27 -1.09 -21.47
C ALA C 161 40.22 -1.25 -19.94
N GLU C 162 40.10 -0.13 -19.19
CA GLU C 162 40.10 -0.16 -17.72
C GLU C 162 38.69 -0.22 -17.11
N ILE C 163 37.67 -0.70 -17.85
CA ILE C 163 36.31 -0.77 -17.31
C ILE C 163 36.24 -1.89 -16.25
N ALA C 164 36.72 -3.10 -16.60
CA ALA C 164 36.71 -4.25 -15.70
C ALA C 164 37.38 -3.97 -14.34
N SER C 165 38.52 -3.25 -14.34
CA SER C 165 39.23 -2.92 -13.11
C SER C 165 38.45 -1.92 -12.26
N ALA C 166 37.82 -0.92 -12.90
CA ALA C 166 37.04 0.09 -12.19
C ALA C 166 35.74 -0.45 -11.57
N ILE C 167 35.29 -1.67 -11.96
CA ILE C 167 34.07 -2.25 -11.41
C ILE C 167 34.26 -2.53 -9.92
N GLN C 168 33.38 -1.95 -9.08
CA GLN C 168 33.37 -2.14 -7.63
C GLN C 168 32.19 -3.05 -7.25
N ASP C 169 32.17 -3.56 -6.01
CA ASP C 169 31.09 -4.43 -5.53
C ASP C 169 29.70 -3.75 -5.52
N ASP C 170 29.65 -2.40 -5.46
CA ASP C 170 28.39 -1.64 -5.44
C ASP C 170 28.15 -0.87 -6.76
N THR C 171 28.60 -1.39 -7.91
CA THR C 171 28.40 -0.70 -9.19
C THR C 171 26.99 -1.01 -9.75
N GLY C 172 26.28 0.04 -10.13
CA GLY C 172 24.94 -0.06 -10.69
C GLY C 172 24.94 -0.21 -12.19
N LEU C 173 25.66 0.67 -12.91
CA LEU C 173 25.72 0.59 -14.37
C LEU C 173 26.96 1.28 -14.96
N VAL C 174 27.36 0.83 -16.15
CA VAL C 174 28.50 1.37 -16.91
C VAL C 174 27.92 2.34 -17.94
N ILE C 175 28.27 3.63 -17.86
CA ILE C 175 27.77 4.63 -18.81
C ILE C 175 28.78 4.84 -19.95
N VAL C 176 28.31 4.67 -21.20
CA VAL C 176 29.11 4.82 -22.43
C VAL C 176 28.30 5.64 -23.45
N GLU C 177 29.01 6.37 -24.33
CA GLU C 177 28.41 7.20 -25.37
C GLU C 177 29.28 7.11 -26.62
N THR C 178 28.70 6.75 -27.78
CA THR C 178 29.46 6.59 -29.03
C THR C 178 28.57 6.91 -30.27
N PRO C 179 28.99 7.83 -31.18
CA PRO C 179 30.18 8.69 -31.15
C PRO C 179 30.10 9.70 -30.01
N ALA C 180 31.22 9.97 -29.32
CA ALA C 180 31.22 10.86 -28.17
C ALA C 180 30.98 12.32 -28.53
N ASN C 181 30.42 13.08 -27.58
CA ASN C 181 30.13 14.50 -27.79
C ASN C 181 31.25 15.32 -27.11
N PRO C 182 32.05 16.20 -27.80
CA PRO C 182 32.02 16.59 -29.22
C PRO C 182 32.96 15.83 -30.20
N SER C 183 34.16 15.44 -29.74
CA SER C 183 35.22 14.77 -30.50
C SER C 183 34.82 13.63 -31.47
N LEU C 184 33.67 12.96 -31.23
CA LEU C 184 33.17 11.84 -32.04
C LEU C 184 34.07 10.62 -31.94
N ASP C 185 34.46 10.26 -30.72
CA ASP C 185 35.30 9.09 -30.47
C ASP C 185 34.38 7.88 -30.42
N LEU C 186 34.77 6.78 -31.08
CA LEU C 186 33.95 5.57 -31.07
C LEU C 186 34.37 4.62 -29.95
N VAL C 187 33.42 3.81 -29.47
CA VAL C 187 33.63 2.84 -28.39
C VAL C 187 33.14 1.47 -28.85
N ASP C 188 33.97 0.42 -28.70
CA ASP C 188 33.57 -0.93 -29.07
C ASP C 188 32.61 -1.45 -28.00
N LEU C 189 31.32 -1.50 -28.31
CA LEU C 189 30.28 -1.91 -27.35
C LEU C 189 30.35 -3.39 -27.00
N ASP C 190 30.83 -4.24 -27.91
CA ASP C 190 30.94 -5.68 -27.63
C ASP C 190 31.96 -5.93 -26.52
N SER C 191 33.10 -5.22 -26.55
CA SER C 191 34.15 -5.35 -25.53
C SER C 191 33.72 -4.72 -24.20
N VAL C 192 32.92 -3.64 -24.23
CA VAL C 192 32.43 -2.97 -23.01
C VAL C 192 31.51 -3.93 -22.24
N VAL C 193 30.57 -4.59 -22.92
CA VAL C 193 29.63 -5.51 -22.28
C VAL C 193 30.40 -6.68 -21.65
N ALA C 194 31.43 -7.18 -22.35
CA ALA C 194 32.27 -8.26 -21.83
C ALA C 194 33.03 -7.81 -20.57
N ALA C 195 33.56 -6.57 -20.55
CA ALA C 195 34.27 -6.02 -19.41
C ALA C 195 33.35 -5.79 -18.21
N ALA C 196 32.13 -5.29 -18.46
CA ALA C 196 31.16 -5.05 -17.39
C ALA C 196 30.68 -6.35 -16.75
N GLY C 197 30.47 -7.38 -17.56
CA GLY C 197 30.03 -8.69 -17.07
C GLY C 197 28.59 -8.67 -16.59
N THR C 198 28.38 -8.79 -15.28
CA THR C 198 27.04 -8.81 -14.70
C THR C 198 26.43 -7.42 -14.50
N VAL C 199 27.23 -6.32 -14.50
CA VAL C 199 26.63 -4.99 -14.28
C VAL C 199 25.96 -4.50 -15.58
N PRO C 200 24.73 -3.95 -15.53
CA PRO C 200 24.09 -3.48 -16.77
C PRO C 200 24.84 -2.33 -17.42
N VAL C 201 24.78 -2.22 -18.76
CA VAL C 201 25.46 -1.16 -19.51
C VAL C 201 24.42 -0.19 -20.07
N LEU C 202 24.63 1.12 -19.84
CA LEU C 202 23.77 2.18 -20.34
C LEU C 202 24.53 2.89 -21.47
N VAL C 203 23.98 2.86 -22.69
CA VAL C 203 24.60 3.48 -23.86
C VAL C 203 23.76 4.66 -24.34
N ASP C 204 24.37 5.84 -24.41
CA ASP C 204 23.68 7.03 -24.89
C ASP C 204 23.82 7.01 -26.43
N ASN C 205 22.73 6.60 -27.13
CA ASN C 205 22.67 6.49 -28.58
C ASN C 205 21.99 7.69 -29.24
N THR C 206 22.22 8.88 -28.69
CA THR C 206 21.60 10.12 -29.20
C THR C 206 22.08 10.48 -30.60
N PHE C 207 23.39 10.44 -30.82
CA PHE C 207 24.01 10.82 -32.09
C PHE C 207 23.75 9.82 -33.24
N CYS C 208 23.90 8.51 -32.98
CA CYS C 208 23.69 7.48 -34.01
C CYS C 208 22.21 7.28 -34.34
N THR C 209 21.34 7.25 -33.31
CA THR C 209 19.88 7.00 -33.43
C THR C 209 19.63 5.50 -33.79
N PRO C 210 18.40 4.95 -33.57
CA PRO C 210 18.17 3.53 -33.95
C PRO C 210 18.41 3.20 -35.44
N VAL C 211 18.57 4.21 -36.30
CA VAL C 211 18.81 4.03 -37.73
C VAL C 211 20.20 3.43 -37.95
N LEU C 212 21.21 3.98 -37.25
CA LEU C 212 22.61 3.57 -37.41
C LEU C 212 23.12 2.56 -36.38
N GLN C 213 22.66 2.65 -35.13
CA GLN C 213 23.15 1.75 -34.09
C GLN C 213 22.02 1.26 -33.20
N GLN C 214 22.14 0.03 -32.72
CA GLN C 214 21.19 -0.62 -31.82
C GLN C 214 22.01 -1.29 -30.71
N PRO C 215 22.40 -0.56 -29.64
CA PRO C 215 23.23 -1.19 -28.59
C PRO C 215 22.65 -2.43 -27.92
N ILE C 216 21.30 -2.58 -27.89
CA ILE C 216 20.64 -3.76 -27.28
C ILE C 216 21.14 -5.06 -27.95
N ARG C 217 21.33 -5.06 -29.29
CA ARG C 217 21.81 -6.25 -29.99
C ARG C 217 23.27 -6.60 -29.60
N HIS C 218 24.08 -5.59 -29.23
CA HIS C 218 25.45 -5.84 -28.77
C HIS C 218 25.53 -6.28 -27.29
N GLY C 219 24.39 -6.34 -26.59
CA GLY C 219 24.32 -6.78 -25.20
C GLY C 219 24.10 -5.70 -24.16
N ALA C 220 23.79 -4.46 -24.59
CA ALA C 220 23.54 -3.38 -23.63
C ALA C 220 22.16 -3.57 -22.99
N ALA C 221 22.00 -3.10 -21.75
CA ALA C 221 20.74 -3.23 -21.02
C ALA C 221 19.85 -2.02 -21.20
N LEU C 222 20.42 -0.80 -21.15
CA LEU C 222 19.66 0.45 -21.30
C LEU C 222 20.24 1.28 -22.44
N VAL C 223 19.37 1.95 -23.22
CA VAL C 223 19.77 2.81 -24.34
C VAL C 223 19.07 4.15 -24.18
N LEU C 224 19.84 5.20 -23.82
CA LEU C 224 19.32 6.55 -23.61
C LEU C 224 19.41 7.38 -24.88
N HIS C 225 18.33 8.12 -25.18
CA HIS C 225 18.28 9.03 -26.31
C HIS C 225 17.76 10.35 -25.83
N SER C 226 18.42 11.44 -26.20
CA SER C 226 17.91 12.77 -25.95
C SER C 226 16.99 13.00 -27.13
N ALA C 227 15.69 12.70 -26.97
CA ALA C 227 14.71 12.85 -28.03
C ALA C 227 14.65 14.26 -28.62
N THR C 228 15.05 15.27 -27.82
CA THR C 228 15.20 16.69 -28.22
C THR C 228 15.94 16.83 -29.58
N LYS C 229 16.90 15.92 -29.86
CA LYS C 229 17.68 15.92 -31.11
C LYS C 229 17.47 14.63 -31.91
N TYR C 230 17.26 14.78 -33.24
CA TYR C 230 17.01 13.74 -34.24
C TYR C 230 15.63 13.07 -34.14
N LEU C 231 15.22 12.59 -32.94
CA LEU C 231 13.90 11.95 -32.80
C LEU C 231 12.81 12.99 -33.07
N GLY C 232 12.99 14.20 -32.53
CA GLY C 232 12.10 15.32 -32.82
C GLY C 232 12.40 15.82 -34.22
N GLY C 233 13.67 16.17 -34.44
CA GLY C 233 14.19 16.58 -35.73
C GLY C 233 13.90 17.99 -36.21
N HIS C 234 13.06 18.76 -35.48
CA HIS C 234 12.72 20.13 -35.88
C HIS C 234 13.02 21.19 -34.81
N GLY C 235 13.77 20.84 -33.77
CA GLY C 235 14.15 21.76 -32.71
C GLY C 235 12.98 22.42 -32.00
N ASP C 236 11.91 21.66 -31.73
CA ASP C 236 10.72 22.19 -31.09
C ASP C 236 10.04 21.24 -30.09
N ALA C 237 10.74 20.19 -29.64
CA ALA C 237 10.17 19.24 -28.69
C ALA C 237 11.28 18.66 -27.81
N MET C 238 11.29 19.05 -26.53
CA MET C 238 12.25 18.52 -25.57
C MET C 238 11.78 17.11 -25.20
N GLY C 239 12.72 16.22 -24.90
CA GLY C 239 12.37 14.86 -24.52
C GLY C 239 13.56 13.98 -24.22
N GLY C 240 13.30 12.90 -23.50
CA GLY C 240 14.29 11.91 -23.11
C GLY C 240 13.62 10.56 -23.01
N ILE C 241 14.33 9.49 -23.39
CA ILE C 241 13.72 8.14 -23.39
C ILE C 241 14.81 7.06 -23.27
N ILE C 242 14.53 6.00 -22.50
CA ILE C 242 15.44 4.88 -22.31
C ILE C 242 14.77 3.60 -22.76
N ALA C 243 15.29 2.96 -23.82
CA ALA C 243 14.78 1.67 -24.29
C ALA C 243 15.53 0.62 -23.48
N THR C 244 14.81 -0.19 -22.69
CA THR C 244 15.43 -1.19 -21.81
C THR C 244 14.51 -2.40 -21.52
N ASN C 245 15.05 -3.44 -20.87
CA ASN C 245 14.31 -4.63 -20.43
C ASN C 245 13.18 -4.26 -19.42
N SER C 246 12.26 -5.20 -19.16
CA SER C 246 11.14 -4.98 -18.22
C SER C 246 11.56 -4.64 -16.79
N ASP C 247 12.69 -5.19 -16.29
CA ASP C 247 13.15 -4.92 -14.92
C ASP C 247 13.54 -3.44 -14.75
N TRP C 248 14.40 -2.90 -15.62
CA TRP C 248 14.80 -1.50 -15.54
C TRP C 248 13.66 -0.55 -15.90
N ALA C 249 12.75 -0.96 -16.79
CA ALA C 249 11.59 -0.12 -17.15
C ALA C 249 10.69 0.09 -15.94
N MET C 250 10.50 -0.96 -15.11
CA MET C 250 9.70 -0.86 -13.89
C MET C 250 10.38 0.08 -12.89
N ARG C 251 11.71 -0.06 -12.70
CA ARG C 251 12.47 0.80 -11.80
C ARG C 251 12.43 2.26 -12.25
N LEU C 252 12.50 2.52 -13.56
CA LEU C 252 12.45 3.88 -14.09
C LEU C 252 11.05 4.49 -13.92
N ARG C 253 9.99 3.69 -14.11
CA ARG C 253 8.62 4.16 -13.91
C ARG C 253 8.33 4.40 -12.43
N GLN C 254 8.94 3.62 -11.51
CA GLN C 254 8.78 3.84 -10.06
C GLN C 254 9.32 5.23 -9.70
N VAL C 255 10.49 5.60 -10.27
CA VAL C 255 11.10 6.90 -10.02
C VAL C 255 10.25 7.98 -10.66
N ARG C 256 9.76 7.76 -11.90
CA ARG C 256 8.94 8.74 -12.60
C ARG C 256 7.62 9.03 -11.88
N ALA C 257 6.94 8.00 -11.34
CA ALA C 257 5.67 8.19 -10.64
C ALA C 257 5.76 9.09 -9.41
N ILE C 258 6.91 9.14 -8.72
CA ILE C 258 7.07 9.95 -7.51
C ILE C 258 7.94 11.22 -7.76
N THR C 259 8.87 11.21 -8.72
CA THR C 259 9.67 12.40 -9.03
C THR C 259 8.94 13.31 -10.05
N GLY C 260 8.15 12.72 -10.94
CA GLY C 260 7.31 13.45 -11.89
C GLY C 260 7.96 14.31 -12.96
N ALA C 261 9.06 13.85 -13.57
CA ALA C 261 9.66 14.60 -14.70
C ALA C 261 8.99 14.06 -15.96
N LEU C 262 7.72 14.46 -16.17
CA LEU C 262 6.90 13.93 -17.25
C LEU C 262 7.06 14.64 -18.57
N LEU C 263 6.88 13.87 -19.65
CA LEU C 263 6.89 14.37 -21.02
C LEU C 263 5.45 14.83 -21.30
N HIS C 264 5.27 16.08 -21.75
CA HIS C 264 3.95 16.64 -22.01
C HIS C 264 3.26 15.92 -23.20
N PRO C 265 1.93 15.68 -23.20
CA PRO C 265 1.31 15.01 -24.35
C PRO C 265 1.61 15.58 -25.74
N MET C 266 1.68 16.92 -25.88
CA MET C 266 2.01 17.51 -27.19
C MET C 266 3.49 17.27 -27.54
N GLY C 267 4.37 17.27 -26.54
CA GLY C 267 5.78 16.95 -26.74
C GLY C 267 5.94 15.52 -27.22
N ALA C 268 5.22 14.58 -26.58
CA ALA C 268 5.22 13.18 -26.99
C ALA C 268 4.65 13.00 -28.38
N TYR C 269 3.62 13.77 -28.72
CA TYR C 269 3.02 13.73 -30.04
C TYR C 269 4.03 14.13 -31.13
N LEU C 270 4.77 15.24 -30.92
CA LEU C 270 5.75 15.71 -31.89
C LEU C 270 6.97 14.80 -32.01
N LEU C 271 7.38 14.15 -30.91
CA LEU C 271 8.53 13.24 -30.95
C LEU C 271 8.15 11.93 -31.68
N HIS C 272 6.91 11.45 -31.47
CA HIS C 272 6.37 10.28 -32.17
C HIS C 272 6.19 10.61 -33.67
N ARG C 273 5.72 11.84 -33.96
CA ARG C 273 5.53 12.37 -35.32
C ARG C 273 6.88 12.42 -36.05
N GLY C 274 7.93 12.86 -35.35
CA GLY C 274 9.27 12.93 -35.88
C GLY C 274 9.90 11.59 -36.20
N LEU C 275 9.53 10.53 -35.46
CA LEU C 275 10.06 9.19 -35.72
C LEU C 275 9.66 8.68 -37.10
N ARG C 276 8.50 9.10 -37.63
CA ARG C 276 8.01 8.69 -38.95
C ARG C 276 8.95 9.12 -40.10
N THR C 277 9.62 10.27 -39.93
CA THR C 277 10.58 10.82 -40.90
C THR C 277 12.06 10.67 -40.46
N LEU C 278 12.34 9.91 -39.40
CA LEU C 278 13.71 9.76 -38.90
C LEU C 278 14.67 9.14 -39.92
N ALA C 279 14.30 8.00 -40.53
CA ALA C 279 15.17 7.34 -41.49
C ALA C 279 15.45 8.21 -42.70
N VAL C 280 14.42 8.92 -43.20
CA VAL C 280 14.57 9.77 -44.38
C VAL C 280 15.45 10.99 -44.04
N ARG C 281 15.24 11.63 -42.88
CA ARG C 281 16.03 12.79 -42.48
C ARG C 281 17.48 12.43 -42.18
N MET C 282 17.70 11.34 -41.44
CA MET C 282 19.05 10.93 -41.05
C MET C 282 19.89 10.61 -42.29
N ARG C 283 19.35 9.82 -43.22
CA ARG C 283 20.08 9.47 -44.44
C ARG C 283 20.42 10.71 -45.28
N ALA C 284 19.52 11.71 -45.33
CA ALA C 284 19.76 12.94 -46.09
C ALA C 284 20.88 13.78 -45.47
N ALA C 285 20.85 13.96 -44.14
CA ALA C 285 21.88 14.72 -43.43
C ALA C 285 23.24 14.01 -43.45
N GLN C 286 23.22 12.67 -43.37
CA GLN C 286 24.42 11.84 -43.41
C GLN C 286 25.16 11.98 -44.75
N THR C 287 24.40 12.00 -45.86
CA THR C 287 24.97 12.17 -47.21
C THR C 287 25.67 13.52 -47.32
N THR C 288 25.02 14.58 -46.81
CA THR C 288 25.57 15.94 -46.82
C THR C 288 26.83 16.02 -45.93
N ALA C 289 26.79 15.40 -44.74
CA ALA C 289 27.92 15.40 -43.82
C ALA C 289 29.13 14.66 -44.37
N GLY C 290 28.91 13.52 -45.02
CA GLY C 290 29.99 12.74 -45.63
C GLY C 290 30.74 13.53 -46.70
N GLU C 291 30.01 14.32 -47.49
CA GLU C 291 30.60 15.16 -48.53
C GLU C 291 31.27 16.39 -47.91
N LEU C 292 30.62 17.05 -46.93
CA LEU C 292 31.18 18.24 -46.28
C LEU C 292 32.49 17.94 -45.55
N ALA C 293 32.58 16.80 -44.85
CA ALA C 293 33.80 16.45 -44.12
C ALA C 293 35.02 16.34 -45.04
N GLU C 294 34.83 15.81 -46.25
CA GLU C 294 35.91 15.68 -47.23
C GLU C 294 36.26 17.01 -47.88
N ARG C 295 35.25 17.84 -48.16
CA ARG C 295 35.47 19.16 -48.77
C ARG C 295 36.16 20.12 -47.80
N LEU C 296 35.80 20.08 -46.50
CA LEU C 296 36.42 20.94 -45.49
C LEU C 296 37.86 20.50 -45.16
N ALA C 297 38.19 19.20 -45.34
CA ALA C 297 39.55 18.71 -45.10
C ALA C 297 40.56 19.35 -46.05
N ALA C 298 40.16 19.66 -47.29
CA ALA C 298 41.03 20.30 -48.27
C ALA C 298 41.38 21.75 -47.91
N HIS C 299 40.61 22.42 -47.03
CA HIS C 299 40.88 23.80 -46.66
C HIS C 299 42.15 23.86 -45.78
N PRO C 300 43.07 24.83 -45.98
CA PRO C 300 44.30 24.85 -45.16
C PRO C 300 44.10 25.32 -43.71
N ALA C 301 43.03 26.07 -43.42
CA ALA C 301 42.77 26.55 -42.06
C ALA C 301 42.42 25.43 -41.08
N ILE C 302 41.90 24.29 -41.58
CA ILE C 302 41.53 23.16 -40.71
C ILE C 302 42.66 22.13 -40.70
N THR C 303 43.12 21.75 -39.50
CA THR C 303 44.21 20.77 -39.36
C THR C 303 43.70 19.35 -39.44
N ALA C 304 42.58 19.04 -38.76
CA ALA C 304 42.01 17.69 -38.75
C ALA C 304 40.49 17.73 -38.74
N VAL C 305 39.86 16.81 -39.49
CA VAL C 305 38.41 16.69 -39.57
C VAL C 305 38.03 15.33 -38.98
N HIS C 306 37.24 15.33 -37.91
CA HIS C 306 36.79 14.11 -37.25
C HIS C 306 35.40 13.74 -37.76
N TYR C 307 35.29 12.55 -38.37
CA TYR C 307 34.01 12.03 -38.89
C TYR C 307 34.14 10.49 -38.95
N PRO C 308 33.23 9.68 -38.35
CA PRO C 308 33.41 8.22 -38.40
C PRO C 308 33.65 7.60 -39.78
N GLY C 309 32.93 8.09 -40.79
CA GLY C 309 33.04 7.62 -42.17
C GLY C 309 34.10 8.38 -42.94
N LEU C 310 35.33 8.36 -42.42
CA LEU C 310 36.46 9.05 -43.03
C LEU C 310 37.76 8.34 -42.66
N ASN C 311 38.68 8.20 -43.65
CA ASN C 311 39.98 7.55 -43.50
C ASN C 311 40.74 7.88 -42.20
N GLY C 312 41.31 6.85 -41.59
CA GLY C 312 42.10 6.98 -40.36
C GLY C 312 41.35 7.37 -39.10
N GLN C 313 40.03 7.12 -39.04
CA GLN C 313 39.21 7.44 -37.87
C GLN C 313 38.60 6.20 -37.19
N ASP C 314 38.72 5.01 -37.80
CA ASP C 314 38.09 3.79 -37.28
C ASP C 314 38.97 2.55 -37.56
N PRO C 315 40.01 2.27 -36.75
CA PRO C 315 40.85 1.09 -37.04
C PRO C 315 40.24 -0.25 -36.60
N ARG C 316 39.24 -0.24 -35.69
CA ARG C 316 38.61 -1.47 -35.19
C ARG C 316 37.51 -2.06 -36.10
N GLY C 317 37.18 -1.39 -37.20
CA GLY C 317 36.14 -1.87 -38.11
C GLY C 317 34.75 -1.79 -37.52
N LEU C 318 34.48 -0.77 -36.70
CA LEU C 318 33.17 -0.59 -36.07
C LEU C 318 32.14 -0.09 -37.09
N LEU C 319 32.56 0.68 -38.09
CA LEU C 319 31.66 1.15 -39.13
C LEU C 319 31.38 -0.02 -40.08
N GLY C 320 30.30 -0.75 -39.77
CA GLY C 320 29.91 -1.94 -40.51
C GLY C 320 29.34 -3.00 -39.59
N ARG C 321 30.02 -3.27 -38.46
CA ARG C 321 29.52 -4.25 -37.49
C ARG C 321 28.72 -3.60 -36.34
N GLN C 322 28.96 -2.30 -36.07
CA GLN C 322 28.27 -1.58 -35.00
C GLN C 322 27.44 -0.41 -35.55
N MET C 323 27.99 0.38 -36.49
CA MET C 323 27.31 1.53 -37.10
C MET C 323 27.07 1.31 -38.59
N SER C 324 25.82 1.44 -39.04
CA SER C 324 25.50 1.30 -40.47
C SER C 324 25.67 2.63 -41.27
N GLY C 325 26.29 3.65 -40.66
CA GLY C 325 26.49 4.92 -41.33
C GLY C 325 27.40 5.85 -40.54
N GLY C 326 27.95 6.84 -41.22
CA GLY C 326 28.87 7.80 -40.63
C GLY C 326 28.27 8.82 -39.68
N GLY C 327 26.97 9.09 -39.80
CA GLY C 327 26.29 10.07 -38.97
C GLY C 327 26.16 11.43 -39.63
N ALA C 328 25.62 12.41 -38.89
CA ALA C 328 25.42 13.77 -39.38
C ALA C 328 26.14 14.83 -38.52
N MET C 329 27.14 14.43 -37.70
CA MET C 329 27.90 15.34 -36.86
C MET C 329 29.35 15.38 -37.33
N ILE C 330 29.99 16.56 -37.27
CA ILE C 330 31.38 16.73 -37.69
C ILE C 330 32.10 17.66 -36.70
N ALA C 331 33.17 17.19 -36.06
CA ALA C 331 34.02 18.02 -35.20
C ALA C 331 35.32 18.29 -35.94
N LEU C 332 35.90 19.50 -35.81
CA LEU C 332 37.14 19.82 -36.52
C LEU C 332 38.04 20.80 -35.76
N GLU C 333 39.37 20.55 -35.81
CA GLU C 333 40.37 21.39 -35.15
C GLU C 333 40.86 22.44 -36.13
N LEU C 334 40.99 23.70 -35.69
CA LEU C 334 41.47 24.81 -36.52
C LEU C 334 42.92 25.15 -36.19
N ALA C 335 43.67 25.64 -37.18
CA ALA C 335 45.08 25.96 -37.02
C ALA C 335 45.42 27.23 -36.21
N GLY C 336 44.44 27.97 -35.71
CA GLY C 336 44.70 29.16 -34.88
C GLY C 336 44.24 29.07 -33.44
N GLY C 337 43.74 27.91 -33.02
CA GLY C 337 43.27 27.70 -31.66
C GLY C 337 41.97 28.41 -31.38
N PHE C 338 41.88 29.07 -30.21
CA PHE C 338 40.67 29.78 -29.78
C PHE C 338 40.29 30.95 -30.70
N ASP C 339 41.25 31.76 -31.14
CA ASP C 339 40.97 32.92 -31.97
C ASP C 339 40.33 32.55 -33.31
N ALA C 340 40.87 31.53 -34.00
CA ALA C 340 40.31 31.08 -35.28
C ALA C 340 38.94 30.43 -35.08
N ALA C 341 38.79 29.62 -34.01
CA ALA C 341 37.53 28.95 -33.70
C ALA C 341 36.41 29.97 -33.40
N ARG C 342 36.73 31.03 -32.65
CA ARG C 342 35.77 32.08 -32.31
C ARG C 342 35.38 32.90 -33.56
N SER C 343 36.35 33.27 -34.41
CA SER C 343 36.08 34.03 -35.63
C SER C 343 35.22 33.22 -36.63
N PHE C 344 35.53 31.94 -36.82
CA PHE C 344 34.78 31.05 -37.72
C PHE C 344 33.31 30.93 -37.31
N VAL C 345 33.05 30.81 -36.01
CA VAL C 345 31.69 30.72 -35.46
C VAL C 345 30.93 32.04 -35.71
N GLU C 346 31.55 33.18 -35.38
CA GLU C 346 30.89 34.48 -35.52
C GLU C 346 30.65 34.94 -36.96
N HIS C 347 31.51 34.53 -37.92
CA HIS C 347 31.33 34.94 -39.32
C HIS C 347 30.35 34.05 -40.12
N CYS C 348 29.76 33.01 -39.51
CA CYS C 348 28.78 32.17 -40.20
C CYS C 348 27.46 32.94 -40.29
N SER C 349 26.79 32.91 -41.46
CA SER C 349 25.52 33.61 -41.67
C SER C 349 24.35 32.60 -41.85
N LEU C 350 24.47 31.67 -42.81
CA LEU C 350 23.45 30.64 -43.06
C LEU C 350 23.50 29.62 -41.93
N VAL C 351 24.71 29.15 -41.57
CA VAL C 351 24.89 28.21 -40.48
C VAL C 351 24.73 29.03 -39.19
N VAL C 352 23.83 28.63 -38.30
CA VAL C 352 23.51 29.38 -37.09
C VAL C 352 24.36 28.94 -35.89
N HIS C 353 24.97 29.91 -35.18
CA HIS C 353 25.76 29.62 -33.98
C HIS C 353 24.82 29.41 -32.80
N ALA C 354 24.58 28.14 -32.45
CA ALA C 354 23.70 27.77 -31.34
C ALA C 354 24.05 26.37 -30.82
N VAL C 355 23.67 26.09 -29.57
CA VAL C 355 23.87 24.75 -28.99
C VAL C 355 22.79 23.78 -29.57
N SER C 356 22.86 22.47 -29.26
CA SER C 356 21.91 21.47 -29.76
C SER C 356 22.27 20.95 -31.15
N LEU C 357 21.61 19.86 -31.59
CA LEU C 357 21.87 19.20 -32.86
C LEU C 357 20.62 18.41 -33.35
N GLY C 358 20.75 17.71 -34.48
CA GLY C 358 19.68 16.87 -35.02
C GLY C 358 18.52 17.57 -35.69
N GLY C 359 18.55 18.89 -35.75
CA GLY C 359 17.47 19.66 -36.37
C GLY C 359 17.55 19.72 -37.88
N ALA C 360 16.55 20.34 -38.51
CA ALA C 360 16.50 20.51 -39.96
C ALA C 360 17.57 21.49 -40.47
N ASP C 361 18.02 22.43 -39.61
CA ASP C 361 19.03 23.42 -39.98
C ASP C 361 20.41 23.07 -39.40
N THR C 362 21.46 23.57 -40.06
CA THR C 362 22.85 23.32 -39.65
C THR C 362 23.25 24.29 -38.55
N LEU C 363 23.73 23.74 -37.42
CA LEU C 363 24.17 24.54 -36.28
C LEU C 363 25.67 24.34 -36.03
N ILE C 364 26.30 25.34 -35.41
CA ILE C 364 27.74 25.34 -35.13
C ILE C 364 28.00 25.89 -33.71
N GLN C 365 29.05 25.39 -33.05
CA GLN C 365 29.39 25.83 -31.70
C GLN C 365 30.89 25.63 -31.38
N HIS C 366 31.35 26.28 -30.30
CA HIS C 366 32.69 26.10 -29.75
C HIS C 366 32.43 25.32 -28.45
N PRO C 367 32.57 23.97 -28.43
CA PRO C 367 32.22 23.21 -27.22
C PRO C 367 32.85 23.64 -25.89
N ALA C 368 34.11 24.09 -25.89
CA ALA C 368 34.77 24.50 -24.66
C ALA C 368 34.05 25.68 -23.97
N SER C 369 33.46 26.61 -24.75
CA SER C 369 32.74 27.76 -24.19
C SER C 369 31.25 27.54 -23.95
N LEU C 370 30.61 26.50 -24.53
CA LEU C 370 29.16 26.31 -24.34
C LEU C 370 28.76 24.90 -23.76
N THR C 371 28.77 23.81 -24.56
CA THR C 371 28.31 22.50 -24.09
C THR C 371 29.20 21.93 -22.97
N HIS C 372 30.51 21.84 -23.21
CA HIS C 372 31.45 21.29 -22.24
C HIS C 372 32.16 22.38 -21.42
N ARG C 373 31.37 23.33 -20.90
CA ARG C 373 31.85 24.40 -20.03
C ARG C 373 31.81 23.97 -18.54
N PRO C 374 30.77 23.24 -18.02
CA PRO C 374 30.82 22.83 -16.60
C PRO C 374 31.74 21.64 -16.31
N VAL C 375 32.37 21.05 -17.36
CA VAL C 375 33.26 19.90 -17.25
C VAL C 375 34.60 20.36 -16.65
N ALA C 376 35.28 19.49 -15.90
CA ALA C 376 36.59 19.81 -15.33
C ALA C 376 37.60 20.11 -16.45
N ALA C 377 38.54 21.02 -16.19
CA ALA C 377 39.53 21.46 -17.18
C ALA C 377 40.30 20.32 -17.88
N THR C 378 40.60 19.24 -17.17
CA THR C 378 41.34 18.10 -17.75
C THR C 378 40.51 17.39 -18.81
N ALA C 379 39.20 17.19 -18.57
CA ALA C 379 38.33 16.51 -19.54
C ALA C 379 37.70 17.46 -20.57
N LYS C 380 38.08 18.76 -20.59
CA LYS C 380 37.52 19.70 -21.55
C LYS C 380 38.11 19.47 -22.95
N PRO C 381 37.35 19.67 -24.05
CA PRO C 381 37.93 19.49 -25.39
C PRO C 381 38.89 20.61 -25.79
N GLY C 382 39.62 20.42 -26.88
CA GLY C 382 40.57 21.42 -27.37
C GLY C 382 39.91 22.73 -27.75
N ASP C 383 40.65 23.83 -27.62
CA ASP C 383 40.13 25.17 -27.94
C ASP C 383 39.91 25.33 -29.45
N GLY C 384 40.74 24.70 -30.27
CA GLY C 384 40.59 24.75 -31.72
C GLY C 384 39.44 23.90 -32.25
N LEU C 385 38.85 23.02 -31.41
CA LEU C 385 37.77 22.13 -31.84
C LEU C 385 36.44 22.89 -31.98
N ILE C 386 35.70 22.57 -33.06
CA ILE C 386 34.40 23.16 -33.39
C ILE C 386 33.46 22.02 -33.78
N ARG C 387 32.28 21.93 -33.14
CA ARG C 387 31.29 20.90 -33.46
C ARG C 387 30.30 21.48 -34.46
N LEU C 388 29.87 20.67 -35.43
CA LEU C 388 28.95 21.07 -36.48
C LEU C 388 27.86 20.02 -36.67
N SER C 389 26.59 20.38 -36.44
CA SER C 389 25.46 19.49 -36.68
C SER C 389 24.95 19.76 -38.09
N VAL C 390 25.00 18.78 -38.97
CA VAL C 390 24.58 18.96 -40.37
C VAL C 390 23.07 18.75 -40.52
N GLY C 391 22.40 19.73 -41.13
CA GLY C 391 20.97 19.72 -41.36
C GLY C 391 20.59 19.14 -42.72
N LEU C 392 19.47 19.63 -43.29
CA LEU C 392 18.94 19.16 -44.57
C LEU C 392 19.10 20.20 -45.69
N GLU C 393 20.08 21.12 -45.60
CA GLU C 393 20.30 22.11 -46.65
C GLU C 393 21.18 21.51 -47.76
N HIS C 394 21.28 22.20 -48.92
CA HIS C 394 22.11 21.73 -50.02
C HIS C 394 23.58 21.73 -49.61
N VAL C 395 24.35 20.78 -50.15
CA VAL C 395 25.76 20.61 -49.78
C VAL C 395 26.61 21.81 -50.23
N ASP C 396 26.32 22.35 -51.43
CA ASP C 396 27.07 23.49 -51.96
C ASP C 396 26.85 24.77 -51.15
N ASP C 397 25.60 25.07 -50.76
CA ASP C 397 25.31 26.27 -49.99
C ASP C 397 25.95 26.25 -48.60
N LEU C 398 26.07 25.06 -47.98
CA LEU C 398 26.69 24.94 -46.66
C LEU C 398 28.21 25.14 -46.77
N GLU C 399 28.86 24.57 -47.80
CA GLU C 399 30.31 24.74 -47.96
C GLU C 399 30.65 26.21 -48.29
N ASP C 400 29.83 26.89 -49.11
CA ASP C 400 30.09 28.29 -49.45
C ASP C 400 30.06 29.18 -48.22
N ASP C 401 29.12 28.94 -47.30
CA ASP C 401 29.00 29.71 -46.07
C ASP C 401 30.16 29.43 -45.10
N LEU C 402 30.56 28.15 -44.95
CA LEU C 402 31.64 27.79 -44.04
C LEU C 402 33.00 28.26 -44.57
N ILE C 403 33.21 28.23 -45.91
CA ILE C 403 34.45 28.70 -46.52
C ILE C 403 34.54 30.23 -46.34
N ALA C 404 33.42 30.95 -46.53
CA ALA C 404 33.39 32.40 -46.33
C ALA C 404 33.77 32.78 -44.90
N ALA C 405 33.29 32.02 -43.90
CA ALA C 405 33.60 32.26 -42.50
C ALA C 405 35.08 31.96 -42.18
N LEU C 406 35.65 30.91 -42.79
CA LEU C 406 37.06 30.56 -42.59
C LEU C 406 37.97 31.62 -43.21
N ASP C 407 37.62 32.10 -44.42
CA ASP C 407 38.39 33.14 -45.11
C ASP C 407 38.29 34.52 -44.45
N ALA C 408 37.25 34.75 -43.62
CA ALA C 408 37.09 36.03 -42.92
C ALA C 408 38.12 36.23 -41.77
N SER C 409 39.10 35.30 -41.60
CA SER C 409 40.14 35.39 -40.57
C SER C 409 41.53 35.19 -41.21
N ASN D 22 -2.07 53.47 -5.81
CA ASN D 22 -1.53 52.96 -7.08
C ASN D 22 -1.37 51.43 -7.09
N SER D 23 -1.33 50.77 -5.91
CA SER D 23 -1.20 49.31 -5.85
C SER D 23 -2.46 48.66 -6.41
N MET D 24 -2.31 47.52 -7.10
CA MET D 24 -3.43 46.83 -7.72
C MET D 24 -3.98 45.75 -6.81
N HIS D 25 -5.30 45.51 -6.90
CA HIS D 25 -5.97 44.46 -6.13
C HIS D 25 -5.59 43.05 -6.65
N PRO D 26 -5.73 41.95 -5.87
CA PRO D 26 -5.37 40.63 -6.41
C PRO D 26 -6.16 40.19 -7.64
N GLU D 27 -7.43 40.64 -7.78
CA GLU D 27 -8.26 40.29 -8.92
C GLU D 27 -7.68 40.88 -10.22
N THR D 28 -7.16 42.12 -10.15
CA THR D 28 -6.52 42.78 -11.30
C THR D 28 -5.19 42.09 -11.62
N LEU D 29 -4.40 41.78 -10.59
CA LEU D 29 -3.10 41.12 -10.74
C LEU D 29 -3.21 39.74 -11.38
N MET D 30 -4.31 39.01 -11.16
CA MET D 30 -4.49 37.70 -11.79
C MET D 30 -4.62 37.83 -13.31
N VAL D 31 -5.28 38.90 -13.79
CA VAL D 31 -5.50 39.11 -15.22
C VAL D 31 -4.22 39.62 -15.92
N HIS D 32 -3.61 40.70 -15.41
CA HIS D 32 -2.44 41.33 -16.03
C HIS D 32 -1.06 40.85 -15.52
N GLY D 33 -1.02 39.88 -14.61
CA GLY D 33 0.23 39.38 -14.09
C GLY D 33 1.00 38.58 -15.13
N GLY D 34 2.28 38.89 -15.29
CA GLY D 34 3.14 38.24 -16.27
C GLY D 34 2.84 38.60 -17.72
N MET D 35 2.16 39.73 -17.95
CA MET D 35 1.79 40.19 -19.29
C MET D 35 2.52 41.50 -19.66
N ASP D 36 3.69 41.76 -19.04
CA ASP D 36 4.43 43.01 -19.27
C ASP D 36 5.12 43.00 -20.63
N GLY D 37 5.03 44.11 -21.35
CA GLY D 37 5.65 44.23 -22.67
C GLY D 37 4.86 43.62 -23.81
N LEU D 38 3.70 42.99 -23.54
CA LEU D 38 2.89 42.40 -24.60
C LEU D 38 2.12 43.51 -25.33
N THR D 39 1.58 44.48 -24.58
CA THR D 39 0.85 45.59 -25.19
C THR D 39 1.80 46.45 -26.03
N GLU D 40 3.04 46.65 -25.56
CA GLU D 40 4.03 47.45 -26.29
C GLU D 40 4.47 46.72 -27.58
N ALA D 41 4.57 45.37 -27.54
CA ALA D 41 4.91 44.56 -28.71
C ALA D 41 3.74 44.37 -29.71
N GLY D 42 2.55 44.87 -29.39
CA GLY D 42 1.38 44.75 -30.26
C GLY D 42 0.74 43.38 -30.28
N VAL D 43 0.71 42.68 -29.13
CA VAL D 43 0.13 41.33 -29.00
C VAL D 43 -0.79 41.27 -27.76
N HIS D 44 -1.80 40.40 -27.79
CA HIS D 44 -2.80 40.27 -26.72
C HIS D 44 -2.41 39.24 -25.66
N VAL D 45 -1.99 38.03 -26.08
CA VAL D 45 -1.62 36.93 -25.19
C VAL D 45 -0.14 36.52 -25.45
N PRO D 46 0.58 35.91 -24.48
CA PRO D 46 1.98 35.55 -24.76
C PRO D 46 2.08 34.43 -25.79
N ALA D 47 3.06 34.51 -26.69
CA ALA D 47 3.25 33.50 -27.72
C ALA D 47 3.88 32.23 -27.15
N ILE D 48 3.61 31.09 -27.78
CA ILE D 48 4.15 29.80 -27.36
C ILE D 48 5.40 29.53 -28.21
N ASP D 49 6.59 29.72 -27.63
CA ASP D 49 7.85 29.49 -28.33
C ASP D 49 8.34 28.08 -28.02
N LEU D 50 8.15 27.15 -28.97
CA LEU D 50 8.55 25.75 -28.77
C LEU D 50 10.06 25.51 -28.93
N SER D 51 10.85 26.51 -29.34
CA SER D 51 12.29 26.40 -29.56
C SER D 51 13.04 25.66 -28.45
N THR D 52 13.78 24.60 -28.81
CA THR D 52 14.58 23.84 -27.85
C THR D 52 15.90 24.60 -27.62
N THR D 53 16.52 25.10 -28.71
CA THR D 53 17.76 25.86 -28.65
C THR D 53 17.49 27.33 -29.00
N ASN D 54 18.37 28.22 -28.53
CA ASN D 54 18.24 29.67 -28.74
C ASN D 54 19.59 30.23 -29.24
N PRO D 55 19.71 30.70 -30.50
CA PRO D 55 21.00 31.21 -30.97
C PRO D 55 21.61 32.36 -30.18
N VAL D 56 22.95 32.46 -30.23
CA VAL D 56 23.73 33.49 -29.50
C VAL D 56 24.41 34.46 -30.47
N ASN D 57 24.64 35.70 -30.03
CA ASN D 57 25.27 36.73 -30.87
C ASN D 57 26.75 36.44 -31.12
N ASP D 58 27.49 36.10 -30.06
CA ASP D 58 28.92 35.77 -30.16
C ASP D 58 29.32 34.75 -29.06
N VAL D 59 30.55 34.22 -29.15
CA VAL D 59 31.07 33.23 -28.21
C VAL D 59 31.15 33.80 -26.78
N ALA D 60 31.66 35.04 -26.65
CA ALA D 60 31.80 35.67 -25.33
C ALA D 60 30.47 35.87 -24.60
N THR D 61 29.45 36.48 -25.25
CA THR D 61 28.15 36.69 -24.59
C THR D 61 27.38 35.38 -24.44
N GLY D 62 27.49 34.49 -25.42
CA GLY D 62 26.83 33.19 -25.39
C GLY D 62 27.32 32.32 -24.24
N GLY D 63 28.64 32.30 -24.05
CA GLY D 63 29.25 31.54 -22.96
C GLY D 63 28.92 32.10 -21.60
N ASP D 64 28.92 33.44 -21.47
CA ASP D 64 28.59 34.11 -20.22
C ASP D 64 27.12 33.89 -19.85
N SER D 65 26.21 33.99 -20.84
CA SER D 65 24.79 33.75 -20.61
C SER D 65 24.55 32.29 -20.21
N TYR D 66 25.32 31.35 -20.81
CA TYR D 66 25.22 29.93 -20.46
C TYR D 66 25.57 29.73 -18.98
N GLU D 67 26.72 30.26 -18.53
CA GLU D 67 27.19 30.10 -17.15
C GLU D 67 26.24 30.79 -16.17
N TRP D 68 25.73 31.98 -16.56
CA TRP D 68 24.78 32.74 -15.75
C TRP D 68 23.52 31.93 -15.45
N LEU D 69 22.94 31.29 -16.47
CA LEU D 69 21.72 30.50 -16.29
C LEU D 69 21.97 29.12 -15.69
N ALA D 70 23.13 28.48 -15.99
CA ALA D 70 23.46 27.17 -15.42
C ALA D 70 23.65 27.26 -13.91
N THR D 71 24.18 28.40 -13.41
CA THR D 71 24.35 28.63 -11.97
C THR D 71 23.06 29.14 -11.28
N GLY D 72 21.90 28.95 -11.91
CA GLY D 72 20.61 29.31 -11.33
C GLY D 72 20.16 30.76 -11.39
N HIS D 73 20.87 31.65 -12.09
CA HIS D 73 20.44 33.05 -12.17
C HIS D 73 19.32 33.26 -13.19
N ALA D 74 18.51 34.32 -12.98
CA ALA D 74 17.43 34.66 -13.90
C ALA D 74 17.99 35.30 -15.17
N LEU D 75 17.25 35.20 -16.28
CA LEU D 75 17.70 35.74 -17.56
C LEU D 75 17.73 37.26 -17.56
N LYS D 76 18.84 37.85 -18.02
CA LYS D 76 18.96 39.29 -18.15
C LYS D 76 18.22 39.74 -19.41
N ASP D 77 17.60 40.92 -19.38
CA ASP D 77 16.86 41.42 -20.55
C ASP D 77 17.82 41.67 -21.72
N GLY D 78 17.43 41.18 -22.90
CA GLY D 78 18.24 41.30 -24.10
C GLY D 78 19.15 40.12 -24.36
N ASP D 79 19.51 39.36 -23.31
CA ASP D 79 20.38 38.19 -23.44
C ASP D 79 19.63 37.00 -24.01
N SER D 80 20.37 36.10 -24.69
CA SER D 80 19.79 34.90 -25.28
C SER D 80 19.53 33.85 -24.22
N ALA D 81 18.43 33.09 -24.35
CA ALA D 81 18.10 32.01 -23.43
C ALA D 81 19.05 30.81 -23.53
N VAL D 82 19.84 30.70 -24.64
CA VAL D 82 20.82 29.66 -24.95
C VAL D 82 20.14 28.28 -25.21
N TYR D 83 19.48 27.69 -24.20
CA TYR D 83 18.83 26.38 -24.32
C TYR D 83 17.60 26.34 -23.41
N GLN D 84 16.59 25.51 -23.76
CA GLN D 84 15.35 25.44 -23.00
C GLN D 84 15.54 24.89 -21.59
N ARG D 85 16.53 24.01 -21.37
CA ARG D 85 16.81 23.51 -20.01
C ARG D 85 17.44 24.60 -19.11
N LEU D 86 17.95 25.70 -19.70
CA LEU D 86 18.51 26.83 -18.97
C LEU D 86 17.42 27.89 -18.75
N TRP D 87 16.61 28.19 -19.79
CA TRP D 87 15.55 29.19 -19.70
C TRP D 87 14.51 29.05 -20.81
N GLN D 88 13.25 29.44 -20.54
CA GLN D 88 12.16 29.44 -21.51
C GLN D 88 11.28 30.69 -21.21
N PRO D 89 10.94 31.54 -22.22
CA PRO D 89 10.19 32.77 -21.90
C PRO D 89 8.75 32.60 -21.42
N GLY D 90 8.02 31.64 -21.97
CA GLY D 90 6.64 31.37 -21.57
C GLY D 90 6.53 30.88 -20.14
N VAL D 91 7.50 30.06 -19.71
CA VAL D 91 7.55 29.56 -18.33
C VAL D 91 7.87 30.74 -17.41
N ALA D 92 8.87 31.56 -17.79
CA ALA D 92 9.25 32.76 -17.03
C ALA D 92 8.07 33.73 -16.81
N ARG D 93 7.16 33.86 -17.78
CA ARG D 93 6.00 34.72 -17.64
C ARG D 93 5.05 34.17 -16.58
N PHE D 94 4.82 32.84 -16.59
CA PHE D 94 3.99 32.18 -15.59
C PHE D 94 4.63 32.31 -14.19
N GLU D 95 5.96 32.20 -14.12
CA GLU D 95 6.72 32.32 -12.88
C GLU D 95 6.54 33.71 -12.25
N THR D 96 6.70 34.79 -13.04
CA THR D 96 6.55 36.15 -12.53
C THR D 96 5.09 36.44 -12.14
N ALA D 97 4.11 35.82 -12.83
CA ALA D 97 2.70 36.02 -12.53
C ALA D 97 2.34 35.48 -11.13
N LEU D 98 2.79 34.26 -10.78
CA LEU D 98 2.49 33.68 -9.48
C LEU D 98 3.28 34.34 -8.36
N ALA D 99 4.55 34.70 -8.60
CA ALA D 99 5.37 35.37 -7.59
C ALA D 99 4.72 36.68 -7.11
N GLU D 100 4.10 37.45 -8.02
CA GLU D 100 3.41 38.69 -7.65
C GLU D 100 2.18 38.41 -6.77
N LEU D 101 1.47 37.30 -7.04
CA LEU D 101 0.28 36.93 -6.29
C LEU D 101 0.63 36.48 -4.87
N GLU D 102 1.70 35.67 -4.73
CA GLU D 102 2.15 35.18 -3.42
C GLU D 102 3.06 36.19 -2.67
N HIS D 103 3.36 37.37 -3.27
CA HIS D 103 4.24 38.39 -2.70
C HIS D 103 5.68 37.88 -2.51
N ALA D 104 6.13 36.99 -3.40
CA ALA D 104 7.49 36.42 -3.39
C ALA D 104 8.38 37.16 -4.39
N ASP D 105 9.70 37.11 -4.20
CA ASP D 105 10.64 37.77 -5.11
C ASP D 105 10.64 37.08 -6.47
N GLU D 106 10.80 35.75 -6.50
CA GLU D 106 10.87 34.94 -7.73
C GLU D 106 10.10 33.63 -7.56
N ALA D 107 9.92 32.87 -8.67
CA ALA D 107 9.27 31.56 -8.66
C ALA D 107 9.92 30.64 -9.70
N VAL D 108 9.93 29.32 -9.42
CA VAL D 108 10.53 28.33 -10.32
C VAL D 108 9.47 27.27 -10.65
N ALA D 109 9.19 27.06 -11.95
CA ALA D 109 8.19 26.09 -12.40
C ALA D 109 8.82 24.80 -12.92
N PHE D 110 8.09 23.67 -12.78
CA PHE D 110 8.51 22.32 -13.18
C PHE D 110 7.33 21.54 -13.84
N ALA D 111 7.60 20.33 -14.35
CA ALA D 111 6.60 19.49 -15.03
C ALA D 111 5.36 19.17 -14.20
N THR D 112 5.55 18.84 -12.91
CA THR D 112 4.47 18.46 -11.97
C THR D 112 4.75 19.05 -10.56
N GLY D 113 3.75 18.99 -9.66
CA GLY D 113 3.92 19.40 -8.28
C GLY D 113 4.96 18.56 -7.57
N MET D 114 5.05 17.27 -7.93
CA MET D 114 6.05 16.37 -7.37
C MET D 114 7.46 16.69 -7.86
N ALA D 115 7.60 17.21 -9.09
CA ALA D 115 8.91 17.63 -9.61
C ALA D 115 9.42 18.84 -8.82
N ALA D 116 8.52 19.76 -8.46
CA ALA D 116 8.87 20.91 -7.65
C ALA D 116 9.33 20.44 -6.26
N MET D 117 8.59 19.51 -5.62
CA MET D 117 8.95 18.96 -4.31
C MET D 117 10.31 18.26 -4.41
N THR D 118 10.53 17.50 -5.48
CA THR D 118 11.79 16.79 -5.72
C THR D 118 12.97 17.76 -5.78
N ALA D 119 12.81 18.87 -6.52
CA ALA D 119 13.87 19.86 -6.63
C ALA D 119 14.06 20.61 -5.31
N ALA D 120 12.99 20.87 -4.56
CA ALA D 120 13.09 21.55 -3.28
C ALA D 120 13.87 20.70 -2.28
N LEU D 121 13.69 19.38 -2.31
CA LEU D 121 14.39 18.46 -1.42
C LEU D 121 15.84 18.28 -1.87
N LEU D 122 16.09 18.16 -3.19
CA LEU D 122 17.46 18.02 -3.70
C LEU D 122 18.29 19.27 -3.47
N ALA D 123 17.68 20.47 -3.54
CA ALA D 123 18.39 21.71 -3.25
C ALA D 123 18.84 21.75 -1.80
N ALA D 124 18.00 21.26 -0.88
CA ALA D 124 18.32 21.18 0.54
C ALA D 124 19.45 20.18 0.79
N VAL D 125 19.40 18.98 0.15
CA VAL D 125 20.42 17.94 0.27
C VAL D 125 21.76 18.47 -0.22
N ASN D 126 21.77 19.14 -1.39
CA ASN D 126 23.00 19.71 -1.97
C ASN D 126 23.64 20.76 -1.06
N ALA D 127 22.82 21.53 -0.30
CA ALA D 127 23.33 22.52 0.63
C ALA D 127 23.83 21.94 1.97
N GLY D 128 23.96 20.61 2.07
CA GLY D 128 24.41 19.96 3.30
C GLY D 128 23.37 19.90 4.40
N THR D 129 22.08 19.97 4.05
CA THR D 129 20.98 19.92 5.02
C THR D 129 19.95 18.86 4.55
N PRO D 130 20.27 17.55 4.62
CA PRO D 130 19.32 16.54 4.13
C PRO D 130 18.13 16.23 5.04
N HIS D 131 18.14 16.70 6.31
CA HIS D 131 17.04 16.42 7.24
C HIS D 131 15.88 17.38 7.02
N ILE D 132 14.64 16.86 7.05
CA ILE D 132 13.41 17.64 6.87
C ILE D 132 12.45 17.32 8.03
N VAL D 133 11.84 18.35 8.62
CA VAL D 133 10.84 18.22 9.67
C VAL D 133 9.49 18.43 8.96
N ALA D 134 8.53 17.50 9.13
CA ALA D 134 7.25 17.61 8.44
C ALA D 134 6.07 17.19 9.31
N VAL D 135 4.91 17.83 9.10
CA VAL D 135 3.68 17.45 9.82
C VAL D 135 3.06 16.23 9.12
N ARG D 136 2.53 15.28 9.90
CA ARG D 136 1.98 14.04 9.33
C ARG D 136 0.84 14.22 8.28
N PRO D 137 -0.18 15.09 8.48
CA PRO D 137 -1.23 15.21 7.45
C PRO D 137 -0.74 15.95 6.19
N LEU D 138 -0.20 15.18 5.23
CA LEU D 138 0.33 15.67 3.94
C LEU D 138 -0.24 14.87 2.75
N TYR D 139 0.00 15.35 1.52
CA TYR D 139 -0.40 14.67 0.29
C TYR D 139 0.39 13.35 0.20
N GLY D 140 -0.31 12.27 -0.18
CA GLY D 140 0.26 10.92 -0.27
C GLY D 140 1.62 10.80 -0.92
N GLY D 141 1.78 11.44 -2.07
CA GLY D 141 3.05 11.43 -2.80
C GLY D 141 4.16 12.13 -2.06
N SER D 142 3.87 13.31 -1.49
CA SER D 142 4.85 14.07 -0.70
C SER D 142 5.28 13.26 0.52
N ASP D 143 4.32 12.58 1.17
CA ASP D 143 4.57 11.74 2.33
C ASP D 143 5.46 10.54 1.95
N HIS D 144 5.12 9.84 0.85
CA HIS D 144 5.88 8.68 0.39
C HIS D 144 7.29 9.05 -0.06
N LEU D 145 7.48 10.21 -0.70
CA LEU D 145 8.79 10.66 -1.16
C LEU D 145 9.73 10.92 0.03
N LEU D 146 9.20 11.46 1.12
CA LEU D 146 10.00 11.73 2.32
C LEU D 146 10.32 10.42 3.05
N GLU D 147 9.32 9.53 3.20
CA GLU D 147 9.49 8.26 3.89
C GLU D 147 10.52 7.34 3.23
N THR D 148 10.49 7.25 1.90
CA THR D 148 11.43 6.41 1.15
C THR D 148 12.88 6.89 1.28
N GLY D 149 13.10 8.20 1.28
CA GLY D 149 14.44 8.77 1.33
C GLY D 149 15.20 8.52 0.04
N LEU D 150 14.48 8.60 -1.09
CA LEU D 150 15.05 8.36 -2.42
C LEU D 150 16.08 9.42 -2.80
N LEU D 151 15.80 10.69 -2.47
CA LEU D 151 16.69 11.80 -2.82
C LEU D 151 17.75 12.07 -1.74
N GLY D 152 18.11 11.06 -0.95
CA GLY D 152 19.10 11.21 0.11
C GLY D 152 18.63 12.07 1.26
N THR D 153 17.33 11.97 1.62
CA THR D 153 16.72 12.75 2.69
C THR D 153 16.40 11.88 3.91
N THR D 154 16.46 12.48 5.11
CA THR D 154 16.05 11.86 6.36
C THR D 154 14.87 12.71 6.87
N VAL D 155 13.81 12.08 7.42
CA VAL D 155 12.63 12.83 7.88
C VAL D 155 12.25 12.49 9.32
N THR D 156 11.83 13.52 10.09
CA THR D 156 11.35 13.38 11.46
C THR D 156 9.93 13.92 11.43
N TRP D 157 8.94 13.02 11.57
CA TRP D 157 7.54 13.43 11.55
C TRP D 157 7.19 14.06 12.89
N ALA D 158 6.74 15.32 12.86
CA ALA D 158 6.42 16.08 14.07
C ALA D 158 5.07 16.77 13.99
N LYS D 159 4.45 17.02 15.14
CA LYS D 159 3.17 17.74 15.23
C LYS D 159 3.42 19.26 15.24
N GLU D 160 2.37 20.07 15.13
CA GLU D 160 2.49 21.54 15.15
C GLU D 160 3.27 22.05 16.38
N ALA D 161 2.97 21.53 17.57
CA ALA D 161 3.65 21.95 18.79
C ALA D 161 5.08 21.38 18.92
N GLU D 162 5.34 20.19 18.33
CA GLU D 162 6.65 19.53 18.45
C GLU D 162 7.60 19.85 17.28
N ILE D 163 7.40 20.97 16.57
CA ILE D 163 8.28 21.32 15.43
C ILE D 163 9.66 21.74 15.97
N ALA D 164 9.69 22.67 16.94
CA ALA D 164 10.93 23.16 17.54
C ALA D 164 11.83 22.05 18.08
N SER D 165 11.25 21.03 18.74
CA SER D 165 12.03 19.91 19.28
C SER D 165 12.59 19.02 18.17
N ALA D 166 11.83 18.79 17.10
CA ALA D 166 12.27 17.96 15.97
C ALA D 166 13.38 18.62 15.13
N ILE D 167 13.63 19.93 15.30
CA ILE D 167 14.66 20.64 14.53
C ILE D 167 16.04 20.09 14.93
N GLN D 168 16.79 19.58 13.94
CA GLN D 168 18.15 19.05 14.10
C GLN D 168 19.16 20.06 13.52
N ASP D 169 20.45 19.89 13.82
CA ASP D 169 21.50 20.77 13.31
C ASP D 169 21.63 20.76 11.78
N ASP D 170 21.19 19.69 11.10
CA ASP D 170 21.27 19.56 9.64
C ASP D 170 19.88 19.67 8.97
N THR D 171 18.94 20.45 9.53
CA THR D 171 17.61 20.58 8.94
C THR D 171 17.62 21.65 7.86
N GLY D 172 17.10 21.30 6.69
CA GLY D 172 17.02 22.18 5.54
C GLY D 172 15.67 22.83 5.38
N LEU D 173 14.58 22.10 5.68
CA LEU D 173 13.22 22.62 5.50
C LEU D 173 12.23 22.13 6.56
N VAL D 174 11.11 22.86 6.71
CA VAL D 174 9.98 22.54 7.57
C VAL D 174 8.78 22.51 6.61
N ILE D 175 8.30 21.31 6.25
CA ILE D 175 7.21 21.15 5.28
C ILE D 175 5.85 21.06 5.98
N VAL D 176 4.93 21.95 5.60
CA VAL D 176 3.56 22.08 6.15
C VAL D 176 2.56 22.24 4.98
N GLU D 177 1.32 21.79 5.18
CA GLU D 177 0.24 21.85 4.20
C GLU D 177 -1.06 22.17 4.93
N THR D 178 -1.79 23.23 4.51
CA THR D 178 -3.03 23.64 5.15
C THR D 178 -4.01 24.31 4.15
N PRO D 179 -5.28 23.86 4.01
CA PRO D 179 -5.92 22.69 4.63
C PRO D 179 -5.27 21.39 4.15
N ALA D 180 -5.08 20.42 5.05
CA ALA D 180 -4.42 19.16 4.70
C ALA D 180 -5.25 18.31 3.73
N ASN D 181 -4.58 17.47 2.94
CA ASN D 181 -5.23 16.58 2.00
C ASN D 181 -5.28 15.18 2.64
N PRO D 182 -6.44 14.51 2.88
CA PRO D 182 -7.85 14.89 2.59
C PRO D 182 -8.66 15.59 3.69
N SER D 183 -8.41 15.25 4.98
CA SER D 183 -9.12 15.73 6.18
C SER D 183 -9.39 17.25 6.30
N LEU D 184 -8.60 18.10 5.61
CA LEU D 184 -8.72 19.57 5.65
C LEU D 184 -8.40 20.14 7.04
N ASP D 185 -7.40 19.55 7.73
CA ASP D 185 -6.96 20.02 9.02
C ASP D 185 -6.13 21.29 8.80
N LEU D 186 -6.39 22.35 9.58
CA LEU D 186 -5.68 23.62 9.43
C LEU D 186 -4.45 23.67 10.34
N VAL D 187 -3.45 24.47 9.93
CA VAL D 187 -2.18 24.65 10.64
C VAL D 187 -1.92 26.14 10.84
N ASP D 188 -1.62 26.59 12.08
CA ASP D 188 -1.32 27.98 12.35
C ASP D 188 0.10 28.26 11.83
N LEU D 189 0.20 28.97 10.70
CA LEU D 189 1.48 29.26 10.05
C LEU D 189 2.35 30.24 10.84
N ASP D 190 1.74 31.15 11.60
CA ASP D 190 2.50 32.10 12.40
C ASP D 190 3.30 31.38 13.49
N SER D 191 2.68 30.39 14.15
CA SER D 191 3.34 29.60 15.19
C SER D 191 4.40 28.65 14.62
N VAL D 192 4.18 28.13 13.40
CA VAL D 192 5.13 27.24 12.73
C VAL D 192 6.43 27.99 12.42
N VAL D 193 6.33 29.20 11.87
CA VAL D 193 7.51 30.01 11.54
C VAL D 193 8.30 30.33 12.81
N ALA D 194 7.60 30.66 13.90
CA ALA D 194 8.24 30.92 15.19
C ALA D 194 8.98 29.69 15.72
N ALA D 195 8.37 28.50 15.58
CA ALA D 195 8.98 27.25 16.03
C ALA D 195 10.21 26.87 15.18
N ALA D 196 10.14 27.08 13.86
CA ALA D 196 11.24 26.77 12.96
C ALA D 196 12.44 27.69 13.21
N GLY D 197 12.18 28.98 13.45
CA GLY D 197 13.22 29.95 13.73
C GLY D 197 14.03 30.28 12.48
N THR D 198 15.30 29.85 12.45
CA THR D 198 16.19 30.10 11.32
C THR D 198 16.00 29.10 10.17
N VAL D 199 15.25 28.01 10.37
CA VAL D 199 15.05 27.00 9.32
C VAL D 199 13.96 27.51 8.36
N PRO D 200 14.17 27.50 7.03
CA PRO D 200 13.12 27.99 6.12
C PRO D 200 11.91 27.06 6.08
N VAL D 201 10.70 27.63 5.95
CA VAL D 201 9.45 26.88 5.96
C VAL D 201 8.84 26.78 4.55
N LEU D 202 8.56 25.54 4.09
CA LEU D 202 7.89 25.31 2.82
C LEU D 202 6.43 24.99 3.12
N VAL D 203 5.50 25.77 2.54
CA VAL D 203 4.05 25.58 2.74
C VAL D 203 3.42 25.20 1.41
N ASP D 204 2.71 24.07 1.37
CA ASP D 204 2.01 23.61 0.18
C ASP D 204 0.64 24.28 0.16
N ASN D 205 0.50 25.37 -0.62
CA ASN D 205 -0.73 26.17 -0.72
C ASN D 205 -1.58 25.79 -1.95
N THR D 206 -1.65 24.50 -2.29
CA THR D 206 -2.41 24.02 -3.45
C THR D 206 -3.93 24.22 -3.26
N PHE D 207 -4.46 23.81 -2.11
CA PHE D 207 -5.89 23.87 -1.81
C PHE D 207 -6.45 25.30 -1.65
N CYS D 208 -5.73 26.18 -0.92
CA CYS D 208 -6.20 27.55 -0.69
C CYS D 208 -5.96 28.47 -1.88
N THR D 209 -4.80 28.33 -2.58
CA THR D 209 -4.39 29.17 -3.73
C THR D 209 -4.05 30.62 -3.26
N PRO D 210 -3.33 31.45 -4.05
CA PRO D 210 -3.06 32.84 -3.58
C PRO D 210 -4.29 33.71 -3.37
N VAL D 211 -5.50 33.23 -3.75
CA VAL D 211 -6.74 33.97 -3.57
C VAL D 211 -7.10 34.02 -2.08
N LEU D 212 -6.99 32.86 -1.41
CA LEU D 212 -7.36 32.71 0.01
C LEU D 212 -6.20 32.85 0.99
N GLN D 213 -5.01 32.31 0.65
CA GLN D 213 -3.88 32.31 1.57
C GLN D 213 -2.59 32.74 0.88
N GLN D 214 -1.72 33.43 1.62
CA GLN D 214 -0.40 33.88 1.15
C GLN D 214 0.59 33.57 2.28
N PRO D 215 1.14 32.34 2.35
CA PRO D 215 2.08 32.02 3.44
C PRO D 215 3.31 32.92 3.57
N ILE D 216 3.78 33.55 2.48
CA ILE D 216 4.95 34.44 2.50
C ILE D 216 4.69 35.59 3.51
N ARG D 217 3.47 36.14 3.53
CA ARG D 217 3.06 37.19 4.46
C ARG D 217 3.21 36.76 5.94
N HIS D 218 2.93 35.48 6.24
CA HIS D 218 3.07 34.93 7.59
C HIS D 218 4.53 34.56 7.97
N GLY D 219 5.49 34.73 7.04
CA GLY D 219 6.90 34.46 7.29
C GLY D 219 7.46 33.20 6.65
N ALA D 220 6.70 32.53 5.77
CA ALA D 220 7.20 31.32 5.11
C ALA D 220 8.22 31.71 4.04
N ALA D 221 9.19 30.83 3.78
CA ALA D 221 10.25 31.07 2.80
C ALA D 221 9.92 30.51 1.41
N LEU D 222 9.26 29.34 1.35
CA LEU D 222 8.91 28.70 0.07
C LEU D 222 7.43 28.34 0.06
N VAL D 223 6.73 28.55 -1.07
CA VAL D 223 5.31 28.23 -1.22
C VAL D 223 5.10 27.38 -2.47
N LEU D 224 4.80 26.09 -2.28
CA LEU D 224 4.59 25.15 -3.39
C LEU D 224 3.12 25.06 -3.77
N HIS D 225 2.86 24.98 -5.08
CA HIS D 225 1.52 24.84 -5.63
C HIS D 225 1.56 23.77 -6.70
N SER D 226 0.64 22.81 -6.63
CA SER D 226 0.50 21.84 -7.71
C SER D 226 -0.37 22.58 -8.71
N ALA D 227 0.26 23.23 -9.69
CA ALA D 227 -0.46 24.02 -10.70
C ALA D 227 -1.52 23.20 -11.45
N THR D 228 -1.34 21.87 -11.50
CA THR D 228 -2.30 20.91 -12.07
C THR D 228 -3.74 21.16 -11.54
N TYR D 230 -6.50 23.97 -9.72
CA TYR D 230 -6.90 25.37 -9.52
C TYR D 230 -6.15 26.39 -10.40
N LEU D 231 -4.81 26.36 -10.45
CA LEU D 231 -4.06 27.31 -11.28
C LEU D 231 -4.39 27.04 -12.76
N GLY D 232 -4.45 25.76 -13.16
CA GLY D 232 -4.89 25.37 -14.48
C GLY D 232 -6.40 25.52 -14.55
N GLY D 233 -7.08 24.85 -13.62
CA GLY D 233 -8.52 24.94 -13.46
C GLY D 233 -9.40 24.16 -14.41
N HIS D 234 -8.83 23.54 -15.46
CA HIS D 234 -9.61 22.79 -16.44
C HIS D 234 -9.17 21.32 -16.61
N GLY D 235 -8.34 20.81 -15.71
CA GLY D 235 -7.87 19.43 -15.75
C GLY D 235 -7.18 19.03 -17.04
N ASP D 236 -6.35 19.93 -17.59
CA ASP D 236 -5.65 19.67 -18.85
C ASP D 236 -4.22 20.23 -18.92
N ALA D 237 -3.61 20.56 -17.78
CA ALA D 237 -2.26 21.08 -17.75
C ALA D 237 -1.56 20.68 -16.46
N MET D 238 -0.61 19.75 -16.54
CA MET D 238 0.17 19.35 -15.36
C MET D 238 1.18 20.47 -15.08
N GLY D 239 1.53 20.64 -13.81
CA GLY D 239 2.51 21.67 -13.45
C GLY D 239 2.77 21.76 -11.97
N GLY D 240 3.89 22.39 -11.64
CA GLY D 240 4.35 22.60 -10.27
C GLY D 240 5.15 23.88 -10.20
N ILE D 241 5.04 24.65 -9.10
CA ILE D 241 5.74 25.94 -8.99
C ILE D 241 5.92 26.37 -7.53
N ILE D 242 7.15 26.86 -7.19
CA ILE D 242 7.47 27.32 -5.84
C ILE D 242 7.78 28.82 -5.86
N ALA D 243 6.94 29.62 -5.17
CA ALA D 243 7.16 31.05 -5.04
C ALA D 243 8.07 31.21 -3.83
N THR D 244 9.26 31.80 -4.02
CA THR D 244 10.26 31.92 -2.95
C THR D 244 11.22 33.13 -3.17
N ASN D 245 12.12 33.41 -2.19
CA ASN D 245 13.11 34.49 -2.30
C ASN D 245 14.18 34.16 -3.39
N SER D 246 15.05 35.13 -3.74
CA SER D 246 16.08 34.94 -4.75
C SER D 246 17.11 33.84 -4.46
N ASP D 247 17.45 33.60 -3.17
CA ASP D 247 18.40 32.55 -2.80
C ASP D 247 17.86 31.15 -3.14
N TRP D 248 16.65 30.81 -2.68
CA TRP D 248 16.07 29.49 -2.96
C TRP D 248 15.70 29.34 -4.44
N ALA D 249 15.27 30.42 -5.10
CA ALA D 249 14.93 30.36 -6.52
C ALA D 249 16.18 30.02 -7.35
N MET D 250 17.32 30.62 -6.99
CA MET D 250 18.59 30.35 -7.67
C MET D 250 18.99 28.89 -7.47
N ARG D 251 18.85 28.37 -6.24
CA ARG D 251 19.15 26.96 -5.94
C ARG D 251 18.22 26.00 -6.69
N LEU D 252 16.93 26.33 -6.78
CA LEU D 252 15.95 25.51 -7.49
C LEU D 252 16.24 25.49 -8.99
N ARG D 253 16.61 26.64 -9.57
CA ARG D 253 16.96 26.70 -10.99
C ARG D 253 18.27 25.94 -11.27
N GLN D 254 19.20 25.91 -10.30
CA GLN D 254 20.44 25.13 -10.42
C GLN D 254 20.11 23.63 -10.57
N VAL D 255 19.13 23.13 -9.78
CA VAL D 255 18.70 21.74 -9.83
C VAL D 255 17.93 21.51 -11.14
N ARG D 256 17.04 22.44 -11.53
CA ARG D 256 16.27 22.34 -12.77
C ARG D 256 17.15 22.26 -14.01
N ALA D 257 18.24 23.04 -14.07
CA ALA D 257 19.13 23.07 -15.23
C ALA D 257 19.82 21.74 -15.51
N ILE D 258 20.12 20.92 -14.49
CA ILE D 258 20.82 19.64 -14.67
C ILE D 258 19.87 18.42 -14.50
N THR D 259 18.76 18.52 -13.74
CA THR D 259 17.81 17.39 -13.62
C THR D 259 16.76 17.45 -14.74
N GLY D 260 16.40 18.64 -15.22
CA GLY D 260 15.53 18.82 -16.36
C GLY D 260 14.07 18.39 -16.27
N ALA D 261 13.40 18.60 -15.13
CA ALA D 261 11.96 18.30 -15.03
C ALA D 261 11.25 19.59 -15.45
N LEU D 262 11.28 19.86 -16.76
CA LEU D 262 10.77 21.11 -17.32
C LEU D 262 9.29 21.12 -17.62
N LEU D 263 8.69 22.30 -17.47
CA LEU D 263 7.30 22.55 -17.80
C LEU D 263 7.26 22.89 -19.29
N HIS D 264 6.44 22.19 -20.06
CA HIS D 264 6.36 22.39 -21.51
C HIS D 264 5.79 23.78 -21.85
N PRO D 265 6.26 24.50 -22.91
CA PRO D 265 5.70 25.83 -23.21
C PRO D 265 4.17 25.91 -23.32
N MET D 266 3.49 24.90 -23.90
CA MET D 266 2.02 24.94 -23.98
C MET D 266 1.40 24.71 -22.60
N GLY D 267 2.04 23.89 -21.76
CA GLY D 267 1.59 23.68 -20.39
C GLY D 267 1.68 24.97 -19.59
N ALA D 268 2.81 25.69 -19.74
CA ALA D 268 3.01 26.99 -19.09
C ALA D 268 2.01 28.02 -19.60
N TYR D 269 1.70 27.98 -20.90
CA TYR D 269 0.73 28.88 -21.49
C TYR D 269 -0.65 28.67 -20.87
N LEU D 270 -1.11 27.41 -20.74
CA LEU D 270 -2.43 27.12 -20.19
C LEU D 270 -2.52 27.40 -18.69
N LEU D 271 -1.41 27.25 -17.95
CA LEU D 271 -1.42 27.52 -16.51
C LEU D 271 -1.47 29.04 -16.29
N HIS D 272 -0.72 29.81 -17.09
CA HIS D 272 -0.73 31.27 -17.04
C HIS D 272 -2.12 31.78 -17.45
N ARG D 273 -2.72 31.16 -18.48
CA ARG D 273 -4.06 31.46 -18.99
C ARG D 273 -5.10 31.24 -17.87
N GLY D 274 -4.95 30.14 -17.13
CA GLY D 274 -5.83 29.81 -16.03
C GLY D 274 -5.77 30.77 -14.86
N LEU D 275 -4.60 31.38 -14.62
CA LEU D 275 -4.45 32.34 -13.53
C LEU D 275 -5.36 33.57 -13.72
N ARG D 276 -5.66 33.94 -14.97
CA ARG D 276 -6.51 35.09 -15.27
C ARG D 276 -7.93 34.92 -14.70
N THR D 277 -8.45 33.68 -14.73
CA THR D 277 -9.79 33.34 -14.22
C THR D 277 -9.76 32.67 -12.83
N LEU D 278 -8.60 32.63 -12.14
CA LEU D 278 -8.50 31.94 -10.85
C LEU D 278 -9.39 32.54 -9.75
N ALA D 279 -9.36 33.86 -9.56
CA ALA D 279 -10.18 34.51 -8.54
C ALA D 279 -11.67 34.32 -8.80
N VAL D 280 -12.08 34.41 -10.06
CA VAL D 280 -13.49 34.26 -10.43
C VAL D 280 -13.96 32.80 -10.26
N ARG D 281 -13.13 31.82 -10.65
CA ARG D 281 -13.48 30.40 -10.51
C ARG D 281 -13.49 29.97 -9.04
N MET D 282 -12.48 30.37 -8.26
CA MET D 282 -12.38 29.97 -6.86
C MET D 282 -13.57 30.49 -6.07
N ARG D 283 -13.93 31.77 -6.22
CA ARG D 283 -15.07 32.36 -5.52
C ARG D 283 -16.39 31.67 -5.88
N ALA D 284 -16.56 31.25 -7.14
CA ALA D 284 -17.78 30.56 -7.58
C ALA D 284 -17.88 29.16 -6.96
N ALA D 285 -16.77 28.40 -6.97
CA ALA D 285 -16.75 27.05 -6.39
C ALA D 285 -16.87 27.10 -4.86
N GLN D 286 -16.28 28.13 -4.23
CA GLN D 286 -16.33 28.34 -2.78
C GLN D 286 -17.77 28.58 -2.31
N THR D 287 -18.54 29.38 -3.06
CA THR D 287 -19.94 29.66 -2.73
C THR D 287 -20.76 28.37 -2.78
N THR D 288 -20.54 27.55 -3.81
CA THR D 288 -21.23 26.26 -3.98
C THR D 288 -20.83 25.30 -2.86
N ALA D 289 -19.54 25.24 -2.51
CA ALA D 289 -19.04 24.36 -1.45
C ALA D 289 -19.59 24.73 -0.06
N GLY D 290 -19.66 26.02 0.24
CA GLY D 290 -20.20 26.48 1.51
C GLY D 290 -21.65 26.07 1.70
N GLU D 291 -22.44 26.12 0.62
CA GLU D 291 -23.84 25.72 0.65
C GLU D 291 -23.98 24.19 0.71
N LEU D 292 -23.16 23.45 -0.10
CA LEU D 292 -23.20 21.98 -0.11
C LEU D 292 -22.82 21.37 1.26
N ALA D 293 -21.78 21.92 1.93
CA ALA D 293 -21.35 21.41 3.23
C ALA D 293 -22.48 21.44 4.26
N GLU D 294 -23.31 22.48 4.23
CA GLU D 294 -24.45 22.62 5.15
C GLU D 294 -25.61 21.72 4.76
N ARG D 295 -25.90 21.60 3.46
CA ARG D 295 -27.00 20.76 2.97
C ARG D 295 -26.72 19.27 3.20
N LEU D 296 -25.46 18.82 2.99
CA LEU D 296 -25.08 17.43 3.19
C LEU D 296 -25.02 17.05 4.69
N ALA D 297 -24.78 18.03 5.59
CA ALA D 297 -24.76 17.77 7.03
C ALA D 297 -26.13 17.32 7.54
N ALA D 298 -27.22 17.82 6.95
CA ALA D 298 -28.57 17.44 7.34
C ALA D 298 -28.93 15.99 6.97
N HIS D 299 -28.18 15.35 6.04
CA HIS D 299 -28.47 13.97 5.64
C HIS D 299 -28.08 13.01 6.78
N PRO D 300 -28.90 11.98 7.11
CA PRO D 300 -28.53 11.08 8.23
C PRO D 300 -27.39 10.11 7.93
N ALA D 301 -27.12 9.80 6.66
CA ALA D 301 -26.04 8.88 6.29
C ALA D 301 -24.64 9.44 6.58
N ILE D 302 -24.49 10.77 6.64
CA ILE D 302 -23.20 11.40 6.91
C ILE D 302 -23.11 11.76 8.41
N THR D 303 -22.03 11.31 9.08
CA THR D 303 -21.84 11.56 10.51
C THR D 303 -21.21 12.93 10.75
N ALA D 304 -20.18 13.29 9.96
CA ALA D 304 -19.49 14.57 10.12
C ALA D 304 -19.06 15.14 8.77
N VAL D 305 -19.20 16.47 8.60
CA VAL D 305 -18.81 17.18 7.39
C VAL D 305 -17.65 18.11 7.77
N HIS D 306 -16.48 17.92 7.14
CA HIS D 306 -15.31 18.74 7.38
C HIS D 306 -15.22 19.83 6.32
N TYR D 307 -15.25 21.09 6.74
CA TYR D 307 -15.14 22.26 5.84
C TYR D 307 -14.62 23.43 6.67
N PRO D 308 -13.50 24.12 6.32
CA PRO D 308 -13.02 25.22 7.18
C PRO D 308 -14.07 26.25 7.61
N GLY D 309 -14.94 26.64 6.67
CA GLY D 309 -16.02 27.60 6.89
C GLY D 309 -17.11 27.19 7.86
N LEU D 310 -17.29 25.87 8.10
CA LEU D 310 -18.33 25.39 9.03
C LEU D 310 -18.01 25.76 10.47
N ASN D 311 -19.07 25.93 11.29
CA ASN D 311 -18.92 26.29 12.70
C ASN D 311 -18.33 25.12 13.51
N GLY D 312 -17.53 25.44 14.52
CA GLY D 312 -16.88 24.45 15.37
C GLY D 312 -15.80 23.64 14.67
N GLN D 313 -15.23 24.16 13.57
CA GLN D 313 -14.18 23.50 12.78
C GLN D 313 -12.85 24.32 12.73
N ASP D 314 -12.79 25.46 13.42
CA ASP D 314 -11.64 26.37 13.46
C ASP D 314 -11.64 27.14 14.78
N PRO D 315 -11.12 26.56 15.90
CA PRO D 315 -11.13 27.29 17.18
C PRO D 315 -10.06 28.38 17.32
N ARG D 316 -8.99 28.33 16.49
CA ARG D 316 -7.90 29.32 16.57
C ARG D 316 -8.15 30.64 15.81
N GLY D 317 -9.28 30.76 15.12
CA GLY D 317 -9.59 31.97 14.39
C GLY D 317 -8.71 32.19 13.18
N LEU D 318 -8.33 31.09 12.50
CA LEU D 318 -7.50 31.16 11.30
C LEU D 318 -8.32 31.70 10.11
N LEU D 319 -9.64 31.44 10.06
CA LEU D 319 -10.49 32.00 9.02
C LEU D 319 -10.62 33.48 9.31
N GLY D 320 -9.81 34.28 8.64
CA GLY D 320 -9.83 35.72 8.82
C GLY D 320 -8.43 36.25 8.96
N ARG D 321 -7.61 35.58 9.78
CA ARG D 321 -6.20 35.95 9.98
C ARG D 321 -5.32 35.36 8.87
N GLN D 322 -5.53 34.08 8.53
CA GLN D 322 -4.74 33.33 7.57
C GLN D 322 -5.48 33.07 6.25
N MET D 323 -6.75 32.63 6.31
CA MET D 323 -7.55 32.28 5.14
C MET D 323 -8.69 33.25 4.93
N SER D 324 -8.80 33.87 3.74
CA SER D 324 -9.92 34.77 3.44
C SER D 324 -11.16 34.05 2.90
N GLY D 325 -11.21 32.71 2.99
CA GLY D 325 -12.35 31.94 2.51
C GLY D 325 -12.27 30.49 2.92
N GLY D 326 -13.41 29.81 2.88
CA GLY D 326 -13.52 28.41 3.26
C GLY D 326 -12.93 27.39 2.30
N GLY D 327 -12.78 27.75 1.03
CA GLY D 327 -12.24 26.86 0.02
C GLY D 327 -13.32 26.16 -0.79
N ALA D 328 -12.90 25.26 -1.69
CA ALA D 328 -13.82 24.50 -2.54
C ALA D 328 -13.68 22.97 -2.37
N MET D 329 -13.09 22.51 -1.25
CA MET D 329 -12.90 21.09 -0.95
C MET D 329 -13.74 20.71 0.26
N ILE D 330 -14.35 19.50 0.25
CA ILE D 330 -15.17 19.02 1.36
C ILE D 330 -14.88 17.55 1.61
N ALA D 331 -14.43 17.20 2.82
CA ALA D 331 -14.23 15.80 3.22
C ALA D 331 -15.36 15.42 4.18
N LEU D 332 -15.88 14.18 4.12
CA LEU D 332 -16.98 13.77 4.99
C LEU D 332 -16.94 12.29 5.36
N GLU D 333 -17.27 11.98 6.63
CA GLU D 333 -17.31 10.61 7.14
C GLU D 333 -18.71 10.05 7.00
N LEU D 334 -18.85 8.79 6.53
CA LEU D 334 -20.14 8.14 6.36
C LEU D 334 -20.39 7.13 7.49
N ALA D 335 -21.66 6.93 7.84
CA ALA D 335 -22.03 6.03 8.93
C ALA D 335 -21.92 4.52 8.66
N GLY D 336 -21.52 4.09 7.48
CA GLY D 336 -21.35 2.67 7.19
C GLY D 336 -19.91 2.23 6.91
N GLY D 337 -18.96 3.13 7.06
CA GLY D 337 -17.56 2.81 6.83
C GLY D 337 -17.23 2.64 5.36
N PHE D 338 -16.41 1.63 5.04
CA PHE D 338 -15.98 1.35 3.67
C PHE D 338 -17.15 1.01 2.73
N ASP D 339 -18.11 0.19 3.17
CA ASP D 339 -19.22 -0.22 2.31
C ASP D 339 -20.07 0.97 1.84
N ALA D 340 -20.42 1.89 2.76
CA ALA D 340 -21.20 3.08 2.40
C ALA D 340 -20.39 4.02 1.53
N ALA D 341 -19.11 4.20 1.84
CA ALA D 341 -18.20 5.06 1.06
C ALA D 341 -18.03 4.52 -0.37
N ARG D 342 -17.90 3.20 -0.51
CA ARG D 342 -17.74 2.53 -1.80
C ARG D 342 -19.01 2.69 -2.65
N SER D 343 -20.19 2.47 -2.05
CA SER D 343 -21.47 2.57 -2.74
C SER D 343 -21.78 4.01 -3.17
N PHE D 344 -21.51 4.98 -2.28
CA PHE D 344 -21.75 6.41 -2.55
C PHE D 344 -20.99 6.91 -3.78
N VAL D 345 -19.69 6.56 -3.92
CA VAL D 345 -18.92 7.01 -5.07
C VAL D 345 -19.30 6.25 -6.36
N GLU D 346 -19.65 4.93 -6.28
CA GLU D 346 -20.06 4.20 -7.47
C GLU D 346 -21.44 4.63 -8.00
N HIS D 347 -22.36 5.07 -7.12
CA HIS D 347 -23.70 5.49 -7.56
C HIS D 347 -23.77 6.95 -8.05
N CYS D 348 -22.66 7.71 -8.00
CA CYS D 348 -22.65 9.09 -8.51
C CYS D 348 -22.65 9.04 -10.04
N SER D 349 -23.47 9.89 -10.69
CA SER D 349 -23.56 9.94 -12.16
C SER D 349 -22.99 11.28 -12.70
N LEU D 350 -23.50 12.42 -12.22
CA LEU D 350 -23.04 13.74 -12.63
C LEU D 350 -21.66 14.00 -12.01
N VAL D 351 -21.52 13.72 -10.70
CA VAL D 351 -20.23 13.86 -10.01
C VAL D 351 -19.40 12.66 -10.46
N VAL D 352 -18.19 12.91 -10.98
CA VAL D 352 -17.33 11.86 -11.53
C VAL D 352 -16.34 11.30 -10.49
N HIS D 353 -16.28 9.97 -10.36
CA HIS D 353 -15.34 9.32 -9.45
C HIS D 353 -13.96 9.28 -10.08
N ALA D 354 -13.08 10.20 -9.66
CA ALA D 354 -11.72 10.32 -10.17
C ALA D 354 -10.82 11.04 -9.16
N VAL D 355 -9.51 10.80 -9.25
CA VAL D 355 -8.54 11.50 -8.39
C VAL D 355 -8.36 12.96 -8.92
N SER D 356 -7.61 13.82 -8.21
CA SER D 356 -7.36 15.22 -8.60
C SER D 356 -8.49 16.16 -8.14
N LEU D 357 -8.25 17.48 -8.24
CA LEU D 357 -9.17 18.51 -7.76
C LEU D 357 -8.93 19.86 -8.50
N GLY D 358 -9.71 20.89 -8.16
CA GLY D 358 -9.56 22.22 -8.73
C GLY D 358 -10.08 22.44 -10.14
N GLY D 359 -10.67 21.42 -10.74
CA GLY D 359 -11.21 21.54 -12.09
C GLY D 359 -12.58 22.17 -12.16
N ALA D 360 -13.09 22.38 -13.38
CA ALA D 360 -14.40 22.96 -13.60
C ALA D 360 -15.54 22.01 -13.19
N ASP D 361 -15.29 20.68 -13.17
CA ASP D 361 -16.28 19.68 -12.80
C ASP D 361 -16.03 19.14 -11.38
N THR D 362 -17.10 18.65 -10.74
CA THR D 362 -17.04 18.11 -9.39
C THR D 362 -16.56 16.67 -9.42
N LEU D 363 -15.49 16.37 -8.66
CA LEU D 363 -14.92 15.03 -8.57
C LEU D 363 -15.06 14.48 -7.15
N ILE D 364 -15.09 13.14 -7.04
CA ILE D 364 -15.25 12.45 -5.76
C ILE D 364 -14.29 11.26 -5.70
N GLN D 365 -13.78 10.92 -4.49
CA GLN D 365 -12.85 9.80 -4.33
C GLN D 365 -12.86 9.21 -2.92
N HIS D 366 -12.33 7.98 -2.77
CA HIS D 366 -12.20 7.28 -1.51
C HIS D 366 -10.71 7.35 -1.14
N PRO D 367 -10.25 8.33 -0.32
CA PRO D 367 -8.80 8.43 -0.03
C PRO D 367 -8.11 7.18 0.52
N ALA D 368 -8.84 6.22 1.11
CA ALA D 368 -8.23 5.00 1.63
C ALA D 368 -7.82 4.05 0.50
N SER D 369 -8.68 3.87 -0.51
CA SER D 369 -8.41 2.96 -1.63
C SER D 369 -7.45 3.59 -2.66
N LEU D 370 -7.87 4.66 -3.35
CA LEU D 370 -7.00 5.35 -4.30
C LEU D 370 -6.11 6.37 -3.53
N THR D 371 -5.05 6.89 -4.18
CA THR D 371 -4.07 7.84 -3.60
C THR D 371 -3.70 7.53 -2.13
N ALA D 377 -0.69 0.62 4.59
CA ALA D 377 -1.36 1.05 5.81
C ALA D 377 -0.51 2.14 6.52
N THR D 378 -0.13 3.20 5.77
CA THR D 378 0.74 4.24 6.32
C THR D 378 -0.03 5.48 6.78
N ALA D 379 -0.40 5.55 8.11
CA ALA D 379 -1.13 6.66 8.74
C ALA D 379 -2.30 7.13 7.85
N LYS D 380 -3.06 6.15 7.36
CA LYS D 380 -4.13 6.37 6.39
C LYS D 380 -5.32 7.12 6.96
N PRO D 381 -6.07 7.88 6.14
CA PRO D 381 -7.33 8.46 6.63
C PRO D 381 -8.39 7.37 6.87
N GLY D 382 -9.48 7.74 7.52
CA GLY D 382 -10.56 6.79 7.80
C GLY D 382 -11.21 6.22 6.55
N ASP D 383 -11.74 4.99 6.65
CA ASP D 383 -12.41 4.33 5.52
C ASP D 383 -13.74 5.00 5.17
N GLY D 384 -14.43 5.56 6.16
CA GLY D 384 -15.66 6.28 5.93
C GLY D 384 -15.47 7.65 5.30
N LEU D 385 -14.22 8.18 5.27
CA LEU D 385 -13.94 9.51 4.73
C LEU D 385 -13.98 9.51 3.20
N ILE D 386 -14.60 10.57 2.64
CA ILE D 386 -14.75 10.77 1.20
C ILE D 386 -14.38 12.22 0.90
N ARG D 387 -13.42 12.44 -0.01
CA ARG D 387 -13.01 13.79 -0.41
C ARG D 387 -13.82 14.19 -1.65
N LEU D 388 -14.26 15.45 -1.70
CA LEU D 388 -15.10 15.96 -2.77
C LEU D 388 -14.60 17.33 -3.23
N SER D 389 -14.14 17.43 -4.48
CA SER D 389 -13.68 18.69 -5.07
C SER D 389 -14.88 19.35 -5.74
N VAL D 390 -15.29 20.53 -5.28
CA VAL D 390 -16.46 21.21 -5.84
C VAL D 390 -16.08 22.03 -7.07
N GLY D 391 -16.81 21.81 -8.16
CA GLY D 391 -16.60 22.51 -9.43
C GLY D 391 -17.46 23.74 -9.59
N LEU D 392 -17.83 24.08 -10.84
CA LEU D 392 -18.62 25.26 -11.17
C LEU D 392 -20.05 24.92 -11.61
N GLU D 393 -20.60 23.76 -11.18
CA GLU D 393 -21.98 23.39 -11.53
C GLU D 393 -22.97 24.06 -10.56
N HIS D 394 -24.28 24.01 -10.89
CA HIS D 394 -25.30 24.59 -10.02
C HIS D 394 -25.35 23.81 -8.70
N VAL D 395 -25.68 24.52 -7.62
CA VAL D 395 -25.70 23.93 -6.27
C VAL D 395 -26.81 22.87 -6.14
N ASP D 396 -27.99 23.11 -6.73
CA ASP D 396 -29.10 22.17 -6.65
C ASP D 396 -28.82 20.87 -7.41
N ASP D 397 -28.25 20.95 -8.61
CA ASP D 397 -27.95 19.74 -9.40
C ASP D 397 -26.90 18.86 -8.72
N LEU D 398 -25.93 19.45 -8.01
CA LEU D 398 -24.91 18.67 -7.32
C LEU D 398 -25.51 17.97 -6.10
N GLU D 399 -26.35 18.71 -5.35
CA GLU D 399 -27.08 18.21 -4.19
C GLU D 399 -27.93 16.98 -4.57
N ASP D 400 -28.71 17.08 -5.66
CA ASP D 400 -29.61 16.03 -6.14
C ASP D 400 -28.87 14.75 -6.50
N ASP D 401 -27.71 14.88 -7.15
CA ASP D 401 -26.90 13.72 -7.54
C ASP D 401 -26.27 13.03 -6.31
N LEU D 402 -25.75 13.81 -5.36
CA LEU D 402 -25.12 13.23 -4.16
C LEU D 402 -26.16 12.58 -3.25
N ILE D 403 -27.37 13.17 -3.13
CA ILE D 403 -28.44 12.59 -2.32
C ILE D 403 -28.90 11.28 -2.96
N ALA D 404 -29.04 11.23 -4.31
CA ALA D 404 -29.43 10.01 -5.01
C ALA D 404 -28.43 8.88 -4.77
N ALA D 405 -27.12 9.20 -4.75
CA ALA D 405 -26.06 8.21 -4.50
C ALA D 405 -26.09 7.72 -3.04
N LEU D 406 -26.38 8.61 -2.08
CA LEU D 406 -26.45 8.23 -0.67
C LEU D 406 -27.67 7.33 -0.42
N ASP D 407 -28.82 7.67 -1.04
CA ASP D 407 -30.05 6.88 -0.90
C ASP D 407 -29.97 5.52 -1.61
N ALA D 408 -29.06 5.35 -2.58
CA ALA D 408 -28.90 4.08 -3.30
C ALA D 408 -28.25 2.97 -2.44
N SER D 409 -27.84 3.26 -1.17
CA SER D 409 -27.23 2.26 -0.29
C SER D 409 -28.29 1.59 0.58
N SER E 23 -33.53 -11.99 20.20
CA SER E 23 -34.63 -12.30 21.12
C SER E 23 -34.24 -13.30 22.22
N MET E 24 -32.96 -13.68 22.33
CA MET E 24 -32.51 -14.64 23.35
C MET E 24 -32.05 -13.89 24.61
N HIS E 25 -32.24 -14.50 25.78
CA HIS E 25 -31.80 -13.93 27.06
C HIS E 25 -30.26 -13.96 27.17
N PRO E 26 -29.61 -13.13 28.04
CA PRO E 26 -28.14 -13.21 28.15
C PRO E 26 -27.59 -14.56 28.60
N GLU E 27 -28.35 -15.32 29.40
CA GLU E 27 -27.92 -16.64 29.87
C GLU E 27 -27.81 -17.64 28.70
N THR E 28 -28.74 -17.57 27.74
CA THR E 28 -28.71 -18.42 26.55
C THR E 28 -27.58 -17.99 25.63
N LEU E 29 -27.40 -16.66 25.44
CA LEU E 29 -26.33 -16.10 24.60
C LEU E 29 -24.93 -16.48 25.09
N MET E 30 -24.77 -16.74 26.42
CA MET E 30 -23.49 -17.14 27.01
C MET E 30 -23.05 -18.51 26.45
N VAL E 31 -24.00 -19.46 26.38
CA VAL E 31 -23.73 -20.83 25.94
C VAL E 31 -23.57 -20.94 24.43
N HIS E 32 -24.51 -20.36 23.65
CA HIS E 32 -24.48 -20.49 22.19
C HIS E 32 -23.79 -19.35 21.43
N GLY E 33 -23.24 -18.36 22.12
CA GLY E 33 -22.57 -17.25 21.47
C GLY E 33 -21.27 -17.67 20.82
N GLY E 34 -21.10 -17.28 19.56
CA GLY E 34 -19.90 -17.64 18.80
C GLY E 34 -19.80 -19.11 18.46
N MET E 35 -20.93 -19.83 18.47
CA MET E 35 -20.99 -21.27 18.16
C MET E 35 -21.83 -21.51 16.88
N ASP E 36 -21.82 -20.56 15.93
CA ASP E 36 -22.61 -20.67 14.71
C ASP E 36 -21.91 -21.58 13.70
N GLY E 37 -22.67 -22.44 13.04
CA GLY E 37 -22.15 -23.36 12.04
C GLY E 37 -21.51 -24.63 12.56
N LEU E 38 -21.30 -24.76 13.88
CA LEU E 38 -20.68 -25.96 14.44
C LEU E 38 -21.67 -27.14 14.40
N THR E 39 -22.94 -26.90 14.73
CA THR E 39 -23.97 -27.95 14.68
C THR E 39 -24.18 -28.44 13.24
N GLU E 40 -24.08 -27.53 12.25
CA GLU E 40 -24.23 -27.89 10.83
C GLU E 40 -23.03 -28.72 10.36
N ALA E 41 -21.82 -28.43 10.87
CA ALA E 41 -20.61 -29.19 10.55
C ALA E 41 -20.49 -30.54 11.31
N GLY E 42 -21.44 -30.86 12.19
CA GLY E 42 -21.45 -32.10 12.94
C GLY E 42 -20.44 -32.14 14.08
N VAL E 43 -20.17 -30.99 14.72
CA VAL E 43 -19.23 -30.89 15.85
C VAL E 43 -19.92 -30.18 17.04
N HIS E 44 -19.42 -30.43 18.26
CA HIS E 44 -20.01 -29.88 19.50
C HIS E 44 -19.34 -28.58 19.97
N VAL E 45 -18.00 -28.56 20.01
CA VAL E 45 -17.22 -27.39 20.47
C VAL E 45 -16.29 -26.89 19.33
N PRO E 46 -15.85 -25.60 19.30
CA PRO E 46 -14.97 -25.17 18.20
C PRO E 46 -13.60 -25.82 18.26
N ALA E 47 -13.05 -26.20 17.12
CA ALA E 47 -11.74 -26.85 17.06
C ALA E 47 -10.61 -25.85 17.27
N ILE E 48 -9.48 -26.31 17.81
CA ILE E 48 -8.31 -25.47 18.05
C ILE E 48 -7.38 -25.61 16.85
N ASP E 49 -7.35 -24.60 15.96
CA ASP E 49 -6.50 -24.62 14.78
C ASP E 49 -5.20 -23.88 15.11
N LEU E 50 -4.13 -24.64 15.35
CA LEU E 50 -2.82 -24.05 15.69
C LEU E 50 -2.05 -23.48 14.49
N SER E 51 -2.55 -23.66 13.26
CA SER E 51 -1.89 -23.18 12.03
C SER E 51 -1.38 -21.75 12.11
N THR E 52 -0.07 -21.55 11.85
CA THR E 52 0.54 -20.22 11.83
C THR E 52 0.25 -19.56 10.49
N THR E 53 0.37 -20.32 9.40
CA THR E 53 0.09 -19.85 8.04
C THR E 53 -1.18 -20.50 7.50
N ASN E 54 -1.83 -19.84 6.52
CA ASN E 54 -3.07 -20.32 5.92
C ASN E 54 -2.94 -20.25 4.38
N PRO E 55 -2.89 -21.39 3.65
CA PRO E 55 -2.74 -21.31 2.18
C PRO E 55 -3.79 -20.50 1.44
N VAL E 56 -3.40 -19.97 0.27
CA VAL E 56 -4.28 -19.14 -0.58
C VAL E 56 -4.57 -19.85 -1.91
N ASN E 57 -5.73 -19.56 -2.52
CA ASN E 57 -6.13 -20.19 -3.78
C ASN E 57 -5.28 -19.69 -4.96
N ASP E 58 -5.06 -18.38 -5.06
CA ASP E 58 -4.26 -17.79 -6.13
C ASP E 58 -3.60 -16.47 -5.64
N VAL E 59 -2.67 -15.92 -6.45
CA VAL E 59 -1.93 -14.71 -6.09
C VAL E 59 -2.88 -13.50 -5.96
N ALA E 60 -3.84 -13.35 -6.89
CA ALA E 60 -4.77 -12.23 -6.85
C ALA E 60 -5.64 -12.20 -5.59
N THR E 61 -6.32 -13.32 -5.24
CA THR E 61 -7.16 -13.35 -4.03
C THR E 61 -6.33 -13.36 -2.76
N GLY E 62 -5.19 -14.03 -2.78
CA GLY E 62 -4.28 -14.08 -1.64
C GLY E 62 -3.73 -12.72 -1.27
N GLY E 63 -3.32 -11.96 -2.27
CA GLY E 63 -2.80 -10.61 -2.09
C GLY E 63 -3.85 -9.64 -1.61
N ASP E 64 -5.07 -9.75 -2.16
CA ASP E 64 -6.18 -8.87 -1.77
C ASP E 64 -6.62 -9.18 -0.33
N SER E 65 -6.70 -10.48 0.04
CA SER E 65 -7.06 -10.86 1.40
C SER E 65 -5.98 -10.39 2.39
N TYR E 66 -4.70 -10.42 1.99
CA TYR E 66 -3.60 -9.94 2.82
C TYR E 66 -3.78 -8.44 3.12
N GLU E 67 -4.00 -7.61 2.08
CA GLU E 67 -4.16 -6.17 2.22
C GLU E 67 -5.42 -5.83 3.03
N TRP E 68 -6.50 -6.59 2.78
CA TRP E 68 -7.77 -6.41 3.49
C TRP E 68 -7.59 -6.58 5.00
N LEU E 69 -6.89 -7.64 5.43
CA LEU E 69 -6.68 -7.91 6.86
C LEU E 69 -5.58 -7.04 7.47
N ALA E 70 -4.52 -6.70 6.70
CA ALA E 70 -3.44 -5.83 7.21
C ALA E 70 -3.96 -4.43 7.53
N THR E 71 -4.93 -3.93 6.73
CA THR E 71 -5.55 -2.63 6.97
C THR E 71 -6.68 -2.66 8.03
N GLY E 72 -6.71 -3.70 8.87
CA GLY E 72 -7.66 -3.83 9.97
C GLY E 72 -9.06 -4.32 9.68
N HIS E 73 -9.38 -4.76 8.45
CA HIS E 73 -10.72 -5.23 8.14
C HIS E 73 -10.96 -6.65 8.64
N ALA E 74 -12.24 -7.00 8.90
CA ALA E 74 -12.60 -8.34 9.33
C ALA E 74 -12.54 -9.32 8.14
N LEU E 75 -12.36 -10.61 8.42
CA LEU E 75 -12.26 -11.62 7.38
C LEU E 75 -13.59 -11.85 6.67
N LYS E 76 -13.56 -11.83 5.33
CA LYS E 76 -14.75 -12.11 4.52
C LYS E 76 -14.98 -13.62 4.51
N ASP E 77 -16.25 -14.05 4.49
CA ASP E 77 -16.57 -15.48 4.47
C ASP E 77 -16.07 -16.12 3.17
N GLY E 78 -15.39 -17.27 3.30
CA GLY E 78 -14.83 -17.99 2.17
C GLY E 78 -13.38 -17.63 1.88
N ASP E 79 -12.93 -16.42 2.30
CA ASP E 79 -11.55 -15.98 2.07
C ASP E 79 -10.58 -16.65 3.04
N SER E 80 -9.31 -16.78 2.61
CA SER E 80 -8.27 -17.38 3.44
C SER E 80 -7.79 -16.40 4.50
N ALA E 81 -7.46 -16.90 5.69
CA ALA E 81 -6.94 -16.07 6.78
C ALA E 81 -5.52 -15.53 6.51
N VAL E 82 -4.79 -16.13 5.52
CA VAL E 82 -3.43 -15.78 5.06
C VAL E 82 -2.35 -16.11 6.15
N TYR E 83 -2.44 -15.48 7.32
CA TYR E 83 -1.48 -15.66 8.41
C TYR E 83 -2.18 -15.42 9.75
N GLN E 84 -1.68 -16.05 10.83
CA GLN E 84 -2.28 -15.94 12.16
C GLN E 84 -2.23 -14.51 12.72
N ARG E 85 -1.17 -13.75 12.42
CA ARG E 85 -1.08 -12.36 12.88
C ARG E 85 -2.12 -11.43 12.19
N LEU E 86 -2.73 -11.89 11.08
CA LEU E 86 -3.76 -11.17 10.35
C LEU E 86 -5.15 -11.64 10.80
N TRP E 87 -5.36 -12.97 10.94
CA TRP E 87 -6.64 -13.52 11.37
C TRP E 87 -6.49 -14.96 11.89
N GLN E 88 -7.33 -15.34 12.87
CA GLN E 88 -7.35 -16.70 13.41
C GLN E 88 -8.83 -17.04 13.72
N PRO E 89 -9.35 -18.23 13.31
CA PRO E 89 -10.79 -18.50 13.50
C PRO E 89 -11.29 -18.68 14.93
N GLY E 90 -10.50 -19.33 15.78
CA GLY E 90 -10.85 -19.54 17.18
C GLY E 90 -10.94 -18.24 17.96
N VAL E 91 -10.03 -17.30 17.66
CA VAL E 91 -10.01 -15.96 18.26
C VAL E 91 -11.28 -15.23 17.81
N ALA E 92 -11.57 -15.26 16.50
CA ALA E 92 -12.76 -14.63 15.90
C ALA E 92 -14.07 -15.14 16.52
N ARG E 93 -14.16 -16.43 16.89
CA ARG E 93 -15.35 -16.98 17.53
C ARG E 93 -15.54 -16.38 18.92
N PHE E 94 -14.45 -16.25 19.68
CA PHE E 94 -14.48 -15.63 21.01
C PHE E 94 -14.85 -14.13 20.90
N GLU E 95 -14.35 -13.46 19.86
CA GLU E 95 -14.63 -12.06 19.59
C GLU E 95 -16.12 -11.83 19.31
N THR E 96 -16.72 -12.66 18.44
CA THR E 96 -18.15 -12.52 18.11
C THR E 96 -19.05 -12.89 19.31
N ALA E 97 -18.59 -13.79 20.19
CA ALA E 97 -19.34 -14.18 21.38
C ALA E 97 -19.47 -13.02 22.38
N LEU E 98 -18.36 -12.30 22.66
CA LEU E 98 -18.41 -11.19 23.61
C LEU E 98 -19.12 -9.97 23.02
N ALA E 99 -18.92 -9.68 21.72
CA ALA E 99 -19.58 -8.55 21.06
C ALA E 99 -21.12 -8.64 21.18
N GLU E 100 -21.68 -9.85 21.07
CA GLU E 100 -23.13 -10.04 21.22
C GLU E 100 -23.59 -9.77 22.65
N LEU E 101 -22.76 -10.11 23.65
CA LEU E 101 -23.10 -9.89 25.05
C LEU E 101 -23.08 -8.39 25.40
N GLU E 102 -22.03 -7.68 24.97
CA GLU E 102 -21.91 -6.24 25.22
C GLU E 102 -22.76 -5.37 24.26
N HIS E 103 -23.48 -5.99 23.29
CA HIS E 103 -24.28 -5.27 22.29
C HIS E 103 -23.42 -4.37 21.39
N ALA E 104 -22.17 -4.81 21.11
CA ALA E 104 -21.22 -4.09 20.26
C ALA E 104 -21.21 -4.69 18.85
N ASP E 105 -20.78 -3.90 17.85
CA ASP E 105 -20.73 -4.37 16.47
C ASP E 105 -19.66 -5.46 16.32
N GLU E 106 -18.43 -5.18 16.79
CA GLU E 106 -17.29 -6.10 16.68
C GLU E 106 -16.44 -6.09 17.98
N ALA E 107 -15.47 -7.00 18.09
CA ALA E 107 -14.55 -7.07 19.23
C ALA E 107 -13.16 -7.52 18.75
N VAL E 108 -12.09 -7.07 19.42
CA VAL E 108 -10.70 -7.41 19.06
C VAL E 108 -10.02 -7.98 20.30
N ALA E 109 -9.45 -9.21 20.19
CA ALA E 109 -8.79 -9.90 21.30
C ALA E 109 -7.27 -9.84 21.19
N PHE E 110 -6.59 -9.83 22.35
CA PHE E 110 -5.12 -9.76 22.47
C PHE E 110 -4.61 -10.72 23.58
N ALA E 111 -3.28 -10.85 23.73
CA ALA E 111 -2.64 -11.74 24.70
C ALA E 111 -3.06 -11.49 26.15
N THR E 112 -3.14 -10.21 26.58
CA THR E 112 -3.50 -9.80 27.95
C THR E 112 -4.40 -8.54 27.92
N GLY E 113 -4.99 -8.18 29.07
CA GLY E 113 -5.78 -6.96 29.20
C GLY E 113 -4.92 -5.72 28.94
N MET E 114 -3.64 -5.78 29.32
CA MET E 114 -2.70 -4.67 29.09
C MET E 114 -2.35 -4.54 27.61
N ALA E 115 -2.34 -5.64 26.85
CA ALA E 115 -2.09 -5.60 25.41
C ALA E 115 -3.24 -4.88 24.70
N ALA E 116 -4.48 -5.13 25.17
CA ALA E 116 -5.68 -4.47 24.66
C ALA E 116 -5.62 -2.96 24.95
N MET E 117 -5.19 -2.57 26.16
CA MET E 117 -5.06 -1.17 26.54
C MET E 117 -3.96 -0.51 25.70
N THR E 118 -2.82 -1.21 25.51
CA THR E 118 -1.69 -0.73 24.70
C THR E 118 -2.12 -0.43 23.26
N ALA E 119 -2.87 -1.36 22.64
CA ALA E 119 -3.34 -1.15 21.28
C ALA E 119 -4.36 -0.03 21.18
N ALA E 120 -5.23 0.14 22.20
CA ALA E 120 -6.23 1.22 22.23
C ALA E 120 -5.55 2.58 22.30
N LEU E 121 -4.47 2.68 23.09
CA LEU E 121 -3.73 3.93 23.21
C LEU E 121 -2.93 4.21 21.94
N LEU E 122 -2.28 3.19 21.36
CA LEU E 122 -1.52 3.37 20.11
C LEU E 122 -2.42 3.74 18.94
N ALA E 123 -3.67 3.23 18.92
CA ALA E 123 -4.63 3.57 17.87
C ALA E 123 -4.99 5.05 17.93
N ALA E 124 -5.14 5.59 19.15
CA ALA E 124 -5.44 7.01 19.36
C ALA E 124 -4.24 7.88 18.97
N VAL E 125 -3.02 7.46 19.34
CA VAL E 125 -1.79 8.20 19.01
C VAL E 125 -1.62 8.26 17.49
N ASN E 126 -1.80 7.13 16.80
CA ASN E 126 -1.67 7.06 15.34
C ASN E 126 -2.68 7.97 14.62
N ALA E 127 -3.89 8.14 15.19
CA ALA E 127 -4.92 9.01 14.63
C ALA E 127 -4.70 10.51 14.92
N GLY E 128 -3.54 10.88 15.44
CA GLY E 128 -3.23 12.27 15.77
C GLY E 128 -3.92 12.79 17.02
N THR E 129 -4.30 11.89 17.95
CA THR E 129 -4.96 12.27 19.20
C THR E 129 -4.23 11.58 20.38
N PRO E 130 -3.00 12.02 20.73
CA PRO E 130 -2.27 11.34 21.82
C PRO E 130 -2.73 11.66 23.24
N HIS E 131 -3.64 12.65 23.42
CA HIS E 131 -4.12 13.04 24.75
C HIS E 131 -5.29 12.20 25.27
N ILE E 132 -5.26 11.83 26.56
CA ILE E 132 -6.28 11.01 27.23
C ILE E 132 -6.74 11.67 28.53
N VAL E 133 -8.06 11.72 28.76
CA VAL E 133 -8.66 12.23 29.99
C VAL E 133 -9.05 10.98 30.77
N ALA E 134 -8.47 10.75 31.95
CA ALA E 134 -8.76 9.55 32.74
C ALA E 134 -9.12 9.89 34.18
N VAL E 135 -10.03 9.11 34.80
CA VAL E 135 -10.44 9.33 36.19
C VAL E 135 -9.44 8.55 37.05
N ARG E 136 -8.91 9.18 38.12
CA ARG E 136 -7.80 8.62 38.91
C ARG E 136 -7.97 7.19 39.44
N PRO E 137 -9.14 6.77 40.01
CA PRO E 137 -9.24 5.39 40.50
C PRO E 137 -9.29 4.36 39.36
N LEU E 138 -8.09 3.89 38.93
CA LEU E 138 -7.90 2.90 37.86
C LEU E 138 -6.99 1.76 38.32
N TYR E 139 -6.91 0.69 37.51
CA TYR E 139 -6.01 -0.44 37.76
C TYR E 139 -4.55 0.07 37.68
N GLY E 140 -3.70 -0.40 38.61
CA GLY E 140 -2.30 0.00 38.71
C GLY E 140 -1.51 0.05 37.41
N GLY E 141 -1.61 -1.01 36.61
CA GLY E 141 -0.93 -1.09 35.33
C GLY E 141 -1.43 -0.07 34.33
N SER E 142 -2.75 0.09 34.22
CA SER E 142 -3.36 1.09 33.32
C SER E 142 -2.93 2.50 33.74
N ASP E 143 -2.88 2.77 35.05
CA ASP E 143 -2.46 4.06 35.58
C ASP E 143 -0.97 4.32 35.28
N HIS E 144 -0.10 3.31 35.51
CA HIS E 144 1.33 3.45 35.26
C HIS E 144 1.64 3.61 33.78
N LEU E 145 0.91 2.92 32.89
CA LEU E 145 1.12 3.02 31.45
C LEU E 145 0.80 4.43 30.95
N LEU E 146 -0.26 5.03 31.51
CA LEU E 146 -0.69 6.39 31.20
C LEU E 146 0.33 7.42 31.73
N GLU E 147 0.74 7.30 33.01
CA GLU E 147 1.70 8.23 33.61
C GLU E 147 3.07 8.25 32.93
N THR E 148 3.63 7.07 32.58
CA THR E 148 4.94 6.98 31.94
C THR E 148 4.97 7.64 30.56
N GLY E 149 3.89 7.51 29.80
CA GLY E 149 3.83 8.05 28.45
C GLY E 149 4.74 7.28 27.50
N LEU E 150 4.81 5.96 27.68
CA LEU E 150 5.68 5.08 26.89
C LEU E 150 5.23 5.02 25.44
N LEU E 151 3.91 4.97 25.19
CA LEU E 151 3.36 4.87 23.85
C LEU E 151 3.11 6.24 23.20
N GLY E 152 3.84 7.27 23.62
CA GLY E 152 3.69 8.62 23.09
C GLY E 152 2.38 9.28 23.48
N THR E 153 1.91 9.05 24.71
CA THR E 153 0.65 9.60 25.20
C THR E 153 0.85 10.72 26.23
N THR E 154 -0.05 11.71 26.21
CA THR E 154 -0.12 12.81 27.18
C THR E 154 -1.43 12.59 27.96
N VAL E 155 -1.41 12.80 29.29
CA VAL E 155 -2.56 12.48 30.13
C VAL E 155 -2.93 13.62 31.08
N THR E 156 -4.24 13.85 31.27
CA THR E 156 -4.77 14.84 32.21
C THR E 156 -5.71 14.08 33.13
N TRP E 157 -5.30 13.91 34.39
CA TRP E 157 -6.13 13.20 35.37
C TRP E 157 -7.26 14.11 35.81
N ALA E 158 -8.51 13.67 35.62
CA ALA E 158 -9.70 14.47 35.94
C ALA E 158 -10.73 13.67 36.73
N LYS E 159 -11.56 14.37 37.51
CA LYS E 159 -12.65 13.75 38.28
C LYS E 159 -13.89 13.59 37.37
N GLU E 160 -14.93 12.89 37.84
CA GLU E 160 -16.17 12.70 37.08
C GLU E 160 -16.79 14.02 36.60
N ALA E 161 -16.85 15.03 37.47
CA ALA E 161 -17.42 16.33 37.11
C ALA E 161 -16.49 17.17 36.23
N GLU E 162 -15.16 16.98 36.35
CA GLU E 162 -14.18 17.78 35.61
C GLU E 162 -13.72 17.12 34.30
N ILE E 163 -14.52 16.20 33.71
CA ILE E 163 -14.13 15.53 32.47
C ILE E 163 -14.22 16.54 31.30
N ALA E 164 -15.36 17.25 31.18
CA ALA E 164 -15.58 18.23 30.11
C ALA E 164 -14.50 19.30 30.05
N SER E 165 -14.03 19.81 31.20
CA SER E 165 -12.98 20.83 31.24
C SER E 165 -11.62 20.27 30.81
N ALA E 166 -11.30 19.03 31.21
CA ALA E 166 -10.04 18.39 30.85
C ALA E 166 -9.94 18.03 29.36
N ILE E 167 -11.07 18.04 28.62
CA ILE E 167 -11.06 17.69 27.19
C ILE E 167 -10.25 18.75 26.42
N GLN E 168 -9.20 18.31 25.70
CA GLN E 168 -8.34 19.15 24.87
C GLN E 168 -8.67 18.91 23.38
N ASP E 169 -8.18 19.79 22.49
CA ASP E 169 -8.41 19.65 21.05
C ASP E 169 -7.83 18.35 20.44
N ASP E 170 -6.80 17.75 21.09
CA ASP E 170 -6.17 16.51 20.60
C ASP E 170 -6.50 15.30 21.49
N THR E 171 -7.72 15.23 22.07
CA THR E 171 -8.10 14.10 22.92
C THR E 171 -8.61 12.95 22.06
N GLY E 172 -8.08 11.77 22.31
CA GLY E 172 -8.47 10.56 21.60
C GLY E 172 -9.45 9.70 22.36
N LEU E 173 -9.27 9.58 23.70
CA LEU E 173 -10.13 8.73 24.53
C LEU E 173 -10.38 9.29 25.93
N VAL E 174 -11.47 8.83 26.57
CA VAL E 174 -11.84 9.15 27.96
C VAL E 174 -11.88 7.78 28.65
N ILE E 175 -10.88 7.49 29.50
CA ILE E 175 -10.79 6.18 30.16
C ILE E 175 -11.47 6.21 31.54
N VAL E 176 -12.42 5.27 31.75
CA VAL E 176 -13.19 5.13 33.00
C VAL E 176 -13.25 3.63 33.38
N GLU E 177 -13.35 3.35 34.68
CA GLU E 177 -13.43 1.98 35.22
C GLU E 177 -14.40 2.00 36.40
N THR E 178 -15.42 1.12 36.39
CA THR E 178 -16.43 1.07 37.46
C THR E 178 -17.00 -0.36 37.63
N PRO E 179 -16.98 -0.96 38.85
CA PRO E 179 -16.38 -0.49 40.12
C PRO E 179 -14.86 -0.39 40.00
N ALA E 180 -14.27 0.66 40.57
CA ALA E 180 -12.82 0.85 40.47
C ALA E 180 -12.02 -0.21 41.22
N ASN E 181 -10.78 -0.46 40.78
CA ASN E 181 -9.90 -1.42 41.42
C ASN E 181 -8.91 -0.63 42.29
N PRO E 182 -8.81 -0.80 43.64
CA PRO E 182 -9.50 -1.74 44.55
C PRO E 182 -10.77 -1.24 45.27
N SER E 183 -10.83 0.06 45.62
CA SER E 183 -11.91 0.71 46.38
C SER E 183 -13.36 0.42 45.98
N LEU E 184 -13.61 0.02 44.72
CA LEU E 184 -14.95 -0.26 44.18
C LEU E 184 -15.82 0.99 44.10
N ASP E 185 -15.21 2.14 43.76
CA ASP E 185 -15.93 3.39 43.60
C ASP E 185 -16.68 3.34 42.27
N LEU E 186 -17.96 3.72 42.27
CA LEU E 186 -18.78 3.68 41.06
C LEU E 186 -18.73 5.01 40.30
N VAL E 187 -18.94 4.95 38.98
CA VAL E 187 -18.92 6.11 38.08
C VAL E 187 -20.21 6.13 37.26
N ASP E 188 -20.91 7.27 37.22
CA ASP E 188 -22.13 7.39 36.42
C ASP E 188 -21.72 7.51 34.96
N LEU E 189 -21.91 6.43 34.18
CA LEU E 189 -21.51 6.38 32.78
C LEU E 189 -22.35 7.27 31.88
N ASP E 190 -23.61 7.53 32.22
CA ASP E 190 -24.47 8.39 31.42
C ASP E 190 -23.95 9.83 31.43
N SER E 191 -23.51 10.32 32.61
CA SER E 191 -22.97 11.67 32.74
C SER E 191 -21.58 11.79 32.10
N VAL E 192 -20.77 10.71 32.12
CA VAL E 192 -19.43 10.70 31.52
C VAL E 192 -19.54 10.87 30.00
N VAL E 193 -20.45 10.11 29.36
CA VAL E 193 -20.63 10.20 27.91
C VAL E 193 -21.09 11.61 27.51
N ALA E 194 -21.99 12.21 28.30
CA ALA E 194 -22.47 13.57 28.07
C ALA E 194 -21.31 14.58 28.19
N ALA E 195 -20.43 14.42 29.19
CA ALA E 195 -19.28 15.30 29.39
C ALA E 195 -18.25 15.16 28.27
N ALA E 196 -17.99 13.93 27.81
CA ALA E 196 -17.03 13.68 26.73
C ALA E 196 -17.52 14.27 25.40
N GLY E 197 -18.82 14.15 25.12
CA GLY E 197 -19.41 14.66 23.90
C GLY E 197 -18.99 13.88 22.68
N THR E 198 -18.17 14.49 21.81
CA THR E 198 -17.69 13.85 20.59
C THR E 198 -16.48 12.92 20.82
N VAL E 199 -15.85 12.97 22.01
CA VAL E 199 -14.68 12.13 22.28
C VAL E 199 -15.15 10.71 22.65
N PRO E 200 -14.62 9.61 22.04
CA PRO E 200 -15.09 8.27 22.45
C PRO E 200 -14.73 7.93 23.89
N VAL E 201 -15.58 7.15 24.57
CA VAL E 201 -15.37 6.74 25.96
C VAL E 201 -15.00 5.26 26.01
N LEU E 202 -13.89 4.95 26.70
CA LEU E 202 -13.42 3.57 26.90
C LEU E 202 -13.70 3.20 28.35
N VAL E 203 -14.53 2.16 28.58
CA VAL E 203 -14.91 1.71 29.91
C VAL E 203 -14.33 0.32 30.18
N ASP E 204 -13.56 0.17 31.26
CA ASP E 204 -12.98 -1.09 31.66
C ASP E 204 -14.04 -1.83 32.50
N ASN E 205 -14.76 -2.79 31.88
CA ASN E 205 -15.85 -3.55 32.50
C ASN E 205 -15.38 -4.93 32.98
N THR E 206 -14.15 -5.03 33.51
CA THR E 206 -13.59 -6.30 33.98
C THR E 206 -14.34 -6.84 35.22
N PHE E 207 -14.55 -6.00 36.23
CA PHE E 207 -15.18 -6.38 37.49
C PHE E 207 -16.68 -6.72 37.35
N CYS E 208 -17.44 -5.91 36.61
CA CYS E 208 -18.88 -6.13 36.44
C CYS E 208 -19.20 -7.29 35.48
N THR E 209 -18.47 -7.36 34.33
CA THR E 209 -18.67 -8.35 33.25
C THR E 209 -19.99 -8.05 32.48
N PRO E 210 -20.22 -8.57 31.24
CA PRO E 210 -21.49 -8.28 30.55
C PRO E 210 -22.75 -8.80 31.27
N VAL E 211 -22.59 -9.59 32.35
CA VAL E 211 -23.72 -10.12 33.13
C VAL E 211 -24.39 -8.97 33.88
N LEU E 212 -23.58 -8.11 34.52
CA LEU E 212 -24.05 -7.00 35.35
C LEU E 212 -24.11 -5.64 34.65
N GLN E 213 -23.13 -5.32 33.80
CA GLN E 213 -23.06 -4.01 33.15
C GLN E 213 -22.77 -4.13 31.65
N GLN E 214 -23.35 -3.21 30.86
CA GLN E 214 -23.15 -3.13 29.42
C GLN E 214 -22.92 -1.64 29.08
N PRO E 215 -21.68 -1.12 29.19
CA PRO E 215 -21.47 0.31 28.91
C PRO E 215 -21.89 0.80 27.52
N ILE E 216 -21.91 -0.07 26.50
CA ILE E 216 -22.32 0.30 25.14
C ILE E 216 -23.75 0.88 25.15
N ARG E 217 -24.64 0.27 25.95
CA ARG E 217 -26.02 0.73 26.12
C ARG E 217 -26.09 2.18 26.66
N HIS E 218 -25.16 2.55 27.56
CA HIS E 218 -25.08 3.90 28.12
C HIS E 218 -24.41 4.93 27.19
N GLY E 219 -23.91 4.51 26.03
CA GLY E 219 -23.30 5.40 25.05
C GLY E 219 -21.78 5.31 24.93
N ALA E 220 -21.15 4.31 25.60
CA ALA E 220 -19.70 4.15 25.50
C ALA E 220 -19.32 3.59 24.13
N ALA E 221 -18.13 3.94 23.64
CA ALA E 221 -17.64 3.48 22.33
C ALA E 221 -16.84 2.19 22.44
N LEU E 222 -15.95 2.09 23.45
CA LEU E 222 -15.12 0.90 23.65
C LEU E 222 -15.31 0.33 25.05
N VAL E 223 -15.31 -1.00 25.18
CA VAL E 223 -15.47 -1.71 26.45
C VAL E 223 -14.35 -2.73 26.57
N LEU E 224 -13.37 -2.48 27.45
CA LEU E 224 -12.25 -3.38 27.63
C LEU E 224 -12.52 -4.35 28.79
N HIS E 225 -12.10 -5.61 28.62
CA HIS E 225 -12.24 -6.65 29.64
C HIS E 225 -10.92 -7.38 29.73
N SER E 226 -10.42 -7.57 30.95
CA SER E 226 -9.25 -8.41 31.15
C SER E 226 -9.84 -9.81 31.21
N ALA E 227 -9.89 -10.51 30.08
CA ALA E 227 -10.46 -11.84 29.99
C ALA E 227 -9.83 -12.84 30.98
N THR E 228 -8.59 -12.59 31.41
CA THR E 228 -7.88 -13.34 32.45
C THR E 228 -8.76 -13.56 33.71
N LYS E 229 -9.69 -12.60 34.00
CA LYS E 229 -10.58 -12.64 35.16
C LYS E 229 -12.04 -12.74 34.73
N TYR E 230 -12.79 -13.68 35.33
CA TYR E 230 -14.21 -13.94 35.07
C TYR E 230 -14.52 -14.55 33.70
N LEU E 231 -14.02 -13.96 32.59
CA LEU E 231 -14.25 -14.55 31.26
C LEU E 231 -13.57 -15.92 31.17
N GLY E 232 -12.38 -16.06 31.76
CA GLY E 232 -11.70 -17.34 31.86
C GLY E 232 -12.34 -18.11 33.00
N GLY E 233 -12.33 -17.51 34.18
CA GLY E 233 -12.99 -18.02 35.38
C GLY E 233 -12.29 -19.11 36.17
N HIS E 234 -11.18 -19.66 35.64
CA HIS E 234 -10.44 -20.74 36.31
C HIS E 234 -8.95 -20.43 36.53
N GLY E 235 -8.53 -19.17 36.34
CA GLY E 235 -7.15 -18.76 36.54
C GLY E 235 -6.13 -19.52 35.72
N ASP E 236 -6.45 -19.80 34.45
CA ASP E 236 -5.57 -20.56 33.56
C ASP E 236 -5.55 -20.09 32.10
N ALA E 237 -6.04 -18.86 31.82
CA ALA E 237 -6.04 -18.34 30.47
C ALA E 237 -5.92 -16.82 30.49
N MET E 238 -4.76 -16.30 30.08
CA MET E 238 -4.55 -14.85 30.00
C MET E 238 -5.29 -14.36 28.76
N GLY E 239 -5.76 -13.12 28.80
CA GLY E 239 -6.45 -12.54 27.67
C GLY E 239 -6.96 -11.14 27.89
N GLY E 240 -7.26 -10.46 26.79
CA GLY E 240 -7.75 -9.09 26.76
C GLY E 240 -8.63 -8.91 25.55
N ILE E 241 -9.72 -8.13 25.68
CA ILE E 241 -10.66 -7.94 24.56
C ILE E 241 -11.42 -6.62 24.70
N ILE E 242 -11.65 -5.94 23.56
CA ILE E 242 -12.37 -4.67 23.53
C ILE E 242 -13.58 -4.81 22.62
N ALA E 243 -14.80 -4.71 23.18
CA ALA E 243 -16.03 -4.74 22.39
C ALA E 243 -16.27 -3.30 21.96
N THR E 244 -16.29 -3.02 20.64
CA THR E 244 -16.43 -1.66 20.12
C THR E 244 -17.07 -1.62 18.71
N ASN E 245 -17.39 -0.39 18.22
CA ASN E 245 -17.92 -0.17 16.87
C ASN E 245 -16.91 -0.59 15.78
N SER E 246 -17.36 -0.70 14.52
CA SER E 246 -16.50 -1.10 13.41
C SER E 246 -15.29 -0.18 13.15
N ASP E 247 -15.41 1.13 13.41
CA ASP E 247 -14.31 2.07 13.20
C ASP E 247 -13.13 1.77 14.15
N TRP E 248 -13.38 1.68 15.46
CA TRP E 248 -12.33 1.39 16.43
C TRP E 248 -11.83 -0.05 16.31
N ALA E 249 -12.70 -1.00 15.90
CA ALA E 249 -12.28 -2.39 15.71
C ALA E 249 -11.23 -2.48 14.59
N MET E 250 -11.41 -1.70 13.51
CA MET E 250 -10.46 -1.66 12.41
C MET E 250 -9.13 -1.07 12.87
N ARG E 251 -9.17 0.03 13.63
CA ARG E 251 -7.96 0.67 14.15
C ARG E 251 -7.21 -0.25 15.09
N LEU E 252 -7.93 -1.00 15.94
CA LEU E 252 -7.30 -1.94 16.87
C LEU E 252 -6.66 -3.12 16.12
N ARG E 253 -7.33 -3.64 15.08
CA ARG E 253 -6.79 -4.72 14.27
C ARG E 253 -5.57 -4.26 13.47
N GLN E 254 -5.55 -2.98 13.02
CA GLN E 254 -4.39 -2.42 12.32
C GLN E 254 -3.17 -2.46 13.21
N VAL E 255 -3.34 -2.13 14.50
CA VAL E 255 -2.24 -2.14 15.47
C VAL E 255 -1.85 -3.60 15.76
N ARG E 256 -2.84 -4.49 15.96
CA ARG E 256 -2.60 -5.92 16.22
C ARG E 256 -1.81 -6.61 15.11
N ALA E 257 -2.11 -6.29 13.83
CA ALA E 257 -1.43 -6.91 12.70
C ALA E 257 0.08 -6.62 12.62
N ILE E 258 0.53 -5.44 13.09
CA ILE E 258 1.96 -5.07 13.03
C ILE E 258 2.65 -5.16 14.42
N THR E 259 1.93 -5.00 15.54
CA THR E 259 2.55 -5.14 16.88
C THR E 259 2.53 -6.62 17.34
N GLY E 260 1.52 -7.39 16.92
CA GLY E 260 1.45 -8.82 17.18
C GLY E 260 1.29 -9.32 18.61
N ALA E 261 0.48 -8.65 19.44
CA ALA E 261 0.20 -9.15 20.80
C ALA E 261 -1.01 -10.06 20.66
N LEU E 262 -0.80 -11.26 20.10
CA LEU E 262 -1.88 -12.18 19.78
C LEU E 262 -2.29 -13.10 20.91
N LEU E 263 -3.58 -13.46 20.91
CA LEU E 263 -4.16 -14.40 21.85
C LEU E 263 -3.96 -15.79 21.22
N HIS E 264 -3.36 -16.72 21.96
CA HIS E 264 -3.07 -18.06 21.45
C HIS E 264 -4.36 -18.85 21.18
N PRO E 265 -4.47 -19.70 20.12
CA PRO E 265 -5.72 -20.43 19.91
C PRO E 265 -6.27 -21.23 21.11
N MET E 266 -5.40 -21.87 21.92
CA MET E 266 -5.88 -22.59 23.10
C MET E 266 -6.37 -21.61 24.18
N GLY E 267 -5.72 -20.46 24.30
CA GLY E 267 -6.14 -19.42 25.23
C GLY E 267 -7.52 -18.89 24.85
N ALA E 268 -7.72 -18.65 23.54
CA ALA E 268 -9.02 -18.22 23.02
C ALA E 268 -10.08 -19.28 23.24
N TYR E 269 -9.72 -20.55 23.06
CA TYR E 269 -10.63 -21.66 23.28
C TYR E 269 -11.12 -21.70 24.74
N LEU E 270 -10.20 -21.57 25.71
CA LEU E 270 -10.56 -21.62 27.13
C LEU E 270 -11.35 -20.39 27.58
N LEU E 271 -11.11 -19.21 26.98
CA LEU E 271 -11.86 -18.00 27.34
C LEU E 271 -13.28 -18.07 26.75
N HIS E 272 -13.42 -18.64 25.55
CA HIS E 272 -14.73 -18.85 24.92
C HIS E 272 -15.50 -19.92 25.71
N ARG E 273 -14.79 -20.98 26.15
CA ARG E 273 -15.34 -22.07 26.98
C ARG E 273 -15.86 -21.52 28.31
N GLY E 274 -15.10 -20.59 28.91
CA GLY E 274 -15.47 -19.95 30.16
C GLY E 274 -16.69 -19.05 30.05
N LEU E 275 -16.91 -18.43 28.87
CA LEU E 275 -18.07 -17.57 28.64
C LEU E 275 -19.40 -18.34 28.78
N ARG E 276 -19.40 -19.65 28.50
CA ARG E 276 -20.59 -20.49 28.60
C ARG E 276 -21.10 -20.58 30.05
N THR E 277 -20.17 -20.63 31.03
CA THR E 277 -20.50 -20.72 32.45
C THR E 277 -20.29 -19.37 33.18
N LEU E 278 -20.27 -18.23 32.46
CA LEU E 278 -20.03 -16.94 33.08
C LEU E 278 -21.20 -16.46 33.94
N ALA E 279 -22.43 -16.53 33.42
CA ALA E 279 -23.61 -16.11 34.15
C ALA E 279 -23.85 -16.96 35.40
N VAL E 280 -23.63 -18.28 35.30
CA VAL E 280 -23.85 -19.18 36.43
C VAL E 280 -22.77 -18.95 37.53
N ARG E 281 -21.50 -18.76 37.15
CA ARG E 281 -20.43 -18.53 38.13
C ARG E 281 -20.53 -17.16 38.79
N MET E 282 -20.84 -16.12 38.00
CA MET E 282 -20.94 -14.77 38.54
C MET E 282 -22.07 -14.68 39.57
N ARG E 283 -23.26 -15.22 39.25
CA ARG E 283 -24.40 -15.20 40.17
C ARG E 283 -24.10 -15.97 41.47
N ALA E 284 -23.36 -17.09 41.38
CA ALA E 284 -23.02 -17.88 42.55
C ALA E 284 -22.03 -17.13 43.46
N ALA E 285 -20.99 -16.52 42.88
CA ALA E 285 -20.00 -15.75 43.64
C ALA E 285 -20.61 -14.47 44.21
N GLN E 286 -21.54 -13.83 43.47
CA GLN E 286 -22.24 -12.62 43.89
C GLN E 286 -23.09 -12.88 45.14
N THR E 287 -23.80 -14.02 45.18
CA THR E 287 -24.62 -14.40 46.33
C THR E 287 -23.74 -14.57 47.57
N THR E 288 -22.59 -15.24 47.42
CA THR E 288 -21.65 -15.45 48.52
C THR E 288 -21.04 -14.12 48.97
N ALA E 289 -20.69 -13.22 48.03
CA ALA E 289 -20.12 -11.92 48.36
C ALA E 289 -21.10 -11.01 49.09
N GLY E 290 -22.37 -11.01 48.66
CA GLY E 290 -23.40 -10.22 49.32
C GLY E 290 -23.59 -10.61 50.77
N GLU E 291 -23.52 -11.91 51.06
CA GLU E 291 -23.65 -12.42 52.43
C GLU E 291 -22.38 -12.15 53.24
N LEU E 292 -21.20 -12.39 52.64
CA LEU E 292 -19.91 -12.16 53.33
C LEU E 292 -19.71 -10.70 53.72
N ALA E 293 -20.06 -9.75 52.84
CA ALA E 293 -19.89 -8.33 53.13
C ALA E 293 -20.67 -7.90 54.38
N GLU E 294 -21.87 -8.45 54.58
CA GLU E 294 -22.70 -8.14 55.74
C GLU E 294 -22.19 -8.82 57.00
N ARG E 295 -21.72 -10.07 56.88
CA ARG E 295 -21.18 -10.83 58.02
C ARG E 295 -19.87 -10.22 58.52
N LEU E 296 -18.98 -9.79 57.61
CA LEU E 296 -17.70 -9.18 57.98
C LEU E 296 -17.89 -7.77 58.57
N ALA E 297 -18.97 -7.06 58.22
CA ALA E 297 -19.25 -5.73 58.78
C ALA E 297 -19.48 -5.79 60.28
N ALA E 298 -20.08 -6.88 60.79
CA ALA E 298 -20.33 -7.06 62.21
C ALA E 298 -19.05 -7.27 63.04
N HIS E 299 -17.93 -7.65 62.40
CA HIS E 299 -16.68 -7.86 63.14
C HIS E 299 -16.11 -6.51 63.61
N PRO E 300 -15.60 -6.39 64.86
CA PRO E 300 -15.08 -5.08 65.31
C PRO E 300 -13.74 -4.65 64.70
N ALA E 301 -12.93 -5.60 64.21
CA ALA E 301 -11.64 -5.28 63.60
C ALA E 301 -11.77 -4.52 62.28
N ILE E 302 -12.90 -4.64 61.57
CA ILE E 302 -13.11 -3.96 60.29
C ILE E 302 -13.91 -2.67 60.53
N THR E 303 -13.41 -1.52 60.06
CA THR E 303 -14.06 -0.23 60.24
C THR E 303 -15.13 0.00 59.18
N ALA E 304 -14.83 -0.31 57.90
CA ALA E 304 -15.77 -0.12 56.81
C ALA E 304 -15.65 -1.21 55.77
N VAL E 305 -16.79 -1.67 55.22
CA VAL E 305 -16.86 -2.70 54.19
C VAL E 305 -17.41 -2.05 52.93
N HIS E 306 -16.63 -2.05 51.84
CA HIS E 306 -17.04 -1.48 50.57
C HIS E 306 -17.58 -2.57 49.67
N TYR E 307 -18.85 -2.45 49.28
CA TYR E 307 -19.52 -3.40 48.38
C TYR E 307 -20.66 -2.65 47.69
N PRO E 308 -20.78 -2.60 46.34
CA PRO E 308 -21.87 -1.81 45.73
C PRO E 308 -23.28 -2.04 46.32
N GLY E 309 -23.57 -3.17 46.96
CA GLY E 309 -24.83 -3.36 47.67
C GLY E 309 -24.76 -2.93 49.13
N LEU E 310 -24.44 -1.63 49.43
CA LEU E 310 -24.30 -1.13 50.82
C LEU E 310 -24.50 0.41 50.95
N ASN E 311 -24.86 0.92 52.17
CA ASN E 311 -25.10 2.36 52.43
C ASN E 311 -23.88 3.27 52.27
N GLY E 312 -24.14 4.55 52.00
CA GLY E 312 -23.10 5.55 51.79
C GLY E 312 -22.18 5.27 50.61
N GLN E 313 -22.50 4.21 49.82
CA GLN E 313 -21.72 3.77 48.69
C GLN E 313 -22.43 4.08 47.40
N ASP E 314 -23.80 3.96 47.33
CA ASP E 314 -24.49 4.22 46.08
C ASP E 314 -25.65 5.23 46.21
N PRO E 315 -25.36 6.54 46.38
CA PRO E 315 -26.46 7.52 46.48
C PRO E 315 -27.12 7.91 45.16
N ARG E 316 -26.44 7.66 44.01
CA ARG E 316 -26.96 8.03 42.69
C ARG E 316 -27.95 7.01 42.07
N GLY E 317 -28.20 5.89 42.74
CA GLY E 317 -29.10 4.87 42.24
C GLY E 317 -28.58 4.14 41.02
N LEU E 318 -27.27 3.93 40.95
CA LEU E 318 -26.63 3.25 39.83
C LEU E 318 -26.90 1.73 39.87
N LEU E 319 -27.06 1.15 41.07
CA LEU E 319 -27.37 -0.26 41.21
C LEU E 319 -28.86 -0.43 40.86
N GLY E 320 -29.13 -0.71 39.59
CA GLY E 320 -30.47 -0.84 39.04
C GLY E 320 -30.55 -0.21 37.67
N ARG E 321 -29.98 0.99 37.52
CA ARG E 321 -29.94 1.70 36.24
C ARG E 321 -28.75 1.22 35.39
N GLN E 322 -27.57 1.08 36.02
CA GLN E 322 -26.31 0.71 35.36
C GLN E 322 -25.87 -0.72 35.66
N MET E 323 -25.93 -1.15 36.94
CA MET E 323 -25.49 -2.48 37.37
C MET E 323 -26.66 -3.34 37.83
N SER E 324 -26.82 -4.54 37.25
CA SER E 324 -27.89 -5.46 37.67
C SER E 324 -27.48 -6.35 38.87
N GLY E 325 -26.36 -6.06 39.53
CA GLY E 325 -25.90 -6.85 40.66
C GLY E 325 -24.75 -6.20 41.38
N GLY E 326 -24.52 -6.61 42.62
CA GLY E 326 -23.46 -6.08 43.47
C GLY E 326 -22.04 -6.48 43.11
N GLY E 327 -21.87 -7.60 42.42
CA GLY E 327 -20.55 -8.09 42.05
C GLY E 327 -20.02 -9.15 42.99
N ALA E 328 -18.78 -9.60 42.75
CA ALA E 328 -18.13 -10.62 43.57
C ALA E 328 -16.80 -10.12 44.20
N MET E 329 -16.59 -8.79 44.27
CA MET E 329 -15.39 -8.19 44.84
C MET E 329 -15.76 -7.42 46.11
N ILE E 330 -14.90 -7.47 47.14
CA ILE E 330 -15.14 -6.76 48.40
C ILE E 330 -13.83 -6.15 48.90
N ALA E 331 -13.79 -4.82 49.08
CA ALA E 331 -12.64 -4.13 49.66
C ALA E 331 -13.04 -3.70 51.08
N LEU E 332 -12.10 -3.75 52.04
CA LEU E 332 -12.42 -3.38 53.42
C LEU E 332 -11.24 -2.76 54.18
N GLU E 333 -11.52 -1.73 54.99
CA GLU E 333 -10.52 -1.03 55.79
C GLU E 333 -10.46 -1.67 57.19
N LEU E 334 -9.24 -1.91 57.71
CA LEU E 334 -9.04 -2.49 59.03
C LEU E 334 -8.65 -1.42 60.04
N ALA E 335 -9.01 -1.64 61.31
CA ALA E 335 -8.74 -0.67 62.39
C ALA E 335 -7.28 -0.57 62.88
N GLY E 336 -6.35 -1.33 62.33
CA GLY E 336 -4.94 -1.23 62.72
C GLY E 336 -3.99 -0.75 61.62
N GLY E 337 -4.53 -0.37 60.46
CA GLY E 337 -3.73 0.11 59.35
C GLY E 337 -2.93 -0.99 58.68
N PHE E 338 -1.65 -0.72 58.38
CA PHE E 338 -0.77 -1.68 57.70
C PHE E 338 -0.52 -2.96 58.49
N ASP E 339 -0.29 -2.86 59.81
CA ASP E 339 0.01 -4.03 60.64
C ASP E 339 -1.14 -5.04 60.66
N ALA E 340 -2.39 -4.57 60.85
CA ALA E 340 -3.56 -5.45 60.86
C ALA E 340 -3.82 -6.04 59.47
N ALA E 341 -3.68 -5.21 58.43
CA ALA E 341 -3.87 -5.66 57.04
C ALA E 341 -2.86 -6.75 56.66
N ARG E 342 -1.59 -6.59 57.09
CA ARG E 342 -0.53 -7.56 56.81
C ARG E 342 -0.80 -8.87 57.54
N SER E 343 -1.15 -8.81 58.84
CA SER E 343 -1.43 -9.99 59.64
C SER E 343 -2.65 -10.78 59.15
N PHE E 344 -3.75 -10.07 58.84
CA PHE E 344 -4.98 -10.69 58.34
C PHE E 344 -4.73 -11.46 57.04
N VAL E 345 -3.90 -10.92 56.15
CA VAL E 345 -3.55 -11.59 54.89
C VAL E 345 -2.66 -12.82 55.20
N GLU E 346 -1.62 -12.63 56.00
CA GLU E 346 -0.66 -13.69 56.33
C GLU E 346 -1.21 -14.85 57.18
N HIS E 347 -2.34 -14.66 57.88
CA HIS E 347 -2.93 -15.74 58.70
C HIS E 347 -4.04 -16.53 57.96
N CYS E 348 -4.41 -16.14 56.72
CA CYS E 348 -5.44 -16.87 55.96
C CYS E 348 -4.88 -18.23 55.49
N SER E 349 -5.69 -19.30 55.54
CA SER E 349 -5.27 -20.64 55.13
C SER E 349 -6.05 -21.12 53.88
N LEU E 350 -7.40 -21.13 53.95
CA LEU E 350 -8.26 -21.53 52.84
C LEU E 350 -8.24 -20.44 51.78
N VAL E 351 -8.40 -19.17 52.19
CA VAL E 351 -8.34 -18.04 51.28
C VAL E 351 -6.86 -17.84 50.96
N VAL E 352 -6.50 -17.83 49.68
CA VAL E 352 -5.10 -17.75 49.26
C VAL E 352 -4.65 -16.30 49.00
N HIS E 353 -3.50 -15.91 49.59
CA HIS E 353 -2.93 -14.58 49.38
C HIS E 353 -2.22 -14.54 48.02
N ALA E 354 -2.88 -13.95 47.02
CA ALA E 354 -2.35 -13.84 45.67
C ALA E 354 -3.03 -12.69 44.92
N VAL E 355 -2.37 -12.16 43.87
CA VAL E 355 -2.96 -11.12 43.03
C VAL E 355 -4.00 -11.78 42.07
N SER E 356 -4.75 -10.98 41.29
CA SER E 356 -5.75 -11.47 40.34
C SER E 356 -7.11 -11.72 41.01
N LEU E 357 -8.17 -11.95 40.21
CA LEU E 357 -9.54 -12.11 40.68
C LEU E 357 -10.39 -12.90 39.64
N GLY E 358 -11.67 -13.13 39.94
CA GLY E 358 -12.58 -13.82 39.04
C GLY E 358 -12.46 -15.33 38.92
N GLY E 359 -11.54 -15.94 39.67
CA GLY E 359 -11.35 -17.37 39.63
C GLY E 359 -12.34 -18.14 40.47
N ALA E 360 -12.27 -19.47 40.40
CA ALA E 360 -13.14 -20.36 41.18
C ALA E 360 -12.82 -20.31 42.68
N ASP E 361 -11.58 -19.93 43.07
CA ASP E 361 -11.17 -19.85 44.47
C ASP E 361 -11.10 -18.40 44.96
N THR E 362 -11.24 -18.21 46.28
CA THR E 362 -11.23 -16.90 46.91
C THR E 362 -9.79 -16.44 47.14
N LEU E 363 -9.44 -15.26 46.63
CA LEU E 363 -8.10 -14.69 46.76
C LEU E 363 -8.16 -13.39 47.59
N ILE E 364 -7.04 -13.06 48.24
CA ILE E 364 -6.93 -11.87 49.08
C ILE E 364 -5.58 -11.17 48.83
N GLN E 365 -5.54 -9.82 48.97
CA GLN E 365 -4.32 -9.06 48.77
C GLN E 365 -4.33 -7.73 49.54
N HIS E 366 -3.15 -7.11 49.68
CA HIS E 366 -2.97 -5.77 50.23
C HIS E 366 -2.64 -4.91 49.00
N PRO E 367 -3.61 -4.19 48.38
CA PRO E 367 -3.32 -3.46 47.13
C PRO E 367 -2.14 -2.49 47.13
N ALA E 368 -1.89 -1.79 48.23
CA ALA E 368 -0.78 -0.84 48.30
C ALA E 368 0.58 -1.50 48.06
N SER E 369 0.77 -2.75 48.54
CA SER E 369 2.03 -3.46 48.37
C SER E 369 2.12 -4.32 47.10
N LEU E 370 0.98 -4.67 46.46
CA LEU E 370 1.00 -5.56 45.29
C LEU E 370 0.48 -4.88 43.97
N THR E 371 -0.84 -4.82 43.72
CA THR E 371 -1.38 -4.29 42.45
C THR E 371 -1.11 -2.79 42.26
N HIS E 372 -1.47 -1.95 43.23
CA HIS E 372 -1.28 -0.51 43.12
C HIS E 372 0.02 -0.03 43.76
N ARG E 373 1.13 -0.74 43.46
CA ARG E 373 2.47 -0.39 43.92
C ARG E 373 3.18 0.56 42.91
N PRO E 374 3.06 0.41 41.57
CA PRO E 374 3.72 1.38 40.67
C PRO E 374 3.00 2.73 40.54
N VAL E 375 1.82 2.88 41.17
CA VAL E 375 1.00 4.08 41.12
C VAL E 375 1.65 5.16 42.00
N ALA E 376 1.49 6.45 41.62
CA ALA E 376 2.03 7.57 42.41
C ALA E 376 1.41 7.56 43.81
N ALA E 377 2.20 7.97 44.82
CA ALA E 377 1.76 7.98 46.22
C ALA E 377 0.41 8.68 46.45
N THR E 378 0.14 9.78 45.70
CA THR E 378 -1.11 10.55 45.72
C THR E 378 -2.37 9.72 45.43
N ALA E 379 -2.27 8.85 44.41
CA ALA E 379 -3.37 7.99 43.97
C ALA E 379 -3.32 6.57 44.56
N LYS E 380 -2.43 6.27 45.52
CA LYS E 380 -2.36 4.94 46.11
C LYS E 380 -3.50 4.72 47.10
N PRO E 381 -4.04 3.48 47.25
CA PRO E 381 -5.12 3.27 48.23
C PRO E 381 -4.62 3.25 49.69
N GLY E 382 -5.54 3.28 50.64
CA GLY E 382 -5.21 3.26 52.05
C GLY E 382 -4.47 2.00 52.47
N ASP E 383 -3.62 2.11 53.50
CA ASP E 383 -2.85 0.97 53.99
C ASP E 383 -3.74 -0.07 54.68
N GLY E 384 -4.80 0.37 55.34
CA GLY E 384 -5.75 -0.53 55.98
C GLY E 384 -6.66 -1.26 55.01
N LEU E 385 -6.71 -0.84 53.73
CA LEU E 385 -7.57 -1.46 52.73
C LEU E 385 -7.05 -2.83 52.27
N ILE E 386 -7.97 -3.81 52.13
CA ILE E 386 -7.70 -5.18 51.71
C ILE E 386 -8.75 -5.55 50.65
N ARG E 387 -8.30 -6.01 49.46
CA ARG E 387 -9.21 -6.44 48.40
C ARG E 387 -9.43 -7.95 48.52
N LEU E 388 -10.65 -8.42 48.25
CA LEU E 388 -11.00 -9.82 48.37
C LEU E 388 -11.88 -10.26 47.20
N SER E 389 -11.37 -11.18 46.36
CA SER E 389 -12.12 -11.73 45.23
C SER E 389 -12.86 -12.96 45.72
N VAL E 390 -14.18 -12.95 45.69
CA VAL E 390 -14.98 -14.07 46.19
C VAL E 390 -15.14 -15.16 45.11
N GLY E 391 -14.82 -16.39 45.46
CA GLY E 391 -14.92 -17.54 44.56
C GLY E 391 -16.23 -18.28 44.68
N LEU E 392 -16.21 -19.61 44.45
CA LEU E 392 -17.39 -20.46 44.48
C LEU E 392 -17.42 -21.42 45.69
N GLU E 393 -16.74 -21.06 46.80
CA GLU E 393 -16.74 -21.90 48.00
C GLU E 393 -18.00 -21.61 48.85
N HIS E 394 -18.28 -22.46 49.85
CA HIS E 394 -19.42 -22.24 50.73
C HIS E 394 -19.23 -20.96 51.54
N VAL E 395 -20.33 -20.27 51.84
CA VAL E 395 -20.29 -18.99 52.55
C VAL E 395 -19.77 -19.16 53.99
N ASP E 396 -20.17 -20.23 54.68
CA ASP E 396 -19.75 -20.48 56.05
C ASP E 396 -18.26 -20.79 56.17
N ASP E 397 -17.70 -21.61 55.26
CA ASP E 397 -16.27 -21.94 55.30
C ASP E 397 -15.38 -20.73 55.04
N LEU E 398 -15.83 -19.79 54.19
CA LEU E 398 -15.04 -18.59 53.91
C LEU E 398 -15.07 -17.64 55.11
N GLU E 399 -16.22 -17.47 55.79
CA GLU E 399 -16.29 -16.59 56.95
C GLU E 399 -15.47 -17.16 58.13
N ASP E 400 -15.48 -18.50 58.32
CA ASP E 400 -14.72 -19.12 59.40
C ASP E 400 -13.22 -18.87 59.23
N ASP E 401 -12.71 -18.96 57.99
CA ASP E 401 -11.30 -18.72 57.71
C ASP E 401 -10.91 -17.26 57.89
N LEU E 402 -11.75 -16.33 57.41
CA LEU E 402 -11.46 -14.90 57.52
C LEU E 402 -11.57 -14.41 58.98
N ILE E 403 -12.52 -14.96 59.76
CA ILE E 403 -12.65 -14.60 61.17
C ILE E 403 -11.43 -15.12 61.95
N ALA E 404 -10.96 -16.35 61.64
CA ALA E 404 -9.78 -16.91 62.29
C ALA E 404 -8.54 -16.04 62.04
N ALA E 405 -8.40 -15.51 60.81
CA ALA E 405 -7.28 -14.65 60.45
C ALA E 405 -7.36 -13.29 61.15
N LEU E 406 -8.58 -12.74 61.30
CA LEU E 406 -8.77 -11.45 62.00
C LEU E 406 -8.48 -11.61 63.49
N ASP E 407 -8.93 -12.71 64.11
CA ASP E 407 -8.70 -12.98 65.53
C ASP E 407 -7.24 -13.30 65.84
N ALA E 408 -6.44 -13.73 64.84
CA ALA E 408 -5.01 -14.00 65.04
C ALA E 408 -4.17 -12.71 65.16
N SER E 409 -4.75 -11.55 64.75
CA SER E 409 -4.10 -10.23 64.71
C SER E 409 -4.36 -9.37 65.95
N ARG E 410 -5.32 -9.73 66.81
CA ARG E 410 -5.61 -8.93 68.01
C ARG E 410 -4.46 -9.01 69.02
N ALA E 411 -3.81 -10.19 69.13
CA ALA E 411 -2.67 -10.41 70.02
C ALA E 411 -1.51 -11.01 69.23
N SER F 23 31.32 -26.98 27.34
CA SER F 23 32.09 -27.99 26.61
C SER F 23 31.22 -28.94 25.75
N MET F 24 29.90 -28.70 25.66
CA MET F 24 29.00 -29.54 24.86
C MET F 24 28.87 -28.95 23.45
N HIS F 25 28.70 -29.82 22.45
CA HIS F 25 28.51 -29.40 21.06
C HIS F 25 27.12 -28.76 20.87
N PRO F 26 26.87 -27.92 19.82
CA PRO F 26 25.52 -27.34 19.66
C PRO F 26 24.40 -28.36 19.48
N GLU F 27 24.68 -29.53 18.91
CA GLU F 27 23.68 -30.59 18.70
C GLU F 27 23.18 -31.13 20.04
N THR F 28 24.09 -31.30 21.02
CA THR F 28 23.75 -31.77 22.36
C THR F 28 22.98 -30.67 23.11
N LEU F 29 23.43 -29.40 22.99
CA LEU F 29 22.79 -28.26 23.63
C LEU F 29 21.35 -28.04 23.16
N MET F 30 21.04 -28.38 21.91
CA MET F 30 19.67 -28.24 21.40
C MET F 30 18.72 -29.20 22.12
N VAL F 31 19.17 -30.41 22.45
CA VAL F 31 18.36 -31.42 23.11
C VAL F 31 18.17 -31.12 24.61
N HIS F 32 19.27 -30.91 25.35
CA HIS F 32 19.24 -30.69 26.80
C HIS F 32 19.19 -29.22 27.26
N GLY F 33 19.12 -28.26 26.34
CA GLY F 33 19.05 -26.85 26.71
C GLY F 33 17.72 -26.50 27.35
N GLY F 34 17.78 -25.81 28.48
CA GLY F 34 16.58 -25.41 29.23
C GLY F 34 15.87 -26.57 29.92
N MET F 35 16.56 -27.71 30.10
CA MET F 35 15.99 -28.91 30.73
C MET F 35 16.69 -29.21 32.07
N ASP F 36 17.20 -28.17 32.77
CA ASP F 36 17.90 -28.37 34.03
C ASP F 36 16.93 -28.61 35.17
N GLY F 37 17.26 -29.58 36.03
CA GLY F 37 16.43 -29.93 37.18
C GLY F 37 15.26 -30.84 36.92
N LEU F 38 14.94 -31.14 35.64
CA LEU F 38 13.82 -32.02 35.32
C LEU F 38 14.17 -33.47 35.66
N THR F 39 15.39 -33.91 35.35
CA THR F 39 15.83 -35.28 35.67
C THR F 39 15.87 -35.49 37.19
N GLU F 40 16.26 -34.46 37.96
CA GLU F 40 16.31 -34.53 39.41
C GLU F 40 14.89 -34.62 40.00
N ALA F 41 13.92 -33.91 39.38
CA ALA F 41 12.51 -33.95 39.80
C ALA F 41 11.75 -35.23 39.35
N GLY F 42 12.41 -36.12 38.60
CA GLY F 42 11.81 -37.36 38.13
C GLY F 42 10.83 -37.18 36.98
N VAL F 43 11.07 -36.20 36.10
CA VAL F 43 10.21 -35.93 34.94
C VAL F 43 11.08 -35.87 33.66
N HIS F 44 10.46 -36.13 32.50
CA HIS F 44 11.15 -36.19 31.20
C HIS F 44 11.12 -34.86 30.44
N VAL F 45 9.93 -34.23 30.32
CA VAL F 45 9.74 -32.96 29.59
C VAL F 45 9.20 -31.87 30.55
N PRO F 46 9.40 -30.55 30.27
CA PRO F 46 8.88 -29.54 31.20
C PRO F 46 7.36 -29.49 31.22
N ALA F 47 6.75 -29.32 32.39
CA ALA F 47 5.30 -29.27 32.53
C ALA F 47 4.75 -27.92 32.03
N ILE F 48 3.49 -27.93 31.57
CA ILE F 48 2.82 -26.73 31.09
C ILE F 48 1.99 -26.17 32.25
N ASP F 49 2.47 -25.09 32.89
CA ASP F 49 1.77 -24.46 34.00
C ASP F 49 0.93 -23.31 33.45
N LEU F 50 -0.40 -23.52 33.33
CA LEU F 50 -1.28 -22.50 32.79
C LEU F 50 -1.66 -21.39 33.79
N SER F 51 -1.22 -21.50 35.06
CA SER F 51 -1.52 -20.52 36.12
C SER F 51 -1.33 -19.07 35.70
N THR F 52 -2.39 -18.25 35.86
CA THR F 52 -2.33 -16.82 35.55
C THR F 52 -1.71 -16.09 36.74
N THR F 53 -2.10 -16.46 37.97
CA THR F 53 -1.57 -15.88 39.20
C THR F 53 -0.70 -16.90 39.94
N ASN F 54 0.22 -16.41 40.77
CA ASN F 54 1.14 -17.26 41.53
C ASN F 54 1.13 -16.80 43.01
N PRO F 55 0.61 -17.62 43.96
CA PRO F 55 0.59 -17.16 45.37
C PRO F 55 1.92 -16.77 45.98
N VAL F 56 1.87 -15.87 46.99
CA VAL F 56 3.05 -15.36 47.69
C VAL F 56 3.05 -15.81 49.15
N ASN F 57 4.25 -15.94 49.75
CA ASN F 57 4.38 -16.40 51.14
C ASN F 57 3.90 -15.34 52.13
N ASP F 58 4.31 -14.07 51.93
CA ASP F 58 3.90 -12.97 52.80
C ASP F 58 3.88 -11.64 52.00
N VAL F 59 3.34 -10.57 52.61
CA VAL F 59 3.21 -9.26 51.98
C VAL F 59 4.59 -8.67 51.63
N ALA F 60 5.56 -8.76 52.56
CA ALA F 60 6.90 -8.21 52.33
C ALA F 60 7.64 -8.87 51.15
N THR F 61 7.71 -10.22 51.09
CA THR F 61 8.40 -10.89 49.98
C THR F 61 7.59 -10.80 48.69
N GLY F 62 6.27 -10.87 48.79
CA GLY F 62 5.40 -10.75 47.62
C GLY F 62 5.50 -9.41 46.94
N GLY F 63 5.52 -8.35 47.74
CA GLY F 63 5.65 -6.99 47.23
C GLY F 63 7.01 -6.72 46.62
N ASP F 64 8.08 -7.24 47.25
CA ASP F 64 9.45 -7.08 46.74
C ASP F 64 9.63 -7.85 45.44
N SER F 65 9.09 -9.09 45.36
CA SER F 65 9.18 -9.89 44.14
C SER F 65 8.40 -9.20 43.01
N TYR F 66 7.25 -8.57 43.33
CA TYR F 66 6.46 -7.84 42.35
C TYR F 66 7.29 -6.69 41.75
N GLU F 67 7.90 -5.85 42.60
CA GLU F 67 8.69 -4.70 42.14
C GLU F 67 9.93 -5.15 41.37
N TRP F 68 10.57 -6.23 41.83
CA TRP F 68 11.74 -6.82 41.18
C TRP F 68 11.43 -7.22 39.74
N LEU F 69 10.31 -7.90 39.51
CA LEU F 69 9.93 -8.34 38.16
C LEU F 69 9.33 -7.23 37.32
N ALA F 70 8.57 -6.30 37.92
CA ALA F 70 7.97 -5.19 37.18
C ALA F 70 9.06 -4.27 36.60
N THR F 71 10.19 -4.11 37.31
CA THR F 71 11.32 -3.32 36.84
C THR F 71 12.26 -4.11 35.87
N GLY F 72 11.76 -5.21 35.28
CA GLY F 72 12.50 -6.00 34.30
C GLY F 72 13.53 -6.99 34.76
N HIS F 73 13.67 -7.23 36.08
CA HIS F 73 14.67 -8.19 36.57
C HIS F 73 14.21 -9.64 36.41
N ALA F 74 15.17 -10.57 36.33
CA ALA F 74 14.87 -11.99 36.21
C ALA F 74 14.47 -12.56 37.58
N LEU F 75 13.64 -13.61 37.58
CA LEU F 75 13.16 -14.21 38.81
C LEU F 75 14.29 -14.85 39.63
N LYS F 76 14.34 -14.53 40.93
CA LYS F 76 15.31 -15.12 41.85
C LYS F 76 14.84 -16.53 42.21
N ASP F 77 15.77 -17.48 42.40
CA ASP F 77 15.41 -18.86 42.76
C ASP F 77 14.73 -18.89 44.12
N GLY F 78 13.61 -19.60 44.21
CA GLY F 78 12.82 -19.71 45.43
C GLY F 78 11.71 -18.68 45.54
N ASP F 79 11.84 -17.54 44.84
CA ASP F 79 10.82 -16.48 44.88
C ASP F 79 9.62 -16.83 44.01
N SER F 80 8.46 -16.28 44.36
CA SER F 80 7.22 -16.52 43.62
C SER F 80 7.18 -15.68 42.35
N ALA F 81 6.61 -16.24 41.27
CA ALA F 81 6.46 -15.53 40.00
C ALA F 81 5.45 -14.36 40.07
N VAL F 82 4.59 -14.32 41.12
CA VAL F 82 3.55 -13.31 41.41
C VAL F 82 2.40 -13.34 40.37
N TYR F 83 2.70 -13.09 39.09
CA TYR F 83 1.71 -13.05 38.02
C TYR F 83 2.37 -13.45 36.69
N GLN F 84 1.59 -14.00 35.75
CA GLN F 84 2.12 -14.46 34.47
C GLN F 84 2.68 -13.34 33.61
N ARG F 85 2.10 -12.12 33.68
CA ARG F 85 2.63 -10.98 32.93
C ARG F 85 4.01 -10.50 33.47
N LEU F 86 4.40 -10.95 34.68
CA LEU F 86 5.68 -10.63 35.29
C LEU F 86 6.68 -11.77 35.03
N TRP F 87 6.24 -13.04 35.17
CA TRP F 87 7.11 -14.21 34.94
C TRP F 87 6.29 -15.51 34.71
N GLN F 88 6.82 -16.42 33.87
CA GLN F 88 6.20 -17.72 33.59
C GLN F 88 7.34 -18.77 33.48
N PRO F 89 7.29 -19.92 34.19
CA PRO F 89 8.43 -20.86 34.13
C PRO F 89 8.71 -21.56 32.79
N GLY F 90 7.66 -21.94 32.07
CA GLY F 90 7.80 -22.58 30.77
C GLY F 90 8.43 -21.69 29.73
N VAL F 91 8.09 -20.39 29.77
CA VAL F 91 8.66 -19.39 28.86
C VAL F 91 10.14 -19.22 29.23
N ALA F 92 10.44 -19.08 30.54
CA ALA F 92 11.80 -18.95 31.05
C ALA F 92 12.71 -20.12 30.62
N ARG F 93 12.18 -21.35 30.54
CA ARG F 93 12.97 -22.51 30.09
C ARG F 93 13.34 -22.36 28.63
N PHE F 94 12.38 -21.92 27.79
CA PHE F 94 12.63 -21.66 26.36
C PHE F 94 13.65 -20.55 26.19
N GLU F 95 13.56 -19.51 27.03
CA GLU F 95 14.46 -18.36 27.01
C GLU F 95 15.91 -18.78 27.31
N THR F 96 16.13 -19.58 28.36
CA THR F 96 17.48 -20.04 28.70
C THR F 96 18.03 -21.01 27.64
N ALA F 97 17.15 -21.78 26.98
CA ALA F 97 17.59 -22.72 25.95
C ALA F 97 18.17 -21.99 24.74
N LEU F 98 17.50 -20.93 24.24
CA LEU F 98 18.00 -20.18 23.09
C LEU F 98 19.22 -19.34 23.45
N ALA F 99 19.25 -18.71 24.64
CA ALA F 99 20.38 -17.89 25.08
C ALA F 99 21.69 -18.69 25.06
N GLU F 100 21.66 -19.98 25.47
CA GLU F 100 22.84 -20.84 25.44
C GLU F 100 23.29 -21.11 24.00
N LEU F 101 22.34 -21.27 23.07
CA LEU F 101 22.65 -21.54 21.66
C LEU F 101 23.28 -20.32 20.98
N GLU F 102 22.74 -19.12 21.25
CA GLU F 102 23.26 -17.87 20.68
C GLU F 102 24.45 -17.28 21.46
N HIS F 103 24.89 -17.92 22.57
CA HIS F 103 25.98 -17.46 23.44
C HIS F 103 25.66 -16.09 24.07
N ALA F 104 24.37 -15.84 24.37
CA ALA F 104 23.90 -14.61 25.00
C ALA F 104 23.70 -14.82 26.51
N ASP F 105 23.72 -13.73 27.28
CA ASP F 105 23.53 -13.83 28.72
C ASP F 105 22.10 -14.24 29.05
N GLU F 106 21.10 -13.54 28.48
CA GLU F 106 19.68 -13.79 28.72
C GLU F 106 18.87 -13.67 27.41
N ALA F 107 17.57 -14.05 27.44
CA ALA F 107 16.67 -13.93 26.31
C ALA F 107 15.25 -13.59 26.80
N VAL F 108 14.47 -12.85 26.00
CA VAL F 108 13.11 -12.44 26.36
C VAL F 108 12.17 -12.89 25.23
N ALA F 109 11.12 -13.67 25.56
CA ALA F 109 10.16 -14.20 24.59
C ALA F 109 8.84 -13.44 24.61
N PHE F 110 8.16 -13.36 23.45
CA PHE F 110 6.89 -12.66 23.24
C PHE F 110 5.94 -13.50 22.35
N ALA F 111 4.69 -13.02 22.16
CA ALA F 111 3.67 -13.72 21.37
C ALA F 111 4.08 -14.00 19.91
N THR F 112 4.71 -13.03 19.23
CA THR F 112 5.15 -13.13 17.83
C THR F 112 6.53 -12.44 17.63
N GLY F 113 7.16 -12.64 16.47
CA GLY F 113 8.41 -11.97 16.11
C GLY F 113 8.23 -10.47 16.07
N MET F 114 7.04 -10.00 15.63
CA MET F 114 6.72 -8.58 15.57
C MET F 114 6.54 -7.98 16.97
N ALA F 115 6.06 -8.78 17.95
CA ALA F 115 5.94 -8.31 19.33
C ALA F 115 7.32 -8.07 19.94
N ALA F 116 8.30 -8.92 19.60
CA ALA F 116 9.67 -8.74 20.05
C ALA F 116 10.27 -7.47 19.43
N MET F 117 10.06 -7.24 18.11
CA MET F 117 10.53 -6.03 17.43
C MET F 117 9.89 -4.80 18.06
N THR F 118 8.57 -4.87 18.35
CA THR F 118 7.82 -3.78 18.96
C THR F 118 8.41 -3.41 20.32
N ALA F 119 8.71 -4.41 21.14
CA ALA F 119 9.28 -4.17 22.46
C ALA F 119 10.70 -3.63 22.37
N ALA F 120 11.50 -4.11 21.41
CA ALA F 120 12.88 -3.63 21.22
C ALA F 120 12.89 -2.17 20.79
N LEU F 121 11.93 -1.75 19.95
CA LEU F 121 11.84 -0.36 19.52
C LEU F 121 11.32 0.52 20.66
N LEU F 122 10.31 0.06 21.42
CA LEU F 122 9.78 0.83 22.54
C LEU F 122 10.81 1.00 23.66
N ALA F 123 11.69 -0.01 23.85
CA ALA F 123 12.76 0.06 24.85
C ALA F 123 13.75 1.16 24.48
N ALA F 124 14.07 1.30 23.18
CA ALA F 124 14.97 2.34 22.70
C ALA F 124 14.31 3.72 22.84
N VAL F 125 13.02 3.84 22.51
CA VAL F 125 12.28 5.11 22.61
C VAL F 125 12.24 5.57 24.08
N ASN F 126 11.92 4.65 25.00
CA ASN F 126 11.86 4.95 26.43
C ASN F 126 13.20 5.43 26.99
N ALA F 127 14.32 4.90 26.45
CA ALA F 127 15.67 5.31 26.88
C ALA F 127 16.13 6.64 26.25
N GLY F 128 15.24 7.39 25.60
CA GLY F 128 15.58 8.66 24.98
C GLY F 128 16.37 8.53 23.68
N THR F 129 16.23 7.39 22.98
CA THR F 129 16.93 7.14 21.71
C THR F 129 15.90 6.64 20.69
N PRO F 130 14.99 7.49 20.18
CA PRO F 130 13.97 7.01 19.24
C PRO F 130 14.46 6.79 17.80
N HIS F 131 15.66 7.26 17.43
CA HIS F 131 16.16 7.08 16.07
C HIS F 131 16.77 5.70 15.87
N ILE F 132 16.49 5.07 14.71
CA ILE F 132 16.99 3.74 14.36
C ILE F 132 17.62 3.82 12.96
N VAL F 133 18.80 3.23 12.78
CA VAL F 133 19.49 3.13 11.49
C VAL F 133 19.23 1.70 11.00
N ALA F 134 18.72 1.53 9.76
CA ALA F 134 18.39 0.20 9.26
C ALA F 134 18.77 -0.01 7.80
N VAL F 135 19.19 -1.24 7.45
CA VAL F 135 19.50 -1.59 6.06
C VAL F 135 18.18 -1.86 5.34
N ARG F 136 18.03 -1.39 4.08
CA ARG F 136 16.75 -1.54 3.36
C ARG F 136 16.24 -2.99 3.17
N PRO F 137 17.07 -3.99 2.79
CA PRO F 137 16.52 -5.35 2.61
C PRO F 137 16.15 -6.01 3.95
N LEU F 138 14.89 -5.79 4.39
CA LEU F 138 14.34 -6.31 5.65
C LEU F 138 12.98 -6.99 5.40
N TYR F 139 12.46 -7.69 6.43
CA TYR F 139 11.14 -8.31 6.39
C TYR F 139 10.08 -7.19 6.27
N GLY F 140 9.07 -7.40 5.43
CA GLY F 140 7.98 -6.45 5.18
C GLY F 140 7.38 -5.77 6.39
N GLY F 141 7.03 -6.55 7.40
CA GLY F 141 6.45 -6.03 8.63
C GLY F 141 7.40 -5.16 9.42
N SER F 142 8.66 -5.60 9.56
CA SER F 142 9.69 -4.82 10.24
C SER F 142 9.94 -3.49 9.52
N ASP F 143 9.93 -3.51 8.18
CA ASP F 143 10.12 -2.32 7.34
C ASP F 143 8.93 -1.36 7.53
N HIS F 144 7.70 -1.90 7.47
CA HIS F 144 6.49 -1.08 7.62
C HIS F 144 6.37 -0.46 9.01
N LEU F 145 6.76 -1.20 10.06
CA LEU F 145 6.69 -0.72 11.44
C LEU F 145 7.64 0.48 11.65
N LEU F 146 8.82 0.44 11.04
CA LEU F 146 9.78 1.54 11.14
C LEU F 146 9.32 2.75 10.31
N GLU F 147 8.84 2.52 9.08
CA GLU F 147 8.39 3.58 8.19
C GLU F 147 7.20 4.37 8.77
N THR F 148 6.21 3.68 9.35
CA THR F 148 5.03 4.32 9.93
C THR F 148 5.38 5.21 11.13
N GLY F 149 6.32 4.78 11.95
CA GLY F 149 6.69 5.52 13.16
C GLY F 149 5.59 5.48 14.19
N LEU F 150 4.92 4.32 14.30
CA LEU F 150 3.80 4.12 15.22
C LEU F 150 4.25 4.19 16.68
N LEU F 151 5.41 3.60 16.98
CA LEU F 151 5.92 3.54 18.35
C LEU F 151 6.80 4.74 18.70
N GLY F 152 6.59 5.88 18.04
CA GLY F 152 7.38 7.09 18.27
C GLY F 152 8.82 6.98 17.82
N THR F 153 9.05 6.28 16.69
CA THR F 153 10.39 6.06 16.14
C THR F 153 10.60 6.84 14.85
N THR F 154 11.86 7.27 14.63
CA THR F 154 12.30 7.94 13.41
C THR F 154 13.36 7.00 12.79
N VAL F 155 13.35 6.82 11.47
CA VAL F 155 14.26 5.90 10.81
C VAL F 155 15.04 6.56 9.66
N THR F 156 16.32 6.20 9.53
CA THR F 156 17.20 6.64 8.45
C THR F 156 17.65 5.37 7.75
N TRP F 157 17.16 5.14 6.54
CA TRP F 157 17.50 3.94 5.78
C TRP F 157 18.89 4.11 5.20
N ALA F 158 19.82 3.21 5.56
CA ALA F 158 21.21 3.28 5.14
C ALA F 158 21.72 1.94 4.60
N LYS F 159 22.73 2.00 3.73
CA LYS F 159 23.35 0.80 3.16
C LYS F 159 24.47 0.32 4.12
N GLU F 160 25.06 -0.87 3.87
CA GLU F 160 26.12 -1.43 4.72
C GLU F 160 27.30 -0.45 4.93
N ALA F 161 27.75 0.21 3.86
CA ALA F 161 28.86 1.15 3.96
C ALA F 161 28.46 2.49 4.59
N GLU F 162 27.19 2.91 4.44
CA GLU F 162 26.71 4.20 4.95
C GLU F 162 26.08 4.11 6.35
N ILE F 163 26.41 3.08 7.16
CA ILE F 163 25.83 2.95 8.51
C ILE F 163 26.43 4.03 9.43
N ALA F 164 27.77 4.16 9.45
CA ALA F 164 28.48 5.13 10.28
C ALA F 164 27.99 6.57 10.07
N SER F 165 27.74 6.96 8.80
CA SER F 165 27.27 8.32 8.49
C SER F 165 25.83 8.54 8.97
N ALA F 166 24.97 7.53 8.83
CA ALA F 166 23.57 7.62 9.27
C ALA F 166 23.40 7.68 10.79
N ILE F 167 24.45 7.33 11.57
CA ILE F 167 24.36 7.35 13.03
C ILE F 167 24.17 8.79 13.52
N GLN F 168 23.08 9.05 14.26
CA GLN F 168 22.74 10.35 14.85
C GLN F 168 23.01 10.31 16.37
N ASP F 169 23.03 11.47 17.02
CA ASP F 169 23.25 11.56 18.47
C ASP F 169 22.18 10.83 19.32
N ASP F 170 20.96 10.64 18.78
CA ASP F 170 19.87 9.97 19.48
C ASP F 170 19.56 8.58 18.90
N THR F 171 20.57 7.84 18.40
CA THR F 171 20.35 6.51 17.84
C THR F 171 20.33 5.47 18.95
N GLY F 172 19.31 4.63 18.93
CA GLY F 172 19.15 3.56 19.90
C GLY F 172 19.59 2.21 19.39
N LEU F 173 19.31 1.90 18.10
CA LEU F 173 19.64 0.59 17.51
C LEU F 173 20.03 0.67 16.04
N VAL F 174 20.76 -0.36 15.57
CA VAL F 174 21.16 -0.56 14.18
C VAL F 174 20.54 -1.91 13.79
N ILE F 175 19.47 -1.92 12.99
CA ILE F 175 18.78 -3.17 12.66
C ILE F 175 19.30 -3.72 11.33
N VAL F 176 19.71 -4.99 11.34
CA VAL F 176 20.27 -5.73 10.20
C VAL F 176 19.63 -7.14 10.14
N GLU F 177 19.54 -7.72 8.94
CA GLU F 177 18.96 -9.05 8.73
C GLU F 177 19.75 -9.74 7.61
N THR F 178 20.28 -10.95 7.87
CA THR F 178 21.10 -11.68 6.89
C THR F 178 20.95 -13.21 7.06
N PRO F 179 20.59 -14.00 6.00
CA PRO F 179 20.21 -13.58 4.63
C PRO F 179 18.91 -12.79 4.64
N ALA F 180 18.84 -11.73 3.83
CA ALA F 180 17.65 -10.87 3.80
C ALA F 180 16.42 -11.59 3.26
N ASN F 181 15.22 -11.15 3.69
CA ASN F 181 13.96 -11.71 3.23
C ASN F 181 13.41 -10.77 2.16
N PRO F 182 13.17 -11.16 0.87
CA PRO F 182 13.31 -12.48 0.23
C PRO F 182 14.62 -12.80 -0.52
N SER F 183 15.26 -11.78 -1.14
CA SER F 183 16.47 -11.87 -1.97
C SER F 183 17.65 -12.69 -1.44
N LEU F 184 17.75 -12.88 -0.11
CA LEU F 184 18.84 -13.62 0.55
C LEU F 184 20.19 -12.91 0.40
N ASP F 185 20.18 -11.57 0.45
CA ASP F 185 21.40 -10.77 0.37
C ASP F 185 22.11 -10.87 1.72
N LEU F 186 23.42 -11.13 1.70
CA LEU F 186 24.19 -11.28 2.94
C LEU F 186 24.78 -9.94 3.39
N VAL F 187 25.02 -9.80 4.70
CA VAL F 187 25.55 -8.59 5.32
C VAL F 187 26.76 -8.98 6.18
N ASP F 188 27.90 -8.31 6.02
CA ASP F 188 29.08 -8.58 6.83
C ASP F 188 28.84 -7.97 8.21
N LEU F 189 28.54 -8.82 9.20
CA LEU F 189 28.24 -8.37 10.56
C LEU F 189 29.45 -7.76 11.27
N ASP F 190 30.67 -8.22 10.97
CA ASP F 190 31.88 -7.69 11.62
C ASP F 190 32.06 -6.21 11.26
N SER F 191 31.83 -5.84 9.98
CA SER F 191 31.95 -4.46 9.53
C SER F 191 30.79 -3.59 10.06
N VAL F 192 29.59 -4.16 10.22
CA VAL F 192 28.42 -3.43 10.74
C VAL F 192 28.68 -3.01 12.19
N VAL F 193 29.18 -3.92 13.03
CA VAL F 193 29.46 -3.63 14.44
C VAL F 193 30.53 -2.53 14.53
N ALA F 194 31.55 -2.59 13.68
CA ALA F 194 32.60 -1.57 13.64
C ALA F 194 32.03 -0.20 13.25
N ALA F 195 31.12 -0.16 12.26
CA ALA F 195 30.49 1.07 11.81
C ALA F 195 29.56 1.67 12.88
N ALA F 196 28.80 0.82 13.58
CA ALA F 196 27.89 1.27 14.64
C ALA F 196 28.67 1.84 15.83
N GLY F 197 29.78 1.20 16.18
CA GLY F 197 30.61 1.66 17.29
C GLY F 197 29.95 1.45 18.63
N THR F 198 29.56 2.54 19.30
CA THR F 198 28.90 2.48 20.60
C THR F 198 27.39 2.15 20.52
N VAL F 199 26.77 2.22 19.33
CA VAL F 199 25.34 1.97 19.19
C VAL F 199 25.10 0.43 19.18
N PRO F 200 24.16 -0.15 19.98
CA PRO F 200 23.95 -1.61 19.89
C PRO F 200 23.40 -2.05 18.54
N VAL F 201 23.77 -3.26 18.10
CA VAL F 201 23.31 -3.81 16.81
C VAL F 201 22.31 -4.94 17.07
N LEU F 202 21.15 -4.86 16.41
CA LEU F 202 20.10 -5.88 16.49
C LEU F 202 20.11 -6.63 15.16
N VAL F 203 20.34 -7.95 15.21
CA VAL F 203 20.41 -8.81 14.02
C VAL F 203 19.26 -9.80 14.04
N ASP F 204 18.45 -9.80 12.97
CA ASP F 204 17.33 -10.73 12.82
C ASP F 204 17.90 -12.03 12.21
N ASN F 205 18.15 -13.05 13.07
CA ASN F 205 18.73 -14.33 12.68
C ASN F 205 17.67 -15.42 12.48
N THR F 206 16.50 -15.06 11.93
CA THR F 206 15.40 -16.01 11.72
C THR F 206 15.75 -17.09 10.69
N PHE F 207 16.26 -16.69 9.52
CA PHE F 207 16.59 -17.59 8.42
C PHE F 207 17.77 -18.54 8.73
N CYS F 208 18.87 -18.00 9.27
CA CYS F 208 20.06 -18.81 9.57
C CYS F 208 19.86 -19.74 10.76
N THR F 209 19.24 -19.22 11.86
CA THR F 209 19.03 -19.92 13.14
C THR F 209 20.37 -20.09 13.90
N PRO F 210 20.40 -20.38 15.23
CA PRO F 210 21.71 -20.57 15.90
C PRO F 210 22.55 -21.74 15.38
N VAL F 211 22.00 -22.58 14.49
CA VAL F 211 22.72 -23.73 13.92
C VAL F 211 23.80 -23.20 12.97
N LEU F 212 23.44 -22.23 12.11
CA LEU F 212 24.32 -21.67 11.09
C LEU F 212 25.03 -20.37 11.49
N GLN F 213 24.34 -19.47 12.20
CA GLN F 213 24.91 -18.16 12.54
C GLN F 213 24.67 -17.80 13.99
N GLN F 214 25.64 -17.09 14.60
CA GLN F 214 25.59 -16.62 15.98
C GLN F 214 26.08 -15.17 15.97
N PRO F 215 25.20 -14.17 15.68
CA PRO F 215 25.67 -12.78 15.63
C PRO F 215 26.34 -12.23 16.90
N ILE F 216 26.01 -12.78 18.10
CA ILE F 216 26.61 -12.35 19.37
C ILE F 216 28.15 -12.51 19.30
N ARG F 217 28.63 -13.62 18.70
CA ARG F 217 30.06 -13.88 18.51
C ARG F 217 30.74 -12.77 17.69
N HIS F 218 30.04 -12.23 16.68
CA HIS F 218 30.55 -11.15 15.82
C HIS F 218 30.48 -9.74 16.46
N GLY F 219 29.91 -9.63 17.67
CA GLY F 219 29.81 -8.37 18.39
C GLY F 219 28.43 -7.74 18.45
N ALA F 220 27.37 -8.46 17.98
CA ALA F 220 26.02 -7.92 18.04
C ALA F 220 25.50 -7.94 19.48
N ALA F 221 24.62 -6.98 19.81
CA ALA F 221 24.05 -6.88 21.16
C ALA F 221 22.74 -7.66 21.29
N LEU F 222 21.85 -7.56 20.29
CA LEU F 222 20.56 -8.25 20.30
C LEU F 222 20.40 -9.14 19.08
N VAL F 223 19.79 -10.31 19.25
CA VAL F 223 19.55 -11.27 18.16
C VAL F 223 18.08 -11.68 18.20
N LEU F 224 17.28 -11.19 17.24
CA LEU F 224 15.86 -11.50 17.18
C LEU F 224 15.60 -12.71 16.27
N HIS F 225 14.67 -13.57 16.71
CA HIS F 225 14.27 -14.75 15.96
C HIS F 225 12.76 -14.80 15.96
N SER F 226 12.16 -15.00 14.79
CA SER F 226 10.73 -15.22 14.71
C SER F 226 10.62 -16.71 14.98
N ALA F 227 10.39 -17.09 16.24
CA ALA F 227 10.30 -18.50 16.63
C ALA F 227 9.24 -19.28 15.84
N THR F 228 8.22 -18.58 15.30
CA THR F 228 7.19 -19.13 14.40
C THR F 228 7.82 -19.99 13.28
N TYR F 230 11.25 -22.25 11.91
CA TYR F 230 12.42 -23.07 12.25
C TYR F 230 12.51 -23.48 13.73
N LEU F 231 12.39 -22.53 14.68
CA LEU F 231 12.45 -22.88 16.11
C LEU F 231 11.26 -23.78 16.45
N GLY F 232 10.07 -23.46 15.95
CA GLY F 232 8.89 -24.30 16.08
C GLY F 232 9.03 -25.46 15.14
N GLY F 233 9.21 -25.16 13.86
CA GLY F 233 9.47 -26.13 12.81
C GLY F 233 8.29 -26.91 12.26
N HIS F 234 7.10 -26.77 12.86
CA HIS F 234 5.92 -27.51 12.40
C HIS F 234 4.71 -26.62 12.02
N GLY F 235 4.93 -25.30 11.92
CA GLY F 235 3.88 -24.35 11.55
C GLY F 235 2.67 -24.37 12.47
N ASP F 236 2.90 -24.49 13.78
CA ASP F 236 1.80 -24.56 14.77
C ASP F 236 2.08 -23.82 16.09
N ALA F 237 3.08 -22.93 16.12
CA ALA F 237 3.40 -22.19 17.32
C ALA F 237 3.98 -20.83 16.96
N MET F 238 3.20 -19.76 17.20
CA MET F 238 3.67 -18.41 16.95
C MET F 238 4.62 -18.05 18.10
N GLY F 239 5.60 -17.19 17.82
CA GLY F 239 6.55 -16.78 18.84
C GLY F 239 7.62 -15.85 18.35
N GLY F 240 8.23 -15.15 19.30
CA GLY F 240 9.31 -14.19 19.04
C GLY F 240 10.25 -14.17 20.23
N ILE F 241 11.55 -14.02 20.00
CA ILE F 241 12.53 -14.04 21.09
C ILE F 241 13.80 -13.27 20.72
N ILE F 242 14.37 -12.55 21.69
CA ILE F 242 15.60 -11.77 21.49
C ILE F 242 16.66 -12.25 22.47
N ALA F 243 17.74 -12.86 21.96
CA ALA F 243 18.87 -13.27 22.78
C ALA F 243 19.75 -12.03 22.91
N THR F 244 19.98 -11.54 24.14
CA THR F 244 20.74 -10.30 24.37
C THR F 244 21.42 -10.26 25.76
N ASN F 245 22.27 -9.24 26.00
CA ASN F 245 22.93 -9.00 27.28
C ASN F 245 21.89 -8.66 28.39
N SER F 246 22.31 -8.70 29.66
CA SER F 246 21.43 -8.41 30.80
C SER F 246 20.78 -7.01 30.78
N ASP F 247 21.47 -6.00 30.25
CA ASP F 247 20.93 -4.64 30.21
C ASP F 247 19.69 -4.57 29.29
N TRP F 248 19.81 -5.04 28.03
CA TRP F 248 18.68 -5.02 27.10
C TRP F 248 17.59 -6.02 27.51
N ALA F 249 17.95 -7.13 28.16
CA ALA F 249 16.96 -8.10 28.62
C ALA F 249 16.05 -7.46 29.69
N MET F 250 16.62 -6.64 30.57
CA MET F 250 15.85 -5.94 31.60
C MET F 250 14.91 -4.92 30.95
N ARG F 251 15.41 -4.15 29.97
CA ARG F 251 14.61 -3.16 29.26
C ARG F 251 13.45 -3.81 28.50
N LEU F 252 13.71 -4.97 27.87
CA LEU F 252 12.67 -5.70 27.14
C LEU F 252 11.62 -6.25 28.10
N ARG F 253 12.04 -6.79 29.26
CA ARG F 253 11.09 -7.30 30.25
C ARG F 253 10.27 -6.17 30.87
N GLN F 254 10.86 -4.97 31.03
CA GLN F 254 10.12 -3.79 31.52
C GLN F 254 8.96 -3.46 30.58
N VAL F 255 9.20 -3.55 29.26
CA VAL F 255 8.17 -3.27 28.27
C VAL F 255 7.15 -4.41 28.29
N ARG F 256 7.61 -5.67 28.33
CA ARG F 256 6.73 -6.84 28.37
C ARG F 256 5.76 -6.82 29.57
N ALA F 257 6.24 -6.42 30.75
CA ALA F 257 5.42 -6.40 31.96
C ALA F 257 4.22 -5.44 31.90
N ILE F 258 4.33 -4.32 31.15
CA ILE F 258 3.24 -3.33 31.06
C ILE F 258 2.50 -3.40 29.69
N THR F 259 3.16 -3.84 28.60
CA THR F 259 2.47 -3.97 27.30
C THR F 259 1.80 -5.35 27.17
N GLY F 260 2.35 -6.38 27.79
CA GLY F 260 1.76 -7.70 27.85
C GLY F 260 1.60 -8.52 26.58
N ALA F 261 2.58 -8.50 25.67
CA ALA F 261 2.53 -9.34 24.46
C ALA F 261 3.20 -10.66 24.86
N LEU F 262 2.50 -11.47 25.65
CA LEU F 262 3.05 -12.70 26.21
C LEU F 262 2.94 -13.92 25.33
N LEU F 263 3.93 -14.81 25.47
CA LEU F 263 3.96 -16.09 24.80
C LEU F 263 3.19 -17.06 25.69
N HIS F 264 2.18 -17.75 25.14
CA HIS F 264 1.34 -18.67 25.91
C HIS F 264 2.15 -19.89 26.40
N PRO F 265 1.92 -20.44 27.62
CA PRO F 265 2.70 -21.60 28.06
C PRO F 265 2.77 -22.79 27.09
N MET F 266 1.67 -23.13 26.39
CA MET F 266 1.71 -24.23 25.41
C MET F 266 2.52 -23.83 24.18
N GLY F 267 2.47 -22.56 23.77
CA GLY F 267 3.27 -22.05 22.68
C GLY F 267 4.75 -22.15 23.01
N ALA F 268 5.13 -21.75 24.24
CA ALA F 268 6.50 -21.86 24.73
C ALA F 268 6.94 -23.31 24.82
N TYR F 269 6.04 -24.20 25.21
CA TYR F 269 6.34 -25.62 25.29
C TYR F 269 6.68 -26.19 23.91
N LEU F 270 5.88 -25.86 22.88
CA LEU F 270 6.11 -26.37 21.52
C LEU F 270 7.34 -25.77 20.85
N LEU F 271 7.68 -24.51 21.17
CA LEU F 271 8.88 -23.87 20.60
C LEU F 271 10.14 -24.46 21.27
N HIS F 272 10.08 -24.75 22.58
CA HIS F 272 11.19 -25.39 23.30
C HIS F 272 11.35 -26.83 22.79
N ARG F 273 10.22 -27.53 22.56
CA ARG F 273 10.15 -28.89 22.03
C ARG F 273 10.81 -28.94 20.64
N GLY F 274 10.51 -27.93 19.81
CA GLY F 274 11.08 -27.82 18.47
C GLY F 274 12.58 -27.59 18.45
N LEU F 275 13.14 -26.90 19.47
CA LEU F 275 14.58 -26.66 19.54
C LEU F 275 15.37 -27.97 19.64
N ARG F 276 14.79 -29.02 20.21
CA ARG F 276 15.46 -30.32 20.35
C ARG F 276 15.79 -30.94 18.99
N THR F 277 14.91 -30.77 18.00
CA THR F 277 15.08 -31.29 16.65
C THR F 277 15.55 -30.22 15.64
N LEU F 278 15.93 -29.01 16.10
CA LEU F 278 16.32 -27.93 15.18
C LEU F 278 17.56 -28.26 14.33
N ALA F 279 18.64 -28.74 14.95
CA ALA F 279 19.87 -29.07 14.20
C ALA F 279 19.62 -30.18 13.19
N VAL F 280 18.83 -31.20 13.56
CA VAL F 280 18.55 -32.33 12.68
C VAL F 280 17.63 -31.89 11.51
N ARG F 281 16.61 -31.06 11.78
CA ARG F 281 15.70 -30.58 10.72
C ARG F 281 16.41 -29.61 9.78
N MET F 282 17.19 -28.67 10.32
CA MET F 282 17.86 -27.66 9.50
C MET F 282 18.85 -28.32 8.55
N ARG F 283 19.68 -29.25 9.04
CA ARG F 283 20.65 -29.95 8.19
C ARG F 283 19.97 -30.76 7.08
N ALA F 284 18.80 -31.37 7.37
CA ALA F 284 18.07 -32.16 6.38
C ALA F 284 17.50 -31.26 5.28
N ALA F 285 16.88 -30.12 5.65
CA ALA F 285 16.32 -29.17 4.69
C ALA F 285 17.42 -28.47 3.90
N GLN F 286 18.57 -28.20 4.53
CA GLN F 286 19.72 -27.55 3.89
C GLN F 286 20.29 -28.43 2.78
N THR F 287 20.39 -29.74 3.03
CA THR F 287 20.90 -30.70 2.04
C THR F 287 19.98 -30.71 0.82
N THR F 288 18.66 -30.74 1.05
CA THR F 288 17.66 -30.72 -0.02
C THR F 288 17.71 -29.39 -0.80
N ALA F 289 17.85 -28.25 -0.09
CA ALA F 289 17.92 -26.94 -0.72
C ALA F 289 19.18 -26.77 -1.58
N GLY F 290 20.33 -27.25 -1.10
CA GLY F 290 21.57 -27.17 -1.85
C GLY F 290 21.49 -27.92 -3.18
N GLU F 291 20.81 -29.08 -3.18
CA GLU F 291 20.62 -29.87 -4.39
C GLU F 291 19.56 -29.24 -5.31
N LEU F 292 18.44 -28.77 -4.74
CA LEU F 292 17.37 -28.14 -5.52
C LEU F 292 17.83 -26.87 -6.23
N ALA F 293 18.63 -26.02 -5.57
CA ALA F 293 19.12 -24.77 -6.16
C ALA F 293 19.94 -25.03 -7.43
N GLU F 294 20.75 -26.11 -7.45
CA GLU F 294 21.56 -26.46 -8.60
C GLU F 294 20.72 -27.09 -9.71
N ARG F 295 19.74 -27.94 -9.35
CA ARG F 295 18.86 -28.58 -10.31
C ARG F 295 17.94 -27.57 -11.00
N LEU F 296 17.40 -26.59 -10.25
CA LEU F 296 16.52 -25.57 -10.81
C LEU F 296 17.29 -24.57 -11.69
N ALA F 297 18.60 -24.37 -11.44
CA ALA F 297 19.41 -23.46 -12.26
C ALA F 297 19.52 -23.95 -13.71
N ALA F 298 19.52 -25.27 -13.93
CA ALA F 298 19.60 -25.85 -15.27
C ALA F 298 18.32 -25.64 -16.09
N HIS F 299 17.18 -25.32 -15.45
CA HIS F 299 15.93 -25.09 -16.18
C HIS F 299 16.02 -23.77 -16.97
N PRO F 300 15.55 -23.71 -18.24
CA PRO F 300 15.66 -22.44 -18.99
C PRO F 300 14.70 -21.33 -18.56
N ALA F 301 13.57 -21.68 -17.91
CA ALA F 301 12.61 -20.67 -17.46
C ALA F 301 13.14 -19.78 -16.33
N ILE F 302 14.12 -20.25 -15.56
CA ILE F 302 14.70 -19.47 -14.46
C ILE F 302 15.98 -18.78 -14.93
N THR F 303 16.07 -17.45 -14.74
CA THR F 303 17.22 -16.67 -15.16
C THR F 303 18.34 -16.72 -14.11
N ALA F 304 18.00 -16.58 -12.83
CA ALA F 304 18.99 -16.60 -11.75
C ALA F 304 18.43 -17.27 -10.51
N VAL F 305 19.27 -18.06 -9.82
CA VAL F 305 18.92 -18.76 -8.58
C VAL F 305 19.78 -18.18 -7.46
N HIS F 306 19.14 -17.59 -6.44
CA HIS F 306 19.83 -17.00 -5.30
C HIS F 306 19.87 -18.00 -4.16
N TYR F 307 21.07 -18.39 -3.73
CA TYR F 307 21.27 -19.32 -2.62
C TYR F 307 22.67 -19.05 -2.04
N PRO F 308 22.85 -18.76 -0.73
CA PRO F 308 24.21 -18.46 -0.24
C PRO F 308 25.31 -19.45 -0.62
N GLY F 309 24.97 -20.74 -0.61
CA GLY F 309 25.89 -21.83 -0.94
C GLY F 309 26.19 -22.04 -2.42
N LEU F 310 26.47 -20.94 -3.15
CA LEU F 310 26.82 -21.00 -4.58
C LEU F 310 27.89 -19.95 -4.87
N ASN F 311 28.81 -20.26 -5.80
CA ASN F 311 29.88 -19.33 -6.18
C ASN F 311 29.31 -18.11 -6.90
N GLY F 312 29.84 -16.93 -6.61
CA GLY F 312 29.38 -15.67 -7.18
C GLY F 312 28.46 -14.92 -6.26
N GLN F 313 27.58 -15.64 -5.53
CA GLN F 313 26.64 -15.03 -4.58
C GLN F 313 27.31 -14.53 -3.28
N ASP F 314 28.57 -14.93 -3.01
CA ASP F 314 29.26 -14.57 -1.77
C ASP F 314 30.73 -14.22 -2.03
N PRO F 315 31.05 -13.00 -2.51
CA PRO F 315 32.47 -12.67 -2.77
C PRO F 315 33.29 -12.32 -1.52
N ARG F 316 32.63 -11.97 -0.39
CA ARG F 316 33.34 -11.59 0.84
C ARG F 316 33.79 -12.78 1.72
N GLY F 317 33.47 -14.01 1.33
CA GLY F 317 33.85 -15.19 2.10
C GLY F 317 33.12 -15.31 3.42
N LEU F 318 31.86 -14.88 3.46
CA LEU F 318 31.04 -14.94 4.67
C LEU F 318 30.60 -16.38 4.97
N LEU F 319 30.41 -17.22 3.94
CA LEU F 319 30.05 -18.62 4.13
C LEU F 319 31.32 -19.36 4.60
N GLY F 320 31.49 -19.43 5.92
CA GLY F 320 32.66 -20.03 6.55
C GLY F 320 33.08 -19.22 7.76
N ARG F 321 33.14 -17.88 7.61
CA ARG F 321 33.48 -16.97 8.69
C ARG F 321 32.26 -16.66 9.56
N GLN F 322 31.10 -16.39 8.91
CA GLN F 322 29.87 -15.99 9.58
C GLN F 322 28.79 -17.08 9.57
N MET F 323 28.62 -17.79 8.44
CA MET F 323 27.61 -18.84 8.28
C MET F 323 28.24 -20.21 8.08
N SER F 324 27.82 -21.22 8.87
CA SER F 324 28.32 -22.58 8.72
C SER F 324 27.50 -23.43 7.71
N GLY F 325 26.60 -22.82 6.95
CA GLY F 325 25.78 -23.53 5.99
C GLY F 325 25.00 -22.60 5.08
N GLY F 326 24.55 -23.12 3.95
CA GLY F 326 23.81 -22.36 2.96
C GLY F 326 22.39 -21.99 3.31
N GLY F 327 21.76 -22.73 4.22
CA GLY F 327 20.38 -22.47 4.61
C GLY F 327 19.38 -23.35 3.91
N ALA F 328 18.08 -23.12 4.16
CA ALA F 328 16.99 -23.87 3.55
C ALA F 328 16.01 -22.98 2.76
N MET F 329 16.42 -21.75 2.40
CA MET F 329 15.59 -20.81 1.64
C MET F 329 16.21 -20.59 0.26
N ILE F 330 15.38 -20.46 -0.79
CA ILE F 330 15.84 -20.23 -2.15
C ILE F 330 14.93 -19.21 -2.84
N ALA F 331 15.50 -18.09 -3.29
CA ALA F 331 14.75 -17.09 -4.08
C ALA F 331 15.23 -17.21 -5.54
N LEU F 332 14.32 -17.04 -6.52
CA LEU F 332 14.70 -17.17 -7.93
C LEU F 332 13.90 -16.25 -8.85
N GLU F 333 14.58 -15.67 -9.86
CA GLU F 333 13.96 -14.79 -10.84
C GLU F 333 13.54 -15.61 -12.06
N LEU F 334 12.32 -15.37 -12.58
CA LEU F 334 11.80 -16.09 -13.76
C LEU F 334 11.89 -15.20 -15.00
N ALA F 335 12.05 -15.84 -16.17
CA ALA F 335 12.16 -15.14 -17.45
C ALA F 335 10.69 -14.96 -17.84
N GLY F 336 10.15 -13.79 -17.64
CA GLY F 336 8.73 -13.54 -17.89
C GLY F 336 8.09 -12.57 -16.93
N GLY F 337 8.75 -12.30 -15.80
CA GLY F 337 8.29 -11.34 -14.83
C GLY F 337 7.11 -11.82 -14.01
N PHE F 338 6.10 -10.97 -13.86
CA PHE F 338 4.92 -11.25 -13.07
C PHE F 338 4.09 -12.43 -13.60
N ASP F 339 3.88 -12.50 -14.92
CA ASP F 339 3.07 -13.56 -15.51
C ASP F 339 3.67 -14.95 -15.28
N ALA F 340 4.99 -15.10 -15.44
CA ALA F 340 5.65 -16.38 -15.20
C ALA F 340 5.67 -16.72 -13.71
N ALA F 341 5.95 -15.73 -12.85
CA ALA F 341 6.01 -15.93 -11.40
C ALA F 341 4.65 -16.41 -10.83
N ARG F 342 3.54 -15.77 -11.22
CA ARG F 342 2.20 -16.14 -10.75
C ARG F 342 1.82 -17.54 -11.25
N SER F 343 2.11 -17.85 -12.52
CA SER F 343 1.80 -19.15 -13.13
C SER F 343 2.51 -20.31 -12.42
N PHE F 344 3.77 -20.10 -12.02
CA PHE F 344 4.57 -21.10 -11.32
C PHE F 344 3.99 -21.38 -9.91
N VAL F 345 3.48 -20.33 -9.25
CA VAL F 345 2.89 -20.43 -7.90
C VAL F 345 1.55 -21.20 -7.92
N GLU F 346 0.64 -20.84 -8.84
CA GLU F 346 -0.68 -21.48 -8.91
C GLU F 346 -0.66 -22.95 -9.36
N HIS F 347 0.26 -23.33 -10.26
CA HIS F 347 0.35 -24.71 -10.72
C HIS F 347 0.97 -25.71 -9.71
N CYS F 348 1.68 -25.23 -8.67
CA CYS F 348 2.28 -26.14 -7.69
C CYS F 348 1.20 -26.95 -6.96
N SER F 349 1.37 -28.29 -6.87
CA SER F 349 0.40 -29.17 -6.20
C SER F 349 0.93 -29.68 -4.86
N LEU F 350 2.12 -30.32 -4.85
CA LEU F 350 2.76 -30.82 -3.63
C LEU F 350 3.30 -29.63 -2.84
N VAL F 351 4.00 -28.70 -3.50
CA VAL F 351 4.51 -27.50 -2.86
C VAL F 351 3.30 -26.58 -2.68
N VAL F 352 3.05 -26.13 -1.45
CA VAL F 352 1.86 -25.33 -1.13
C VAL F 352 2.13 -23.83 -1.23
N HIS F 353 1.26 -23.09 -1.93
CA HIS F 353 1.37 -21.64 -2.06
C HIS F 353 0.83 -20.98 -0.79
N ALA F 354 1.75 -20.56 0.10
CA ALA F 354 1.40 -19.93 1.36
C ALA F 354 2.56 -19.07 1.88
N VAL F 355 2.25 -18.08 2.73
CA VAL F 355 3.30 -17.27 3.36
C VAL F 355 3.97 -18.10 4.51
N SER F 356 5.04 -17.59 5.13
CA SER F 356 5.76 -18.25 6.22
C SER F 356 6.83 -19.24 5.69
N LEU F 357 7.70 -19.73 6.59
CA LEU F 357 8.82 -20.60 6.24
C LEU F 357 9.26 -21.45 7.47
N GLY F 358 10.28 -22.28 7.29
CA GLY F 358 10.84 -23.10 8.38
C GLY F 358 10.05 -24.32 8.80
N GLY F 359 8.92 -24.59 8.16
CA GLY F 359 8.09 -25.74 8.50
C GLY F 359 8.59 -27.05 7.90
N ALA F 360 7.91 -28.15 8.25
CA ALA F 360 8.25 -29.47 7.72
C ALA F 360 7.91 -29.61 6.23
N ASP F 361 6.95 -28.81 5.71
CA ASP F 361 6.55 -28.87 4.31
C ASP F 361 7.13 -27.69 3.51
N THR F 362 7.27 -27.87 2.20
CA THR F 362 7.83 -26.87 1.30
C THR F 362 6.74 -25.88 0.89
N LEU F 363 6.99 -24.58 1.11
CA LEU F 363 6.05 -23.52 0.76
C LEU F 363 6.65 -22.61 -0.31
N ILE F 364 5.78 -21.94 -1.06
CA ILE F 364 6.18 -21.04 -2.16
C ILE F 364 5.31 -19.77 -2.13
N GLN F 365 5.87 -18.63 -2.56
CA GLN F 365 5.14 -17.36 -2.60
C GLN F 365 5.72 -16.39 -3.63
N HIS F 366 4.95 -15.35 -3.98
CA HIS F 366 5.38 -14.22 -4.81
C HIS F 366 5.55 -13.06 -3.81
N PRO F 367 6.76 -12.75 -3.31
CA PRO F 367 6.90 -11.72 -2.26
C PRO F 367 6.29 -10.35 -2.52
N ALA F 368 6.34 -9.86 -3.77
CA ALA F 368 5.78 -8.55 -4.09
C ALA F 368 4.27 -8.46 -3.79
N SER F 369 3.51 -9.56 -4.00
CA SER F 369 2.08 -9.58 -3.75
C SER F 369 1.67 -9.99 -2.34
N LEU F 370 2.56 -10.64 -1.55
CA LEU F 370 2.18 -11.10 -0.22
C LEU F 370 3.05 -10.50 0.93
N THR F 371 4.26 -11.03 1.25
CA THR F 371 5.04 -10.54 2.38
C THR F 371 5.49 -9.08 2.24
N HIS F 372 6.15 -8.73 1.13
CA HIS F 372 6.64 -7.37 0.92
C HIS F 372 5.65 -6.51 0.12
N ARG F 373 4.37 -6.57 0.52
CA ARG F 373 3.29 -5.76 -0.08
C ARG F 373 3.15 -4.39 0.66
N PRO F 374 3.25 -4.29 2.02
CA PRO F 374 3.15 -2.95 2.65
C PRO F 374 4.41 -2.09 2.52
N VAL F 375 5.49 -2.64 1.92
CA VAL F 375 6.77 -1.94 1.75
C VAL F 375 6.63 -0.90 0.63
N ALA F 376 7.37 0.21 0.72
CA ALA F 376 7.35 1.24 -0.32
C ALA F 376 7.81 0.66 -1.66
N ALA F 377 7.22 1.14 -2.76
CA ALA F 377 7.51 0.65 -4.11
C ALA F 377 9.00 0.58 -4.44
N THR F 378 9.74 1.56 -3.92
CA THR F 378 11.18 1.71 -4.12
C THR F 378 11.96 0.47 -3.59
N ALA F 379 11.62 0.01 -2.37
CA ALA F 379 12.26 -1.13 -1.69
C ALA F 379 11.56 -2.48 -1.94
N LYS F 380 10.57 -2.54 -2.86
CA LYS F 380 9.88 -3.81 -3.13
C LYS F 380 10.77 -4.73 -3.99
N PRO F 381 10.69 -6.07 -3.82
CA PRO F 381 11.51 -6.96 -4.67
C PRO F 381 10.98 -7.07 -6.11
N GLY F 382 11.77 -7.67 -6.99
CA GLY F 382 11.40 -7.85 -8.39
C GLY F 382 10.16 -8.69 -8.56
N ASP F 383 9.40 -8.42 -9.64
CA ASP F 383 8.17 -9.16 -9.92
C ASP F 383 8.44 -10.61 -10.32
N GLY F 384 9.56 -10.85 -11.00
CA GLY F 384 9.93 -12.21 -11.38
C GLY F 384 10.47 -13.05 -10.23
N LEU F 385 10.76 -12.43 -9.06
CA LEU F 385 11.31 -13.15 -7.91
C LEU F 385 10.24 -13.99 -7.20
N ILE F 386 10.62 -15.22 -6.80
CA ILE F 386 9.78 -16.18 -6.11
C ILE F 386 10.59 -16.74 -4.94
N ARG F 387 10.04 -16.70 -3.71
CA ARG F 387 10.72 -17.25 -2.53
C ARG F 387 10.21 -18.68 -2.31
N LEU F 388 11.11 -19.58 -1.88
CA LEU F 388 10.77 -20.98 -1.68
C LEU F 388 11.41 -21.51 -0.39
N SER F 389 10.58 -21.88 0.59
CA SER F 389 11.06 -22.45 1.85
C SER F 389 11.12 -23.96 1.69
N VAL F 390 12.32 -24.55 1.78
CA VAL F 390 12.49 -25.99 1.59
C VAL F 390 12.19 -26.75 2.88
N GLY F 391 11.33 -27.76 2.79
CA GLY F 391 10.93 -28.59 3.91
C GLY F 391 11.76 -29.86 4.03
N LEU F 392 11.14 -30.94 4.55
CA LEU F 392 11.81 -32.23 4.77
C LEU F 392 11.33 -33.32 3.80
N GLU F 393 10.83 -32.95 2.61
CA GLU F 393 10.39 -33.94 1.62
C GLU F 393 11.59 -34.44 0.79
N HIS F 394 11.40 -35.53 0.01
CA HIS F 394 12.47 -36.05 -0.83
C HIS F 394 12.84 -35.03 -1.91
N VAL F 395 14.12 -35.00 -2.29
CA VAL F 395 14.63 -34.03 -3.26
C VAL F 395 14.01 -34.25 -4.65
N ASP F 396 13.85 -35.52 -5.07
CA ASP F 396 13.28 -35.84 -6.38
C ASP F 396 11.81 -35.44 -6.50
N ASP F 397 10.99 -35.70 -5.47
CA ASP F 397 9.57 -35.35 -5.51
C ASP F 397 9.35 -33.85 -5.57
N LEU F 398 10.22 -33.05 -4.93
CA LEU F 398 10.09 -31.60 -4.95
C LEU F 398 10.47 -31.05 -6.34
N GLU F 399 11.54 -31.57 -6.96
CA GLU F 399 11.93 -31.09 -8.29
C GLU F 399 10.89 -31.48 -9.35
N ASP F 400 10.28 -32.68 -9.25
CA ASP F 400 9.25 -33.10 -10.20
C ASP F 400 8.05 -32.17 -10.17
N ASP F 401 7.63 -31.74 -8.97
CA ASP F 401 6.49 -30.83 -8.82
C ASP F 401 6.80 -29.43 -9.33
N LEU F 402 8.01 -28.91 -9.03
CA LEU F 402 8.39 -27.56 -9.46
C LEU F 402 8.62 -27.51 -10.98
N ILE F 403 9.18 -28.58 -11.58
CA ILE F 403 9.39 -28.65 -13.03
C ILE F 403 8.02 -28.70 -13.72
N ALA F 404 7.06 -29.49 -13.19
CA ALA F 404 5.71 -29.57 -13.75
C ALA F 404 5.02 -28.20 -13.76
N ALA F 405 5.20 -27.41 -12.68
CA ALA F 405 4.62 -26.08 -12.58
C ALA F 405 5.28 -25.10 -13.55
N LEU F 406 6.60 -25.20 -13.76
CA LEU F 406 7.31 -24.33 -14.71
C LEU F 406 6.91 -24.66 -16.15
N ASP F 407 6.78 -25.96 -16.48
CA ASP F 407 6.36 -26.39 -17.82
C ASP F 407 4.89 -26.07 -18.13
N ALA F 408 4.05 -25.86 -17.10
CA ALA F 408 2.64 -25.50 -17.30
C ALA F 408 2.45 -24.04 -17.77
N SER F 409 3.47 -23.19 -17.60
CA SER F 409 3.41 -21.77 -17.97
C SER F 409 3.47 -21.59 -19.50
N ASN G 22 0.58 -42.16 -4.84
CA ASN G 22 1.19 -43.49 -4.92
C ASN G 22 2.69 -43.37 -5.27
N SER G 23 3.04 -42.59 -6.31
CA SER G 23 4.43 -42.43 -6.75
C SER G 23 5.29 -41.51 -5.86
N MET G 24 4.96 -41.35 -4.57
CA MET G 24 5.77 -40.52 -3.68
C MET G 24 6.71 -41.38 -2.84
N HIS G 25 7.90 -40.85 -2.54
CA HIS G 25 8.89 -41.52 -1.70
C HIS G 25 8.42 -41.57 -0.22
N PRO G 26 8.94 -42.48 0.64
CA PRO G 26 8.48 -42.48 2.05
C PRO G 26 8.76 -41.18 2.81
N GLU G 27 9.82 -40.44 2.46
CA GLU G 27 10.16 -39.18 3.12
C GLU G 27 9.08 -38.12 2.87
N THR G 28 8.54 -38.08 1.63
CA THR G 28 7.47 -37.16 1.27
C THR G 28 6.16 -37.58 1.95
N LEU G 29 5.87 -38.90 1.96
CA LEU G 29 4.66 -39.44 2.60
C LEU G 29 4.61 -39.17 4.11
N MET G 30 5.75 -39.10 4.79
CA MET G 30 5.77 -38.79 6.22
C MET G 30 5.28 -37.37 6.49
N VAL G 31 5.62 -36.42 5.60
CA VAL G 31 5.24 -35.02 5.76
C VAL G 31 3.75 -34.79 5.42
N HIS G 32 3.32 -35.22 4.23
CA HIS G 32 1.95 -34.99 3.74
C HIS G 32 0.94 -36.10 4.02
N GLY G 33 1.34 -37.17 4.72
CA GLY G 33 0.42 -38.27 5.03
C GLY G 33 -0.64 -37.85 6.03
N GLY G 34 -1.90 -38.14 5.73
CA GLY G 34 -3.02 -37.79 6.58
C GLY G 34 -3.34 -36.30 6.62
N MET G 35 -2.86 -35.53 5.61
CA MET G 35 -3.06 -34.09 5.51
C MET G 35 -3.94 -33.74 4.29
N ASP G 36 -4.83 -34.65 3.86
CA ASP G 36 -5.67 -34.42 2.69
C ASP G 36 -6.82 -33.48 3.02
N GLY G 37 -7.10 -32.54 2.13
CA GLY G 37 -8.19 -31.59 2.29
C GLY G 37 -7.89 -30.38 3.15
N LEU G 38 -6.73 -30.35 3.85
CA LEU G 38 -6.38 -29.21 4.71
C LEU G 38 -6.02 -27.99 3.86
N THR G 39 -5.24 -28.20 2.78
CA THR G 39 -4.86 -27.11 1.88
C THR G 39 -6.10 -26.51 1.19
N GLU G 40 -7.09 -27.35 0.84
CA GLU G 40 -8.32 -26.91 0.21
C GLU G 40 -9.17 -26.09 1.20
N ALA G 41 -9.17 -26.47 2.49
CA ALA G 41 -9.88 -25.74 3.54
C ALA G 41 -9.17 -24.46 4.01
N GLY G 42 -7.98 -24.16 3.48
CA GLY G 42 -7.23 -22.96 3.85
C GLY G 42 -6.55 -23.03 5.19
N VAL G 43 -6.11 -24.25 5.61
CA VAL G 43 -5.42 -24.45 6.89
C VAL G 43 -4.09 -25.20 6.66
N HIS G 44 -3.14 -25.06 7.59
CA HIS G 44 -1.81 -25.65 7.47
C HIS G 44 -1.67 -27.00 8.18
N VAL G 45 -2.14 -27.09 9.44
CA VAL G 45 -2.06 -28.31 10.25
C VAL G 45 -3.49 -28.79 10.65
N PRO G 46 -3.73 -30.08 10.97
CA PRO G 46 -5.10 -30.48 11.35
C PRO G 46 -5.52 -29.89 12.69
N ALA G 47 -6.78 -29.46 12.80
CA ALA G 47 -7.28 -28.87 14.03
C ALA G 47 -7.56 -29.93 15.09
N ILE G 48 -7.48 -29.55 16.36
CA ILE G 48 -7.73 -30.46 17.49
C ILE G 48 -9.19 -30.29 17.90
N ASP G 49 -10.05 -31.23 17.53
CA ASP G 49 -11.47 -31.18 17.88
C ASP G 49 -11.69 -31.98 19.15
N LEU G 50 -11.85 -31.30 20.30
CA LEU G 50 -12.03 -31.97 21.59
C LEU G 50 -13.47 -32.50 21.81
N SER G 51 -14.42 -32.22 20.90
CA SER G 51 -15.81 -32.64 21.01
C SER G 51 -16.00 -34.09 21.43
N THR G 52 -16.75 -34.33 22.52
CA THR G 52 -17.06 -35.67 22.99
C THR G 52 -18.22 -36.23 22.16
N THR G 53 -19.25 -35.40 21.91
CA THR G 53 -20.42 -35.77 21.12
C THR G 53 -20.39 -35.03 19.77
N ASN G 54 -21.08 -35.59 18.77
CA ASN G 54 -21.14 -35.01 17.43
C ASN G 54 -22.60 -34.97 16.96
N PRO G 55 -23.24 -33.78 16.79
CA PRO G 55 -24.65 -33.77 16.37
C PRO G 55 -24.97 -34.47 15.05
N VAL G 56 -26.22 -34.94 14.92
CA VAL G 56 -26.71 -35.65 13.74
C VAL G 56 -27.79 -34.84 12.99
N ASN G 57 -27.92 -35.06 11.67
CA ASN G 57 -28.90 -34.33 10.85
C ASN G 57 -30.34 -34.77 11.19
N ASP G 58 -30.59 -36.08 11.26
CA ASP G 58 -31.90 -36.63 11.58
C ASP G 58 -31.77 -37.99 12.28
N VAL G 59 -32.89 -38.53 12.80
CA VAL G 59 -32.92 -39.80 13.53
C VAL G 59 -32.48 -40.97 12.63
N ALA G 60 -32.98 -41.02 11.38
CA ALA G 60 -32.65 -42.10 10.46
C ALA G 60 -31.14 -42.17 10.12
N THR G 61 -30.52 -41.05 9.71
CA THR G 61 -29.08 -41.06 9.38
C THR G 61 -28.22 -41.19 10.63
N GLY G 62 -28.64 -40.56 11.72
CA GLY G 62 -27.93 -40.63 13.00
C GLY G 62 -27.87 -42.04 13.56
N GLY G 63 -28.98 -42.74 13.51
CA GLY G 63 -29.07 -44.12 13.97
C GLY G 63 -28.28 -45.08 13.11
N ASP G 64 -28.32 -44.89 11.78
CA ASP G 64 -27.57 -45.73 10.85
C ASP G 64 -26.07 -45.50 11.01
N SER G 65 -25.64 -44.24 11.16
CA SER G 65 -24.22 -43.93 11.38
C SER G 65 -23.74 -44.52 12.71
N TYR G 66 -24.60 -44.52 13.74
CA TYR G 66 -24.28 -45.10 15.05
C TYR G 66 -24.01 -46.61 14.88
N GLU G 67 -24.93 -47.35 14.24
CA GLU G 67 -24.80 -48.80 14.04
C GLU G 67 -23.60 -49.13 13.17
N TRP G 68 -23.36 -48.32 12.12
CA TRP G 68 -22.24 -48.47 11.20
C TRP G 68 -20.90 -48.42 11.96
N LEU G 69 -20.72 -47.43 12.84
CA LEU G 69 -19.47 -47.28 13.59
C LEU G 69 -19.37 -48.24 14.79
N ALA G 70 -20.50 -48.58 15.45
CA ALA G 70 -20.48 -49.51 16.58
C ALA G 70 -20.07 -50.91 16.12
N THR G 71 -20.45 -51.31 14.89
CA THR G 71 -20.07 -52.61 14.32
C THR G 71 -18.65 -52.59 13.68
N GLY G 72 -17.81 -51.62 14.04
CA GLY G 72 -16.43 -51.54 13.59
C GLY G 72 -16.13 -50.96 12.22
N HIS G 73 -17.13 -50.42 11.51
CA HIS G 73 -16.87 -49.86 10.16
C HIS G 73 -16.25 -48.46 10.24
N ALA G 74 -15.51 -48.08 9.18
CA ALA G 74 -14.92 -46.75 9.10
C ALA G 74 -15.98 -45.70 8.77
N LEU G 75 -15.73 -44.45 9.14
CA LEU G 75 -16.67 -43.37 8.90
C LEU G 75 -16.81 -43.03 7.42
N LYS G 76 -18.05 -42.94 6.93
CA LYS G 76 -18.33 -42.56 5.56
C LYS G 76 -18.18 -41.04 5.44
N ASP G 77 -17.68 -40.55 4.30
CA ASP G 77 -17.50 -39.11 4.10
C ASP G 77 -18.86 -38.39 4.11
N GLY G 78 -18.94 -37.30 4.86
CA GLY G 78 -20.17 -36.53 5.00
C GLY G 78 -21.02 -36.93 6.19
N ASP G 79 -20.87 -38.18 6.68
CA ASP G 79 -21.62 -38.67 7.83
C ASP G 79 -21.07 -38.12 9.15
N SER G 80 -21.95 -38.02 10.16
CA SER G 80 -21.57 -37.53 11.48
C SER G 80 -20.82 -38.61 12.26
N ALA G 81 -19.82 -38.20 13.06
CA ALA G 81 -19.06 -39.13 13.88
C ALA G 81 -19.88 -39.70 15.06
N VAL G 82 -21.05 -39.07 15.40
CA VAL G 82 -21.99 -39.45 16.46
C VAL G 82 -21.40 -39.26 17.88
N TYR G 83 -20.31 -39.96 18.21
CA TYR G 83 -19.67 -39.90 19.52
C TYR G 83 -18.17 -40.21 19.36
N GLN G 84 -17.34 -39.68 20.28
CA GLN G 84 -15.89 -39.85 20.21
C GLN G 84 -15.45 -41.30 20.38
N ARG G 85 -16.17 -42.10 21.19
CA ARG G 85 -15.84 -43.52 21.35
C ARG G 85 -16.13 -44.34 20.07
N LEU G 86 -16.90 -43.79 19.11
CA LEU G 86 -17.21 -44.41 17.84
C LEU G 86 -16.25 -43.91 16.76
N TRP G 87 -15.97 -42.58 16.71
CA TRP G 87 -15.05 -42.00 15.73
C TRP G 87 -14.56 -40.61 16.17
N GLN G 88 -13.31 -40.26 15.81
CA GLN G 88 -12.70 -38.96 16.09
C GLN G 88 -11.87 -38.56 14.85
N PRO G 89 -12.03 -37.33 14.28
CA PRO G 89 -11.29 -37.00 13.04
C PRO G 89 -9.78 -36.89 13.13
N GLY G 90 -9.26 -36.34 14.22
CA GLY G 90 -7.83 -36.20 14.43
C GLY G 90 -7.12 -37.54 14.56
N VAL G 91 -7.77 -38.51 15.21
CA VAL G 91 -7.24 -39.86 15.35
C VAL G 91 -7.25 -40.52 13.97
N ALA G 92 -8.37 -40.39 13.23
CA ALA G 92 -8.51 -40.93 11.87
C ALA G 92 -7.41 -40.41 10.91
N ARG G 93 -6.98 -39.15 11.06
CA ARG G 93 -5.91 -38.58 10.22
C ARG G 93 -4.58 -39.27 10.52
N PHE G 94 -4.29 -39.50 11.82
CA PHE G 94 -3.08 -40.22 12.24
C PHE G 94 -3.12 -41.68 11.74
N GLU G 95 -4.31 -42.30 11.78
CA GLU G 95 -4.52 -43.67 11.32
C GLU G 95 -4.22 -43.82 9.83
N THR G 96 -4.76 -42.91 8.98
CA THR G 96 -4.51 -42.98 7.54
C THR G 96 -3.04 -42.66 7.21
N ALA G 97 -2.38 -41.81 8.00
CA ALA G 97 -0.98 -41.46 7.78
C ALA G 97 -0.07 -42.68 7.96
N LEU G 98 -0.25 -43.47 9.04
CA LEU G 98 0.59 -44.64 9.28
C LEU G 98 0.26 -45.77 8.31
N ALA G 99 -1.03 -45.99 7.99
CA ALA G 99 -1.44 -47.04 7.06
C ALA G 99 -0.76 -46.90 5.70
N GLU G 100 -0.60 -45.66 5.20
CA GLU G 100 0.09 -45.41 3.93
C GLU G 100 1.58 -45.75 4.03
N LEU G 101 2.21 -45.49 5.19
CA LEU G 101 3.63 -45.78 5.40
C LEU G 101 3.89 -47.28 5.47
N GLU G 102 3.03 -48.03 6.19
CA GLU G 102 3.17 -49.49 6.31
C GLU G 102 2.53 -50.27 5.15
N HIS G 103 1.96 -49.58 4.12
CA HIS G 103 1.30 -50.19 2.96
C HIS G 103 0.10 -51.07 3.39
N ALA G 104 -0.60 -50.67 4.46
CA ALA G 104 -1.77 -51.37 4.97
C ALA G 104 -3.05 -50.69 4.48
N ASP G 105 -4.17 -51.43 4.46
CA ASP G 105 -5.45 -50.86 4.00
C ASP G 105 -5.94 -49.82 5.01
N GLU G 106 -5.99 -50.18 6.31
CA GLU G 106 -6.48 -49.30 7.39
C GLU G 106 -5.59 -49.43 8.65
N ALA G 107 -5.83 -48.56 9.65
CA ALA G 107 -5.11 -48.62 10.94
C ALA G 107 -6.06 -48.20 12.07
N VAL G 108 -5.86 -48.75 13.28
CA VAL G 108 -6.71 -48.45 14.45
C VAL G 108 -5.80 -48.00 15.61
N ALA G 109 -6.06 -46.78 16.15
CA ALA G 109 -5.25 -46.20 17.23
C ALA G 109 -5.93 -46.31 18.59
N PHE G 110 -5.13 -46.42 19.66
CA PHE G 110 -5.58 -46.56 21.05
C PHE G 110 -4.71 -45.69 22.01
N ALA G 111 -5.06 -45.64 23.30
CA ALA G 111 -4.36 -44.84 24.31
C ALA G 111 -2.87 -45.17 24.46
N THR G 112 -2.50 -46.47 24.46
CA THR G 112 -1.12 -46.95 24.63
C THR G 112 -0.86 -48.17 23.70
N GLY G 113 0.40 -48.59 23.56
CA GLY G 113 0.76 -49.77 22.81
C GLY G 113 0.15 -51.02 23.42
N MET G 114 0.02 -51.05 24.76
CA MET G 114 -0.60 -52.17 25.47
C MET G 114 -2.11 -52.22 25.24
N ALA G 115 -2.77 -51.07 25.02
CA ALA G 115 -4.20 -51.03 24.70
C ALA G 115 -4.45 -51.65 23.33
N ALA G 116 -3.53 -51.41 22.38
CA ALA G 116 -3.62 -52.01 21.05
C ALA G 116 -3.45 -53.53 21.14
N MET G 117 -2.46 -54.01 21.93
CA MET G 117 -2.24 -55.44 22.15
C MET G 117 -3.47 -56.06 22.81
N THR G 118 -4.04 -55.38 23.82
CA THR G 118 -5.22 -55.84 24.53
C THR G 118 -6.40 -56.02 23.57
N ALA G 119 -6.62 -55.05 22.68
CA ALA G 119 -7.70 -55.11 21.70
C ALA G 119 -7.45 -56.22 20.67
N ALA G 120 -6.20 -56.39 20.22
CA ALA G 120 -5.84 -57.44 19.26
C ALA G 120 -6.09 -58.84 19.83
N LEU G 121 -5.83 -59.03 21.13
CA LEU G 121 -6.05 -60.31 21.78
C LEU G 121 -7.54 -60.54 22.03
N LEU G 122 -8.28 -59.50 22.47
CA LEU G 122 -9.72 -59.63 22.71
C LEU G 122 -10.49 -59.88 21.41
N ALA G 123 -10.02 -59.33 20.27
CA ALA G 123 -10.63 -59.55 18.97
C ALA G 123 -10.51 -61.03 18.59
N ALA G 124 -9.35 -61.64 18.85
CA ALA G 124 -9.11 -63.05 18.57
C ALA G 124 -9.96 -63.94 19.48
N VAL G 125 -10.06 -63.60 20.77
CA VAL G 125 -10.87 -64.36 21.74
C VAL G 125 -12.35 -64.34 21.32
N ASN G 126 -12.86 -63.14 20.96
CA ASN G 126 -14.26 -62.99 20.54
C ASN G 126 -14.57 -63.81 19.28
N ALA G 127 -13.60 -63.96 18.37
CA ALA G 127 -13.78 -64.76 17.15
C ALA G 127 -13.65 -66.28 17.37
N GLY G 128 -13.63 -66.74 18.63
CA GLY G 128 -13.51 -68.16 18.94
C GLY G 128 -12.12 -68.73 18.73
N THR G 129 -11.07 -67.88 18.80
CA THR G 129 -9.68 -68.29 18.63
C THR G 129 -8.84 -67.72 19.79
N PRO G 130 -9.00 -68.24 21.04
CA PRO G 130 -8.24 -67.66 22.16
C PRO G 130 -6.76 -68.06 22.26
N HIS G 131 -6.32 -69.07 21.49
CA HIS G 131 -4.93 -69.51 21.54
C HIS G 131 -4.02 -68.63 20.68
N ILE G 132 -2.84 -68.28 21.21
CA ILE G 132 -1.84 -67.43 20.53
C ILE G 132 -0.49 -68.15 20.57
N VAL G 133 0.22 -68.17 19.43
CA VAL G 133 1.57 -68.73 19.31
C VAL G 133 2.50 -67.51 19.32
N ALA G 134 3.52 -67.50 20.20
CA ALA G 134 4.42 -66.36 20.29
C ALA G 134 5.87 -66.74 20.51
N VAL G 135 6.79 -65.95 19.93
CA VAL G 135 8.24 -66.17 20.12
C VAL G 135 8.62 -65.60 21.49
N ARG G 136 9.48 -66.29 22.25
CA ARG G 136 9.82 -65.84 23.61
C ARG G 136 10.44 -64.43 23.73
N PRO G 137 11.40 -64.01 22.87
CA PRO G 137 11.96 -62.65 23.04
C PRO G 137 10.96 -61.54 22.63
N LEU G 138 10.15 -61.10 23.61
CA LEU G 138 9.12 -60.07 23.45
C LEU G 138 9.25 -58.99 24.55
N TYR G 139 8.52 -57.87 24.39
CA TYR G 139 8.45 -56.81 25.38
C TYR G 139 7.81 -57.38 26.68
N GLY G 140 8.37 -57.00 27.83
CA GLY G 140 7.93 -57.46 29.15
C GLY G 140 6.43 -57.46 29.39
N GLY G 141 5.77 -56.35 29.06
CA GLY G 141 4.33 -56.22 29.23
C GLY G 141 3.55 -57.15 28.33
N SER G 142 3.94 -57.25 27.05
CA SER G 142 3.30 -58.17 26.10
C SER G 142 3.46 -59.61 26.56
N ASP G 143 4.64 -59.96 27.09
CA ASP G 143 4.96 -61.29 27.61
C ASP G 143 4.10 -61.60 28.84
N HIS G 144 4.00 -60.65 29.79
CA HIS G 144 3.22 -60.83 31.01
C HIS G 144 1.71 -60.91 30.74
N LEU G 145 1.21 -60.14 29.77
CA LEU G 145 -0.22 -60.16 29.42
C LEU G 145 -0.63 -61.51 28.84
N LEU G 146 0.25 -62.16 28.05
CA LEU G 146 -0.04 -63.47 27.48
C LEU G 146 0.08 -64.58 28.55
N GLU G 147 1.10 -64.50 29.41
CA GLU G 147 1.32 -65.49 30.47
C GLU G 147 0.18 -65.53 31.50
N THR G 148 -0.30 -64.35 31.93
CA THR G 148 -1.38 -64.27 32.91
C THR G 148 -2.71 -64.84 32.38
N GLY G 149 -3.00 -64.62 31.10
CA GLY G 149 -4.25 -65.07 30.50
C GLY G 149 -5.43 -64.28 31.03
N LEU G 150 -5.23 -62.97 31.25
CA LEU G 150 -6.25 -62.08 31.80
C LEU G 150 -7.43 -61.91 30.84
N LEU G 151 -7.15 -61.79 29.54
CA LEU G 151 -8.18 -61.57 28.52
C LEU G 151 -8.76 -62.88 27.97
N GLY G 152 -8.68 -63.97 28.74
CA GLY G 152 -9.18 -65.27 28.31
C GLY G 152 -8.36 -65.90 27.21
N THR G 153 -7.03 -65.71 27.25
CA THR G 153 -6.08 -66.22 26.24
C THR G 153 -5.24 -67.34 26.80
N THR G 154 -4.88 -68.30 25.92
CA THR G 154 -3.98 -69.40 26.20
C THR G 154 -2.78 -69.20 25.26
N VAL G 155 -1.54 -69.41 25.75
CA VAL G 155 -0.35 -69.17 24.94
C VAL G 155 0.59 -70.38 24.90
N THR G 156 1.20 -70.64 23.73
CA THR G 156 2.19 -71.68 23.52
C THR G 156 3.44 -70.96 23.05
N TRP G 157 4.47 -70.90 23.90
CA TRP G 157 5.71 -70.23 23.56
C TRP G 157 6.50 -71.11 22.60
N ALA G 158 6.80 -70.60 21.41
CA ALA G 158 7.52 -71.36 20.38
C ALA G 158 8.66 -70.56 19.76
N LYS G 159 9.68 -71.25 19.25
CA LYS G 159 10.80 -70.60 18.59
C LYS G 159 10.48 -70.40 17.08
N GLU G 160 11.33 -69.68 16.34
CA GLU G 160 11.09 -69.41 14.91
C GLU G 160 10.83 -70.67 14.08
N ALA G 161 11.60 -71.73 14.28
CA ALA G 161 11.42 -72.98 13.54
C ALA G 161 10.22 -73.79 14.04
N GLU G 162 9.87 -73.65 15.33
CA GLU G 162 8.81 -74.41 15.99
C GLU G 162 7.43 -73.71 15.92
N ILE G 163 7.20 -72.75 15.00
CA ILE G 163 5.92 -72.03 14.91
C ILE G 163 4.84 -72.95 14.34
N ALA G 164 5.12 -73.60 13.19
CA ALA G 164 4.17 -74.50 12.52
C ALA G 164 3.65 -75.61 13.45
N SER G 165 4.52 -76.21 14.27
CA SER G 165 4.12 -77.28 15.19
C SER G 165 3.23 -76.75 16.33
N ALA G 166 3.54 -75.55 16.85
CA ALA G 166 2.75 -74.93 17.92
C ALA G 166 1.36 -74.48 17.47
N ILE G 167 1.09 -74.40 16.16
CA ILE G 167 -0.22 -73.97 15.65
C ILE G 167 -1.28 -75.00 16.05
N GLN G 168 -2.32 -74.56 16.77
CA GLN G 168 -3.44 -75.38 17.22
C GLN G 168 -4.69 -75.04 16.36
N ASP G 169 -5.73 -75.88 16.43
CA ASP G 169 -6.98 -75.65 15.68
C ASP G 169 -7.70 -74.34 16.08
N ASP G 170 -7.47 -73.81 17.29
CA ASP G 170 -8.10 -72.59 17.77
C ASP G 170 -7.10 -71.41 17.88
N THR G 171 -6.10 -71.34 16.97
CA THR G 171 -5.13 -70.24 17.02
C THR G 171 -5.68 -69.02 16.29
N GLY G 172 -5.59 -67.87 16.94
CA GLY G 172 -6.05 -66.61 16.39
C GLY G 172 -4.94 -65.76 15.83
N LEU G 173 -3.75 -65.78 16.48
CA LEU G 173 -2.63 -64.94 16.03
C LEU G 173 -1.26 -65.55 16.33
N VAL G 174 -0.24 -65.09 15.59
CA VAL G 174 1.17 -65.47 15.74
C VAL G 174 1.88 -64.16 16.05
N ILE G 175 2.31 -63.95 17.30
CA ILE G 175 2.94 -62.69 17.71
C ILE G 175 4.46 -62.78 17.60
N VAL G 176 5.07 -61.84 16.85
CA VAL G 176 6.51 -61.73 16.61
C VAL G 176 6.96 -60.27 16.79
N GLU G 177 8.23 -60.07 17.21
CA GLU G 177 8.84 -58.77 17.44
C GLU G 177 10.28 -58.80 16.91
N THR G 178 10.66 -57.83 16.05
CA THR G 178 12.00 -57.79 15.46
C THR G 178 12.44 -56.35 15.11
N PRO G 179 13.59 -55.84 15.62
CA PRO G 179 14.51 -56.44 16.62
C PRO G 179 13.83 -56.60 17.98
N ALA G 180 14.09 -57.71 18.67
CA ALA G 180 13.45 -57.97 19.96
C ALA G 180 13.89 -57.00 21.05
N ASN G 181 13.03 -56.78 22.04
CA ASN G 181 13.33 -55.90 23.17
C ASN G 181 13.73 -56.80 24.36
N PRO G 182 14.95 -56.72 24.97
CA PRO G 182 16.09 -55.81 24.71
C PRO G 182 17.20 -56.29 23.78
N SER G 183 17.50 -57.61 23.76
CA SER G 183 18.58 -58.26 23.00
C SER G 183 18.76 -57.88 21.52
N LEU G 184 17.70 -57.37 20.86
CA LEU G 184 17.69 -56.99 19.44
C LEU G 184 17.89 -58.19 18.51
N ASP G 185 17.33 -59.35 18.89
CA ASP G 185 17.41 -60.56 18.08
C ASP G 185 16.47 -60.38 16.90
N LEU G 186 16.93 -60.69 15.70
CA LEU G 186 16.12 -60.53 14.49
C LEU G 186 15.35 -61.82 14.18
N VAL G 187 14.21 -61.68 13.50
CA VAL G 187 13.34 -62.78 13.12
C VAL G 187 13.07 -62.71 11.62
N ASP G 188 13.24 -63.81 10.88
CA ASP G 188 12.95 -63.84 9.45
C ASP G 188 11.44 -63.88 9.28
N LEU G 189 10.84 -62.74 8.88
CA LEU G 189 9.40 -62.62 8.74
C LEU G 189 8.82 -63.42 7.58
N ASP G 190 9.61 -63.64 6.51
CA ASP G 190 9.15 -64.42 5.36
C ASP G 190 8.91 -65.88 5.78
N SER G 191 9.82 -66.46 6.58
CA SER G 191 9.68 -67.83 7.06
C SER G 191 8.55 -67.97 8.10
N VAL G 192 8.32 -66.92 8.92
CA VAL G 192 7.26 -66.93 9.94
C VAL G 192 5.88 -67.00 9.27
N VAL G 193 5.67 -66.17 8.23
CA VAL G 193 4.38 -66.14 7.50
C VAL G 193 4.13 -67.52 6.86
N ALA G 194 5.17 -68.13 6.28
CA ALA G 194 5.07 -69.45 5.67
C ALA G 194 4.71 -70.52 6.72
N ALA G 195 5.31 -70.45 7.92
CA ALA G 195 5.03 -71.39 9.01
C ALA G 195 3.61 -71.23 9.56
N ALA G 196 3.14 -69.97 9.69
CA ALA G 196 1.80 -69.69 10.20
C ALA G 196 0.72 -70.17 9.20
N GLY G 197 0.96 -69.97 7.91
CA GLY G 197 0.03 -70.39 6.88
C GLY G 197 -1.23 -69.54 6.86
N THR G 198 -2.37 -70.13 7.26
CA THR G 198 -3.65 -69.42 7.28
C THR G 198 -3.85 -68.56 8.55
N VAL G 199 -3.00 -68.71 9.57
CA VAL G 199 -3.14 -67.95 10.81
C VAL G 199 -2.56 -66.54 10.60
N PRO G 200 -3.25 -65.43 10.96
CA PRO G 200 -2.64 -64.11 10.77
C PRO G 200 -1.41 -63.89 11.66
N VAL G 201 -0.47 -63.03 11.22
CA VAL G 201 0.76 -62.73 11.95
C VAL G 201 0.78 -61.28 12.42
N LEU G 202 1.04 -61.05 13.73
CA LEU G 202 1.15 -59.73 14.32
C LEU G 202 2.62 -59.43 14.55
N VAL G 203 3.16 -58.36 13.94
CA VAL G 203 4.56 -57.98 14.06
C VAL G 203 4.67 -56.64 14.77
N ASP G 204 5.23 -56.64 15.99
CA ASP G 204 5.42 -55.43 16.77
C ASP G 204 6.65 -54.69 16.21
N ASN G 205 6.41 -53.79 15.23
CA ASN G 205 7.44 -53.02 14.52
C ASN G 205 7.69 -51.65 15.20
N THR G 206 7.80 -51.64 16.53
CA THR G 206 8.02 -50.40 17.28
C THR G 206 9.46 -49.87 17.08
N PHE G 207 10.45 -50.74 17.28
CA PHE G 207 11.87 -50.41 17.20
C PHE G 207 12.33 -50.00 15.78
N CYS G 208 11.94 -50.77 14.75
CA CYS G 208 12.35 -50.50 13.36
C CYS G 208 11.65 -49.28 12.75
N THR G 209 10.32 -49.13 12.98
CA THR G 209 9.47 -48.05 12.42
C THR G 209 9.22 -48.28 10.90
N PRO G 210 8.17 -47.66 10.27
CA PRO G 210 8.00 -47.85 8.81
C PRO G 210 9.16 -47.33 7.94
N VAL G 211 10.14 -46.61 8.53
CA VAL G 211 11.29 -46.09 7.81
C VAL G 211 12.19 -47.26 7.40
N LEU G 212 12.44 -48.19 8.33
CA LEU G 212 13.33 -49.34 8.13
C LEU G 212 12.64 -50.63 7.74
N GLN G 213 11.48 -50.94 8.32
CA GLN G 213 10.80 -52.21 8.07
C GLN G 213 9.31 -52.01 7.78
N GLN G 214 8.75 -52.85 6.90
CA GLN G 214 7.34 -52.85 6.53
C GLN G 214 6.87 -54.31 6.54
N PRO G 215 6.48 -54.89 7.70
CA PRO G 215 6.08 -56.31 7.70
C PRO G 215 4.92 -56.70 6.78
N ILE G 216 4.02 -55.76 6.41
CA ILE G 216 2.90 -56.06 5.52
C ILE G 216 3.44 -56.55 4.16
N ARG G 217 4.54 -55.95 3.67
CA ARG G 217 5.19 -56.37 2.42
C ARG G 217 5.62 -57.84 2.47
N HIS G 218 6.09 -58.30 3.65
CA HIS G 218 6.52 -59.70 3.85
C HIS G 218 5.37 -60.70 4.07
N GLY G 219 4.12 -60.22 4.12
CA GLY G 219 2.95 -61.06 4.29
C GLY G 219 2.29 -61.02 5.66
N ALA G 220 2.70 -60.11 6.55
CA ALA G 220 2.09 -60.00 7.87
C ALA G 220 0.70 -59.39 7.76
N ALA G 221 -0.21 -59.79 8.65
CA ALA G 221 -1.59 -59.31 8.65
C ALA G 221 -1.75 -58.05 9.50
N LEU G 222 -1.09 -58.02 10.68
CA LEU G 222 -1.18 -56.88 11.60
C LEU G 222 0.20 -56.40 12.01
N VAL G 223 0.38 -55.07 12.14
CA VAL G 223 1.67 -54.47 12.54
C VAL G 223 1.42 -53.50 13.69
N LEU G 224 1.84 -53.87 14.90
CA LEU G 224 1.65 -53.03 16.08
C LEU G 224 2.83 -52.09 16.28
N HIS G 225 2.54 -50.85 16.67
CA HIS G 225 3.54 -49.85 16.99
C HIS G 225 3.14 -49.21 18.30
N SER G 226 4.09 -49.07 19.21
CA SER G 226 3.86 -48.34 20.45
C SER G 226 4.22 -46.93 20.04
N ALA G 227 3.23 -46.17 19.55
CA ALA G 227 3.45 -44.80 19.09
C ALA G 227 4.14 -43.90 20.13
N THR G 228 4.08 -44.28 21.42
CA THR G 228 4.76 -43.60 22.54
C THR G 228 6.24 -43.28 22.20
N LYS G 229 6.92 -44.20 21.49
CA LYS G 229 8.33 -44.06 21.08
C LYS G 229 8.47 -44.00 19.56
N TYR G 230 9.40 -43.15 19.08
CA TYR G 230 9.74 -42.93 17.67
C TYR G 230 8.64 -42.17 16.88
N LEU G 231 7.39 -42.67 16.86
CA LEU G 231 6.31 -41.98 16.14
C LEU G 231 6.07 -40.61 16.79
N GLY G 232 6.06 -40.55 18.12
CA GLY G 232 5.96 -39.29 18.85
C GLY G 232 7.30 -38.59 18.77
N GLY G 233 8.35 -39.29 19.21
CA GLY G 233 9.73 -38.83 19.12
C GLY G 233 10.22 -37.83 20.15
N HIS G 234 9.32 -37.28 20.99
CA HIS G 234 9.71 -36.28 21.99
C HIS G 234 9.35 -36.67 23.44
N GLY G 235 8.96 -37.92 23.67
CA GLY G 235 8.63 -38.41 25.01
C GLY G 235 7.52 -37.65 25.69
N ASP G 236 6.47 -37.27 24.94
CA ASP G 236 5.35 -36.50 25.49
C ASP G 236 3.97 -36.89 24.92
N ALA G 237 3.84 -38.06 24.30
CA ALA G 237 2.56 -38.50 23.75
C ALA G 237 2.47 -40.02 23.78
N MET G 238 1.62 -40.56 24.67
CA MET G 238 1.40 -42.00 24.74
C MET G 238 0.51 -42.39 23.55
N GLY G 239 0.67 -43.60 23.06
CA GLY G 239 -0.14 -44.08 21.95
C GLY G 239 0.20 -45.47 21.48
N GLY G 240 -0.74 -46.05 20.75
CA GLY G 240 -0.63 -47.38 20.18
C GLY G 240 -1.41 -47.46 18.90
N ILE G 241 -0.95 -48.22 17.90
CA ILE G 241 -1.63 -48.28 16.61
C ILE G 241 -1.27 -49.58 15.87
N ILE G 242 -2.25 -50.18 15.18
CA ILE G 242 -2.03 -51.40 14.41
C ILE G 242 -2.41 -51.16 12.96
N ALA G 243 -1.45 -51.31 12.02
CA ALA G 243 -1.73 -51.16 10.60
C ALA G 243 -2.12 -52.55 10.10
N THR G 244 -3.37 -52.70 9.63
CA THR G 244 -3.89 -54.01 9.21
C THR G 244 -4.98 -53.91 8.13
N ASN G 245 -5.25 -55.05 7.45
CA ASN G 245 -6.32 -55.19 6.47
C ASN G 245 -7.69 -54.78 7.04
N SER G 246 -8.68 -54.54 6.16
CA SER G 246 -10.02 -54.11 6.56
C SER G 246 -10.75 -55.06 7.52
N ASP G 247 -10.52 -56.39 7.41
CA ASP G 247 -11.18 -57.35 8.30
C ASP G 247 -10.75 -57.17 9.76
N TRP G 248 -9.42 -57.14 10.03
CA TRP G 248 -8.93 -56.94 11.40
C TRP G 248 -9.16 -55.52 11.90
N ALA G 249 -9.17 -54.53 11.00
CA ALA G 249 -9.45 -53.15 11.41
C ALA G 249 -10.88 -53.04 11.96
N MET G 250 -11.84 -53.74 11.33
CA MET G 250 -13.22 -53.75 11.78
C MET G 250 -13.33 -54.43 13.15
N ARG G 251 -12.66 -55.58 13.33
CA ARG G 251 -12.66 -56.30 14.61
C ARG G 251 -12.04 -55.46 15.73
N LEU G 252 -10.94 -54.75 15.43
CA LEU G 252 -10.29 -53.88 16.42
C LEU G 252 -11.19 -52.71 16.80
N ARG G 253 -11.89 -52.11 15.82
CA ARG G 253 -12.81 -51.00 16.10
C ARG G 253 -14.03 -51.48 16.88
N GLN G 254 -14.48 -52.73 16.67
CA GLN G 254 -15.60 -53.30 17.45
C GLN G 254 -15.20 -53.37 18.93
N VAL G 255 -13.95 -53.73 19.22
CA VAL G 255 -13.45 -53.81 20.59
C VAL G 255 -13.28 -52.39 21.14
N ARG G 256 -12.69 -51.48 20.36
CA ARG G 256 -12.47 -50.09 20.78
C ARG G 256 -13.78 -49.37 21.13
N ALA G 257 -14.85 -49.58 20.36
CA ALA G 257 -16.13 -48.92 20.59
C ALA G 257 -16.79 -49.28 21.93
N ILE G 258 -16.57 -50.50 22.45
CA ILE G 258 -17.19 -50.95 23.70
C ILE G 258 -16.18 -50.97 24.89
N THR G 259 -14.86 -51.15 24.65
CA THR G 259 -13.87 -51.12 25.72
C THR G 259 -13.37 -49.69 25.99
N GLY G 260 -13.33 -48.85 24.95
CA GLY G 260 -12.99 -47.44 25.07
C GLY G 260 -11.60 -47.02 25.49
N ALA G 261 -10.55 -47.71 25.01
CA ALA G 261 -9.17 -47.29 25.31
C ALA G 261 -8.79 -46.33 24.19
N LEU G 262 -9.34 -45.10 24.25
CA LEU G 262 -9.18 -44.11 23.19
C LEU G 262 -7.93 -43.26 23.30
N LEU G 263 -7.43 -42.84 22.13
CA LEU G 263 -6.30 -41.94 22.01
C LEU G 263 -6.90 -40.52 22.05
N HIS G 264 -6.39 -39.67 22.95
CA HIS G 264 -6.91 -38.32 23.11
C HIS G 264 -6.63 -37.46 21.88
N PRO G 265 -7.53 -36.53 21.43
CA PRO G 265 -7.22 -35.72 20.24
C PRO G 265 -5.87 -34.99 20.23
N MET G 266 -5.41 -34.45 21.38
CA MET G 266 -4.10 -33.79 21.42
C MET G 266 -2.97 -34.81 21.31
N GLY G 267 -3.16 -36.00 21.88
CA GLY G 267 -2.19 -37.08 21.76
C GLY G 267 -2.05 -37.51 20.31
N ALA G 268 -3.19 -37.65 19.62
CA ALA G 268 -3.24 -37.98 18.20
C ALA G 268 -2.58 -36.90 17.36
N TYR G 269 -2.79 -35.63 17.72
CA TYR G 269 -2.20 -34.50 17.04
C TYR G 269 -0.67 -34.55 17.12
N LEU G 270 -0.12 -34.79 18.33
CA LEU G 270 1.34 -34.82 18.52
C LEU G 270 1.99 -36.03 17.88
N LEU G 271 1.29 -37.18 17.81
CA LEU G 271 1.85 -38.38 17.17
C LEU G 271 1.85 -38.20 15.64
N HIS G 272 0.80 -37.57 15.09
CA HIS G 272 0.73 -37.27 13.65
C HIS G 272 1.80 -36.22 13.30
N ARG G 273 1.98 -35.21 14.19
CA ARG G 273 2.99 -34.15 14.06
C ARG G 273 4.39 -34.77 14.04
N GLY G 274 4.63 -35.76 14.91
CA GLY G 274 5.90 -36.46 14.99
C GLY G 274 6.23 -37.28 13.76
N LEU G 275 5.21 -37.81 13.06
CA LEU G 275 5.43 -38.60 11.84
C LEU G 275 6.08 -37.75 10.74
N ARG G 276 5.86 -36.44 10.71
CA ARG G 276 6.43 -35.56 9.71
C ARG G 276 7.96 -35.53 9.77
N THR G 277 8.52 -35.61 10.99
CA THR G 277 9.97 -35.61 11.23
C THR G 277 10.54 -37.02 11.52
N LEU G 278 9.75 -38.10 11.35
CA LEU G 278 10.21 -39.44 11.69
C LEU G 278 11.41 -39.91 10.85
N ALA G 279 11.36 -39.76 9.52
CA ALA G 279 12.47 -40.18 8.67
C ALA G 279 13.74 -39.39 8.96
N VAL G 280 13.62 -38.08 9.21
CA VAL G 280 14.78 -37.25 9.50
C VAL G 280 15.39 -37.59 10.88
N ARG G 281 14.54 -37.81 11.90
CA ARG G 281 15.02 -38.14 13.23
C ARG G 281 15.62 -39.54 13.29
N MET G 282 14.97 -40.53 12.66
CA MET G 282 15.46 -41.91 12.69
C MET G 282 16.83 -42.01 12.01
N ARG G 283 17.00 -41.41 10.83
CA ARG G 283 18.28 -41.44 10.12
C ARG G 283 19.40 -40.76 10.93
N ALA G 284 19.09 -39.68 11.65
CA ALA G 284 20.08 -38.97 12.46
C ALA G 284 20.52 -39.83 13.66
N ALA G 285 19.57 -40.45 14.37
CA ALA G 285 19.86 -41.31 15.52
C ALA G 285 20.56 -42.60 15.08
N GLN G 286 20.20 -43.14 13.90
CA GLN G 286 20.80 -44.35 13.33
C GLN G 286 22.27 -44.13 13.02
N THR G 287 22.62 -42.96 12.47
CA THR G 287 24.02 -42.63 12.14
C THR G 287 24.84 -42.58 13.43
N THR G 288 24.30 -41.96 14.48
CA THR G 288 24.96 -41.87 15.78
C THR G 288 25.11 -43.26 16.42
N ALA G 289 24.06 -44.10 16.34
CA ALA G 289 24.09 -45.44 16.90
C ALA G 289 25.09 -46.36 16.19
N GLY G 290 25.16 -46.28 14.87
CA GLY G 290 26.12 -47.06 14.10
C GLY G 290 27.56 -46.77 14.47
N GLU G 291 27.87 -45.49 14.74
CA GLU G 291 29.21 -45.07 15.15
C GLU G 291 29.47 -45.45 16.61
N LEU G 292 28.48 -45.23 17.51
CA LEU G 292 28.62 -45.57 18.93
C LEU G 292 28.83 -47.06 19.16
N ALA G 293 28.11 -47.92 18.41
CA ALA G 293 28.25 -49.37 18.56
C ALA G 293 29.68 -49.85 18.27
N GLU G 294 30.33 -49.27 17.27
CA GLU G 294 31.70 -49.62 16.91
C GLU G 294 32.70 -49.06 17.92
N ARG G 295 32.48 -47.83 18.40
CA ARG G 295 33.37 -47.20 19.39
C ARG G 295 33.29 -47.91 20.74
N LEU G 296 32.09 -48.33 21.16
CA LEU G 296 31.89 -49.05 22.43
C LEU G 296 32.45 -50.47 22.39
N ALA G 297 32.51 -51.09 21.20
CA ALA G 297 33.04 -52.44 21.04
C ALA G 297 34.53 -52.50 21.39
N ALA G 298 35.28 -51.41 21.11
CA ALA G 298 36.72 -51.35 21.42
C ALA G 298 37.01 -51.27 22.92
N HIS G 299 36.02 -50.89 23.77
CA HIS G 299 36.23 -50.79 25.21
C HIS G 299 36.37 -52.21 25.81
N PRO G 300 37.32 -52.46 26.74
CA PRO G 300 37.46 -53.83 27.28
C PRO G 300 36.36 -54.26 28.25
N ALA G 301 35.67 -53.31 28.90
CA ALA G 301 34.60 -53.64 29.84
C ALA G 301 33.37 -54.30 29.17
N ILE G 302 33.16 -54.05 27.87
CA ILE G 302 32.03 -54.61 27.14
C ILE G 302 32.46 -55.87 26.40
N THR G 303 31.74 -56.99 26.59
CA THR G 303 32.07 -58.26 25.95
C THR G 303 31.49 -58.35 24.54
N ALA G 304 30.22 -57.94 24.36
CA ALA G 304 29.56 -57.99 23.07
C ALA G 304 28.61 -56.81 22.91
N VAL G 305 28.55 -56.25 21.72
CA VAL G 305 27.65 -55.16 21.42
C VAL G 305 26.65 -55.73 20.41
N HIS G 306 25.36 -55.67 20.74
CA HIS G 306 24.31 -56.17 19.88
C HIS G 306 23.74 -54.96 19.12
N TYR G 307 24.03 -54.88 17.82
CA TYR G 307 23.53 -53.80 16.97
C TYR G 307 23.39 -54.35 15.55
N PRO G 308 22.18 -54.39 14.93
CA PRO G 308 22.09 -54.95 13.57
C PRO G 308 23.03 -54.31 12.55
N GLY G 309 23.99 -55.09 12.06
CA GLY G 309 24.97 -54.65 11.08
C GLY G 309 26.22 -54.04 11.66
N LEU G 310 26.79 -54.67 12.70
CA LEU G 310 28.02 -54.18 13.33
C LEU G 310 29.22 -54.83 12.66
N ASN G 311 30.25 -54.05 12.27
CA ASN G 311 31.46 -54.55 11.61
C ASN G 311 31.16 -55.43 10.38
N GLY G 312 30.11 -55.10 9.63
CA GLY G 312 29.70 -55.84 8.45
C GLY G 312 28.86 -57.08 8.72
N GLN G 313 28.16 -57.14 9.88
CA GLN G 313 27.31 -58.30 10.19
C GLN G 313 26.02 -58.26 9.37
N ASP G 314 25.46 -59.45 9.11
CA ASP G 314 24.22 -59.60 8.34
C ASP G 314 23.58 -60.98 8.68
N PRO G 315 22.80 -61.12 9.78
CA PRO G 315 22.25 -62.46 10.12
C PRO G 315 21.24 -62.96 9.10
N ARG G 316 21.50 -64.12 8.37
CA ARG G 316 20.56 -64.58 7.32
C ARG G 316 20.38 -63.54 6.17
N GLY G 317 21.13 -62.44 6.21
CA GLY G 317 21.03 -61.39 5.22
C GLY G 317 19.73 -60.62 5.31
N LEU G 318 19.20 -60.45 6.54
CA LEU G 318 17.95 -59.72 6.76
C LEU G 318 18.16 -58.21 6.60
N LEU G 319 19.38 -57.70 6.89
CA LEU G 319 19.68 -56.28 6.72
C LEU G 319 19.89 -56.07 5.21
N GLY G 320 18.82 -55.68 4.54
CA GLY G 320 18.80 -55.46 3.10
C GLY G 320 17.52 -56.01 2.51
N ARG G 321 17.13 -57.23 2.91
CA ARG G 321 15.89 -57.87 2.46
C ARG G 321 14.69 -57.37 3.28
N GLN G 322 14.86 -57.30 4.62
CA GLN G 322 13.82 -56.94 5.58
C GLN G 322 14.01 -55.54 6.18
N MET G 323 15.24 -55.19 6.62
CA MET G 323 15.54 -53.92 7.25
C MET G 323 16.42 -53.05 6.36
N SER G 324 16.02 -51.79 6.12
CA SER G 324 16.84 -50.87 5.34
C SER G 324 17.85 -50.06 6.21
N GLY G 325 18.02 -50.44 7.48
CA GLY G 325 18.94 -49.75 8.37
C GLY G 325 19.14 -50.49 9.68
N GLY G 326 20.22 -50.16 10.37
CA GLY G 326 20.58 -50.79 11.63
C GLY G 326 19.74 -50.43 12.84
N GLY G 327 19.08 -49.28 12.81
CA GLY G 327 18.24 -48.82 13.92
C GLY G 327 18.96 -47.84 14.83
N ALA G 328 18.29 -47.43 15.91
CA ALA G 328 18.84 -46.50 16.90
C ALA G 328 18.89 -47.10 18.32
N MET G 329 18.80 -48.44 18.46
CA MET G 329 18.86 -49.12 19.74
C MET G 329 20.12 -49.96 19.81
N ILE G 330 20.77 -50.02 20.99
CA ILE G 330 21.98 -50.81 21.18
C ILE G 330 21.92 -51.51 22.53
N ALA G 331 21.98 -52.85 22.55
CA ALA G 331 22.06 -53.62 23.80
C ALA G 331 23.49 -54.13 23.92
N LEU G 332 24.04 -54.20 25.15
CA LEU G 332 25.42 -54.65 25.32
C LEU G 332 25.66 -55.39 26.64
N GLU G 333 26.36 -56.54 26.56
CA GLU G 333 26.68 -57.38 27.71
C GLU G 333 27.98 -56.92 28.32
N LEU G 334 27.96 -56.59 29.62
CA LEU G 334 29.14 -56.12 30.35
C LEU G 334 29.85 -57.30 31.01
N ALA G 335 31.18 -57.18 31.15
CA ALA G 335 31.98 -58.25 31.71
C ALA G 335 31.92 -58.48 33.23
N GLY G 336 31.22 -57.66 33.99
CA GLY G 336 31.11 -57.83 35.45
C GLY G 336 29.74 -58.26 35.95
N GLY G 337 28.81 -58.53 35.04
CA GLY G 337 27.48 -58.95 35.40
C GLY G 337 26.65 -57.82 35.95
N PHE G 338 25.89 -58.10 37.01
CA PHE G 338 25.00 -57.13 37.64
C PHE G 338 25.73 -55.91 38.23
N ASP G 339 26.86 -56.13 38.91
CA ASP G 339 27.60 -55.03 39.55
C ASP G 339 28.10 -54.00 38.54
N ALA G 340 28.69 -54.45 37.42
CA ALA G 340 29.17 -53.52 36.39
C ALA G 340 28.01 -52.82 35.69
N ALA G 341 26.93 -53.56 35.39
CA ALA G 341 25.73 -53.00 34.75
C ALA G 341 25.07 -51.92 35.62
N ARG G 342 24.99 -52.16 36.94
CA ARG G 342 24.41 -51.23 37.91
C ARG G 342 25.26 -49.95 38.02
N SER G 343 26.59 -50.10 38.12
CA SER G 343 27.51 -48.98 38.24
C SER G 343 27.51 -48.11 36.98
N PHE G 344 27.53 -48.74 35.79
CA PHE G 344 27.51 -48.03 34.50
C PHE G 344 26.26 -47.16 34.34
N VAL G 345 25.10 -47.68 34.74
CA VAL G 345 23.83 -46.95 34.68
C VAL G 345 23.86 -45.74 35.64
N GLU G 346 24.27 -45.96 36.89
CA GLU G 346 24.28 -44.89 37.90
C GLU G 346 25.32 -43.79 37.66
N HIS G 347 26.47 -44.09 37.03
CA HIS G 347 27.50 -43.08 36.77
C HIS G 347 27.27 -42.25 35.50
N CYS G 348 26.19 -42.51 34.73
CA CYS G 348 25.88 -41.71 33.54
C CYS G 348 25.30 -40.36 33.99
N SER G 349 25.74 -39.25 33.38
CA SER G 349 25.27 -37.91 33.72
C SER G 349 24.41 -37.30 32.58
N LEU G 350 24.98 -37.22 31.36
CA LEU G 350 24.28 -36.70 30.19
C LEU G 350 23.24 -37.72 29.74
N VAL G 351 23.62 -39.01 29.67
CA VAL G 351 22.68 -40.07 29.30
C VAL G 351 21.83 -40.31 30.54
N VAL G 352 20.50 -40.25 30.40
CA VAL G 352 19.59 -40.35 31.53
C VAL G 352 19.12 -41.80 31.77
N HIS G 353 19.21 -42.28 33.02
CA HIS G 353 18.74 -43.61 33.38
C HIS G 353 17.23 -43.59 33.54
N ALA G 354 16.51 -44.07 32.52
CA ALA G 354 15.05 -44.12 32.51
C ALA G 354 14.55 -45.18 31.54
N VAL G 355 13.31 -45.67 31.73
CA VAL G 355 12.70 -46.63 30.82
C VAL G 355 12.23 -45.86 29.54
N SER G 356 11.75 -46.58 28.50
CA SER G 356 11.26 -45.97 27.25
C SER G 356 12.40 -45.71 26.25
N LEU G 357 12.05 -45.39 25.00
CA LEU G 357 13.01 -45.20 23.91
C LEU G 357 12.41 -44.30 22.78
N GLY G 358 13.17 -44.05 21.72
CA GLY G 358 12.72 -43.26 20.58
C GLY G 358 12.64 -41.76 20.74
N GLY G 359 13.01 -41.25 21.90
CA GLY G 359 12.97 -39.81 22.16
C GLY G 359 14.16 -39.06 21.60
N ALA G 360 14.13 -37.73 21.73
CA ALA G 360 15.22 -36.87 21.27
C ALA G 360 16.49 -37.02 22.12
N ASP G 361 16.37 -37.47 23.39
CA ASP G 361 17.50 -37.66 24.28
C ASP G 361 17.86 -39.15 24.43
N THR G 362 19.12 -39.43 24.78
CA THR G 362 19.65 -40.79 24.93
C THR G 362 19.30 -41.31 26.32
N LEU G 363 18.63 -42.47 26.38
CA LEU G 363 18.25 -43.11 27.63
C LEU G 363 18.96 -44.45 27.80
N ILE G 364 19.13 -44.88 29.06
CA ILE G 364 19.81 -46.13 29.39
C ILE G 364 19.05 -46.86 30.51
N GLN G 365 19.10 -48.21 30.52
CA GLN G 365 18.42 -49.01 31.53
C GLN G 365 19.08 -50.39 31.72
N HIS G 366 18.73 -51.06 32.83
CA HIS G 366 19.12 -52.44 33.12
C HIS G 366 17.81 -53.23 32.91
N PRO G 367 17.57 -53.87 31.74
CA PRO G 367 16.27 -54.52 31.51
C PRO G 367 15.78 -55.53 32.55
N ALA G 368 16.67 -56.32 33.14
CA ALA G 368 16.27 -57.32 34.13
C ALA G 368 15.58 -56.68 35.36
N SER G 369 16.01 -55.48 35.77
CA SER G 369 15.43 -54.79 36.93
C SER G 369 14.25 -53.87 36.60
N LEU G 370 14.07 -53.45 35.32
CA LEU G 370 12.99 -52.52 34.98
C LEU G 370 11.97 -53.08 33.95
N THR G 371 12.24 -53.04 32.62
CA THR G 371 11.25 -53.47 31.63
C THR G 371 10.89 -54.96 31.72
N HIS G 372 11.89 -55.85 31.69
CA HIS G 372 11.65 -57.28 31.73
C HIS G 372 11.74 -57.85 33.16
N ARG G 373 11.08 -57.17 34.11
CA ARG G 373 10.99 -57.59 35.51
C ARG G 373 9.76 -58.51 35.75
N PRO G 374 8.55 -58.27 35.15
CA PRO G 374 7.43 -59.20 35.38
C PRO G 374 7.52 -60.51 34.57
N VAL G 375 8.55 -60.65 33.70
CA VAL G 375 8.76 -61.83 32.86
C VAL G 375 9.28 -62.99 33.73
N ALA G 376 8.95 -64.24 33.37
CA ALA G 376 9.42 -65.42 34.08
C ALA G 376 10.96 -65.48 34.04
N ALA G 377 11.57 -65.98 35.12
CA ALA G 377 13.03 -66.05 35.25
C ALA G 377 13.77 -66.69 34.05
N THR G 378 13.18 -67.71 33.42
CA THR G 378 13.80 -68.38 32.28
C THR G 378 13.91 -67.47 31.07
N ALA G 379 12.86 -66.67 30.79
CA ALA G 379 12.88 -65.75 29.64
C ALA G 379 13.45 -64.37 29.98
N LYS G 380 14.02 -64.16 31.19
CA LYS G 380 14.58 -62.86 31.55
C LYS G 380 15.95 -62.66 30.85
N PRO G 381 16.31 -61.42 30.46
CA PRO G 381 17.64 -61.23 29.83
C PRO G 381 18.80 -61.33 30.82
N GLY G 382 20.02 -61.39 30.31
CA GLY G 382 21.21 -61.47 31.14
C GLY G 382 21.38 -60.28 32.06
N ASP G 383 21.99 -60.49 33.23
CA ASP G 383 22.22 -59.43 34.19
C ASP G 383 23.23 -58.41 33.69
N GLY G 384 24.22 -58.84 32.92
CA GLY G 384 25.20 -57.93 32.35
C GLY G 384 24.66 -57.07 31.21
N LEU G 385 23.50 -57.43 30.63
CA LEU G 385 22.93 -56.71 29.49
C LEU G 385 22.38 -55.34 29.89
N ILE G 386 22.62 -54.34 29.03
CA ILE G 386 22.19 -52.96 29.21
C ILE G 386 21.60 -52.49 27.88
N ARG G 387 20.39 -51.94 27.87
CA ARG G 387 19.76 -51.41 26.66
C ARG G 387 20.00 -49.89 26.61
N LEU G 388 20.25 -49.36 25.41
CA LEU G 388 20.56 -47.94 25.22
C LEU G 388 19.83 -47.39 24.00
N SER G 389 18.92 -46.43 24.22
CA SER G 389 18.17 -45.77 23.15
C SER G 389 18.96 -44.54 22.73
N VAL G 390 19.43 -44.49 21.48
CA VAL G 390 20.25 -43.38 21.00
C VAL G 390 19.36 -42.22 20.53
N GLY G 391 19.62 -41.02 21.03
CA GLY G 391 18.89 -39.82 20.70
C GLY G 391 19.53 -39.03 19.56
N LEU G 392 19.35 -37.69 19.59
CA LEU G 392 19.87 -36.79 18.56
C LEU G 392 21.04 -35.92 19.05
N GLU G 393 21.79 -36.38 20.06
CA GLU G 393 22.94 -35.62 20.56
C GLU G 393 24.19 -35.93 19.70
N HIS G 394 25.27 -35.14 19.87
CA HIS G 394 26.50 -35.36 19.12
C HIS G 394 27.12 -36.70 19.52
N VAL G 395 27.71 -37.43 18.57
CA VAL G 395 28.29 -38.74 18.83
C VAL G 395 29.47 -38.65 19.84
N ASP G 396 30.33 -37.61 19.74
CA ASP G 396 31.47 -37.47 20.65
C ASP G 396 31.03 -37.25 22.11
N ASP G 397 30.02 -36.39 22.34
CA ASP G 397 29.54 -36.12 23.70
C ASP G 397 28.91 -37.35 24.35
N LEU G 398 28.24 -38.21 23.56
CA LEU G 398 27.63 -39.43 24.10
C LEU G 398 28.72 -40.45 24.46
N GLU G 399 29.74 -40.57 23.58
CA GLU G 399 30.90 -41.42 23.79
C GLU G 399 31.64 -40.98 25.06
N ASP G 400 31.84 -39.66 25.23
CA ASP G 400 32.51 -39.07 26.39
C ASP G 400 31.83 -39.44 27.71
N ASP G 401 30.50 -39.43 27.73
CA ASP G 401 29.74 -39.75 28.94
C ASP G 401 29.73 -41.25 29.27
N LEU G 402 29.59 -42.11 28.25
CA LEU G 402 29.51 -43.56 28.46
C LEU G 402 30.86 -44.15 28.88
N ILE G 403 31.99 -43.63 28.32
CA ILE G 403 33.32 -44.10 28.69
C ILE G 403 33.60 -43.70 30.15
N ALA G 404 33.23 -42.47 30.56
CA ALA G 404 33.41 -42.01 31.94
C ALA G 404 32.66 -42.91 32.92
N ALA G 405 31.44 -43.33 32.56
CA ALA G 405 30.63 -44.21 33.40
C ALA G 405 31.21 -45.62 33.48
N LEU G 406 31.78 -46.14 32.38
CA LEU G 406 32.41 -47.48 32.36
C LEU G 406 33.68 -47.48 33.19
N ASP G 407 34.49 -46.42 33.07
CA ASP G 407 35.72 -46.31 33.85
C ASP G 407 35.39 -46.14 35.35
N ALA G 408 34.17 -45.60 35.69
CA ALA G 408 33.65 -45.46 37.06
C ALA G 408 34.62 -44.74 37.97
N ASN H 22 -13.19 -34.48 56.51
CA ASN H 22 -12.86 -33.08 56.74
C ASN H 22 -14.09 -32.26 57.16
N SER H 23 -13.86 -31.10 57.81
CA SER H 23 -14.90 -30.20 58.27
C SER H 23 -15.39 -29.21 57.18
N MET H 24 -14.96 -29.39 55.91
CA MET H 24 -15.35 -28.48 54.83
C MET H 24 -16.62 -28.98 54.14
N HIS H 25 -17.45 -28.04 53.67
CA HIS H 25 -18.68 -28.37 52.94
C HIS H 25 -18.36 -28.94 51.54
N PRO H 26 -19.28 -29.68 50.86
CA PRO H 26 -18.94 -30.21 49.52
C PRO H 26 -18.63 -29.13 48.47
N GLU H 27 -19.23 -27.92 48.60
CA GLU H 27 -19.00 -26.83 47.66
C GLU H 27 -17.54 -26.34 47.74
N THR H 28 -16.98 -26.29 48.95
CA THR H 28 -15.58 -25.89 49.18
C THR H 28 -14.65 -27.00 48.66
N LEU H 29 -14.98 -28.26 48.96
CA LEU H 29 -14.18 -29.42 48.54
C LEU H 29 -14.10 -29.55 47.02
N MET H 30 -15.13 -29.13 46.26
CA MET H 30 -15.08 -29.18 44.81
C MET H 30 -14.00 -28.22 44.26
N VAL H 31 -13.83 -27.05 44.89
CA VAL H 31 -12.86 -26.04 44.45
C VAL H 31 -11.42 -26.44 44.83
N HIS H 32 -11.16 -26.74 46.11
CA HIS H 32 -9.82 -27.06 46.60
C HIS H 32 -9.43 -28.55 46.63
N GLY H 33 -10.30 -29.44 46.16
CA GLY H 33 -9.99 -30.86 46.15
C GLY H 33 -8.91 -31.21 45.14
N GLY H 34 -7.92 -31.97 45.58
CA GLY H 34 -6.79 -32.35 44.72
C GLY H 34 -5.84 -31.22 44.39
N MET H 35 -5.88 -30.12 45.17
CA MET H 35 -5.03 -28.94 44.96
C MET H 35 -4.03 -28.76 46.12
N ASP H 36 -3.62 -29.86 46.79
CA ASP H 36 -2.72 -29.77 47.93
C ASP H 36 -1.28 -29.56 47.48
N GLY H 37 -0.56 -28.67 48.16
CA GLY H 37 0.83 -28.37 47.85
C GLY H 37 1.06 -27.38 46.72
N LEU H 38 0.02 -26.99 45.96
CA LEU H 38 0.18 -26.04 44.86
C LEU H 38 0.43 -24.63 45.40
N THR H 39 -0.30 -24.22 46.45
CA THR H 39 -0.11 -22.91 47.07
C THR H 39 1.30 -22.80 47.68
N GLU H 40 1.81 -23.89 48.27
CA GLU H 40 3.15 -23.91 48.86
C GLU H 40 4.23 -23.81 47.76
N ALA H 41 3.98 -24.43 46.59
CA ALA H 41 4.90 -24.36 45.45
C ALA H 41 4.83 -23.02 44.66
N GLY H 42 3.93 -22.11 45.05
CA GLY H 42 3.78 -20.82 44.39
C GLY H 42 3.07 -20.87 43.05
N VAL H 43 2.12 -21.81 42.89
CA VAL H 43 1.34 -21.97 41.65
C VAL H 43 -0.16 -21.98 41.96
N HIS H 44 -0.99 -21.63 40.97
CA HIS H 44 -2.45 -21.51 41.14
C HIS H 44 -3.20 -22.79 40.74
N VAL H 45 -2.89 -23.35 39.56
CA VAL H 45 -3.55 -24.55 39.01
C VAL H 45 -2.52 -25.69 38.80
N PRO H 46 -2.90 -26.99 38.80
CA PRO H 46 -1.87 -28.03 38.59
C PRO H 46 -1.29 -28.01 37.19
N ALA H 47 0.01 -28.25 37.06
CA ALA H 47 0.66 -28.24 35.75
C ALA H 47 0.37 -29.51 34.97
N ILE H 48 0.41 -29.43 33.63
CA ILE H 48 0.15 -30.56 32.75
C ILE H 48 1.52 -31.16 32.38
N ASP H 49 1.89 -32.30 32.99
CA ASP H 49 3.15 -32.96 32.71
C ASP H 49 2.91 -34.04 31.65
N LEU H 50 3.29 -33.77 30.40
CA LEU H 50 3.08 -34.72 29.29
C LEU H 50 4.10 -35.87 29.26
N SER H 51 5.13 -35.86 30.13
CA SER H 51 6.17 -36.89 30.17
C SER H 51 5.65 -38.32 30.11
N THR H 52 6.14 -39.10 29.13
CA THR H 52 5.79 -40.51 28.98
C THR H 52 6.61 -41.33 29.96
N THR H 53 7.92 -41.03 30.06
CA THR H 53 8.84 -41.71 30.98
C THR H 53 9.25 -40.77 32.12
N ASN H 54 9.66 -41.34 33.26
CA ASN H 54 10.04 -40.57 34.44
C ASN H 54 11.40 -41.11 34.96
N PRO H 55 12.51 -40.35 34.87
CA PRO H 55 13.80 -40.89 35.35
C PRO H 55 13.85 -41.36 36.79
N VAL H 56 14.76 -42.31 37.07
CA VAL H 56 14.94 -42.91 38.40
C VAL H 56 16.32 -42.54 38.97
N ASN H 57 16.42 -42.48 40.30
CA ASN H 57 17.68 -42.12 40.97
C ASN H 57 18.73 -43.21 40.83
N ASP H 58 18.34 -44.48 41.08
CA ASP H 58 19.24 -45.63 40.97
C ASP H 58 18.46 -46.91 40.58
N VAL H 59 19.18 -47.99 40.25
CA VAL H 59 18.57 -49.26 39.83
C VAL H 59 17.72 -49.86 40.95
N ALA H 60 18.21 -49.86 42.19
CA ALA H 60 17.48 -50.44 43.33
C ALA H 60 16.14 -49.73 43.60
N THR H 61 16.11 -48.39 43.72
CA THR H 61 14.85 -47.66 43.97
C THR H 61 13.95 -47.67 42.74
N GLY H 62 14.55 -47.55 41.56
CA GLY H 62 13.80 -47.57 40.30
C GLY H 62 13.07 -48.87 40.07
N GLY H 63 13.75 -49.99 40.33
CA GLY H 63 13.17 -51.32 40.19
C GLY H 63 12.08 -51.59 41.21
N ASP H 64 12.28 -51.13 42.46
CA ASP H 64 11.30 -51.32 43.53
C ASP H 64 10.06 -50.47 43.25
N SER H 65 10.23 -49.22 42.80
CA SER H 65 9.10 -48.35 42.45
C SER H 65 8.32 -48.93 41.26
N TYR H 66 9.03 -49.57 40.30
CA TYR H 66 8.40 -50.21 39.16
C TYR H 66 7.48 -51.34 39.63
N GLU H 67 8.00 -52.26 40.47
CA GLU H 67 7.24 -53.40 40.98
C GLU H 67 6.07 -52.94 41.85
N TRP H 68 6.29 -51.90 42.67
CA TRP H 68 5.27 -51.33 43.55
C TRP H 68 4.07 -50.84 42.73
N LEU H 69 4.31 -50.09 41.65
CA LEU H 69 3.22 -49.57 40.82
C LEU H 69 2.63 -50.60 39.87
N ALA H 70 3.43 -51.55 39.36
CA ALA H 70 2.92 -52.60 38.47
C ALA H 70 1.94 -53.52 39.20
N THR H 71 2.17 -53.77 40.51
CA THR H 71 1.28 -54.57 41.33
C THR H 71 0.07 -53.77 41.87
N GLY H 72 -0.26 -52.64 41.27
CA GLY H 72 -1.42 -51.83 41.62
C GLY H 72 -1.34 -50.91 42.82
N HIS H 73 -0.18 -50.76 43.49
CA HIS H 73 -0.09 -49.87 44.65
C HIS H 73 0.04 -48.41 44.24
N ALA H 74 -0.41 -47.48 45.11
CA ALA H 74 -0.34 -46.04 44.86
C ALA H 74 1.10 -45.54 45.00
N LEU H 75 1.44 -44.43 44.33
CA LEU H 75 2.79 -43.89 44.36
C LEU H 75 3.16 -43.32 45.73
N LYS H 76 4.34 -43.71 46.25
CA LYS H 76 4.84 -43.20 47.52
C LYS H 76 5.40 -41.80 47.29
N ASP H 77 5.25 -40.89 48.27
CA ASP H 77 5.75 -39.53 48.13
C ASP H 77 7.28 -39.53 48.03
N GLY H 78 7.81 -38.79 47.05
CA GLY H 78 9.24 -38.70 46.80
C GLY H 78 9.75 -39.70 45.76
N ASP H 79 9.02 -40.82 45.57
CA ASP H 79 9.41 -41.85 44.61
C ASP H 79 9.10 -41.42 43.17
N SER H 80 9.86 -41.95 42.21
CA SER H 80 9.66 -41.64 40.80
C SER H 80 8.45 -42.40 40.25
N ALA H 81 7.69 -41.77 39.35
CA ALA H 81 6.54 -42.41 38.71
C ALA H 81 6.93 -43.54 37.73
N VAL H 82 8.24 -43.60 37.31
CA VAL H 82 8.85 -44.59 36.40
C VAL H 82 8.33 -44.46 34.95
N TYR H 83 7.02 -44.64 34.74
CA TYR H 83 6.40 -44.58 33.42
C TYR H 83 4.94 -44.12 33.56
N GLN H 84 4.38 -43.49 32.52
CA GLN H 84 3.02 -42.97 32.55
C GLN H 84 1.96 -44.07 32.70
N ARG H 85 2.20 -45.26 32.11
CA ARG H 85 1.25 -46.37 32.25
C ARG H 85 1.21 -46.94 33.70
N LEU H 86 2.20 -46.59 34.54
CA LEU H 86 2.27 -47.00 35.94
C LEU H 86 1.70 -45.88 36.83
N TRP H 87 2.06 -44.60 36.57
CA TRP H 87 1.57 -43.46 37.35
C TRP H 87 1.73 -42.13 36.60
N GLN H 88 0.78 -41.19 36.81
CA GLN H 88 0.80 -39.85 36.21
C GLN H 88 0.33 -38.86 37.31
N PRO H 89 1.05 -37.74 37.59
CA PRO H 89 0.61 -36.84 38.69
C PRO H 89 -0.70 -36.08 38.51
N GLY H 90 -0.97 -35.61 37.30
CA GLY H 90 -2.19 -34.88 36.98
C GLY H 90 -3.43 -35.75 37.13
N VAL H 91 -3.32 -37.03 36.74
CA VAL H 91 -4.43 -37.99 36.86
C VAL H 91 -4.63 -38.25 38.36
N ALA H 92 -3.55 -38.49 39.11
CA ALA H 92 -3.59 -38.72 40.56
C ALA H 92 -4.28 -37.57 41.32
N ARG H 93 -4.10 -36.30 40.87
CA ARG H 93 -4.75 -35.16 41.51
C ARG H 93 -6.27 -35.22 41.30
N PHE H 94 -6.70 -35.57 40.08
CA PHE H 94 -8.13 -35.73 39.75
C PHE H 94 -8.72 -36.89 40.56
N GLU H 95 -7.95 -37.98 40.72
CA GLU H 95 -8.35 -39.16 41.48
C GLU H 95 -8.61 -38.82 42.96
N THR H 96 -7.68 -38.10 43.61
CA THR H 96 -7.86 -37.72 45.01
C THR H 96 -9.01 -36.71 45.19
N ALA H 97 -9.24 -35.85 44.18
CA ALA H 97 -10.33 -34.88 44.24
C ALA H 97 -11.71 -35.55 44.29
N LEU H 98 -11.96 -36.54 43.42
CA LEU H 98 -13.26 -37.23 43.41
C LEU H 98 -13.42 -38.18 44.60
N ALA H 99 -12.34 -38.85 45.04
CA ALA H 99 -12.41 -39.74 46.20
C ALA H 99 -12.88 -39.00 47.46
N GLU H 100 -12.44 -37.74 47.65
CA GLU H 100 -12.88 -36.94 48.80
C GLU H 100 -14.36 -36.59 48.71
N LEU H 101 -14.87 -36.33 47.48
CA LEU H 101 -16.27 -35.98 47.25
C LEU H 101 -17.18 -37.18 47.50
N GLU H 102 -16.79 -38.37 47.01
CA GLU H 102 -17.57 -39.60 47.21
C GLU H 102 -17.32 -40.29 48.57
N HIS H 103 -16.43 -39.74 49.43
CA HIS H 103 -16.07 -40.31 50.73
C HIS H 103 -15.42 -41.69 50.60
N ALA H 104 -14.66 -41.91 49.50
CA ALA H 104 -13.96 -43.16 49.23
C ALA H 104 -12.48 -43.04 49.61
N ASP H 105 -11.81 -44.17 49.86
CA ASP H 105 -10.41 -44.17 50.25
C ASP H 105 -9.54 -43.71 49.06
N GLU H 106 -9.73 -44.33 47.88
CA GLU H 106 -8.95 -44.04 46.66
C GLU H 106 -9.87 -44.03 45.41
N ALA H 107 -9.32 -43.61 44.25
CA ALA H 107 -10.05 -43.62 42.98
C ALA H 107 -9.07 -43.92 41.83
N VAL H 108 -9.55 -44.58 40.76
CA VAL H 108 -8.72 -44.95 39.60
C VAL H 108 -9.39 -44.40 38.34
N ALA H 109 -8.65 -43.60 37.55
CA ALA H 109 -9.16 -42.97 36.33
C ALA H 109 -8.67 -43.68 35.06
N PHE H 110 -9.50 -43.65 34.00
CA PHE H 110 -9.24 -44.28 32.70
C PHE H 110 -9.67 -43.34 31.53
N ALA H 111 -9.40 -43.75 30.28
CA ALA H 111 -9.72 -42.97 29.08
C ALA H 111 -11.21 -42.60 28.94
N THR H 112 -12.12 -43.56 29.19
CA THR H 112 -13.57 -43.39 29.07
C THR H 112 -14.31 -44.12 30.24
N GLY H 113 -15.61 -43.87 30.40
CA GLY H 113 -16.42 -44.58 31.38
C GLY H 113 -16.48 -46.07 31.08
N MET H 114 -16.45 -46.45 29.80
CA MET H 114 -16.45 -47.85 29.40
C MET H 114 -15.11 -48.52 29.71
N ALA H 115 -13.99 -47.78 29.68
CA ALA H 115 -12.70 -48.34 30.06
C ALA H 115 -12.65 -48.66 31.56
N ALA H 116 -13.33 -47.85 32.38
CA ALA H 116 -13.42 -48.10 33.81
C ALA H 116 -14.26 -49.35 34.05
N MET H 117 -15.40 -49.49 33.35
CA MET H 117 -16.26 -50.65 33.46
C MET H 117 -15.50 -51.91 33.01
N THR H 118 -14.75 -51.80 31.91
CA THR H 118 -13.94 -52.91 31.38
C THR H 118 -12.93 -53.38 32.42
N ALA H 119 -12.23 -52.44 33.06
CA ALA H 119 -11.24 -52.79 34.07
C ALA H 119 -11.90 -53.38 35.32
N ALA H 120 -13.07 -52.87 35.72
CA ALA H 120 -13.80 -53.40 36.88
C ALA H 120 -14.24 -54.84 36.65
N LEU H 121 -14.67 -55.16 35.41
CA LEU H 121 -15.09 -56.51 35.09
C LEU H 121 -13.87 -57.44 34.98
N LEU H 122 -12.77 -56.98 34.37
CA LEU H 122 -11.56 -57.79 34.25
C LEU H 122 -10.93 -58.06 35.61
N ALA H 123 -11.03 -57.12 36.57
CA ALA H 123 -10.52 -57.30 37.93
C ALA H 123 -11.28 -58.43 38.64
N ALA H 124 -12.60 -58.49 38.43
CA ALA H 124 -13.44 -59.54 39.00
C ALA H 124 -13.12 -60.90 38.37
N VAL H 125 -12.95 -60.94 37.04
CA VAL H 125 -12.63 -62.18 36.32
C VAL H 125 -11.28 -62.73 36.80
N ASN H 126 -10.26 -61.85 36.91
CA ASN H 126 -8.93 -62.25 37.37
C ASN H 126 -8.94 -62.81 38.79
N ALA H 127 -9.84 -62.31 39.66
CA ALA H 127 -9.97 -62.80 41.03
C ALA H 127 -10.79 -64.11 41.15
N GLY H 128 -11.08 -64.77 40.03
CA GLY H 128 -11.84 -66.01 40.03
C GLY H 128 -13.33 -65.84 40.28
N THR H 129 -13.89 -64.64 39.97
CA THR H 129 -15.31 -64.34 40.15
C THR H 129 -15.86 -63.73 38.84
N PRO H 130 -16.01 -64.52 37.76
CA PRO H 130 -16.48 -63.94 36.49
C PRO H 130 -17.98 -63.64 36.41
N HIS H 131 -18.79 -64.12 37.36
CA HIS H 131 -20.23 -63.88 37.31
C HIS H 131 -20.59 -62.52 37.90
N ILE H 132 -21.52 -61.81 37.24
CA ILE H 132 -21.99 -60.48 37.66
C ILE H 132 -23.53 -60.49 37.70
N VAL H 133 -24.11 -59.94 38.77
CA VAL H 133 -25.56 -59.79 38.93
C VAL H 133 -25.84 -58.32 38.59
N ALA H 134 -26.79 -58.04 37.68
CA ALA H 134 -27.08 -56.67 37.29
C ALA H 134 -28.56 -56.40 37.07
N VAL H 135 -29.00 -55.17 37.40
CA VAL H 135 -30.39 -54.74 37.18
C VAL H 135 -30.53 -54.38 35.70
N ARG H 136 -31.66 -54.76 35.06
CA ARG H 136 -31.83 -54.52 33.62
C ARG H 136 -31.75 -53.06 33.15
N PRO H 137 -32.38 -52.06 33.84
CA PRO H 137 -32.27 -50.68 33.33
C PRO H 137 -30.86 -50.08 33.54
N LEU H 138 -29.98 -50.28 32.54
CA LEU H 138 -28.59 -49.83 32.51
C LEU H 138 -28.28 -49.06 31.22
N TYR H 139 -27.11 -48.39 31.17
CA TYR H 139 -26.62 -47.72 29.97
C TYR H 139 -26.37 -48.79 28.88
N GLY H 140 -26.75 -48.49 27.64
CA GLY H 140 -26.63 -49.38 26.50
C GLY H 140 -25.31 -50.11 26.35
N GLY H 141 -24.21 -49.38 26.46
CA GLY H 141 -22.87 -49.95 26.35
C GLY H 141 -22.55 -50.91 27.48
N SER H 142 -22.88 -50.53 28.72
CA SER H 142 -22.67 -51.39 29.89
C SER H 142 -23.48 -52.68 29.76
N ASP H 143 -24.73 -52.57 29.25
CA ASP H 143 -25.62 -53.71 29.03
C ASP H 143 -25.04 -54.63 27.95
N HIS H 144 -24.60 -54.06 26.81
CA HIS H 144 -24.05 -54.84 25.71
C HIS H 144 -22.73 -55.53 26.08
N LEU H 145 -21.88 -54.87 26.88
CA LEU H 145 -20.60 -55.45 27.30
C LEU H 145 -20.82 -56.68 28.18
N LEU H 146 -21.85 -56.67 29.05
CA LEU H 146 -22.16 -57.81 29.91
C LEU H 146 -22.81 -58.94 29.11
N GLU H 147 -23.73 -58.60 28.20
CA GLU H 147 -24.43 -59.60 27.37
C GLU H 147 -23.49 -60.37 26.45
N THR H 148 -22.55 -59.68 25.80
CA THR H 148 -21.60 -60.31 24.89
C THR H 148 -20.65 -61.28 25.61
N GLY H 149 -20.22 -60.94 26.81
CA GLY H 149 -19.28 -61.76 27.56
C GLY H 149 -17.91 -61.74 26.92
N LEU H 150 -17.50 -60.55 26.42
CA LEU H 150 -16.21 -60.36 25.75
C LEU H 150 -15.04 -60.54 26.70
N LEU H 151 -15.18 -60.02 27.93
CA LEU H 151 -14.10 -60.07 28.93
C LEU H 151 -14.16 -61.34 29.79
N GLY H 152 -14.75 -62.43 29.28
CA GLY H 152 -14.88 -63.67 30.01
C GLY H 152 -15.84 -63.60 31.19
N THR H 153 -16.94 -62.83 31.02
CA THR H 153 -17.94 -62.63 32.06
C THR H 153 -19.25 -63.34 31.73
N THR H 154 -19.95 -63.81 32.79
CA THR H 154 -21.28 -64.42 32.70
C THR H 154 -22.20 -63.48 33.50
N VAL H 155 -23.42 -63.22 33.00
CA VAL H 155 -24.34 -62.29 33.67
C VAL H 155 -25.72 -62.91 33.91
N THR H 156 -26.31 -62.59 35.07
CA THR H 156 -27.65 -63.01 35.45
C THR H 156 -28.42 -61.71 35.68
N TRP H 157 -29.35 -61.39 34.78
CA TRP H 157 -30.14 -60.17 34.90
C TRP H 157 -31.20 -60.36 35.97
N ALA H 158 -31.18 -59.51 37.01
CA ALA H 158 -32.10 -59.62 38.14
C ALA H 158 -32.74 -58.29 38.49
N LYS H 159 -33.92 -58.33 39.11
CA LYS H 159 -34.65 -57.14 39.55
C LYS H 159 -34.13 -56.74 40.95
N GLU H 160 -34.54 -55.56 41.47
CA GLU H 160 -34.12 -55.10 42.80
C GLU H 160 -34.41 -56.12 43.91
N ALA H 161 -35.60 -56.74 43.90
CA ALA H 161 -35.97 -57.73 44.91
C ALA H 161 -35.29 -59.09 44.70
N GLU H 162 -34.97 -59.44 43.44
CA GLU H 162 -34.38 -60.75 43.11
C GLU H 162 -32.84 -60.73 43.06
N ILE H 163 -32.17 -59.76 43.72
CA ILE H 163 -30.70 -59.70 43.69
C ILE H 163 -30.12 -60.86 44.52
N ALA H 164 -30.61 -61.03 45.77
CA ALA H 164 -30.14 -62.08 46.67
C ALA H 164 -30.23 -63.49 46.05
N SER H 165 -31.32 -63.80 45.33
CA SER H 165 -31.48 -65.11 44.69
C SER H 165 -30.51 -65.30 43.53
N ALA H 166 -30.27 -64.24 42.73
CA ALA H 166 -29.35 -64.30 41.60
C ALA H 166 -27.87 -64.44 42.00
N ILE H 167 -27.53 -64.21 43.29
CA ILE H 167 -26.15 -64.31 43.76
C ILE H 167 -25.69 -65.76 43.66
N GLN H 168 -24.61 -66.02 42.91
CA GLN H 168 -23.99 -67.33 42.73
C GLN H 168 -22.68 -67.40 43.57
N ASP H 169 -22.14 -68.61 43.75
CA ASP H 169 -20.89 -68.80 44.50
C ASP H 169 -19.67 -68.09 43.87
N ASP H 170 -19.70 -67.81 42.55
CA ASP H 170 -18.61 -67.13 41.85
C ASP H 170 -18.97 -65.70 41.43
N THR H 171 -19.78 -64.98 42.23
CA THR H 171 -20.16 -63.61 41.89
C THR H 171 -19.08 -62.63 42.35
N GLY H 172 -18.66 -61.76 41.46
CA GLY H 172 -17.66 -60.74 41.75
C GLY H 172 -18.24 -59.38 42.05
N LEU H 173 -19.31 -58.97 41.32
CA LEU H 173 -19.92 -57.65 41.49
C LEU H 173 -21.44 -57.65 41.29
N VAL H 174 -22.11 -56.62 41.85
CA VAL H 174 -23.54 -56.36 41.71
C VAL H 174 -23.60 -54.97 41.08
N ILE H 175 -23.96 -54.87 39.78
CA ILE H 175 -23.97 -53.60 39.07
C ILE H 175 -25.36 -52.96 39.11
N VAL H 176 -25.44 -51.70 39.59
CA VAL H 176 -26.67 -50.91 39.71
C VAL H 176 -26.41 -49.48 39.19
N GLU H 177 -27.46 -48.83 38.67
CA GLU H 177 -27.40 -47.46 38.13
C GLU H 177 -28.70 -46.74 38.51
N THR H 178 -28.61 -45.56 39.15
CA THR H 178 -29.79 -44.81 39.57
C THR H 178 -29.52 -43.28 39.60
N PRO H 179 -30.32 -42.42 38.92
CA PRO H 179 -31.46 -42.73 38.03
C PRO H 179 -30.99 -43.47 36.78
N ALA H 180 -31.75 -44.46 36.32
CA ALA H 180 -31.36 -45.26 35.16
C ALA H 180 -31.37 -44.46 33.86
N ASN H 181 -30.55 -44.88 32.89
CA ASN H 181 -30.46 -44.23 31.59
C ASN H 181 -31.29 -45.07 30.60
N PRO H 182 -32.36 -44.58 29.92
CA PRO H 182 -32.94 -43.22 29.89
C PRO H 182 -34.13 -42.92 30.84
N SER H 183 -34.98 -43.92 31.13
CA SER H 183 -36.21 -43.83 31.94
C SER H 183 -36.13 -43.11 33.29
N LEU H 184 -34.93 -43.01 33.90
CA LEU H 184 -34.71 -42.36 35.21
C LEU H 184 -35.40 -43.12 36.35
N ASP H 185 -35.40 -44.46 36.28
CA ASP H 185 -35.96 -45.30 37.32
C ASP H 185 -34.98 -45.32 38.50
N LEU H 186 -35.48 -45.13 39.72
CA LEU H 186 -34.64 -45.10 40.91
C LEU H 186 -34.50 -46.48 41.55
N VAL H 187 -33.37 -46.70 42.25
CA VAL H 187 -33.06 -47.98 42.92
C VAL H 187 -32.71 -47.68 44.38
N ASP H 188 -33.32 -48.40 45.34
CA ASP H 188 -33.01 -48.23 46.76
C ASP H 188 -31.67 -48.90 47.02
N LEU H 189 -30.60 -48.10 47.18
CA LEU H 189 -29.25 -48.62 47.39
C LEU H 189 -29.05 -49.30 48.74
N ASP H 190 -29.80 -48.90 49.78
CA ASP H 190 -29.68 -49.53 51.09
C ASP H 190 -30.15 -50.99 51.04
N SER H 191 -31.25 -51.27 50.32
CA SER H 191 -31.78 -52.62 50.16
C SER H 191 -30.88 -53.47 49.25
N VAL H 192 -30.24 -52.86 48.24
CA VAL H 192 -29.35 -53.58 47.31
C VAL H 192 -28.12 -54.10 48.07
N VAL H 193 -27.51 -53.25 48.92
CA VAL H 193 -26.33 -53.61 49.72
C VAL H 193 -26.68 -54.79 50.63
N ALA H 194 -27.86 -54.72 51.27
CA ALA H 194 -28.34 -55.79 52.16
C ALA H 194 -28.53 -57.10 51.40
N ALA H 195 -29.10 -57.04 50.18
CA ALA H 195 -29.33 -58.22 49.34
C ALA H 195 -28.01 -58.84 48.87
N ALA H 196 -27.04 -58.00 48.48
CA ALA H 196 -25.74 -58.48 48.01
C ALA H 196 -24.95 -59.16 49.13
N GLY H 197 -25.01 -58.59 50.33
CA GLY H 197 -24.32 -59.14 51.50
C GLY H 197 -22.81 -58.98 51.41
N THR H 198 -22.09 -60.09 51.21
CA THR H 198 -20.63 -60.07 51.10
C THR H 198 -20.13 -59.70 49.70
N VAL H 199 -21.00 -59.67 48.68
CA VAL H 199 -20.59 -59.36 47.31
C VAL H 199 -20.45 -57.83 47.17
N PRO H 200 -19.33 -57.26 46.65
CA PRO H 200 -19.27 -55.79 46.50
C PRO H 200 -20.29 -55.24 45.51
N VAL H 201 -20.79 -54.02 45.76
CA VAL H 201 -21.77 -53.36 44.91
C VAL H 201 -21.12 -52.22 44.14
N LEU H 202 -21.29 -52.21 42.81
CA LEU H 202 -20.78 -51.16 41.93
C LEU H 202 -21.97 -50.32 41.48
N VAL H 203 -21.97 -49.02 41.82
CA VAL H 203 -23.05 -48.09 41.49
C VAL H 203 -22.57 -47.06 40.49
N ASP H 204 -23.24 -46.95 39.34
CA ASP H 204 -22.91 -45.97 38.31
C ASP H 204 -23.64 -44.66 38.68
N ASN H 205 -22.90 -43.71 39.31
CA ASN H 205 -23.45 -42.43 39.78
C ASN H 205 -23.16 -41.28 38.79
N THR H 206 -23.22 -41.55 37.48
CA THR H 206 -22.97 -40.55 36.45
C THR H 206 -24.02 -39.43 36.45
N PHE H 207 -25.30 -39.79 36.46
CA PHE H 207 -26.43 -38.85 36.40
C PHE H 207 -26.57 -37.97 37.65
N CYS H 208 -26.48 -38.56 38.85
CA CYS H 208 -26.61 -37.80 40.11
C CYS H 208 -25.38 -36.96 40.43
N THR H 209 -24.15 -37.52 40.25
CA THR H 209 -22.86 -36.89 40.59
C THR H 209 -22.66 -36.82 42.13
N PRO H 210 -21.43 -36.63 42.68
CA PRO H 210 -21.29 -36.53 44.15
C PRO H 210 -22.04 -35.38 44.82
N VAL H 211 -22.62 -34.46 44.01
CA VAL H 211 -23.37 -33.31 44.53
C VAL H 211 -24.68 -33.82 45.15
N LEU H 212 -25.38 -34.72 44.44
CA LEU H 212 -26.68 -35.25 44.86
C LEU H 212 -26.58 -36.57 45.65
N GLN H 213 -25.86 -37.57 45.11
CA GLN H 213 -25.78 -38.90 45.71
C GLN H 213 -24.33 -39.30 46.01
N GLN H 214 -24.14 -40.08 47.07
CA GLN H 214 -22.86 -40.64 47.50
C GLN H 214 -23.11 -42.11 47.86
N PRO H 215 -23.09 -43.05 46.88
CA PRO H 215 -23.38 -44.45 47.21
C PRO H 215 -22.48 -45.11 48.27
N ILE H 216 -21.24 -44.62 48.46
CA ILE H 216 -20.31 -45.15 49.47
C ILE H 216 -20.94 -45.06 50.86
N ARG H 217 -21.63 -43.95 51.16
CA ARG H 217 -22.35 -43.73 52.43
C ARG H 217 -23.42 -44.80 52.67
N HIS H 218 -24.11 -45.25 51.60
CA HIS H 218 -25.14 -46.30 51.69
C HIS H 218 -24.57 -47.74 51.77
N GLY H 219 -23.25 -47.90 51.69
CA GLY H 219 -22.59 -49.20 51.79
C GLY H 219 -22.04 -49.76 50.50
N ALA H 220 -22.04 -48.99 49.40
CA ALA H 220 -21.50 -49.47 48.13
C ALA H 220 -19.97 -49.52 48.19
N ALA H 221 -19.36 -50.45 47.45
CA ALA H 221 -17.91 -50.62 47.43
C ALA H 221 -17.26 -49.80 46.32
N LEU H 222 -17.85 -49.80 45.11
CA LEU H 222 -17.31 -49.06 43.96
C LEU H 222 -18.36 -48.10 43.41
N VAL H 223 -17.92 -46.90 42.98
CA VAL H 223 -18.79 -45.87 42.41
C VAL H 223 -18.18 -45.41 41.09
N LEU H 224 -18.79 -45.79 39.96
CA LEU H 224 -18.30 -45.41 38.63
C LEU H 224 -18.97 -44.15 38.13
N HIS H 225 -18.19 -43.27 37.51
CA HIS H 225 -18.68 -42.03 36.92
C HIS H 225 -18.10 -41.91 35.54
N SER H 226 -18.95 -41.63 34.55
CA SER H 226 -18.47 -41.33 33.21
C SER H 226 -18.12 -39.86 33.30
N ALA H 227 -16.84 -39.55 33.59
CA ALA H 227 -16.37 -38.17 33.74
C ALA H 227 -16.66 -37.30 32.52
N THR H 228 -16.79 -37.92 31.34
CA THR H 228 -17.19 -37.27 30.09
C THR H 228 -18.45 -36.38 30.26
N LYS H 229 -19.33 -36.72 31.24
CA LYS H 229 -20.57 -35.99 31.51
C LYS H 229 -20.57 -35.44 32.92
N TYR H 230 -20.94 -34.16 33.07
CA TYR H 230 -21.04 -33.43 34.33
C TYR H 230 -19.68 -33.11 35.00
N LEU H 231 -18.80 -34.11 35.19
CA LEU H 231 -17.49 -33.86 35.81
C LEU H 231 -16.67 -32.93 34.90
N GLY H 232 -16.71 -33.18 33.59
CA GLY H 232 -16.09 -32.30 32.61
C GLY H 232 -16.97 -31.07 32.46
N GLY H 233 -18.23 -31.31 32.12
CA GLY H 233 -19.25 -30.27 32.03
C GLY H 233 -19.28 -29.41 30.78
N HIS H 234 -18.28 -29.53 29.89
CA HIS H 234 -18.22 -28.70 28.68
C HIS H 234 -18.16 -29.52 27.37
N GLY H 235 -18.41 -30.83 27.43
CA GLY H 235 -18.38 -31.70 26.27
C GLY H 235 -17.08 -31.70 25.49
N ASP H 236 -15.94 -31.68 26.20
CA ASP H 236 -14.62 -31.63 25.56
C ASP H 236 -13.54 -32.46 26.28
N ALA H 237 -13.92 -33.40 27.15
CA ALA H 237 -12.96 -34.23 27.86
C ALA H 237 -13.57 -35.60 28.17
N MET H 238 -13.11 -36.64 27.47
CA MET H 238 -13.58 -38.00 27.73
C MET H 238 -12.90 -38.48 29.02
N GLY H 239 -13.57 -39.34 29.76
CA GLY H 239 -12.99 -39.87 30.99
C GLY H 239 -13.90 -40.82 31.74
N GLY H 240 -13.29 -41.59 32.63
CA GLY H 240 -13.97 -42.57 33.46
C GLY H 240 -13.23 -42.72 34.77
N ILE H 241 -13.94 -42.92 35.88
CA ILE H 241 -13.30 -43.00 37.20
C ILE H 241 -14.15 -43.79 38.19
N ILE H 242 -13.51 -44.60 39.04
CA ILE H 242 -14.19 -45.42 40.05
C ILE H 242 -13.66 -45.04 41.43
N ALA H 243 -14.52 -44.47 42.28
CA ALA H 243 -14.16 -44.15 43.66
C ALA H 243 -14.43 -45.42 44.46
N THR H 244 -13.40 -46.01 45.09
CA THR H 244 -13.53 -47.28 45.80
C THR H 244 -12.50 -47.45 46.94
N ASN H 245 -12.65 -48.51 47.77
CA ASN H 245 -11.71 -48.86 48.84
C ASN H 245 -10.31 -49.22 48.27
N SER H 246 -9.29 -49.27 49.13
CA SER H 246 -7.91 -49.60 48.72
C SER H 246 -7.75 -50.96 48.03
N ASP H 247 -8.54 -51.98 48.41
CA ASP H 247 -8.44 -53.31 47.80
C ASP H 247 -8.83 -53.27 46.31
N TRP H 248 -10.00 -52.72 45.97
CA TRP H 248 -10.45 -52.63 44.58
C TRP H 248 -9.62 -51.63 43.78
N ALA H 249 -9.11 -50.56 44.44
CA ALA H 249 -8.26 -49.59 43.75
C ALA H 249 -6.97 -50.24 43.27
N MET H 250 -6.39 -51.14 44.08
CA MET H 250 -5.18 -51.87 43.70
C MET H 250 -5.47 -52.81 42.54
N ARG H 251 -6.59 -53.54 42.58
CA ARG H 251 -6.99 -54.45 41.51
C ARG H 251 -7.22 -53.70 40.20
N LEU H 252 -7.87 -52.52 40.27
CA LEU H 252 -8.12 -51.70 39.08
C LEU H 252 -6.80 -51.17 38.49
N ARG H 253 -5.87 -50.72 39.34
CA ARG H 253 -4.57 -50.23 38.88
C ARG H 253 -3.74 -51.36 38.29
N GLN H 254 -3.86 -52.60 38.80
CA GLN H 254 -3.17 -53.77 38.25
C GLN H 254 -3.62 -53.99 36.80
N VAL H 255 -4.92 -53.84 36.53
CA VAL H 255 -5.47 -54.01 35.19
C VAL H 255 -5.01 -52.82 34.31
N ARG H 256 -5.10 -51.59 34.84
CA ARG H 256 -4.68 -50.38 34.11
C ARG H 256 -3.21 -50.43 33.66
N ALA H 257 -2.31 -50.94 34.52
CA ALA H 257 -0.89 -50.99 34.21
C ALA H 257 -0.53 -51.89 33.02
N ILE H 258 -1.31 -52.98 32.78
CA ILE H 258 -1.02 -53.90 31.67
C ILE H 258 -2.02 -53.74 30.48
N THR H 259 -3.26 -53.25 30.70
CA THR H 259 -4.19 -53.01 29.58
C THR H 259 -4.00 -51.60 29.00
N GLY H 260 -3.60 -50.64 29.81
CA GLY H 260 -3.26 -49.30 29.36
C GLY H 260 -4.34 -48.39 28.79
N ALA H 261 -5.56 -48.41 29.35
CA ALA H 261 -6.61 -47.48 28.91
C ALA H 261 -6.45 -46.22 29.76
N LEU H 262 -5.41 -45.43 29.46
CA LEU H 262 -5.05 -44.26 30.26
C LEU H 262 -5.77 -42.98 29.90
N LEU H 263 -5.96 -42.15 30.93
CA LEU H 263 -6.55 -40.82 30.79
C LEU H 263 -5.38 -39.88 30.47
N HIS H 264 -5.50 -39.12 29.37
CA HIS H 264 -4.43 -38.21 28.94
C HIS H 264 -4.23 -37.06 29.95
N PRO H 265 -2.98 -36.58 30.22
CA PRO H 265 -2.83 -35.47 31.19
C PRO H 265 -3.69 -34.24 30.96
N MET H 266 -3.92 -33.80 29.71
CA MET H 266 -4.78 -32.65 29.45
C MET H 266 -6.25 -33.00 29.72
N GLY H 267 -6.65 -34.24 29.44
CA GLY H 267 -7.99 -34.72 29.75
C GLY H 267 -8.24 -34.70 31.24
N ALA H 268 -7.26 -35.19 32.02
CA ALA H 268 -7.32 -35.18 33.48
C ALA H 268 -7.34 -33.75 34.02
N TYR H 269 -6.59 -32.84 33.38
CA TYR H 269 -6.57 -31.45 33.78
C TYR H 269 -7.96 -30.81 33.62
N LEU H 270 -8.61 -31.03 32.47
CA LEU H 270 -9.93 -30.45 32.21
C LEU H 270 -11.04 -31.06 33.06
N LEU H 271 -10.93 -32.35 33.42
CA LEU H 271 -11.94 -33.00 34.28
C LEU H 271 -11.78 -32.51 35.73
N HIS H 272 -10.53 -32.32 36.19
CA HIS H 272 -10.25 -31.77 37.51
C HIS H 272 -10.72 -30.30 37.57
N ARG H 273 -10.47 -29.54 36.48
CA ARG H 273 -10.89 -28.14 36.31
C ARG H 273 -12.41 -28.04 36.39
N GLY H 274 -13.12 -28.98 35.75
CA GLY H 274 -14.57 -29.03 35.76
C GLY H 274 -15.17 -29.33 37.11
N LEU H 275 -14.47 -30.10 37.97
CA LEU H 275 -14.98 -30.41 39.31
C LEU H 275 -15.11 -29.15 40.18
N ARG H 276 -14.31 -28.10 39.91
CA ARG H 276 -14.37 -26.85 40.67
C ARG H 276 -15.73 -26.16 40.51
N THR H 277 -16.32 -26.23 39.31
CA THR H 277 -17.62 -25.62 39.00
C THR H 277 -18.77 -26.64 38.98
N LEU H 278 -18.56 -27.89 39.44
CA LEU H 278 -19.59 -28.93 39.38
C LEU H 278 -20.84 -28.60 40.22
N ALA H 279 -20.65 -28.21 41.48
CA ALA H 279 -21.79 -27.88 42.35
C ALA H 279 -22.60 -26.69 41.81
N VAL H 280 -21.91 -25.68 41.29
CA VAL H 280 -22.56 -24.47 40.77
C VAL H 280 -23.31 -24.79 39.46
N ARG H 281 -22.71 -25.59 38.56
CA ARG H 281 -23.36 -25.96 37.29
C ARG H 281 -24.54 -26.90 37.51
N MET H 282 -24.38 -27.92 38.39
CA MET H 282 -25.45 -28.90 38.63
C MET H 282 -26.68 -28.22 39.22
N ARG H 283 -26.49 -27.36 40.24
CA ARG H 283 -27.61 -26.65 40.86
C ARG H 283 -28.34 -25.73 39.86
N ALA H 284 -27.60 -25.09 38.93
CA ALA H 284 -28.21 -24.21 37.93
C ALA H 284 -29.04 -25.01 36.92
N ALA H 285 -28.51 -26.14 36.42
CA ALA H 285 -29.22 -26.99 35.48
C ALA H 285 -30.42 -27.69 36.14
N GLN H 286 -30.31 -28.00 37.46
CA GLN H 286 -31.37 -28.63 38.25
C GLN H 286 -32.58 -27.71 38.37
N THR H 287 -32.37 -26.42 38.66
CA THR H 287 -33.46 -25.45 38.77
C THR H 287 -34.16 -25.25 37.43
N THR H 288 -33.42 -25.31 36.31
CA THR H 288 -33.99 -25.19 34.98
C THR H 288 -34.80 -26.45 34.64
N ALA H 289 -34.27 -27.64 34.99
CA ALA H 289 -34.94 -28.90 34.72
C ALA H 289 -36.22 -29.08 35.54
N GLY H 290 -36.20 -28.68 36.81
CA GLY H 290 -37.38 -28.75 37.66
C GLY H 290 -38.53 -27.92 37.14
N GLU H 291 -38.23 -26.74 36.59
CA GLU H 291 -39.24 -25.85 36.00
C GLU H 291 -39.70 -26.39 34.64
N LEU H 292 -38.76 -26.84 33.79
CA LEU H 292 -39.10 -27.37 32.45
C LEU H 292 -39.99 -28.61 32.53
N ALA H 293 -39.71 -29.54 33.46
CA ALA H 293 -40.51 -30.76 33.61
C ALA H 293 -41.99 -30.45 33.90
N GLU H 294 -42.26 -29.42 34.70
CA GLU H 294 -43.63 -29.02 35.04
C GLU H 294 -44.29 -28.28 33.87
N ARG H 295 -43.54 -27.42 33.16
CA ARG H 295 -44.07 -26.68 32.03
C ARG H 295 -44.39 -27.60 30.84
N LEU H 296 -43.54 -28.61 30.57
CA LEU H 296 -43.76 -29.56 29.48
C LEU H 296 -44.91 -30.53 29.79
N ALA H 297 -45.20 -30.80 31.08
CA ALA H 297 -46.30 -31.68 31.47
C ALA H 297 -47.66 -31.11 31.04
N ALA H 298 -47.80 -29.77 31.05
CA ALA H 298 -49.04 -29.11 30.64
C ALA H 298 -49.32 -29.21 29.14
N HIS H 299 -48.30 -29.53 28.31
CA HIS H 299 -48.50 -29.64 26.86
C HIS H 299 -49.32 -30.92 26.54
N PRO H 300 -50.32 -30.87 25.63
CA PRO H 300 -51.11 -32.09 25.37
C PRO H 300 -50.39 -33.19 24.58
N ALA H 301 -49.34 -32.84 23.81
CA ALA H 301 -48.60 -33.82 23.02
C ALA H 301 -47.80 -34.81 23.88
N ILE H 302 -47.45 -34.44 25.12
CA ILE H 302 -46.68 -35.31 26.02
C ILE H 302 -47.65 -36.02 26.97
N THR H 303 -47.57 -37.36 27.04
CA THR H 303 -48.44 -38.16 27.90
C THR H 303 -47.90 -38.22 29.33
N ALA H 304 -46.58 -38.44 29.49
CA ALA H 304 -45.98 -38.54 30.82
C ALA H 304 -44.58 -37.93 30.82
N VAL H 305 -44.23 -37.22 31.92
CA VAL H 305 -42.92 -36.59 32.11
C VAL H 305 -42.25 -37.29 33.29
N HIS H 306 -41.09 -37.92 33.05
CA HIS H 306 -40.34 -38.62 34.09
C HIS H 306 -39.25 -37.70 34.64
N TYR H 307 -39.31 -37.42 35.94
CA TYR H 307 -38.32 -36.57 36.63
C TYR H 307 -38.34 -36.95 38.12
N PRO H 308 -37.21 -37.35 38.76
CA PRO H 308 -37.29 -37.75 40.19
C PRO H 308 -38.04 -36.78 41.12
N GLY H 309 -37.92 -35.49 40.88
CA GLY H 309 -38.62 -34.48 41.67
C GLY H 309 -40.11 -34.47 41.45
N ASP H 314 -41.65 -41.33 42.94
CA ASP H 314 -40.78 -41.75 44.04
C ASP H 314 -41.60 -42.15 45.28
N PRO H 315 -42.21 -43.35 45.33
CA PRO H 315 -43.00 -43.73 46.52
C PRO H 315 -42.17 -44.17 47.72
N ARG H 316 -40.90 -44.56 47.53
CA ARG H 316 -40.04 -45.03 48.61
C ARG H 316 -39.35 -43.92 49.44
N GLY H 317 -39.54 -42.66 49.07
CA GLY H 317 -38.92 -41.55 49.78
C GLY H 317 -37.41 -41.48 49.61
N LEU H 318 -36.92 -41.85 48.43
CA LEU H 318 -35.49 -41.83 48.13
C LEU H 318 -34.99 -40.39 47.94
N LEU H 319 -35.83 -39.49 47.42
CA LEU H 319 -35.46 -38.09 47.25
C LEU H 319 -35.49 -37.43 48.64
N GLY H 320 -34.33 -37.45 49.31
CA GLY H 320 -34.16 -36.93 50.66
C GLY H 320 -33.23 -37.83 51.45
N ARG H 321 -33.45 -39.16 51.36
CA ARG H 321 -32.61 -40.15 52.03
C ARG H 321 -31.36 -40.47 51.19
N GLN H 322 -31.53 -40.64 49.87
CA GLN H 322 -30.48 -41.01 48.93
C GLN H 322 -30.03 -39.86 48.02
N MET H 323 -30.98 -39.11 47.45
CA MET H 323 -30.70 -38.02 46.51
C MET H 323 -31.07 -36.67 47.11
N SER H 324 -30.11 -35.72 47.14
CA SER H 324 -30.39 -34.37 47.64
C SER H 324 -30.97 -33.42 46.55
N GLY H 325 -31.36 -33.95 45.39
CA GLY H 325 -31.90 -33.14 44.32
C GLY H 325 -32.49 -33.98 43.20
N GLY H 326 -33.35 -33.36 42.40
CA GLY H 326 -34.01 -34.03 41.29
C GLY H 326 -33.16 -34.37 40.08
N GLY H 327 -32.04 -33.67 39.90
CA GLY H 327 -31.15 -33.89 38.78
C GLY H 327 -31.39 -32.93 37.64
N ALA H 328 -30.64 -33.09 36.53
CA ALA H 328 -30.76 -32.24 35.35
C ALA H 328 -31.10 -33.08 34.11
N MET H 329 -31.88 -34.17 34.28
CA MET H 329 -32.27 -35.04 33.18
C MET H 329 -33.78 -35.23 33.18
N ILE H 330 -34.38 -35.23 31.97
CA ILE H 330 -35.82 -35.38 31.81
C ILE H 330 -36.11 -36.34 30.66
N ALA H 331 -36.78 -37.48 30.94
CA ALA H 331 -37.25 -38.38 29.89
C ALA H 331 -38.77 -38.19 29.78
N LEU H 332 -39.33 -38.26 28.55
CA LEU H 332 -40.76 -38.05 28.37
C LEU H 332 -41.36 -38.84 27.22
N GLU H 333 -42.57 -39.39 27.41
CA GLU H 333 -43.28 -40.18 26.40
C GLU H 333 -44.21 -39.26 25.60
N LEU H 334 -44.23 -39.41 24.28
CA LEU H 334 -45.07 -38.61 23.39
C LEU H 334 -46.29 -39.41 22.94
N ALA H 335 -47.41 -38.71 22.68
CA ALA H 335 -48.66 -39.33 22.26
C ALA H 335 -48.52 -39.56 20.75
N GLY H 336 -48.43 -40.79 20.30
CA GLY H 336 -48.22 -41.06 18.87
C GLY H 336 -47.07 -42.00 18.61
N GLY H 337 -46.06 -42.00 19.50
CA GLY H 337 -44.97 -42.96 19.37
C GLY H 337 -43.74 -42.51 18.63
N PHE H 338 -43.23 -43.36 17.72
CA PHE H 338 -42.01 -43.08 16.97
C PHE H 338 -42.11 -41.84 16.08
N ASP H 339 -43.23 -41.66 15.36
CA ASP H 339 -43.38 -40.54 14.45
C ASP H 339 -43.30 -39.18 15.15
N ALA H 340 -44.00 -39.03 16.30
CA ALA H 340 -43.96 -37.78 17.05
C ALA H 340 -42.59 -37.56 17.68
N ALA H 341 -41.97 -38.63 18.22
CA ALA H 341 -40.63 -38.55 18.82
C ALA H 341 -39.58 -38.13 17.79
N ARG H 342 -39.67 -38.66 16.56
CA ARG H 342 -38.75 -38.35 15.45
C ARG H 342 -38.91 -36.89 14.99
N SER H 343 -40.16 -36.44 14.84
CA SER H 343 -40.45 -35.06 14.41
C SER H 343 -39.99 -34.02 15.46
N PHE H 344 -40.27 -34.28 16.74
CA PHE H 344 -39.88 -33.39 17.84
C PHE H 344 -38.37 -33.19 17.90
N VAL H 345 -37.60 -34.27 17.72
CA VAL H 345 -36.13 -34.22 17.71
C VAL H 345 -35.62 -33.38 16.52
N GLU H 346 -36.13 -33.66 15.32
CA GLU H 346 -35.69 -32.97 14.10
C GLU H 346 -36.08 -31.49 14.02
N HIS H 347 -37.21 -31.08 14.62
CA HIS H 347 -37.64 -29.68 14.57
C HIS H 347 -36.99 -28.78 15.65
N CYS H 348 -36.14 -29.33 16.53
CA CYS H 348 -35.45 -28.51 17.54
C CYS H 348 -34.34 -27.73 16.86
N SER H 349 -34.18 -26.42 17.19
CA SER H 349 -33.15 -25.56 16.61
C SER H 349 -32.08 -25.17 17.66
N LEU H 350 -32.50 -24.58 18.80
CA LEU H 350 -31.61 -24.19 19.89
C LEU H 350 -31.13 -25.47 20.60
N VAL H 351 -32.06 -26.37 20.94
CA VAL H 351 -31.72 -27.64 21.58
C VAL H 351 -31.13 -28.52 20.47
N VAL H 352 -29.92 -29.04 20.68
CA VAL H 352 -29.20 -29.80 19.66
C VAL H 352 -29.47 -31.31 19.77
N HIS H 353 -29.81 -31.96 18.65
CA HIS H 353 -30.03 -33.41 18.61
C HIS H 353 -28.69 -34.11 18.55
N ALA H 354 -28.24 -34.63 19.71
CA ALA H 354 -26.97 -35.34 19.83
C ALA H 354 -26.98 -36.27 21.04
N VAL H 355 -26.12 -37.30 21.02
CA VAL H 355 -25.97 -38.21 22.18
C VAL H 355 -25.16 -37.48 23.29
N SER H 356 -25.01 -38.09 24.48
CA SER H 356 -24.27 -37.52 25.61
C SER H 356 -25.13 -36.54 26.45
N LEU H 357 -24.63 -36.15 27.63
CA LEU H 357 -25.34 -35.29 28.57
C LEU H 357 -24.34 -34.54 29.50
N GLY H 358 -24.85 -33.75 30.45
CA GLY H 358 -24.02 -33.05 31.42
C GLY H 358 -23.27 -31.82 30.93
N GLY H 359 -23.42 -31.46 29.67
CA GLY H 359 -22.73 -30.30 29.11
C GLY H 359 -23.41 -29.00 29.42
N ALA H 360 -22.78 -27.88 29.01
CA ALA H 360 -23.33 -26.54 29.19
C ALA H 360 -24.57 -26.29 28.33
N ASP H 361 -24.71 -27.00 27.19
CA ASP H 361 -25.85 -26.84 26.29
C ASP H 361 -26.86 -27.99 26.43
N THR H 362 -28.11 -27.72 26.08
CA THR H 362 -29.19 -28.68 26.18
C THR H 362 -29.20 -29.60 24.96
N LEU H 363 -29.14 -30.93 25.21
CA LEU H 363 -29.14 -31.93 24.15
C LEU H 363 -30.40 -32.79 24.21
N ILE H 364 -30.80 -33.36 23.07
CA ILE H 364 -32.00 -34.20 22.97
C ILE H 364 -31.71 -35.42 22.09
N GLN H 365 -32.36 -36.56 22.38
CA GLN H 365 -32.16 -37.79 21.61
C GLN H 365 -33.39 -38.71 21.68
N HIS H 366 -33.45 -39.70 20.77
CA HIS H 366 -34.43 -40.77 20.76
C HIS H 366 -33.63 -42.01 21.23
N PRO H 367 -33.67 -42.40 22.53
CA PRO H 367 -32.81 -43.51 22.98
C PRO H 367 -32.88 -44.83 22.21
N ALA H 368 -34.06 -45.23 21.75
CA ALA H 368 -34.21 -46.49 21.02
C ALA H 368 -33.36 -46.54 19.73
N SER H 369 -33.19 -45.39 19.04
CA SER H 369 -32.41 -45.34 17.80
C SER H 369 -30.93 -45.01 18.01
N LEU H 370 -30.52 -44.45 19.17
CA LEU H 370 -29.13 -44.06 19.36
C LEU H 370 -28.48 -44.76 20.57
N GLY H 382 -39.04 -47.32 25.38
CA GLY H 382 -40.17 -47.16 24.48
C GLY H 382 -39.86 -46.28 23.29
N ASP H 383 -40.66 -46.38 22.21
CA ASP H 383 -40.44 -45.57 21.01
C ASP H 383 -40.86 -44.12 21.22
N GLY H 384 -41.90 -43.88 22.01
CA GLY H 384 -42.35 -42.53 22.31
C GLY H 384 -41.45 -41.79 23.30
N LEU H 385 -40.51 -42.50 23.97
CA LEU H 385 -39.63 -41.89 24.97
C LEU H 385 -38.53 -41.06 24.32
N ILE H 386 -38.25 -39.88 24.91
CA ILE H 386 -37.24 -38.91 24.46
C ILE H 386 -36.45 -38.47 25.69
N ARG H 387 -35.12 -38.59 25.66
CA ARG H 387 -34.27 -38.15 26.77
C ARG H 387 -33.80 -36.71 26.48
N LEU H 388 -33.72 -35.88 27.51
CA LEU H 388 -33.35 -34.47 27.36
C LEU H 388 -32.38 -34.02 28.45
N SER H 389 -31.13 -33.71 28.07
CA SER H 389 -30.12 -33.22 29.00
C SER H 389 -30.28 -31.72 29.14
N VAL H 390 -30.55 -31.23 30.35
CA VAL H 390 -30.75 -29.80 30.56
C VAL H 390 -29.42 -29.10 30.82
N GLY H 391 -29.13 -28.05 30.04
CA GLY H 391 -27.91 -27.28 30.16
C GLY H 391 -28.06 -26.06 31.05
N LEU H 392 -27.30 -24.99 30.75
CA LEU H 392 -27.30 -23.75 31.54
C LEU H 392 -27.96 -22.57 30.80
N GLU H 393 -28.87 -22.84 29.85
CA GLU H 393 -29.56 -21.77 29.13
C GLU H 393 -30.77 -21.26 29.96
N HIS H 394 -31.37 -20.13 29.56
CA HIS H 394 -32.52 -19.59 30.25
C HIS H 394 -33.71 -20.55 30.11
N VAL H 395 -34.56 -20.60 31.14
CA VAL H 395 -35.69 -21.53 31.18
C VAL H 395 -36.73 -21.19 30.10
N ASP H 396 -36.99 -19.89 29.86
CA ASP H 396 -37.97 -19.46 28.87
C ASP H 396 -37.53 -19.78 27.43
N ASP H 397 -36.25 -19.56 27.09
CA ASP H 397 -35.76 -19.85 25.74
C ASP H 397 -35.79 -21.34 25.42
N LEU H 398 -35.58 -22.21 26.41
CA LEU H 398 -35.61 -23.65 26.18
C LEU H 398 -37.06 -24.13 25.97
N GLU H 399 -38.03 -23.61 26.75
CA GLU H 399 -39.42 -24.01 26.58
C GLU H 399 -39.97 -23.51 25.24
N ASP H 400 -39.60 -22.30 24.80
CA ASP H 400 -40.06 -21.77 23.51
C ASP H 400 -39.60 -22.65 22.35
N ASP H 401 -38.36 -23.14 22.39
CA ASP H 401 -37.82 -24.00 21.34
C ASP H 401 -38.48 -25.39 21.35
N LEU H 402 -38.69 -25.97 22.53
CA LEU H 402 -39.30 -27.30 22.64
C LEU H 402 -40.78 -27.26 22.26
N ILE H 403 -41.51 -26.18 22.62
CA ILE H 403 -42.92 -26.03 22.27
C ILE H 403 -43.03 -25.86 20.74
N ALA H 404 -42.14 -25.07 20.11
CA ALA H 404 -42.13 -24.90 18.66
C ALA H 404 -41.93 -26.23 17.94
N ALA H 405 -41.05 -27.09 18.45
CA ALA H 405 -40.79 -28.41 17.87
C ALA H 405 -41.98 -29.35 18.03
N LEU H 406 -42.68 -29.29 19.19
CA LEU H 406 -43.86 -30.12 19.43
C LEU H 406 -45.02 -29.69 18.52
N ASP H 407 -45.22 -28.36 18.37
CA ASP H 407 -46.27 -27.83 17.51
C ASP H 407 -46.01 -28.06 16.01
N ALA H 408 -44.74 -28.30 15.61
CA ALA H 408 -44.41 -28.54 14.19
C ALA H 408 -44.88 -29.92 13.71
N ASN I 22 48.36 73.16 34.72
CA ASN I 22 47.71 72.10 35.48
C ASN I 22 46.31 72.55 35.91
N SER I 23 45.34 72.44 34.99
CA SER I 23 43.95 72.84 35.22
C SER I 23 43.02 72.14 34.24
N MET I 24 42.81 70.83 34.45
CA MET I 24 41.94 70.00 33.61
C MET I 24 40.88 69.32 34.48
N HIS I 25 39.70 69.03 33.91
CA HIS I 25 38.62 68.38 34.65
C HIS I 25 38.90 66.87 34.86
N PRO I 26 38.29 66.19 35.86
CA PRO I 26 38.56 64.74 36.02
C PRO I 26 38.20 63.88 34.81
N GLU I 27 37.18 64.27 34.03
CA GLU I 27 36.77 63.52 32.84
C GLU I 27 37.87 63.54 31.78
N THR I 28 38.55 64.68 31.60
CA THR I 28 39.65 64.81 30.65
C THR I 28 40.87 64.02 31.15
N LEU I 29 41.17 64.12 32.47
CA LEU I 29 42.29 63.41 33.09
C LEU I 29 42.16 61.89 32.99
N MET I 30 40.94 61.35 32.99
CA MET I 30 40.75 59.90 32.84
C MET I 30 41.20 59.43 31.46
N VAL I 31 40.97 60.22 30.42
CA VAL I 31 41.32 59.86 29.04
C VAL I 31 42.84 60.01 28.78
N HIS I 32 43.41 61.19 29.08
CA HIS I 32 44.82 61.48 28.81
C HIS I 32 45.81 61.20 29.96
N GLY I 33 45.34 60.69 31.08
CA GLY I 33 46.21 60.39 32.21
C GLY I 33 47.14 59.23 31.92
N GLY I 34 48.44 59.42 32.19
CA GLY I 34 49.45 58.40 31.94
C GLY I 34 49.75 58.18 30.47
N MET I 35 49.38 59.14 29.59
CA MET I 35 49.59 59.05 28.14
C MET I 35 50.59 60.12 27.66
N ASP I 36 51.54 60.53 28.52
CA ASP I 36 52.50 61.57 28.17
C ASP I 36 53.62 61.01 27.29
N GLY I 37 53.99 61.76 26.25
CA GLY I 37 55.04 61.36 25.32
C GLY I 37 54.64 60.40 24.22
N LEU I 38 53.41 59.84 24.26
CA LEU I 38 52.97 58.91 23.23
C LEU I 38 52.69 59.65 21.91
N THR I 39 52.06 60.83 21.98
CA THR I 39 51.78 61.64 20.80
C THR I 39 53.08 62.10 20.14
N GLU I 40 54.10 62.43 20.95
CA GLU I 40 55.41 62.86 20.44
C GLU I 40 56.14 61.69 19.76
N ALA I 41 55.99 60.46 20.29
CA ALA I 41 56.56 59.26 19.69
C ALA I 41 55.80 58.72 18.45
N GLY I 42 54.68 59.36 18.08
CA GLY I 42 53.89 58.95 16.93
C GLY I 42 53.06 57.70 17.14
N VAL I 43 52.57 57.48 18.39
CA VAL I 43 51.73 56.33 18.73
C VAL I 43 50.44 56.80 19.44
N HIS I 44 49.38 55.98 19.39
CA HIS I 44 48.08 56.32 19.95
C HIS I 44 47.88 55.79 21.38
N VAL I 45 48.19 54.50 21.62
CA VAL I 45 48.02 53.84 22.92
C VAL I 45 49.39 53.33 23.44
N PRO I 46 49.61 53.14 24.78
CA PRO I 46 50.92 52.65 25.22
C PRO I 46 51.19 51.21 24.79
N ALA I 47 52.42 50.91 24.39
CA ALA I 47 52.79 49.58 23.94
C ALA I 47 52.94 48.61 25.12
N ILE I 48 52.70 47.32 24.88
CA ILE I 48 52.83 46.29 25.90
C ILE I 48 54.23 45.67 25.79
N ASP I 49 55.14 46.05 26.69
CA ASP I 49 56.50 45.54 26.69
C ASP I 49 56.58 44.34 27.64
N LEU I 50 56.60 43.12 27.08
CA LEU I 50 56.63 41.90 27.89
C LEU I 50 58.03 41.57 28.46
N SER I 51 59.08 42.32 28.07
CA SER I 51 60.46 42.09 28.53
C SER I 51 60.60 41.83 30.02
N THR I 52 61.22 40.70 30.39
CA THR I 52 61.47 40.34 31.79
C THR I 52 62.73 41.08 32.25
N THR I 53 63.77 41.11 31.41
CA THR I 53 65.03 41.80 31.70
C THR I 53 65.17 43.03 30.81
N ASN I 54 65.95 44.02 31.26
CA ASN I 54 66.17 45.27 30.54
C ASN I 54 67.68 45.56 30.47
N PRO I 55 68.33 45.51 29.28
CA PRO I 55 69.79 45.75 29.24
C PRO I 55 70.27 47.08 29.79
N VAL I 56 71.53 47.10 30.27
CA VAL I 56 72.17 48.28 30.86
C VAL I 56 73.33 48.78 29.99
N ASN I 57 73.62 50.08 30.04
CA ASN I 57 74.68 50.68 29.24
C ASN I 57 76.07 50.25 29.72
N ASP I 58 76.30 50.30 31.04
CA ASP I 58 77.58 49.90 31.65
C ASP I 58 77.36 49.37 33.08
N VAL I 59 78.41 48.78 33.68
CA VAL I 59 78.34 48.21 35.03
C VAL I 59 78.02 49.28 36.08
N ALA I 60 78.67 50.46 35.99
CA ALA I 60 78.46 51.53 36.96
C ALA I 60 77.02 52.06 36.98
N THR I 61 76.43 52.41 35.81
CA THR I 61 75.05 52.92 35.77
C THR I 61 74.04 51.79 36.02
N GLY I 62 74.33 50.59 35.53
CA GLY I 62 73.46 49.43 35.72
C GLY I 62 73.33 49.05 37.19
N GLY I 63 74.45 49.05 37.90
CA GLY I 63 74.49 48.73 39.33
C GLY I 63 73.81 49.79 40.17
N ASP I 64 74.01 51.08 39.83
CA ASP I 64 73.38 52.18 40.54
C ASP I 64 71.87 52.18 40.32
N SER I 65 71.41 51.94 39.08
CA SER I 65 70.00 51.86 38.78
C SER I 65 69.35 50.68 39.50
N TYR I 66 70.08 49.55 39.64
CA TYR I 66 69.60 48.38 40.37
C TYR I 66 69.35 48.74 41.83
N GLU I 67 70.34 49.36 42.51
CA GLU I 67 70.24 49.73 43.92
C GLU I 67 69.14 50.79 44.13
N TRP I 68 69.01 51.73 43.19
CA TRP I 68 68.00 52.79 43.24
C TRP I 68 66.59 52.20 43.24
N LEU I 69 66.30 51.24 42.36
CA LEU I 69 64.98 50.62 42.28
C LEU I 69 64.75 49.58 43.37
N ALA I 70 65.80 48.84 43.80
CA ALA I 70 65.65 47.83 44.86
C ALA I 70 65.29 48.48 46.19
N THR I 71 65.78 49.70 46.45
CA THR I 71 65.48 50.46 47.68
C THR I 71 64.11 51.20 47.62
N GLY I 72 63.27 50.89 46.62
CA GLY I 72 61.94 51.47 46.49
C GLY I 72 61.80 52.78 45.75
N HIS I 73 62.88 53.32 45.18
CA HIS I 73 62.80 54.61 44.47
C HIS I 73 62.21 54.46 43.07
N ALA I 74 61.61 55.55 42.55
CA ALA I 74 61.03 55.56 41.22
C ALA I 74 62.12 55.63 40.16
N LEU I 75 61.82 55.17 38.93
CA LEU I 75 62.79 55.16 37.85
C LEU I 75 63.12 56.57 37.35
N LYS I 76 64.41 56.88 37.23
CA LYS I 76 64.86 58.17 36.71
C LYS I 76 64.74 58.14 35.18
N ASP I 77 64.39 59.28 34.56
CA ASP I 77 64.25 59.35 33.11
C ASP I 77 65.60 59.09 32.42
N GLY I 78 65.59 58.22 31.41
CA GLY I 78 66.79 57.84 30.68
C GLY I 78 67.46 56.59 31.22
N ASP I 79 67.24 56.26 32.52
CA ASP I 79 67.85 55.09 33.13
C ASP I 79 67.14 53.80 32.73
N SER I 80 67.88 52.68 32.75
CA SER I 80 67.33 51.37 32.39
C SER I 80 66.50 50.81 33.54
N ALA I 81 65.41 50.11 33.20
CA ALA I 81 64.55 49.47 34.21
C ALA I 81 65.23 48.28 34.93
N VAL I 82 66.34 47.74 34.37
CA VAL I 82 67.16 46.62 34.86
C VAL I 82 66.39 45.27 34.81
N TYR I 83 65.28 45.16 35.54
CA TYR I 83 64.49 43.93 35.62
C TYR I 83 63.01 44.29 35.89
N GLN I 84 62.08 43.43 35.46
CA GLN I 84 60.65 43.69 35.60
C GLN I 84 60.21 43.74 37.07
N ARG I 85 60.83 42.93 37.95
CA ARG I 85 60.49 42.98 39.39
C ARG I 85 60.93 44.31 40.06
N LEU I 86 61.80 45.09 39.40
CA LEU I 86 62.26 46.38 39.88
C LEU I 86 61.43 47.51 39.25
N TRP I 87 61.17 47.44 37.92
CA TRP I 87 60.36 48.45 37.23
C TRP I 87 59.82 47.93 35.90
N GLN I 88 58.61 48.39 35.50
CA GLN I 88 57.97 48.03 34.23
C GLN I 88 57.29 49.31 33.68
N PRO I 89 57.50 49.71 32.41
CA PRO I 89 56.92 50.99 31.94
C PRO I 89 55.39 51.06 31.82
N GLY I 90 54.76 49.99 31.40
CA GLY I 90 53.31 49.93 31.27
C GLY I 90 52.60 50.04 32.61
N VAL I 91 53.18 49.43 33.65
CA VAL I 91 52.64 49.50 35.01
C VAL I 91 52.81 50.94 35.50
N ALA I 92 54.01 51.53 35.31
CA ALA I 92 54.30 52.91 35.69
C ALA I 92 53.33 53.93 35.06
N ARG I 93 52.88 53.69 33.81
CA ARG I 93 51.91 54.58 33.16
C ARG I 93 50.55 54.50 33.87
N PHE I 94 50.11 53.29 34.23
CA PHE I 94 48.87 53.09 34.98
C PHE I 94 48.97 53.75 36.37
N GLU I 95 50.14 53.64 37.01
CA GLU I 95 50.41 54.21 38.33
C GLU I 95 50.29 55.75 38.30
N THR I 96 50.92 56.41 37.31
CA THR I 96 50.84 57.87 37.21
C THR I 96 49.42 58.33 36.85
N ALA I 97 48.67 57.53 36.08
CA ALA I 97 47.30 57.87 35.71
C ALA I 97 46.37 57.94 36.93
N LEU I 98 46.43 56.94 37.83
CA LEU I 98 45.58 56.93 39.02
C LEU I 98 46.03 57.96 40.05
N ALA I 99 47.35 58.16 40.23
CA ALA I 99 47.87 59.14 41.18
C ALA I 99 47.34 60.56 40.88
N GLU I 100 47.23 60.93 39.59
CA GLU I 100 46.70 62.23 39.20
C GLU I 100 45.20 62.35 39.54
N LEU I 101 44.45 61.24 39.40
CA LEU I 101 43.01 61.23 39.70
C LEU I 101 42.75 61.35 41.20
N GLU I 102 43.52 60.63 42.04
CA GLU I 102 43.36 60.69 43.49
C GLU I 102 44.12 61.86 44.15
N HIS I 103 44.82 62.71 43.34
CA HIS I 103 45.61 63.84 43.84
C HIS I 103 46.76 63.41 44.76
N ALA I 104 47.34 62.22 44.49
CA ALA I 104 48.45 61.66 45.25
C ALA I 104 49.77 61.92 44.52
N ASP I 105 50.89 61.91 45.26
CA ASP I 105 52.21 62.13 44.66
C ASP I 105 52.59 60.97 43.74
N GLU I 106 52.48 59.71 44.24
CA GLU I 106 52.84 58.51 43.50
C GLU I 106 51.83 57.37 43.76
N ALA I 107 51.93 56.26 43.01
CA ALA I 107 51.09 55.08 43.21
C ALA I 107 51.89 53.81 42.91
N VAL I 108 51.57 52.69 43.59
CA VAL I 108 52.26 51.40 43.42
C VAL I 108 51.22 50.34 43.09
N ALA I 109 51.41 49.62 41.96
CA ALA I 109 50.47 48.59 41.50
C ALA I 109 51.00 47.18 41.77
N PHE I 110 50.07 46.22 41.98
CA PHE I 110 50.36 44.82 42.29
C PHE I 110 49.38 43.88 41.53
N ALA I 111 49.59 42.55 41.62
CA ALA I 111 48.77 41.55 40.93
C ALA I 111 47.27 41.62 41.26
N THR I 112 46.91 41.80 42.54
CA THR I 112 45.52 41.86 43.03
C THR I 112 45.39 42.94 44.14
N GLY I 113 44.15 43.28 44.53
CA GLY I 113 43.89 44.20 45.64
C GLY I 113 44.42 43.65 46.95
N MET I 114 44.39 42.32 47.12
CA MET I 114 44.93 41.66 48.32
C MET I 114 46.45 41.72 48.35
N ALA I 115 47.13 41.72 47.18
CA ALA I 115 48.58 41.87 47.12
C ALA I 115 49.00 43.27 47.58
N ALA I 116 48.20 44.29 47.23
CA ALA I 116 48.43 45.66 47.67
C ALA I 116 48.25 45.75 49.18
N MET I 117 47.18 45.10 49.70
CA MET I 117 46.89 45.06 51.12
C MET I 117 48.05 44.38 51.88
N THR I 118 48.54 43.26 51.34
CA THR I 118 49.65 42.47 51.89
C THR I 118 50.92 43.31 51.97
N ALA I 119 51.25 44.04 50.90
CA ALA I 119 52.45 44.87 50.87
C ALA I 119 52.34 46.05 51.83
N ALA I 120 51.14 46.65 51.95
CA ALA I 120 50.91 47.76 52.87
C ALA I 120 51.10 47.32 54.32
N LEU I 121 50.65 46.10 54.67
CA LEU I 121 50.80 45.58 56.03
C LEU I 121 52.26 45.20 56.29
N LEU I 122 52.94 44.57 55.31
CA LEU I 122 54.34 44.19 55.48
C LEU I 122 55.25 45.42 55.58
N ALA I 123 54.91 46.52 54.90
CA ALA I 123 55.67 47.77 54.99
C ALA I 123 55.59 48.35 56.40
N ALA I 124 54.41 48.26 57.03
CA ALA I 124 54.20 48.73 58.40
C ALA I 124 54.97 47.82 59.39
N VAL I 125 54.93 46.50 59.20
CA VAL I 125 55.62 45.54 60.07
C VAL I 125 57.13 45.80 60.00
N ASN I 126 57.68 45.96 58.79
CA ASN I 126 59.11 46.20 58.59
C ASN I 126 59.57 47.50 59.27
N ALA I 127 58.70 48.52 59.31
CA ALA I 127 59.02 49.81 59.96
C ALA I 127 58.88 49.77 61.50
N GLY I 128 58.72 48.59 62.10
CA GLY I 128 58.57 48.44 63.54
C GLY I 128 57.22 48.87 64.07
N THR I 129 56.17 48.81 63.23
CA THR I 129 54.80 49.18 63.62
C THR I 129 53.84 48.06 63.18
N PRO I 130 53.87 46.88 63.82
CA PRO I 130 52.98 45.79 63.37
C PRO I 130 51.51 45.90 63.77
N HIS I 131 51.15 46.84 64.68
CA HIS I 131 49.77 46.98 65.11
C HIS I 131 48.96 47.83 64.12
N ILE I 132 47.72 47.40 63.84
CA ILE I 132 46.80 48.09 62.92
C ILE I 132 45.45 48.28 63.63
N VAL I 133 44.88 49.49 63.51
CA VAL I 133 43.55 49.81 64.05
C VAL I 133 42.61 49.77 62.84
N ALA I 134 41.50 49.02 62.92
CA ALA I 134 40.59 48.90 61.79
C ALA I 134 39.12 48.90 62.19
N VAL I 135 38.26 49.49 61.34
CA VAL I 135 36.82 49.49 61.57
C VAL I 135 36.28 48.11 61.15
N ARG I 136 35.34 47.53 61.92
CA ARG I 136 34.85 46.18 61.62
C ARG I 136 34.21 45.98 60.23
N PRO I 137 33.34 46.88 59.70
CA PRO I 137 32.75 46.63 58.37
C PRO I 137 33.78 46.80 57.25
N LEU I 138 34.48 45.70 56.90
CA LEU I 138 35.51 45.62 55.87
C LEU I 138 35.25 44.43 54.92
N TYR I 139 35.99 44.38 53.81
CA TYR I 139 35.95 43.28 52.85
C TYR I 139 36.44 42.00 53.56
N GLY I 140 35.76 40.88 53.32
CA GLY I 140 36.06 39.58 53.93
C GLY I 140 37.52 39.18 53.96
N GLY I 141 38.21 39.30 52.83
CA GLY I 141 39.62 38.96 52.72
C GLY I 141 40.51 39.87 53.55
N SER I 142 40.25 41.18 53.51
CA SER I 142 41.01 42.15 54.30
C SER I 142 40.81 41.88 55.80
N ASP I 143 39.57 41.54 56.20
CA ASP I 143 39.24 41.21 57.58
C ASP I 143 39.95 39.92 58.03
N HIS I 144 39.92 38.87 57.19
CA HIS I 144 40.55 37.59 57.50
C HIS I 144 42.08 37.70 57.57
N LEU I 145 42.69 38.51 56.69
CA LEU I 145 44.14 38.70 56.68
C LEU I 145 44.62 39.37 57.97
N LEU I 146 43.85 40.32 58.51
CA LEU I 146 44.21 41.00 59.76
C LEU I 146 43.98 40.07 60.96
N GLU I 147 42.86 39.33 60.98
CA GLU I 147 42.53 38.42 62.08
C GLU I 147 43.54 37.29 62.24
N THR I 148 43.97 36.68 61.13
CA THR I 148 44.94 35.58 61.16
C THR I 148 46.32 36.01 61.68
N GLY I 149 46.74 37.21 61.32
CA GLY I 149 48.06 37.71 61.71
C GLY I 149 49.17 36.96 60.99
N LEU I 150 48.94 36.63 59.71
CA LEU I 150 49.88 35.87 58.88
C LEU I 150 51.16 36.66 58.61
N LEU I 151 51.02 37.96 58.35
CA LEU I 151 52.17 38.82 58.03
C LEU I 151 52.81 39.46 59.28
N GLY I 152 52.66 38.82 60.45
CA GLY I 152 53.22 39.33 61.70
C GLY I 152 52.52 40.58 62.19
N THR I 153 51.19 40.67 61.99
CA THR I 153 50.38 41.83 62.38
C THR I 153 49.48 41.51 63.56
N THR I 154 49.22 42.52 64.40
CA THR I 154 48.29 42.47 65.53
C THR I 154 47.21 43.51 65.20
N VAL I 155 45.93 43.19 65.47
CA VAL I 155 44.83 44.09 65.12
C VAL I 155 43.91 44.36 66.32
N THR I 156 43.43 45.62 66.44
CA THR I 156 42.48 46.05 67.45
C THR I 156 41.29 46.59 66.68
N TRP I 157 40.17 45.86 66.71
CA TRP I 157 38.96 46.27 66.00
C TRP I 157 38.29 47.39 66.77
N ALA I 158 38.12 48.55 66.12
CA ALA I 158 37.53 49.72 66.75
C ALA I 158 36.46 50.37 65.89
N LYS I 159 35.51 51.08 66.54
CA LYS I 159 34.45 51.79 65.81
C LYS I 159 34.96 53.21 65.44
N GLU I 160 34.20 53.96 64.63
CA GLU I 160 34.59 55.30 64.19
C GLU I 160 34.97 56.23 65.36
N ALA I 161 34.17 56.24 66.43
CA ALA I 161 34.43 57.09 67.58
C ALA I 161 35.58 56.59 68.47
N GLU I 162 35.83 55.26 68.54
CA GLU I 162 36.90 54.74 69.40
C GLU I 162 38.20 54.44 68.63
N ILE I 163 38.48 55.18 67.55
CA ILE I 163 39.74 55.01 66.82
C ILE I 163 40.89 55.55 67.68
N ALA I 164 40.75 56.80 68.19
CA ALA I 164 41.77 57.44 69.03
C ALA I 164 42.20 56.59 70.23
N SER I 165 41.23 55.94 70.91
CA SER I 165 41.55 55.11 72.07
C SER I 165 42.28 53.83 71.67
N ALA I 166 41.91 53.21 70.54
CA ALA I 166 42.57 52.00 70.04
C ALA I 166 44.00 52.23 69.56
N ILE I 167 44.42 53.49 69.33
CA ILE I 167 45.77 53.78 68.84
C ILE I 167 46.78 53.38 69.90
N GLN I 168 47.74 52.50 69.56
CA GLN I 168 48.81 52.03 70.43
C GLN I 168 50.15 52.71 70.02
N ASP I 169 51.17 52.62 70.87
CA ASP I 169 52.50 53.19 70.57
C ASP I 169 53.17 52.59 69.31
N ASP I 170 52.80 51.34 68.94
CA ASP I 170 53.37 50.67 67.77
C ASP I 170 52.36 50.55 66.61
N THR I 171 51.44 51.53 66.43
CA THR I 171 50.45 51.47 65.35
C THR I 171 51.06 52.02 64.06
N GLY I 172 50.93 51.26 62.98
CA GLY I 172 51.44 51.62 61.67
C GLY I 172 50.38 52.20 60.77
N LEU I 173 49.14 51.66 60.82
CA LEU I 173 48.05 52.12 59.96
C LEU I 173 46.65 52.02 60.57
N VAL I 174 45.74 52.90 60.11
CA VAL I 174 44.32 52.91 60.46
C VAL I 174 43.58 52.57 59.16
N ILE I 175 43.01 51.35 59.08
CA ILE I 175 42.33 50.89 57.87
C ILE I 175 40.84 51.18 57.93
N VAL I 176 40.31 51.88 56.91
CA VAL I 176 38.89 52.26 56.77
C VAL I 176 38.42 51.97 55.32
N GLU I 177 37.12 51.66 55.16
CA GLU I 177 36.51 51.36 53.86
C GLU I 177 35.10 51.99 53.84
N THR I 178 34.80 52.84 52.85
CA THR I 178 33.49 53.51 52.75
C THR I 178 33.08 53.78 51.28
N PRO I 179 31.89 53.34 50.81
CA PRO I 179 30.85 52.54 51.50
C PRO I 179 31.38 51.13 51.81
N ALA I 180 31.06 50.59 52.98
CA ALA I 180 31.55 49.28 53.39
C ALA I 180 30.99 48.14 52.54
N ASN I 181 31.73 47.05 52.44
CA ASN I 181 31.31 45.87 51.68
C ASN I 181 30.78 44.84 52.69
N PRO I 182 29.50 44.36 52.68
CA PRO I 182 28.39 44.63 51.74
C PRO I 182 27.37 45.73 52.11
N SER I 183 27.10 45.92 53.41
CA SER I 183 26.10 46.86 53.98
C SER I 183 26.09 48.30 53.44
N LEU I 184 27.20 48.80 52.87
CA LEU I 184 27.34 50.16 52.34
C LEU I 184 27.26 51.22 53.45
N ASP I 185 27.82 50.92 54.63
CA ASP I 185 27.85 51.87 55.73
C ASP I 185 28.92 52.91 55.44
N LEU I 186 28.61 54.19 55.63
CA LEU I 186 29.55 55.28 55.34
C LEU I 186 30.36 55.65 56.57
N VAL I 187 31.58 56.18 56.35
CA VAL I 187 32.52 56.58 57.40
C VAL I 187 32.95 58.02 57.16
N ASP I 188 32.88 58.89 58.18
CA ASP I 188 33.32 60.28 58.04
C ASP I 188 34.85 60.29 58.07
N LEU I 189 35.48 60.48 56.90
CA LEU I 189 36.93 60.45 56.77
C LEU I 189 37.63 61.62 57.44
N ASP I 190 36.97 62.79 57.53
CA ASP I 190 37.56 63.95 58.19
C ASP I 190 37.77 63.68 59.69
N SER I 191 36.79 63.06 60.34
CA SER I 191 36.87 62.71 61.76
C SER I 191 37.87 61.58 62.02
N VAL I 192 38.01 60.63 61.08
CA VAL I 192 38.95 59.50 61.20
C VAL I 192 40.39 60.03 61.19
N VAL I 193 40.72 60.93 60.27
CA VAL I 193 42.07 61.50 60.17
C VAL I 193 42.41 62.27 61.46
N ALA I 194 41.44 63.02 62.00
CA ALA I 194 41.61 63.75 63.25
C ALA I 194 41.87 62.79 64.42
N ALA I 195 41.13 61.67 64.48
CA ALA I 195 41.30 60.67 65.54
C ALA I 195 42.64 59.96 65.44
N ALA I 196 43.09 59.62 64.22
CA ALA I 196 44.37 58.95 64.00
C ALA I 196 45.55 59.86 64.38
N GLY I 197 45.46 61.13 64.04
CA GLY I 197 46.50 62.11 64.34
C GLY I 197 47.75 61.89 63.52
N THR I 198 48.84 61.43 64.15
CA THR I 198 50.11 61.18 63.47
C THR I 198 50.16 59.82 62.74
N VAL I 199 49.19 58.91 63.00
CA VAL I 199 49.20 57.59 62.38
C VAL I 199 48.64 57.72 60.94
N PRO I 200 49.30 57.19 59.88
CA PRO I 200 48.71 57.31 58.53
C PRO I 200 47.40 56.53 58.39
N VAL I 201 46.47 57.05 57.55
CA VAL I 201 45.17 56.42 57.33
C VAL I 201 45.13 55.81 55.94
N LEU I 202 44.74 54.53 55.86
CA LEU I 202 44.62 53.80 54.60
C LEU I 202 43.11 53.63 54.33
N VAL I 203 42.62 54.19 53.22
CA VAL I 203 41.21 54.14 52.85
C VAL I 203 41.03 53.28 51.60
N ASP I 204 40.19 52.24 51.68
CA ASP I 204 39.88 51.38 50.55
C ASP I 204 38.75 52.04 49.76
N ASN I 205 39.10 52.73 48.65
CA ASN I 205 38.16 53.48 47.81
C ASN I 205 37.75 52.68 46.56
N THR I 206 37.56 51.37 46.70
CA THR I 206 37.18 50.50 45.57
C THR I 206 35.77 50.80 45.06
N PHE I 207 34.79 50.88 45.96
CA PHE I 207 33.39 51.10 45.63
C PHE I 207 33.09 52.49 45.04
N CYS I 208 33.64 53.55 45.65
CA CYS I 208 33.42 54.93 45.20
C CYS I 208 34.19 55.28 43.93
N THR I 209 35.49 54.88 43.84
CA THR I 209 36.42 55.20 42.72
C THR I 209 36.84 56.70 42.76
N PRO I 210 37.95 57.14 42.08
CA PRO I 210 38.27 58.58 42.10
C PRO I 210 37.22 59.51 41.49
N VAL I 211 36.18 58.95 40.84
CA VAL I 211 35.11 59.73 40.22
C VAL I 211 34.26 60.37 41.34
N LEU I 212 33.90 59.58 42.36
CA LEU I 212 33.04 59.99 43.46
C LEU I 212 33.78 60.47 44.72
N GLN I 213 34.87 59.78 45.10
CA GLN I 213 35.58 60.10 46.33
C GLN I 213 37.09 60.19 46.12
N GLN I 214 37.75 61.10 46.86
CA GLN I 214 39.19 61.31 46.83
C GLN I 214 39.65 61.42 48.29
N PRO I 215 39.90 60.30 49.01
CA PRO I 215 40.31 60.40 50.42
C PRO I 215 41.56 61.24 50.71
N ILE I 216 42.49 61.38 49.73
CA ILE I 216 43.72 62.18 49.90
C ILE I 216 43.35 63.64 50.27
N ARG I 217 42.29 64.17 49.62
CA ARG I 217 41.79 65.52 49.90
C ARG I 217 41.40 65.67 51.38
N HIS I 218 40.74 64.64 51.95
CA HIS I 218 40.30 64.64 53.34
C HIS I 218 41.43 64.41 54.37
N GLY I 219 42.66 64.17 53.91
CA GLY I 219 43.81 63.98 54.78
C GLY I 219 44.33 62.56 54.89
N ALA I 220 43.82 61.61 54.07
CA ALA I 220 44.29 60.23 54.11
C ALA I 220 45.68 60.13 53.48
N ALA I 221 46.48 59.18 53.95
CA ALA I 221 47.84 58.99 53.44
C ALA I 221 47.89 57.98 52.30
N LEU I 222 47.16 56.86 52.43
CA LEU I 222 47.12 55.81 51.40
C LEU I 222 45.69 55.54 50.96
N VAL I 223 45.49 55.28 49.65
CA VAL I 223 44.19 54.99 49.06
C VAL I 223 44.30 53.72 48.23
N LEU I 224 43.74 52.61 48.72
CA LEU I 224 43.80 51.33 48.02
C LEU I 224 42.57 51.14 47.14
N HIS I 225 42.79 50.63 45.93
CA HIS I 225 41.72 50.34 44.98
C HIS I 225 41.93 48.94 44.45
N SER I 226 40.88 48.11 44.46
CA SER I 226 40.95 46.80 43.83
C SER I 226 40.68 47.13 42.38
N ALA I 227 41.76 47.27 41.58
CA ALA I 227 41.61 47.62 40.17
C ALA I 227 40.78 46.59 39.38
N THR I 228 40.70 45.35 39.87
CA THR I 228 39.84 44.27 39.35
C THR I 228 38.38 44.74 39.13
N LYS I 229 37.92 45.70 39.94
CA LYS I 229 36.54 46.20 39.91
C LYS I 229 36.53 47.70 39.61
N TYR I 230 35.69 48.10 38.63
CA TYR I 230 35.50 49.49 38.16
C TYR I 230 36.68 50.07 37.36
N LEU I 231 37.93 49.99 37.86
CA LEU I 231 39.08 50.51 37.11
C LEU I 231 39.25 49.70 35.81
N GLY I 232 39.11 48.38 35.90
CA GLY I 232 39.12 47.52 34.73
C GLY I 232 37.79 47.68 34.03
N GLY I 233 36.71 47.43 34.77
CA GLY I 233 35.34 47.63 34.31
C GLY I 233 34.74 46.56 33.42
N HIS I 234 35.53 45.56 32.98
CA HIS I 234 35.02 44.51 32.09
C HIS I 234 35.22 43.08 32.64
N GLY I 235 35.58 42.94 33.92
CA GLY I 235 35.77 41.64 34.56
C GLY I 235 36.79 40.75 33.88
N ASP I 236 37.91 41.33 33.42
CA ASP I 236 38.95 40.58 32.72
C ASP I 236 40.39 41.02 33.04
N ALA I 237 40.61 41.75 34.14
CA ALA I 237 41.93 42.21 34.52
C ALA I 237 42.03 42.33 36.03
N MET I 238 42.77 41.41 36.67
CA MET I 238 42.99 41.47 38.11
C MET I 238 44.01 42.59 38.36
N GLY I 239 43.92 43.23 39.52
CA GLY I 239 44.85 44.29 39.87
C GLY I 239 44.58 44.94 41.21
N GLY I 240 45.60 45.61 41.71
CA GLY I 240 45.56 46.33 42.98
C GLY I 240 46.50 47.51 42.92
N ILE I 241 46.13 48.64 43.54
CA ILE I 241 46.95 49.85 43.47
C ILE I 241 46.70 50.76 44.67
N ILE I 242 47.77 51.39 45.19
CA ILE I 242 47.68 52.31 46.34
C ILE I 242 48.22 53.67 45.92
N ALA I 243 47.36 54.70 45.89
CA ALA I 243 47.78 56.06 45.59
C ALA I 243 48.21 56.65 46.94
N THR I 244 49.48 57.03 47.06
CA THR I 244 50.03 57.53 48.33
C THR I 244 51.21 58.51 48.14
N ASN I 245 51.66 59.17 49.24
CA ASN I 245 52.81 60.07 49.26
C ASN I 245 54.11 59.31 48.88
N SER I 246 55.19 60.05 48.58
CA SER I 246 56.48 59.46 48.20
C SER I 246 57.10 58.53 49.27
N ASP I 247 56.88 58.80 50.56
CA ASP I 247 57.44 57.97 51.63
C ASP I 247 56.85 56.55 51.61
N TRP I 248 55.51 56.43 51.61
CA TRP I 248 54.85 55.12 51.57
C TRP I 248 55.02 54.45 50.22
N ALA I 249 55.13 55.21 49.12
CA ALA I 249 55.34 54.62 47.80
C ALA I 249 56.70 53.91 47.75
N MET I 250 57.73 54.50 48.37
CA MET I 250 59.06 53.90 48.45
C MET I 250 59.02 52.64 49.33
N ARG I 251 58.24 52.68 50.43
CA ARG I 251 58.09 51.53 51.33
C ARG I 251 57.38 50.36 50.62
N LEU I 252 56.35 50.67 49.82
CA LEU I 252 55.59 49.66 49.09
C LEU I 252 56.42 49.08 47.94
N ARG I 253 57.17 49.92 47.22
CA ARG I 253 58.00 49.44 46.11
C ARG I 253 59.14 48.54 46.59
N GLN I 254 59.72 48.80 47.79
CA GLN I 254 60.78 47.93 48.31
C GLN I 254 60.20 46.57 48.76
N VAL I 255 58.92 46.49 49.22
CA VAL I 255 58.28 45.19 49.50
C VAL I 255 58.03 44.50 48.15
N ARG I 256 57.52 45.24 47.15
CA ARG I 256 57.25 44.69 45.81
C ARG I 256 58.50 44.09 45.15
N ALA I 257 59.66 44.76 45.27
CA ALA I 257 60.89 44.30 44.65
C ALA I 257 61.41 42.94 45.17
N ILE I 258 61.13 42.60 46.44
CA ILE I 258 61.61 41.34 47.03
C ILE I 258 60.46 40.29 47.18
N THR I 259 59.19 40.72 47.33
CA THR I 259 58.07 39.75 47.41
C THR I 259 57.53 39.40 46.02
N GLY I 260 57.61 40.33 45.07
CA GLY I 260 57.26 40.08 43.67
C GLY I 260 55.82 39.79 43.30
N ALA I 261 54.84 40.46 43.92
CA ALA I 261 53.43 40.29 43.53
C ALA I 261 53.18 41.33 42.43
N LEU I 262 53.71 41.06 41.23
CA LEU I 262 53.67 42.00 40.12
C LEU I 262 52.42 41.96 39.27
N LEU I 263 52.05 43.13 38.72
CA LEU I 263 50.95 43.27 37.81
C LEU I 263 51.52 43.01 36.40
N HIS I 264 50.91 42.08 35.66
CA HIS I 264 51.40 41.70 34.33
C HIS I 264 51.25 42.87 33.33
N PRO I 265 52.20 43.10 32.37
CA PRO I 265 52.03 44.21 31.43
C PRO I 265 50.68 44.30 30.70
N MET I 266 50.09 43.16 30.28
CA MET I 266 48.79 43.20 29.61
C MET I 266 47.67 43.55 30.61
N GLY I 267 47.80 43.11 31.86
CA GLY I 267 46.87 43.46 32.92
C GLY I 267 46.89 44.95 33.18
N ALA I 268 48.11 45.53 33.26
CA ALA I 268 48.29 46.97 33.44
C ALA I 268 47.75 47.75 32.25
N TYR I 269 47.92 47.20 31.03
CA TYR I 269 47.40 47.84 29.83
C TYR I 269 45.88 47.93 29.87
N LEU I 270 45.19 46.83 30.24
CA LEU I 270 43.72 46.81 30.28
C LEU I 270 43.15 47.66 31.41
N LEU I 271 43.86 47.77 32.55
CA LEU I 271 43.39 48.61 33.67
C LEU I 271 43.56 50.09 33.33
N HIS I 272 44.66 50.44 32.64
CA HIS I 272 44.90 51.81 32.17
C HIS I 272 43.85 52.16 31.10
N ARG I 273 43.58 51.21 30.18
CA ARG I 273 42.58 51.32 29.11
C ARG I 273 41.20 51.57 29.72
N GLY I 274 40.87 50.86 30.79
CA GLY I 274 39.61 51.01 31.50
C GLY I 274 39.44 52.35 32.19
N LEU I 275 40.55 52.98 32.63
CA LEU I 275 40.49 54.30 33.27
C LEU I 275 39.95 55.38 32.33
N ARG I 276 40.16 55.22 31.01
CA ARG I 276 39.68 56.18 30.01
C ARG I 276 38.15 56.28 30.00
N THR I 277 37.45 55.17 30.21
CA THR I 277 35.99 55.09 30.24
C THR I 277 35.41 55.02 31.67
N LEU I 278 36.22 55.21 32.71
CA LEU I 278 35.75 55.10 34.09
C LEU I 278 34.66 56.11 34.44
N ALA I 279 34.87 57.40 34.12
CA ALA I 279 33.88 58.43 34.41
C ALA I 279 32.55 58.17 33.71
N VAL I 280 32.59 57.75 32.42
CA VAL I 280 31.38 57.48 31.65
C VAL I 280 30.66 56.24 32.19
N ARG I 281 31.39 55.14 32.49
CA ARG I 281 30.80 53.90 33.00
C ARG I 281 30.20 54.06 34.39
N MET I 282 30.90 54.76 35.29
CA MET I 282 30.42 54.91 36.66
C MET I 282 29.13 55.72 36.71
N ARG I 283 29.06 56.83 35.96
CA ARG I 283 27.87 57.67 35.95
C ARG I 283 26.67 57.03 35.26
N ALA I 284 26.90 56.07 34.34
CA ALA I 284 25.80 55.35 33.68
C ALA I 284 25.21 54.32 34.66
N ALA I 285 26.08 53.56 35.37
CA ALA I 285 25.65 52.56 36.34
C ALA I 285 25.01 53.20 37.57
N GLN I 286 25.51 54.39 37.98
CA GLN I 286 24.98 55.16 39.10
C GLN I 286 23.53 55.58 38.86
N THR I 287 23.22 56.04 37.64
CA THR I 287 21.87 56.46 37.27
C THR I 287 20.91 55.26 37.34
N THR I 288 21.34 54.10 36.83
CA THR I 288 20.54 52.88 36.87
C THR I 288 20.33 52.41 38.31
N ALA I 289 21.38 52.46 39.15
CA ALA I 289 21.29 52.05 40.55
C ALA I 289 20.36 52.94 41.37
N GLY I 290 20.42 54.26 41.15
CA GLY I 290 19.55 55.19 41.84
C GLY I 290 18.07 54.94 41.57
N GLU I 291 17.75 54.58 40.32
CA GLU I 291 16.37 54.26 39.92
C GLU I 291 15.97 52.87 40.44
N LEU I 292 16.85 51.87 40.33
CA LEU I 292 16.55 50.51 40.79
C LEU I 292 16.31 50.44 42.30
N ALA I 293 17.10 51.17 43.10
CA ALA I 293 16.94 51.17 44.56
C ALA I 293 15.54 51.65 44.99
N GLU I 294 15.00 52.66 44.29
CA GLU I 294 13.67 53.18 44.59
C GLU I 294 12.57 52.24 44.11
N ARG I 295 12.75 51.62 42.92
CA ARG I 295 11.77 50.69 42.36
C ARG I 295 11.68 49.39 43.19
N LEU I 296 12.82 48.88 43.66
CA LEU I 296 12.85 47.66 44.49
C LEU I 296 12.31 47.90 45.90
N ALA I 297 12.38 49.15 46.41
CA ALA I 297 11.84 49.48 47.73
C ALA I 297 10.32 49.29 47.79
N ALA I 298 9.61 49.55 46.67
CA ALA I 298 8.17 49.39 46.59
C ALA I 298 7.71 47.92 46.64
N HIS I 299 8.62 46.95 46.37
CA HIS I 299 8.26 45.54 46.40
C HIS I 299 8.02 45.08 47.86
N PRO I 300 6.96 44.30 48.16
CA PRO I 300 6.74 43.89 49.57
C PRO I 300 7.72 42.86 50.12
N ALA I 301 8.37 42.07 49.26
CA ALA I 301 9.32 41.06 49.71
C ALA I 301 10.60 41.64 50.32
N ILE I 302 10.96 42.89 49.97
CA ILE I 302 12.16 43.54 50.50
C ILE I 302 11.77 44.45 51.67
N THR I 303 12.43 44.27 52.83
CA THR I 303 12.15 45.07 54.03
C THR I 303 12.88 46.40 54.00
N ALA I 304 14.17 46.40 53.62
CA ALA I 304 14.98 47.61 53.58
C ALA I 304 15.96 47.59 52.41
N VAL I 305 16.15 48.75 51.75
CA VAL I 305 17.06 48.91 50.63
C VAL I 305 18.15 49.88 51.08
N HIS I 306 19.40 49.43 51.08
CA HIS I 306 20.54 50.25 51.47
C HIS I 306 21.21 50.84 50.22
N TYR I 307 21.26 52.17 50.12
CA TYR I 307 21.89 52.88 49.01
C TYR I 307 22.28 54.29 49.52
N PRO I 308 23.56 54.75 49.42
CA PRO I 308 23.90 56.08 49.97
C PRO I 308 22.95 57.23 49.57
N GLY I 309 22.33 57.82 50.60
CA GLY I 309 21.39 58.93 50.42
C GLY I 309 19.92 58.57 50.35
N LEU I 310 19.59 57.33 50.01
CA LEU I 310 18.20 56.89 49.88
C LEU I 310 17.46 56.94 51.22
N ASN I 311 16.20 57.45 51.20
CA ASN I 311 15.32 57.59 52.36
C ASN I 311 16.03 58.51 53.43
N GLY I 312 16.75 57.94 54.40
CA GLY I 312 17.53 58.67 55.38
C GLY I 312 18.96 58.26 55.12
N GLN I 313 19.46 57.29 55.92
CA GLN I 313 20.76 56.61 55.78
C GLN I 313 22.05 57.46 55.89
N ASP I 314 22.04 58.72 55.47
CA ASP I 314 23.21 59.59 55.52
C ASP I 314 22.88 60.84 56.36
N PRO I 315 22.85 60.74 57.71
CA PRO I 315 22.52 61.94 58.51
C PRO I 315 23.68 62.94 58.67
N ARG I 316 24.93 62.52 58.42
CA ARG I 316 26.10 63.41 58.58
C ARG I 316 26.40 64.31 57.36
N GLY I 317 25.63 64.18 56.27
CA GLY I 317 25.83 65.01 55.09
C GLY I 317 27.10 64.67 54.33
N LEU I 318 27.46 63.39 54.28
CA LEU I 318 28.65 62.93 53.54
C LEU I 318 28.36 62.84 52.02
N LEU I 319 27.08 62.77 51.60
CA LEU I 319 26.70 62.79 50.18
C LEU I 319 26.83 64.25 49.72
N GLY I 320 27.98 64.56 49.13
CA GLY I 320 28.31 65.88 48.61
C GLY I 320 29.66 66.32 49.11
N ARG I 321 29.81 66.38 50.44
CA ARG I 321 31.05 66.80 51.09
C ARG I 321 32.18 65.79 50.82
N GLN I 322 31.89 64.49 50.94
CA GLN I 322 32.84 63.40 50.72
C GLN I 322 32.59 62.67 49.40
N MET I 323 31.31 62.33 49.10
CA MET I 323 30.94 61.57 47.90
C MET I 323 30.14 62.40 46.93
N SER I 324 30.58 62.50 45.65
CA SER I 324 29.82 63.25 44.64
C SER I 324 28.72 62.41 43.95
N GLY I 325 28.40 61.23 44.48
CA GLY I 325 27.38 60.37 43.90
C GLY I 325 27.03 59.20 44.79
N GLY I 326 25.88 58.61 44.55
CA GLY I 326 25.39 57.47 45.32
C GLY I 326 26.08 56.15 45.10
N GLY I 327 26.74 55.98 43.95
CA GLY I 327 27.44 54.74 43.63
C GLY I 327 26.62 53.82 42.75
N ALA I 328 27.17 52.63 42.47
CA ALA I 328 26.50 51.61 41.65
C ALA I 328 26.29 50.28 42.40
N MET I 329 26.35 50.28 43.73
CA MET I 329 26.15 49.07 44.56
C MET I 329 24.89 49.23 45.38
N ILE I 330 24.12 48.14 45.56
CA ILE I 330 22.87 48.14 46.34
C ILE I 330 22.79 46.87 47.18
N ALA I 331 22.71 47.01 48.51
CA ALA I 331 22.49 45.88 49.41
C ALA I 331 21.05 45.94 49.91
N LEU I 332 20.37 44.79 50.08
CA LEU I 332 18.97 44.78 50.52
C LEU I 332 18.61 43.57 51.38
N GLU I 333 17.80 43.79 52.42
CA GLU I 333 17.34 42.74 53.33
C GLU I 333 15.99 42.21 52.84
N LEU I 334 15.81 40.87 52.84
CA LEU I 334 14.57 40.23 52.40
C LEU I 334 13.75 39.77 53.61
N ALA I 335 12.43 39.74 53.47
CA ALA I 335 11.51 39.36 54.55
C ALA I 335 11.43 37.87 54.89
N GLY I 336 12.15 36.99 54.21
CA GLY I 336 12.14 35.56 54.52
C GLY I 336 13.44 35.00 55.05
N GLY I 337 14.44 35.85 55.30
CA GLY I 337 15.72 35.41 55.83
C GLY I 337 16.58 34.72 54.78
N PHE I 338 17.21 33.60 55.15
CA PHE I 338 18.08 32.85 54.25
C PHE I 338 17.31 32.21 53.10
N ASP I 339 16.14 31.60 53.37
CA ASP I 339 15.35 30.93 52.33
C ASP I 339 14.99 31.87 51.17
N ALA I 340 14.51 33.09 51.47
CA ALA I 340 14.15 34.06 50.44
C ALA I 340 15.38 34.57 49.69
N ALA I 341 16.47 34.86 50.43
CA ALA I 341 17.72 35.32 49.84
C ALA I 341 18.32 34.28 48.87
N ARG I 342 18.24 33.00 49.25
CA ARG I 342 18.75 31.87 48.45
C ARG I 342 17.91 31.70 47.17
N SER I 343 16.58 31.76 47.28
CA SER I 343 15.67 31.61 46.15
C SER I 343 15.80 32.76 45.15
N PHE I 344 15.88 34.00 45.65
CA PHE I 344 16.02 35.20 44.82
C PHE I 344 17.30 35.15 43.96
N VAL I 345 18.41 34.71 44.55
CA VAL I 345 19.69 34.56 43.85
C VAL I 345 19.59 33.49 42.74
N GLU I 346 19.04 32.31 43.07
CA GLU I 346 18.95 31.20 42.12
C GLU I 346 17.95 31.42 40.98
N HIS I 347 16.87 32.19 41.19
CA HIS I 347 15.88 32.43 40.14
C HIS I 347 16.24 33.58 39.18
N CYS I 348 17.38 34.27 39.38
CA CYS I 348 17.81 35.33 38.47
C CYS I 348 18.36 34.70 37.19
N SER I 349 17.98 35.24 36.01
CA SER I 349 18.42 34.72 34.71
C SER I 349 19.38 35.72 34.00
N LEU I 350 18.95 36.97 33.81
CA LEU I 350 19.76 38.02 33.18
C LEU I 350 20.84 38.45 34.17
N VAL I 351 20.46 38.70 35.44
CA VAL I 351 21.41 39.08 36.48
C VAL I 351 22.13 37.77 36.86
N VAL I 352 23.45 37.77 36.80
CA VAL I 352 24.25 36.57 37.04
C VAL I 352 24.68 36.43 38.51
N HIS I 353 24.47 35.25 39.12
CA HIS I 353 24.89 34.99 40.49
C HIS I 353 26.37 34.67 40.51
N ALA I 354 27.19 35.66 40.90
CA ALA I 354 28.65 35.53 40.96
C ALA I 354 29.23 36.56 41.93
N VAL I 355 30.43 36.27 42.45
CA VAL I 355 31.14 37.23 43.33
C VAL I 355 31.75 38.36 42.43
N SER I 356 32.33 39.41 43.03
CA SER I 356 32.93 40.54 42.30
C SER I 356 31.91 41.61 41.92
N LEU I 357 32.39 42.78 41.47
CA LEU I 357 31.56 43.95 41.15
C LEU I 357 32.28 44.89 40.15
N GLY I 358 31.66 46.01 39.80
CA GLY I 358 32.24 47.00 38.92
C GLY I 358 32.40 46.65 37.46
N GLY I 359 31.73 45.59 37.01
CA GLY I 359 31.80 45.16 35.62
C GLY I 359 30.69 45.75 34.77
N ALA I 360 30.68 45.43 33.47
CA ALA I 360 29.66 45.90 32.56
C ALA I 360 28.30 45.22 32.80
N ASP I 361 28.29 44.00 33.39
CA ASP I 361 27.06 43.25 33.67
C ASP I 361 26.70 43.30 35.14
N THR I 362 25.41 43.12 35.44
CA THR I 362 24.87 43.15 36.79
C THR I 362 25.06 41.80 37.46
N LEU I 363 25.72 41.79 38.64
CA LEU I 363 25.97 40.58 39.40
C LEU I 363 25.23 40.62 40.74
N ILE I 364 24.93 39.44 41.29
CA ILE I 364 24.21 39.32 42.57
C ILE I 364 24.85 38.22 43.42
N GLN I 365 24.80 38.36 44.76
CA GLN I 365 25.37 37.37 45.68
C GLN I 365 24.69 37.41 47.06
N HIS I 366 24.93 36.36 47.85
CA HIS I 366 24.51 36.26 49.24
C HIS I 366 25.83 36.42 50.04
N PRO I 367 26.18 37.62 50.54
CA PRO I 367 27.50 37.80 51.19
C PRO I 367 27.87 36.83 52.32
N ALA I 368 26.92 36.43 53.16
CA ALA I 368 27.22 35.52 54.26
C ALA I 368 27.77 34.17 53.78
N SER I 369 27.31 33.66 52.63
CA SER I 369 27.76 32.39 52.08
C SER I 369 28.96 32.48 51.14
N LEU I 370 29.27 33.67 50.59
CA LEU I 370 30.38 33.79 49.64
C LEU I 370 31.51 34.77 50.10
N THR I 371 31.39 36.10 49.89
CA THR I 371 32.47 37.03 50.21
C THR I 371 32.82 37.07 51.71
N HIS I 372 31.82 37.31 52.58
CA HIS I 372 32.07 37.40 54.02
C HIS I 372 31.83 36.07 54.74
N ARG I 373 32.38 34.97 54.18
CA ARG I 373 32.33 33.64 54.75
C ARG I 373 33.52 33.38 55.71
N PRO I 374 34.79 33.81 55.41
CA PRO I 374 35.88 33.58 56.38
C PRO I 374 35.89 34.53 57.59
N VAL I 375 34.96 35.50 57.62
CA VAL I 375 34.85 36.50 58.69
C VAL I 375 34.23 35.83 59.93
N ALA I 376 34.61 36.29 61.13
CA ALA I 376 34.05 35.77 62.39
C ALA I 376 32.53 35.99 62.43
N ALA I 377 31.80 35.06 63.04
CA ALA I 377 30.33 35.11 63.11
C ALA I 377 29.74 36.43 63.60
N THR I 378 30.41 37.12 64.55
CA THR I 378 29.91 38.39 65.07
C THR I 378 29.93 39.49 64.01
N ALA I 379 31.01 39.56 63.20
CA ALA I 379 31.11 40.57 62.15
C ALA I 379 30.50 40.14 60.81
N LYS I 380 29.80 38.98 60.75
CA LYS I 380 29.19 38.54 59.50
C LYS I 380 27.90 39.34 59.21
N PRO I 381 27.56 39.61 57.94
CA PRO I 381 26.30 40.35 57.66
C PRO I 381 25.05 39.49 57.85
N GLY I 382 23.88 40.12 57.83
CA GLY I 382 22.62 39.41 58.00
C GLY I 382 22.35 38.40 56.91
N ASP I 383 21.60 37.34 57.24
CA ASP I 383 21.27 36.28 56.28
C ASP I 383 20.31 36.76 55.19
N GLY I 384 19.40 37.66 55.53
CA GLY I 384 18.48 38.23 54.56
C GLY I 384 19.13 39.19 53.58
N LEU I 385 20.35 39.69 53.90
CA LEU I 385 21.05 40.66 53.04
C LEU I 385 21.56 40.06 51.73
N ILE I 386 21.41 40.84 50.63
CA ILE I 386 21.82 40.46 49.28
C ILE I 386 22.53 41.67 48.67
N ARG I 387 23.77 41.50 48.19
CA ARG I 387 24.53 42.58 47.55
C ARG I 387 24.30 42.48 46.03
N LEU I 388 24.18 43.64 45.36
CA LEU I 388 23.89 43.71 43.93
C LEU I 388 24.75 44.78 43.26
N SER I 389 25.65 44.36 42.34
CA SER I 389 26.50 45.29 41.59
C SER I 389 25.76 45.66 40.31
N VAL I 390 25.43 46.93 40.13
CA VAL I 390 24.67 47.38 38.96
C VAL I 390 25.61 47.64 37.78
N GLY I 391 25.30 47.04 36.63
CA GLY I 391 26.08 47.17 35.41
C GLY I 391 25.57 48.27 34.50
N LEU I 392 25.74 48.10 33.18
CA LEU I 392 25.33 49.08 32.16
C LEU I 392 24.12 48.63 31.34
N GLU I 393 23.26 47.76 31.89
CA GLU I 393 22.07 47.31 31.17
C GLU I 393 20.92 48.32 31.36
N HIS I 394 19.84 48.20 30.58
CA HIS I 394 18.69 49.08 30.71
C HIS I 394 18.03 48.89 32.08
N VAL I 395 17.47 49.96 32.62
CA VAL I 395 16.85 49.96 33.96
C VAL I 395 15.61 49.05 34.00
N ASP I 396 14.78 49.08 32.94
CA ASP I 396 13.56 48.27 32.88
C ASP I 396 13.86 46.77 32.80
N ASP I 397 14.84 46.35 31.98
CA ASP I 397 15.18 44.93 31.87
C ASP I 397 15.73 44.35 33.17
N LEU I 398 16.47 45.15 33.96
CA LEU I 398 17.02 44.68 35.22
C LEU I 398 15.90 44.52 36.27
N GLU I 399 14.95 45.48 36.33
CA GLU I 399 13.85 45.37 37.30
C GLU I 399 12.93 44.20 36.95
N ASP I 400 12.66 43.94 35.65
CA ASP I 400 11.81 42.83 35.24
C ASP I 400 12.40 41.49 35.69
N ASP I 401 13.72 41.32 35.56
CA ASP I 401 14.39 40.09 35.97
C ASP I 401 14.41 39.92 37.49
N LEU I 402 14.67 40.99 38.25
CA LEU I 402 14.72 40.92 39.71
C LEU I 402 13.32 40.70 40.29
N ILE I 403 12.28 41.32 39.70
CA ILE I 403 10.89 41.13 40.16
C ILE I 403 10.48 39.67 39.89
N ALA I 404 10.83 39.12 38.72
CA ALA I 404 10.52 37.73 38.40
C ALA I 404 11.14 36.76 39.40
N ALA I 405 12.39 37.02 39.83
CA ALA I 405 13.08 36.20 40.81
C ALA I 405 12.45 36.31 42.21
N LEU I 406 12.00 37.52 42.59
CA LEU I 406 11.34 37.72 43.89
C LEU I 406 9.98 37.02 43.91
N ASP I 407 9.21 37.12 42.82
CA ASP I 407 7.90 36.48 42.72
C ASP I 407 7.99 34.94 42.63
N ALA I 408 9.15 34.38 42.24
CA ALA I 408 9.32 32.93 42.14
C ALA I 408 9.42 32.26 43.51
N SER J 23 55.44 4.78 31.11
CA SER J 23 54.36 5.15 30.21
C SER J 23 54.88 6.03 29.06
N MET J 24 55.62 7.11 29.37
CA MET J 24 56.18 8.01 28.36
C MET J 24 57.44 8.74 28.82
N HIS J 25 58.29 9.11 27.85
CA HIS J 25 59.60 9.75 28.09
C HIS J 25 59.44 11.24 28.50
N PRO J 26 60.44 11.88 29.15
CA PRO J 26 60.27 13.31 29.50
C PRO J 26 60.07 14.25 28.31
N GLU J 27 60.64 13.91 27.13
CA GLU J 27 60.50 14.74 25.93
C GLU J 27 59.05 14.77 25.47
N THR J 28 58.34 13.63 25.55
CA THR J 28 56.93 13.53 25.17
C THR J 28 56.08 14.27 26.22
N LEU J 29 56.38 14.09 27.51
CA LEU J 29 55.66 14.74 28.61
C LEU J 29 55.75 16.27 28.55
N MET J 30 56.84 16.84 28.03
CA MET J 30 56.96 18.29 27.90
C MET J 30 55.95 18.83 26.90
N VAL J 31 55.70 18.10 25.81
CA VAL J 31 54.78 18.52 24.76
C VAL J 31 53.30 18.37 25.19
N HIS J 32 52.91 17.18 25.65
CA HIS J 32 51.51 16.88 26.01
C HIS J 32 51.15 17.08 27.48
N GLY J 33 52.07 17.55 28.32
CA GLY J 33 51.79 17.77 29.73
C GLY J 33 50.85 18.92 29.95
N GLY J 34 49.80 18.71 30.75
CA GLY J 34 48.80 19.72 31.04
C GLY J 34 47.88 20.03 29.87
N MET J 35 47.80 19.12 28.86
CA MET J 35 46.97 19.29 27.68
C MET J 35 45.84 18.24 27.63
N ASP J 36 45.37 17.76 28.80
CA ASP J 36 44.35 16.74 28.85
C ASP J 36 42.96 17.33 28.60
N GLY J 37 42.15 16.64 27.80
CA GLY J 37 40.80 17.09 27.47
C GLY J 37 40.69 18.11 26.37
N LEU J 38 41.81 18.67 25.88
CA LEU J 38 41.76 19.67 24.80
C LEU J 38 41.40 19.00 23.48
N THR J 39 41.99 17.82 23.19
CA THR J 39 41.69 17.09 21.96
C THR J 39 40.22 16.64 21.93
N GLU J 40 39.66 16.27 23.10
CA GLU J 40 38.26 15.85 23.20
C GLU J 40 37.33 17.05 22.97
N ALA J 41 37.72 18.25 23.45
CA ALA J 41 36.96 19.48 23.24
C ALA J 41 37.09 20.08 21.82
N GLY J 42 37.92 19.48 20.96
CA GLY J 42 38.12 19.95 19.59
C GLY J 42 38.98 21.20 19.48
N VAL J 43 39.98 21.35 20.38
CA VAL J 43 40.90 22.50 20.38
C VAL J 43 42.36 22.01 20.42
N HIS J 44 43.30 22.84 19.94
CA HIS J 44 44.72 22.49 19.84
C HIS J 44 45.54 22.94 21.06
N VAL J 45 45.39 24.21 21.47
CA VAL J 45 46.13 24.80 22.59
C VAL J 45 45.15 25.26 23.70
N PRO J 46 45.54 25.38 24.99
CA PRO J 46 44.58 25.83 26.00
C PRO J 46 44.16 27.28 25.81
N ALA J 47 42.88 27.59 26.02
CA ALA J 47 42.37 28.95 25.84
C ALA J 47 42.79 29.84 27.02
N ILE J 48 42.90 31.14 26.76
CA ILE J 48 43.26 32.12 27.79
C ILE J 48 41.96 32.72 28.33
N ASP J 49 41.54 32.28 29.53
CA ASP J 49 40.31 32.78 30.16
C ASP J 49 40.68 33.92 31.10
N LEU J 50 40.44 35.17 30.68
CA LEU J 50 40.78 36.34 31.49
C LEU J 50 39.77 36.63 32.62
N SER J 51 38.65 35.88 32.70
CA SER J 51 37.61 36.06 33.72
C SER J 51 38.14 36.25 35.14
N THR J 52 37.76 37.35 35.79
CA THR J 52 38.15 37.63 37.18
C THR J 52 37.22 36.85 38.11
N THR J 53 35.91 36.85 37.80
CA THR J 53 34.90 36.11 38.59
C THR J 53 34.37 34.92 37.78
N ASN J 54 33.84 33.91 38.49
CA ASN J 54 33.32 32.70 37.88
C ASN J 54 31.93 32.39 38.47
N PRO J 55 30.82 32.49 37.70
CA PRO J 55 29.49 32.23 38.29
C PRO J 55 29.30 30.85 38.92
N VAL J 56 28.37 30.77 39.89
CA VAL J 56 28.05 29.54 40.64
C VAL J 56 26.62 29.07 40.34
N ASN J 57 26.38 27.75 40.46
CA ASN J 57 25.06 27.15 40.19
C ASN J 57 24.04 27.57 41.26
N ASP J 58 24.41 27.46 42.55
CA ASP J 58 23.54 27.82 43.67
C ASP J 58 24.37 28.28 44.88
N VAL J 59 23.71 28.81 45.91
CA VAL J 59 24.37 29.33 47.12
C VAL J 59 25.11 28.21 47.87
N ALA J 60 24.49 27.03 48.02
CA ALA J 60 25.10 25.92 48.74
C ALA J 60 26.40 25.42 48.08
N THR J 61 26.39 25.12 46.75
CA THR J 61 27.60 24.64 46.08
C THR J 61 28.64 25.76 45.92
N GLY J 62 28.17 26.98 45.66
CA GLY J 62 29.04 28.14 45.51
C GLY J 62 29.81 28.45 46.78
N GLY J 63 29.12 28.41 47.91
CA GLY J 63 29.72 28.65 49.22
C GLY J 63 30.70 27.57 49.62
N ASP J 64 30.36 26.30 49.34
CA ASP J 64 31.24 25.17 49.65
C ASP J 64 32.49 25.21 48.79
N SER J 65 32.35 25.51 47.48
CA SER J 65 33.49 25.63 46.58
C SER J 65 34.40 26.79 47.01
N TYR J 66 33.80 27.90 47.50
CA TYR J 66 34.57 29.04 48.01
C TYR J 66 35.43 28.62 49.19
N GLU J 67 34.84 27.96 50.21
CA GLU J 67 35.54 27.52 51.41
C GLU J 67 36.61 26.48 51.08
N TRP J 68 36.30 25.57 50.15
CA TRP J 68 37.23 24.52 49.70
C TRP J 68 38.51 25.15 49.11
N LEU J 69 38.37 26.15 48.23
CA LEU J 69 39.52 26.80 47.60
C LEU J 69 40.21 27.81 48.51
N ALA J 70 39.48 28.49 49.41
CA ALA J 70 40.08 29.44 50.35
C ALA J 70 40.98 28.72 51.37
N THR J 71 40.62 27.50 51.77
CA THR J 71 41.45 26.69 52.67
C THR J 71 42.63 25.99 51.94
N GLY J 72 42.93 26.36 50.69
CA GLY J 72 44.05 25.84 49.93
C GLY J 72 43.87 24.55 49.15
N HIS J 73 42.64 24.01 49.05
CA HIS J 73 42.42 22.76 48.33
C HIS J 73 42.36 22.97 46.82
N ALA J 74 42.65 21.91 46.05
CA ALA J 74 42.59 21.96 44.59
C ALA J 74 41.13 21.92 44.12
N LEU J 75 40.86 22.46 42.93
CA LEU J 75 39.50 22.50 42.39
C LEU J 75 38.99 21.12 42.02
N LYS J 76 37.78 20.79 42.46
CA LYS J 76 37.13 19.52 42.12
C LYS J 76 36.58 19.63 40.69
N ASP J 77 36.61 18.53 39.93
CA ASP J 77 36.11 18.55 38.55
C ASP J 77 34.61 18.82 38.53
N GLY J 78 34.19 19.74 37.66
CA GLY J 78 32.80 20.14 37.55
C GLY J 78 32.42 21.35 38.40
N ASP J 79 33.17 21.60 39.49
CA ASP J 79 32.90 22.73 40.38
C ASP J 79 33.36 24.05 39.79
N SER J 80 32.71 25.14 40.19
CA SER J 80 33.05 26.49 39.71
C SER J 80 34.31 27.00 40.40
N ALA J 81 35.14 27.74 39.66
CA ALA J 81 36.37 28.33 40.21
C ALA J 81 36.08 29.47 41.21
N VAL J 82 34.84 30.03 41.23
CA VAL J 82 34.33 31.10 42.10
C VAL J 82 35.01 32.46 41.79
N TYR J 83 36.33 32.56 41.95
CA TYR J 83 37.10 33.79 41.73
C TYR J 83 38.54 33.43 41.31
N GLN J 84 39.19 34.33 40.56
CA GLN J 84 40.54 34.08 40.06
C GLN J 84 41.58 33.94 41.18
N ARG J 85 41.42 34.69 42.29
CA ARG J 85 42.34 34.57 43.42
C ARG J 85 42.23 33.21 44.15
N LEU J 86 41.14 32.45 43.89
CA LEU J 86 40.90 31.13 44.46
C LEU J 86 41.34 30.04 43.47
N TRP J 87 41.04 30.21 42.17
CA TRP J 87 41.45 29.25 41.13
C TRP J 87 41.36 29.86 39.72
N GLN J 88 42.27 29.44 38.82
CA GLN J 88 42.29 29.86 37.41
C GLN J 88 42.64 28.62 36.55
N PRO J 89 41.89 28.29 35.48
CA PRO J 89 42.19 27.05 34.73
C PRO J 89 43.51 27.00 33.96
N GLY J 90 43.91 28.10 33.35
CA GLY J 90 45.15 28.19 32.60
C GLY J 90 46.38 28.01 33.48
N VAL J 91 46.32 28.56 34.71
CA VAL J 91 47.40 28.41 35.68
C VAL J 91 47.45 26.94 36.12
N ALA J 92 46.28 26.36 36.43
CA ALA J 92 46.17 24.95 36.83
C ALA J 92 46.76 23.99 35.79
N ARG J 93 46.62 24.30 34.48
CA ARG J 93 47.19 23.46 33.42
C ARG J 93 48.71 23.51 33.47
N PHE J 94 49.28 24.69 33.69
CA PHE J 94 50.73 24.87 33.82
C PHE J 94 51.24 24.15 35.09
N GLU J 95 50.45 24.18 36.18
CA GLU J 95 50.80 23.52 37.43
C GLU J 95 50.86 22.00 37.26
N THR J 96 49.87 21.39 36.61
CA THR J 96 49.88 19.94 36.40
C THR J 96 51.00 19.52 35.42
N ALA J 97 51.34 20.38 34.45
CA ALA J 97 52.39 20.07 33.49
C ALA J 97 53.76 19.94 34.17
N LEU J 98 54.12 20.89 35.06
CA LEU J 98 55.41 20.83 35.75
C LEU J 98 55.45 19.74 36.80
N ALA J 99 54.34 19.52 37.55
CA ALA J 99 54.28 18.47 38.56
C ALA J 99 54.60 17.09 37.98
N GLU J 100 54.12 16.80 36.76
CA GLU J 100 54.41 15.53 36.09
C GLU J 100 55.90 15.40 35.73
N LEU J 101 56.54 16.53 35.34
CA LEU J 101 57.95 16.54 34.97
C LEU J 101 58.85 16.33 36.20
N GLU J 102 58.52 16.99 37.33
CA GLU J 102 59.29 16.86 38.56
C GLU J 102 58.89 15.63 39.40
N HIS J 103 57.91 14.81 38.96
CA HIS J 103 57.40 13.64 39.67
C HIS J 103 56.78 14.02 41.03
N ALA J 104 56.15 15.21 41.11
CA ALA J 104 55.51 15.71 42.32
C ALA J 104 54.00 15.48 42.24
N ASP J 105 53.32 15.44 43.39
CA ASP J 105 51.87 15.23 43.43
C ASP J 105 51.15 16.44 42.83
N GLU J 106 51.48 17.66 43.30
CA GLU J 106 50.85 18.91 42.87
C GLU J 106 51.90 20.04 42.73
N ALA J 107 51.49 21.19 42.17
CA ALA J 107 52.34 22.37 42.03
C ALA J 107 51.51 23.65 42.19
N VAL J 108 52.14 24.73 42.68
CA VAL J 108 51.45 25.99 42.92
C VAL J 108 52.23 27.11 42.23
N ALA J 109 51.57 27.90 41.35
CA ALA J 109 52.20 28.97 40.59
C ALA J 109 51.87 30.36 41.13
N PHE J 110 52.81 31.30 40.98
CA PHE J 110 52.71 32.69 41.46
C PHE J 110 53.26 33.67 40.39
N ALA J 111 53.14 34.99 40.65
CA ALA J 111 53.59 36.05 39.73
C ALA J 111 55.08 35.98 39.36
N THR J 112 55.96 35.72 40.34
CA THR J 112 57.42 35.65 40.16
C THR J 112 58.02 34.50 41.03
N GLY J 113 59.29 34.17 40.82
CA GLY J 113 60.00 33.18 41.63
C GLY J 113 60.09 33.63 43.09
N MET J 114 60.22 34.96 43.30
CA MET J 114 60.27 35.52 44.66
C MET J 114 58.91 35.43 45.36
N ALA J 115 57.80 35.50 44.61
CA ALA J 115 56.47 35.34 45.19
C ALA J 115 56.28 33.91 45.70
N ALA J 116 56.82 32.93 44.97
CA ALA J 116 56.78 31.54 45.39
C ALA J 116 57.60 31.35 46.68
N MET J 117 58.82 31.93 46.74
CA MET J 117 59.67 31.86 47.93
C MET J 117 58.97 32.53 49.11
N THR J 118 58.33 33.69 48.88
CA THR J 118 57.59 34.43 49.90
C THR J 118 56.47 33.58 50.49
N ALA J 119 55.67 32.92 49.65
CA ALA J 119 54.59 32.06 50.12
C ALA J 119 55.12 30.83 50.85
N ALA J 120 56.23 30.25 50.39
CA ALA J 120 56.84 29.08 51.04
C ALA J 120 57.32 29.42 52.46
N LEU J 121 57.89 30.62 52.63
CA LEU J 121 58.35 31.07 53.94
C LEU J 121 57.17 31.41 54.85
N LEU J 122 56.13 32.09 54.33
CA LEU J 122 54.95 32.41 55.13
C LEU J 122 54.17 31.15 55.54
N ALA J 123 54.16 30.11 54.69
CA ALA J 123 53.51 28.84 55.03
C ALA J 123 54.20 28.18 56.24
N ALA J 124 55.54 28.28 56.28
CA ALA J 124 56.32 27.74 57.39
C ALA J 124 56.09 28.57 58.67
N VAL J 125 56.07 29.91 58.56
CA VAL J 125 55.84 30.80 59.71
C VAL J 125 54.45 30.54 60.30
N ASN J 126 53.41 30.44 59.45
CA ASN J 126 52.05 30.19 59.89
C ASN J 126 51.91 28.85 60.62
N ALA J 127 52.70 27.83 60.23
CA ALA J 127 52.68 26.52 60.88
C ALA J 127 53.49 26.47 62.19
N GLY J 128 53.92 27.61 62.72
CA GLY J 128 54.69 27.67 63.95
C GLY J 128 56.14 27.24 63.81
N THR J 129 56.71 27.35 62.58
CA THR J 129 58.10 26.97 62.31
C THR J 129 58.77 28.13 61.55
N PRO J 130 59.06 29.27 62.20
CA PRO J 130 59.66 30.40 61.47
C PRO J 130 61.16 30.28 61.17
N HIS J 131 61.87 29.30 61.77
CA HIS J 131 63.30 29.16 61.53
C HIS J 131 63.57 28.37 60.25
N ILE J 132 64.57 28.83 59.46
CA ILE J 132 64.97 28.21 58.20
C ILE J 132 66.49 28.00 58.22
N VAL J 133 66.95 26.80 57.82
CA VAL J 133 68.38 26.47 57.70
C VAL J 133 68.68 26.61 56.21
N ALA J 134 69.73 27.36 55.83
CA ALA J 134 70.04 27.56 54.42
C ALA J 134 71.53 27.56 54.10
N VAL J 135 71.90 27.03 52.92
CA VAL J 135 73.30 27.04 52.48
C VAL J 135 73.61 28.44 51.94
N ARG J 136 74.80 29.00 52.25
CA ARG J 136 75.13 30.37 51.84
C ARG J 136 75.09 30.66 50.32
N PRO J 137 75.61 29.79 49.42
CA PRO J 137 75.55 30.14 47.98
C PRO J 137 74.12 30.02 47.42
N LEU J 138 73.36 31.13 47.49
CA LEU J 138 71.97 31.25 47.02
C LEU J 138 71.81 32.49 46.12
N TYR J 139 70.65 32.59 45.45
CA TYR J 139 70.29 33.75 44.64
C TYR J 139 70.17 34.98 45.57
N GLY J 140 70.69 36.12 45.11
CA GLY J 140 70.71 37.38 45.85
C GLY J 140 69.42 37.76 46.56
N GLY J 141 68.31 37.69 45.84
CA GLY J 141 66.99 38.02 46.39
C GLY J 141 66.55 37.05 47.48
N SER J 142 66.75 35.74 47.26
CA SER J 142 66.41 34.72 48.25
C SER J 142 67.26 34.91 49.51
N ASP J 143 68.54 35.25 49.34
CA ASP J 143 69.46 35.50 50.45
C ASP J 143 69.03 36.76 51.23
N HIS J 144 68.71 37.85 50.53
CA HIS J 144 68.30 39.10 51.17
C HIS J 144 66.96 38.97 51.90
N LEU J 145 66.01 38.19 51.34
CA LEU J 145 64.71 37.99 51.96
C LEU J 145 64.83 37.24 53.30
N LEU J 146 65.79 36.31 53.40
CA LEU J 146 66.00 35.55 54.63
C LEU J 146 66.72 36.40 55.68
N GLU J 147 67.78 37.13 55.30
CA GLU J 147 68.55 37.93 56.25
C GLU J 147 67.76 39.14 56.79
N THR J 148 66.85 39.75 55.99
CA THR J 148 66.02 40.85 56.50
C THR J 148 65.01 40.36 57.56
N GLY J 149 64.45 39.17 57.35
CA GLY J 149 63.44 38.63 58.26
C GLY J 149 62.14 39.40 58.16
N LEU J 150 61.78 39.81 56.92
CA LEU J 150 60.58 40.60 56.65
C LEU J 150 59.31 39.81 56.93
N LEU J 151 59.29 38.53 56.57
CA LEU J 151 58.12 37.67 56.74
C LEU J 151 58.09 36.96 58.10
N GLY J 152 58.74 37.52 59.12
CA GLY J 152 58.80 36.94 60.45
C GLY J 152 59.62 35.67 60.51
N THR J 153 60.72 35.61 59.74
CA THR J 153 61.61 34.44 59.66
C THR J 153 62.95 34.71 60.33
N THR J 154 63.53 33.65 60.91
CA THR J 154 64.86 33.65 61.51
C THR J 154 65.68 32.65 60.69
N VAL J 155 66.95 32.97 60.37
CA VAL J 155 67.77 32.09 59.52
C VAL J 155 69.12 31.77 60.17
N THR J 156 69.58 30.52 60.00
CA THR J 156 70.87 30.05 60.46
C THR J 156 71.59 29.58 59.21
N TRP J 157 72.61 30.32 58.77
CA TRP J 157 73.37 29.98 57.59
C TRP J 157 74.30 28.81 57.90
N ALA J 158 74.15 27.69 57.19
CA ALA J 158 74.94 26.49 57.43
C ALA J 158 75.52 25.91 56.14
N LYS J 159 76.64 25.18 56.26
CA LYS J 159 77.27 24.52 55.13
C LYS J 159 76.65 23.11 54.94
N GLU J 160 76.95 22.43 53.81
CA GLU J 160 76.38 21.10 53.51
C GLU J 160 76.55 20.10 54.66
N ALA J 161 77.74 20.04 55.27
CA ALA J 161 78.01 19.12 56.36
C ALA J 161 77.37 19.54 57.70
N GLU J 162 77.21 20.84 57.95
CA GLU J 162 76.65 21.30 59.22
C GLU J 162 75.15 21.67 59.12
N ILE J 163 74.39 20.98 58.24
CA ILE J 163 72.94 21.17 58.16
C ILE J 163 72.28 20.55 59.41
N ALA J 164 72.62 19.30 59.74
CA ALA J 164 72.06 18.59 60.89
C ALA J 164 72.23 19.36 62.21
N SER J 165 73.40 19.98 62.43
CA SER J 165 73.65 20.75 63.66
C SER J 165 72.83 22.03 63.71
N ALA J 166 72.66 22.72 62.56
CA ALA J 166 71.88 23.94 62.48
C ALA J 166 70.37 23.73 62.67
N ILE J 167 69.88 22.47 62.58
CA ILE J 167 68.45 22.18 62.74
C ILE J 167 68.03 22.49 64.17
N GLN J 168 67.04 23.39 64.33
CA GLN J 168 66.46 23.78 65.61
C GLN J 168 65.06 23.13 65.78
N ASP J 169 64.52 23.15 67.00
CA ASP J 169 63.19 22.58 67.27
C ASP J 169 62.05 23.25 66.48
N ASP J 170 62.22 24.52 66.06
CA ASP J 170 61.21 25.26 65.30
C ASP J 170 61.60 25.46 63.81
N THR J 171 62.31 24.49 63.21
CA THR J 171 62.70 24.61 61.80
C THR J 171 61.57 24.16 60.89
N GLY J 172 61.25 24.99 59.90
CA GLY J 172 60.21 24.70 58.93
C GLY J 172 60.74 24.18 57.62
N LEU J 173 61.88 24.72 57.13
CA LEU J 173 62.46 24.34 55.84
C LEU J 173 63.99 24.34 55.82
N VAL J 174 64.57 23.60 54.86
CA VAL J 174 66.01 23.55 54.60
C VAL J 174 66.12 24.00 53.13
N ILE J 175 66.63 25.23 52.90
CA ILE J 175 66.71 25.79 51.54
C ILE J 175 68.08 25.50 50.92
N VAL J 176 68.08 24.88 49.73
CA VAL J 176 69.28 24.52 48.96
C VAL J 176 69.07 24.89 47.47
N GLU J 177 70.16 25.20 46.77
CA GLU J 177 70.14 25.58 45.35
C GLU J 177 71.37 24.97 44.69
N THR J 178 71.20 24.21 43.59
CA THR J 178 72.32 23.56 42.89
C THR J 178 72.02 23.39 41.37
N PRO J 179 72.89 23.87 40.44
CA PRO J 179 74.14 24.65 40.65
C PRO J 179 73.81 26.02 41.24
N ALA J 180 74.63 26.50 42.18
CA ALA J 180 74.38 27.78 42.83
C ALA J 180 74.53 28.98 41.89
N ASN J 181 73.82 30.07 42.18
CA ASN J 181 73.88 31.28 41.39
C ASN J 181 74.82 32.27 42.12
N PRO J 182 75.96 32.76 41.57
CA PRO J 182 76.53 32.56 40.22
C PRO J 182 77.59 31.46 40.03
N SER J 183 78.43 31.19 41.07
CA SER J 183 79.55 30.24 41.08
C SER J 183 79.31 28.83 40.50
N LEU J 184 78.05 28.36 40.47
CA LEU J 184 77.67 27.02 39.99
C LEU J 184 78.23 25.90 40.87
N ASP J 185 78.26 26.13 42.19
CA ASP J 185 78.71 25.13 43.14
C ASP J 185 77.60 24.09 43.29
N LEU J 186 77.96 22.80 43.25
CA LEU J 186 76.98 21.72 43.34
C LEU J 186 76.79 21.27 44.80
N VAL J 187 75.60 20.73 45.11
CA VAL J 187 75.23 20.26 46.44
C VAL J 187 74.71 18.83 46.33
N ASP J 188 75.22 17.90 47.16
CA ASP J 188 74.75 16.52 47.15
C ASP J 188 73.39 16.49 47.85
N LEU J 189 72.30 16.36 47.07
CA LEU J 189 70.94 16.38 47.59
C LEU J 189 70.58 15.14 48.41
N ASP J 190 71.22 14.00 48.17
CA ASP J 190 70.95 12.78 48.95
C ASP J 190 71.44 12.96 50.38
N SER J 191 72.62 13.57 50.58
CA SER J 191 73.17 13.82 51.91
C SER J 191 72.40 14.92 52.65
N VAL J 192 71.88 15.93 51.92
CA VAL J 192 71.11 17.03 52.51
C VAL J 192 69.81 16.48 53.13
N VAL J 193 69.08 15.63 52.38
CA VAL J 193 67.83 15.05 52.86
C VAL J 193 68.09 14.20 54.11
N ALA J 194 69.18 13.43 54.12
CA ALA J 194 69.57 12.62 55.28
C ALA J 194 69.87 13.51 56.49
N ALA J 195 70.57 14.64 56.29
CA ALA J 195 70.91 15.57 57.37
C ALA J 195 69.66 16.28 57.92
N ALA J 196 68.73 16.67 57.05
CA ALA J 196 67.50 17.34 57.46
C ALA J 196 66.59 16.40 58.27
N GLY J 197 66.51 15.14 57.84
CA GLY J 197 65.69 14.14 58.52
C GLY J 197 64.21 14.39 58.34
N THR J 198 63.52 14.78 59.43
CA THR J 198 62.09 15.06 59.39
C THR J 198 61.74 16.46 58.85
N VAL J 199 62.74 17.36 58.71
CA VAL J 199 62.48 18.72 58.23
C VAL J 199 62.33 18.68 56.69
N PRO J 200 61.28 19.27 56.06
CA PRO J 200 61.21 19.24 54.59
C PRO J 200 62.33 20.03 53.93
N VAL J 201 62.79 19.59 52.74
CA VAL J 201 63.86 20.25 51.99
C VAL J 201 63.29 20.94 50.76
N LEU J 202 63.61 22.24 50.60
CA LEU J 202 63.18 23.04 49.46
C LEU J 202 64.41 23.24 48.57
N VAL J 203 64.36 22.72 47.32
CA VAL J 203 65.48 22.79 46.38
C VAL J 203 65.11 23.70 45.20
N ASP J 204 65.87 24.78 45.00
CA ASP J 204 65.66 25.69 43.88
C ASP J 204 66.35 25.07 42.65
N ASN J 205 65.53 24.53 41.72
CA ASN J 205 65.99 23.84 40.52
C ASN J 205 65.79 24.70 39.26
N THR J 206 66.02 26.02 39.38
CA THR J 206 65.86 26.95 38.26
C THR J 206 66.90 26.70 37.15
N PHE J 207 68.17 26.58 37.53
CA PHE J 207 69.29 26.39 36.59
C PHE J 207 69.27 25.04 35.86
N CYS J 208 69.04 23.94 36.59
CA CYS J 208 69.03 22.60 36.00
C CYS J 208 67.77 22.32 35.19
N THR J 209 66.58 22.72 35.71
CA THR J 209 65.25 22.46 35.11
C THR J 209 64.89 20.95 35.22
N PRO J 210 63.60 20.53 35.09
CA PRO J 210 63.29 19.09 35.18
C PRO J 210 63.95 18.21 34.11
N VAL J 211 64.62 18.81 33.10
CA VAL J 211 65.29 18.08 32.03
C VAL J 211 66.54 17.39 32.62
N LEU J 212 67.31 18.12 33.42
CA LEU J 212 68.56 17.65 34.01
C LEU J 212 68.45 17.09 35.42
N GLN J 213 67.64 17.74 36.29
CA GLN J 213 67.55 17.33 37.69
C GLN J 213 66.09 17.24 38.16
N GLN J 214 65.81 16.29 39.06
CA GLN J 214 64.51 16.07 39.66
C GLN J 214 64.74 15.87 41.17
N PRO J 215 64.84 16.94 41.97
CA PRO J 215 65.10 16.76 43.41
C PRO J 215 64.09 15.88 44.18
N ILE J 216 62.83 15.78 43.72
CA ILE J 216 61.79 14.96 44.36
C ILE J 216 62.26 13.50 44.43
N ARG J 217 62.90 13.00 43.36
CA ARG J 217 63.47 11.64 43.30
C ARG J 217 64.51 11.40 44.40
N HIS J 218 65.32 12.43 44.73
CA HIS J 218 66.35 12.34 45.78
C HIS J 218 65.79 12.50 47.21
N GLY J 219 64.49 12.75 47.36
CA GLY J 219 63.83 12.88 48.66
C GLY J 219 63.45 14.29 49.07
N ALA J 220 63.56 15.28 48.17
CA ALA J 220 63.18 16.65 48.50
C ALA J 220 61.65 16.76 48.55
N ALA J 221 61.14 17.67 49.38
CA ALA J 221 59.70 17.89 49.54
C ALA J 221 59.17 18.95 48.60
N LEU J 222 59.90 20.08 48.46
CA LEU J 222 59.50 21.19 47.59
C LEU J 222 60.58 21.50 46.57
N VAL J 223 60.18 21.84 45.32
CA VAL J 223 61.10 22.20 44.25
C VAL J 223 60.63 23.52 43.62
N LEU J 224 61.36 24.62 43.88
CA LEU J 224 61.02 25.93 43.34
C LEU J 224 61.76 26.19 42.03
N HIS J 225 61.05 26.79 41.07
CA HIS J 225 61.60 27.14 39.77
C HIS J 225 61.17 28.55 39.45
N SER J 226 62.11 29.42 39.09
CA SER J 226 61.77 30.75 38.63
C SER J 226 61.41 30.54 37.18
N ALA J 227 60.12 30.37 36.91
CA ALA J 227 59.63 30.10 35.55
C ALA J 227 60.05 31.18 34.53
N THR J 228 60.33 32.41 35.01
CA THR J 228 60.88 33.51 34.22
C THR J 228 62.08 33.06 33.35
N TYR J 230 64.19 29.76 31.50
CA TYR J 230 64.13 28.41 30.91
C TYR J 230 62.71 27.87 30.68
N LEU J 231 61.82 27.91 31.69
CA LEU J 231 60.44 27.42 31.51
C LEU J 231 59.73 28.31 30.47
N GLY J 232 59.92 29.62 30.57
CA GLY J 232 59.41 30.56 29.58
C GLY J 232 60.29 30.47 28.34
N GLY J 233 61.58 30.67 28.54
CA GLY J 233 62.60 30.52 27.51
C GLY J 233 62.75 31.64 26.51
N HIS J 234 61.88 32.66 26.51
CA HIS J 234 61.95 33.76 25.56
C HIS J 234 62.05 35.16 26.22
N GLY J 235 62.29 35.22 27.52
CA GLY J 235 62.42 36.48 28.25
C GLY J 235 61.23 37.40 28.14
N ASP J 236 60.01 36.84 28.20
CA ASP J 236 58.78 37.61 28.07
C ASP J 236 57.63 37.13 28.98
N ALA J 237 57.91 36.34 30.02
CA ALA J 237 56.89 35.85 30.92
C ALA J 237 57.46 35.63 32.31
N MET J 238 57.10 36.50 33.27
CA MET J 238 57.54 36.35 34.66
C MET J 238 56.72 35.21 35.27
N GLY J 239 57.30 34.50 36.23
CA GLY J 239 56.60 33.42 36.90
C GLY J 239 57.43 32.69 37.93
N GLY J 240 56.72 31.97 38.80
CA GLY J 240 57.30 31.19 39.88
C GLY J 240 56.41 30.00 40.17
N ILE J 241 57.00 28.84 40.50
CA ILE J 241 56.22 27.63 40.74
C ILE J 241 56.96 26.65 41.65
N ILE J 242 56.23 25.98 42.56
CA ILE J 242 56.79 25.00 43.49
C ILE J 242 56.12 23.65 43.27
N ALA J 243 56.88 22.64 42.81
CA ALA J 243 56.36 21.28 42.65
C ALA J 243 56.55 20.61 44.02
N THR J 244 55.46 20.18 44.67
CA THR J 244 55.53 19.61 46.01
C THR J 244 54.38 18.61 46.31
N ASN J 245 54.48 17.88 47.44
CA ASN J 245 53.45 16.95 47.90
C ASN J 245 52.16 17.70 48.29
N SER J 246 51.02 16.96 48.37
CA SER J 246 49.70 17.51 48.69
C SER J 246 49.62 18.45 49.91
N ASP J 247 50.33 18.13 51.01
CA ASP J 247 50.30 18.95 52.23
C ASP J 247 50.89 20.36 52.04
N TRP J 248 52.09 20.47 51.47
CA TRP J 248 52.71 21.79 51.23
C TRP J 248 52.00 22.54 50.09
N ALA J 249 51.41 21.82 49.12
CA ALA J 249 50.67 22.46 48.02
C ALA J 249 49.40 23.12 48.55
N MET J 250 48.74 22.49 49.53
CA MET J 250 47.54 23.05 50.15
C MET J 250 47.93 24.31 50.93
N ARG J 251 49.03 24.24 51.69
CA ARG J 251 49.54 25.38 52.47
C ARG J 251 49.92 26.57 51.57
N LEU J 252 50.56 26.31 50.43
CA LEU J 252 50.97 27.37 49.48
C LEU J 252 49.75 28.04 48.85
N ARG J 253 48.74 27.25 48.44
CA ARG J 253 47.50 27.80 47.87
C ARG J 253 46.69 28.55 48.93
N GLN J 254 46.77 28.16 50.21
CA GLN J 254 46.08 28.85 51.29
C GLN J 254 46.67 30.25 51.49
N VAL J 255 48.01 30.40 51.32
CA VAL J 255 48.68 31.69 51.41
C VAL J 255 48.34 32.51 50.16
N ARG J 256 48.41 31.90 48.95
CA ARG J 256 48.08 32.54 47.66
C ARG J 256 46.68 33.16 47.64
N ALA J 257 45.69 32.47 48.22
CA ALA J 257 44.31 32.95 48.24
C ALA J 257 44.09 34.26 48.99
N ILE J 258 44.90 34.54 50.03
CA ILE J 258 44.77 35.75 50.84
C ILE J 258 45.88 36.78 50.54
N THR J 259 47.06 36.33 50.07
CA THR J 259 48.20 37.20 49.73
C THR J 259 48.06 37.73 48.28
N GLY J 260 47.50 36.92 47.39
CA GLY J 260 47.19 37.26 46.00
C GLY J 260 48.32 37.59 45.05
N ALA J 261 49.47 36.90 45.14
CA ALA J 261 50.56 37.11 44.17
C ALA J 261 50.29 36.14 43.02
N LEU J 262 49.29 36.47 42.20
CA LEU J 262 48.83 35.58 41.13
C LEU J 262 49.58 35.70 39.82
N LEU J 263 49.65 34.58 39.11
CA LEU J 263 50.24 34.49 37.79
C LEU J 263 49.11 34.84 36.80
N HIS J 264 49.34 35.81 35.92
CA HIS J 264 48.32 36.25 34.96
C HIS J 264 47.99 35.15 33.94
N PRO J 265 46.73 34.97 33.48
CA PRO J 265 46.44 33.90 32.51
C PRO J 265 47.32 33.87 31.25
N MET J 266 47.68 35.03 30.67
CA MET J 266 48.56 35.05 29.49
C MET J 266 50.00 34.66 29.88
N GLY J 267 50.44 35.03 31.08
CA GLY J 267 51.74 34.63 31.59
C GLY J 267 51.81 33.12 31.76
N ALA J 268 50.75 32.53 32.34
CA ALA J 268 50.64 31.08 32.49
C ALA J 268 50.59 30.38 31.15
N TYR J 269 49.91 30.98 30.17
CA TYR J 269 49.83 30.43 28.83
C TYR J 269 51.21 30.36 28.18
N LEU J 270 52.01 31.44 28.27
CA LEU J 270 53.34 31.47 27.66
C LEU J 270 54.34 30.57 28.37
N LEU J 271 54.20 30.38 29.69
CA LEU J 271 55.11 29.50 30.44
C LEU J 271 54.78 28.03 30.12
N HIS J 272 53.49 27.70 29.99
CA HIS J 272 53.06 26.35 29.60
C HIS J 272 53.49 26.07 28.14
N ARG J 273 53.37 27.09 27.27
CA ARG J 273 53.78 27.05 25.85
C ARG J 273 55.28 26.77 25.76
N GLY J 274 56.07 27.42 26.61
CA GLY J 274 57.52 27.26 26.66
C GLY J 274 57.95 25.87 27.09
N LEU J 275 57.19 25.22 27.99
CA LEU J 275 57.49 23.87 28.46
C LEU J 275 57.54 22.86 27.31
N ARG J 276 56.75 23.08 26.24
CA ARG J 276 56.71 22.18 25.10
C ARG J 276 58.08 22.08 24.40
N THR J 277 58.80 23.21 24.34
CA THR J 277 60.12 23.30 23.70
C THR J 277 61.28 23.29 24.72
N LEU J 278 61.02 23.02 26.02
CA LEU J 278 62.07 23.09 27.04
C LEU J 278 63.20 22.07 26.83
N ALA J 279 62.87 20.79 26.59
CA ALA J 279 63.91 19.77 26.38
C ALA J 279 64.75 20.06 25.15
N VAL J 280 64.11 20.53 24.06
CA VAL J 280 64.81 20.83 22.81
C VAL J 280 65.71 22.07 22.96
N ARG J 281 65.23 23.13 23.65
CA ARG J 281 66.02 24.35 23.87
C ARG J 281 67.18 24.10 24.83
N MET J 282 66.93 23.39 25.95
CA MET J 282 67.95 23.14 26.96
C MET J 282 69.11 22.35 26.37
N ARG J 283 68.82 21.26 25.63
CA ARG J 283 69.85 20.43 25.01
C ARG J 283 70.67 21.20 23.96
N ALA J 284 70.04 22.15 23.23
CA ALA J 284 70.75 22.95 22.25
C ALA J 284 71.71 23.95 22.93
N ALA J 285 71.24 24.64 23.99
CA ALA J 285 72.06 25.59 24.73
C ALA J 285 73.18 24.88 25.52
N GLN J 286 72.91 23.67 26.03
CA GLN J 286 73.88 22.86 26.78
C GLN J 286 75.04 22.46 25.88
N THR J 287 74.74 22.06 24.62
CA THR J 287 75.78 21.67 23.67
C THR J 287 76.70 22.87 23.38
N THR J 288 76.11 24.06 23.18
CA THR J 288 76.87 25.28 22.93
C THR J 288 77.71 25.67 24.16
N ALA J 289 77.13 25.54 25.38
CA ALA J 289 77.84 25.87 26.61
C ALA J 289 79.01 24.94 26.89
N GLY J 290 78.84 23.65 26.64
CA GLY J 290 79.91 22.67 26.83
C GLY J 290 81.11 22.96 25.95
N GLU J 291 80.87 23.39 24.70
CA GLU J 291 81.93 23.75 23.77
C GLU J 291 82.56 25.10 24.13
N LEU J 292 81.72 26.11 24.48
CA LEU J 292 82.22 27.44 24.85
C LEU J 292 83.11 27.41 26.10
N ALA J 293 82.73 26.63 27.12
CA ALA J 293 83.52 26.54 28.36
C ALA J 293 84.95 26.05 28.09
N GLU J 294 85.11 25.10 27.16
CA GLU J 294 86.43 24.56 26.81
C GLU J 294 87.23 25.54 25.95
N ARG J 295 86.56 26.22 25.01
CA ARG J 295 87.20 27.20 24.14
C ARG J 295 87.68 28.43 24.92
N LEU J 296 86.86 28.92 25.88
CA LEU J 296 87.22 30.07 26.70
C LEU J 296 88.34 29.75 27.71
N ALA J 297 88.48 28.48 28.12
CA ALA J 297 89.53 28.07 29.05
C ALA J 297 90.92 28.26 28.44
N ALA J 298 91.06 28.08 27.11
CA ALA J 298 92.33 28.26 26.42
C ALA J 298 92.79 29.73 26.35
N HIS J 299 91.88 30.71 26.57
CA HIS J 299 92.25 32.12 26.51
C HIS J 299 93.11 32.48 27.75
N PRO J 300 94.20 33.26 27.61
CA PRO J 300 95.03 33.57 28.79
C PRO J 300 94.42 34.55 29.78
N ALA J 301 93.46 35.40 29.34
CA ALA J 301 92.82 36.38 30.23
C ALA J 301 91.94 35.73 31.30
N ILE J 302 91.44 34.51 31.07
CA ILE J 302 90.60 33.80 32.04
C ILE J 302 91.44 32.82 32.85
N THR J 303 91.37 32.92 34.19
CA THR J 303 92.14 32.06 35.09
C THR J 303 91.44 30.71 35.31
N ALA J 304 90.11 30.73 35.54
CA ALA J 304 89.35 29.52 35.79
C ALA J 304 87.95 29.61 35.17
N VAL J 305 87.47 28.50 34.60
CA VAL J 305 86.14 28.40 33.99
C VAL J 305 85.34 27.41 34.80
N HIS J 306 84.23 27.85 35.39
CA HIS J 306 83.35 27.02 36.21
C HIS J 306 82.21 26.50 35.33
N TYR J 307 82.11 25.18 35.18
CA TYR J 307 81.03 24.54 34.43
C TYR J 307 80.88 23.10 34.96
N PRO J 308 79.69 22.64 35.41
CA PRO J 308 79.61 21.27 35.97
C PRO J 308 80.22 20.15 35.12
N GLY J 309 80.01 20.21 33.80
CA GLY J 309 80.49 19.20 32.85
C GLY J 309 81.98 18.94 32.79
N LEU J 310 82.82 19.91 33.20
CA LEU J 310 84.27 19.75 33.16
C LEU J 310 84.74 18.79 34.25
N ASP J 314 83.69 18.49 39.86
CA ASP J 314 82.70 17.56 40.40
C ASP J 314 83.38 16.28 40.94
N PRO J 315 84.00 16.33 42.15
CA PRO J 315 84.65 15.10 42.66
C PRO J 315 83.70 14.05 43.25
N ARG J 316 82.46 14.44 43.61
CA ARG J 316 81.49 13.51 44.21
C ARG J 316 80.70 12.65 43.20
N GLY J 317 80.92 12.85 41.90
CA GLY J 317 80.22 12.08 40.88
C GLY J 317 78.74 12.40 40.80
N LEU J 318 78.38 13.67 41.02
CA LEU J 318 76.99 14.12 40.96
C LEU J 318 76.48 14.17 39.50
N LEU J 319 77.37 14.29 38.50
CA LEU J 319 76.98 14.29 37.09
C LEU J 319 76.29 12.96 36.73
N GLY J 320 76.79 11.85 37.24
CA GLY J 320 76.21 10.54 36.96
C GLY J 320 74.93 10.22 37.73
N ARG J 321 74.80 10.69 38.98
CA ARG J 321 73.66 10.36 39.84
C ARG J 321 72.54 11.42 39.87
N GLN J 322 72.89 12.70 40.06
CA GLN J 322 71.95 13.80 40.25
C GLN J 322 71.56 14.58 38.97
N MET J 323 72.56 15.00 38.16
CA MET J 323 72.36 15.82 36.97
C MET J 323 72.64 15.04 35.70
N SER J 324 71.68 15.00 34.76
CA SER J 324 71.89 14.31 33.48
C SER J 324 72.58 15.21 32.41
N GLY J 325 73.11 16.37 32.80
CA GLY J 325 73.77 17.27 31.87
C GLY J 325 74.47 18.42 32.57
N GLY J 326 75.40 19.04 31.86
CA GLY J 326 76.20 20.14 32.40
C GLY J 326 75.49 21.46 32.59
N GLY J 327 74.40 21.68 31.86
CA GLY J 327 73.65 22.94 31.94
C GLY J 327 74.02 23.92 30.85
N ALA J 328 73.42 25.13 30.91
CA ALA J 328 73.67 26.19 29.93
C ALA J 328 74.21 27.48 30.58
N MET J 329 74.75 27.40 31.82
CA MET J 329 75.31 28.55 32.54
C MET J 329 76.81 28.37 32.70
N ILE J 330 77.59 29.46 32.59
CA ILE J 330 79.05 29.41 32.73
C ILE J 330 79.51 30.63 33.53
N ALA J 331 80.18 30.42 34.67
CA ALA J 331 80.78 31.49 35.46
C ALA J 331 82.30 31.40 35.26
N LEU J 332 83.01 32.54 35.17
CA LEU J 332 84.46 32.52 34.94
C LEU J 332 85.16 33.72 35.59
N GLU J 333 86.33 33.47 36.22
CA GLU J 333 87.12 34.50 36.91
C GLU J 333 88.21 35.03 35.97
N LEU J 334 88.30 36.36 35.82
CA LEU J 334 89.29 37.00 34.95
C LEU J 334 90.56 37.36 35.74
N ALA J 335 91.71 37.40 35.05
CA ALA J 335 93.01 37.73 35.65
C ALA J 335 93.25 39.19 36.03
N GLY J 336 92.30 40.10 35.80
CA GLY J 336 92.45 41.50 36.18
C GLY J 336 91.51 41.99 37.25
N GLY J 337 90.68 41.10 37.80
CA GLY J 337 89.71 41.47 38.84
C GLY J 337 88.56 42.28 38.32
N PHE J 338 88.17 43.34 39.04
CA PHE J 338 87.05 44.20 38.67
C PHE J 338 87.24 44.92 37.33
N ASP J 339 88.43 45.47 37.07
CA ASP J 339 88.69 46.22 35.84
C ASP J 339 88.52 45.37 34.59
N ALA J 340 89.07 44.15 34.57
CA ALA J 340 88.93 43.25 33.42
C ALA J 340 87.49 42.78 33.26
N ALA J 341 86.82 42.45 34.38
CA ALA J 341 85.42 42.01 34.38
C ALA J 341 84.50 43.10 33.82
N ARG J 342 84.72 44.36 34.22
CA ARG J 342 83.92 45.49 33.74
C ARG J 342 84.14 45.71 32.24
N SER J 343 85.41 45.73 31.79
CA SER J 343 85.74 45.96 30.38
C SER J 343 85.17 44.88 29.47
N PHE J 344 85.28 43.60 29.88
CA PHE J 344 84.77 42.45 29.13
C PHE J 344 83.25 42.55 28.92
N VAL J 345 82.51 42.95 29.96
CA VAL J 345 81.06 43.12 29.90
C VAL J 345 80.68 44.26 28.93
N GLU J 346 81.34 45.43 29.06
CA GLU J 346 81.04 46.59 28.23
C GLU J 346 81.43 46.46 26.76
N HIS J 347 82.48 45.69 26.43
CA HIS J 347 82.90 45.52 25.03
C HIS J 347 82.13 44.43 24.26
N CYS J 348 81.18 43.72 24.91
CA CYS J 348 80.38 42.71 24.21
C CYS J 348 79.33 43.42 23.34
N SER J 349 79.14 42.96 22.09
CA SER J 349 78.18 43.56 21.15
C SER J 349 77.00 42.60 20.88
N LEU J 350 77.28 41.36 20.43
CA LEU J 350 76.25 40.35 20.16
C LEU J 350 75.70 39.84 21.50
N VAL J 351 76.59 39.51 22.45
CA VAL J 351 76.18 39.07 23.78
C VAL J 351 75.74 40.34 24.51
N VAL J 352 74.51 40.34 25.04
CA VAL J 352 73.93 41.52 25.68
C VAL J 352 74.18 41.55 27.19
N HIS J 353 74.66 42.69 27.71
CA HIS J 353 74.89 42.86 29.15
C HIS J 353 73.57 43.16 29.84
N ALA J 354 72.99 42.15 30.48
CA ALA J 354 71.71 42.26 31.18
C ALA J 354 71.60 41.17 32.25
N VAL J 355 70.74 41.41 33.26
CA VAL J 355 70.48 40.40 34.30
C VAL J 355 69.53 39.32 33.70
N SER J 356 69.25 38.23 34.44
CA SER J 356 68.38 37.14 34.01
C SER J 356 69.12 36.10 33.14
N LEU J 357 68.47 34.96 32.88
CA LEU J 357 69.05 33.82 32.17
C LEU J 357 67.95 32.93 31.53
N GLY J 358 68.34 31.86 30.84
CA GLY J 358 67.42 30.92 30.24
C GLY J 358 66.72 31.33 28.96
N GLY J 359 67.01 32.52 28.45
CA GLY J 359 66.38 33.01 27.23
C GLY J 359 67.01 32.46 25.96
N ALA J 360 66.44 32.83 24.81
CA ALA J 360 66.94 32.41 23.51
C ALA J 360 68.28 33.10 23.16
N ASP J 361 68.55 34.28 23.74
CA ASP J 361 69.79 35.02 23.49
C ASP J 361 70.78 34.89 24.66
N THR J 362 72.07 35.06 24.35
CA THR J 362 73.14 34.95 25.34
C THR J 362 73.29 36.26 26.11
N LEU J 363 73.21 36.19 27.45
CA LEU J 363 73.34 37.35 28.32
C LEU J 363 74.59 37.23 29.20
N ILE J 364 75.13 38.38 29.63
CA ILE J 364 76.34 38.43 30.45
C ILE J 364 76.16 39.48 31.57
N GLN J 365 76.78 39.25 32.74
CA GLN J 365 76.69 40.19 33.87
C GLN J 365 77.91 40.08 34.81
N HIS J 366 78.07 41.08 35.68
CA HIS J 366 79.06 41.10 36.75
C HIS J 366 78.22 40.88 38.03
N PRO J 367 78.10 39.65 38.57
CA PRO J 367 77.20 39.42 39.72
C PRO J 367 77.36 40.31 40.94
N ALA J 368 78.60 40.69 41.30
CA ALA J 368 78.84 41.53 42.47
C ALA J 368 78.14 42.90 42.36
N SER J 369 78.07 43.48 41.15
CA SER J 369 77.43 44.78 40.94
C SER J 369 75.94 44.71 40.62
N LEU J 370 75.39 43.56 40.19
CA LEU J 370 73.97 43.48 39.82
C LEU J 370 73.15 42.46 40.67
N THR J 371 73.15 41.14 40.37
CA THR J 371 72.31 40.18 41.08
C THR J 371 72.65 40.06 42.57
N HIS J 372 73.93 39.78 42.91
CA HIS J 372 74.34 39.61 44.29
C HIS J 372 74.89 40.90 44.90
N ARG J 373 74.16 42.01 44.70
CA ARG J 373 74.48 43.32 45.26
C ARG J 373 73.83 43.51 46.66
N PRO J 374 72.57 43.07 46.93
CA PRO J 374 72.02 43.24 48.29
C PRO J 374 72.53 42.22 49.33
N VAL J 375 73.36 41.26 48.88
CA VAL J 375 73.92 40.21 49.74
C VAL J 375 75.01 40.81 50.62
N ALA J 376 75.19 40.27 51.85
CA ALA J 376 76.24 40.74 52.75
C ALA J 376 77.62 40.54 52.11
N ALA J 377 78.54 41.46 52.39
CA ALA J 377 79.88 41.45 51.81
C ALA J 377 80.63 40.10 51.91
N THR J 378 80.45 39.37 53.01
CA THR J 378 81.14 38.08 53.20
C THR J 378 80.64 37.03 52.20
N ALA J 379 79.32 36.98 51.95
CA ALA J 379 78.76 36.02 51.00
C ALA J 379 78.73 36.52 49.54
N LYS J 380 79.32 37.69 49.24
CA LYS J 380 79.33 38.21 47.87
C LYS J 380 80.35 37.44 47.00
N PRO J 381 80.09 37.24 45.69
CA PRO J 381 81.07 36.53 44.85
C PRO J 381 82.30 37.39 44.51
N GLY J 382 83.33 36.76 43.95
CA GLY J 382 84.55 37.47 43.57
C GLY J 382 84.33 38.54 42.53
N ASP J 383 85.16 39.59 42.56
CA ASP J 383 85.04 40.70 41.61
C ASP J 383 85.42 40.27 40.19
N GLY J 384 86.36 39.35 40.05
CA GLY J 384 86.75 38.84 38.75
C GLY J 384 85.74 37.89 38.13
N LEU J 385 84.74 37.42 38.90
CA LEU J 385 83.75 36.47 38.39
C LEU J 385 82.72 37.15 37.49
N ILE J 386 82.37 36.48 36.37
CA ILE J 386 81.34 36.93 35.42
C ILE J 386 80.45 35.72 35.18
N ARG J 387 79.14 35.94 35.17
CA ARG J 387 78.18 34.89 34.85
C ARG J 387 77.74 35.07 33.39
N LEU J 388 77.53 33.95 32.68
CA LEU J 388 77.14 33.97 31.28
C LEU J 388 76.05 32.93 31.01
N SER J 389 74.86 33.40 30.59
CA SER J 389 73.76 32.51 30.24
C SER J 389 73.85 32.23 28.75
N VAL J 390 74.04 30.97 28.36
CA VAL J 390 74.19 30.60 26.96
C VAL J 390 72.83 30.40 26.29
N GLY J 391 72.61 31.08 25.16
CA GLY J 391 71.38 31.01 24.39
C GLY J 391 71.42 29.97 23.29
N LEU J 392 70.69 30.23 22.19
CA LEU J 392 70.59 29.32 21.05
C LEU J 392 71.32 29.83 19.80
N GLU J 393 72.35 30.68 19.96
CA GLU J 393 73.11 31.18 18.82
C GLU J 393 74.21 30.17 18.42
N HIS J 394 74.83 30.36 17.25
CA HIS J 394 75.91 29.47 16.81
C HIS J 394 77.10 29.58 17.76
N VAL J 395 77.82 28.48 17.94
CA VAL J 395 78.95 28.42 18.88
C VAL J 395 80.10 29.32 18.42
N ASP J 396 80.38 29.36 17.10
CA ASP J 396 81.47 30.18 16.56
C ASP J 396 81.21 31.68 16.71
N ASP J 397 79.98 32.14 16.43
CA ASP J 397 79.65 33.57 16.56
C ASP J 397 79.73 34.06 18.01
N LEU J 398 79.41 33.21 18.98
CA LEU J 398 79.47 33.60 20.39
C LEU J 398 80.94 33.69 20.85
N GLU J 399 81.81 32.74 20.43
CA GLU J 399 83.22 32.79 20.82
C GLU J 399 83.92 34.00 20.18
N ASP J 400 83.59 34.34 18.91
CA ASP J 400 84.20 35.48 18.24
C ASP J 400 83.89 36.79 18.98
N ASP J 401 82.65 36.95 19.46
CA ASP J 401 82.25 38.15 20.18
C ASP J 401 82.91 38.23 21.56
N LEU J 402 82.98 37.10 22.30
CA LEU J 402 83.57 37.09 23.63
C LEU J 402 85.10 37.28 23.56
N ILE J 403 85.77 36.71 22.53
CA ILE J 403 87.21 36.88 22.34
C ILE J 403 87.50 38.35 22.00
N ALA J 404 86.68 38.98 21.14
CA ALA J 404 86.85 40.39 20.80
C ALA J 404 86.74 41.29 22.04
N ALA J 405 85.81 40.99 22.95
CA ALA J 405 85.63 41.74 24.18
C ALA J 405 86.81 41.55 25.14
N LEU J 406 87.36 40.33 25.22
CA LEU J 406 88.52 40.04 26.09
C LEU J 406 89.77 40.75 25.55
N ASP J 407 89.97 40.73 24.23
CA ASP J 407 91.12 41.38 23.60
C ASP J 407 91.03 42.92 23.65
N ALA J 408 89.83 43.50 23.83
CA ALA J 408 89.66 44.95 23.93
C ALA J 408 90.18 45.53 25.27
N SER J 409 90.56 44.67 26.25
CA SER J 409 91.05 45.12 27.56
C SER J 409 92.55 45.42 27.49
N ASN K 22 77.46 41.24 6.07
CA ASN K 22 76.74 40.29 6.91
C ASN K 22 77.23 38.87 6.63
N SER K 23 77.89 38.24 7.62
CA SER K 23 78.41 36.87 7.50
C SER K 23 78.04 36.00 8.72
N MET K 24 76.96 36.33 9.45
CA MET K 24 76.54 35.53 10.61
C MET K 24 75.84 34.26 10.13
N HIS K 25 75.92 33.17 10.92
CA HIS K 25 75.32 31.90 10.53
C HIS K 25 73.77 31.98 10.59
N PRO K 26 73.01 31.11 9.87
CA PRO K 26 71.53 31.19 9.96
C PRO K 26 70.96 30.99 11.36
N GLU K 27 71.64 30.19 12.22
CA GLU K 27 71.18 29.92 13.58
C GLU K 27 71.23 31.22 14.43
N THR K 28 72.27 32.04 14.24
CA THR K 28 72.41 33.32 14.94
C THR K 28 71.36 34.31 14.40
N LEU K 29 71.19 34.36 13.07
CA LEU K 29 70.23 35.25 12.42
C LEU K 29 68.78 34.98 12.84
N MET K 30 68.42 33.74 13.16
CA MET K 30 67.07 33.43 13.62
C MET K 30 66.79 34.09 14.98
N VAL K 31 67.80 34.14 15.87
CA VAL K 31 67.66 34.71 17.20
C VAL K 31 67.62 36.26 17.17
N HIS K 32 68.62 36.89 16.53
CA HIS K 32 68.75 38.35 16.50
C HIS K 32 68.13 39.06 15.28
N GLY K 33 67.49 38.32 14.38
CA GLY K 33 66.87 38.92 13.20
C GLY K 33 65.65 39.75 13.56
N GLY K 34 65.59 40.97 13.04
CA GLY K 34 64.50 41.90 13.33
C GLY K 34 64.50 42.45 14.74
N MET K 35 65.64 42.38 15.45
CA MET K 35 65.78 42.86 16.82
C MET K 35 66.74 44.05 16.90
N ASP K 36 66.86 44.86 15.83
CA ASP K 36 67.78 45.99 15.80
C ASP K 36 67.23 47.17 16.58
N GLY K 37 68.09 47.81 17.37
CA GLY K 37 67.72 48.97 18.16
C GLY K 37 67.05 48.69 19.49
N LEU K 38 66.68 47.42 19.78
CA LEU K 38 66.02 47.08 21.04
C LEU K 38 67.03 47.14 22.20
N THR K 39 68.26 46.64 21.99
CA THR K 39 69.30 46.69 23.02
C THR K 39 69.67 48.14 23.34
N GLU K 40 69.71 49.01 22.30
CA GLU K 40 69.99 50.44 22.43
C GLU K 40 68.89 51.12 23.29
N ALA K 41 67.62 50.75 23.05
CA ALA K 41 66.47 51.30 23.77
C ALA K 41 66.30 50.73 25.20
N GLY K 42 67.15 49.79 25.62
CA GLY K 42 67.08 49.20 26.95
C GLY K 42 65.95 48.20 27.14
N VAL K 43 65.58 47.47 26.06
CA VAL K 43 64.51 46.45 26.11
C VAL K 43 65.04 45.11 25.55
N HIS K 44 64.39 43.99 25.95
CA HIS K 44 64.81 42.65 25.54
C HIS K 44 64.06 42.12 24.32
N VAL K 45 62.72 42.25 24.29
CA VAL K 45 61.86 41.75 23.21
C VAL K 45 61.08 42.94 22.57
N PRO K 46 60.62 42.86 21.29
CA PRO K 46 59.89 44.01 20.73
C PRO K 46 58.53 44.19 21.39
N ALA K 47 58.12 45.44 21.63
CA ALA K 47 56.85 45.73 22.27
C ALA K 47 55.69 45.54 21.30
N ILE K 48 54.50 45.22 21.83
CA ILE K 48 53.30 45.01 21.02
C ILE K 48 52.52 46.33 21.02
N ASP K 49 52.59 47.09 19.92
CA ASP K 49 51.89 48.36 19.79
C ASP K 49 50.54 48.11 19.10
N LEU K 50 49.45 48.10 19.89
CA LEU K 50 48.12 47.84 19.34
C LEU K 50 47.49 49.07 18.65
N SER K 51 48.13 50.24 18.68
CA SER K 51 47.63 51.48 18.07
C SER K 51 47.08 51.29 16.65
N THR K 52 45.82 51.70 16.44
CA THR K 52 45.18 51.65 15.13
C THR K 52 45.62 52.86 14.32
N THR K 53 45.66 54.05 14.94
CA THR K 53 46.11 55.29 14.31
C THR K 53 47.45 55.73 14.88
N ASN K 54 48.20 56.53 14.12
CA ASN K 54 49.52 57.00 14.51
C ASN K 54 49.60 58.52 14.27
N PRO K 55 49.67 59.39 15.32
CA PRO K 55 49.71 60.84 15.06
C PRO K 55 50.84 61.34 14.17
N VAL K 56 50.60 62.48 13.50
CA VAL K 56 51.55 63.11 12.58
C VAL K 56 52.04 64.47 13.13
N ASN K 57 53.26 64.87 12.75
CA ASN K 57 53.85 66.13 13.22
C ASN K 57 53.15 67.34 12.61
N ASP K 58 52.92 67.33 11.29
CA ASP K 58 52.24 68.40 10.58
C ASP K 58 51.48 67.87 9.34
N VAL K 59 50.66 68.71 8.72
CA VAL K 59 49.85 68.34 7.56
C VAL K 59 50.74 67.93 6.36
N ALA K 60 51.80 68.70 6.09
CA ALA K 60 52.69 68.41 4.97
C ALA K 60 53.40 67.05 5.09
N THR K 61 54.05 66.75 6.23
CA THR K 61 54.73 65.46 6.39
C THR K 61 53.74 64.31 6.55
N GLY K 62 52.62 64.57 7.24
CA GLY K 62 51.58 63.56 7.43
C GLY K 62 50.95 63.11 6.13
N GLY K 63 50.66 64.07 5.25
CA GLY K 63 50.08 63.79 3.95
C GLY K 63 51.04 63.07 3.03
N ASP K 64 52.32 63.47 3.05
CA ASP K 64 53.36 62.83 2.22
C ASP K 64 53.61 61.40 2.70
N SER K 65 53.67 61.17 4.02
CA SER K 65 53.86 59.83 4.57
C SER K 65 52.66 58.93 4.23
N TYR K 66 51.44 59.50 4.22
CA TYR K 66 50.23 58.78 3.85
C TYR K 66 50.34 58.28 2.40
N GLU K 67 50.67 59.18 1.46
CA GLU K 67 50.77 58.83 0.04
C GLU K 67 51.90 57.84 -0.21
N TRP K 68 53.03 58.03 0.50
CA TRP K 68 54.20 57.16 0.39
C TRP K 68 53.82 55.71 0.74
N LEU K 69 53.11 55.50 1.85
CA LEU K 69 52.73 54.16 2.30
C LEU K 69 51.53 53.59 1.52
N ALA K 70 50.58 54.44 1.09
CA ALA K 70 49.43 53.97 0.32
C ALA K 70 49.86 53.43 -1.06
N THR K 71 50.92 54.02 -1.65
CA THR K 71 51.47 53.57 -2.93
C THR K 71 52.47 52.38 -2.78
N GLY K 72 52.41 51.67 -1.66
CA GLY K 72 53.23 50.47 -1.42
C GLY K 72 54.66 50.64 -0.97
N HIS K 73 55.13 51.86 -0.66
CA HIS K 73 56.52 52.05 -0.25
C HIS K 73 56.72 51.70 1.22
N ALA K 74 57.97 51.34 1.58
CA ALA K 74 58.31 51.02 2.96
C ALA K 74 58.42 52.31 3.79
N LEU K 75 58.23 52.20 5.11
CA LEU K 75 58.28 53.36 5.99
C LEU K 75 59.69 53.91 6.13
N LYS K 76 59.84 55.23 5.97
CA LYS K 76 61.13 55.91 6.13
C LYS K 76 61.39 56.06 7.64
N ASP K 77 62.65 55.97 8.06
CA ASP K 77 62.99 56.11 9.48
C ASP K 77 62.68 57.52 9.98
N GLY K 78 62.01 57.60 11.14
CA GLY K 78 61.60 58.87 11.72
C GLY K 78 60.21 59.30 11.34
N ASP K 79 59.68 58.82 10.19
CA ASP K 79 58.35 59.18 9.72
C ASP K 79 57.27 58.43 10.49
N SER K 80 56.08 59.03 10.57
CA SER K 80 54.94 58.43 11.28
C SER K 80 54.31 57.33 10.43
N ALA K 81 53.84 56.25 11.07
CA ALA K 81 53.16 55.15 10.38
C ALA K 81 51.79 55.55 9.83
N VAL K 82 51.20 56.69 10.29
CA VAL K 82 49.90 57.27 9.92
C VAL K 82 48.71 56.39 10.36
N TYR K 83 48.63 55.14 9.88
CA TYR K 83 47.54 54.22 10.19
C TYR K 83 48.06 52.77 10.10
N GLN K 84 47.45 51.83 10.85
CA GLN K 84 47.91 50.43 10.87
C GLN K 84 47.76 49.74 9.52
N ARG K 85 46.71 50.05 8.76
CA ARG K 85 46.52 49.48 7.42
C ARG K 85 47.62 49.92 6.43
N LEU K 86 48.37 50.99 6.74
CA LEU K 86 49.46 51.50 5.93
C LEU K 86 50.80 50.94 6.45
N TRP K 87 51.01 50.91 7.78
CA TRP K 87 52.24 50.38 8.37
C TRP K 87 52.05 50.04 9.86
N GLN K 88 52.75 48.99 10.35
CA GLN K 88 52.73 48.58 11.76
C GLN K 88 54.18 48.17 12.13
N PRO K 89 54.77 48.67 13.25
CA PRO K 89 56.18 48.33 13.54
C PRO K 89 56.49 46.88 13.89
N GLY K 90 55.62 46.22 14.64
CA GLY K 90 55.81 44.83 15.02
C GLY K 90 55.78 43.89 13.84
N VAL K 91 54.91 44.18 12.85
CA VAL K 91 54.82 43.39 11.62
C VAL K 91 56.10 43.62 10.82
N ALA K 92 56.53 44.90 10.68
CA ALA K 92 57.75 45.26 9.98
C ALA K 92 59.00 44.55 10.55
N ARG K 93 59.05 44.32 11.88
CA ARG K 93 60.18 43.62 12.50
C ARG K 93 60.20 42.15 12.09
N PHE K 94 59.02 41.52 12.03
CA PHE K 94 58.87 40.13 11.56
C PHE K 94 59.24 40.03 10.07
N GLU K 95 58.85 41.04 9.28
CA GLU K 95 59.13 41.10 7.85
C GLU K 95 60.64 41.16 7.58
N THR K 96 61.37 42.04 8.29
CA THR K 96 62.83 42.15 8.10
C THR K 96 63.55 40.89 8.60
N ALA K 97 63.01 40.22 9.63
CA ALA K 97 63.62 39.00 10.16
C ALA K 97 63.61 37.86 9.13
N LEU K 98 62.46 37.63 8.45
CA LEU K 98 62.38 36.57 7.45
C LEU K 98 63.13 36.92 6.17
N ALA K 99 63.08 38.19 5.73
CA ALA K 99 63.79 38.62 4.52
C ALA K 99 65.30 38.33 4.61
N GLU K 100 65.90 38.51 5.81
CA GLU K 100 67.32 38.22 6.01
C GLU K 100 67.59 36.71 5.92
N LEU K 101 66.66 35.87 6.39
CA LEU K 101 66.81 34.42 6.37
C LEU K 101 66.69 33.88 4.93
N GLU K 102 65.73 34.39 4.15
CA GLU K 102 65.54 33.98 2.76
C GLU K 102 66.47 34.71 1.76
N HIS K 103 67.32 35.64 2.23
CA HIS K 103 68.23 36.44 1.39
C HIS K 103 67.46 37.33 0.40
N ALA K 104 66.27 37.81 0.80
CA ALA K 104 65.42 38.67 -0.01
C ALA K 104 65.60 40.15 0.41
N ASP K 105 65.28 41.08 -0.49
CA ASP K 105 65.41 42.50 -0.19
C ASP K 105 64.39 42.92 0.88
N GLU K 106 63.10 42.58 0.67
CA GLU K 106 62.00 42.94 1.58
C GLU K 106 61.01 41.75 1.72
N ALA K 107 60.05 41.88 2.65
CA ALA K 107 58.99 40.88 2.86
C ALA K 107 57.69 41.59 3.27
N VAL K 108 56.53 40.99 2.89
CA VAL K 108 55.21 41.57 3.21
C VAL K 108 54.38 40.50 3.92
N ALA K 109 53.86 40.82 5.12
CA ALA K 109 53.08 39.89 5.94
C ALA K 109 51.58 40.19 5.88
N PHE K 110 50.76 39.13 6.02
CA PHE K 110 49.30 39.18 5.96
C PHE K 110 48.67 38.28 7.07
N ALA K 111 47.32 38.31 7.21
CA ALA K 111 46.59 37.54 8.22
C ALA K 111 46.83 36.02 8.15
N THR K 112 46.83 35.44 6.94
CA THR K 112 47.01 33.99 6.70
C THR K 112 47.88 33.75 5.44
N GLY K 113 48.32 32.51 5.22
CA GLY K 113 49.06 32.15 4.02
C GLY K 113 48.22 32.34 2.77
N MET K 114 46.89 32.13 2.88
CA MET K 114 45.97 32.32 1.76
C MET K 114 45.80 33.81 1.45
N ALA K 115 45.90 34.70 2.46
CA ALA K 115 45.83 36.15 2.23
C ALA K 115 47.04 36.62 1.42
N ALA K 116 48.22 36.04 1.69
CA ALA K 116 49.43 36.34 0.95
C ALA K 116 49.28 35.86 -0.51
N MET K 117 48.76 34.65 -0.73
CA MET K 117 48.51 34.12 -2.08
C MET K 117 47.50 35.01 -2.81
N THR K 118 46.44 35.43 -2.12
CA THR K 118 45.40 36.30 -2.67
C THR K 118 46.00 37.63 -3.15
N ALA K 119 46.84 38.25 -2.33
CA ALA K 119 47.47 39.52 -2.68
C ALA K 119 48.47 39.34 -3.83
N ALA K 120 49.21 38.23 -3.86
CA ALA K 120 50.16 37.94 -4.93
C ALA K 120 49.45 37.80 -6.27
N LEU K 121 48.27 37.14 -6.27
CA LEU K 121 47.50 36.95 -7.49
C LEU K 121 46.86 38.27 -7.92
N LEU K 122 46.32 39.05 -6.96
CA LEU K 122 45.70 40.34 -7.28
C LEU K 122 46.74 41.34 -7.81
N ALA K 123 47.98 41.29 -7.32
CA ALA K 123 49.06 42.16 -7.79
C ALA K 123 49.37 41.85 -9.27
N ALA K 124 49.36 40.57 -9.64
CA ALA K 124 49.60 40.15 -11.03
C ALA K 124 48.43 40.57 -11.93
N VAL K 125 47.18 40.42 -11.46
CA VAL K 125 45.99 40.81 -12.23
C VAL K 125 46.00 42.32 -12.47
N ASN K 126 46.30 43.12 -11.43
CA ASN K 126 46.35 44.57 -11.55
C ASN K 126 47.42 45.04 -12.54
N ALA K 127 48.54 44.31 -12.65
CA ALA K 127 49.61 44.64 -13.59
C ALA K 127 49.31 44.19 -15.05
N GLY K 128 48.09 43.77 -15.35
CA GLY K 128 47.71 43.32 -16.68
C GLY K 128 48.23 41.94 -17.05
N THR K 129 48.50 41.09 -16.04
CA THR K 129 49.00 39.72 -16.26
C THR K 129 48.15 38.74 -15.43
N PRO K 130 46.87 38.49 -15.81
CA PRO K 130 46.03 37.60 -14.99
C PRO K 130 46.30 36.10 -15.14
N HIS K 131 47.09 35.69 -16.15
CA HIS K 131 47.37 34.26 -16.36
C HIS K 131 48.49 33.78 -15.44
N ILE K 132 48.32 32.58 -14.86
CA ILE K 132 49.30 31.96 -13.96
C ILE K 132 49.57 30.52 -14.44
N VAL K 133 50.85 30.12 -14.48
CA VAL K 133 51.28 28.77 -14.84
C VAL K 133 51.60 28.09 -13.50
N ALA K 134 51.03 26.91 -13.23
CA ALA K 134 51.25 26.24 -11.94
C ALA K 134 51.40 24.73 -12.07
N VAL K 135 52.24 24.13 -11.21
CA VAL K 135 52.42 22.67 -11.18
C VAL K 135 51.24 22.07 -10.40
N ARG K 136 50.68 20.94 -10.87
CA ARG K 136 49.50 20.36 -10.22
C ARG K 136 49.65 19.99 -8.73
N PRO K 137 50.77 19.36 -8.26
CA PRO K 137 50.85 19.04 -6.83
C PRO K 137 51.05 20.28 -5.94
N LEU K 138 49.92 20.86 -5.50
CA LEU K 138 49.86 22.08 -4.68
C LEU K 138 48.94 21.89 -3.47
N TYR K 139 48.99 22.84 -2.52
CA TYR K 139 48.10 22.85 -1.37
C TYR K 139 46.64 23.04 -1.88
N GLY K 140 45.69 22.30 -1.30
CA GLY K 140 44.28 22.32 -1.66
C GLY K 140 43.66 23.69 -1.87
N GLY K 141 43.88 24.59 -0.93
CA GLY K 141 43.36 25.95 -0.99
C GLY K 141 43.96 26.76 -2.13
N SER K 142 45.29 26.68 -2.29
CA SER K 142 46.01 27.35 -3.38
C SER K 142 45.51 26.84 -4.73
N ASP K 143 45.25 25.53 -4.84
CA ASP K 143 44.74 24.90 -6.06
C ASP K 143 43.30 25.33 -6.35
N HIS K 144 42.41 25.34 -5.33
CA HIS K 144 41.02 25.74 -5.49
C HIS K 144 40.89 27.22 -5.83
N LEU K 145 41.75 28.09 -5.26
CA LEU K 145 41.71 29.53 -5.54
C LEU K 145 42.05 29.83 -7.01
N LEU K 146 42.99 29.07 -7.59
CA LEU K 146 43.38 29.24 -8.99
C LEU K 146 42.29 28.68 -9.93
N GLU K 147 41.75 27.50 -9.60
CA GLU K 147 40.71 26.85 -10.41
C GLU K 147 39.42 27.67 -10.50
N THR K 148 38.97 28.24 -9.38
CA THR K 148 37.74 29.04 -9.35
C THR K 148 37.86 30.32 -10.18
N GLY K 149 39.02 30.96 -10.15
CA GLY K 149 39.23 32.22 -10.86
C GLY K 149 38.47 33.36 -10.21
N LEU K 150 38.41 33.34 -8.87
CA LEU K 150 37.68 34.34 -8.09
C LEU K 150 38.31 35.73 -8.21
N LEU K 151 39.64 35.80 -8.21
CA LEU K 151 40.35 37.08 -8.27
C LEU K 151 40.65 37.52 -9.71
N GLY K 152 39.84 37.08 -10.68
CA GLY K 152 40.04 37.42 -12.09
C GLY K 152 41.27 36.79 -12.70
N THR K 153 41.59 35.54 -12.29
CA THR K 153 42.77 34.82 -12.76
C THR K 153 42.39 33.65 -13.68
N THR K 154 43.27 33.36 -14.65
CA THR K 154 43.14 32.22 -15.57
C THR K 154 44.38 31.35 -15.29
N VAL K 155 44.22 30.02 -15.24
CA VAL K 155 45.33 29.12 -14.91
C VAL K 155 45.52 28.02 -15.96
N THR K 156 46.78 27.68 -16.25
CA THR K 156 47.17 26.60 -17.15
C THR K 156 48.01 25.66 -16.30
N TRP K 157 47.47 24.48 -15.98
CA TRP K 157 48.17 23.50 -15.18
C TRP K 157 49.23 22.81 -16.03
N ALA K 158 50.51 22.92 -15.62
CA ALA K 158 51.63 22.36 -16.37
C ALA K 158 52.58 21.56 -15.49
N LYS K 159 53.30 20.61 -16.09
CA LYS K 159 54.30 19.80 -15.39
C LYS K 159 55.66 20.55 -15.37
N GLU K 160 56.64 20.04 -14.62
CA GLU K 160 57.96 20.67 -14.53
C GLU K 160 58.61 20.91 -15.92
N ALA K 161 58.54 19.92 -16.82
CA ALA K 161 59.11 20.04 -18.15
C ALA K 161 58.26 20.92 -19.08
N GLU K 162 56.94 20.97 -18.88
CA GLU K 162 56.03 21.73 -19.75
C GLU K 162 55.75 23.16 -19.25
N ILE K 163 56.63 23.76 -18.42
CA ILE K 163 56.41 25.12 -17.91
C ILE K 163 56.61 26.12 -19.06
N ALA K 164 57.74 26.03 -19.78
CA ALA K 164 58.07 26.92 -20.90
C ALA K 164 56.96 26.99 -21.96
N SER K 165 56.35 25.84 -22.30
CA SER K 165 55.27 25.81 -23.30
C SER K 165 54.00 26.46 -22.79
N ALA K 166 53.66 26.26 -21.50
CA ALA K 166 52.47 26.85 -20.90
C ALA K 166 52.55 28.38 -20.72
N ILE K 167 53.77 28.98 -20.85
CA ILE K 167 53.93 30.42 -20.69
C ILE K 167 53.20 31.14 -21.82
N GLN K 168 52.26 32.03 -21.46
CA GLN K 168 51.47 32.85 -22.40
C GLN K 168 51.98 34.30 -22.36
N ASP K 169 51.59 35.13 -23.34
CA ASP K 169 51.98 36.54 -23.39
C ASP K 169 51.51 37.37 -22.18
N ASP K 170 50.45 36.93 -21.49
CA ASP K 170 49.92 37.65 -20.31
C ASP K 170 50.17 36.89 -19.00
N THR K 171 51.30 36.17 -18.88
CA THR K 171 51.61 35.44 -17.64
C THR K 171 52.25 36.36 -16.62
N GLY K 172 51.73 36.34 -15.40
CA GLY K 172 52.24 37.13 -14.30
C GLY K 172 53.13 36.36 -13.35
N LEU K 173 52.81 35.08 -13.07
CA LEU K 173 53.57 34.26 -12.12
C LEU K 173 53.63 32.79 -12.50
N VAL K 174 54.65 32.08 -11.98
CA VAL K 174 54.84 30.64 -12.13
C VAL K 174 54.83 30.11 -10.69
N ILE K 175 53.76 29.43 -10.27
CA ILE K 175 53.61 28.95 -8.89
C ILE K 175 54.12 27.52 -8.75
N VAL K 176 55.07 27.30 -7.81
CA VAL K 176 55.68 26.00 -7.52
C VAL K 176 55.74 25.80 -5.99
N GLU K 177 55.68 24.53 -5.55
CA GLU K 177 55.73 24.16 -4.13
C GLU K 177 56.55 22.88 -4.02
N THR K 178 57.59 22.87 -3.15
CA THR K 178 58.46 21.71 -2.97
C THR K 178 59.03 21.64 -1.54
N PRO K 179 58.88 20.52 -0.78
CA PRO K 179 58.14 19.27 -1.10
C PRO K 179 56.64 19.57 -1.21
N ALA K 180 55.95 18.95 -2.17
CA ALA K 180 54.53 19.20 -2.37
C ALA K 180 53.66 18.69 -1.22
N ASN K 181 52.49 19.31 -1.03
CA ASN K 181 51.54 18.90 0.00
C ASN K 181 50.44 18.07 -0.69
N PRO K 182 50.16 16.78 -0.34
CA PRO K 182 50.77 15.92 0.71
C PRO K 182 51.93 14.99 0.30
N SER K 183 51.93 14.48 -0.95
CA SER K 183 52.89 13.51 -1.50
C SER K 183 54.40 13.77 -1.28
N LEU K 184 54.80 15.02 -1.03
CA LEU K 184 56.19 15.42 -0.82
C LEU K 184 57.05 15.23 -2.07
N ASP K 185 56.47 15.51 -3.25
CA ASP K 185 57.18 15.42 -4.52
C ASP K 185 58.09 16.65 -4.63
N LEU K 186 59.35 16.45 -5.01
CA LEU K 186 60.31 17.55 -5.13
C LEU K 186 60.33 18.14 -6.55
N VAL K 187 60.70 19.42 -6.65
CA VAL K 187 60.74 20.17 -7.90
C VAL K 187 62.13 20.81 -8.04
N ASP K 188 62.81 20.63 -9.19
CA ASP K 188 64.10 21.26 -9.42
C ASP K 188 63.87 22.74 -9.71
N LEU K 189 64.17 23.60 -8.73
CA LEU K 189 63.94 25.04 -8.85
C LEU K 189 64.87 25.74 -9.84
N ASP K 190 66.08 25.19 -10.09
CA ASP K 190 66.98 25.78 -11.06
C ASP K 190 66.43 25.65 -12.48
N SER K 191 65.85 24.48 -12.82
CA SER K 191 65.26 24.24 -14.13
C SER K 191 63.95 25.04 -14.33
N VAL K 192 63.18 25.24 -13.23
CA VAL K 192 61.92 26.00 -13.29
C VAL K 192 62.20 27.47 -13.65
N VAL K 193 63.19 28.09 -13.00
CA VAL K 193 63.53 29.50 -13.27
C VAL K 193 64.00 29.64 -14.72
N ALA K 194 64.80 28.67 -15.22
CA ALA K 194 65.26 28.68 -16.61
C ALA K 194 64.08 28.58 -17.59
N ALA K 195 63.08 27.72 -17.28
CA ALA K 195 61.90 27.54 -18.12
C ALA K 195 61.01 28.79 -18.12
N ALA K 196 60.85 29.43 -16.96
CA ALA K 196 60.03 30.64 -16.83
C ALA K 196 60.66 31.81 -17.58
N GLY K 197 61.98 31.95 -17.50
CA GLY K 197 62.70 33.01 -18.19
C GLY K 197 62.45 34.38 -17.56
N THR K 198 61.72 35.25 -18.27
CA THR K 198 61.41 36.59 -17.78
C THR K 198 60.21 36.61 -16.82
N VAL K 199 59.43 35.52 -16.70
CA VAL K 199 58.26 35.50 -15.83
C VAL K 199 58.73 35.27 -14.38
N PRO K 200 58.30 36.06 -13.35
CA PRO K 200 58.75 35.77 -11.98
C PRO K 200 58.23 34.44 -11.45
N VAL K 201 59.03 33.76 -10.59
CA VAL K 201 58.65 32.46 -10.02
C VAL K 201 58.31 32.63 -8.53
N LEU K 202 57.15 32.13 -8.13
CA LEU K 202 56.68 32.17 -6.75
C LEU K 202 56.79 30.74 -6.20
N VAL K 203 57.60 30.56 -5.14
CA VAL K 203 57.84 29.24 -4.54
C VAL K 203 57.27 29.22 -3.12
N ASP K 204 56.38 28.27 -2.84
CA ASP K 204 55.77 28.10 -1.52
C ASP K 204 56.73 27.22 -0.68
N ASN K 205 57.56 27.88 0.17
CA ASN K 205 58.57 27.23 0.99
C ASN K 205 58.08 26.99 2.44
N THR K 206 56.79 26.65 2.61
CA THR K 206 56.21 26.42 3.93
C THR K 206 56.82 25.16 4.62
N PHE K 207 56.85 24.03 3.89
CA PHE K 207 57.34 22.76 4.43
C PHE K 207 58.85 22.75 4.75
N CYS K 208 59.70 23.26 3.84
CA CYS K 208 61.16 23.26 4.03
C CYS K 208 61.62 24.34 5.02
N THR K 209 61.04 25.56 4.98
CA THR K 209 61.40 26.73 5.82
C THR K 209 62.80 27.29 5.42
N PRO K 210 63.19 28.55 5.78
CA PRO K 210 64.53 29.03 5.42
C PRO K 210 65.71 28.23 6.00
N VAL K 211 65.44 27.28 6.91
CA VAL K 211 66.46 26.45 7.53
C VAL K 211 67.02 25.48 6.47
N LEU K 212 66.12 24.84 5.71
CA LEU K 212 66.47 23.83 4.71
C LEU K 212 66.59 24.36 3.28
N GLN K 213 65.71 25.28 2.87
CA GLN K 213 65.69 25.76 1.49
C GLN K 213 65.57 27.28 1.42
N GLN K 214 66.22 27.89 0.40
CA GLN K 214 66.20 29.32 0.14
C GLN K 214 65.98 29.49 -1.37
N PRO K 215 64.72 29.47 -1.87
CA PRO K 215 64.50 29.59 -3.33
C PRO K 215 65.07 30.84 -3.99
N ILE K 216 65.24 31.96 -3.25
CA ILE K 216 65.80 33.21 -3.79
C ILE K 216 67.21 32.95 -4.37
N ARG K 217 68.02 32.12 -3.67
CA ARG K 217 69.36 31.72 -4.12
C ARG K 217 69.33 31.01 -5.49
N HIS K 218 68.28 30.20 -5.74
CA HIS K 218 68.11 29.48 -7.01
C HIS K 218 67.52 30.34 -8.14
N GLY K 219 67.19 31.61 -7.87
CA GLY K 219 66.66 32.54 -8.87
C GLY K 219 65.18 32.84 -8.78
N ALA K 220 64.50 32.41 -7.70
CA ALA K 220 63.07 32.69 -7.55
C ALA K 220 62.88 34.17 -7.16
N ALA K 221 61.74 34.75 -7.55
CA ALA K 221 61.43 36.15 -7.26
C ALA K 221 60.65 36.30 -5.95
N LEU K 222 59.64 35.44 -5.72
CA LEU K 222 58.82 35.48 -4.51
C LEU K 222 58.86 34.15 -3.78
N VAL K 223 58.88 34.19 -2.43
CA VAL K 223 58.90 33.00 -1.58
C VAL K 223 57.79 33.13 -0.54
N LEU K 224 56.71 32.36 -0.69
CA LEU K 224 55.58 32.41 0.25
C LEU K 224 55.73 31.37 1.34
N HIS K 225 55.38 31.75 2.58
CA HIS K 225 55.41 30.86 3.73
C HIS K 225 54.13 31.02 4.48
N SER K 226 53.48 29.91 4.84
CA SER K 226 52.31 29.98 5.69
C SER K 226 52.93 30.02 7.07
N ALA K 227 53.13 31.23 7.62
CA ALA K 227 53.76 31.40 8.93
C ALA K 227 53.08 30.58 10.05
N THR K 228 51.79 30.23 9.85
CA THR K 228 50.98 29.35 10.72
C THR K 228 51.76 28.04 11.04
N LYS K 229 52.60 27.58 10.10
CA LYS K 229 53.38 26.33 10.21
C LYS K 229 54.85 26.63 10.32
N TYR K 230 55.52 26.04 11.35
CA TYR K 230 56.96 26.15 11.63
C TYR K 230 57.41 27.55 12.09
N LEU K 231 57.07 28.63 11.36
CA LEU K 231 57.47 29.99 11.77
C LEU K 231 56.84 30.32 13.14
N GLY K 232 55.60 29.90 13.35
CA GLY K 232 54.94 30.02 14.64
C GLY K 232 55.44 28.89 15.52
N GLY K 233 55.23 27.66 15.05
CA GLY K 233 55.71 26.45 15.69
C GLY K 233 54.93 25.91 16.88
N HIS K 234 53.92 26.66 17.37
CA HIS K 234 53.13 26.21 18.52
C HIS K 234 51.61 26.14 18.25
N GLY K 235 51.19 26.22 16.99
CA GLY K 235 49.79 26.15 16.61
C GLY K 235 48.90 27.18 17.28
N ASP K 236 49.38 28.42 17.39
CA ASP K 236 48.63 29.48 18.05
C ASP K 236 48.77 30.88 17.39
N ALA K 237 49.25 30.95 16.14
CA ALA K 237 49.42 32.22 15.46
C ALA K 237 49.26 32.02 13.95
N MET K 238 48.14 32.51 13.39
CA MET K 238 47.91 32.45 11.95
C MET K 238 48.79 33.52 11.30
N GLY K 239 49.21 33.27 10.07
CA GLY K 239 50.04 34.22 9.34
C GLY K 239 50.49 33.78 7.98
N GLY K 240 50.89 34.76 7.18
CA GLY K 240 51.36 34.55 5.82
C GLY K 240 52.38 35.61 5.48
N ILE K 241 53.42 35.26 4.71
CA ILE K 241 54.49 36.22 4.38
C ILE K 241 55.20 35.83 3.08
N ILE K 242 55.54 36.84 2.25
CA ILE K 242 56.24 36.64 0.98
C ILE K 242 57.56 37.41 1.01
N ALA K 243 58.70 36.68 1.00
CA ALA K 243 60.02 37.30 0.92
C ALA K 243 60.28 37.53 -0.56
N THR K 244 60.46 38.79 -1.00
CA THR K 244 60.62 39.12 -2.42
C THR K 244 61.45 40.41 -2.63
N ASN K 245 61.81 40.71 -3.90
CA ASN K 245 62.53 41.93 -4.26
C ASN K 245 61.64 43.18 -4.02
N SER K 246 62.23 44.39 -4.05
CA SER K 246 61.52 45.65 -3.79
C SER K 246 60.33 45.93 -4.73
N ASP K 247 60.39 45.51 -6.00
CA ASP K 247 59.30 45.74 -6.95
C ASP K 247 58.02 45.00 -6.53
N TRP K 248 58.11 43.68 -6.28
CA TRP K 248 56.94 42.90 -5.87
C TRP K 248 56.51 43.25 -4.44
N ALA K 249 57.43 43.66 -3.56
CA ALA K 249 57.08 44.06 -2.20
C ALA K 249 56.18 45.32 -2.24
N MET K 250 56.46 46.25 -3.15
CA MET K 250 55.66 47.47 -3.31
C MET K 250 54.27 47.11 -3.84
N ARG K 251 54.20 46.21 -4.84
CA ARG K 251 52.92 45.78 -5.42
C ARG K 251 52.07 45.06 -4.37
N LEU K 252 52.70 44.22 -3.53
CA LEU K 252 51.99 43.49 -2.48
C LEU K 252 51.48 44.46 -1.40
N ARG K 253 52.29 45.46 -1.01
CA ARG K 253 51.86 46.46 -0.03
C ARG K 253 50.75 47.35 -0.58
N GLN K 254 50.76 47.63 -1.90
CA GLN K 254 49.69 48.41 -2.53
C GLN K 254 48.35 47.66 -2.39
N VAL K 255 48.36 46.33 -2.55
CA VAL K 255 47.16 45.51 -2.42
C VAL K 255 46.78 45.46 -0.93
N ARG K 256 47.75 45.24 -0.03
CA ARG K 256 47.50 45.18 1.41
C ARG K 256 46.86 46.47 1.96
N ALA K 257 47.31 47.64 1.50
CA ALA K 257 46.79 48.92 1.97
C ALA K 257 45.30 49.16 1.66
N ILE K 258 44.78 48.61 0.55
CA ILE K 258 43.37 48.82 0.15
C ILE K 258 42.50 47.57 0.43
N THR K 259 43.09 46.36 0.45
CA THR K 259 42.32 45.15 0.77
C THR K 259 42.26 45.00 2.29
N GLY K 260 43.40 45.12 2.95
CA GLY K 260 43.48 45.09 4.41
C GLY K 260 43.47 43.76 5.11
N ALA K 261 44.10 42.73 4.51
CA ALA K 261 44.21 41.43 5.18
C ALA K 261 45.45 41.52 6.06
N LEU K 262 45.33 42.24 7.19
CA LEU K 262 46.46 42.53 8.06
C LEU K 262 46.75 41.47 9.10
N LEU K 263 48.03 41.36 9.45
CA LEU K 263 48.51 40.48 10.50
C LEU K 263 48.42 41.28 11.80
N HIS K 264 47.74 40.74 12.81
CA HIS K 264 47.55 41.44 14.08
C HIS K 264 48.88 41.62 14.82
N PRO K 265 49.15 42.77 15.50
CA PRO K 265 50.43 42.91 16.22
C PRO K 265 50.82 41.74 17.14
N MET K 266 49.88 41.13 17.91
CA MET K 266 50.23 40.00 18.77
C MET K 266 50.55 38.75 17.93
N GLY K 267 49.88 38.58 16.79
CA GLY K 267 50.18 37.49 15.87
C GLY K 267 51.58 37.64 15.31
N ALA K 268 51.94 38.87 14.90
CA ALA K 268 53.29 39.17 14.41
C ALA K 268 54.34 38.98 15.49
N TYR K 269 54.00 39.32 16.73
CA TYR K 269 54.90 39.13 17.86
C TYR K 269 55.21 37.65 18.07
N LEU K 270 54.19 36.78 18.06
CA LEU K 270 54.38 35.34 18.27
C LEU K 270 55.09 34.65 17.10
N LEU K 271 54.88 35.13 15.86
CA LEU K 271 55.56 34.55 14.70
C LEU K 271 57.04 34.95 14.69
N HIS K 272 57.34 36.19 15.09
CA HIS K 272 58.72 36.67 15.22
C HIS K 272 59.41 35.92 16.37
N ARG K 273 58.69 35.71 17.49
CA ARG K 273 59.14 34.97 18.68
C ARG K 273 59.49 33.53 18.29
N GLY K 274 58.65 32.91 17.45
CA GLY K 274 58.86 31.55 16.96
C GLY K 274 60.06 31.39 16.07
N LEU K 275 60.42 32.44 15.31
CA LEU K 275 61.60 32.38 14.43
C LEU K 275 62.88 32.16 15.23
N ARG K 276 62.95 32.65 16.48
CA ARG K 276 64.13 32.50 17.33
C ARG K 276 64.48 31.03 17.59
N THR K 277 63.44 30.19 17.75
CA THR K 277 63.59 28.75 17.99
C THR K 277 63.35 27.88 16.74
N LEU K 278 63.24 28.47 15.53
CA LEU K 278 62.93 27.72 14.32
C LEU K 278 64.01 26.70 13.95
N ALA K 279 65.29 27.09 13.93
CA ALA K 279 66.37 26.18 13.58
C ALA K 279 66.48 25.03 14.58
N VAL K 280 66.31 25.32 15.87
CA VAL K 280 66.41 24.30 16.92
C VAL K 280 65.20 23.32 16.86
N ARG K 281 63.99 23.83 16.63
CA ARG K 281 62.80 22.98 16.52
C ARG K 281 62.81 22.14 15.25
N MET K 282 63.17 22.74 14.10
CA MET K 282 63.17 22.02 12.83
C MET K 282 64.16 20.86 12.86
N ARG K 283 65.39 21.10 13.34
CA ARG K 283 66.40 20.04 13.43
C ARG K 283 65.97 18.90 14.35
N ALA K 284 65.28 19.21 15.46
CA ALA K 284 64.80 18.19 16.39
C ALA K 284 63.70 17.33 15.76
N ALA K 285 62.72 17.95 15.09
CA ALA K 285 61.64 17.23 14.42
C ALA K 285 62.14 16.44 13.21
N GLN K 286 63.15 16.96 12.48
CA GLN K 286 63.67 16.25 11.30
C GLN K 286 64.47 15.01 11.71
N THR K 287 65.15 15.03 12.88
CA THR K 287 65.86 13.86 13.38
C THR K 287 64.84 12.75 13.70
N THR K 288 63.73 13.12 14.36
CA THR K 288 62.66 12.17 14.71
C THR K 288 61.97 11.65 13.44
N ALA K 289 61.74 12.51 12.44
CA ALA K 289 61.11 12.11 11.19
C ALA K 289 61.97 11.15 10.36
N GLY K 290 63.27 11.41 10.30
CA GLY K 290 64.21 10.54 9.59
C GLY K 290 64.24 9.13 10.15
N GLU K 291 64.15 9.01 11.48
CA GLU K 291 64.13 7.71 12.14
C GLU K 291 62.76 7.04 11.99
N LEU K 292 61.66 7.81 12.16
CA LEU K 292 60.31 7.25 12.04
C LEU K 292 60.01 6.72 10.63
N ALA K 293 60.46 7.43 9.58
CA ALA K 293 60.23 6.99 8.21
C ALA K 293 60.84 5.61 7.92
N GLU K 294 62.02 5.34 8.49
CA GLU K 294 62.69 4.05 8.31
C GLU K 294 62.04 2.95 9.15
N ARG K 295 61.61 3.28 10.38
CA ARG K 295 60.97 2.32 11.27
C ARG K 295 59.58 1.91 10.74
N LEU K 296 58.81 2.87 10.20
CA LEU K 296 57.48 2.59 9.65
C LEU K 296 57.56 1.81 8.33
N ALA K 297 58.66 1.94 7.57
CA ALA K 297 58.84 1.20 6.31
C ALA K 297 58.89 -0.31 6.55
N ALA K 298 59.45 -0.74 7.69
CA ALA K 298 59.54 -2.16 8.04
C ALA K 298 58.18 -2.80 8.36
N HIS K 299 57.14 -1.99 8.67
CA HIS K 299 55.82 -2.53 8.99
C HIS K 299 55.16 -3.10 7.71
N PRO K 300 54.50 -4.27 7.74
CA PRO K 300 53.91 -4.81 6.50
C PRO K 300 52.65 -4.09 6.01
N ALA K 301 51.92 -3.40 6.91
CA ALA K 301 50.71 -2.68 6.52
C ALA K 301 50.97 -1.48 5.59
N ILE K 302 52.18 -0.91 5.63
CA ILE K 302 52.53 0.24 4.79
C ILE K 302 53.28 -0.25 3.54
N THR K 303 52.79 0.15 2.35
CA THR K 303 53.40 -0.25 1.08
C THR K 303 54.58 0.63 0.71
N ALA K 304 54.44 1.96 0.87
CA ALA K 304 55.49 2.90 0.53
C ALA K 304 55.52 4.08 1.50
N VAL K 305 56.74 4.53 1.87
CA VAL K 305 56.95 5.66 2.77
C VAL K 305 57.63 6.77 1.97
N HIS K 306 57.00 7.93 1.86
CA HIS K 306 57.53 9.08 1.13
C HIS K 306 58.21 10.02 2.11
N TYR K 307 59.53 10.22 1.95
CA TYR K 307 60.32 11.12 2.79
C TYR K 307 61.53 11.58 1.96
N PRO K 308 61.79 12.88 1.73
CA PRO K 308 62.94 13.26 0.88
C PRO K 308 64.27 12.58 1.20
N GLY K 309 64.56 12.37 2.48
CA GLY K 309 65.79 11.71 2.94
C GLY K 309 65.97 10.32 2.38
N LEU K 310 64.87 9.56 2.21
CA LEU K 310 64.91 8.21 1.66
C LEU K 310 64.71 8.24 0.15
N GLN K 313 63.60 8.30 -3.49
CA GLN K 313 62.65 9.34 -3.90
C GLN K 313 63.34 10.62 -4.40
N ASP K 314 64.69 10.64 -4.56
CA ASP K 314 65.39 11.83 -5.03
C ASP K 314 66.50 11.46 -6.05
N PRO K 315 66.16 11.17 -7.32
CA PRO K 315 67.22 10.81 -8.28
C PRO K 315 68.01 11.99 -8.84
N ARG K 316 67.48 13.24 -8.74
CA ARG K 316 68.15 14.43 -9.27
C ARG K 316 69.21 15.04 -8.34
N GLY K 317 69.40 14.48 -7.14
CA GLY K 317 70.41 14.99 -6.21
C GLY K 317 70.06 16.35 -5.64
N LEU K 318 68.77 16.61 -5.42
CA LEU K 318 68.31 17.89 -4.86
C LEU K 318 68.60 17.97 -3.36
N LEU K 319 68.61 16.82 -2.65
CA LEU K 319 68.95 16.81 -1.22
C LEU K 319 70.47 16.99 -1.10
N GLY K 320 70.89 18.25 -0.98
CA GLY K 320 72.30 18.61 -0.90
C GLY K 320 72.54 19.89 -1.69
N ARG K 321 72.05 19.91 -2.94
CA ARG K 321 72.17 21.05 -3.83
C ARG K 321 71.08 22.10 -3.52
N GLN K 322 69.81 21.67 -3.36
CA GLN K 322 68.67 22.55 -3.12
C GLN K 322 68.24 22.61 -1.64
N MET K 323 68.09 21.46 -0.96
CA MET K 323 67.64 21.42 0.43
C MET K 323 68.66 20.71 1.34
N SER K 324 68.95 21.33 2.50
CA SER K 324 69.95 20.88 3.46
C SER K 324 69.43 19.86 4.50
N GLY K 325 68.24 19.31 4.30
CA GLY K 325 67.66 18.36 5.22
C GLY K 325 66.40 17.71 4.68
N GLY K 326 66.04 16.56 5.24
CA GLY K 326 64.88 15.80 4.82
C GLY K 326 63.52 16.37 5.17
N GLY K 327 63.46 17.21 6.20
CA GLY K 327 62.20 17.81 6.63
C GLY K 327 61.57 17.08 7.81
N ALA K 328 60.38 17.51 8.23
CA ALA K 328 59.65 16.91 9.35
C ALA K 328 58.25 16.40 8.94
N MET K 329 58.01 16.19 7.62
CA MET K 329 56.72 15.69 7.11
C MET K 329 56.93 14.31 6.50
N ILE K 330 55.96 13.39 6.68
CA ILE K 330 56.02 12.04 6.13
C ILE K 330 54.66 11.64 5.58
N ALA K 331 54.56 11.31 4.29
CA ALA K 331 53.33 10.79 3.68
C ALA K 331 53.55 9.29 3.43
N LEU K 332 52.50 8.47 3.60
CA LEU K 332 52.65 7.02 3.40
C LEU K 332 51.37 6.35 2.88
N GLU K 333 51.54 5.39 1.96
CA GLU K 333 50.42 4.63 1.37
C GLU K 333 50.22 3.35 2.17
N LEU K 334 48.95 3.01 2.47
CA LEU K 334 48.60 1.80 3.22
C LEU K 334 48.07 0.72 2.29
N ALA K 335 48.28 -0.55 2.65
CA ALA K 335 47.87 -1.68 1.82
C ALA K 335 46.36 -2.00 1.79
N GLY K 336 45.51 -1.26 2.49
CA GLY K 336 44.07 -1.49 2.46
C GLY K 336 43.24 -0.35 1.86
N GLY K 337 43.90 0.67 1.34
CA GLY K 337 43.22 1.81 0.73
C GLY K 337 42.54 2.70 1.75
N PHE K 338 41.30 3.12 1.46
CA PHE K 338 40.53 4.00 2.33
C PHE K 338 40.23 3.41 3.70
N ASP K 339 39.83 2.13 3.76
CA ASP K 339 39.47 1.49 5.04
C ASP K 339 40.63 1.44 6.02
N ALA K 340 41.84 1.06 5.57
CA ALA K 340 43.01 1.01 6.43
C ALA K 340 43.45 2.41 6.84
N ALA K 341 43.41 3.36 5.91
CA ALA K 341 43.77 4.76 6.17
C ALA K 341 42.85 5.39 7.22
N ARG K 342 41.54 5.10 7.13
CA ARG K 342 40.54 5.62 8.05
C ARG K 342 40.73 5.01 9.46
N SER K 343 40.95 3.69 9.55
CA SER K 343 41.14 2.99 10.82
C SER K 343 42.43 3.45 11.53
N PHE K 344 43.53 3.60 10.78
CA PHE K 344 44.83 4.05 11.32
C PHE K 344 44.72 5.44 11.95
N VAL K 345 44.00 6.36 11.29
CA VAL K 345 43.78 7.72 11.78
C VAL K 345 42.95 7.70 13.09
N GLU K 346 41.84 6.96 13.10
CA GLU K 346 40.94 6.90 14.25
C GLU K 346 41.51 6.19 15.47
N HIS K 347 42.39 5.18 15.28
CA HIS K 347 42.97 4.46 16.42
C HIS K 347 44.21 5.14 17.05
N CYS K 348 44.66 6.29 16.53
CA CYS K 348 45.78 7.02 17.13
C CYS K 348 45.30 7.71 18.41
N SER K 349 46.09 7.65 19.49
CA SER K 349 45.74 8.26 20.78
C SER K 349 46.68 9.45 21.10
N LEU K 350 48.00 9.22 21.11
CA LEU K 350 48.99 10.26 21.37
C LEU K 350 49.07 11.19 20.16
N VAL K 351 49.15 10.60 18.94
CA VAL K 351 49.18 11.39 17.72
C VAL K 351 47.75 11.83 17.49
N VAL K 352 47.54 13.15 17.33
CA VAL K 352 46.19 13.72 17.21
C VAL K 352 45.74 13.84 15.75
N HIS K 353 44.52 13.37 15.44
CA HIS K 353 43.96 13.49 14.10
C HIS K 353 43.42 14.89 13.89
N ALA K 354 44.18 15.73 13.19
CA ALA K 354 43.81 17.12 12.91
C ALA K 354 44.55 17.64 11.68
N VAL K 355 44.00 18.68 11.04
CA VAL K 355 44.65 19.32 9.89
C VAL K 355 45.82 20.22 10.42
N SER K 356 46.64 20.81 9.52
CA SER K 356 47.77 21.67 9.90
C SER K 356 49.04 20.86 10.21
N LEU K 357 50.17 21.56 10.32
CA LEU K 357 51.49 20.97 10.51
C LEU K 357 52.49 22.01 11.11
N GLY K 358 53.71 21.57 11.43
CA GLY K 358 54.74 22.43 11.98
C GLY K 358 54.68 22.73 13.46
N GLY K 359 53.69 22.19 14.17
CA GLY K 359 53.55 22.43 15.59
C GLY K 359 54.45 21.57 16.45
N ALA K 360 54.42 21.81 17.76
CA ALA K 360 55.22 21.04 18.72
C ALA K 360 54.72 19.59 18.88
N ASP K 361 53.43 19.32 18.59
CA ASP K 361 52.79 17.99 18.70
C ASP K 361 52.64 17.33 17.32
N THR K 362 52.65 16.00 17.28
CA THR K 362 52.54 15.21 16.04
C THR K 362 51.08 15.10 15.64
N LEU K 363 50.76 15.50 14.39
CA LEU K 363 49.41 15.45 13.85
C LEU K 363 49.33 14.48 12.67
N ILE K 364 48.14 13.93 12.41
CA ILE K 364 47.90 12.96 11.33
C ILE K 364 46.58 13.30 10.62
N GLN K 365 46.50 13.01 9.30
CA GLN K 365 45.28 13.27 8.52
C GLN K 365 45.18 12.34 7.30
N HIS K 366 43.97 12.27 6.71
CA HIS K 366 43.70 11.59 5.46
C HIS K 366 43.50 12.75 4.46
N PRO K 367 44.52 13.14 3.66
CA PRO K 367 44.36 14.32 2.79
C PRO K 367 43.17 14.35 1.84
N ALA K 368 42.77 13.21 1.27
CA ALA K 368 41.63 13.17 0.35
C ALA K 368 40.33 13.64 1.00
N SER K 369 40.11 13.36 2.30
CA SER K 369 38.90 13.75 3.00
C SER K 369 38.98 15.11 3.69
N LEU K 370 40.19 15.68 3.92
CA LEU K 370 40.30 16.95 4.64
C LEU K 370 41.00 18.09 3.81
N THR K 371 42.34 18.16 3.73
CA THR K 371 43.01 19.27 3.05
C THR K 371 42.73 19.31 1.53
N HIS K 372 42.96 18.21 0.82
CA HIS K 372 42.75 18.18 -0.62
C HIS K 372 41.36 17.63 -1.00
N ARG K 373 40.32 18.15 -0.33
CA ARG K 373 38.92 17.83 -0.60
C ARG K 373 38.31 18.78 -1.66
N PRO K 374 38.59 20.12 -1.68
CA PRO K 374 38.01 20.96 -2.73
C PRO K 374 38.70 20.85 -4.11
N VAL K 375 39.85 20.15 -4.19
CA VAL K 375 40.56 19.99 -5.46
C VAL K 375 39.82 18.99 -6.37
N ALA K 376 39.99 19.11 -7.69
CA ALA K 376 39.36 18.25 -8.68
C ALA K 376 39.78 16.79 -8.50
N ALA K 377 38.87 15.85 -8.77
CA ALA K 377 39.12 14.41 -8.60
C ALA K 377 40.41 13.89 -9.25
N THR K 378 40.80 14.42 -10.42
CA THR K 378 42.02 13.97 -11.09
C THR K 378 43.28 14.34 -10.31
N ALA K 379 43.33 15.56 -9.74
CA ALA K 379 44.49 15.98 -8.96
C ALA K 379 44.41 15.60 -7.48
N LYS K 380 43.41 14.81 -7.06
CA LYS K 380 43.31 14.42 -5.64
C LYS K 380 44.34 13.32 -5.32
N PRO K 381 44.89 13.27 -4.09
CA PRO K 381 45.86 12.21 -3.77
C PRO K 381 45.18 10.84 -3.57
N GLY K 382 45.99 9.79 -3.48
CA GLY K 382 45.49 8.44 -3.29
C GLY K 382 44.74 8.27 -1.99
N ASP K 383 43.76 7.35 -1.96
CA ASP K 383 42.97 7.09 -0.76
C ASP K 383 43.79 6.43 0.34
N GLY K 384 44.77 5.60 -0.03
CA GLY K 384 45.65 4.96 0.94
C GLY K 384 46.69 5.90 1.54
N LEU K 385 46.87 7.11 0.97
CA LEU K 385 47.87 8.06 1.45
C LEU K 385 47.43 8.73 2.76
N ILE K 386 48.39 8.88 3.69
CA ILE K 386 48.21 9.50 5.01
C ILE K 386 49.37 10.46 5.24
N ARG K 387 49.08 11.73 5.56
CA ARG K 387 50.13 12.72 5.85
C ARG K 387 50.36 12.76 7.35
N LEU K 388 51.62 12.94 7.77
CA LEU K 388 51.98 12.94 9.19
C LEU K 388 53.01 14.04 9.48
N SER K 389 52.62 15.03 10.29
CA SER K 389 53.50 16.13 10.70
C SER K 389 54.21 15.70 11.98
N VAL K 390 55.54 15.57 11.95
CA VAL K 390 56.29 15.12 13.11
C VAL K 390 56.61 16.30 14.05
N GLY K 391 56.26 16.14 15.33
CA GLY K 391 56.50 17.14 16.36
C GLY K 391 57.81 16.96 17.09
N LEU K 392 57.84 17.36 18.37
CA LEU K 392 59.05 17.28 19.21
C LEU K 392 58.94 16.21 20.30
N GLU K 393 58.14 15.15 20.09
CA GLU K 393 58.02 14.07 21.08
C GLU K 393 59.15 13.04 20.87
N HIS K 394 59.33 12.12 21.83
CA HIS K 394 60.36 11.09 21.72
C HIS K 394 60.03 10.16 20.55
N VAL K 395 61.07 9.64 19.90
CA VAL K 395 60.92 8.79 18.70
C VAL K 395 60.24 7.46 19.06
N ASP K 396 60.58 6.86 20.20
CA ASP K 396 60.00 5.58 20.62
C ASP K 396 58.51 5.69 20.95
N ASP K 397 58.08 6.75 21.66
CA ASP K 397 56.67 6.93 22.00
C ASP K 397 55.80 7.15 20.78
N LEU K 398 56.32 7.81 19.74
CA LEU K 398 55.54 8.04 18.52
C LEU K 398 55.39 6.74 17.73
N GLU K 399 56.47 5.92 17.63
CA GLU K 399 56.36 4.66 16.90
C GLU K 399 55.43 3.67 17.62
N ASP K 400 55.45 3.64 18.97
CA ASP K 400 54.57 2.73 19.72
C ASP K 400 53.10 3.06 19.47
N ASP K 401 52.75 4.35 19.40
CA ASP K 401 51.38 4.77 19.15
C ASP K 401 50.94 4.47 17.71
N LEU K 402 51.81 4.71 16.73
CA LEU K 402 51.47 4.47 15.31
C LEU K 402 51.39 2.97 15.02
N ILE K 403 52.26 2.15 15.64
CA ILE K 403 52.22 0.69 15.47
C ILE K 403 50.91 0.15 16.09
N ALA K 404 50.52 0.65 17.28
CA ALA K 404 49.28 0.23 17.92
C ALA K 404 48.06 0.53 17.04
N ALA K 405 48.05 1.69 16.37
CA ALA K 405 46.95 2.07 15.48
C ALA K 405 46.92 1.21 14.20
N LEU K 406 48.10 0.84 13.66
CA LEU K 406 48.18 -0.02 12.48
C LEU K 406 47.72 -1.44 12.81
N ASP K 407 48.12 -1.96 13.99
CA ASP K 407 47.73 -3.30 14.43
C ASP K 407 46.24 -3.39 14.81
N ALA K 408 45.57 -2.26 15.11
CA ALA K 408 44.15 -2.25 15.45
C ALA K 408 43.23 -2.49 14.23
N SER K 409 43.78 -2.60 13.00
CA SER K 409 43.01 -2.80 11.78
C SER K 409 42.98 -4.29 11.44
N ASN L 22 15.38 39.44 22.58
CA ASN L 22 14.41 40.04 21.67
C ASN L 22 13.58 41.11 22.41
N SER L 23 12.99 40.75 23.58
CA SER L 23 12.23 41.70 24.41
C SER L 23 13.15 42.63 25.26
N MET L 24 14.49 42.56 25.07
CA MET L 24 15.45 43.36 25.82
C MET L 24 15.75 44.66 25.06
N HIS L 25 16.05 45.73 25.81
CA HIS L 25 16.41 47.02 25.24
C HIS L 25 17.81 46.97 24.58
N PRO L 26 18.17 47.89 23.65
CA PRO L 26 19.52 47.82 23.05
C PRO L 26 20.68 47.98 24.05
N GLU L 27 20.47 48.72 25.15
CA GLU L 27 21.51 48.92 26.16
C GLU L 27 21.83 47.59 26.88
N THR L 28 20.82 46.77 27.14
CA THR L 28 21.00 45.45 27.77
C THR L 28 21.67 44.49 26.77
N LEU L 29 21.22 44.52 25.50
CA LEU L 29 21.77 43.67 24.45
C LEU L 29 23.26 43.94 24.18
N MET L 30 23.73 45.18 24.37
CA MET L 30 25.15 45.48 24.18
C MET L 30 26.01 44.77 25.21
N VAL L 31 25.52 44.64 26.45
CA VAL L 31 26.27 44.01 27.53
C VAL L 31 26.27 42.48 27.41
N HIS L 32 25.08 41.86 27.29
CA HIS L 32 24.94 40.40 27.24
C HIS L 32 24.92 39.76 25.84
N GLY L 33 25.08 40.56 24.79
CA GLY L 33 25.09 40.02 23.43
C GLY L 33 26.32 39.18 23.16
N GLY L 34 26.12 37.99 22.61
CA GLY L 34 27.21 37.07 22.31
C GLY L 34 27.86 36.43 23.54
N MET L 35 27.16 36.46 24.69
CA MET L 35 27.66 35.91 25.95
C MET L 35 26.81 34.70 26.39
N ASP L 36 26.22 33.95 25.45
CA ASP L 36 25.36 32.81 25.77
C ASP L 36 26.20 31.59 26.14
N GLY L 37 25.78 30.88 27.18
CA GLY L 37 26.48 29.68 27.64
C GLY L 37 27.69 29.91 28.53
N LEU L 38 28.15 31.16 28.69
CA LEU L 38 29.32 31.44 29.54
C LEU L 38 28.94 31.29 31.01
N THR L 39 27.77 31.77 31.41
CA THR L 39 27.31 31.64 32.80
C THR L 39 27.11 30.16 33.17
N GLU L 40 26.63 29.34 32.22
CA GLU L 40 26.42 27.91 32.44
C GLU L 40 27.76 27.19 32.58
N ALA L 41 28.79 27.62 31.82
CA ALA L 41 30.14 27.05 31.90
C ALA L 41 30.95 27.55 33.13
N GLY L 42 30.39 28.45 33.94
CA GLY L 42 31.07 28.97 35.12
C GLY L 42 32.16 29.98 34.84
N VAL L 43 32.00 30.79 33.76
CA VAL L 43 32.98 31.82 33.38
C VAL L 43 32.27 33.18 33.18
N HIS L 44 33.03 34.28 33.31
CA HIS L 44 32.50 35.65 33.22
C HIS L 44 32.60 36.25 31.83
N VAL L 45 33.78 36.16 31.19
CA VAL L 45 34.05 36.73 29.86
C VAL L 45 34.46 35.60 28.87
N PRO L 46 34.27 35.75 27.54
CA PRO L 46 34.68 34.65 26.65
C PRO L 46 36.19 34.46 26.60
N ALA L 47 36.66 33.20 26.57
CA ALA L 47 38.09 32.91 26.54
C ALA L 47 38.69 33.17 25.16
N ILE L 48 39.98 33.48 25.11
CA ILE L 48 40.69 33.74 23.86
C ILE L 48 41.38 32.43 23.45
N ASP L 49 40.80 31.74 22.45
CA ASP L 49 41.36 30.47 21.97
C ASP L 49 42.24 30.77 20.76
N LEU L 50 43.57 30.77 20.94
CA LEU L 50 44.51 31.06 19.86
C LEU L 50 44.73 29.89 18.88
N SER L 51 44.16 28.70 19.16
CA SER L 51 44.32 27.51 18.32
C SER L 51 44.15 27.76 16.82
N THR L 52 45.16 27.39 16.02
CA THR L 52 45.11 27.51 14.57
C THR L 52 44.32 26.33 14.00
N THR L 53 44.57 25.12 14.51
CA THR L 53 43.89 23.89 14.10
C THR L 53 42.96 23.40 15.22
N ASN L 54 41.93 22.63 14.85
CA ASN L 54 40.95 22.11 15.80
C ASN L 54 40.76 20.60 15.54
N PRO L 55 41.19 19.69 16.45
CA PRO L 55 41.03 18.25 16.19
C PRO L 55 39.61 17.77 15.90
N VAL L 56 39.49 16.67 15.15
CA VAL L 56 38.21 16.07 14.76
C VAL L 56 38.04 14.68 15.40
N ASN L 57 36.78 14.27 15.62
CA ASN L 57 36.47 12.99 16.25
C ASN L 57 36.81 11.82 15.33
N ASP L 58 36.39 11.89 14.06
CA ASP L 58 36.66 10.85 13.07
C ASP L 58 36.76 11.45 11.65
N VAL L 59 37.18 10.64 10.67
CA VAL L 59 37.34 11.09 9.27
C VAL L 59 35.99 11.52 8.66
N ALA L 60 34.92 10.74 8.90
CA ALA L 60 33.60 11.05 8.35
C ALA L 60 33.04 12.39 8.87
N THR L 61 33.05 12.62 10.19
CA THR L 61 32.54 13.86 10.75
C THR L 61 33.47 15.03 10.44
N GLY L 62 34.78 14.80 10.53
CA GLY L 62 35.78 15.81 10.24
C GLY L 62 35.71 16.33 8.82
N GLY L 63 35.54 15.43 7.87
CA GLY L 63 35.42 15.77 6.45
C GLY L 63 34.13 16.51 6.14
N ASP L 64 33.01 16.09 6.76
CA ASP L 64 31.72 16.75 6.56
C ASP L 64 31.73 18.15 7.15
N SER L 65 32.31 18.32 8.36
CA SER L 65 32.41 19.63 8.98
C SER L 65 33.31 20.56 8.15
N TYR L 66 34.38 20.01 7.53
CA TYR L 66 35.27 20.77 6.66
C TYR L 66 34.48 21.32 5.46
N GLU L 67 33.74 20.45 4.75
CA GLU L 67 32.97 20.84 3.56
C GLU L 67 31.86 21.83 3.93
N TRP L 68 31.21 21.61 5.08
CA TRP L 68 30.14 22.47 5.59
C TRP L 68 30.65 23.91 5.77
N LEU L 69 31.81 24.09 6.41
CA LEU L 69 32.37 25.42 6.66
C LEU L 69 33.05 26.01 5.44
N ALA L 70 33.68 25.18 4.57
CA ALA L 70 34.32 25.67 3.34
C ALA L 70 33.30 26.28 2.39
N THR L 71 32.09 25.69 2.33
CA THR L 71 31.01 26.21 1.50
C THR L 71 30.23 27.39 2.15
N GLY L 72 30.82 28.04 3.14
CA GLY L 72 30.23 29.21 3.79
C GLY L 72 29.16 29.02 4.84
N HIS L 73 28.88 27.78 5.27
CA HIS L 73 27.84 27.57 6.30
C HIS L 73 28.37 27.86 7.71
N ALA L 74 27.46 28.21 8.62
CA ALA L 74 27.81 28.47 10.01
C ALA L 74 28.09 27.15 10.76
N LEU L 75 28.89 27.20 11.82
CA LEU L 75 29.25 26.01 12.58
C LEU L 75 28.06 25.44 13.34
N LYS L 76 27.84 24.12 13.22
CA LYS L 76 26.79 23.42 13.95
C LYS L 76 27.26 23.21 15.39
N ASP L 77 26.35 23.28 16.37
CA ASP L 77 26.71 23.09 17.77
C ASP L 77 27.22 21.66 18.01
N GLY L 78 28.35 21.54 18.70
CA GLY L 78 28.99 20.25 18.99
C GLY L 78 30.03 19.85 17.97
N ASP L 79 29.94 20.38 16.73
CA ASP L 79 30.90 20.04 15.67
C ASP L 79 32.22 20.77 15.86
N SER L 80 33.31 20.18 15.35
CA SER L 80 34.65 20.76 15.44
C SER L 80 34.81 21.90 14.44
N ALA L 81 35.54 22.96 14.84
CA ALA L 81 35.80 24.10 13.95
C ALA L 81 36.76 23.74 12.79
N VAL L 82 37.49 22.59 12.88
CA VAL L 82 38.45 22.04 11.91
C VAL L 82 39.73 22.92 11.78
N TYR L 83 39.58 24.17 11.39
CA TYR L 83 40.69 25.11 11.21
C TYR L 83 40.20 26.54 11.45
N GLN L 84 41.12 27.44 11.83
CA GLN L 84 40.77 28.83 12.13
C GLN L 84 40.28 29.60 10.91
N ARG L 85 40.81 29.30 9.71
CA ARG L 85 40.35 29.96 8.48
C ARG L 85 38.91 29.54 8.09
N LEU L 86 38.39 28.46 8.68
CA LEU L 86 37.02 27.98 8.45
C LEU L 86 36.09 28.52 9.55
N TRP L 87 36.53 28.46 10.84
CA TRP L 87 35.73 28.96 11.96
C TRP L 87 36.59 29.23 13.20
N GLN L 88 36.22 30.24 14.00
CA GLN L 88 36.89 30.61 15.25
C GLN L 88 35.79 30.99 16.28
N PRO L 89 35.77 30.43 17.51
CA PRO L 89 34.67 30.73 18.44
C PRO L 89 34.56 32.17 18.95
N GLY L 90 35.69 32.80 19.24
CA GLY L 90 35.71 34.17 19.72
C GLY L 90 35.19 35.17 18.70
N VAL L 91 35.51 34.93 17.41
CA VAL L 91 35.03 35.76 16.31
C VAL L 91 33.52 35.55 16.18
N ALA L 92 33.07 34.29 16.21
CA ALA L 92 31.65 33.94 16.14
C ALA L 92 30.81 34.62 17.24
N ARG L 93 31.37 34.78 18.44
CA ARG L 93 30.65 35.45 19.54
C ARG L 93 30.46 36.93 19.22
N PHE L 94 31.50 37.58 18.68
CA PHE L 94 31.43 38.98 18.26
C PHE L 94 30.42 39.15 17.12
N GLU L 95 30.39 38.18 16.19
CA GLU L 95 29.47 38.17 15.05
C GLU L 95 28.02 38.11 15.51
N THR L 96 27.68 37.18 16.42
CA THR L 96 26.30 37.07 16.93
C THR L 96 25.90 38.31 17.75
N ALA L 97 26.86 38.94 18.44
CA ALA L 97 26.57 40.12 19.25
C ALA L 97 26.12 41.30 18.37
N LEU L 98 26.83 41.58 17.27
CA LEU L 98 26.46 42.69 16.39
C LEU L 98 25.19 42.39 15.60
N ALA L 99 25.02 41.14 15.12
CA ALA L 99 23.83 40.76 14.36
C ALA L 99 22.54 41.03 15.16
N GLU L 100 22.54 40.77 16.47
CA GLU L 100 21.38 41.04 17.32
C GLU L 100 21.10 42.55 17.43
N LEU L 101 22.17 43.38 17.46
CA LEU L 101 22.04 44.83 17.56
C LEU L 101 21.49 45.44 16.26
N GLU L 102 21.98 44.97 15.11
CA GLU L 102 21.50 45.45 13.80
C GLU L 102 20.20 44.77 13.34
N HIS L 103 19.65 43.80 14.10
CA HIS L 103 18.46 43.02 13.74
C HIS L 103 18.67 42.19 12.46
N ALA L 104 19.91 41.70 12.25
CA ALA L 104 20.28 40.89 11.10
C ALA L 104 20.29 39.40 11.51
N ASP L 105 20.15 38.50 10.52
CA ASP L 105 20.16 37.06 10.80
C ASP L 105 21.55 36.62 11.25
N GLU L 106 22.60 36.98 10.48
CA GLU L 106 23.99 36.58 10.76
C GLU L 106 24.95 37.76 10.47
N ALA L 107 26.24 37.61 10.85
CA ALA L 107 27.29 38.61 10.59
C ALA L 107 28.62 37.90 10.32
N VAL L 108 29.48 38.50 9.48
CA VAL L 108 30.78 37.93 9.12
C VAL L 108 31.87 38.97 9.42
N ALA L 109 32.88 38.61 10.24
CA ALA L 109 33.96 39.51 10.64
C ALA L 109 35.27 39.22 9.90
N PHE L 110 36.07 40.28 9.67
CA PHE L 110 37.35 40.24 8.95
C PHE L 110 38.43 41.10 9.66
N ALA L 111 39.68 41.07 9.16
CA ALA L 111 40.80 41.81 9.73
C ALA L 111 40.59 43.32 9.84
N THR L 112 40.02 43.96 8.79
CA THR L 112 39.77 45.41 8.73
C THR L 112 38.43 45.71 8.02
N GLY L 113 37.94 46.95 8.12
CA GLY L 113 36.74 47.39 7.43
C GLY L 113 36.89 47.26 5.92
N MET L 114 38.12 47.43 5.41
CA MET L 114 38.41 47.28 3.99
C MET L 114 38.40 45.81 3.57
N ALA L 115 38.77 44.87 4.46
CA ALA L 115 38.70 43.44 4.16
C ALA L 115 37.25 43.00 4.00
N ALA L 116 36.34 43.56 4.81
CA ALA L 116 34.92 43.28 4.70
C ALA L 116 34.37 43.81 3.36
N MET L 117 34.76 45.05 2.97
CA MET L 117 34.35 45.63 1.68
C MET L 117 34.90 44.76 0.54
N THR L 118 36.17 44.33 0.64
CA THR L 118 36.80 43.48 -0.37
C THR L 118 36.04 42.18 -0.56
N ALA L 119 35.66 41.53 0.55
CA ALA L 119 34.90 40.29 0.50
C ALA L 119 33.51 40.50 -0.08
N ALA L 120 32.84 41.61 0.27
CA ALA L 120 31.51 41.93 -0.23
C ALA L 120 31.53 42.14 -1.73
N LEU L 121 32.58 42.80 -2.25
CA LEU L 121 32.70 43.04 -3.69
C LEU L 121 33.06 41.74 -4.41
N LEU L 122 33.96 40.92 -3.85
CA LEU L 122 34.33 39.64 -4.48
C LEU L 122 33.17 38.66 -4.48
N ALA L 123 32.29 38.70 -3.47
CA ALA L 123 31.10 37.84 -3.43
C ALA L 123 30.14 38.19 -4.58
N ALA L 124 30.00 39.51 -4.88
CA ALA L 124 29.16 39.98 -5.97
C ALA L 124 29.77 39.58 -7.32
N VAL L 125 31.10 39.73 -7.47
CA VAL L 125 31.83 39.38 -8.69
C VAL L 125 31.65 37.89 -8.98
N ASN L 126 31.85 37.03 -7.97
CA ASN L 126 31.73 35.59 -8.10
C ASN L 126 30.31 35.15 -8.51
N ALA L 127 29.28 35.89 -8.06
CA ALA L 127 27.90 35.59 -8.42
C ALA L 127 27.49 36.11 -9.83
N GLY L 128 28.46 36.55 -10.64
CA GLY L 128 28.18 37.06 -11.97
C GLY L 128 27.58 38.45 -12.00
N THR L 129 27.80 39.25 -10.93
CA THR L 129 27.28 40.61 -10.83
C THR L 129 28.44 41.56 -10.47
N PRO L 130 29.38 41.85 -11.39
CA PRO L 130 30.52 42.71 -11.03
C PRO L 130 30.23 44.21 -10.98
N HIS L 131 29.07 44.66 -11.49
CA HIS L 131 28.76 46.09 -11.49
C HIS L 131 28.19 46.54 -10.13
N ILE L 132 28.62 47.71 -9.66
CA ILE L 132 28.19 48.29 -8.39
C ILE L 132 27.75 49.75 -8.63
N VAL L 133 26.61 50.14 -8.06
CA VAL L 133 26.09 51.50 -8.12
C VAL L 133 26.43 52.12 -6.77
N ALA L 134 27.08 53.30 -6.74
CA ALA L 134 27.48 53.91 -5.47
C ALA L 134 27.31 55.42 -5.45
N VAL L 135 26.96 55.98 -4.28
CA VAL L 135 26.83 57.44 -4.11
C VAL L 135 28.25 58.00 -3.94
N ARG L 136 28.54 59.15 -4.54
CA ARG L 136 29.88 59.73 -4.51
C ARG L 136 30.46 60.04 -3.11
N PRO L 137 29.70 60.63 -2.14
CA PRO L 137 30.30 60.90 -0.81
C PRO L 137 30.51 59.61 0.01
N LEU L 138 31.69 58.99 -0.17
CA LEU L 138 32.09 57.74 0.51
C LEU L 138 33.49 57.89 1.15
N TYR L 139 33.88 56.91 1.98
CA TYR L 139 35.21 56.86 2.58
C TYR L 139 36.25 56.71 1.45
N GLY L 140 37.38 57.41 1.57
CA GLY L 140 38.45 57.41 0.59
C GLY L 140 38.89 56.05 0.07
N GLY L 141 39.11 55.11 0.97
CA GLY L 141 39.52 53.76 0.61
C GLY L 141 38.45 53.00 -0.16
N SER L 142 37.19 53.08 0.29
CA SER L 142 36.06 52.44 -0.39
C SER L 142 35.90 53.03 -1.80
N ASP L 143 36.08 54.35 -1.94
CA ASP L 143 35.99 55.05 -3.22
C ASP L 143 37.13 54.61 -4.16
N HIS L 144 38.37 54.57 -3.65
CA HIS L 144 39.53 54.17 -4.44
C HIS L 144 39.48 52.70 -4.88
N LEU L 145 38.96 51.81 -4.02
CA LEU L 145 38.85 50.39 -4.33
C LEU L 145 37.86 50.16 -5.49
N LEU L 146 36.77 50.93 -5.53
CA LEU L 146 35.78 50.81 -6.61
C LEU L 146 36.31 51.42 -7.91
N GLU L 147 36.97 52.60 -7.83
CA GLU L 147 37.52 53.28 -9.00
C GLU L 147 38.62 52.47 -9.72
N THR L 148 39.52 51.85 -8.95
CA THR L 148 40.61 51.06 -9.53
C THR L 148 40.10 49.80 -10.26
N GLY L 149 39.07 49.16 -9.72
CA GLY L 149 38.54 47.94 -10.30
C GLY L 149 39.50 46.78 -10.13
N LEU L 150 40.18 46.73 -8.96
CA LEU L 150 41.17 45.71 -8.64
C LEU L 150 40.54 44.32 -8.53
N LEU L 151 39.35 44.24 -7.91
CA LEU L 151 38.67 42.97 -7.69
C LEU L 151 37.73 42.59 -8.86
N GLY L 152 38.01 43.08 -10.06
CA GLY L 152 37.18 42.80 -11.23
C GLY L 152 35.82 43.44 -11.18
N THR L 153 35.74 44.66 -10.62
CA THR L 153 34.49 45.40 -10.46
C THR L 153 34.42 46.61 -11.40
N THR L 154 33.20 46.94 -11.85
CA THR L 154 32.91 48.12 -12.66
C THR L 154 31.96 48.97 -11.80
N VAL L 155 32.13 50.30 -11.79
CA VAL L 155 31.31 51.17 -10.95
C VAL L 155 30.68 52.33 -11.74
N THR L 156 29.43 52.67 -11.40
CA THR L 156 28.69 53.78 -11.98
C THR L 156 28.35 54.69 -10.80
N TRP L 157 29.00 55.85 -10.73
CA TRP L 157 28.76 56.80 -9.64
C TRP L 157 27.44 57.51 -9.87
N ALA L 158 26.50 57.39 -8.92
CA ALA L 158 25.16 57.98 -9.05
C ALA L 158 24.74 58.73 -7.80
N LYS L 159 23.84 59.71 -7.97
CA LYS L 159 23.29 60.48 -6.85
C LYS L 159 22.09 59.72 -6.24
N GLU L 160 21.57 60.19 -5.09
CA GLU L 160 20.41 59.56 -4.43
C GLU L 160 19.21 59.38 -5.37
N ALA L 161 18.87 60.40 -6.16
CA ALA L 161 17.74 60.33 -7.08
C ALA L 161 18.04 59.50 -8.33
N GLU L 162 19.32 59.44 -8.77
CA GLU L 162 19.71 58.73 -9.99
C GLU L 162 20.17 57.28 -9.73
N ILE L 163 19.76 56.65 -8.61
CA ILE L 163 20.16 55.27 -8.33
C ILE L 163 19.45 54.31 -9.29
N ALA L 164 18.11 54.44 -9.40
CA ALA L 164 17.30 53.59 -10.27
C ALA L 164 17.78 53.56 -11.73
N SER L 165 18.18 54.73 -12.27
CA SER L 165 18.67 54.81 -13.65
C SER L 165 20.03 54.13 -13.81
N ALA L 166 20.92 54.29 -12.82
CA ALA L 166 22.25 53.67 -12.85
C ALA L 166 22.23 52.14 -12.72
N ILE L 167 21.09 51.54 -12.29
CA ILE L 167 21.00 50.09 -12.13
C ILE L 167 21.11 49.42 -13.52
N GLN L 168 22.09 48.52 -13.66
CA GLN L 168 22.34 47.75 -14.88
C GLN L 168 21.87 46.30 -14.66
N ASP L 169 21.77 45.51 -15.74
CA ASP L 169 21.35 44.11 -15.66
C ASP L 169 22.32 43.22 -14.83
N ASP L 170 23.60 43.62 -14.70
CA ASP L 170 24.60 42.86 -13.95
C ASP L 170 25.01 43.57 -12.63
N THR L 171 24.07 44.28 -11.97
CA THR L 171 24.39 44.96 -10.71
C THR L 171 24.27 43.99 -9.54
N GLY L 172 25.30 43.97 -8.70
CA GLY L 172 25.35 43.12 -7.53
C GLY L 172 25.00 43.84 -6.25
N LEU L 173 25.44 45.11 -6.09
CA LEU L 173 25.22 45.89 -4.87
C LEU L 173 25.01 47.39 -5.13
N VAL L 174 24.36 48.07 -4.17
CA VAL L 174 24.14 49.52 -4.15
C VAL L 174 24.82 49.99 -2.86
N ILE L 175 25.98 50.65 -2.96
CA ILE L 175 26.76 51.06 -1.78
C ILE L 175 26.40 52.50 -1.37
N VAL L 176 25.99 52.67 -0.09
CA VAL L 176 25.60 53.96 0.51
C VAL L 176 26.27 54.09 1.90
N GLU L 177 26.54 55.35 2.32
CA GLU L 177 27.15 55.66 3.60
C GLU L 177 26.50 56.93 4.15
N THR L 178 25.97 56.89 5.40
CA THR L 178 25.31 58.05 6.00
C THR L 178 25.45 58.05 7.55
N PRO L 179 25.95 59.14 8.19
CA PRO L 179 26.49 60.39 7.61
C PRO L 179 27.77 60.12 6.83
N ALA L 180 27.94 60.78 5.68
CA ALA L 180 29.12 60.55 4.84
C ALA L 180 30.41 61.04 5.49
N ASN L 181 31.54 60.43 5.10
CA ASN L 181 32.85 60.79 5.63
C ASN L 181 33.55 61.66 4.56
N PRO L 182 33.94 62.95 4.79
CA PRO L 182 33.89 63.76 6.03
C PRO L 182 32.68 64.70 6.24
N SER L 183 32.12 65.26 5.14
CA SER L 183 31.02 66.24 5.13
C SER L 183 29.78 65.95 6.01
N LEU L 184 29.52 64.68 6.36
CA LEU L 184 28.36 64.25 7.17
C LEU L 184 27.04 64.48 6.44
N ASP L 185 27.03 64.26 5.11
CA ASP L 185 25.81 64.39 4.31
C ASP L 185 24.94 63.16 4.58
N LEU L 186 23.64 63.37 4.83
CA LEU L 186 22.73 62.28 5.13
C LEU L 186 22.06 61.74 3.85
N VAL L 187 21.67 60.46 3.87
CA VAL L 187 21.03 59.77 2.75
C VAL L 187 19.73 59.13 3.24
N ASP L 188 18.61 59.35 2.54
CA ASP L 188 17.33 58.73 2.91
C ASP L 188 17.38 57.27 2.48
N LEU L 189 17.55 56.36 3.45
CA LEU L 189 17.68 54.92 3.17
C LEU L 189 16.39 54.28 2.68
N ASP L 190 15.22 54.81 3.07
CA ASP L 190 13.94 54.26 2.61
C ASP L 190 13.78 54.46 1.10
N SER L 191 14.16 55.64 0.58
CA SER L 191 14.09 55.94 -0.84
C SER L 191 15.14 55.17 -1.65
N VAL L 192 16.33 54.92 -1.06
CA VAL L 192 17.41 54.17 -1.72
C VAL L 192 16.96 52.73 -1.96
N VAL L 193 16.37 52.07 -0.95
CA VAL L 193 15.91 50.68 -1.07
C VAL L 193 14.83 50.59 -2.16
N ALA L 194 13.91 51.57 -2.19
CA ALA L 194 12.87 51.62 -3.21
C ALA L 194 13.47 51.77 -4.62
N ALA L 195 14.50 52.62 -4.77
CA ALA L 195 15.16 52.84 -6.07
C ALA L 195 15.93 51.59 -6.52
N ALA L 196 16.61 50.91 -5.59
CA ALA L 196 17.37 49.69 -5.91
C ALA L 196 16.44 48.54 -6.33
N GLY L 197 15.31 48.41 -5.66
CA GLY L 197 14.34 47.37 -5.96
C GLY L 197 14.82 45.98 -5.58
N THR L 198 15.12 45.14 -6.58
CA THR L 198 15.61 43.79 -6.35
C THR L 198 17.12 43.72 -6.05
N VAL L 199 17.87 44.81 -6.27
CA VAL L 199 19.32 44.80 -6.04
C VAL L 199 19.58 44.97 -4.53
N PRO L 200 20.42 44.13 -3.85
CA PRO L 200 20.66 44.37 -2.41
C PRO L 200 21.39 45.67 -2.14
N VAL L 201 21.10 46.31 -0.98
CA VAL L 201 21.71 47.58 -0.60
C VAL L 201 22.69 47.34 0.55
N LEU L 202 23.93 47.84 0.39
CA LEU L 202 24.98 47.75 1.40
C LEU L 202 25.16 49.14 2.00
N VAL L 203 24.92 49.28 3.31
CA VAL L 203 25.01 50.57 4.01
C VAL L 203 26.17 50.53 5.01
N ASP L 204 27.11 51.48 4.88
CA ASP L 204 28.25 51.60 5.78
C ASP L 204 27.80 52.43 6.99
N ASN L 205 27.45 51.74 8.10
CA ASN L 205 26.93 52.35 9.33
C ASN L 205 28.03 52.56 10.39
N THR L 206 29.25 52.89 9.97
CA THR L 206 30.39 53.09 10.88
C THR L 206 30.19 54.30 11.82
N PHE L 207 29.81 55.44 11.26
CA PHE L 207 29.63 56.70 12.01
C PHE L 207 28.44 56.67 12.98
N CYS L 208 27.28 56.17 12.55
CA CYS L 208 26.08 56.12 13.39
C CYS L 208 26.15 55.02 14.46
N THR L 209 26.61 53.80 14.08
CA THR L 209 26.67 52.60 14.94
C THR L 209 25.24 52.04 15.19
N PRO L 210 25.05 50.77 15.64
CA PRO L 210 23.68 50.28 15.91
C PRO L 210 22.92 51.04 17.01
N VAL L 211 23.59 51.95 17.73
CA VAL L 211 22.97 52.74 18.79
C VAL L 211 21.99 53.75 18.16
N LEU L 212 22.46 54.43 17.10
CA LEU L 212 21.70 55.49 16.41
C LEU L 212 20.93 55.03 15.18
N GLN L 213 21.51 54.14 14.36
CA GLN L 213 20.89 53.72 13.11
C GLN L 213 20.93 52.21 12.93
N GLN L 214 19.87 51.65 12.31
CA GLN L 214 19.75 50.22 12.01
C GLN L 214 19.26 50.12 10.56
N PRO L 215 20.15 50.18 9.54
CA PRO L 215 19.66 50.12 8.14
C PRO L 215 18.83 48.89 7.77
N ILE L 216 19.02 47.74 8.46
CA ILE L 216 18.25 46.50 8.19
C ILE L 216 16.73 46.78 8.33
N ARG L 217 16.35 47.59 9.35
CA ARG L 217 14.95 47.96 9.58
C ARG L 217 14.36 48.78 8.41
N HIS L 218 15.18 49.59 7.73
CA HIS L 218 14.76 50.35 6.56
C HIS L 218 14.74 49.54 5.24
N GLY L 219 15.15 48.27 5.28
CA GLY L 219 15.14 47.40 4.11
C GLY L 219 16.49 47.09 3.49
N ALA L 220 17.61 47.49 4.15
CA ALA L 220 18.94 47.21 3.62
C ALA L 220 19.26 45.72 3.82
N ALA L 221 20.08 45.16 2.92
CA ALA L 221 20.47 43.76 2.97
C ALA L 221 21.77 43.55 3.77
N LEU L 222 22.77 44.41 3.54
CA LEU L 222 24.06 44.32 4.23
C LEU L 222 24.39 45.62 4.95
N VAL L 223 25.00 45.52 6.14
CA VAL L 223 25.39 46.68 6.96
C VAL L 223 26.85 46.51 7.34
N LEU L 224 27.73 47.28 6.70
CA LEU L 224 29.18 47.26 6.96
C LEU L 224 29.49 48.17 8.14
N HIS L 225 30.50 47.78 8.93
CA HIS L 225 30.95 48.54 10.08
C HIS L 225 32.45 48.39 10.19
N SER L 226 33.20 49.51 10.22
CA SER L 226 34.62 49.45 10.45
C SER L 226 34.74 49.36 11.95
N ALA L 227 34.82 48.13 12.48
CA ALA L 227 34.89 47.90 13.92
C ALA L 227 36.05 48.66 14.60
N THR L 228 37.08 49.05 13.82
CA THR L 228 38.21 49.87 14.27
C THR L 228 37.73 51.17 14.95
N TYR L 230 34.58 53.13 17.08
CA TYR L 230 33.39 53.03 17.94
C TYR L 230 33.13 51.63 18.52
N LEU L 231 33.11 50.56 17.70
CA LEU L 231 32.88 49.21 18.21
C LEU L 231 34.03 48.82 19.15
N GLY L 232 35.26 49.14 18.77
CA GLY L 232 36.42 48.95 19.62
C GLY L 232 36.42 50.04 20.67
N GLY L 233 36.39 51.28 20.21
CA GLY L 233 36.28 52.47 21.05
C GLY L 233 37.52 52.95 21.76
N HIS L 234 38.64 52.20 21.71
CA HIS L 234 39.88 52.58 22.38
C HIS L 234 41.11 52.70 21.45
N GLY L 235 40.89 52.69 20.14
CA GLY L 235 41.96 52.80 19.15
C GLY L 235 43.05 51.76 19.28
N ASP L 236 42.66 50.49 19.56
CA ASP L 236 43.63 49.40 19.73
C ASP L 236 43.18 48.05 19.16
N ALA L 237 42.17 48.03 18.27
CA ALA L 237 41.70 46.79 17.69
C ALA L 237 41.15 47.05 16.29
N MET L 238 41.89 46.62 15.25
CA MET L 238 41.45 46.77 13.86
C MET L 238 40.39 45.70 13.60
N GLY L 239 39.39 46.03 12.78
CA GLY L 239 38.34 45.07 12.46
C GLY L 239 37.31 45.56 11.47
N GLY L 240 36.56 44.62 10.93
CA GLY L 240 35.50 44.86 9.96
C GLY L 240 34.43 43.81 10.09
N ILE L 241 33.15 44.18 9.91
CA ILE L 241 32.05 43.22 10.07
C ILE L 241 30.81 43.67 9.29
N ILE L 242 30.11 42.71 8.65
CA ILE L 242 28.91 42.99 7.86
C ILE L 242 27.73 42.20 8.43
N ALA L 243 26.72 42.89 8.98
CA ALA L 243 25.52 42.26 9.49
C ALA L 243 24.59 42.10 8.29
N THR L 244 24.22 40.85 7.95
CA THR L 244 23.41 40.58 6.75
C THR L 244 22.57 39.28 6.89
N ASN L 245 21.66 39.03 5.91
CA ASN L 245 20.85 37.81 5.83
C ASN L 245 21.73 36.56 5.65
N SER L 246 21.16 35.36 5.84
CA SER L 246 21.89 34.10 5.70
C SER L 246 22.50 33.86 4.31
N ASP L 247 21.86 34.34 3.23
CA ASP L 247 22.39 34.14 1.87
C ASP L 247 23.73 34.88 1.69
N TRP L 248 23.78 36.19 2.01
CA TRP L 248 25.01 36.97 1.88
C TRP L 248 26.05 36.55 2.90
N ALA L 249 25.65 36.09 4.10
CA ALA L 249 26.59 35.63 5.11
C ALA L 249 27.35 34.39 4.63
N MET L 250 26.65 33.49 3.92
CA MET L 250 27.26 32.28 3.36
C MET L 250 28.26 32.67 2.26
N ARG L 251 27.87 33.60 1.37
CA ARG L 251 28.75 34.07 0.30
C ARG L 251 29.99 34.75 0.86
N LEU L 252 29.83 35.55 1.92
CA LEU L 252 30.96 36.23 2.56
C LEU L 252 31.91 35.24 3.21
N ARG L 253 31.36 34.21 3.90
CA ARG L 253 32.19 33.19 4.53
C ARG L 253 32.91 32.32 3.49
N GLN L 254 32.28 32.09 2.32
CA GLN L 254 32.91 31.36 1.21
C GLN L 254 34.17 32.10 0.77
N VAL L 255 34.11 33.44 0.68
CA VAL L 255 35.25 34.26 0.28
C VAL L 255 36.29 34.26 1.41
N ARG L 256 35.84 34.42 2.66
CA ARG L 256 36.74 34.43 3.84
C ARG L 256 37.56 33.13 3.97
N ALA L 257 36.93 31.97 3.75
CA ALA L 257 37.61 30.69 3.90
C ALA L 257 38.76 30.47 2.90
N ILE L 258 38.71 31.07 1.70
CA ILE L 258 39.77 30.89 0.69
C ILE L 258 40.69 32.16 0.56
N THR L 259 40.19 33.37 0.87
CA THR L 259 41.04 34.58 0.82
C THR L 259 41.77 34.80 2.16
N GLY L 260 41.14 34.39 3.27
CA GLY L 260 41.77 34.44 4.58
C GLY L 260 42.09 35.77 5.23
N ALA L 261 41.24 36.79 5.09
CA ALA L 261 41.46 38.07 5.78
C ALA L 261 40.76 37.94 7.14
N LEU L 262 41.38 37.17 8.04
CA LEU L 262 40.80 36.83 9.34
C LEU L 262 41.03 37.84 10.44
N LEU L 263 40.06 37.94 11.35
CA LEU L 263 40.14 38.77 12.53
C LEU L 263 40.81 37.92 13.60
N HIS L 264 41.88 38.42 14.20
CA HIS L 264 42.65 37.68 15.21
C HIS L 264 41.81 37.44 16.49
N PRO L 265 41.90 36.28 17.18
CA PRO L 265 41.09 36.09 18.40
C PRO L 265 41.16 37.20 19.45
N MET L 266 42.35 37.79 19.68
CA MET L 266 42.51 38.90 20.63
C MET L 266 41.86 40.19 20.09
N GLY L 267 41.87 40.38 18.77
CA GLY L 267 41.19 41.50 18.15
C GLY L 267 39.69 41.37 18.32
N ALA L 268 39.14 40.16 18.07
CA ALA L 268 37.72 39.87 18.25
C ALA L 268 37.28 40.00 19.70
N TYR L 269 38.15 39.61 20.63
CA TYR L 269 37.86 39.73 22.05
C TYR L 269 37.69 41.20 22.45
N LEU L 270 38.61 42.08 22.00
CA LEU L 270 38.55 43.50 22.34
C LEU L 270 37.39 44.23 21.66
N LEU L 271 36.98 43.79 20.46
CA LEU L 271 35.84 44.41 19.78
C LEU L 271 34.52 43.97 20.43
N HIS L 272 34.43 42.71 20.87
CA HIS L 272 33.27 42.21 21.61
C HIS L 272 33.19 42.90 22.98
N ARG L 273 34.36 43.10 23.62
CA ARG L 273 34.51 43.80 24.92
C ARG L 273 34.03 45.25 24.79
N GLY L 274 34.40 45.90 23.68
CA GLY L 274 34.01 47.28 23.41
C GLY L 274 32.53 47.46 23.17
N LEU L 275 31.85 46.45 22.61
CA LEU L 275 30.41 46.53 22.38
C LEU L 275 29.62 46.69 23.69
N ARG L 276 30.13 46.16 24.81
CA ARG L 276 29.47 46.25 26.11
C ARG L 276 29.31 47.71 26.57
N THR L 277 30.30 48.56 26.27
CA THR L 277 30.31 49.98 26.63
C THR L 277 29.95 50.90 25.45
N LEU L 278 29.50 50.37 24.30
CA LEU L 278 29.21 51.18 23.13
C LEU L 278 28.10 52.21 23.34
N ALA L 279 26.94 51.80 23.90
CA ALA L 279 25.83 52.72 24.13
C ALA L 279 26.21 53.82 25.12
N VAL L 280 26.97 53.48 26.16
CA VAL L 280 27.38 54.44 27.19
C VAL L 280 28.42 55.43 26.62
N ARG L 281 29.39 54.94 25.82
CA ARG L 281 30.41 55.81 25.22
C ARG L 281 29.82 56.72 24.14
N MET L 282 28.97 56.17 23.27
CA MET L 282 28.39 56.95 22.17
C MET L 282 27.53 58.09 22.72
N ARG L 283 26.66 57.82 23.70
CA ARG L 283 25.81 58.86 24.29
C ARG L 283 26.64 59.96 24.97
N ALA L 284 27.77 59.60 25.60
CA ALA L 284 28.63 60.58 26.26
C ALA L 284 29.33 61.48 25.24
N ALA L 285 29.88 60.90 24.15
CA ALA L 285 30.55 61.67 23.10
C ALA L 285 29.55 62.52 22.30
N GLN L 286 28.32 62.00 22.11
CA GLN L 286 27.25 62.70 21.39
C GLN L 286 26.83 63.97 22.14
N THR L 287 26.72 63.89 23.47
CA THR L 287 26.36 65.05 24.31
C THR L 287 27.43 66.14 24.18
N THR L 288 28.71 65.74 24.23
CA THR L 288 29.83 66.67 24.09
C THR L 288 29.86 67.29 22.68
N ALA L 289 29.61 66.48 21.64
CA ALA L 289 29.60 66.96 20.25
C ALA L 289 28.46 67.94 19.98
N GLY L 290 27.28 67.66 20.51
CA GLY L 290 26.14 68.56 20.35
C GLY L 290 26.38 69.94 20.93
N GLU L 291 27.07 69.99 22.08
CA GLU L 291 27.42 71.26 22.73
C GLU L 291 28.57 71.94 22.00
N LEU L 292 29.61 71.19 21.60
CA LEU L 292 30.77 71.76 20.89
C LEU L 292 30.38 72.36 19.54
N ALA L 293 29.49 71.70 18.77
CA ALA L 293 29.07 72.23 17.47
C ALA L 293 28.42 73.61 17.57
N GLU L 294 27.64 73.84 18.64
CA GLU L 294 26.97 75.12 18.85
C GLU L 294 27.96 76.18 19.36
N ARG L 295 28.90 75.80 20.23
CA ARG L 295 29.90 76.72 20.78
C ARG L 295 30.89 77.16 19.69
N LEU L 296 31.31 76.24 18.80
CA LEU L 296 32.23 76.57 17.72
C LEU L 296 31.57 77.41 16.62
N ALA L 297 30.25 77.31 16.45
CA ALA L 297 29.52 78.11 15.45
C ALA L 297 29.60 79.61 15.77
N ALA L 298 29.63 79.98 17.07
CA ALA L 298 29.73 81.38 17.48
C ALA L 298 31.11 82.01 17.17
N HIS L 299 32.16 81.20 16.93
CA HIS L 299 33.48 81.72 16.62
C HIS L 299 33.49 82.36 15.22
N PRO L 300 34.10 83.55 15.01
CA PRO L 300 34.06 84.16 13.66
C PRO L 300 34.94 83.48 12.62
N ALA L 301 35.99 82.75 13.03
CA ALA L 301 36.88 82.07 12.10
C ALA L 301 36.21 80.92 11.34
N ILE L 302 35.13 80.33 11.89
CA ILE L 302 34.43 79.23 11.25
C ILE L 302 33.20 79.77 10.51
N THR L 303 33.07 79.45 9.21
CA THR L 303 31.95 79.92 8.39
C THR L 303 30.72 79.03 8.56
N ALA L 304 30.90 77.70 8.56
CA ALA L 304 29.78 76.76 8.70
C ALA L 304 30.20 75.54 9.51
N VAL L 305 29.28 75.06 10.37
CA VAL L 305 29.50 73.87 11.21
C VAL L 305 28.49 72.81 10.76
N HIS L 306 29.00 71.66 10.29
CA HIS L 306 28.16 70.56 9.84
C HIS L 306 27.99 69.55 10.97
N TYR L 307 26.75 69.32 11.40
CA TYR L 307 26.43 68.35 12.45
C TYR L 307 24.96 67.93 12.25
N PRO L 308 24.61 66.63 12.12
CA PRO L 308 23.19 66.28 11.87
C PRO L 308 22.18 66.95 12.82
N GLY L 309 21.31 67.80 12.27
CA GLY L 309 20.30 68.49 13.05
C GLY L 309 20.58 69.90 13.53
N LEU L 310 21.77 70.48 13.22
CA LEU L 310 22.08 71.84 13.64
C LEU L 310 21.33 72.78 12.68
N ASN L 311 20.27 73.44 13.17
CA ASN L 311 19.41 74.35 12.39
C ASN L 311 18.89 73.69 11.11
N ASP L 314 19.24 69.29 7.55
CA ASP L 314 18.36 68.15 7.83
C ASP L 314 16.90 68.48 7.43
N PRO L 315 16.60 68.75 6.14
CA PRO L 315 15.22 69.12 5.77
C PRO L 315 14.25 67.94 5.60
N ARG L 316 14.76 66.70 5.39
CA ARG L 316 13.91 65.53 5.17
C ARG L 316 13.37 64.87 6.47
N GLY L 317 13.77 65.37 7.63
CA GLY L 317 13.31 64.80 8.90
C GLY L 317 13.86 63.42 9.18
N LEU L 318 15.12 63.18 8.76
CA LEU L 318 15.77 61.89 8.97
C LEU L 318 16.18 61.71 10.44
N LEU L 319 16.50 62.80 11.14
CA LEU L 319 16.86 62.73 12.55
C LEU L 319 15.56 62.53 13.34
N GLY L 320 15.22 61.26 13.58
CA GLY L 320 14.00 60.86 14.26
C GLY L 320 13.42 59.62 13.60
N ARG L 321 13.36 59.62 12.27
CA ARG L 321 12.87 58.49 11.48
C ARG L 321 13.98 57.45 11.28
N GLN L 322 15.20 57.90 10.94
CA GLN L 322 16.35 57.05 10.63
C GLN L 322 17.42 57.05 11.73
N MET L 323 17.78 58.24 12.26
CA MET L 323 18.82 58.38 13.28
C MET L 323 18.23 58.82 14.61
N SER L 324 18.52 58.07 15.70
CA SER L 324 18.05 58.44 17.03
C SER L 324 19.01 59.42 17.76
N GLY L 325 19.99 59.99 17.05
CA GLY L 325 20.93 60.93 17.65
C GLY L 325 21.81 61.60 16.62
N GLY L 326 22.40 62.72 17.00
CA GLY L 326 23.24 63.53 16.13
C GLY L 326 24.61 62.95 15.80
N GLY L 327 25.12 62.07 16.65
CA GLY L 327 26.45 61.47 16.44
C GLY L 327 27.54 62.16 17.23
N ALA L 328 28.79 61.73 17.04
CA ALA L 328 29.95 62.33 17.71
C ALA L 328 30.99 62.88 16.74
N MET L 329 30.63 63.11 15.46
CA MET L 329 31.54 63.63 14.43
C MET L 329 31.10 65.03 14.05
N ILE L 330 32.05 65.95 13.81
CA ILE L 330 31.76 67.33 13.42
C ILE L 330 32.74 67.78 12.34
N ALA L 331 32.22 68.16 11.16
CA ALA L 331 33.04 68.73 10.08
C ALA L 331 32.76 70.24 10.03
N LEU L 332 33.78 71.07 9.75
CA LEU L 332 33.57 72.52 9.72
C LEU L 332 34.48 73.24 8.70
N GLU L 333 33.92 74.25 8.01
CA GLU L 333 34.64 75.05 7.02
C GLU L 333 35.23 76.29 7.69
N LEU L 334 36.49 76.62 7.40
CA LEU L 334 37.16 77.79 7.97
C LEU L 334 37.22 78.93 6.95
N ALA L 335 37.22 80.18 7.44
CA ALA L 335 37.23 81.37 6.58
C ALA L 335 38.56 81.72 5.90
N GLY L 336 39.63 80.98 6.14
CA GLY L 336 40.92 81.24 5.49
C GLY L 336 41.36 80.19 4.48
N GLY L 337 40.49 79.22 4.19
CA GLY L 337 40.79 78.18 3.22
C GLY L 337 41.76 77.15 3.76
N PHE L 338 42.76 76.81 2.95
CA PHE L 338 43.76 75.79 3.29
C PHE L 338 44.76 76.25 4.36
N ASP L 339 45.15 77.54 4.36
CA ASP L 339 46.11 78.07 5.35
C ASP L 339 45.55 78.04 6.78
N ALA L 340 44.30 78.47 6.98
CA ALA L 340 43.68 78.44 8.30
C ALA L 340 43.46 77.00 8.75
N ALA L 341 43.03 76.12 7.83
CA ALA L 341 42.82 74.70 8.13
C ALA L 341 44.14 74.03 8.58
N ARG L 342 45.26 74.38 7.92
CA ARG L 342 46.57 73.84 8.28
C ARG L 342 47.01 74.34 9.67
N SER L 343 46.85 75.64 9.93
CA SER L 343 47.26 76.27 11.19
C SER L 343 46.45 75.76 12.38
N PHE L 344 45.12 75.65 12.23
CA PHE L 344 44.22 75.16 13.27
C PHE L 344 44.58 73.74 13.71
N VAL L 345 44.90 72.86 12.74
CA VAL L 345 45.30 71.47 13.01
C VAL L 345 46.63 71.43 13.78
N GLU L 346 47.63 72.19 13.32
CA GLU L 346 48.97 72.19 13.92
C GLU L 346 49.04 72.84 15.31
N HIS L 347 48.19 73.83 15.61
CA HIS L 347 48.21 74.50 16.91
C HIS L 347 47.40 73.77 18.01
N CYS L 348 46.74 72.64 17.70
CA CYS L 348 46.01 71.87 18.70
C CYS L 348 47.01 71.12 19.57
N SER L 349 46.82 71.11 20.91
CA SER L 349 47.71 70.44 21.85
C SER L 349 47.01 69.22 22.51
N LEU L 350 45.84 69.44 23.15
CA LEU L 350 45.06 68.38 23.78
C LEU L 350 44.42 67.52 22.68
N VAL L 351 43.79 68.16 21.69
CA VAL L 351 43.19 67.45 20.57
C VAL L 351 44.35 67.02 19.67
N VAL L 352 44.45 65.72 19.38
CA VAL L 352 45.56 65.17 18.61
C VAL L 352 45.29 65.12 17.12
N HIS L 353 46.24 65.62 16.29
CA HIS L 353 46.12 65.58 14.84
C HIS L 353 46.48 64.20 14.33
N ALA L 354 45.46 63.38 14.03
CA ALA L 354 45.64 62.02 13.54
C ALA L 354 44.41 61.55 12.75
N VAL L 355 44.60 60.55 11.88
CA VAL L 355 43.47 59.96 11.13
C VAL L 355 42.67 59.03 12.10
N SER L 356 41.53 58.47 11.66
CA SER L 356 40.67 57.57 12.46
C SER L 356 39.71 58.36 13.37
N LEU L 357 38.73 57.64 13.96
CA LEU L 357 37.66 58.21 14.76
C LEU L 357 37.07 57.16 15.74
N GLY L 358 36.10 57.56 16.58
CA GLY L 358 35.45 56.66 17.52
C GLY L 358 36.19 56.28 18.78
N GLY L 359 37.39 56.81 18.97
CA GLY L 359 38.19 56.50 20.15
C GLY L 359 37.80 57.30 21.38
N ALA L 360 38.43 57.01 22.51
CA ALA L 360 38.18 57.72 23.77
C ALA L 360 38.70 59.16 23.73
N ASP L 361 39.71 59.46 22.88
CA ASP L 361 40.28 60.80 22.76
C ASP L 361 39.80 61.52 21.50
N THR L 362 39.84 62.85 21.53
CA THR L 362 39.39 63.71 20.44
C THR L 362 40.49 63.86 19.39
N LEU L 363 40.18 63.50 18.13
CA LEU L 363 41.14 63.59 17.03
C LEU L 363 40.67 64.62 15.99
N ILE L 364 41.62 65.20 15.26
CA ILE L 364 41.36 66.21 14.25
C ILE L 364 42.19 65.92 12.99
N GLN L 365 41.62 66.16 11.79
CA GLN L 365 42.30 65.83 10.54
C GLN L 365 41.85 66.74 9.41
N HIS L 366 42.76 67.00 8.46
CA HIS L 366 42.53 67.82 7.28
C HIS L 366 42.32 66.86 6.07
N PRO L 367 41.07 66.51 5.66
CA PRO L 367 40.91 65.56 4.54
C PRO L 367 41.53 65.98 3.20
N ALA L 368 41.78 67.28 2.99
CA ALA L 368 42.41 67.78 1.76
C ALA L 368 43.87 67.30 1.60
N SER L 369 44.49 66.71 2.65
CA SER L 369 45.88 66.24 2.60
C SER L 369 46.16 65.22 3.71
N GLY L 382 35.90 70.57 -0.11
CA GLY L 382 36.50 71.89 0.06
C GLY L 382 37.83 71.84 0.78
N ASP L 383 38.74 72.76 0.45
CA ASP L 383 40.07 72.83 1.06
C ASP L 383 40.03 73.25 2.53
N GLY L 384 39.11 74.15 2.89
CA GLY L 384 38.99 74.63 4.26
C GLY L 384 38.23 73.72 5.22
N LEU L 385 37.76 72.54 4.76
CA LEU L 385 37.00 71.63 5.63
C LEU L 385 37.92 70.89 6.59
N ILE L 386 37.48 70.74 7.85
CA ILE L 386 38.24 70.07 8.92
C ILE L 386 37.29 69.11 9.65
N ARG L 387 37.66 67.82 9.72
CA ARG L 387 36.86 66.80 10.41
C ARG L 387 37.35 66.70 11.87
N LEU L 388 36.42 66.41 12.80
CA LEU L 388 36.74 66.32 14.22
C LEU L 388 35.95 65.19 14.89
N SER L 389 36.65 64.16 15.39
CA SER L 389 36.04 63.04 16.10
C SER L 389 36.01 63.39 17.58
N VAL L 390 34.82 63.51 18.18
CA VAL L 390 34.70 63.89 19.58
C VAL L 390 34.83 62.67 20.49
N GLY L 391 35.72 62.76 21.48
CA GLY L 391 35.98 61.70 22.44
C GLY L 391 35.16 61.83 23.71
N LEU L 392 35.71 61.37 24.84
CA LEU L 392 35.05 61.39 26.15
C LEU L 392 35.66 62.42 27.12
N GLU L 393 36.30 63.48 26.62
CA GLU L 393 36.87 64.51 27.49
C GLU L 393 35.79 65.53 27.88
N HIS L 394 36.08 66.40 28.87
CA HIS L 394 35.14 67.42 29.30
C HIS L 394 34.90 68.42 28.15
N VAL L 395 33.68 68.96 28.08
CA VAL L 395 33.28 69.86 27.00
C VAL L 395 34.07 71.18 27.07
N ASP L 396 34.30 71.72 28.28
CA ASP L 396 35.03 72.97 28.45
C ASP L 396 36.51 72.86 28.04
N ASP L 397 37.19 71.78 28.42
CA ASP L 397 38.59 71.59 28.06
C ASP L 397 38.81 71.45 26.55
N LEU L 398 37.85 70.84 25.84
CA LEU L 398 37.98 70.69 24.39
C LEU L 398 37.75 72.02 23.69
N GLU L 399 36.78 72.84 24.13
CA GLU L 399 36.55 74.14 23.51
C GLU L 399 37.73 75.09 23.77
N ASP L 400 38.33 75.05 24.97
CA ASP L 400 39.47 75.92 25.28
C ASP L 400 40.66 75.63 24.36
N ASP L 401 40.91 74.35 24.08
CA ASP L 401 42.01 73.95 23.20
C ASP L 401 41.74 74.33 21.73
N LEU L 402 40.51 74.13 21.25
CA LEU L 402 40.16 74.45 19.87
C LEU L 402 40.13 75.97 19.64
N ILE L 403 39.65 76.74 20.63
CA ILE L 403 39.62 78.21 20.54
C ILE L 403 41.08 78.73 20.52
N ALA L 404 41.97 78.17 21.36
CA ALA L 404 43.38 78.58 21.38
C ALA L 404 44.04 78.34 20.01
N ALA L 405 43.72 77.21 19.36
CA ALA L 405 44.28 76.88 18.04
C ALA L 405 43.73 77.81 16.95
N LEU L 406 42.44 78.20 17.03
CA LEU L 406 41.84 79.12 16.07
C LEU L 406 42.43 80.53 16.22
N ASP L 407 42.61 80.99 17.47
CA ASP L 407 43.19 82.29 17.76
C ASP L 407 44.69 82.39 17.42
N ALA L 408 45.40 81.24 17.31
CA ALA L 408 46.81 81.24 16.96
C ALA L 408 47.11 81.64 15.48
N SER L 409 46.12 82.22 14.77
CA SER L 409 46.32 82.73 13.40
C SER L 409 45.35 83.87 13.12
N SER M 23 -36.02 -57.53 -44.41
CA SER M 23 -34.83 -58.33 -44.12
C SER M 23 -33.83 -57.52 -43.26
N MET M 24 -34.34 -56.71 -42.31
CA MET M 24 -33.48 -55.91 -41.45
C MET M 24 -33.09 -56.73 -40.21
N HIS M 25 -31.88 -56.49 -39.69
CA HIS M 25 -31.39 -57.16 -38.48
C HIS M 25 -32.14 -56.63 -37.23
N PRO M 26 -32.17 -57.37 -36.08
CA PRO M 26 -32.88 -56.83 -34.90
C PRO M 26 -32.33 -55.50 -34.37
N GLU M 27 -31.02 -55.24 -34.54
CA GLU M 27 -30.40 -53.99 -34.08
C GLU M 27 -30.95 -52.79 -34.85
N THR M 28 -31.17 -52.94 -36.17
CA THR M 28 -31.74 -51.89 -37.01
C THR M 28 -33.22 -51.70 -36.66
N LEU M 29 -33.96 -52.81 -36.48
CA LEU M 29 -35.39 -52.78 -36.12
C LEU M 29 -35.66 -52.08 -34.79
N MET M 30 -34.72 -52.15 -33.83
CA MET M 30 -34.90 -51.47 -32.54
C MET M 30 -34.89 -49.95 -32.72
N VAL M 31 -34.06 -49.44 -33.64
CA VAL M 31 -33.95 -48.00 -33.89
C VAL M 31 -35.14 -47.46 -34.69
N HIS M 32 -35.45 -48.07 -35.84
CA HIS M 32 -36.50 -47.60 -36.74
C HIS M 32 -37.89 -48.25 -36.56
N GLY M 33 -38.05 -49.12 -35.57
CA GLY M 33 -39.33 -49.76 -35.32
C GLY M 33 -40.36 -48.79 -34.77
N GLY M 34 -41.54 -48.79 -35.36
CA GLY M 34 -42.61 -47.88 -34.96
C GLY M 34 -42.38 -46.43 -35.32
N MET M 35 -41.47 -46.17 -36.28
CA MET M 35 -41.12 -44.81 -36.73
C MET M 35 -41.55 -44.60 -38.20
N ASP M 36 -42.60 -45.29 -38.67
CA ASP M 36 -43.04 -45.17 -40.06
C ASP M 36 -43.84 -43.90 -40.27
N GLY M 37 -43.58 -43.23 -41.39
CA GLY M 37 -44.27 -41.98 -41.74
C GLY M 37 -43.74 -40.72 -41.09
N LEU M 38 -42.82 -40.82 -40.11
CA LEU M 38 -42.28 -39.64 -39.45
C LEU M 38 -41.33 -38.89 -40.39
N THR M 39 -40.48 -39.61 -41.13
CA THR M 39 -39.57 -38.99 -42.10
C THR M 39 -40.34 -38.28 -43.21
N GLU M 40 -41.47 -38.86 -43.64
CA GLU M 40 -42.32 -38.28 -44.69
C GLU M 40 -43.00 -37.01 -44.17
N ALA M 41 -43.39 -36.98 -42.88
CA ALA M 41 -44.00 -35.81 -42.26
C ALA M 41 -42.99 -34.70 -41.87
N GLY M 42 -41.69 -34.92 -42.11
CA GLY M 42 -40.65 -33.95 -41.79
C GLY M 42 -40.32 -33.82 -40.32
N VAL M 43 -40.44 -34.93 -39.55
CA VAL M 43 -40.14 -34.95 -38.11
C VAL M 43 -39.15 -36.10 -37.78
N HIS M 44 -38.42 -35.97 -36.67
CA HIS M 44 -37.39 -36.92 -36.26
C HIS M 44 -37.90 -37.99 -35.28
N VAL M 45 -38.61 -37.57 -34.23
CA VAL M 45 -39.14 -38.46 -33.18
C VAL M 45 -40.69 -38.36 -33.12
N PRO M 46 -41.44 -39.39 -32.64
CA PRO M 46 -42.91 -39.24 -32.60
C PRO M 46 -43.36 -38.20 -31.59
N ALA M 47 -44.39 -37.41 -31.94
CA ALA M 47 -44.88 -36.37 -31.07
C ALA M 47 -45.73 -36.96 -29.93
N ILE M 48 -45.78 -36.26 -28.79
CA ILE M 48 -46.55 -36.69 -27.63
C ILE M 48 -47.91 -35.97 -27.69
N ASP M 49 -48.96 -36.70 -28.11
CA ASP M 49 -50.31 -36.14 -28.20
C ASP M 49 -51.06 -36.43 -26.91
N LEU M 50 -51.18 -35.44 -26.03
CA LEU M 50 -51.86 -35.63 -24.74
C LEU M 50 -53.40 -35.63 -24.83
N SER M 51 -53.98 -35.36 -26.02
CA SER M 51 -55.43 -35.31 -26.23
C SER M 51 -56.20 -36.46 -25.61
N THR M 52 -57.19 -36.14 -24.75
CA THR M 52 -58.05 -37.14 -24.13
C THR M 52 -59.13 -37.55 -25.12
N THR M 53 -59.72 -36.56 -25.82
CA THR M 53 -60.75 -36.79 -26.83
C THR M 53 -60.20 -36.50 -28.22
N ASN M 54 -60.81 -37.10 -29.25
CA ASN M 54 -60.38 -36.96 -30.64
C ASN M 54 -61.61 -36.63 -31.52
N PRO M 55 -61.74 -35.40 -32.09
CA PRO M 55 -62.92 -35.10 -32.90
C PRO M 55 -63.20 -36.02 -34.08
N VAL M 56 -64.48 -36.12 -34.47
CA VAL M 56 -64.95 -36.98 -35.56
C VAL M 56 -65.49 -36.13 -36.73
N ASN M 57 -65.42 -36.67 -37.95
CA ASN M 57 -65.88 -35.96 -39.15
C ASN M 57 -67.40 -35.84 -39.19
N ASP M 58 -68.11 -36.95 -38.91
CA ASP M 58 -69.57 -36.97 -38.88
C ASP M 58 -70.09 -38.04 -37.89
N VAL M 59 -71.42 -38.04 -37.62
CA VAL M 59 -72.04 -38.98 -36.68
C VAL M 59 -71.88 -40.43 -37.15
N ALA M 60 -72.11 -40.70 -38.45
CA ALA M 60 -72.01 -42.05 -38.99
C ALA M 60 -70.60 -42.65 -38.87
N THR M 61 -69.54 -41.94 -39.30
CA THR M 61 -68.17 -42.47 -39.20
C THR M 61 -67.68 -42.47 -37.76
N GLY M 62 -68.06 -41.46 -36.99
CA GLY M 62 -67.68 -41.36 -35.58
C GLY M 62 -68.24 -42.50 -34.74
N GLY M 63 -69.51 -42.82 -34.96
CA GLY M 63 -70.16 -43.92 -34.27
C GLY M 63 -69.62 -45.28 -34.66
N ASP M 64 -69.31 -45.47 -35.96
CA ASP M 64 -68.75 -46.73 -36.44
C ASP M 64 -67.33 -46.91 -35.91
N SER M 65 -66.51 -45.85 -35.91
CA SER M 65 -65.15 -45.92 -35.37
C SER M 65 -65.19 -46.22 -33.86
N TYR M 66 -66.18 -45.67 -33.14
CA TYR M 66 -66.35 -45.94 -31.71
C TYR M 66 -66.60 -47.43 -31.49
N GLU M 67 -67.58 -48.03 -32.21
CA GLU M 67 -67.94 -49.43 -32.07
C GLU M 67 -66.78 -50.35 -32.50
N TRP M 68 -66.08 -49.98 -33.58
CA TRP M 68 -64.93 -50.74 -34.09
C TRP M 68 -63.84 -50.87 -33.01
N LEU M 69 -63.50 -49.76 -32.34
CA LEU M 69 -62.45 -49.77 -31.32
C LEU M 69 -62.93 -50.36 -29.99
N ALA M 70 -64.21 -50.12 -29.59
CA ALA M 70 -64.76 -50.66 -28.34
C ALA M 70 -64.81 -52.18 -28.36
N THR M 71 -65.04 -52.79 -29.56
CA THR M 71 -65.03 -54.24 -29.73
C THR M 71 -63.59 -54.81 -29.91
N GLY M 72 -62.57 -54.06 -29.51
CA GLY M 72 -61.18 -54.48 -29.55
C GLY M 72 -60.43 -54.46 -30.87
N HIS M 73 -61.02 -53.93 -31.96
CA HIS M 73 -60.30 -53.86 -33.25
C HIS M 73 -59.27 -52.73 -33.26
N ALA M 74 -58.23 -52.87 -34.10
CA ALA M 74 -57.18 -51.86 -34.27
C ALA M 74 -57.71 -50.68 -35.10
N LEU M 75 -57.10 -49.50 -34.94
CA LEU M 75 -57.54 -48.31 -35.65
C LEU M 75 -57.25 -48.39 -37.14
N LYS M 76 -58.26 -48.09 -37.97
CA LYS M 76 -58.10 -48.06 -39.42
C LYS M 76 -57.40 -46.76 -39.80
N ASP M 77 -56.54 -46.78 -40.83
CA ASP M 77 -55.83 -45.58 -41.27
C ASP M 77 -56.82 -44.53 -41.79
N GLY M 78 -56.65 -43.29 -41.32
CA GLY M 78 -57.52 -42.18 -41.69
C GLY M 78 -58.68 -41.96 -40.73
N ASP M 79 -59.08 -43.00 -39.98
CA ASP M 79 -60.18 -42.90 -39.02
C ASP M 79 -59.75 -42.18 -37.75
N SER M 80 -60.71 -41.55 -37.07
CA SER M 80 -60.46 -40.83 -35.82
C SER M 80 -60.32 -41.81 -34.66
N ALA M 81 -59.42 -41.50 -33.71
CA ALA M 81 -59.22 -42.33 -32.52
C ALA M 81 -60.42 -42.27 -31.54
N VAL M 82 -61.33 -41.28 -31.69
CA VAL M 82 -62.55 -41.03 -30.89
C VAL M 82 -62.22 -40.61 -29.43
N TYR M 83 -61.55 -41.48 -28.67
CA TYR M 83 -61.20 -41.23 -27.27
C TYR M 83 -59.92 -41.99 -26.92
N GLN M 84 -59.16 -41.49 -25.92
CA GLN M 84 -57.89 -42.09 -25.54
C GLN M 84 -58.04 -43.50 -24.96
N ARG M 85 -59.15 -43.78 -24.25
CA ARG M 85 -59.39 -45.12 -23.71
C ARG M 85 -59.68 -46.16 -24.83
N LEU M 86 -59.98 -45.70 -26.06
CA LEU M 86 -60.23 -46.54 -27.22
C LEU M 86 -58.95 -46.68 -28.05
N TRP M 87 -58.22 -45.56 -28.29
CA TRP M 87 -56.98 -45.58 -29.06
C TRP M 87 -56.12 -44.33 -28.79
N GLN M 88 -54.78 -44.49 -28.83
CA GLN M 88 -53.82 -43.39 -28.65
C GLN M 88 -52.67 -43.62 -29.66
N PRO M 89 -52.26 -42.63 -30.47
CA PRO M 89 -51.22 -42.89 -31.50
C PRO M 89 -49.80 -43.21 -30.99
N GLY M 90 -49.38 -42.54 -29.92
CA GLY M 90 -48.06 -42.78 -29.34
C GLY M 90 -47.91 -44.16 -28.76
N VAL M 91 -49.00 -44.67 -28.14
CA VAL M 91 -49.02 -46.02 -27.57
C VAL M 91 -48.98 -47.01 -28.74
N ALA M 92 -49.80 -46.78 -29.78
CA ALA M 92 -49.83 -47.63 -30.98
C ALA M 92 -48.46 -47.74 -31.66
N ARG M 93 -47.64 -46.67 -31.65
CA ARG M 93 -46.29 -46.72 -32.24
C ARG M 93 -45.39 -47.64 -31.42
N PHE M 94 -45.47 -47.57 -30.09
CA PHE M 94 -44.71 -48.45 -29.20
C PHE M 94 -45.16 -49.91 -29.39
N GLU M 95 -46.48 -50.12 -29.57
CA GLU M 95 -47.06 -51.44 -29.78
C GLU M 95 -46.53 -52.09 -31.07
N THR M 96 -46.52 -51.35 -32.19
CA THR M 96 -46.03 -51.89 -33.46
C THR M 96 -44.51 -52.13 -33.40
N ALA M 97 -43.76 -51.31 -32.64
CA ALA M 97 -42.32 -51.48 -32.51
C ALA M 97 -41.96 -52.80 -31.83
N LEU M 98 -42.62 -53.16 -30.71
CA LEU M 98 -42.33 -54.41 -30.01
C LEU M 98 -42.85 -55.62 -30.79
N ALA M 99 -44.04 -55.53 -31.42
CA ALA M 99 -44.59 -56.63 -32.19
C ALA M 99 -43.63 -57.10 -33.31
N GLU M 100 -42.93 -56.15 -33.97
CA GLU M 100 -41.95 -56.48 -35.00
C GLU M 100 -40.74 -57.21 -34.41
N LEU M 101 -40.32 -56.83 -33.20
CA LEU M 101 -39.17 -57.43 -32.53
C LEU M 101 -39.49 -58.86 -32.08
N GLU M 102 -40.69 -59.09 -31.52
CA GLU M 102 -41.12 -60.42 -31.08
C GLU M 102 -41.70 -61.29 -32.21
N HIS M 103 -41.79 -60.77 -33.46
CA HIS M 103 -42.36 -61.47 -34.61
C HIS M 103 -43.85 -61.80 -34.40
N ALA M 104 -44.57 -60.93 -33.68
CA ALA M 104 -46.00 -61.08 -33.41
C ALA M 104 -46.82 -60.21 -34.37
N ASP M 105 -48.09 -60.57 -34.57
CA ASP M 105 -48.96 -59.81 -35.47
C ASP M 105 -49.25 -58.42 -34.88
N GLU M 106 -49.69 -58.37 -33.61
CA GLU M 106 -50.05 -57.12 -32.91
C GLU M 106 -49.55 -57.14 -31.44
N ALA M 107 -49.65 -56.00 -30.74
CA ALA M 107 -49.30 -55.89 -29.33
C ALA M 107 -50.23 -54.90 -28.63
N VAL M 108 -50.50 -55.11 -27.33
CA VAL M 108 -51.40 -54.25 -26.54
C VAL M 108 -50.64 -53.77 -25.30
N ALA M 109 -50.56 -52.44 -25.09
CA ALA M 109 -49.84 -51.84 -23.96
C ALA M 109 -50.79 -51.35 -22.86
N PHE M 110 -50.30 -51.39 -21.61
CA PHE M 110 -51.02 -51.04 -20.38
C PHE M 110 -50.13 -50.23 -19.42
N ALA M 111 -50.72 -49.66 -18.35
CA ALA M 111 -50.01 -48.83 -17.35
C ALA M 111 -48.80 -49.51 -16.71
N THR M 112 -48.93 -50.80 -16.32
CA THR M 112 -47.86 -51.59 -15.67
C THR M 112 -47.85 -53.04 -16.21
N GLY M 113 -46.81 -53.81 -15.89
CA GLY M 113 -46.73 -55.22 -16.25
C GLY M 113 -47.86 -56.03 -15.62
N MET M 114 -48.25 -55.65 -14.38
CA MET M 114 -49.36 -56.31 -13.69
C MET M 114 -50.71 -56.00 -14.33
N ALA M 115 -50.88 -54.81 -14.93
CA ALA M 115 -52.11 -54.46 -15.64
C ALA M 115 -52.28 -55.32 -16.89
N ALA M 116 -51.15 -55.65 -17.56
CA ALA M 116 -51.17 -56.52 -18.73
C ALA M 116 -51.57 -57.93 -18.30
N MET M 117 -51.01 -58.44 -17.18
CA MET M 117 -51.36 -59.76 -16.64
C MET M 117 -52.84 -59.78 -16.26
N THR M 118 -53.32 -58.72 -15.61
CA THR M 118 -54.71 -58.59 -15.19
C THR M 118 -55.66 -58.67 -16.39
N ALA M 119 -55.36 -57.92 -17.47
CA ALA M 119 -56.21 -57.94 -18.65
C ALA M 119 -56.14 -59.27 -19.39
N ALA M 120 -54.99 -59.96 -19.36
CA ALA M 120 -54.84 -61.27 -19.99
C ALA M 120 -55.67 -62.32 -19.28
N LEU M 121 -55.71 -62.26 -17.93
CA LEU M 121 -56.50 -63.19 -17.13
C LEU M 121 -57.99 -62.88 -17.28
N LEU M 122 -58.37 -61.60 -17.28
CA LEU M 122 -59.76 -61.21 -17.45
C LEU M 122 -60.26 -61.58 -18.85
N ALA M 123 -59.40 -61.50 -19.88
CA ALA M 123 -59.79 -61.89 -21.24
C ALA M 123 -60.13 -63.38 -21.31
N ALA M 124 -59.39 -64.21 -20.57
CA ALA M 124 -59.62 -65.66 -20.52
C ALA M 124 -60.91 -65.97 -19.75
N VAL M 125 -61.14 -65.29 -18.60
CA VAL M 125 -62.34 -65.48 -17.77
C VAL M 125 -63.58 -65.14 -18.60
N ASN M 126 -63.54 -64.00 -19.32
CA ASN M 126 -64.66 -63.56 -20.15
C ASN M 126 -64.98 -64.56 -21.27
N ALA M 127 -63.96 -65.25 -21.80
CA ALA M 127 -64.17 -66.26 -22.85
C ALA M 127 -64.65 -67.63 -22.31
N GLY M 128 -65.04 -67.71 -21.03
CA GLY M 128 -65.51 -68.94 -20.42
C GLY M 128 -64.40 -69.93 -20.10
N THR M 129 -63.16 -69.45 -19.91
CA THR M 129 -62.01 -70.30 -19.58
C THR M 129 -61.28 -69.70 -18.37
N PRO M 130 -61.86 -69.76 -17.15
CA PRO M 130 -61.20 -69.14 -15.99
C PRO M 130 -60.02 -69.93 -15.40
N HIS M 131 -59.81 -71.19 -15.80
CA HIS M 131 -58.71 -71.99 -15.25
C HIS M 131 -57.40 -71.69 -15.96
N ILE M 132 -56.30 -71.58 -15.20
CA ILE M 132 -54.96 -71.29 -15.71
C ILE M 132 -53.99 -72.34 -15.14
N VAL M 133 -53.12 -72.90 -15.99
CA VAL M 133 -52.07 -73.83 -15.60
C VAL M 133 -50.78 -73.00 -15.55
N ALA M 134 -50.03 -73.04 -14.44
CA ALA M 134 -48.82 -72.23 -14.33
C ALA M 134 -47.68 -72.96 -13.63
N VAL M 135 -46.43 -72.68 -14.05
CA VAL M 135 -45.24 -73.25 -13.41
C VAL M 135 -44.97 -72.45 -12.14
N ARG M 136 -44.59 -73.13 -11.04
CA ARG M 136 -44.40 -72.43 -9.75
C ARG M 136 -43.35 -71.29 -9.74
N PRO M 137 -42.14 -71.43 -10.35
CA PRO M 137 -41.18 -70.31 -10.28
C PRO M 137 -41.61 -69.12 -11.18
N LEU M 138 -42.39 -68.20 -10.58
CA LEU M 138 -42.92 -66.99 -11.23
C LEU M 138 -42.64 -65.73 -10.38
N TYR M 139 -42.85 -64.53 -10.95
CA TYR M 139 -42.70 -63.28 -10.21
C TYR M 139 -43.79 -63.25 -9.11
N GLY M 140 -43.40 -62.76 -7.93
CA GLY M 140 -44.26 -62.67 -6.74
C GLY M 140 -45.67 -62.16 -6.95
N GLY M 141 -45.80 -61.05 -7.66
CA GLY M 141 -47.10 -60.45 -7.94
C GLY M 141 -47.97 -61.32 -8.83
N SER M 142 -47.38 -61.88 -9.90
CA SER M 142 -48.09 -62.78 -10.81
C SER M 142 -48.57 -64.02 -10.06
N ASP M 143 -47.73 -64.55 -9.16
CA ASP M 143 -48.04 -65.72 -8.33
C ASP M 143 -49.19 -65.39 -7.36
N HIS M 144 -49.11 -64.24 -6.67
CA HIS M 144 -50.13 -63.83 -5.71
C HIS M 144 -51.48 -63.53 -6.39
N LEU M 145 -51.47 -62.94 -7.59
CA LEU M 145 -52.70 -62.63 -8.33
C LEU M 145 -53.45 -63.91 -8.72
N LEU M 146 -52.71 -64.98 -9.09
CA LEU M 146 -53.33 -66.26 -9.45
C LEU M 146 -53.84 -66.99 -8.20
N GLU M 147 -53.06 -66.99 -7.11
CA GLU M 147 -53.42 -67.66 -5.86
C GLU M 147 -54.69 -67.07 -5.22
N THR M 148 -54.81 -65.74 -5.19
CA THR M 148 -55.96 -65.06 -4.60
C THR M 148 -57.26 -65.34 -5.36
N GLY M 149 -57.18 -65.41 -6.68
CA GLY M 149 -58.35 -65.62 -7.51
C GLY M 149 -59.27 -64.40 -7.51
N LEU M 150 -58.65 -63.20 -7.51
CA LEU M 150 -59.38 -61.93 -7.47
C LEU M 150 -60.19 -61.69 -8.73
N LEU M 151 -59.62 -62.03 -9.89
CA LEU M 151 -60.27 -61.82 -11.18
C LEU M 151 -61.16 -63.01 -11.61
N GLY M 152 -61.64 -63.79 -10.66
CA GLY M 152 -62.47 -64.96 -10.94
C GLY M 152 -61.72 -66.09 -11.62
N THR M 153 -60.44 -66.29 -11.24
CA THR M 153 -59.57 -67.32 -11.82
C THR M 153 -59.31 -68.45 -10.84
N THR M 154 -59.14 -69.67 -11.37
CA THR M 154 -58.76 -70.86 -10.62
C THR M 154 -57.41 -71.30 -11.20
N VAL M 155 -56.47 -71.73 -10.35
CA VAL M 155 -55.12 -72.08 -10.80
C VAL M 155 -54.70 -73.47 -10.33
N THR M 156 -54.00 -74.22 -11.19
CA THR M 156 -53.43 -75.52 -10.90
C THR M 156 -51.94 -75.37 -11.13
N TRP M 157 -51.16 -75.38 -10.05
CA TRP M 157 -49.71 -75.23 -10.14
C TRP M 157 -49.11 -76.55 -10.63
N ALA M 158 -48.40 -76.50 -11.76
CA ALA M 158 -47.82 -77.70 -12.38
C ALA M 158 -46.36 -77.48 -12.77
N LYS M 159 -45.60 -78.58 -12.84
CA LYS M 159 -44.20 -78.56 -13.24
C LYS M 159 -44.11 -78.63 -14.79
N GLU M 160 -42.91 -78.44 -15.37
CA GLU M 160 -42.73 -78.51 -16.83
C GLU M 160 -43.26 -79.82 -17.44
N ALA M 161 -42.98 -80.97 -16.81
CA ALA M 161 -43.43 -82.26 -17.31
C ALA M 161 -44.93 -82.52 -17.05
N GLU M 162 -45.49 -81.93 -15.97
CA GLU M 162 -46.90 -82.15 -15.61
C GLU M 162 -47.86 -81.10 -16.17
N ILE M 163 -47.49 -80.41 -17.27
CA ILE M 163 -48.36 -79.39 -17.86
C ILE M 163 -49.57 -80.06 -18.51
N ALA M 164 -49.33 -81.07 -19.36
CA ALA M 164 -50.38 -81.80 -20.07
C ALA M 164 -51.44 -82.40 -19.15
N SER M 165 -51.04 -82.96 -18.00
CA SER M 165 -51.97 -83.54 -17.04
C SER M 165 -52.82 -82.49 -16.34
N ALA M 166 -52.22 -81.34 -16.00
CA ALA M 166 -52.94 -80.24 -15.35
C ALA M 166 -53.95 -79.53 -16.26
N ILE M 167 -53.91 -79.76 -17.58
CA ILE M 167 -54.83 -79.12 -18.52
C ILE M 167 -56.25 -79.64 -18.25
N GLN M 168 -57.18 -78.72 -17.95
CA GLN M 168 -58.60 -79.01 -17.71
C GLN M 168 -59.43 -78.58 -18.94
N ASP M 169 -60.69 -79.01 -19.02
CA ASP M 169 -61.58 -78.64 -20.12
C ASP M 169 -61.86 -77.12 -20.22
N ASP M 170 -61.71 -76.37 -19.11
CA ASP M 170 -61.94 -74.92 -19.08
C ASP M 170 -60.63 -74.12 -18.93
N THR M 171 -59.51 -74.59 -19.50
CA THR M 171 -58.24 -73.88 -19.40
C THR M 171 -58.15 -72.81 -20.48
N GLY M 172 -57.80 -71.60 -20.06
CA GLY M 172 -57.65 -70.47 -20.97
C GLY M 172 -56.20 -70.19 -21.34
N LEU M 173 -55.26 -70.32 -20.37
CA LEU M 173 -53.85 -70.02 -20.61
C LEU M 173 -52.89 -70.94 -19.85
N VAL M 174 -51.64 -71.03 -20.34
CA VAL M 174 -50.53 -71.76 -19.71
C VAL M 174 -49.47 -70.68 -19.48
N ILE M 175 -49.26 -70.27 -18.21
CA ILE M 175 -48.32 -69.19 -17.89
C ILE M 175 -46.94 -69.75 -17.54
N VAL M 176 -45.90 -69.28 -18.25
CA VAL M 176 -44.50 -69.68 -18.07
C VAL M 176 -43.61 -68.42 -18.06
N GLU M 177 -42.47 -68.48 -17.35
CA GLU M 177 -41.50 -67.39 -17.24
C GLU M 177 -40.10 -68.00 -17.25
N THR M 178 -39.21 -67.54 -18.15
CA THR M 178 -37.85 -68.06 -18.25
C THR M 178 -36.86 -66.98 -18.76
N PRO M 179 -35.72 -66.69 -18.06
CA PRO M 179 -35.30 -67.23 -16.75
C PRO M 179 -36.25 -66.79 -15.64
N ALA M 180 -36.56 -67.67 -14.70
CA ALA M 180 -37.50 -67.35 -13.62
C ALA M 180 -36.97 -66.29 -12.67
N ASN M 181 -37.87 -65.55 -12.03
CA ASN M 181 -37.51 -64.53 -11.07
C ASN M 181 -37.71 -65.13 -9.67
N PRO M 182 -36.71 -65.23 -8.76
CA PRO M 182 -35.29 -64.79 -8.84
C PRO M 182 -34.24 -65.83 -9.30
N SER M 183 -34.44 -67.13 -8.96
CA SER M 183 -33.53 -68.26 -9.23
C SER M 183 -32.93 -68.38 -10.64
N LEU M 184 -33.58 -67.81 -11.66
CA LEU M 184 -33.14 -67.87 -13.07
C LEU M 184 -33.19 -69.29 -13.63
N ASP M 185 -34.23 -70.06 -13.23
CA ASP M 185 -34.43 -71.42 -13.74
C ASP M 185 -34.99 -71.32 -15.15
N LEU M 186 -34.44 -72.09 -16.09
CA LEU M 186 -34.87 -72.04 -17.47
C LEU M 186 -35.97 -73.07 -17.75
N VAL M 187 -36.82 -72.79 -18.76
CA VAL M 187 -37.95 -73.64 -19.15
C VAL M 187 -37.85 -73.90 -20.65
N ASP M 188 -37.94 -75.18 -21.07
CA ASP M 188 -37.91 -75.53 -22.49
C ASP M 188 -39.27 -75.16 -23.09
N LEU M 189 -39.33 -74.06 -23.84
CA LEU M 189 -40.58 -73.56 -24.43
C LEU M 189 -41.14 -74.46 -25.53
N ASP M 190 -40.28 -75.20 -26.25
CA ASP M 190 -40.75 -76.09 -27.31
C ASP M 190 -41.58 -77.24 -26.71
N SER M 191 -41.12 -77.80 -25.58
CA SER M 191 -41.84 -78.88 -24.90
C SER M 191 -43.12 -78.38 -24.22
N VAL M 192 -43.14 -77.13 -23.73
CA VAL M 192 -44.31 -76.54 -23.08
C VAL M 192 -45.45 -76.38 -24.10
N VAL M 193 -45.14 -75.85 -25.29
CA VAL M 193 -46.15 -75.66 -26.35
C VAL M 193 -46.74 -77.02 -26.75
N ALA M 194 -45.88 -78.05 -26.87
CA ALA M 194 -46.32 -79.40 -27.22
C ALA M 194 -47.26 -79.96 -26.13
N ALA M 195 -46.93 -79.73 -24.85
CA ALA M 195 -47.75 -80.21 -23.73
C ALA M 195 -49.10 -79.49 -23.66
N ALA M 196 -49.10 -78.16 -23.91
CA ALA M 196 -50.33 -77.37 -23.88
C ALA M 196 -51.28 -77.77 -25.03
N GLY M 197 -50.72 -78.02 -26.21
CA GLY M 197 -51.51 -78.43 -27.36
C GLY M 197 -52.35 -77.29 -27.92
N THR M 198 -53.68 -77.39 -27.76
CA THR M 198 -54.59 -76.35 -28.25
C THR M 198 -54.72 -75.15 -27.30
N VAL M 199 -54.22 -75.25 -26.05
CA VAL M 199 -54.34 -74.16 -25.08
C VAL M 199 -53.26 -73.09 -25.40
N PRO M 200 -53.57 -71.78 -25.51
CA PRO M 200 -52.50 -70.81 -25.78
C PRO M 200 -51.49 -70.70 -24.64
N VAL M 201 -50.22 -70.42 -24.96
CA VAL M 201 -49.15 -70.30 -23.98
C VAL M 201 -48.74 -68.83 -23.84
N LEU M 202 -48.71 -68.32 -22.60
CA LEU M 202 -48.30 -66.96 -22.28
C LEU M 202 -46.93 -67.04 -21.62
N VAL M 203 -45.91 -66.42 -22.25
CA VAL M 203 -44.53 -66.44 -21.76
C VAL M 203 -44.12 -65.03 -21.31
N ASP M 204 -43.70 -64.88 -20.06
CA ASP M 204 -43.22 -63.61 -19.52
C ASP M 204 -41.73 -63.49 -19.90
N ASN M 205 -41.45 -62.71 -20.96
CA ASN M 205 -40.09 -62.52 -21.50
C ASN M 205 -39.45 -61.18 -21.01
N THR M 206 -39.68 -60.78 -19.76
CA THR M 206 -39.12 -59.53 -19.22
C THR M 206 -37.59 -59.60 -19.08
N PHE M 207 -37.08 -60.67 -18.47
CA PHE M 207 -35.66 -60.85 -18.21
C PHE M 207 -34.79 -61.01 -19.47
N CYS M 208 -35.26 -61.82 -20.43
CA CYS M 208 -34.51 -62.04 -21.68
C CYS M 208 -34.62 -60.87 -22.66
N THR M 209 -35.84 -60.30 -22.84
CA THR M 209 -36.15 -59.23 -23.80
C THR M 209 -36.12 -59.77 -25.26
N PRO M 210 -36.72 -59.10 -26.27
CA PRO M 210 -36.63 -59.63 -27.65
C PRO M 210 -35.21 -59.73 -28.23
N VAL M 211 -34.20 -59.21 -27.53
CA VAL M 211 -32.80 -59.27 -27.97
C VAL M 211 -32.32 -60.72 -27.87
N LEU M 212 -32.61 -61.38 -26.73
CA LEU M 212 -32.16 -62.73 -26.43
C LEU M 212 -33.17 -63.83 -26.76
N GLN M 213 -34.45 -63.61 -26.50
CA GLN M 213 -35.47 -64.64 -26.69
C GLN M 213 -36.70 -64.11 -27.43
N GLN M 214 -37.32 -64.96 -28.25
CA GLN M 214 -38.53 -64.66 -29.00
C GLN M 214 -39.47 -65.86 -28.85
N PRO M 215 -40.27 -65.94 -27.76
CA PRO M 215 -41.14 -67.12 -27.59
C PRO M 215 -42.13 -67.41 -28.72
N ILE M 216 -42.54 -66.38 -29.50
CA ILE M 216 -43.47 -66.55 -30.62
C ILE M 216 -42.90 -67.56 -31.64
N ARG M 217 -41.58 -67.47 -31.91
CA ARG M 217 -40.88 -68.36 -32.84
C ARG M 217 -40.96 -69.83 -32.40
N HIS M 218 -41.00 -70.09 -31.08
CA HIS M 218 -41.10 -71.45 -30.54
C HIS M 218 -42.55 -72.00 -30.51
N GLY M 219 -43.55 -71.15 -30.78
CA GLY M 219 -44.96 -71.53 -30.78
C GLY M 219 -45.83 -70.91 -29.71
N ALA M 220 -45.31 -69.94 -28.93
CA ALA M 220 -46.12 -69.28 -27.90
C ALA M 220 -47.12 -68.33 -28.55
N ALA M 221 -48.27 -68.14 -27.90
CA ALA M 221 -49.33 -67.28 -28.42
C ALA M 221 -49.20 -65.84 -27.89
N LEU M 222 -48.94 -65.68 -26.57
CA LEU M 222 -48.81 -64.37 -25.92
C LEU M 222 -47.43 -64.23 -25.28
N VAL M 223 -46.81 -63.03 -25.38
CA VAL M 223 -45.49 -62.72 -24.80
C VAL M 223 -45.62 -61.44 -23.99
N LEU M 224 -45.59 -61.54 -22.66
CA LEU M 224 -45.74 -60.38 -21.79
C LEU M 224 -44.41 -59.84 -21.31
N HIS M 225 -44.26 -58.51 -21.30
CA HIS M 225 -43.08 -57.82 -20.84
C HIS M 225 -43.48 -56.76 -19.84
N SER M 226 -42.70 -56.59 -18.78
CA SER M 226 -42.88 -55.51 -17.85
C SER M 226 -41.97 -54.43 -18.43
N ALA M 227 -42.52 -53.59 -19.32
CA ALA M 227 -41.74 -52.54 -19.99
C ALA M 227 -40.97 -51.63 -19.02
N THR M 228 -41.42 -51.57 -17.76
CA THR M 228 -40.72 -50.87 -16.67
C THR M 228 -39.23 -51.28 -16.59
N LYS M 229 -38.91 -52.53 -16.97
CA LYS M 229 -37.55 -53.10 -16.91
C LYS M 229 -37.03 -53.35 -18.32
N TYR M 230 -35.81 -52.88 -18.60
CA TYR M 230 -35.08 -53.07 -19.87
C TYR M 230 -35.67 -52.30 -21.06
N LEU M 231 -36.98 -52.40 -21.33
CA LEU M 231 -37.57 -51.67 -22.47
C LEU M 231 -37.46 -50.16 -22.21
N GLY M 232 -37.71 -49.72 -20.98
CA GLY M 232 -37.51 -48.35 -20.57
C GLY M 232 -36.01 -48.12 -20.39
N GLY M 233 -35.42 -48.95 -19.54
CA GLY M 233 -33.97 -48.96 -19.30
C GLY M 233 -33.38 -47.90 -18.40
N HIS M 234 -34.17 -46.89 -17.98
CA HIS M 234 -33.66 -45.81 -17.14
C HIS M 234 -34.43 -45.64 -15.80
N GLY M 235 -35.29 -46.60 -15.45
CA GLY M 235 -36.05 -46.56 -14.20
C GLY M 235 -36.92 -45.32 -14.05
N ASP M 236 -37.58 -44.90 -15.14
CA ASP M 236 -38.44 -43.71 -15.11
C ASP M 236 -39.71 -43.82 -15.96
N ALA M 237 -40.13 -45.02 -16.34
CA ALA M 237 -41.33 -45.22 -17.14
C ALA M 237 -41.97 -46.56 -16.84
N MET M 238 -43.12 -46.53 -16.17
CA MET M 238 -43.86 -47.76 -15.86
C MET M 238 -44.57 -48.22 -17.13
N GLY M 239 -44.74 -49.53 -17.31
CA GLY M 239 -45.41 -50.03 -18.49
C GLY M 239 -45.50 -51.54 -18.56
N GLY M 240 -46.42 -52.01 -19.39
CA GLY M 240 -46.68 -53.42 -19.61
C GLY M 240 -47.16 -53.63 -21.03
N ILE M 241 -46.78 -54.73 -21.68
CA ILE M 241 -47.15 -54.97 -23.08
C ILE M 241 -47.14 -56.47 -23.40
N ILE M 242 -48.12 -56.93 -24.21
CA ILE M 242 -48.22 -58.32 -24.63
C ILE M 242 -48.17 -58.37 -26.16
N ALA M 243 -47.14 -59.01 -26.72
CA ALA M 243 -47.03 -59.22 -28.17
C ALA M 243 -47.77 -60.53 -28.45
N THR M 244 -48.84 -60.49 -29.27
CA THR M 244 -49.68 -61.67 -29.53
C THR M 244 -50.38 -61.61 -30.90
N ASN M 245 -51.04 -62.72 -31.31
CA ASN M 245 -51.83 -62.81 -32.54
C ASN M 245 -53.03 -61.84 -32.51
N SER M 246 -53.67 -61.60 -33.67
CA SER M 246 -54.82 -60.70 -33.77
C SER M 246 -56.02 -61.08 -32.89
N ASP M 247 -56.26 -62.38 -32.66
CA ASP M 247 -57.40 -62.83 -31.83
C ASP M 247 -57.23 -62.36 -30.37
N TRP M 248 -56.08 -62.67 -29.75
CA TRP M 248 -55.84 -62.25 -28.36
C TRP M 248 -55.65 -60.74 -28.23
N ALA M 249 -55.11 -60.07 -29.28
CA ALA M 249 -54.95 -58.62 -29.25
C ALA M 249 -56.31 -57.93 -29.17
N MET M 250 -57.29 -58.45 -29.92
CA MET M 250 -58.66 -57.93 -29.91
C MET M 250 -59.28 -58.12 -28.52
N ARG M 251 -59.14 -59.32 -27.92
CA ARG M 251 -59.66 -59.62 -26.58
C ARG M 251 -59.02 -58.73 -25.51
N LEU M 252 -57.71 -58.47 -25.62
CA LEU M 252 -56.99 -57.62 -24.67
C LEU M 252 -57.45 -56.16 -24.79
N ARG M 253 -57.66 -55.68 -26.02
CA ARG M 253 -58.14 -54.32 -26.26
C ARG M 253 -59.59 -54.16 -25.78
N GLN M 254 -60.41 -55.23 -25.88
CA GLN M 254 -61.80 -55.22 -25.38
C GLN M 254 -61.78 -54.96 -23.87
N VAL M 255 -60.84 -55.60 -23.14
CA VAL M 255 -60.71 -55.43 -21.69
C VAL M 255 -60.17 -54.03 -21.40
N ARG M 256 -59.13 -53.59 -22.14
CA ARG M 256 -58.52 -52.27 -21.96
C ARG M 256 -59.54 -51.12 -22.15
N ALA M 257 -60.43 -51.23 -23.15
CA ALA M 257 -61.41 -50.18 -23.43
C ALA M 257 -62.42 -49.93 -22.30
N ILE M 258 -62.76 -50.97 -21.50
CA ILE M 258 -63.74 -50.83 -20.42
C ILE M 258 -63.08 -50.81 -19.01
N THR M 259 -61.90 -51.44 -18.82
CA THR M 259 -61.20 -51.40 -17.52
C THR M 259 -60.29 -50.16 -17.43
N GLY M 260 -59.75 -49.70 -18.55
CA GLY M 260 -58.97 -48.47 -18.62
C GLY M 260 -57.63 -48.39 -17.91
N ALA M 261 -56.83 -49.46 -17.93
CA ALA M 261 -55.49 -49.42 -17.35
C ALA M 261 -54.58 -48.96 -18.49
N LEU M 262 -54.63 -47.65 -18.80
CA LEU M 262 -53.90 -47.08 -19.93
C LEU M 262 -52.49 -46.63 -19.66
N LEU M 263 -51.64 -46.74 -20.69
CA LEU M 263 -50.28 -46.27 -20.65
C LEU M 263 -50.32 -44.79 -21.07
N HIS M 264 -49.75 -43.91 -20.26
CA HIS M 264 -49.76 -42.47 -20.53
C HIS M 264 -48.95 -42.12 -21.78
N PRO M 265 -49.35 -41.14 -22.64
CA PRO M 265 -48.53 -40.84 -23.83
C PRO M 265 -47.04 -40.57 -23.60
N MET M 266 -46.66 -39.87 -22.50
CA MET M 266 -45.25 -39.64 -22.22
C MET M 266 -44.55 -40.93 -21.78
N GLY M 267 -45.26 -41.80 -21.06
CA GLY M 267 -44.74 -43.10 -20.67
C GLY M 267 -44.47 -43.95 -21.90
N ALA M 268 -45.42 -43.97 -22.86
CA ALA M 268 -45.25 -44.68 -24.12
C ALA M 268 -44.11 -44.10 -24.95
N TYR M 269 -43.94 -42.77 -24.91
CA TYR M 269 -42.86 -42.11 -25.62
C TYR M 269 -41.51 -42.57 -25.08
N LEU M 270 -41.33 -42.60 -23.75
CA LEU M 270 -40.06 -42.99 -23.13
C LEU M 270 -39.76 -44.49 -23.30
N LEU M 271 -40.79 -45.35 -23.34
CA LEU M 271 -40.57 -46.79 -23.53
C LEU M 271 -40.20 -47.07 -24.99
N HIS M 272 -40.81 -46.34 -25.94
CA HIS M 272 -40.48 -46.46 -27.36
C HIS M 272 -39.05 -45.91 -27.59
N ARG M 273 -38.72 -44.80 -26.91
CA ARG M 273 -37.39 -44.16 -26.94
C ARG M 273 -36.32 -45.15 -26.44
N GLY M 274 -36.64 -45.86 -25.35
CA GLY M 274 -35.75 -46.85 -24.77
C GLY M 274 -35.49 -48.05 -25.66
N LEU M 275 -36.47 -48.44 -26.50
CA LEU M 275 -36.30 -49.57 -27.42
C LEU M 275 -35.17 -49.31 -28.43
N ARG M 276 -34.91 -48.05 -28.79
CA ARG M 276 -33.85 -47.70 -29.74
C ARG M 276 -32.47 -48.12 -29.23
N THR M 277 -32.24 -47.99 -27.92
CA THR M 277 -30.98 -48.35 -27.27
C THR M 277 -31.02 -49.71 -26.55
N LEU M 278 -32.09 -50.51 -26.71
CA LEU M 278 -32.21 -51.78 -25.99
C LEU M 278 -31.11 -52.77 -26.32
N ALA M 279 -30.85 -53.04 -27.62
CA ALA M 279 -29.81 -54.00 -28.02
C ALA M 279 -28.43 -53.57 -27.53
N VAL M 280 -28.13 -52.28 -27.60
CA VAL M 280 -26.84 -51.76 -27.18
C VAL M 280 -26.68 -51.84 -25.63
N ARG M 281 -27.74 -51.49 -24.88
CA ARG M 281 -27.69 -51.56 -23.41
C ARG M 281 -27.64 -53.01 -22.90
N MET M 282 -28.46 -53.90 -23.48
CA MET M 282 -28.52 -55.29 -23.03
C MET M 282 -27.17 -55.99 -23.25
N ARG M 283 -26.56 -55.82 -24.43
CA ARG M 283 -25.25 -56.42 -24.72
C ARG M 283 -24.16 -55.90 -23.78
N ALA M 284 -24.20 -54.62 -23.41
CA ALA M 284 -23.21 -54.04 -22.50
C ALA M 284 -23.36 -54.60 -21.08
N ALA M 285 -24.60 -54.69 -20.57
CA ALA M 285 -24.87 -55.24 -19.24
C ALA M 285 -24.60 -56.75 -19.19
N GLN M 286 -24.88 -57.46 -20.28
CA GLN M 286 -24.65 -58.90 -20.40
C GLN M 286 -23.16 -59.22 -20.32
N THR M 287 -22.31 -58.42 -20.97
CA THR M 287 -20.86 -58.60 -20.93
C THR M 287 -20.34 -58.44 -19.50
N THR M 288 -20.84 -57.41 -18.80
CA THR M 288 -20.46 -57.15 -17.41
C THR M 288 -20.95 -58.29 -16.49
N ALA M 289 -22.19 -58.77 -16.70
CA ALA M 289 -22.75 -59.85 -15.89
C ALA M 289 -22.01 -61.17 -16.07
N GLY M 290 -21.63 -61.50 -17.31
CA GLY M 290 -20.89 -62.71 -17.60
C GLY M 290 -19.55 -62.75 -16.89
N GLU M 291 -18.87 -61.60 -16.80
CA GLU M 291 -17.59 -61.49 -16.12
C GLU M 291 -17.79 -61.48 -14.60
N LEU M 292 -18.79 -60.74 -14.09
CA LEU M 292 -19.06 -60.68 -12.65
C LEU M 292 -19.45 -62.03 -12.06
N ALA M 293 -20.27 -62.83 -12.77
CA ALA M 293 -20.68 -64.14 -12.27
C ALA M 293 -19.48 -65.07 -12.04
N GLU M 294 -18.47 -65.00 -12.91
CA GLU M 294 -17.27 -65.83 -12.78
C GLU M 294 -16.36 -65.31 -11.67
N ARG M 295 -16.22 -63.98 -11.54
CA ARG M 295 -15.38 -63.37 -10.51
C ARG M 295 -15.96 -63.60 -9.11
N LEU M 296 -17.30 -63.51 -8.96
CA LEU M 296 -17.95 -63.71 -7.67
C LEU M 296 -17.94 -65.19 -7.25
N ALA M 297 -17.88 -66.14 -8.21
CA ALA M 297 -17.83 -67.57 -7.91
C ALA M 297 -16.54 -67.93 -7.15
N ALA M 298 -15.43 -67.25 -7.44
CA ALA M 298 -14.16 -67.49 -6.76
C ALA M 298 -14.16 -67.05 -5.28
N HIS M 299 -15.11 -66.19 -4.85
CA HIS M 299 -15.17 -65.74 -3.47
C HIS M 299 -15.63 -66.89 -2.56
N PRO M 300 -15.03 -67.11 -1.38
CA PRO M 300 -15.47 -68.24 -0.53
C PRO M 300 -16.83 -68.05 0.16
N ALA M 301 -17.27 -66.80 0.36
CA ALA M 301 -18.56 -66.52 1.01
C ALA M 301 -19.77 -66.97 0.19
N ILE M 302 -19.63 -67.07 -1.15
CA ILE M 302 -20.72 -67.49 -2.03
C ILE M 302 -20.59 -68.98 -2.33
N THR M 303 -21.65 -69.77 -2.09
CA THR M 303 -21.65 -71.21 -2.33
C THR M 303 -21.94 -71.54 -3.79
N ALA M 304 -22.95 -70.87 -4.39
CA ALA M 304 -23.33 -71.12 -5.78
C ALA M 304 -23.76 -69.83 -6.47
N VAL M 305 -23.36 -69.68 -7.74
CA VAL M 305 -23.71 -68.52 -8.57
C VAL M 305 -24.59 -69.02 -9.71
N HIS M 306 -25.82 -68.51 -9.79
CA HIS M 306 -26.77 -68.90 -10.83
C HIS M 306 -26.72 -67.86 -11.95
N TYR M 307 -26.36 -68.31 -13.16
CA TYR M 307 -26.31 -67.45 -14.35
C TYR M 307 -26.48 -68.37 -15.58
N PRO M 308 -27.45 -68.15 -16.49
CA PRO M 308 -27.60 -69.09 -17.63
C PRO M 308 -26.33 -69.42 -18.41
N GLY M 309 -25.48 -68.41 -18.62
CA GLY M 309 -24.22 -68.53 -19.35
C GLY M 309 -23.19 -69.46 -18.74
N LEU M 310 -23.18 -69.64 -17.41
CA LEU M 310 -22.20 -70.51 -16.75
C LEU M 310 -22.43 -71.98 -17.12
N ASN M 311 -21.35 -72.77 -17.12
CA ASN M 311 -21.40 -74.19 -17.44
C ASN M 311 -22.01 -74.98 -16.27
N GLY M 312 -22.82 -75.99 -16.60
CA GLY M 312 -23.49 -76.82 -15.61
C GLY M 312 -24.88 -76.35 -15.20
N GLN M 313 -25.26 -75.11 -15.58
CA GLN M 313 -26.58 -74.54 -15.25
C GLN M 313 -27.65 -74.76 -16.36
N ASP M 314 -27.26 -75.34 -17.51
CA ASP M 314 -28.14 -75.53 -18.67
C ASP M 314 -27.84 -76.88 -19.36
N PRO M 315 -28.36 -78.01 -18.85
CA PRO M 315 -28.07 -79.31 -19.50
C PRO M 315 -28.86 -79.59 -20.78
N ARG M 316 -29.99 -78.87 -21.00
CA ARG M 316 -30.83 -79.10 -22.19
C ARG M 316 -30.37 -78.36 -23.46
N GLY M 317 -29.31 -77.56 -23.37
CA GLY M 317 -28.79 -76.83 -24.53
C GLY M 317 -29.72 -75.72 -25.00
N LEU M 318 -30.41 -75.07 -24.05
CA LEU M 318 -31.33 -73.98 -24.35
C LEU M 318 -30.57 -72.69 -24.73
N LEU M 319 -29.37 -72.49 -24.16
CA LEU M 319 -28.55 -71.33 -24.50
C LEU M 319 -27.93 -71.58 -25.88
N GLY M 320 -28.64 -71.13 -26.92
CA GLY M 320 -28.24 -71.33 -28.31
C GLY M 320 -29.46 -71.55 -29.19
N ARG M 321 -30.36 -72.44 -28.76
CA ARG M 321 -31.60 -72.69 -29.49
C ARG M 321 -32.70 -71.70 -29.07
N GLN M 322 -32.82 -71.41 -27.75
CA GLN M 322 -33.86 -70.55 -27.21
C GLN M 322 -33.33 -69.15 -26.87
N MET M 323 -32.18 -69.07 -26.17
CA MET M 323 -31.59 -67.80 -25.73
C MET M 323 -30.29 -67.50 -26.44
N SER M 324 -30.16 -66.33 -27.08
CA SER M 324 -28.93 -65.94 -27.74
C SER M 324 -27.91 -65.26 -26.79
N GLY M 325 -28.14 -65.30 -25.49
CA GLY M 325 -27.24 -64.69 -24.52
C GLY M 325 -27.59 -65.05 -23.09
N GLY M 326 -26.63 -64.88 -22.20
CA GLY M 326 -26.79 -65.21 -20.79
C GLY M 326 -27.68 -64.29 -19.97
N GLY M 327 -27.86 -63.05 -20.41
CA GLY M 327 -28.67 -62.08 -19.70
C GLY M 327 -27.86 -61.14 -18.84
N ALA M 328 -28.55 -60.26 -18.08
CA ALA M 328 -27.90 -59.29 -17.19
C ALA M 328 -28.36 -59.45 -15.72
N MET M 329 -28.92 -60.62 -15.35
CA MET M 329 -29.39 -60.90 -13.99
C MET M 329 -28.54 -62.01 -13.38
N ILE M 330 -28.21 -61.91 -12.08
CA ILE M 330 -27.40 -62.93 -11.38
C ILE M 330 -27.99 -63.17 -10.00
N ALA M 331 -28.38 -64.40 -9.69
CA ALA M 331 -28.84 -64.79 -8.35
C ALA M 331 -27.73 -65.64 -7.71
N LEU M 332 -27.51 -65.50 -6.40
CA LEU M 332 -26.43 -66.25 -5.72
C LEU M 332 -26.75 -66.59 -4.27
N GLU M 333 -26.39 -67.82 -3.86
CA GLU M 333 -26.61 -68.33 -2.51
C GLU M 333 -25.37 -68.05 -1.67
N LEU M 334 -25.56 -67.54 -0.43
CA LEU M 334 -24.43 -67.25 0.47
C LEU M 334 -24.31 -68.32 1.54
N ALA M 335 -23.09 -68.50 2.06
CA ALA M 335 -22.80 -69.53 3.06
C ALA M 335 -23.26 -69.24 4.50
N GLY M 336 -23.90 -68.10 4.76
CA GLY M 336 -24.42 -67.80 6.10
C GLY M 336 -25.94 -67.69 6.21
N GLY M 337 -26.65 -67.94 5.11
CA GLY M 337 -28.11 -67.87 5.10
C GLY M 337 -28.62 -66.44 5.15
N PHE M 338 -29.65 -66.19 5.98
CA PHE M 338 -30.27 -64.87 6.11
C PHE M 338 -29.31 -63.79 6.64
N ASP M 339 -28.51 -64.09 7.69
CA ASP M 339 -27.60 -63.10 8.26
C ASP M 339 -26.54 -62.59 7.28
N ALA M 340 -25.93 -63.48 6.47
CA ALA M 340 -24.95 -63.07 5.48
C ALA M 340 -25.62 -62.30 4.34
N ALA M 341 -26.80 -62.76 3.89
CA ALA M 341 -27.57 -62.11 2.83
C ALA M 341 -27.98 -60.68 3.22
N ARG M 342 -28.42 -60.51 4.48
CA ARG M 342 -28.85 -59.23 5.03
C ARG M 342 -27.69 -58.22 5.10
N SER M 343 -26.53 -58.66 5.62
CA SER M 343 -25.35 -57.80 5.76
C SER M 343 -24.73 -57.44 4.40
N PHE M 344 -24.66 -58.40 3.46
CA PHE M 344 -24.14 -58.13 2.10
C PHE M 344 -24.95 -57.03 1.40
N VAL M 345 -26.28 -57.06 1.55
CA VAL M 345 -27.18 -56.05 0.98
C VAL M 345 -26.94 -54.67 1.63
N GLU M 346 -26.88 -54.63 2.97
CA GLU M 346 -26.73 -53.37 3.71
C GLU M 346 -25.34 -52.73 3.57
N HIS M 347 -24.26 -53.52 3.38
CA HIS M 347 -22.91 -52.95 3.25
C HIS M 347 -22.56 -52.48 1.81
N CYS M 348 -23.47 -52.64 0.83
CA CYS M 348 -23.22 -52.16 -0.54
C CYS M 348 -23.41 -50.65 -0.58
N SER M 349 -22.47 -49.92 -1.23
CA SER M 349 -22.51 -48.45 -1.33
C SER M 349 -22.82 -47.99 -2.77
N LEU M 350 -22.02 -48.43 -3.75
CA LEU M 350 -22.23 -48.10 -5.17
C LEU M 350 -23.46 -48.86 -5.68
N VAL M 351 -23.54 -50.17 -5.39
CA VAL M 351 -24.69 -50.97 -5.78
C VAL M 351 -25.81 -50.60 -4.81
N VAL M 352 -26.97 -50.19 -5.34
CA VAL M 352 -28.08 -49.70 -4.52
C VAL M 352 -29.06 -50.82 -4.14
N HIS M 353 -29.41 -50.93 -2.85
CA HIS M 353 -30.38 -51.91 -2.38
C HIS M 353 -31.79 -51.42 -2.67
N ALA M 354 -32.40 -51.95 -3.74
CA ALA M 354 -33.75 -51.57 -4.17
C ALA M 354 -34.38 -52.67 -5.01
N VAL M 355 -35.72 -52.69 -5.08
CA VAL M 355 -36.45 -53.64 -5.94
C VAL M 355 -36.33 -53.16 -7.42
N SER M 356 -36.82 -53.96 -8.40
CA SER M 356 -36.77 -53.63 -9.83
C SER M 356 -35.43 -54.03 -10.47
N LEU M 357 -35.37 -54.02 -11.81
CA LEU M 357 -34.22 -54.44 -12.61
C LEU M 357 -34.24 -53.77 -14.01
N GLY M 358 -33.21 -54.02 -14.83
CA GLY M 358 -33.12 -53.49 -16.18
C GLY M 358 -32.70 -52.04 -16.35
N GLY M 359 -32.41 -51.35 -15.25
CA GLY M 359 -32.01 -49.95 -15.32
C GLY M 359 -30.54 -49.78 -15.64
N ALA M 360 -30.11 -48.52 -15.80
CA ALA M 360 -28.71 -48.18 -16.09
C ALA M 360 -27.78 -48.46 -14.89
N ASP M 361 -28.32 -48.47 -13.65
CA ASP M 361 -27.53 -48.72 -12.45
C ASP M 361 -27.76 -50.14 -11.90
N THR M 362 -26.77 -50.66 -11.16
CA THR M 362 -26.80 -52.00 -10.60
C THR M 362 -27.59 -51.99 -9.29
N LEU M 363 -28.62 -52.84 -9.19
CA LEU M 363 -29.46 -52.95 -8.00
C LEU M 363 -29.30 -54.34 -7.36
N ILE M 364 -29.48 -54.41 -6.03
CA ILE M 364 -29.36 -55.65 -5.26
C ILE M 364 -30.59 -55.82 -4.36
N GLN M 365 -30.97 -57.07 -4.03
CA GLN M 365 -32.18 -57.34 -3.27
C GLN M 365 -32.15 -58.74 -2.60
N HIS M 366 -32.89 -58.90 -1.47
CA HIS M 366 -33.08 -60.19 -0.79
C HIS M 366 -34.51 -60.59 -1.20
N PRO M 367 -34.70 -61.44 -2.24
CA PRO M 367 -36.07 -61.73 -2.70
C PRO M 367 -37.09 -62.21 -1.67
N ALA M 368 -36.68 -63.03 -0.69
CA ALA M 368 -37.59 -63.54 0.32
C ALA M 368 -38.26 -62.42 1.13
N SER M 369 -37.54 -61.31 1.41
CA SER M 369 -38.07 -60.19 2.17
C SER M 369 -38.73 -59.10 1.33
N LEU M 370 -38.45 -59.00 0.00
CA LEU M 370 -38.99 -57.92 -0.84
C LEU M 370 -39.94 -58.39 -2.01
N THR M 371 -39.40 -58.96 -3.12
CA THR M 371 -40.20 -59.33 -4.29
C THR M 371 -41.14 -60.52 -4.02
N HIS M 372 -40.57 -61.64 -3.54
CA HIS M 372 -41.32 -62.87 -3.27
C HIS M 372 -41.74 -63.00 -1.80
N ARG M 373 -42.29 -61.92 -1.25
CA ARG M 373 -42.81 -61.88 0.11
C ARG M 373 -44.32 -62.29 0.18
N PRO M 374 -45.20 -61.91 -0.79
CA PRO M 374 -46.61 -62.36 -0.70
C PRO M 374 -46.84 -63.80 -1.15
N LYS M 380 -41.48 -69.97 -1.71
CA LYS M 380 -40.57 -68.86 -1.49
C LYS M 380 -39.12 -69.27 -1.79
N PRO M 381 -38.25 -68.36 -2.29
CA PRO M 381 -36.84 -68.74 -2.52
C PRO M 381 -36.03 -68.88 -1.23
N GLY M 382 -34.82 -69.42 -1.34
CA GLY M 382 -33.94 -69.61 -0.20
C GLY M 382 -33.55 -68.30 0.46
N ASP M 383 -33.29 -68.34 1.77
CA ASP M 383 -32.91 -67.16 2.54
C ASP M 383 -31.51 -66.66 2.15
N GLY M 384 -30.60 -67.57 1.80
CA GLY M 384 -29.28 -67.19 1.36
C GLY M 384 -29.21 -66.62 -0.04
N LEU M 385 -30.31 -66.72 -0.83
CA LEU M 385 -30.34 -66.23 -2.20
C LEU M 385 -30.44 -64.71 -2.25
N ILE M 386 -29.68 -64.09 -3.18
CA ILE M 386 -29.61 -62.65 -3.41
C ILE M 386 -29.69 -62.42 -4.91
N ARG M 387 -30.63 -61.58 -5.36
CA ARG M 387 -30.77 -61.27 -6.78
C ARG M 387 -30.00 -59.97 -7.06
N LEU M 388 -29.35 -59.89 -8.24
CA LEU M 388 -28.54 -58.74 -8.62
C LEU M 388 -28.76 -58.36 -10.08
N SER M 389 -29.32 -57.16 -10.32
CA SER M 389 -29.54 -56.65 -11.68
C SER M 389 -28.30 -55.88 -12.10
N VAL M 390 -27.60 -56.32 -13.13
CA VAL M 390 -26.37 -55.68 -13.57
C VAL M 390 -26.67 -54.50 -14.51
N GLY M 391 -26.12 -53.34 -14.20
CA GLY M 391 -26.29 -52.11 -14.98
C GLY M 391 -25.20 -51.90 -16.01
N LEU M 392 -24.89 -50.63 -16.30
CA LEU M 392 -23.89 -50.24 -17.30
C LEU M 392 -22.61 -49.65 -16.68
N GLU M 393 -22.29 -50.00 -15.42
CA GLU M 393 -21.07 -49.50 -14.78
C GLU M 393 -19.87 -50.37 -15.17
N HIS M 394 -18.64 -49.91 -14.86
CA HIS M 394 -17.44 -50.69 -15.17
C HIS M 394 -17.43 -51.98 -14.34
N VAL M 395 -16.84 -53.04 -14.91
CA VAL M 395 -16.82 -54.37 -14.29
C VAL M 395 -16.00 -54.36 -13.01
N ASP M 396 -14.85 -53.67 -13.02
CA ASP M 396 -13.96 -53.61 -11.86
C ASP M 396 -14.58 -52.86 -10.69
N ASP M 397 -15.26 -51.73 -10.96
CA ASP M 397 -15.89 -50.92 -9.92
C ASP M 397 -17.02 -51.67 -9.21
N LEU M 398 -17.76 -52.52 -9.94
CA LEU M 398 -18.85 -53.30 -9.35
C LEU M 398 -18.31 -54.45 -8.49
N GLU M 399 -17.23 -55.14 -8.94
CA GLU M 399 -16.67 -56.23 -8.15
C GLU M 399 -16.02 -55.69 -6.86
N ASP M 400 -15.36 -54.51 -6.91
CA ASP M 400 -14.74 -53.93 -5.73
C ASP M 400 -15.77 -53.62 -4.65
N ASP M 401 -16.95 -53.10 -5.04
CA ASP M 401 -18.02 -52.78 -4.10
C ASP M 401 -18.66 -54.04 -3.51
N LEU M 402 -18.90 -55.06 -4.35
CA LEU M 402 -19.52 -56.30 -3.87
C LEU M 402 -18.56 -57.10 -2.97
N ILE M 403 -17.25 -57.10 -3.28
CA ILE M 403 -16.25 -57.78 -2.46
C ILE M 403 -16.15 -57.07 -1.10
N ALA M 404 -16.16 -55.73 -1.09
CA ALA M 404 -16.12 -54.96 0.16
C ALA M 404 -17.32 -55.30 1.06
N ALA M 405 -18.52 -55.45 0.47
CA ALA M 405 -19.72 -55.80 1.21
C ALA M 405 -19.68 -57.25 1.75
N LEU M 406 -19.12 -58.20 0.95
CA LEU M 406 -19.00 -59.61 1.33
C LEU M 406 -18.01 -59.82 2.46
N ASP M 407 -16.83 -59.17 2.40
CA ASP M 407 -15.80 -59.31 3.43
C ASP M 407 -16.27 -58.72 4.77
N ALA M 408 -17.09 -57.66 4.73
CA ALA M 408 -17.65 -57.05 5.95
C ALA M 408 -18.60 -58.03 6.67
N SER M 409 -19.33 -58.88 5.91
CA SER M 409 -20.24 -59.87 6.47
C SER M 409 -19.47 -60.99 7.15
N SER N 23 -60.23 -23.51 8.39
CA SER N 23 -61.24 -22.47 8.28
C SER N 23 -61.11 -21.72 6.94
N MET N 24 -60.68 -22.40 5.86
CA MET N 24 -60.50 -21.78 4.54
C MET N 24 -61.70 -22.07 3.64
N HIS N 25 -62.02 -21.11 2.75
CA HIS N 25 -63.12 -21.27 1.79
C HIS N 25 -62.73 -22.30 0.69
N PRO N 26 -63.69 -22.91 -0.05
CA PRO N 26 -63.30 -23.87 -1.11
C PRO N 26 -62.42 -23.28 -2.22
N GLU N 27 -62.56 -21.98 -2.52
CA GLU N 27 -61.76 -21.32 -3.57
C GLU N 27 -60.29 -21.27 -3.16
N THR N 28 -60.00 -21.02 -1.87
CA THR N 28 -58.64 -21.00 -1.35
C THR N 28 -58.07 -22.43 -1.32
N LEU N 29 -58.88 -23.40 -0.87
CA LEU N 29 -58.48 -24.80 -0.80
C LEU N 29 -58.12 -25.39 -2.17
N MET N 30 -58.75 -24.92 -3.26
CA MET N 30 -58.43 -25.40 -4.60
C MET N 30 -57.00 -25.01 -5.00
N VAL N 31 -56.56 -23.81 -4.59
CA VAL N 31 -55.23 -23.30 -4.93
C VAL N 31 -54.13 -23.96 -4.08
N HIS N 32 -54.27 -23.95 -2.75
CA HIS N 32 -53.25 -24.47 -1.83
C HIS N 32 -53.43 -25.93 -1.38
N GLY N 33 -54.44 -26.63 -1.88
CA GLY N 33 -54.66 -28.02 -1.52
C GLY N 33 -53.60 -28.94 -2.08
N GLY N 34 -53.04 -29.79 -1.22
CA GLY N 34 -51.97 -30.71 -1.61
C GLY N 34 -50.64 -30.04 -1.89
N MET N 35 -50.44 -28.80 -1.39
CA MET N 35 -49.20 -28.04 -1.58
C MET N 35 -48.46 -27.83 -0.25
N ASP N 36 -48.61 -28.76 0.72
CA ASP N 36 -47.99 -28.61 2.03
C ASP N 36 -46.50 -28.97 1.97
N GLY N 37 -45.68 -28.18 2.63
CA GLY N 37 -44.23 -28.39 2.68
C GLY N 37 -43.44 -27.89 1.49
N LEU N 38 -44.10 -27.45 0.40
CA LEU N 38 -43.39 -26.94 -0.78
C LEU N 38 -42.76 -25.58 -0.49
N THR N 39 -43.49 -24.69 0.20
CA THR N 39 -42.97 -23.38 0.56
C THR N 39 -41.77 -23.51 1.52
N GLU N 40 -41.82 -24.49 2.43
CA GLU N 40 -40.72 -24.73 3.37
C GLU N 40 -39.48 -25.27 2.64
N ALA N 41 -39.69 -26.10 1.60
CA ALA N 41 -38.59 -26.64 0.78
C ALA N 41 -38.03 -25.63 -0.25
N GLY N 42 -38.60 -24.42 -0.33
CA GLY N 42 -38.14 -23.40 -1.26
C GLY N 42 -38.52 -23.63 -2.70
N VAL N 43 -39.70 -24.25 -2.94
CA VAL N 43 -40.22 -24.52 -4.29
C VAL N 43 -41.66 -23.99 -4.43
N HIS N 44 -42.09 -23.72 -5.67
CA HIS N 44 -43.41 -23.14 -5.96
C HIS N 44 -44.47 -24.20 -6.29
N VAL N 45 -44.14 -25.15 -7.19
CA VAL N 45 -45.06 -26.21 -7.64
C VAL N 45 -44.47 -27.61 -7.29
N PRO N 46 -45.29 -28.69 -7.13
CA PRO N 46 -44.69 -29.99 -6.81
C PRO N 46 -43.87 -30.56 -7.96
N ALA N 47 -42.73 -31.18 -7.65
CA ALA N 47 -41.86 -31.74 -8.67
C ALA N 47 -42.43 -33.05 -9.22
N ILE N 48 -42.10 -33.37 -10.48
CA ILE N 48 -42.54 -34.60 -11.13
C ILE N 48 -41.44 -35.64 -10.95
N ASP N 49 -41.63 -36.60 -10.04
CA ASP N 49 -40.65 -37.66 -9.78
C ASP N 49 -41.04 -38.89 -10.61
N LEU N 50 -40.34 -39.11 -11.72
CA LEU N 50 -40.62 -40.24 -12.61
C LEU N 50 -40.09 -41.59 -12.11
N SER N 51 -39.34 -41.62 -10.99
CA SER N 51 -38.76 -42.84 -10.43
C SER N 51 -39.73 -44.02 -10.34
N THR N 52 -39.35 -45.15 -10.94
CA THR N 52 -40.15 -46.38 -10.90
C THR N 52 -39.89 -47.09 -9.57
N THR N 53 -38.61 -47.16 -9.14
CA THR N 53 -38.20 -47.76 -7.88
C THR N 53 -37.74 -46.69 -6.90
N ASN N 54 -37.80 -46.99 -5.60
CA ASN N 54 -37.42 -46.06 -4.54
C ASN N 54 -36.49 -46.78 -3.54
N PRO N 55 -35.18 -46.42 -3.46
CA PRO N 55 -34.29 -47.15 -2.53
C PRO N 55 -34.71 -47.15 -1.07
N VAL N 56 -34.28 -48.19 -0.33
CA VAL N 56 -34.60 -48.38 1.09
C VAL N 56 -33.33 -48.26 1.96
N ASN N 57 -33.49 -47.83 3.21
CA ASN N 57 -32.37 -47.64 4.13
C ASN N 57 -31.76 -48.97 4.55
N ASP N 58 -32.60 -49.97 4.86
CA ASP N 58 -32.14 -51.30 5.25
C ASP N 58 -33.22 -52.37 4.93
N VAL N 59 -32.90 -53.64 5.16
CA VAL N 59 -33.81 -54.76 4.88
C VAL N 59 -35.04 -54.73 5.79
N ALA N 60 -34.85 -54.49 7.09
CA ALA N 60 -35.95 -54.47 8.05
C ALA N 60 -36.99 -53.37 7.75
N THR N 61 -36.57 -52.10 7.57
CA THR N 61 -37.52 -51.02 7.27
C THR N 61 -38.08 -51.13 5.86
N GLY N 62 -37.25 -51.56 4.91
CA GLY N 62 -37.67 -51.74 3.53
C GLY N 62 -38.75 -52.79 3.37
N GLY N 63 -38.58 -53.91 4.06
CA GLY N 63 -39.54 -55.00 4.04
C GLY N 63 -40.85 -54.64 4.73
N ASP N 64 -40.77 -53.92 5.86
CA ASP N 64 -41.96 -53.47 6.59
C ASP N 64 -42.73 -52.43 5.79
N SER N 65 -42.03 -51.49 5.14
CA SER N 65 -42.69 -50.48 4.31
C SER N 65 -43.35 -51.14 3.09
N TYR N 66 -42.73 -52.20 2.54
CA TYR N 66 -43.30 -52.95 1.41
C TYR N 66 -44.63 -53.58 1.83
N GLU N 67 -44.65 -54.31 2.96
CA GLU N 67 -45.85 -54.98 3.45
C GLU N 67 -46.94 -53.97 3.81
N TRP N 68 -46.54 -52.84 4.42
CA TRP N 68 -47.45 -51.78 4.82
C TRP N 68 -48.21 -51.23 3.60
N LEU N 69 -47.51 -50.94 2.50
CA LEU N 69 -48.13 -50.40 1.30
C LEU N 69 -48.84 -51.46 0.45
N ALA N 70 -48.34 -52.70 0.41
CA ALA N 70 -48.97 -53.79 -0.35
C ALA N 70 -50.35 -54.12 0.24
N THR N 71 -50.49 -54.02 1.58
CA THR N 71 -51.78 -54.27 2.25
C THR N 71 -52.71 -53.03 2.23
N GLY N 72 -52.48 -52.08 1.33
CA GLY N 72 -53.32 -50.91 1.15
C GLY N 72 -53.19 -49.74 2.10
N HIS N 73 -52.22 -49.74 3.03
CA HIS N 73 -52.07 -48.62 3.97
C HIS N 73 -51.32 -47.44 3.33
N ALA N 74 -51.60 -46.22 3.80
CA ALA N 74 -50.97 -44.99 3.29
C ALA N 74 -49.52 -44.91 3.73
N LEU N 75 -48.70 -44.17 2.98
CA LEU N 75 -47.27 -44.04 3.30
C LEU N 75 -47.04 -43.23 4.57
N LYS N 76 -46.21 -43.76 5.47
CA LYS N 76 -45.83 -43.07 6.70
C LYS N 76 -44.77 -42.01 6.35
N ASP N 77 -44.79 -40.86 7.03
CA ASP N 77 -43.82 -39.80 6.76
C ASP N 77 -42.40 -40.27 7.11
N GLY N 78 -41.46 -40.03 6.20
CA GLY N 78 -40.07 -40.44 6.36
C GLY N 78 -39.75 -41.80 5.75
N ASP N 79 -40.77 -42.67 5.60
CA ASP N 79 -40.58 -43.99 5.02
C ASP N 79 -40.43 -43.93 3.50
N SER N 80 -39.70 -44.90 2.94
CA SER N 80 -39.48 -44.98 1.50
C SER N 80 -40.72 -45.51 0.80
N ALA N 81 -41.01 -45.01 -0.41
CA ALA N 81 -42.15 -45.46 -1.21
C ALA N 81 -41.98 -46.88 -1.76
N VAL N 82 -40.74 -47.46 -1.72
CA VAL N 82 -40.35 -48.82 -2.16
C VAL N 82 -40.45 -48.99 -3.70
N TYR N 83 -41.65 -48.81 -4.28
CA TYR N 83 -41.91 -48.94 -5.71
C TYR N 83 -43.13 -48.06 -6.10
N GLN N 84 -43.21 -47.64 -7.38
CA GLN N 84 -44.28 -46.77 -7.85
C GLN N 84 -45.67 -47.42 -7.81
N ARG N 85 -45.75 -48.73 -8.05
CA ARG N 85 -47.01 -49.46 -7.96
C ARG N 85 -47.57 -49.52 -6.52
N LEU N 86 -46.72 -49.27 -5.50
CA LEU N 86 -47.11 -49.23 -4.10
C LEU N 86 -47.43 -47.79 -3.68
N TRP N 87 -46.56 -46.81 -4.05
CA TRP N 87 -46.78 -45.40 -3.71
C TRP N 87 -46.00 -44.45 -4.65
N GLN N 88 -46.58 -43.26 -4.92
CA GLN N 88 -45.95 -42.23 -5.75
C GLN N 88 -46.25 -40.86 -5.08
N PRO N 89 -45.27 -39.96 -4.83
CA PRO N 89 -45.57 -38.70 -4.13
C PRO N 89 -46.46 -37.68 -4.85
N GLY N 90 -46.28 -37.54 -6.16
CA GLY N 90 -47.09 -36.62 -6.96
C GLY N 90 -48.55 -37.01 -7.01
N VAL N 91 -48.82 -38.33 -7.06
CA VAL N 91 -50.18 -38.87 -7.07
C VAL N 91 -50.79 -38.60 -5.69
N ALA N 92 -50.03 -38.89 -4.61
CA ALA N 92 -50.45 -38.65 -3.23
C ALA N 92 -50.83 -37.19 -2.97
N ARG N 93 -50.12 -36.22 -3.60
CA ARG N 93 -50.45 -34.80 -3.43
C ARG N 93 -51.81 -34.48 -4.06
N PHE N 94 -52.08 -35.03 -5.26
CA PHE N 94 -53.36 -34.87 -5.93
C PHE N 94 -54.48 -35.53 -5.11
N GLU N 95 -54.19 -36.69 -4.51
CA GLU N 95 -55.15 -37.42 -3.67
C GLU N 95 -55.56 -36.61 -2.44
N THR N 96 -54.59 -36.02 -1.72
CA THR N 96 -54.90 -35.21 -0.53
C THR N 96 -55.63 -33.92 -0.91
N ALA N 97 -55.35 -33.36 -2.10
CA ALA N 97 -55.99 -32.13 -2.56
C ALA N 97 -57.50 -32.35 -2.78
N LEU N 98 -57.91 -33.44 -3.46
CA LEU N 98 -59.32 -33.70 -3.70
C LEU N 98 -60.05 -34.14 -2.43
N ALA N 99 -59.40 -34.95 -1.58
CA ALA N 99 -60.02 -35.41 -0.33
C ALA N 99 -60.45 -34.23 0.56
N GLU N 100 -59.64 -33.16 0.61
CA GLU N 100 -59.99 -31.96 1.39
C GLU N 100 -61.20 -31.24 0.78
N LEU N 101 -61.32 -31.23 -0.56
CA LEU N 101 -62.43 -30.57 -1.25
C LEU N 101 -63.74 -31.33 -1.04
N GLU N 102 -63.71 -32.67 -1.13
CA GLU N 102 -64.88 -33.51 -0.92
C GLU N 102 -65.18 -33.81 0.57
N HIS N 103 -64.35 -33.31 1.52
CA HIS N 103 -64.49 -33.55 2.96
C HIS N 103 -64.35 -35.05 3.30
N ALA N 104 -63.52 -35.78 2.55
CA ALA N 104 -63.26 -37.20 2.75
C ALA N 104 -61.96 -37.40 3.53
N ASP N 105 -61.80 -38.56 4.19
CA ASP N 105 -60.60 -38.84 4.95
C ASP N 105 -59.39 -39.03 4.01
N GLU N 106 -59.52 -39.89 2.98
CA GLU N 106 -58.45 -40.20 2.03
C GLU N 106 -59.03 -40.34 0.59
N ALA N 107 -58.17 -40.39 -0.43
CA ALA N 107 -58.56 -40.57 -1.83
C ALA N 107 -57.55 -41.47 -2.55
N VAL N 108 -58.00 -42.24 -3.55
CA VAL N 108 -57.13 -43.15 -4.32
C VAL N 108 -57.29 -42.82 -5.81
N ALA N 109 -56.17 -42.55 -6.50
CA ALA N 109 -56.16 -42.18 -7.92
C ALA N 109 -55.71 -43.34 -8.81
N PHE N 110 -56.23 -43.38 -10.05
CA PHE N 110 -55.96 -44.42 -11.06
C PHE N 110 -55.77 -43.78 -12.46
N ALA N 111 -55.41 -44.60 -13.47
CA ALA N 111 -55.17 -44.15 -14.84
C ALA N 111 -56.37 -43.43 -15.50
N THR N 112 -57.60 -43.96 -15.32
CA THR N 112 -58.84 -43.42 -15.89
C THR N 112 -60.00 -43.54 -14.87
N GLY N 113 -61.14 -42.89 -15.16
CA GLY N 113 -62.34 -43.01 -14.35
C GLY N 113 -62.85 -44.44 -14.33
N MET N 114 -62.69 -45.18 -15.45
CA MET N 114 -63.10 -46.57 -15.54
C MET N 114 -62.19 -47.47 -14.71
N ALA N 115 -60.91 -47.12 -14.55
CA ALA N 115 -60.00 -47.90 -13.69
C ALA N 115 -60.40 -47.75 -12.22
N ALA N 116 -60.95 -46.58 -11.83
CA ALA N 116 -61.44 -46.35 -10.48
C ALA N 116 -62.71 -47.19 -10.27
N MET N 117 -63.62 -47.21 -11.25
CA MET N 117 -64.84 -48.04 -11.18
C MET N 117 -64.45 -49.51 -11.07
N THR N 118 -63.47 -49.94 -11.87
CA THR N 118 -62.97 -51.32 -11.87
C THR N 118 -62.45 -51.71 -10.49
N ALA N 119 -61.61 -50.86 -9.88
CA ALA N 119 -61.05 -51.13 -8.56
C ALA N 119 -62.11 -51.09 -7.46
N ALA N 120 -63.10 -50.20 -7.57
CA ALA N 120 -64.18 -50.13 -6.58
C ALA N 120 -65.04 -51.40 -6.61
N LEU N 121 -65.31 -51.92 -7.82
CA LEU N 121 -66.10 -53.14 -7.98
C LEU N 121 -65.28 -54.38 -7.56
N LEU N 122 -63.98 -54.42 -7.89
CA LEU N 122 -63.13 -55.55 -7.50
C LEU N 122 -62.92 -55.59 -5.98
N ALA N 123 -62.87 -54.41 -5.32
CA ALA N 123 -62.75 -54.35 -3.86
C ALA N 123 -64.00 -54.95 -3.19
N ALA N 124 -65.18 -54.73 -3.78
CA ALA N 124 -66.44 -55.29 -3.28
C ALA N 124 -66.49 -56.80 -3.51
N VAL N 125 -66.08 -57.28 -4.70
CA VAL N 125 -66.07 -58.71 -5.03
C VAL N 125 -65.14 -59.45 -4.07
N ASN N 126 -63.93 -58.92 -3.84
CA ASN N 126 -62.95 -59.54 -2.94
C ASN N 126 -63.46 -59.63 -1.50
N ALA N 127 -64.27 -58.66 -1.06
CA ALA N 127 -64.86 -58.66 0.29
C ALA N 127 -66.08 -59.61 0.43
N GLY N 128 -66.35 -60.44 -0.56
CA GLY N 128 -67.49 -61.36 -0.54
C GLY N 128 -68.83 -60.70 -0.79
N THR N 129 -68.85 -59.54 -1.48
CA THR N 129 -70.08 -58.80 -1.79
C THR N 129 -70.09 -58.47 -3.30
N PRO N 130 -70.27 -59.46 -4.20
CA PRO N 130 -70.23 -59.16 -5.63
C PRO N 130 -71.48 -58.48 -6.21
N HIS N 131 -72.60 -58.42 -5.45
CA HIS N 131 -73.81 -57.80 -5.96
C HIS N 131 -73.78 -56.27 -5.81
N ILE N 132 -74.24 -55.55 -6.83
CA ILE N 132 -74.28 -54.09 -6.86
C ILE N 132 -75.69 -53.65 -7.27
N VAL N 133 -76.26 -52.67 -6.55
CA VAL N 133 -77.56 -52.07 -6.86
C VAL N 133 -77.24 -50.74 -7.55
N ALA N 134 -77.81 -50.48 -8.74
CA ALA N 134 -77.50 -49.26 -9.48
C ALA N 134 -78.71 -48.65 -10.15
N VAL N 135 -78.74 -47.31 -10.22
CA VAL N 135 -79.82 -46.59 -10.92
C VAL N 135 -79.52 -46.64 -12.43
N ARG N 136 -80.55 -46.86 -13.26
CA ARG N 136 -80.33 -47.00 -14.70
C ARG N 136 -79.65 -45.81 -15.42
N PRO N 137 -80.01 -44.53 -15.16
CA PRO N 137 -79.32 -43.44 -15.88
C PRO N 137 -77.88 -43.24 -15.39
N LEU N 138 -76.93 -43.95 -16.03
CA LEU N 138 -75.50 -43.93 -15.73
C LEU N 138 -74.68 -43.75 -17.02
N TYR N 139 -73.37 -43.48 -16.87
CA TYR N 139 -72.45 -43.35 -17.99
C TYR N 139 -72.37 -44.72 -18.73
N GLY N 140 -72.35 -44.68 -20.05
CA GLY N 140 -72.31 -45.85 -20.92
C GLY N 140 -71.33 -46.95 -20.53
N GLY N 141 -70.10 -46.57 -20.24
CA GLY N 141 -69.06 -47.51 -19.85
C GLY N 141 -69.34 -48.15 -18.50
N SER N 142 -69.76 -47.34 -17.52
CA SER N 142 -70.12 -47.83 -16.19
C SER N 142 -71.30 -48.81 -16.28
N ASP N 143 -72.28 -48.52 -17.14
CA ASP N 143 -73.44 -49.36 -17.37
C ASP N 143 -73.03 -50.69 -18.04
N HIS N 144 -72.18 -50.63 -19.08
CA HIS N 144 -71.73 -51.81 -19.80
C HIS N 144 -70.84 -52.71 -18.93
N LEU N 145 -70.00 -52.13 -18.05
CA LEU N 145 -69.14 -52.91 -17.17
C LEU N 145 -69.96 -53.72 -16.15
N LEU N 146 -71.06 -53.15 -15.64
CA LEU N 146 -71.93 -53.85 -14.70
C LEU N 146 -72.76 -54.93 -15.42
N GLU N 147 -73.28 -54.62 -16.61
CA GLU N 147 -74.10 -55.56 -17.37
C GLU N 147 -73.32 -56.80 -17.80
N THR N 148 -72.07 -56.63 -18.28
CA THR N 148 -71.24 -57.75 -18.72
C THR N 148 -70.87 -58.69 -17.56
N GLY N 149 -70.60 -58.15 -16.39
CA GLY N 149 -70.19 -58.94 -15.24
C GLY N 149 -68.79 -59.50 -15.43
N LEU N 150 -67.91 -58.69 -16.04
CA LEU N 150 -66.53 -59.07 -16.33
C LEU N 150 -65.72 -59.29 -15.06
N LEU N 151 -65.90 -58.43 -14.06
CA LEU N 151 -65.15 -58.49 -12.81
C LEU N 151 -65.82 -59.39 -11.75
N GLY N 152 -66.63 -60.36 -12.17
CA GLY N 152 -67.34 -61.25 -11.27
C GLY N 152 -68.43 -60.57 -10.47
N THR N 153 -69.13 -59.60 -11.10
CA THR N 153 -70.19 -58.83 -10.45
C THR N 153 -71.57 -59.21 -11.00
N THR N 154 -72.59 -59.11 -10.13
CA THR N 154 -73.99 -59.32 -10.48
C THR N 154 -74.68 -57.98 -10.19
N VAL N 155 -75.59 -57.53 -11.06
CA VAL N 155 -76.24 -56.23 -10.90
C VAL N 155 -77.76 -56.32 -10.95
N THR N 156 -78.43 -55.52 -10.10
CA THR N 156 -79.89 -55.41 -10.06
C THR N 156 -80.18 -53.95 -10.34
N TRP N 157 -80.73 -53.65 -11.51
CA TRP N 157 -81.04 -52.27 -11.88
C TRP N 157 -82.30 -51.83 -11.15
N ALA N 158 -82.19 -50.77 -10.34
CA ALA N 158 -83.30 -50.27 -9.54
C ALA N 158 -83.47 -48.76 -9.68
N LYS N 159 -84.69 -48.28 -9.45
CA LYS N 159 -84.97 -46.84 -9.50
C LYS N 159 -84.70 -46.22 -8.10
N GLU N 160 -84.77 -44.89 -7.98
CA GLU N 160 -84.52 -44.21 -6.69
C GLU N 160 -85.39 -44.75 -5.54
N ALA N 161 -86.67 -44.98 -5.79
CA ALA N 161 -87.59 -45.48 -4.76
C ALA N 161 -87.39 -46.97 -4.48
N GLU N 162 -86.96 -47.76 -5.49
CA GLU N 162 -86.81 -49.21 -5.35
C GLU N 162 -85.38 -49.64 -4.96
N ILE N 163 -84.57 -48.76 -4.33
CA ILE N 163 -83.21 -49.12 -3.93
C ILE N 163 -83.25 -50.11 -2.76
N ALA N 164 -83.97 -49.75 -1.69
CA ALA N 164 -84.05 -50.60 -0.51
C ALA N 164 -84.59 -52.03 -0.79
N SER N 165 -85.54 -52.20 -1.75
CA SER N 165 -86.03 -53.53 -2.11
C SER N 165 -84.98 -54.34 -2.88
N ALA N 166 -84.22 -53.68 -3.77
CA ALA N 166 -83.17 -54.33 -4.55
C ALA N 166 -81.95 -54.76 -3.70
N ILE N 167 -81.82 -54.27 -2.45
CA ILE N 167 -80.70 -54.63 -1.60
C ILE N 167 -80.78 -56.12 -1.24
N GLN N 168 -79.72 -56.87 -1.58
CA GLN N 168 -79.59 -58.30 -1.30
C GLN N 168 -78.60 -58.50 -0.13
N ASP N 169 -78.57 -59.71 0.45
CA ASP N 169 -77.64 -60.03 1.55
C ASP N 169 -76.14 -59.91 1.18
N ASP N 170 -75.81 -60.02 -0.13
CA ASP N 170 -74.42 -59.93 -0.59
C ASP N 170 -74.16 -58.63 -1.39
N THR N 171 -74.82 -57.51 -1.03
CA THR N 171 -74.60 -56.24 -1.72
C THR N 171 -73.37 -55.53 -1.18
N GLY N 172 -72.49 -55.10 -2.08
CA GLY N 172 -71.28 -54.38 -1.71
C GLY N 172 -71.40 -52.89 -1.89
N LEU N 173 -72.08 -52.42 -2.96
CA LEU N 173 -72.20 -50.99 -3.25
C LEU N 173 -73.55 -50.60 -3.88
N VAL N 174 -73.91 -49.31 -3.75
CA VAL N 174 -75.08 -48.69 -4.35
C VAL N 174 -74.53 -47.57 -5.24
N ILE N 175 -74.49 -47.78 -6.57
CA ILE N 175 -73.93 -46.81 -7.51
C ILE N 175 -75.00 -45.82 -8.00
N VAL N 176 -74.73 -44.52 -7.84
CA VAL N 176 -75.61 -43.41 -8.24
C VAL N 176 -74.76 -42.32 -8.95
N GLU N 177 -75.38 -41.57 -9.88
CA GLU N 177 -74.73 -40.51 -10.63
C GLU N 177 -75.74 -39.38 -10.81
N THR N 178 -75.38 -38.14 -10.43
CA THR N 178 -76.28 -36.98 -10.52
C THR N 178 -75.49 -35.67 -10.74
N PRO N 179 -75.79 -34.85 -11.78
CA PRO N 179 -76.76 -35.06 -12.88
C PRO N 179 -76.33 -36.23 -13.76
N ALA N 180 -77.28 -37.06 -14.19
CA ALA N 180 -76.96 -38.23 -15.00
C ALA N 180 -76.42 -37.88 -16.38
N ASN N 181 -75.62 -38.78 -16.96
CA ASN N 181 -75.06 -38.59 -18.29
C ASN N 181 -75.91 -39.42 -19.27
N PRO N 182 -76.57 -38.86 -20.32
CA PRO N 182 -76.62 -37.46 -20.80
C PRO N 182 -77.79 -36.57 -20.32
N SER N 183 -78.99 -37.17 -20.09
CA SER N 183 -80.24 -36.50 -19.70
C SER N 183 -80.18 -35.45 -18.57
N LEU N 184 -79.18 -35.53 -17.68
CA LEU N 184 -79.02 -34.63 -16.53
C LEU N 184 -80.14 -34.79 -15.50
N ASP N 185 -80.60 -36.04 -15.29
CA ASP N 185 -81.63 -36.33 -14.30
C ASP N 185 -80.98 -36.28 -12.92
N LEU N 186 -81.62 -35.61 -11.96
CA LEU N 186 -81.08 -35.47 -10.62
C LEU N 186 -81.58 -36.58 -9.70
N VAL N 187 -80.78 -36.91 -8.67
CA VAL N 187 -81.07 -37.96 -7.70
C VAL N 187 -80.95 -37.38 -6.29
N ASP N 188 -81.97 -37.59 -5.43
CA ASP N 188 -81.91 -37.11 -4.05
C ASP N 188 -80.97 -38.04 -3.27
N LEU N 189 -79.76 -37.56 -2.97
CA LEU N 189 -78.75 -38.37 -2.29
C LEU N 189 -79.09 -38.66 -0.82
N ASP N 190 -79.85 -37.78 -0.16
CA ASP N 190 -80.23 -38.00 1.24
C ASP N 190 -81.15 -39.22 1.34
N SER N 191 -82.11 -39.36 0.41
CA SER N 191 -83.03 -40.49 0.39
C SER N 191 -82.33 -41.80 -0.03
N VAL N 192 -81.32 -41.70 -0.92
CA VAL N 192 -80.57 -42.88 -1.39
C VAL N 192 -79.79 -43.50 -0.22
N VAL N 193 -79.09 -42.66 0.57
CA VAL N 193 -78.31 -43.15 1.72
C VAL N 193 -79.24 -43.82 2.74
N ALA N 194 -80.42 -43.22 2.98
CA ALA N 194 -81.40 -43.80 3.88
C ALA N 194 -81.92 -45.16 3.38
N ALA N 195 -82.15 -45.29 2.06
CA ALA N 195 -82.61 -46.54 1.46
C ALA N 195 -81.53 -47.63 1.52
N ALA N 196 -80.26 -47.26 1.27
CA ALA N 196 -79.15 -48.21 1.32
C ALA N 196 -78.91 -48.72 2.73
N GLY N 197 -79.01 -47.84 3.72
CA GLY N 197 -78.82 -48.21 5.12
C GLY N 197 -77.37 -48.52 5.45
N THR N 198 -77.06 -49.80 5.71
CA THR N 198 -75.71 -50.24 6.03
C THR N 198 -74.82 -50.45 4.78
N VAL N 199 -75.40 -50.46 3.57
CA VAL N 199 -74.62 -50.68 2.35
C VAL N 199 -73.92 -49.36 1.95
N PRO N 200 -72.60 -49.31 1.67
CA PRO N 200 -72.00 -48.03 1.26
C PRO N 200 -72.52 -47.52 -0.09
N VAL N 201 -72.59 -46.19 -0.24
CA VAL N 201 -73.09 -45.56 -1.46
C VAL N 201 -71.92 -44.92 -2.23
N LEU N 202 -71.79 -45.23 -3.52
CA LEU N 202 -70.75 -44.68 -4.39
C LEU N 202 -71.42 -43.72 -5.38
N VAL N 203 -71.08 -42.42 -5.30
CA VAL N 203 -71.68 -41.37 -6.11
C VAL N 203 -70.66 -40.85 -7.12
N ASP N 204 -70.98 -40.90 -8.41
CA ASP N 204 -70.10 -40.38 -9.46
C ASP N 204 -70.39 -38.87 -9.60
N ASN N 205 -69.53 -38.04 -9.00
CA ASN N 205 -69.66 -36.58 -8.97
C ASN N 205 -68.81 -35.91 -10.06
N THR N 206 -68.72 -36.52 -11.25
CA THR N 206 -67.91 -35.98 -12.35
C THR N 206 -68.48 -34.65 -12.89
N PHE N 207 -69.79 -34.61 -13.18
CA PHE N 207 -70.46 -33.44 -13.74
C PHE N 207 -70.54 -32.24 -12.81
N CYS N 208 -70.90 -32.46 -11.52
CA CYS N 208 -71.03 -31.38 -10.54
C CYS N 208 -69.68 -30.86 -10.06
N THR N 209 -68.71 -31.77 -9.77
CA THR N 209 -67.38 -31.45 -9.21
C THR N 209 -67.50 -31.01 -7.73
N PRO N 210 -66.42 -31.02 -6.90
CA PRO N 210 -66.56 -30.55 -5.50
C PRO N 210 -66.97 -29.08 -5.34
N VAL N 211 -67.02 -28.31 -6.44
CA VAL N 211 -67.41 -26.89 -6.41
C VAL N 211 -68.92 -26.81 -6.12
N LEU N 212 -69.72 -27.64 -6.81
CA LEU N 212 -71.18 -27.64 -6.71
C LEU N 212 -71.76 -28.67 -5.75
N GLN N 213 -71.19 -29.89 -5.70
CA GLN N 213 -71.75 -30.96 -4.88
C GLN N 213 -70.67 -31.68 -4.08
N GLN N 214 -71.02 -32.12 -2.86
CA GLN N 214 -70.13 -32.87 -1.96
C GLN N 214 -70.96 -34.03 -1.41
N PRO N 215 -71.07 -35.18 -2.12
CA PRO N 215 -71.90 -36.29 -1.60
C PRO N 215 -71.52 -36.83 -0.22
N ILE N 216 -70.25 -36.68 0.21
CA ILE N 216 -69.80 -37.15 1.54
C ILE N 216 -70.64 -36.49 2.65
N ARG N 217 -70.94 -35.19 2.52
CA ARG N 217 -71.75 -34.49 3.52
C ARG N 217 -73.19 -35.02 3.58
N HIS N 218 -73.74 -35.54 2.46
CA HIS N 218 -75.07 -36.16 2.46
C HIS N 218 -75.08 -37.62 2.98
N GLY N 219 -73.91 -38.18 3.33
CA GLY N 219 -73.79 -39.53 3.88
C GLY N 219 -73.23 -40.57 2.94
N ALA N 220 -72.71 -40.18 1.75
CA ALA N 220 -72.12 -41.14 0.83
C ALA N 220 -70.77 -41.61 1.35
N ALA N 221 -70.39 -42.84 1.03
CA ALA N 221 -69.12 -43.42 1.46
C ALA N 221 -68.01 -43.18 0.45
N LEU N 222 -68.29 -43.36 -0.86
CA LEU N 222 -67.30 -43.17 -1.92
C LEU N 222 -67.80 -42.15 -2.94
N VAL N 223 -66.89 -41.31 -3.46
CA VAL N 223 -67.20 -40.28 -4.46
C VAL N 223 -66.21 -40.41 -5.61
N LEU N 224 -66.68 -40.90 -6.77
CA LEU N 224 -65.83 -41.08 -7.94
C LEU N 224 -65.86 -39.84 -8.82
N HIS N 225 -64.72 -39.51 -9.42
CA HIS N 225 -64.61 -38.39 -10.35
C HIS N 225 -63.77 -38.86 -11.51
N SER N 226 -64.24 -38.67 -12.74
CA SER N 226 -63.43 -38.93 -13.91
C SER N 226 -62.60 -37.66 -14.03
N ALA N 227 -61.40 -37.66 -13.44
CA ALA N 227 -60.53 -36.49 -13.45
C ALA N 227 -60.23 -35.97 -14.86
N THR N 228 -60.34 -36.84 -15.89
CA THR N 228 -60.22 -36.50 -17.31
C THR N 228 -61.06 -35.26 -17.68
N LYS N 229 -62.20 -35.05 -16.99
CA LYS N 229 -63.07 -33.89 -17.25
C LYS N 229 -63.22 -33.02 -16.01
N TYR N 230 -63.12 -31.69 -16.23
CA TYR N 230 -63.21 -30.63 -15.24
C TYR N 230 -62.01 -30.55 -14.27
N LEU N 231 -61.59 -31.66 -13.64
CA LEU N 231 -60.43 -31.62 -12.73
C LEU N 231 -59.18 -31.28 -13.54
N GLY N 232 -59.03 -31.88 -14.72
CA GLY N 232 -57.96 -31.54 -15.64
C GLY N 232 -58.28 -30.21 -16.30
N GLY N 233 -59.45 -30.17 -16.93
CA GLY N 233 -60.00 -28.95 -17.52
C GLY N 233 -59.46 -28.52 -18.87
N HIS N 234 -58.41 -29.17 -19.39
CA HIS N 234 -57.82 -28.80 -20.68
C HIS N 234 -57.78 -29.95 -21.71
N GLY N 235 -58.47 -31.06 -21.44
CA GLY N 235 -58.53 -32.20 -22.35
C GLY N 235 -57.18 -32.79 -22.69
N ASP N 236 -56.28 -32.89 -21.71
CA ASP N 236 -54.93 -33.41 -21.92
C ASP N 236 -54.38 -34.28 -20.77
N ALA N 237 -55.24 -34.77 -19.87
CA ALA N 237 -54.80 -35.60 -18.77
C ALA N 237 -55.89 -36.58 -18.37
N MET N 238 -55.70 -37.87 -18.67
CA MET N 238 -56.66 -38.90 -18.28
C MET N 238 -56.47 -39.15 -16.78
N GLY N 239 -57.55 -39.53 -16.10
CA GLY N 239 -57.47 -39.81 -14.67
C GLY N 239 -58.79 -40.21 -14.05
N GLY N 240 -58.68 -40.83 -12.88
CA GLY N 240 -59.82 -41.29 -12.09
C GLY N 240 -59.46 -41.23 -10.62
N ILE N 241 -60.41 -40.89 -9.75
CA ILE N 241 -60.12 -40.76 -8.31
C ILE N 241 -61.39 -40.96 -7.47
N ILE N 242 -61.26 -41.63 -6.32
CA ILE N 242 -62.36 -41.88 -5.40
C ILE N 242 -62.04 -41.28 -4.04
N ALA N 243 -62.80 -40.26 -3.60
CA ALA N 243 -62.63 -39.68 -2.29
C ALA N 243 -63.50 -40.53 -1.36
N THR N 244 -62.90 -41.19 -0.36
CA THR N 244 -63.63 -42.11 0.53
C THR N 244 -62.97 -42.23 1.93
N ASN N 245 -63.67 -42.89 2.89
CA ASN N 245 -63.16 -43.17 4.23
C ASN N 245 -61.90 -44.05 4.18
N SER N 246 -61.17 -44.15 5.31
CA SER N 246 -59.94 -44.95 5.40
C SER N 246 -60.13 -46.45 5.08
N ASP N 247 -61.29 -47.04 5.41
CA ASP N 247 -61.55 -48.46 5.15
C ASP N 247 -61.58 -48.76 3.64
N TRP N 248 -62.38 -48.02 2.87
CA TRP N 248 -62.45 -48.22 1.42
C TRP N 248 -61.18 -47.76 0.71
N ALA N 249 -60.47 -46.75 1.25
CA ALA N 249 -59.21 -46.30 0.66
C ALA N 249 -58.17 -47.41 0.73
N MET N 250 -58.13 -48.16 1.83
CA MET N 250 -57.21 -49.28 2.00
C MET N 250 -57.56 -50.40 1.02
N ARG N 251 -58.85 -50.73 0.89
CA ARG N 251 -59.30 -51.76 -0.04
C ARG N 251 -58.99 -51.39 -1.50
N LEU N 252 -59.16 -50.11 -1.86
CA LEU N 252 -58.86 -49.64 -3.22
C LEU N 252 -57.36 -49.71 -3.49
N ARG N 253 -56.52 -49.31 -2.51
CA ARG N 253 -55.07 -49.37 -2.67
C ARG N 253 -54.59 -50.81 -2.74
N GLN N 254 -55.24 -51.75 -2.04
CA GLN N 254 -54.90 -53.18 -2.11
C GLN N 254 -55.10 -53.68 -3.55
N VAL N 255 -56.18 -53.24 -4.21
CA VAL N 255 -56.45 -53.63 -5.60
C VAL N 255 -55.45 -52.94 -6.52
N ARG N 256 -55.19 -51.64 -6.31
CA ARG N 256 -54.24 -50.88 -7.12
C ARG N 256 -52.83 -51.47 -7.09
N ALA N 257 -52.36 -51.94 -5.93
CA ALA N 257 -51.02 -52.50 -5.79
C ALA N 257 -50.77 -53.77 -6.60
N ILE N 258 -51.81 -54.60 -6.84
CA ILE N 258 -51.67 -55.85 -7.59
C ILE N 258 -52.25 -55.76 -9.02
N THR N 259 -53.25 -54.91 -9.29
CA THR N 259 -53.79 -54.74 -10.65
C THR N 259 -53.00 -53.69 -11.43
N GLY N 260 -52.46 -52.69 -10.75
CA GLY N 260 -51.58 -51.68 -11.36
C GLY N 260 -52.13 -50.72 -12.40
N ALA N 261 -53.36 -50.22 -12.23
CA ALA N 261 -53.90 -49.21 -13.15
C ALA N 261 -53.48 -47.85 -12.57
N LEU N 262 -52.20 -47.52 -12.71
CA LEU N 262 -51.62 -46.33 -12.10
C LEU N 262 -51.75 -45.05 -12.91
N LEU N 263 -51.85 -43.94 -12.20
CA LEU N 263 -51.89 -42.61 -12.78
C LEU N 263 -50.42 -42.17 -12.94
N HIS N 264 -50.03 -41.76 -14.15
CA HIS N 264 -48.64 -41.37 -14.43
C HIS N 264 -48.26 -40.08 -13.66
N PRO N 265 -47.01 -39.92 -13.15
CA PRO N 265 -46.68 -38.67 -12.43
C PRO N 265 -46.98 -37.37 -13.15
N MET N 266 -46.78 -37.28 -14.48
CA MET N 266 -47.11 -36.05 -15.22
C MET N 266 -48.62 -35.87 -15.32
N GLY N 267 -49.38 -36.96 -15.44
CA GLY N 267 -50.83 -36.92 -15.45
C GLY N 267 -51.35 -36.40 -14.12
N ALA N 268 -50.79 -36.90 -13.01
CA ALA N 268 -51.14 -36.43 -11.67
C ALA N 268 -50.77 -34.97 -11.47
N TYR N 269 -49.64 -34.55 -12.03
CA TYR N 269 -49.21 -33.17 -11.94
C TYR N 269 -50.20 -32.24 -12.63
N LEU N 270 -50.65 -32.59 -13.85
CA LEU N 270 -51.60 -31.74 -14.60
C LEU N 270 -53.00 -31.74 -14.00
N LEU N 271 -53.43 -32.83 -13.37
CA LEU N 271 -54.75 -32.89 -12.72
C LEU N 271 -54.74 -32.06 -11.43
N HIS N 272 -53.62 -32.10 -10.68
CA HIS N 272 -53.44 -31.30 -9.47
C HIS N 272 -53.35 -29.82 -9.86
N ARG N 273 -52.64 -29.51 -10.96
CA ARG N 273 -52.48 -28.16 -11.54
C ARG N 273 -53.86 -27.61 -11.93
N GLY N 274 -54.69 -28.45 -12.54
CA GLY N 274 -56.04 -28.07 -12.94
C GLY N 274 -56.97 -27.77 -11.79
N LEU N 275 -56.78 -28.42 -10.63
CA LEU N 275 -57.61 -28.17 -9.45
C LEU N 275 -57.48 -26.72 -8.96
N ARG N 276 -56.33 -26.08 -9.17
CA ARG N 276 -56.09 -24.70 -8.75
C ARG N 276 -57.06 -23.72 -9.43
N THR N 277 -57.39 -23.98 -10.71
CA THR N 277 -58.30 -23.15 -11.50
C THR N 277 -59.72 -23.76 -11.64
N LEU N 278 -60.05 -24.83 -10.89
CA LEU N 278 -61.34 -25.49 -11.03
C LEU N 278 -62.52 -24.58 -10.69
N ALA N 279 -62.50 -23.92 -9.53
CA ALA N 279 -63.60 -23.04 -9.12
C ALA N 279 -63.79 -21.88 -10.10
N VAL N 280 -62.69 -21.30 -10.61
CA VAL N 280 -62.77 -20.19 -11.55
C VAL N 280 -63.30 -20.64 -12.92
N ARG N 281 -62.86 -21.81 -13.41
CA ARG N 281 -63.32 -22.32 -14.70
C ARG N 281 -64.77 -22.78 -14.65
N MET N 282 -65.16 -23.49 -13.57
CA MET N 282 -66.52 -24.01 -13.45
C MET N 282 -67.53 -22.86 -13.39
N ARG N 283 -67.27 -21.83 -12.57
CA ARG N 283 -68.17 -20.68 -12.46
C ARG N 283 -68.31 -19.92 -13.79
N ALA N 284 -67.23 -19.83 -14.58
CA ALA N 284 -67.27 -19.15 -15.87
C ALA N 284 -68.11 -19.93 -16.89
N ALA N 285 -67.91 -21.27 -16.96
CA ALA N 285 -68.66 -22.12 -17.88
C ALA N 285 -70.14 -22.22 -17.45
N GLN N 286 -70.42 -22.22 -16.14
CA GLN N 286 -71.77 -22.28 -15.58
C GLN N 286 -72.58 -21.05 -15.99
N THR N 287 -71.95 -19.85 -15.92
CA THR N 287 -72.60 -18.60 -16.29
C THR N 287 -72.99 -18.65 -17.78
N THR N 288 -72.09 -19.12 -18.63
CA THR N 288 -72.33 -19.25 -20.07
C THR N 288 -73.44 -20.28 -20.35
N ALA N 289 -73.42 -21.42 -19.64
CA ALA N 289 -74.42 -22.46 -19.81
C ALA N 289 -75.82 -22.02 -19.38
N GLY N 290 -75.92 -21.30 -18.26
CA GLY N 290 -77.19 -20.78 -17.79
C GLY N 290 -77.86 -19.84 -18.79
N GLU N 291 -77.05 -19.01 -19.46
CA GLU N 291 -77.54 -18.08 -20.48
C GLU N 291 -77.87 -18.83 -21.78
N LEU N 292 -77.00 -19.76 -22.22
CA LEU N 292 -77.23 -20.52 -23.44
C LEU N 292 -78.49 -21.39 -23.37
N ALA N 293 -78.75 -22.04 -22.23
CA ALA N 293 -79.95 -22.89 -22.07
C ALA N 293 -81.25 -22.10 -22.29
N GLU N 294 -81.29 -20.84 -21.83
CA GLU N 294 -82.47 -19.99 -21.99
C GLU N 294 -82.58 -19.46 -23.42
N ARG N 295 -81.45 -19.11 -24.05
CA ARG N 295 -81.44 -18.60 -25.42
C ARG N 295 -81.83 -19.69 -26.43
N LEU N 296 -81.34 -20.93 -26.22
CA LEU N 296 -81.66 -22.05 -27.11
C LEU N 296 -83.11 -22.52 -26.95
N ALA N 297 -83.73 -22.30 -25.78
CA ALA N 297 -85.13 -22.69 -25.54
C ALA N 297 -86.08 -21.90 -26.46
N ALA N 298 -85.75 -20.63 -26.76
CA ALA N 298 -86.56 -19.78 -27.63
C ALA N 298 -86.55 -20.24 -29.10
N HIS N 299 -85.56 -21.06 -29.52
CA HIS N 299 -85.49 -21.54 -30.91
C HIS N 299 -86.62 -22.55 -31.17
N PRO N 300 -87.34 -22.49 -32.32
CA PRO N 300 -88.44 -23.46 -32.54
C PRO N 300 -88.01 -24.89 -32.84
N ALA N 301 -86.78 -25.10 -33.34
CA ALA N 301 -86.27 -26.44 -33.66
C ALA N 301 -86.07 -27.32 -32.42
N ILE N 302 -85.86 -26.72 -31.24
CA ILE N 302 -85.65 -27.47 -30.00
C ILE N 302 -86.98 -27.57 -29.23
N THR N 303 -87.38 -28.80 -28.87
CA THR N 303 -88.64 -29.03 -28.15
C THR N 303 -88.46 -28.82 -26.65
N ALA N 304 -87.36 -29.35 -26.07
CA ALA N 304 -87.11 -29.23 -24.63
C ALA N 304 -85.61 -29.07 -24.35
N VAL N 305 -85.27 -28.21 -23.38
CA VAL N 305 -83.90 -27.95 -22.96
C VAL N 305 -83.76 -28.43 -21.52
N HIS N 306 -82.87 -29.41 -21.28
CA HIS N 306 -82.63 -29.95 -19.95
C HIS N 306 -81.42 -29.26 -19.34
N TYR N 307 -81.63 -28.59 -18.19
CA TYR N 307 -80.56 -27.91 -17.46
C TYR N 307 -81.01 -27.81 -15.99
N PRO N 308 -80.25 -28.29 -14.98
CA PRO N 308 -80.75 -28.22 -13.59
C PRO N 308 -81.32 -26.86 -13.13
N GLY N 309 -82.60 -26.88 -12.75
CA GLY N 309 -83.35 -25.71 -12.31
C GLY N 309 -84.20 -25.07 -13.39
N LEU N 310 -83.78 -25.19 -14.66
CA LEU N 310 -84.49 -24.56 -15.77
C LEU N 310 -85.78 -25.25 -16.21
N ASN N 311 -86.90 -24.50 -16.23
CA ASN N 311 -88.23 -24.94 -16.67
C ASN N 311 -88.69 -26.29 -16.12
N GLY N 312 -89.15 -26.29 -14.87
CA GLY N 312 -89.69 -27.46 -14.19
C GLY N 312 -88.83 -28.71 -14.23
N GLN N 313 -87.52 -28.56 -14.01
CA GLN N 313 -86.57 -29.69 -14.03
C GLN N 313 -86.16 -30.14 -12.62
N ASP N 314 -86.54 -29.41 -11.55
CA ASP N 314 -86.15 -29.74 -10.18
C ASP N 314 -87.29 -29.50 -9.18
N PRO N 315 -88.29 -30.42 -9.07
CA PRO N 315 -89.38 -30.19 -8.11
C PRO N 315 -89.04 -30.49 -6.65
N ARG N 316 -87.97 -31.26 -6.38
CA ARG N 316 -87.58 -31.63 -5.01
C ARG N 316 -86.73 -30.58 -4.27
N GLY N 317 -86.37 -29.48 -4.93
CA GLY N 317 -85.58 -28.44 -4.32
C GLY N 317 -84.15 -28.85 -4.05
N LEU N 318 -83.58 -29.68 -4.93
CA LEU N 318 -82.20 -30.15 -4.79
C LEU N 318 -81.19 -29.05 -5.13
N LEU N 319 -81.54 -28.12 -6.04
CA LEU N 319 -80.68 -27.01 -6.39
C LEU N 319 -80.75 -26.00 -5.23
N GLY N 320 -79.84 -26.14 -4.27
CA GLY N 320 -79.78 -25.33 -3.06
C GLY N 320 -79.42 -26.18 -1.87
N ARG N 321 -80.06 -27.36 -1.74
CA ARG N 321 -79.79 -28.32 -0.67
C ARG N 321 -78.58 -29.20 -1.01
N GLN N 322 -78.53 -29.69 -2.27
CA GLN N 322 -77.51 -30.61 -2.76
C GLN N 322 -76.50 -29.95 -3.72
N MET N 323 -76.99 -29.17 -4.69
CA MET N 323 -76.14 -28.52 -5.70
C MET N 323 -76.13 -27.00 -5.53
N SER N 324 -74.93 -26.40 -5.42
CA SER N 324 -74.81 -24.95 -5.31
C SER N 324 -74.78 -24.23 -6.69
N GLY N 325 -75.08 -24.94 -7.78
CA GLY N 325 -75.07 -24.36 -9.11
C GLY N 325 -75.66 -25.29 -10.15
N GLY N 326 -76.06 -24.71 -11.28
CA GLY N 326 -76.68 -25.45 -12.37
C GLY N 326 -75.77 -26.35 -13.19
N GLY N 327 -74.46 -26.08 -13.18
CA GLY N 327 -73.50 -26.87 -13.94
C GLY N 327 -73.14 -26.25 -15.27
N ALA N 328 -72.32 -26.96 -16.07
CA ALA N 328 -71.89 -26.50 -17.40
C ALA N 328 -72.28 -27.49 -18.52
N MET N 329 -73.24 -28.40 -18.27
CA MET N 329 -73.70 -29.38 -19.26
C MET N 329 -75.14 -29.08 -19.64
N ILE N 330 -75.50 -29.25 -20.93
CA ILE N 330 -76.86 -29.01 -21.41
C ILE N 330 -77.26 -30.10 -22.40
N ALA N 331 -78.33 -30.85 -22.12
CA ALA N 331 -78.88 -31.84 -23.04
C ALA N 331 -80.17 -31.27 -23.63
N LEU N 332 -80.47 -31.52 -24.92
CA LEU N 332 -81.68 -30.97 -25.54
C LEU N 332 -82.26 -31.88 -26.62
N GLU N 333 -83.61 -31.97 -26.67
CA GLU N 333 -84.33 -32.78 -27.64
C GLU N 333 -84.69 -31.91 -28.84
N LEU N 334 -84.49 -32.43 -30.07
CA LEU N 334 -84.81 -31.71 -31.30
C LEU N 334 -86.11 -32.22 -31.91
N ALA N 335 -86.84 -31.34 -32.61
CA ALA N 335 -88.11 -31.67 -33.24
C ALA N 335 -87.77 -32.36 -34.56
N GLY N 336 -88.03 -33.65 -34.70
CA GLY N 336 -87.64 -34.37 -35.91
C GLY N 336 -86.88 -35.64 -35.62
N GLY N 337 -86.12 -35.66 -34.51
CA GLY N 337 -85.44 -36.88 -34.12
C GLY N 337 -84.00 -37.04 -34.55
N PHE N 338 -83.65 -38.23 -35.08
CA PHE N 338 -82.29 -38.54 -35.50
C PHE N 338 -81.78 -37.65 -36.62
N ASP N 339 -82.62 -37.38 -37.64
CA ASP N 339 -82.26 -36.56 -38.81
C ASP N 339 -81.80 -35.14 -38.42
N ALA N 340 -82.55 -34.47 -37.55
CA ALA N 340 -82.23 -33.12 -37.08
C ALA N 340 -81.01 -33.14 -36.15
N ALA N 341 -80.94 -34.12 -35.25
CA ALA N 341 -79.81 -34.27 -34.32
C ALA N 341 -78.49 -34.49 -35.07
N ARG N 342 -78.51 -35.30 -36.13
CA ARG N 342 -77.32 -35.58 -36.95
C ARG N 342 -76.88 -34.30 -37.70
N SER N 343 -77.83 -33.61 -38.35
CA SER N 343 -77.53 -32.40 -39.11
C SER N 343 -76.96 -31.28 -38.23
N PHE N 344 -77.55 -31.08 -37.04
CA PHE N 344 -77.12 -30.04 -36.09
C PHE N 344 -75.67 -30.28 -35.64
N VAL N 345 -75.30 -31.54 -35.37
CA VAL N 345 -73.94 -31.92 -34.97
C VAL N 345 -72.94 -31.64 -36.11
N GLU N 346 -73.26 -32.09 -37.33
CA GLU N 346 -72.37 -31.94 -38.48
C GLU N 346 -72.19 -30.50 -38.97
N HIS N 347 -73.21 -29.64 -38.83
CA HIS N 347 -73.09 -28.25 -39.29
C HIS N 347 -72.41 -27.29 -38.28
N CYS N 348 -72.00 -27.79 -37.09
CA CYS N 348 -71.29 -26.94 -36.12
C CYS N 348 -69.85 -26.74 -36.59
N SER N 349 -69.32 -25.51 -36.51
CA SER N 349 -67.96 -25.18 -36.94
C SER N 349 -67.06 -24.82 -35.73
N LEU N 350 -67.47 -23.83 -34.91
CA LEU N 350 -66.73 -23.42 -33.72
C LEU N 350 -66.88 -24.51 -32.65
N VAL N 351 -68.12 -24.98 -32.42
CA VAL N 351 -68.38 -26.04 -31.45
C VAL N 351 -67.93 -27.33 -32.14
N VAL N 352 -67.03 -28.08 -31.49
CA VAL N 352 -66.44 -29.29 -32.08
C VAL N 352 -67.24 -30.55 -31.74
N HIS N 353 -67.55 -31.38 -32.75
CA HIS N 353 -68.26 -32.64 -32.55
C HIS N 353 -67.26 -33.69 -32.07
N ALA N 354 -67.26 -33.96 -30.75
CA ALA N 354 -66.37 -34.93 -30.13
C ALA N 354 -66.95 -35.43 -28.80
N VAL N 355 -66.52 -36.61 -28.36
CA VAL N 355 -66.95 -37.15 -27.06
C VAL N 355 -66.16 -36.39 -25.92
N SER N 356 -66.48 -36.65 -24.65
CA SER N 356 -65.81 -36.01 -23.50
C SER N 356 -66.43 -34.64 -23.16
N LEU N 357 -66.06 -34.08 -22.00
CA LEU N 357 -66.61 -32.83 -21.47
C LEU N 357 -65.63 -32.17 -20.46
N GLY N 358 -66.00 -31.01 -19.91
CA GLY N 358 -65.20 -30.31 -18.91
C GLY N 358 -63.98 -29.55 -19.40
N GLY N 359 -63.74 -29.55 -20.70
CA GLY N 359 -62.58 -28.85 -21.27
C GLY N 359 -62.81 -27.37 -21.44
N ALA N 360 -61.77 -26.66 -21.89
CA ALA N 360 -61.84 -25.22 -22.14
C ALA N 360 -62.71 -24.89 -23.36
N ASP N 361 -62.87 -25.83 -24.32
CA ASP N 361 -63.67 -25.62 -25.52
C ASP N 361 -65.02 -26.35 -25.44
N THR N 362 -66.01 -25.84 -26.19
CA THR N 362 -67.36 -26.38 -26.20
C THR N 362 -67.43 -27.57 -27.15
N LEU N 363 -67.90 -28.72 -26.64
CA LEU N 363 -68.03 -29.95 -27.42
C LEU N 363 -69.50 -30.35 -27.53
N ILE N 364 -69.83 -31.09 -28.60
CA ILE N 364 -71.21 -31.54 -28.88
C ILE N 364 -71.19 -33.00 -29.35
N GLN N 365 -72.25 -33.76 -29.04
CA GLN N 365 -72.36 -35.17 -29.46
C GLN N 365 -73.82 -35.64 -29.54
N HIS N 366 -74.03 -36.79 -30.20
CA HIS N 366 -75.31 -37.48 -30.27
C HIS N 366 -75.09 -38.71 -29.35
N PRO N 367 -75.52 -38.68 -28.06
CA PRO N 367 -75.21 -39.81 -27.16
C PRO N 367 -75.58 -41.21 -27.61
N ALA N 368 -76.72 -41.38 -28.30
CA ALA N 368 -77.15 -42.69 -28.77
C ALA N 368 -76.14 -43.36 -29.71
N SER N 369 -75.45 -42.56 -30.56
CA SER N 369 -74.46 -43.08 -31.49
C SER N 369 -73.03 -43.16 -30.95
N LEU N 370 -72.70 -42.42 -29.88
CA LEU N 370 -71.32 -42.41 -29.37
C LEU N 370 -71.18 -42.92 -27.90
N THR N 371 -71.42 -42.09 -26.84
CA THR N 371 -71.19 -42.52 -25.47
C THR N 371 -72.10 -43.67 -25.03
N HIS N 372 -73.42 -43.53 -25.18
CA HIS N 372 -74.36 -44.56 -24.77
C HIS N 372 -74.75 -45.51 -25.90
N ARG N 373 -73.73 -45.99 -26.64
CA ARG N 373 -73.88 -46.96 -27.73
C ARG N 373 -73.79 -48.42 -27.19
N PRO N 374 -72.88 -48.78 -26.23
CA PRO N 374 -72.86 -50.17 -25.74
C PRO N 374 -73.99 -50.51 -24.73
N VAL N 375 -74.82 -49.50 -24.37
CA VAL N 375 -75.91 -49.66 -23.42
C VAL N 375 -77.08 -50.41 -24.09
N ALA N 376 -77.86 -51.20 -23.33
CA ALA N 376 -79.01 -51.91 -23.86
C ALA N 376 -80.04 -50.92 -24.42
N ALA N 377 -80.75 -51.33 -25.49
CA ALA N 377 -81.72 -50.45 -26.18
C ALA N 377 -82.75 -49.79 -25.27
N THR N 378 -83.21 -50.46 -24.21
CA THR N 378 -84.21 -49.89 -23.30
C THR N 378 -83.64 -48.72 -22.50
N ALA N 379 -82.38 -48.84 -22.02
CA ALA N 379 -81.77 -47.75 -21.27
C ALA N 379 -81.05 -46.72 -22.15
N LYS N 380 -81.16 -46.80 -23.50
CA LYS N 380 -80.51 -45.84 -24.38
C LYS N 380 -81.29 -44.50 -24.38
N PRO N 381 -80.61 -43.34 -24.52
CA PRO N 381 -81.35 -42.08 -24.56
C PRO N 381 -82.09 -41.85 -25.89
N GLY N 382 -82.95 -40.84 -25.93
CA GLY N 382 -83.71 -40.52 -27.13
C GLY N 382 -82.83 -40.14 -28.31
N ASP N 383 -83.30 -40.40 -29.53
CA ASP N 383 -82.55 -40.09 -30.75
C ASP N 383 -82.45 -38.57 -30.97
N GLY N 384 -83.48 -37.83 -30.59
CA GLY N 384 -83.47 -36.38 -30.71
C GLY N 384 -82.59 -35.67 -29.69
N LEU N 385 -82.13 -36.40 -28.64
CA LEU N 385 -81.30 -35.80 -27.59
C LEU N 385 -79.87 -35.54 -28.06
N ILE N 386 -79.32 -34.37 -27.67
CA ILE N 386 -77.97 -33.92 -28.00
C ILE N 386 -77.33 -33.37 -26.73
N ARG N 387 -76.14 -33.87 -26.34
CA ARG N 387 -75.44 -33.38 -25.16
C ARG N 387 -74.45 -32.31 -25.60
N LEU N 388 -74.27 -31.27 -24.77
CA LEU N 388 -73.40 -30.15 -25.09
C LEU N 388 -72.61 -29.72 -23.85
N SER N 389 -71.28 -29.87 -23.89
CA SER N 389 -70.41 -29.45 -22.80
C SER N 389 -70.00 -28.02 -23.05
N VAL N 390 -70.36 -27.10 -22.16
CA VAL N 390 -70.05 -25.67 -22.35
C VAL N 390 -68.65 -25.34 -21.85
N GLY N 391 -67.86 -24.70 -22.71
CA GLY N 391 -66.49 -24.31 -22.40
C GLY N 391 -66.38 -22.89 -21.86
N LEU N 392 -65.25 -22.23 -22.15
CA LEU N 392 -64.97 -20.86 -21.68
C LEU N 392 -65.01 -19.82 -22.80
N GLU N 393 -65.76 -20.07 -23.89
CA GLU N 393 -65.87 -19.11 -24.98
C GLU N 393 -66.96 -18.07 -24.66
N HIS N 394 -67.03 -16.97 -25.45
CA HIS N 394 -68.04 -15.95 -25.24
C HIS N 394 -69.43 -16.53 -25.51
N VAL N 395 -70.44 -16.04 -24.78
CA VAL N 395 -71.81 -16.55 -24.87
C VAL N 395 -72.42 -16.25 -26.26
N ASP N 396 -72.15 -15.06 -26.82
CA ASP N 396 -72.70 -14.67 -28.12
C ASP N 396 -72.12 -15.52 -29.27
N ASP N 397 -70.80 -15.78 -29.27
CA ASP N 397 -70.19 -16.57 -30.33
C ASP N 397 -70.67 -18.02 -30.34
N LEU N 398 -70.97 -18.59 -29.16
CA LEU N 398 -71.47 -19.96 -29.09
C LEU N 398 -72.91 -20.03 -29.60
N GLU N 399 -73.77 -19.06 -29.25
CA GLU N 399 -75.15 -19.08 -29.73
C GLU N 399 -75.21 -18.86 -31.25
N ASP N 400 -74.35 -17.99 -31.82
CA ASP N 400 -74.33 -17.74 -33.25
C ASP N 400 -74.00 -19.01 -34.03
N ASP N 401 -73.04 -19.80 -33.54
CA ASP N 401 -72.66 -21.04 -34.20
C ASP N 401 -73.73 -22.12 -34.09
N LEU N 402 -74.36 -22.26 -32.91
CA LEU N 402 -75.41 -23.26 -32.70
C LEU N 402 -76.68 -22.91 -33.49
N ILE N 403 -77.02 -21.61 -33.58
CA ILE N 403 -78.19 -21.17 -34.35
C ILE N 403 -77.93 -21.43 -35.85
N ALA N 404 -76.71 -21.14 -36.34
CA ALA N 404 -76.35 -21.40 -37.73
C ALA N 404 -76.49 -22.89 -38.08
N ALA N 405 -76.09 -23.78 -37.16
CA ALA N 405 -76.20 -25.23 -37.36
C ALA N 405 -77.66 -25.70 -37.34
N LEU N 406 -78.50 -25.11 -36.49
CA LEU N 406 -79.92 -25.45 -36.43
C LEU N 406 -80.65 -24.99 -37.69
N ASP N 407 -80.33 -23.78 -38.18
CA ASP N 407 -80.93 -23.23 -39.39
C ASP N 407 -80.47 -23.95 -40.67
N ALA N 408 -79.32 -24.65 -40.63
CA ALA N 408 -78.82 -25.40 -41.79
C ALA N 408 -79.65 -26.67 -42.12
N SER N 409 -80.73 -26.96 -41.37
CA SER N 409 -81.56 -28.13 -41.63
C SER N 409 -82.54 -27.81 -42.77
N SER O 23 -64.53 -10.59 -36.19
CA SER O 23 -65.35 -11.77 -36.47
C SER O 23 -65.43 -12.75 -35.28
N MET O 24 -64.93 -12.37 -34.08
CA MET O 24 -64.89 -13.26 -32.91
C MET O 24 -64.53 -12.48 -31.63
N HIS O 25 -65.14 -12.79 -30.45
CA HIS O 25 -64.79 -12.04 -29.24
C HIS O 25 -63.41 -12.47 -28.68
N PRO O 26 -62.70 -11.64 -27.87
CA PRO O 26 -61.40 -12.09 -27.34
C PRO O 26 -61.46 -13.34 -26.46
N GLU O 27 -62.59 -13.57 -25.76
CA GLU O 27 -62.75 -14.75 -24.90
C GLU O 27 -62.75 -16.04 -25.73
N THR O 28 -63.40 -16.00 -26.91
CA THR O 28 -63.44 -17.14 -27.82
C THR O 28 -62.06 -17.36 -28.45
N LEU O 29 -61.40 -16.26 -28.88
CA LEU O 29 -60.07 -16.31 -29.47
C LEU O 29 -59.00 -16.88 -28.54
N MET O 30 -59.14 -16.70 -27.22
CA MET O 30 -58.19 -17.27 -26.26
C MET O 30 -58.25 -18.79 -26.26
N VAL O 31 -59.45 -19.36 -26.42
CA VAL O 31 -59.65 -20.81 -26.40
C VAL O 31 -59.20 -21.46 -27.73
N HIS O 32 -59.70 -20.97 -28.87
CA HIS O 32 -59.41 -21.55 -30.19
C HIS O 32 -58.22 -20.94 -30.95
N GLY O 33 -57.51 -19.99 -30.37
CA GLY O 33 -56.37 -19.37 -31.03
C GLY O 33 -55.20 -20.33 -31.15
N GLY O 34 -54.63 -20.42 -32.35
CA GLY O 34 -53.51 -21.32 -32.62
C GLY O 34 -53.87 -22.79 -32.63
N MET O 35 -55.17 -23.12 -32.78
CA MET O 35 -55.67 -24.49 -32.79
C MET O 35 -56.24 -24.86 -34.18
N ASP O 36 -55.73 -24.26 -35.26
CA ASP O 36 -56.25 -24.51 -36.60
C ASP O 36 -55.71 -25.83 -37.16
N GLY O 37 -56.58 -26.60 -37.79
CA GLY O 37 -56.22 -27.88 -38.38
C GLY O 37 -56.18 -29.07 -37.43
N LEU O 38 -56.29 -28.84 -36.11
CA LEU O 38 -56.27 -29.95 -35.14
C LEU O 38 -57.56 -30.76 -35.22
N THR O 39 -58.72 -30.08 -35.33
CA THR O 39 -60.01 -30.77 -35.45
C THR O 39 -60.06 -31.60 -36.76
N GLU O 40 -59.47 -31.09 -37.84
CA GLU O 40 -59.43 -31.80 -39.13
C GLU O 40 -58.53 -33.04 -39.03
N ALA O 41 -57.42 -32.95 -38.26
CA ALA O 41 -56.50 -34.07 -38.05
C ALA O 41 -57.03 -35.11 -37.01
N GLY O 42 -58.19 -34.87 -36.41
CA GLY O 42 -58.78 -35.78 -35.43
C GLY O 42 -58.11 -35.76 -34.07
N VAL O 43 -57.60 -34.58 -33.64
CA VAL O 43 -56.93 -34.41 -32.34
C VAL O 43 -57.55 -33.22 -31.57
N HIS O 44 -57.44 -33.22 -30.24
CA HIS O 44 -58.03 -32.19 -29.38
C HIS O 44 -57.06 -31.05 -29.04
N VAL O 45 -55.83 -31.38 -28.62
CA VAL O 45 -54.80 -30.41 -28.21
C VAL O 45 -53.55 -30.55 -29.12
N PRO O 46 -52.70 -29.52 -29.30
CA PRO O 46 -51.52 -29.70 -30.17
C PRO O 46 -50.50 -30.66 -29.56
N ALA O 47 -49.89 -31.51 -30.40
CA ALA O 47 -48.91 -32.49 -29.92
C ALA O 47 -47.57 -31.81 -29.61
N ILE O 48 -46.80 -32.40 -28.69
CA ILE O 48 -45.49 -31.88 -28.31
C ILE O 48 -44.45 -32.64 -29.13
N ASP O 49 -43.89 -32.00 -30.17
CA ASP O 49 -42.88 -32.62 -31.03
C ASP O 49 -41.50 -32.21 -30.51
N LEU O 50 -40.81 -33.13 -29.81
CA LEU O 50 -39.49 -32.84 -29.24
C LEU O 50 -38.35 -32.90 -30.27
N SER O 51 -38.62 -33.31 -31.53
CA SER O 51 -37.61 -33.42 -32.59
C SER O 51 -36.65 -32.23 -32.68
N THR O 52 -35.34 -32.51 -32.60
CA THR O 52 -34.32 -31.48 -32.73
C THR O 52 -34.09 -31.20 -34.23
N THR O 53 -34.03 -32.27 -35.03
CA THR O 53 -33.84 -32.17 -36.49
C THR O 53 -35.12 -32.57 -37.21
N ASN O 54 -35.30 -32.08 -38.44
CA ASN O 54 -36.49 -32.35 -39.25
C ASN O 54 -36.05 -32.79 -40.67
N PRO O 55 -36.26 -34.07 -41.08
CA PRO O 55 -35.80 -34.48 -42.42
C PRO O 55 -36.35 -33.68 -43.60
N VAL O 56 -35.58 -33.65 -44.70
CA VAL O 56 -35.94 -32.92 -45.93
C VAL O 56 -36.20 -33.89 -47.09
N ASN O 57 -37.05 -33.48 -48.05
CA ASN O 57 -37.41 -34.31 -49.18
C ASN O 57 -36.23 -34.48 -50.15
N ASP O 58 -35.58 -33.37 -50.51
CA ASP O 58 -34.41 -33.38 -51.41
C ASP O 58 -33.43 -32.22 -51.06
N VAL O 59 -32.25 -32.23 -51.68
CA VAL O 59 -31.20 -31.23 -51.43
C VAL O 59 -31.68 -29.82 -51.83
N ALA O 60 -32.33 -29.68 -53.00
CA ALA O 60 -32.78 -28.39 -53.48
C ALA O 60 -33.83 -27.73 -52.55
N THR O 61 -34.90 -28.46 -52.16
CA THR O 61 -35.92 -27.88 -51.27
C THR O 61 -35.40 -27.73 -49.84
N GLY O 62 -34.58 -28.69 -49.39
CA GLY O 62 -33.99 -28.63 -48.06
C GLY O 62 -33.08 -27.43 -47.87
N GLY O 63 -32.24 -27.18 -48.86
CA GLY O 63 -31.33 -26.04 -48.83
C GLY O 63 -32.05 -24.71 -48.91
N ASP O 64 -33.11 -24.62 -49.75
CA ASP O 64 -33.89 -23.41 -49.87
C ASP O 64 -34.67 -23.14 -48.60
N SER O 65 -35.27 -24.17 -47.97
CA SER O 65 -36.00 -24.02 -46.72
C SER O 65 -35.04 -23.58 -45.60
N TYR O 66 -33.79 -24.09 -45.61
CA TYR O 66 -32.78 -23.69 -44.64
C TYR O 66 -32.49 -22.19 -44.76
N GLU O 67 -32.20 -21.70 -45.98
CA GLU O 67 -31.87 -20.30 -46.20
C GLU O 67 -33.07 -19.39 -45.90
N TRP O 68 -34.27 -19.86 -46.25
CA TRP O 68 -35.52 -19.12 -46.00
C TRP O 68 -35.71 -18.87 -44.51
N LEU O 69 -35.52 -19.90 -43.67
CA LEU O 69 -35.70 -19.75 -42.22
C LEU O 69 -34.51 -19.08 -41.53
N ALA O 70 -33.27 -19.30 -42.03
CA ALA O 70 -32.09 -18.67 -41.43
C ALA O 70 -32.13 -17.14 -41.62
N THR O 71 -32.69 -16.66 -42.74
CA THR O 71 -32.85 -15.22 -43.00
C THR O 71 -34.12 -14.63 -42.32
N GLY O 72 -34.66 -15.31 -41.31
CA GLY O 72 -35.79 -14.83 -40.53
C GLY O 72 -37.20 -14.97 -41.09
N HIS O 73 -37.39 -15.66 -42.23
CA HIS O 73 -38.74 -15.80 -42.79
C HIS O 73 -39.55 -16.89 -42.07
N ALA O 74 -40.88 -16.77 -42.11
CA ALA O 74 -41.77 -17.76 -41.51
C ALA O 74 -41.82 -19.03 -42.37
N LEU O 75 -42.15 -20.17 -41.75
CA LEU O 75 -42.20 -21.44 -42.47
C LEU O 75 -43.36 -21.48 -43.46
N LYS O 76 -43.08 -21.89 -44.70
CA LYS O 76 -44.10 -22.06 -45.73
C LYS O 76 -44.84 -23.37 -45.47
N ASP O 77 -46.15 -23.42 -45.75
CA ASP O 77 -46.93 -24.64 -45.53
C ASP O 77 -46.44 -25.76 -46.45
N GLY O 78 -46.25 -26.95 -45.87
CA GLY O 78 -45.75 -28.11 -46.59
C GLY O 78 -44.25 -28.28 -46.54
N ASP O 79 -43.49 -27.19 -46.30
CA ASP O 79 -42.04 -27.23 -46.22
C ASP O 79 -41.55 -27.80 -44.89
N SER O 80 -40.36 -28.40 -44.90
CA SER O 80 -39.76 -28.98 -43.70
C SER O 80 -39.19 -27.90 -42.80
N ALA O 81 -39.30 -28.08 -41.48
CA ALA O 81 -38.74 -27.14 -40.51
C ALA O 81 -37.20 -27.14 -40.48
N VAL O 82 -36.54 -28.18 -41.07
CA VAL O 82 -35.09 -28.38 -41.17
C VAL O 82 -34.42 -28.65 -39.79
N TYR O 83 -34.51 -27.70 -38.86
CA TYR O 83 -33.90 -27.80 -37.53
C TYR O 83 -34.73 -26.97 -36.52
N GLN O 84 -34.69 -27.36 -35.24
CA GLN O 84 -35.47 -26.68 -34.20
C GLN O 84 -35.04 -25.23 -33.99
N ARG O 85 -33.74 -24.92 -34.14
CA ARG O 85 -33.27 -23.54 -34.00
C ARG O 85 -33.76 -22.61 -35.15
N LEU O 86 -34.28 -23.18 -36.24
CA LEU O 86 -34.82 -22.41 -37.35
C LEU O 86 -36.36 -22.36 -37.24
N TRP O 87 -37.03 -23.49 -36.89
CA TRP O 87 -38.49 -23.51 -36.72
C TRP O 87 -38.95 -24.70 -35.87
N GLN O 88 -40.03 -24.51 -35.08
CA GLN O 88 -40.64 -25.55 -34.24
C GLN O 88 -42.18 -25.38 -34.33
N PRO O 89 -42.98 -26.44 -34.62
CA PRO O 89 -44.43 -26.24 -34.80
C PRO O 89 -45.23 -25.82 -33.55
N GLY O 90 -44.90 -26.37 -32.40
CA GLY O 90 -45.58 -26.05 -31.15
C GLY O 90 -45.37 -24.61 -30.73
N VAL O 91 -44.17 -24.08 -30.97
CA VAL O 91 -43.84 -22.69 -30.67
C VAL O 91 -44.63 -21.81 -31.65
N ALA O 92 -44.62 -22.16 -32.95
CA ALA O 92 -45.37 -21.43 -33.98
C ALA O 92 -46.87 -21.33 -33.66
N ARG O 93 -47.48 -22.38 -33.05
CA ARG O 93 -48.89 -22.34 -32.68
C ARG O 93 -49.13 -21.31 -31.58
N PHE O 94 -48.24 -21.27 -30.57
CA PHE O 94 -48.31 -20.29 -29.49
C PHE O 94 -48.12 -18.86 -30.05
N GLU O 95 -47.21 -18.71 -31.03
CA GLU O 95 -46.93 -17.44 -31.68
C GLU O 95 -48.17 -16.90 -32.41
N THR O 96 -48.84 -17.73 -33.21
CA THR O 96 -50.05 -17.30 -33.94
C THR O 96 -51.21 -17.01 -32.98
N ALA O 97 -51.28 -17.72 -31.84
CA ALA O 97 -52.34 -17.50 -30.86
C ALA O 97 -52.25 -16.11 -30.23
N LEU O 98 -51.04 -15.67 -29.80
CA LEU O 98 -50.88 -14.35 -29.20
C LEU O 98 -51.00 -13.24 -30.23
N ALA O 99 -50.46 -13.43 -31.45
CA ALA O 99 -50.54 -12.41 -32.50
C ALA O 99 -52.00 -12.03 -32.81
N GLU O 100 -52.92 -13.01 -32.81
CA GLU O 100 -54.34 -12.74 -33.04
C GLU O 100 -54.95 -11.93 -31.88
N LEU O 101 -54.51 -12.19 -30.64
CA LEU O 101 -55.02 -11.48 -29.46
C LEU O 101 -54.54 -10.03 -29.45
N GLU O 102 -53.26 -9.79 -29.76
CA GLU O 102 -52.70 -8.43 -29.82
C GLU O 102 -52.97 -7.72 -31.16
N HIS O 103 -53.60 -8.45 -32.15
CA HIS O 103 -53.92 -8.04 -33.50
C HIS O 103 -52.69 -7.58 -34.28
N ALA O 104 -51.58 -8.31 -34.07
CA ALA O 104 -50.30 -8.14 -34.75
C ALA O 104 -50.24 -9.13 -35.93
N ASP O 105 -49.40 -8.85 -36.91
CA ASP O 105 -49.25 -9.73 -38.07
C ASP O 105 -48.61 -11.05 -37.66
N GLU O 106 -47.48 -11.00 -36.94
CA GLU O 106 -46.73 -12.19 -36.50
C GLU O 106 -46.20 -12.01 -35.05
N ALA O 107 -45.65 -13.09 -34.47
CA ALA O 107 -45.04 -13.05 -33.14
C ALA O 107 -43.84 -13.99 -33.08
N VAL O 108 -42.83 -13.67 -32.25
CA VAL O 108 -41.60 -14.49 -32.12
C VAL O 108 -41.41 -14.82 -30.63
N ALA O 109 -41.30 -16.12 -30.29
CA ALA O 109 -41.15 -16.58 -28.91
C ALA O 109 -39.71 -17.00 -28.60
N PHE O 110 -39.31 -16.83 -27.33
CA PHE O 110 -37.96 -17.14 -26.81
C PHE O 110 -38.05 -17.83 -25.42
N ALA O 111 -36.89 -18.27 -24.87
CA ALA O 111 -36.81 -18.95 -23.59
C ALA O 111 -37.40 -18.17 -22.40
N THR O 112 -37.11 -16.85 -22.32
CA THR O 112 -37.57 -15.95 -21.24
C THR O 112 -37.95 -14.57 -21.80
N GLY O 113 -38.59 -13.72 -20.98
CA GLY O 113 -38.90 -12.35 -21.37
C GLY O 113 -37.64 -11.54 -21.65
N MET O 114 -36.55 -11.83 -20.91
CA MET O 114 -35.26 -11.16 -21.11
C MET O 114 -34.61 -11.59 -22.42
N ALA O 115 -34.82 -12.84 -22.87
CA ALA O 115 -34.30 -13.31 -24.16
C ALA O 115 -34.98 -12.54 -25.31
N ALA O 116 -36.28 -12.25 -25.17
CA ALA O 116 -37.01 -11.48 -26.16
C ALA O 116 -36.47 -10.05 -26.20
N MET O 117 -36.25 -9.42 -25.02
CA MET O 117 -35.68 -8.07 -24.94
C MET O 117 -34.27 -8.06 -25.56
N THR O 118 -33.46 -9.08 -25.27
CA THR O 118 -32.10 -9.20 -25.80
C THR O 118 -32.13 -9.25 -27.32
N ALA O 119 -33.02 -10.06 -27.90
CA ALA O 119 -33.12 -10.17 -29.35
C ALA O 119 -33.64 -8.88 -29.98
N ALA O 120 -34.58 -8.19 -29.33
CA ALA O 120 -35.12 -6.93 -29.83
C ALA O 120 -34.04 -5.86 -29.88
N LEU O 121 -33.16 -5.82 -28.85
CA LEU O 121 -32.07 -4.85 -28.80
C LEU O 121 -30.99 -5.20 -29.83
N LEU O 122 -30.65 -6.49 -29.98
CA LEU O 122 -29.64 -6.92 -30.95
C LEU O 122 -30.12 -6.70 -32.39
N ALA O 123 -31.44 -6.82 -32.65
CA ALA O 123 -32.00 -6.57 -33.98
C ALA O 123 -31.83 -5.10 -34.36
N ALA O 124 -32.02 -4.18 -33.38
CA ALA O 124 -31.84 -2.75 -33.59
C ALA O 124 -30.36 -2.42 -33.83
N VAL O 125 -29.46 -3.02 -33.04
CA VAL O 125 -28.01 -2.79 -33.17
C VAL O 125 -27.55 -3.25 -34.56
N ASN O 126 -27.96 -4.44 -35.00
CA ASN O 126 -27.59 -4.98 -36.30
C ASN O 126 -28.06 -4.11 -37.46
N ALA O 127 -29.23 -3.44 -37.31
CA ALA O 127 -29.76 -2.54 -38.33
C ALA O 127 -29.08 -1.14 -38.33
N GLY O 128 -28.00 -0.96 -37.60
CA GLY O 128 -27.30 0.32 -37.53
C GLY O 128 -27.99 1.37 -36.68
N THR O 129 -28.82 0.94 -35.71
CA THR O 129 -29.55 1.85 -34.81
C THR O 129 -29.34 1.38 -33.36
N PRO O 130 -28.13 1.54 -32.78
CA PRO O 130 -27.90 1.05 -31.40
C PRO O 130 -28.48 1.91 -30.28
N HIS O 131 -28.94 3.14 -30.58
CA HIS O 131 -29.49 4.01 -29.54
C HIS O 131 -30.95 3.67 -29.24
N ILE O 132 -31.32 3.68 -27.96
CA ILE O 132 -32.68 3.39 -27.49
C ILE O 132 -33.13 4.50 -26.54
N VAL O 133 -34.36 5.00 -26.71
CA VAL O 133 -34.97 6.00 -25.84
C VAL O 133 -35.91 5.22 -24.93
N ALA O 134 -35.81 5.38 -23.60
CA ALA O 134 -36.65 4.62 -22.68
C ALA O 134 -37.13 5.44 -21.49
N VAL O 135 -38.36 5.16 -21.02
CA VAL O 135 -38.92 5.81 -19.83
C VAL O 135 -38.30 5.14 -18.59
N ARG O 136 -37.93 5.92 -17.56
CA ARG O 136 -37.25 5.36 -16.38
C ARG O 136 -38.02 4.26 -15.62
N PRO O 137 -39.35 4.37 -15.35
CA PRO O 137 -40.03 3.30 -14.61
C PRO O 137 -40.20 2.02 -15.45
N LEU O 138 -39.19 1.13 -15.40
CA LEU O 138 -39.14 -0.14 -16.13
C LEU O 138 -38.78 -1.31 -15.17
N TYR O 139 -38.92 -2.54 -15.67
CA TYR O 139 -38.54 -3.74 -14.93
C TYR O 139 -37.00 -3.70 -14.71
N GLY O 140 -36.56 -4.09 -13.50
CA GLY O 140 -35.16 -4.09 -13.09
C GLY O 140 -34.17 -4.65 -14.09
N GLY O 141 -34.47 -5.82 -14.62
CA GLY O 141 -33.62 -6.48 -15.61
C GLY O 141 -33.51 -5.72 -16.91
N SER O 142 -34.66 -5.23 -17.43
CA SER O 142 -34.70 -4.44 -18.66
C SER O 142 -33.90 -3.15 -18.47
N ASP O 143 -34.01 -2.52 -17.29
CA ASP O 143 -33.29 -1.29 -16.96
C ASP O 143 -31.78 -1.57 -16.89
N HIS O 144 -31.37 -2.65 -16.20
CA HIS O 144 -29.96 -3.00 -16.06
C HIS O 144 -29.32 -3.39 -17.39
N LEU O 145 -30.06 -4.09 -18.27
CA LEU O 145 -29.55 -4.49 -19.57
C LEU O 145 -29.25 -3.27 -20.46
N LEU O 146 -30.08 -2.22 -20.39
CA LEU O 146 -29.87 -1.00 -21.17
C LEU O 146 -28.72 -0.17 -20.58
N GLU O 147 -28.66 -0.05 -19.24
CA GLU O 147 -27.62 0.71 -18.57
C GLU O 147 -26.21 0.15 -18.79
N THR O 148 -26.06 -1.17 -18.72
CA THR O 148 -24.76 -1.82 -18.93
C THR O 148 -24.23 -1.65 -20.36
N GLY O 149 -25.11 -1.71 -21.34
CA GLY O 149 -24.72 -1.60 -22.74
C GLY O 149 -23.96 -2.84 -23.18
N LEU O 150 -24.39 -4.02 -22.70
CA LEU O 150 -23.76 -5.30 -22.99
C LEU O 150 -23.91 -5.68 -24.47
N LEU O 151 -25.08 -5.42 -25.05
CA LEU O 151 -25.37 -5.78 -26.43
C LEU O 151 -24.99 -4.66 -27.43
N GLY O 152 -24.05 -3.80 -27.06
CA GLY O 152 -23.63 -2.69 -27.91
C GLY O 152 -24.67 -1.61 -28.07
N THR O 153 -25.43 -1.34 -26.99
CA THR O 153 -26.51 -0.35 -26.99
C THR O 153 -26.14 0.88 -26.17
N THR O 154 -26.65 2.05 -26.58
CA THR O 154 -26.52 3.32 -25.88
C THR O 154 -27.96 3.74 -25.52
N VAL O 155 -28.18 4.26 -24.30
CA VAL O 155 -29.53 4.62 -23.86
C VAL O 155 -29.61 6.06 -23.35
N THR O 156 -30.72 6.74 -23.65
CA THR O 156 -31.03 8.08 -23.19
C THR O 156 -32.33 7.95 -22.42
N TRP O 157 -32.27 8.08 -21.09
CA TRP O 157 -33.45 7.97 -20.24
C TRP O 157 -34.27 9.25 -20.37
N ALA O 158 -35.54 9.13 -20.81
CA ALA O 158 -36.41 10.27 -21.02
C ALA O 158 -37.79 10.06 -20.40
N LYS O 159 -38.45 11.14 -19.99
CA LYS O 159 -39.82 11.11 -19.47
C LYS O 159 -40.83 11.10 -20.65
N GLU O 160 -42.14 10.88 -20.37
CA GLU O 160 -43.19 10.82 -21.40
C GLU O 160 -43.20 12.05 -22.32
N ALA O 161 -43.07 13.26 -21.75
CA ALA O 161 -43.08 14.49 -22.54
C ALA O 161 -41.78 14.74 -23.33
N GLU O 162 -40.62 14.33 -22.80
CA GLU O 162 -39.36 14.59 -23.52
C GLU O 162 -38.87 13.37 -24.34
N ILE O 163 -39.80 12.54 -24.87
CA ILE O 163 -39.42 11.43 -25.75
C ILE O 163 -38.92 12.01 -27.10
N ALA O 164 -39.70 12.93 -27.70
CA ALA O 164 -39.36 13.57 -28.98
C ALA O 164 -37.97 14.21 -28.97
N SER O 165 -37.59 14.90 -27.88
CA SER O 165 -36.29 15.54 -27.78
C SER O 165 -35.15 14.53 -27.66
N ALA O 166 -35.37 13.43 -26.92
CA ALA O 166 -34.37 12.38 -26.76
C ALA O 166 -34.11 11.57 -28.03
N ILE O 167 -34.99 11.67 -29.05
CA ILE O 167 -34.82 10.92 -30.30
C ILE O 167 -33.57 11.42 -31.02
N GLN O 168 -32.62 10.51 -31.29
CA GLN O 168 -31.37 10.78 -32.01
C GLN O 168 -31.48 10.20 -33.45
N ASP O 169 -30.55 10.60 -34.33
CA ASP O 169 -30.53 10.10 -35.71
C ASP O 169 -30.32 8.57 -35.83
N ASP O 170 -29.72 7.93 -34.80
CA ASP O 170 -29.47 6.49 -34.80
C ASP O 170 -30.36 5.74 -33.79
N THR O 171 -31.61 6.20 -33.57
CA THR O 171 -32.52 5.53 -32.64
C THR O 171 -33.22 4.36 -33.32
N GLY O 172 -33.20 3.21 -32.67
CA GLY O 172 -33.83 2.00 -33.17
C GLY O 172 -35.18 1.73 -32.54
N LEU O 173 -35.32 1.98 -31.22
CA LEU O 173 -36.57 1.70 -30.50
C LEU O 173 -36.87 2.70 -29.39
N VAL O 174 -38.15 2.78 -28.99
CA VAL O 174 -38.65 3.60 -27.89
C VAL O 174 -39.30 2.58 -26.94
N ILE O 175 -38.66 2.29 -25.79
CA ILE O 175 -39.15 1.27 -24.86
C ILE O 175 -40.03 1.91 -23.78
N VAL O 176 -41.26 1.40 -23.63
CA VAL O 176 -42.27 1.86 -22.66
C VAL O 176 -42.92 0.63 -21.98
N GLU O 177 -43.37 0.79 -20.73
CA GLU O 177 -44.01 -0.26 -19.94
C GLU O 177 -45.13 0.39 -19.12
N THR O 178 -46.37 -0.14 -19.22
CA THR O 178 -47.52 0.43 -18.50
C THR O 178 -48.58 -0.67 -18.17
N PRO O 179 -49.00 -0.85 -16.89
CA PRO O 179 -48.53 -0.19 -15.65
C PRO O 179 -47.09 -0.56 -15.36
N ALA O 180 -46.29 0.40 -14.90
CA ALA O 180 -44.87 0.15 -14.61
C ALA O 180 -44.65 -0.82 -13.45
N ASN O 181 -43.52 -1.51 -13.46
CA ASN O 181 -43.16 -2.45 -12.40
C ASN O 181 -42.15 -1.73 -11.48
N PRO O 182 -42.38 -1.50 -10.16
CA PRO O 182 -43.52 -1.90 -9.30
C PRO O 182 -44.65 -0.88 -9.09
N SER O 183 -44.33 0.44 -9.08
CA SER O 183 -45.24 1.57 -8.81
C SER O 183 -46.59 1.59 -9.54
N LEU O 184 -46.72 0.90 -10.70
CA LEU O 184 -47.94 0.85 -11.51
C LEU O 184 -48.29 2.21 -12.11
N ASP O 185 -47.27 2.98 -12.52
CA ASP O 185 -47.46 4.28 -13.16
C ASP O 185 -47.90 4.03 -14.60
N LEU O 186 -48.94 4.74 -15.05
CA LEU O 186 -49.48 4.56 -16.39
C LEU O 186 -48.83 5.52 -17.40
N VAL O 187 -48.79 5.12 -18.68
CA VAL O 187 -48.20 5.89 -19.76
C VAL O 187 -49.22 6.01 -20.89
N ASP O 188 -49.44 7.24 -21.40
CA ASP O 188 -50.38 7.44 -22.51
C ASP O 188 -49.69 6.98 -23.79
N LEU O 189 -50.10 5.80 -24.31
CA LEU O 189 -49.49 5.19 -25.50
C LEU O 189 -49.75 5.96 -26.79
N ASP O 190 -50.86 6.68 -26.89
CA ASP O 190 -51.19 7.47 -28.08
C ASP O 190 -50.21 8.64 -28.23
N SER O 191 -49.87 9.32 -27.12
CA SER O 191 -48.92 10.43 -27.14
C SER O 191 -47.48 9.97 -27.37
N VAL O 192 -47.09 8.77 -26.89
CA VAL O 192 -45.71 8.30 -27.08
C VAL O 192 -45.47 7.87 -28.54
N VAL O 193 -46.49 7.32 -29.23
CA VAL O 193 -46.35 6.98 -30.66
C VAL O 193 -46.20 8.29 -31.46
N ALA O 194 -46.98 9.32 -31.12
CA ALA O 194 -46.89 10.62 -31.78
C ALA O 194 -45.51 11.26 -31.57
N ALA O 195 -44.95 11.16 -30.36
CA ALA O 195 -43.64 11.71 -30.03
C ALA O 195 -42.52 10.96 -30.76
N ALA O 196 -42.61 9.62 -30.83
CA ALA O 196 -41.61 8.79 -31.51
C ALA O 196 -41.60 9.06 -33.02
N GLY O 197 -42.78 9.23 -33.62
CA GLY O 197 -42.90 9.50 -35.05
C GLY O 197 -42.55 8.29 -35.90
N THR O 198 -41.42 8.35 -36.61
CA THR O 198 -40.96 7.26 -37.47
C THR O 198 -40.22 6.15 -36.70
N VAL O 199 -39.85 6.38 -35.42
CA VAL O 199 -39.11 5.38 -34.64
C VAL O 199 -40.11 4.33 -34.12
N PRO O 200 -39.89 2.99 -34.29
CA PRO O 200 -40.87 2.02 -33.73
C PRO O 200 -40.93 2.06 -32.21
N VAL O 201 -42.12 1.78 -31.65
CA VAL O 201 -42.35 1.78 -30.21
C VAL O 201 -42.53 0.35 -29.71
N LEU O 202 -41.75 -0.05 -28.68
CA LEU O 202 -41.83 -1.36 -28.05
C LEU O 202 -42.50 -1.17 -26.70
N VAL O 203 -43.67 -1.81 -26.50
CA VAL O 203 -44.45 -1.71 -25.26
C VAL O 203 -44.44 -3.05 -24.53
N ASP O 204 -43.99 -3.07 -23.27
CA ASP O 204 -43.97 -4.27 -22.44
C ASP O 204 -45.36 -4.39 -21.79
N ASN O 205 -46.24 -5.24 -22.36
CA ASN O 205 -47.62 -5.45 -21.92
C ASN O 205 -47.76 -6.69 -21.03
N THR O 206 -46.78 -6.97 -20.17
CA THR O 206 -46.81 -8.14 -19.29
C THR O 206 -47.92 -8.05 -18.23
N PHE O 207 -48.01 -6.90 -17.54
CA PHE O 207 -48.98 -6.69 -16.46
C PHE O 207 -50.44 -6.63 -16.92
N CYS O 208 -50.72 -5.89 -18.02
CA CYS O 208 -52.08 -5.75 -18.54
C CYS O 208 -52.57 -7.00 -19.26
N THR O 209 -51.71 -7.62 -20.11
CA THR O 209 -52.03 -8.79 -20.96
C THR O 209 -52.98 -8.38 -22.11
N PRO O 210 -53.12 -9.16 -23.22
CA PRO O 210 -54.07 -8.76 -24.28
C PRO O 210 -55.54 -8.65 -23.86
N VAL O 211 -55.88 -9.08 -22.63
CA VAL O 211 -57.25 -9.02 -22.11
C VAL O 211 -57.62 -7.55 -21.85
N LEU O 212 -56.70 -6.80 -21.21
CA LEU O 212 -56.91 -5.41 -20.83
C LEU O 212 -56.36 -4.37 -21.80
N GLN O 213 -55.18 -4.61 -22.39
CA GLN O 213 -54.54 -3.64 -23.26
C GLN O 213 -54.03 -4.28 -24.55
N GLN O 214 -54.13 -3.53 -25.67
CA GLN O 214 -53.67 -3.93 -26.99
C GLN O 214 -52.87 -2.74 -27.58
N PRO O 215 -51.56 -2.59 -27.27
CA PRO O 215 -50.82 -1.44 -27.81
C PRO O 215 -50.76 -1.32 -29.34
N ILE O 216 -50.89 -2.44 -30.09
CA ILE O 216 -50.85 -2.43 -31.56
C ILE O 216 -51.90 -1.44 -32.13
N ARG O 217 -53.13 -1.45 -31.60
CA ARG O 217 -54.17 -0.54 -32.08
C ARG O 217 -53.82 0.93 -31.76
N HIS O 218 -53.11 1.20 -30.64
CA HIS O 218 -52.68 2.57 -30.36
C HIS O 218 -51.50 3.05 -31.24
N GLY O 219 -50.97 2.17 -32.10
CA GLY O 219 -49.89 2.50 -33.02
C GLY O 219 -48.52 1.95 -32.66
N ALA O 220 -48.41 1.07 -31.65
CA ALA O 220 -47.12 0.49 -31.28
C ALA O 220 -46.70 -0.55 -32.33
N ALA O 221 -45.39 -0.71 -32.52
CA ALA O 221 -44.85 -1.64 -33.49
C ALA O 221 -44.57 -3.02 -32.88
N LEU O 222 -43.99 -3.05 -31.67
CA LEU O 222 -43.67 -4.30 -30.96
C LEU O 222 -44.33 -4.34 -29.58
N VAL O 223 -44.81 -5.52 -29.17
CA VAL O 223 -45.46 -5.73 -27.87
C VAL O 223 -44.80 -6.94 -27.20
N LEU O 224 -43.98 -6.69 -26.16
CA LEU O 224 -43.31 -7.76 -25.44
C LEU O 224 -44.11 -8.22 -24.24
N HIS O 225 -44.17 -9.54 -24.03
CA HIS O 225 -44.85 -10.15 -22.89
C HIS O 225 -43.90 -11.13 -22.24
N SER O 226 -43.81 -11.11 -20.92
CA SER O 226 -43.03 -12.09 -20.19
C SER O 226 -44.05 -13.20 -19.99
N ALA O 227 -44.08 -14.17 -20.93
CA ALA O 227 -45.06 -15.26 -20.87
C ALA O 227 -45.03 -16.03 -19.54
N THR O 228 -43.88 -16.02 -18.84
CA THR O 228 -43.69 -16.59 -17.50
C THR O 228 -44.82 -16.16 -16.53
N LYS O 229 -45.39 -14.95 -16.75
CA LYS O 229 -46.44 -14.36 -15.90
C LYS O 229 -47.72 -14.19 -16.70
N TYR O 230 -48.86 -14.62 -16.12
CA TYR O 230 -50.21 -14.52 -16.67
C TYR O 230 -50.48 -15.40 -17.90
N LEU O 231 -49.61 -15.37 -18.93
CA LEU O 231 -49.82 -16.22 -20.12
C LEU O 231 -49.72 -17.70 -19.71
N GLY O 232 -48.73 -18.02 -18.86
CA GLY O 232 -48.60 -19.35 -18.30
C GLY O 232 -49.65 -19.51 -17.22
N GLY O 233 -49.62 -18.60 -16.25
CA GLY O 233 -50.60 -18.51 -15.17
C GLY O 233 -50.47 -19.47 -14.02
N HIS O 234 -49.56 -20.45 -14.09
CA HIS O 234 -49.39 -21.44 -13.02
C HIS O 234 -47.96 -21.50 -12.43
N GLY O 235 -47.10 -20.53 -12.77
CA GLY O 235 -45.73 -20.48 -12.27
C GLY O 235 -44.90 -21.73 -12.57
N ASP O 236 -45.04 -22.27 -13.79
CA ASP O 236 -44.32 -23.48 -14.19
C ASP O 236 -43.84 -23.49 -15.65
N ALA O 237 -43.80 -22.33 -16.32
CA ALA O 237 -43.36 -22.25 -17.71
C ALA O 237 -42.72 -20.89 -17.99
N MET O 238 -41.40 -20.88 -18.15
CA MET O 238 -40.69 -19.64 -18.49
C MET O 238 -40.95 -19.35 -19.97
N GLY O 239 -40.96 -18.08 -20.35
CA GLY O 239 -41.18 -17.70 -21.73
C GLY O 239 -41.19 -16.22 -21.99
N GLY O 240 -41.00 -15.87 -23.24
CA GLY O 240 -40.98 -14.48 -23.71
C GLY O 240 -41.49 -14.44 -25.13
N ILE O 241 -42.23 -13.39 -25.51
CA ILE O 241 -42.81 -13.29 -26.86
C ILE O 241 -43.07 -11.83 -27.25
N ILE O 242 -42.83 -11.49 -28.53
CA ILE O 242 -43.05 -10.15 -29.06
C ILE O 242 -44.04 -10.23 -30.21
N ALA O 243 -45.23 -9.63 -30.06
CA ALA O 243 -46.22 -9.55 -31.13
C ALA O 243 -45.85 -8.30 -31.93
N THR O 244 -45.52 -8.45 -33.22
CA THR O 244 -45.07 -7.34 -34.06
C THR O 244 -45.38 -7.54 -35.57
N ASN O 245 -45.15 -6.50 -36.39
CA ASN O 245 -45.30 -6.55 -37.85
C ASN O 245 -44.30 -7.56 -38.48
N SER O 246 -44.51 -7.92 -39.76
CA SER O 246 -43.63 -8.86 -40.46
C SER O 246 -42.16 -8.44 -40.56
N ASP O 247 -41.88 -7.12 -40.65
CA ASP O 247 -40.49 -6.64 -40.75
C ASP O 247 -39.70 -6.95 -39.46
N TRP O 248 -40.23 -6.57 -38.29
CA TRP O 248 -39.54 -6.83 -37.02
C TRP O 248 -39.57 -8.32 -36.67
N ALA O 249 -40.60 -9.07 -37.08
CA ALA O 249 -40.66 -10.51 -36.82
C ALA O 249 -39.52 -11.22 -37.55
N MET O 250 -39.19 -10.79 -38.79
CA MET O 250 -38.09 -11.35 -39.56
C MET O 250 -36.76 -11.04 -38.88
N ARG O 251 -36.58 -9.79 -38.42
CA ARG O 251 -35.35 -9.39 -37.74
C ARG O 251 -35.16 -10.16 -36.43
N LEU O 252 -36.24 -10.39 -35.68
CA LEU O 252 -36.17 -11.14 -34.42
C LEU O 252 -35.84 -12.61 -34.69
N ARG O 253 -36.43 -13.21 -35.74
CA ARG O 253 -36.14 -14.61 -36.10
C ARG O 253 -34.70 -14.76 -36.60
N GLN O 254 -34.16 -13.73 -37.28
CA GLN O 254 -32.76 -13.74 -37.73
C GLN O 254 -31.81 -13.85 -36.54
N VAL O 255 -32.13 -13.12 -35.45
CA VAL O 255 -31.33 -13.14 -34.23
C VAL O 255 -31.53 -14.50 -33.52
N ARG O 256 -32.78 -14.99 -33.42
CA ARG O 256 -33.08 -16.27 -32.78
C ARG O 256 -32.35 -17.45 -33.45
N ALA O 257 -32.31 -17.48 -34.79
CA ALA O 257 -31.66 -18.57 -35.51
C ALA O 257 -30.17 -18.74 -35.25
N ILE O 258 -29.45 -17.64 -34.91
CA ILE O 258 -28.00 -17.69 -34.66
C ILE O 258 -27.66 -17.56 -33.14
N THR O 259 -28.49 -16.88 -32.33
CA THR O 259 -28.23 -16.78 -30.88
C THR O 259 -28.83 -17.97 -30.13
N GLY O 260 -29.94 -18.52 -30.62
CA GLY O 260 -30.57 -19.73 -30.07
C GLY O 260 -31.17 -19.71 -28.68
N ALA O 261 -31.84 -18.61 -28.28
CA ALA O 261 -32.54 -18.57 -26.99
C ALA O 261 -33.95 -19.11 -27.26
N LEU O 262 -34.05 -20.43 -27.45
CA LEU O 262 -35.30 -21.07 -27.84
C LEU O 262 -36.22 -21.45 -26.71
N LEU O 263 -37.53 -21.41 -27.00
CA LEU O 263 -38.57 -21.82 -26.07
C LEU O 263 -38.75 -23.33 -26.29
N HIS O 264 -38.67 -24.12 -25.21
CA HIS O 264 -38.76 -25.58 -25.30
C HIS O 264 -40.18 -26.02 -25.74
N PRO O 265 -40.36 -27.07 -26.57
CA PRO O 265 -41.73 -27.47 -26.96
C PRO O 265 -42.74 -27.66 -25.83
N MET O 266 -42.34 -28.24 -24.67
CA MET O 266 -43.27 -28.41 -23.55
C MET O 266 -43.58 -27.05 -22.91
N GLY O 267 -42.61 -26.14 -22.87
CA GLY O 267 -42.82 -24.79 -22.37
C GLY O 267 -43.82 -24.05 -23.24
N ALA O 268 -43.67 -24.16 -24.57
CA ALA O 268 -44.61 -23.57 -25.52
C ALA O 268 -45.99 -24.18 -25.40
N TYR O 269 -46.06 -25.49 -25.15
CA TYR O 269 -47.33 -26.18 -24.96
C TYR O 269 -48.08 -25.63 -23.75
N LEU O 270 -47.38 -25.47 -22.61
CA LEU O 270 -48.02 -24.98 -21.38
C LEU O 270 -48.41 -23.52 -21.47
N LEU O 271 -47.65 -22.69 -22.20
CA LEU O 271 -47.98 -21.27 -22.36
C LEU O 271 -49.19 -21.11 -23.28
N HIS O 272 -49.27 -21.94 -24.34
CA HIS O 272 -50.42 -21.96 -25.25
C HIS O 272 -51.67 -22.47 -24.50
N ARG O 273 -51.47 -23.51 -23.65
CA ARG O 273 -52.51 -24.11 -22.80
C ARG O 273 -53.07 -23.05 -21.83
N GLY O 274 -52.17 -22.24 -21.25
CA GLY O 274 -52.53 -21.17 -20.34
C GLY O 274 -53.33 -20.06 -20.98
N LEU O 275 -53.11 -19.78 -22.28
CA LEU O 275 -53.85 -18.74 -22.99
C LEU O 275 -55.35 -19.05 -23.05
N ARG O 276 -55.73 -20.33 -23.04
CA ARG O 276 -57.14 -20.72 -23.11
C ARG O 276 -57.92 -20.22 -21.88
N THR O 277 -57.28 -20.21 -20.70
CA THR O 277 -57.89 -19.77 -19.44
C THR O 277 -57.44 -18.34 -19.04
N LEU O 278 -56.74 -17.59 -19.90
CA LEU O 278 -56.23 -16.27 -19.54
C LEU O 278 -57.33 -15.25 -19.21
N ALA O 279 -58.36 -15.12 -20.06
CA ALA O 279 -59.45 -14.18 -19.80
C ALA O 279 -60.21 -14.51 -18.53
N VAL O 280 -60.45 -15.80 -18.27
CA VAL O 280 -61.18 -16.24 -17.07
C VAL O 280 -60.34 -16.01 -15.80
N ARG O 281 -59.03 -16.32 -15.84
CA ARG O 281 -58.15 -16.11 -14.68
C ARG O 281 -57.90 -14.64 -14.38
N MET O 282 -57.67 -13.82 -15.43
CA MET O 282 -57.39 -12.40 -15.25
C MET O 282 -58.59 -11.69 -14.63
N ARG O 283 -59.81 -11.93 -15.15
CA ARG O 283 -61.02 -11.31 -14.61
C ARG O 283 -61.27 -11.71 -13.15
N ALA O 284 -60.96 -12.96 -12.77
CA ALA O 284 -61.15 -13.42 -11.40
C ALA O 284 -60.15 -12.74 -10.44
N ALA O 285 -58.87 -12.65 -10.83
CA ALA O 285 -57.85 -12.00 -10.00
C ALA O 285 -58.07 -10.48 -9.93
N GLN O 286 -58.57 -9.88 -11.02
CA GLN O 286 -58.87 -8.44 -11.10
C GLN O 286 -59.99 -8.07 -10.12
N THR O 287 -61.03 -8.90 -10.03
CA THR O 287 -62.14 -8.66 -9.10
C THR O 287 -61.64 -8.69 -7.65
N THR O 288 -60.79 -9.67 -7.32
CA THR O 288 -60.20 -9.80 -5.98
C THR O 288 -59.28 -8.61 -5.69
N ALA O 289 -58.46 -8.18 -6.67
CA ALA O 289 -57.55 -7.04 -6.49
C ALA O 289 -58.28 -5.73 -6.28
N GLY O 290 -59.35 -5.49 -7.03
CA GLY O 290 -60.16 -4.28 -6.88
C GLY O 290 -60.76 -4.15 -5.50
N GLU O 291 -61.19 -5.27 -4.91
CA GLU O 291 -61.76 -5.29 -3.57
C GLU O 291 -60.65 -5.16 -2.51
N LEU O 292 -59.52 -5.89 -2.68
CA LEU O 292 -58.39 -5.85 -1.75
C LEU O 292 -57.78 -4.45 -1.64
N ALA O 293 -57.62 -3.74 -2.76
CA ALA O 293 -57.03 -2.40 -2.76
C ALA O 293 -57.84 -1.41 -1.90
N GLU O 294 -59.17 -1.53 -1.93
CA GLU O 294 -60.05 -0.65 -1.15
C GLU O 294 -60.05 -1.05 0.33
N ARG O 295 -60.03 -2.36 0.63
CA ARG O 295 -60.02 -2.85 2.00
C ARG O 295 -58.70 -2.53 2.71
N LEU O 296 -57.56 -2.64 2.00
CA LEU O 296 -56.25 -2.34 2.57
C LEU O 296 -56.05 -0.83 2.77
N ALA O 297 -56.72 0.02 1.98
CA ALA O 297 -56.62 1.47 2.13
C ALA O 297 -57.15 1.94 3.49
N ALA O 298 -58.17 1.27 4.02
CA ALA O 298 -58.75 1.60 5.33
C ALA O 298 -57.81 1.30 6.50
N HIS O 299 -56.78 0.44 6.32
CA HIS O 299 -55.85 0.11 7.39
C HIS O 299 -54.95 1.32 7.70
N PRO O 300 -54.68 1.66 8.98
CA PRO O 300 -53.85 2.85 9.26
C PRO O 300 -52.35 2.68 8.96
N ALA O 301 -51.84 1.44 8.94
CA ALA O 301 -50.43 1.18 8.67
C ALA O 301 -50.02 1.52 7.23
N ILE O 302 -50.97 1.52 6.27
CA ILE O 302 -50.68 1.82 4.88
C ILE O 302 -51.02 3.29 4.59
N THR O 303 -50.06 4.05 4.04
CA THR O 303 -50.25 5.46 3.74
C THR O 303 -50.94 5.66 2.39
N ALA O 304 -50.52 4.91 1.36
CA ALA O 304 -51.11 5.03 0.02
C ALA O 304 -51.17 3.67 -0.68
N VAL O 305 -52.27 3.42 -1.40
CA VAL O 305 -52.49 2.19 -2.17
C VAL O 305 -52.53 2.56 -3.64
N HIS O 306 -51.61 2.01 -4.43
CA HIS O 306 -51.53 2.27 -5.87
C HIS O 306 -52.24 1.15 -6.62
N TYR O 307 -53.29 1.50 -7.38
CA TYR O 307 -54.04 0.55 -8.19
C TYR O 307 -54.71 1.34 -9.33
N PRO O 308 -54.52 1.01 -10.63
CA PRO O 308 -55.14 1.84 -11.69
C PRO O 308 -56.63 2.16 -11.52
N GLY O 309 -56.93 3.46 -11.52
CA GLY O 309 -58.30 3.95 -11.40
C GLY O 309 -58.92 3.85 -10.01
N LEU O 310 -58.09 3.87 -8.95
CA LEU O 310 -58.61 3.79 -7.58
C LEU O 310 -58.95 5.23 -7.14
N ASN O 311 -57.93 6.12 -7.10
CA ASN O 311 -58.07 7.50 -6.67
C ASN O 311 -56.97 8.35 -7.29
N ASP O 314 -55.06 7.63 -10.49
CA ASP O 314 -54.74 7.89 -11.89
C ASP O 314 -55.27 9.27 -12.32
N PRO O 315 -54.43 10.32 -12.39
CA PRO O 315 -54.95 11.65 -12.80
C PRO O 315 -55.19 11.81 -14.31
N ARG O 316 -54.57 10.96 -15.16
CA ARG O 316 -54.70 11.08 -16.61
C ARG O 316 -56.07 10.59 -17.10
N GLY O 317 -56.54 9.48 -16.58
CA GLY O 317 -57.83 8.90 -16.92
C GLY O 317 -57.76 7.99 -18.13
N LEU O 318 -56.77 7.09 -18.17
CA LEU O 318 -56.59 6.17 -19.30
C LEU O 318 -57.53 4.95 -19.25
N LEU O 319 -58.15 4.65 -18.10
CA LEU O 319 -59.06 3.50 -18.00
C LEU O 319 -60.35 3.81 -18.74
N GLY O 320 -60.43 3.37 -19.99
CA GLY O 320 -61.59 3.60 -20.85
C GLY O 320 -61.29 3.37 -22.31
N ARG O 321 -60.22 4.01 -22.81
CA ARG O 321 -59.77 3.91 -24.20
C ARG O 321 -58.55 3.00 -24.32
N GLN O 322 -57.68 2.96 -23.28
CA GLN O 322 -56.44 2.17 -23.30
C GLN O 322 -56.56 0.85 -22.50
N MET O 323 -56.93 0.91 -21.21
CA MET O 323 -57.06 -0.29 -20.36
C MET O 323 -58.52 -0.60 -20.08
N SER O 324 -58.97 -1.82 -20.39
CA SER O 324 -60.35 -2.23 -20.10
C SER O 324 -60.53 -2.79 -18.67
N GLY O 325 -59.52 -2.63 -17.79
CA GLY O 325 -59.59 -3.14 -16.43
C GLY O 325 -58.44 -2.65 -15.57
N GLY O 326 -58.63 -2.72 -14.27
CA GLY O 326 -57.64 -2.28 -13.29
C GLY O 326 -56.41 -3.15 -13.13
N GLY O 327 -56.50 -4.42 -13.48
CA GLY O 327 -55.38 -5.36 -13.35
C GLY O 327 -55.45 -6.18 -12.09
N ALA O 328 -54.42 -7.01 -11.86
CA ALA O 328 -54.33 -7.87 -10.67
C ALA O 328 -53.06 -7.60 -9.83
N MET O 329 -52.43 -6.43 -9.99
CA MET O 329 -51.22 -6.05 -9.25
C MET O 329 -51.54 -4.86 -8.35
N ILE O 330 -50.98 -4.83 -7.12
CA ILE O 330 -51.20 -3.74 -6.18
C ILE O 330 -49.88 -3.40 -5.48
N ALA O 331 -49.42 -2.14 -5.61
CA ALA O 331 -48.24 -1.66 -4.88
C ALA O 331 -48.72 -0.73 -3.77
N LEU O 332 -48.08 -0.75 -2.60
CA LEU O 332 -48.51 0.09 -1.47
C LEU O 332 -47.36 0.55 -0.58
N GLU O 333 -47.42 1.82 -0.12
CA GLU O 333 -46.42 2.41 0.76
C GLU O 333 -46.85 2.22 2.21
N LEU O 334 -45.91 1.83 3.09
CA LEU O 334 -46.19 1.62 4.52
C LEU O 334 -45.66 2.79 5.33
N ALA O 335 -46.31 3.09 6.46
CA ALA O 335 -45.94 4.20 7.33
C ALA O 335 -44.73 3.82 8.16
N GLY O 336 -43.63 4.55 7.96
CA GLY O 336 -42.34 4.31 8.61
C GLY O 336 -41.24 4.26 7.59
N GLY O 337 -41.34 3.28 6.68
CA GLY O 337 -40.38 3.09 5.58
C GLY O 337 -39.89 1.66 5.49
N PHE O 338 -38.58 1.46 5.65
CA PHE O 338 -37.95 0.14 5.57
C PHE O 338 -38.31 -0.75 6.78
N ASP O 339 -38.53 -0.15 7.97
CA ASP O 339 -38.86 -0.91 9.19
C ASP O 339 -40.14 -1.75 9.04
N ALA O 340 -41.22 -1.15 8.54
CA ALA O 340 -42.49 -1.85 8.37
C ALA O 340 -42.46 -2.80 7.16
N ALA O 341 -41.62 -2.51 6.15
CA ALA O 341 -41.51 -3.35 4.94
C ALA O 341 -40.88 -4.72 5.20
N ARG O 342 -40.12 -4.90 6.30
CA ARG O 342 -39.49 -6.19 6.63
C ARG O 342 -40.45 -7.11 7.37
N SER O 343 -41.22 -6.57 8.33
CA SER O 343 -42.14 -7.37 9.13
C SER O 343 -43.38 -7.82 8.35
N PHE O 344 -44.02 -6.93 7.59
CA PHE O 344 -45.22 -7.27 6.81
C PHE O 344 -44.97 -8.39 5.80
N VAL O 345 -43.85 -8.34 5.09
CA VAL O 345 -43.51 -9.34 4.08
C VAL O 345 -43.13 -10.71 4.73
N GLU O 346 -42.50 -10.72 5.92
CA GLU O 346 -42.08 -11.97 6.58
C GLU O 346 -43.20 -12.60 7.46
N HIS O 347 -44.11 -11.78 8.03
CA HIS O 347 -45.22 -12.31 8.84
C HIS O 347 -46.38 -12.88 8.00
N CYS O 348 -46.29 -12.83 6.65
CA CYS O 348 -47.32 -13.42 5.78
C CYS O 348 -47.17 -14.94 5.80
N SER O 349 -48.29 -15.68 5.92
CA SER O 349 -48.27 -17.15 5.95
C SER O 349 -48.92 -17.74 4.68
N LEU O 350 -50.17 -17.36 4.37
CA LEU O 350 -50.89 -17.81 3.18
C LEU O 350 -50.27 -17.14 1.95
N VAL O 351 -50.07 -15.81 2.01
CA VAL O 351 -49.44 -15.06 0.92
C VAL O 351 -47.94 -15.39 1.00
N VAL O 352 -47.36 -15.87 -0.09
CA VAL O 352 -45.96 -16.31 -0.11
C VAL O 352 -44.99 -15.20 -0.52
N HIS O 353 -43.91 -14.99 0.25
CA HIS O 353 -42.90 -14.00 -0.08
C HIS O 353 -41.97 -14.56 -1.15
N ALA O 354 -42.17 -14.15 -2.40
CA ALA O 354 -41.38 -14.60 -3.54
C ALA O 354 -41.45 -13.58 -4.68
N VAL O 355 -40.45 -13.60 -5.57
CA VAL O 355 -40.46 -12.74 -6.76
C VAL O 355 -41.46 -13.34 -7.81
N SER O 356 -41.72 -12.64 -8.94
CA SER O 356 -42.63 -13.09 -9.99
C SER O 356 -44.11 -12.73 -9.69
N LEU O 357 -44.99 -12.89 -10.68
CA LEU O 357 -46.40 -12.52 -10.62
C LEU O 357 -47.25 -13.32 -11.63
N GLY O 358 -48.56 -13.07 -11.67
CA GLY O 358 -49.47 -13.70 -12.63
C GLY O 358 -49.86 -15.14 -12.36
N GLY O 359 -49.38 -15.73 -11.28
CA GLY O 359 -49.68 -17.11 -10.94
C GLY O 359 -51.03 -17.28 -10.27
N ALA O 360 -51.42 -18.54 -10.01
CA ALA O 360 -52.68 -18.86 -9.33
C ALA O 360 -52.66 -18.45 -7.85
N ASP O 361 -51.47 -18.35 -7.22
CA ASP O 361 -51.34 -17.97 -5.82
C ASP O 361 -50.85 -16.52 -5.67
N THR O 362 -51.18 -15.91 -4.52
CA THR O 362 -50.83 -14.52 -4.22
C THR O 362 -49.40 -14.45 -3.70
N LEU O 363 -48.57 -13.62 -4.34
CA LEU O 363 -47.17 -13.43 -3.96
C LEU O 363 -46.93 -11.99 -3.49
N ILE O 364 -45.92 -11.79 -2.65
CA ILE O 364 -45.57 -10.49 -2.08
C ILE O 364 -44.04 -10.31 -2.09
N GLN O 365 -43.57 -9.06 -2.25
CA GLN O 365 -42.14 -8.75 -2.26
C GLN O 365 -41.84 -7.30 -1.84
N HIS O 366 -40.57 -7.03 -1.52
CA HIS O 366 -40.04 -5.69 -1.25
C HIS O 366 -39.19 -5.37 -2.51
N PRO O 367 -39.72 -4.63 -3.50
CA PRO O 367 -38.95 -4.42 -4.76
C PRO O 367 -37.54 -3.88 -4.64
N ALA O 368 -37.28 -2.96 -3.69
CA ALA O 368 -35.94 -2.39 -3.53
C ALA O 368 -34.88 -3.45 -3.21
N SER O 369 -35.24 -4.50 -2.43
CA SER O 369 -34.30 -5.56 -2.06
C SER O 369 -34.25 -6.74 -3.04
N LEU O 370 -35.27 -6.93 -3.91
CA LEU O 370 -35.29 -8.08 -4.81
C LEU O 370 -35.31 -7.70 -6.33
N THR O 371 -36.48 -7.38 -6.94
CA THR O 371 -36.54 -7.12 -8.38
C THR O 371 -35.72 -5.89 -8.82
N HIS O 372 -35.96 -4.73 -8.20
CA HIS O 372 -35.27 -3.50 -8.59
C HIS O 372 -34.00 -3.21 -7.77
N ARG O 373 -32.98 -4.07 -7.94
CA ARG O 373 -31.67 -3.87 -7.34
C ARG O 373 -30.58 -4.44 -8.24
N THR O 378 -30.99 6.18 -7.82
CA THR O 378 -31.47 7.19 -8.75
C THR O 378 -32.91 6.83 -9.20
N ALA O 379 -33.08 5.61 -9.76
CA ALA O 379 -34.36 5.09 -10.26
C ALA O 379 -34.97 3.97 -9.39
N LYS O 380 -34.44 3.73 -8.18
CA LYS O 380 -34.94 2.66 -7.32
C LYS O 380 -36.27 3.09 -6.64
N PRO O 381 -37.22 2.16 -6.39
CA PRO O 381 -38.47 2.55 -5.73
C PRO O 381 -38.32 2.83 -4.23
N GLY O 382 -39.35 3.40 -3.61
CA GLY O 382 -39.32 3.72 -2.19
C GLY O 382 -39.17 2.49 -1.32
N ASP O 383 -38.54 2.66 -0.14
CA ASP O 383 -38.33 1.56 0.80
C ASP O 383 -39.64 1.07 1.42
N GLY O 384 -40.58 1.96 1.63
CA GLY O 384 -41.89 1.59 2.16
C GLY O 384 -42.80 0.89 1.16
N LEU O 385 -42.44 0.90 -0.15
CA LEU O 385 -43.26 0.28 -1.19
C LEU O 385 -43.17 -1.26 -1.15
N ILE O 386 -44.33 -1.91 -1.27
CA ILE O 386 -44.48 -3.37 -1.25
C ILE O 386 -45.39 -3.74 -2.43
N ARG O 387 -44.90 -4.60 -3.34
CA ARG O 387 -45.66 -5.05 -4.51
C ARG O 387 -46.39 -6.36 -4.15
N LEU O 388 -47.61 -6.54 -4.67
CA LEU O 388 -48.45 -7.70 -4.36
C LEU O 388 -49.18 -8.20 -5.60
N SER O 389 -48.87 -9.43 -6.03
CA SER O 389 -49.53 -10.07 -7.18
C SER O 389 -50.73 -10.84 -6.66
N VAL O 390 -51.94 -10.46 -7.06
CA VAL O 390 -53.16 -11.11 -6.58
C VAL O 390 -53.47 -12.37 -7.39
N GLY O 391 -53.67 -13.49 -6.70
CA GLY O 391 -53.99 -14.78 -7.30
C GLY O 391 -55.47 -15.05 -7.41
N LEU O 392 -55.86 -16.33 -7.32
CA LEU O 392 -57.26 -16.77 -7.44
C LEU O 392 -57.85 -17.26 -6.11
N GLU O 393 -57.32 -16.80 -4.96
CA GLU O 393 -57.85 -17.21 -3.66
C GLU O 393 -59.06 -16.34 -3.29
N HIS O 394 -59.81 -16.73 -2.24
CA HIS O 394 -60.96 -15.94 -1.79
C HIS O 394 -60.49 -14.58 -1.26
N VAL O 395 -61.29 -13.54 -1.49
CA VAL O 395 -60.97 -12.17 -1.08
C VAL O 395 -60.86 -12.03 0.47
N ASP O 396 -61.72 -12.71 1.24
CA ASP O 396 -61.69 -12.65 2.71
C ASP O 396 -60.44 -13.31 3.30
N ASP O 397 -60.04 -14.49 2.79
CA ASP O 397 -58.86 -15.18 3.30
C ASP O 397 -57.57 -14.40 3.04
N LEU O 398 -57.49 -13.67 1.91
CA LEU O 398 -56.30 -12.89 1.61
C LEU O 398 -56.21 -11.65 2.52
N GLU O 399 -57.35 -10.98 2.78
CA GLU O 399 -57.32 -9.80 3.66
C GLU O 399 -57.00 -10.20 5.11
N ASP O 400 -57.52 -11.36 5.58
CA ASP O 400 -57.24 -11.82 6.94
C ASP O 400 -55.75 -12.07 7.15
N ASP O 401 -55.08 -12.67 6.15
CA ASP O 401 -53.64 -12.94 6.24
C ASP O 401 -52.81 -11.65 6.18
N LEU O 402 -53.17 -10.70 5.30
CA LEU O 402 -52.42 -9.45 5.18
C LEU O 402 -52.62 -8.55 6.40
N ILE O 403 -53.84 -8.54 6.98
CA ILE O 403 -54.12 -7.75 8.18
C ILE O 403 -53.33 -8.35 9.36
N ALA O 404 -53.27 -9.69 9.48
CA ALA O 404 -52.50 -10.34 10.54
C ALA O 404 -51.02 -9.97 10.46
N ALA O 405 -50.47 -9.91 9.24
CA ALA O 405 -49.06 -9.54 9.03
C ALA O 405 -48.80 -8.06 9.35
N LEU O 406 -49.75 -7.17 9.04
CA LEU O 406 -49.61 -5.74 9.35
C LEU O 406 -49.66 -5.51 10.87
N ASP O 407 -50.51 -6.25 11.62
CA ASP O 407 -50.55 -6.10 13.08
C ASP O 407 -49.55 -7.06 13.77
N ALA O 408 -48.26 -6.96 13.39
CA ALA O 408 -47.21 -7.80 13.95
C ALA O 408 -45.87 -7.07 13.89
N SER P 23 -11.43 -41.51 -8.67
CA SER P 23 -11.36 -42.88 -8.15
C SER P 23 -12.15 -43.86 -9.05
N MET P 24 -13.35 -43.45 -9.50
CA MET P 24 -14.20 -44.30 -10.33
C MET P 24 -13.88 -44.13 -11.82
N HIS P 25 -14.17 -45.17 -12.62
CA HIS P 25 -13.93 -45.15 -14.06
C HIS P 25 -14.90 -44.18 -14.78
N PRO P 26 -14.58 -43.65 -16.00
CA PRO P 26 -15.56 -42.77 -16.66
C PRO P 26 -16.92 -43.42 -16.94
N GLU P 27 -16.95 -44.76 -17.14
CA GLU P 27 -18.20 -45.48 -17.41
C GLU P 27 -19.12 -45.43 -16.17
N THR P 28 -18.53 -45.55 -14.97
CA THR P 28 -19.29 -45.48 -13.71
C THR P 28 -19.76 -44.04 -13.47
N LEU P 29 -18.87 -43.05 -13.71
CA LEU P 29 -19.18 -41.63 -13.54
C LEU P 29 -20.32 -41.16 -14.45
N MET P 30 -20.49 -41.75 -15.64
CA MET P 30 -21.58 -41.38 -16.53
C MET P 30 -22.94 -41.77 -15.93
N VAL P 31 -23.00 -42.90 -15.22
CA VAL P 31 -24.24 -43.40 -14.63
C VAL P 31 -24.60 -42.62 -13.34
N HIS P 32 -23.68 -42.52 -12.39
CA HIS P 32 -23.92 -41.88 -11.10
C HIS P 32 -23.54 -40.39 -10.99
N GLY P 33 -23.08 -39.78 -12.07
CA GLY P 33 -22.71 -38.36 -12.06
C GLY P 33 -23.92 -37.46 -11.92
N GLY P 34 -23.85 -36.51 -10.98
CA GLY P 34 -24.95 -35.59 -10.71
C GLY P 34 -26.15 -36.24 -10.04
N MET P 35 -25.97 -37.42 -9.42
CA MET P 35 -27.03 -38.16 -8.74
C MET P 35 -26.78 -38.23 -7.22
N ASP P 36 -26.09 -37.23 -6.65
CA ASP P 36 -25.77 -37.25 -5.22
C ASP P 36 -26.97 -36.84 -4.38
N GLY P 37 -27.19 -37.57 -3.29
CA GLY P 37 -28.30 -37.30 -2.37
C GLY P 37 -29.64 -37.89 -2.77
N LEU P 38 -29.78 -38.43 -3.99
CA LEU P 38 -31.06 -39.01 -4.42
C LEU P 38 -31.33 -40.33 -3.69
N THR P 39 -30.30 -41.18 -3.54
CA THR P 39 -30.45 -42.45 -2.82
C THR P 39 -30.80 -42.20 -1.35
N GLU P 40 -30.22 -41.15 -0.74
CA GLU P 40 -30.51 -40.80 0.66
C GLU P 40 -31.94 -40.28 0.81
N ALA P 41 -32.46 -39.55 -0.20
CA ALA P 41 -33.85 -39.06 -0.21
C ALA P 41 -34.90 -40.14 -0.58
N GLY P 42 -34.46 -41.35 -0.89
CA GLY P 42 -35.36 -42.44 -1.24
C GLY P 42 -35.96 -42.35 -2.64
N VAL P 43 -35.21 -41.78 -3.60
CA VAL P 43 -35.65 -41.63 -4.99
C VAL P 43 -34.58 -42.22 -5.95
N HIS P 44 -35.01 -42.62 -7.16
CA HIS P 44 -34.13 -43.25 -8.14
C HIS P 44 -33.54 -42.25 -9.15
N VAL P 45 -34.38 -41.37 -9.73
CA VAL P 45 -33.96 -40.39 -10.74
C VAL P 45 -34.25 -38.95 -10.23
N PRO P 46 -33.55 -37.89 -10.71
CA PRO P 46 -33.85 -36.53 -10.21
C PRO P 46 -35.24 -36.06 -10.64
N ALA P 47 -35.96 -35.37 -9.76
CA ALA P 47 -37.29 -34.86 -10.07
C ALA P 47 -37.21 -33.63 -10.96
N ILE P 48 -38.27 -33.41 -11.76
CA ILE P 48 -38.36 -32.26 -12.66
C ILE P 48 -39.14 -31.16 -11.94
N ASP P 49 -38.45 -30.13 -11.44
CA ASP P 49 -39.08 -29.02 -10.73
C ASP P 49 -39.33 -27.90 -11.73
N LEU P 50 -40.58 -27.75 -12.18
CA LEU P 50 -40.94 -26.71 -13.17
C LEU P 50 -41.07 -25.29 -12.57
N SER P 51 -40.98 -25.15 -11.23
CA SER P 51 -41.12 -23.85 -10.54
C SER P 51 -40.34 -22.71 -11.18
N THR P 52 -41.04 -21.61 -11.53
CA THR P 52 -40.42 -20.42 -12.09
C THR P 52 -39.81 -19.59 -10.97
N THR P 53 -40.55 -19.45 -9.85
CA THR P 53 -40.10 -18.70 -8.68
C THR P 53 -39.82 -19.67 -7.52
N ASN P 54 -38.96 -19.25 -6.58
CA ASN P 54 -38.58 -20.07 -5.43
C ASN P 54 -38.71 -19.22 -4.15
N PRO P 55 -39.67 -19.52 -3.23
CA PRO P 55 -39.80 -18.69 -2.02
C PRO P 55 -38.56 -18.54 -1.16
N VAL P 56 -38.47 -17.41 -0.43
CA VAL P 56 -37.34 -17.08 0.45
C VAL P 56 -37.79 -17.07 1.92
N ASN P 57 -36.86 -17.34 2.85
CA ASN P 57 -37.16 -17.38 4.28
C ASN P 57 -37.39 -15.98 4.86
N ASP P 58 -36.51 -15.03 4.53
CA ASP P 58 -36.62 -13.64 5.00
C ASP P 58 -36.00 -12.66 3.98
N VAL P 59 -36.20 -11.35 4.19
CA VAL P 59 -35.69 -10.31 3.29
C VAL P 59 -34.17 -10.31 3.22
N ALA P 60 -33.49 -10.44 4.38
CA ALA P 60 -32.03 -10.42 4.43
C ALA P 60 -31.39 -11.59 3.65
N THR P 61 -31.81 -12.84 3.89
CA THR P 61 -31.23 -13.99 3.17
C THR P 61 -31.69 -14.03 1.72
N GLY P 62 -32.94 -13.65 1.46
CA GLY P 62 -33.49 -13.62 0.11
C GLY P 62 -32.77 -12.63 -0.78
N GLY P 63 -32.50 -11.44 -0.25
CA GLY P 63 -31.79 -10.39 -0.97
C GLY P 63 -30.34 -10.75 -1.23
N ASP P 64 -29.67 -11.37 -0.24
CA ASP P 64 -28.28 -11.79 -0.37
C ASP P 64 -28.15 -12.92 -1.38
N SER P 65 -29.07 -13.90 -1.34
CA SER P 65 -29.07 -15.00 -2.31
C SER P 65 -29.33 -14.47 -3.71
N TYR P 66 -30.20 -13.45 -3.87
CA TYR P 66 -30.48 -12.83 -5.15
C TYR P 66 -29.20 -12.21 -5.73
N GLU P 67 -28.49 -11.34 -4.97
CA GLU P 67 -27.27 -10.70 -5.49
C GLU P 67 -26.12 -11.69 -5.66
N TRP P 68 -26.09 -12.76 -4.88
CA TRP P 68 -25.06 -13.80 -5.00
C TRP P 68 -25.21 -14.51 -6.35
N LEU P 69 -26.45 -14.87 -6.73
CA LEU P 69 -26.69 -15.56 -8.01
C LEU P 69 -26.69 -14.61 -9.20
N ALA P 70 -27.16 -13.35 -9.04
CA ALA P 70 -27.16 -12.38 -10.14
C ALA P 70 -25.74 -12.03 -10.57
N THR P 71 -24.77 -12.00 -9.62
CA THR P 71 -23.37 -11.73 -9.90
C THR P 71 -22.60 -13.00 -10.39
N GLY P 72 -23.32 -14.02 -10.85
CA GLY P 72 -22.74 -15.23 -11.41
C GLY P 72 -22.23 -16.31 -10.48
N HIS P 73 -22.46 -16.22 -9.16
CA HIS P 73 -21.97 -17.24 -8.23
C HIS P 73 -22.88 -18.47 -8.19
N ALA P 74 -22.32 -19.62 -7.81
CA ALA P 74 -23.08 -20.86 -7.69
C ALA P 74 -23.95 -20.83 -6.43
N LEU P 75 -25.04 -21.62 -6.42
CA LEU P 75 -25.94 -21.65 -5.27
C LEU P 75 -25.30 -22.32 -4.06
N LYS P 76 -25.41 -21.67 -2.90
CA LYS P 76 -24.90 -22.21 -1.63
C LYS P 76 -25.91 -23.25 -1.14
N ASP P 77 -25.42 -24.33 -0.50
CA ASP P 77 -26.30 -25.38 0.01
C ASP P 77 -27.21 -24.83 1.10
N GLY P 78 -28.50 -25.13 1.00
CA GLY P 78 -29.51 -24.66 1.95
C GLY P 78 -30.19 -23.37 1.53
N ASP P 79 -29.52 -22.55 0.69
CA ASP P 79 -30.09 -21.28 0.24
C ASP P 79 -31.15 -21.48 -0.84
N SER P 80 -32.09 -20.53 -0.94
CA SER P 80 -33.17 -20.58 -1.92
C SER P 80 -32.66 -20.18 -3.30
N ALA P 81 -33.17 -20.82 -4.35
CA ALA P 81 -32.79 -20.51 -5.73
C ALA P 81 -33.32 -19.13 -6.20
N VAL P 82 -34.29 -18.53 -5.46
CA VAL P 82 -34.93 -17.22 -5.69
C VAL P 82 -35.79 -17.21 -6.99
N TYR P 83 -35.19 -17.45 -8.15
CA TYR P 83 -35.86 -17.44 -9.44
C TYR P 83 -35.14 -18.39 -10.42
N GLN P 84 -35.87 -18.94 -11.40
CA GLN P 84 -35.30 -19.90 -12.35
C GLN P 84 -34.21 -19.28 -13.23
N ARG P 85 -34.33 -17.99 -13.59
CA ARG P 85 -33.29 -17.33 -14.38
C ARG P 85 -31.96 -17.13 -13.60
N LEU P 86 -32.00 -17.30 -12.26
CA LEU P 86 -30.83 -17.20 -11.40
C LEU P 86 -30.28 -18.60 -11.12
N TRP P 87 -31.16 -19.59 -10.81
CA TRP P 87 -30.74 -20.97 -10.54
C TRP P 87 -31.90 -21.97 -10.70
N GLN P 88 -31.59 -23.20 -11.14
CA GLN P 88 -32.56 -24.28 -11.30
C GLN P 88 -31.87 -25.60 -10.84
N PRO P 89 -32.46 -26.43 -9.95
CA PRO P 89 -31.75 -27.63 -9.47
C PRO P 89 -31.47 -28.73 -10.49
N GLY P 90 -32.41 -29.00 -11.38
CA GLY P 90 -32.26 -30.02 -12.41
C GLY P 90 -31.16 -29.70 -13.39
N VAL P 91 -31.01 -28.40 -13.74
CA VAL P 91 -29.96 -27.93 -14.64
C VAL P 91 -28.63 -28.08 -13.90
N ALA P 92 -28.57 -27.66 -12.62
CA ALA P 92 -27.36 -27.78 -11.79
C ALA P 92 -26.87 -29.23 -11.67
N ARG P 93 -27.78 -30.23 -11.63
CA ARG P 93 -27.39 -31.64 -11.56
C ARG P 93 -26.70 -32.05 -12.87
N PHE P 94 -27.24 -31.63 -14.02
CA PHE P 94 -26.64 -31.89 -15.34
C PHE P 94 -25.27 -31.21 -15.45
N GLU P 95 -25.16 -29.98 -14.91
CA GLU P 95 -23.92 -29.21 -14.92
C GLU P 95 -22.83 -29.93 -14.14
N THR P 96 -23.11 -30.41 -12.91
CA THR P 96 -22.11 -31.12 -12.10
C THR P 96 -21.74 -32.47 -12.74
N ALA P 97 -22.68 -33.13 -13.43
CA ALA P 97 -22.43 -34.40 -14.07
C ALA P 97 -21.38 -34.27 -15.20
N LEU P 98 -21.51 -33.26 -16.08
CA LEU P 98 -20.56 -33.07 -17.17
C LEU P 98 -19.22 -32.54 -16.66
N ALA P 99 -19.22 -31.63 -15.68
CA ALA P 99 -17.97 -31.09 -15.12
C ALA P 99 -17.06 -32.19 -14.59
N GLU P 100 -17.63 -33.22 -13.94
CA GLU P 100 -16.84 -34.35 -13.44
C GLU P 100 -16.25 -35.18 -14.59
N LEU P 101 -16.98 -35.32 -15.71
CA LEU P 101 -16.52 -36.08 -16.87
C LEU P 101 -15.37 -35.35 -17.59
N GLU P 102 -15.50 -34.02 -17.76
CA GLU P 102 -14.47 -33.21 -18.41
C GLU P 102 -13.32 -32.79 -17.46
N HIS P 103 -13.38 -33.16 -16.17
CA HIS P 103 -12.38 -32.79 -15.15
C HIS P 103 -12.31 -31.27 -14.94
N ALA P 104 -13.46 -30.58 -15.09
CA ALA P 104 -13.58 -29.13 -14.90
C ALA P 104 -14.13 -28.83 -13.50
N ASP P 105 -13.87 -27.61 -13.00
CA ASP P 105 -14.35 -27.21 -11.69
C ASP P 105 -15.88 -27.08 -11.70
N GLU P 106 -16.43 -26.32 -12.68
CA GLU P 106 -17.87 -26.06 -12.80
C GLU P 106 -18.31 -26.12 -14.29
N ALA P 107 -19.64 -26.07 -14.54
CA ALA P 107 -20.20 -26.04 -15.90
C ALA P 107 -21.45 -25.18 -15.91
N VAL P 108 -21.74 -24.54 -17.06
CA VAL P 108 -22.91 -23.66 -17.22
C VAL P 108 -23.71 -24.14 -18.43
N ALA P 109 -25.02 -24.41 -18.25
CA ALA P 109 -25.89 -24.90 -19.32
C ALA P 109 -26.84 -23.82 -19.84
N PHE P 110 -27.19 -23.90 -21.13
CA PHE P 110 -28.06 -22.97 -21.85
C PHE P 110 -29.06 -23.72 -22.78
N ALA P 111 -29.99 -22.98 -23.41
CA ALA P 111 -31.02 -23.56 -24.29
C ALA P 111 -30.46 -24.37 -25.47
N THR P 112 -29.41 -23.87 -26.14
CA THR P 112 -28.77 -24.51 -27.30
C THR P 112 -27.23 -24.33 -27.25
N GLY P 113 -26.49 -25.06 -28.10
CA GLY P 113 -25.05 -24.90 -28.21
C GLY P 113 -24.67 -23.49 -28.66
N MET P 114 -25.51 -22.87 -29.51
CA MET P 114 -25.28 -21.50 -29.96
C MET P 114 -25.52 -20.49 -28.84
N ALA P 115 -26.43 -20.77 -27.89
CA ALA P 115 -26.64 -19.91 -26.73
C ALA P 115 -25.39 -19.90 -25.84
N ALA P 116 -24.73 -21.05 -25.72
CA ALA P 116 -23.49 -21.17 -24.96
C ALA P 116 -22.37 -20.36 -25.63
N MET P 117 -22.26 -20.45 -26.97
CA MET P 117 -21.29 -19.66 -27.74
C MET P 117 -21.58 -18.17 -27.59
N THR P 118 -22.85 -17.78 -27.68
CA THR P 118 -23.26 -16.38 -27.54
C THR P 118 -22.88 -15.83 -26.18
N ALA P 119 -23.10 -16.61 -25.11
CA ALA P 119 -22.74 -16.16 -23.76
C ALA P 119 -21.22 -16.10 -23.56
N ALA P 120 -20.48 -17.06 -24.13
CA ALA P 120 -19.02 -17.09 -24.03
C ALA P 120 -18.41 -15.87 -24.72
N LEU P 121 -18.97 -15.47 -25.88
CA LEU P 121 -18.47 -14.31 -26.60
C LEU P 121 -18.85 -13.01 -25.88
N LEU P 122 -20.09 -12.92 -25.36
CA LEU P 122 -20.53 -11.73 -24.63
C LEU P 122 -19.75 -11.55 -23.32
N ALA P 123 -19.34 -12.64 -22.66
CA ALA P 123 -18.54 -12.56 -21.44
C ALA P 123 -17.16 -11.95 -21.75
N ALA P 124 -16.57 -12.34 -22.90
CA ALA P 124 -15.28 -11.80 -23.33
C ALA P 124 -15.41 -10.31 -23.69
N VAL P 125 -16.49 -9.93 -24.39
CA VAL P 125 -16.73 -8.53 -24.79
C VAL P 125 -16.89 -7.67 -23.52
N ASN P 126 -17.69 -8.14 -22.55
CA ASN P 126 -17.92 -7.41 -21.31
C ASN P 126 -16.63 -7.20 -20.51
N ALA P 127 -15.69 -8.16 -20.56
CA ALA P 127 -14.40 -8.05 -19.88
C ALA P 127 -13.37 -7.16 -20.62
N GLY P 128 -13.80 -6.42 -21.65
CA GLY P 128 -12.90 -5.55 -22.41
C GLY P 128 -11.98 -6.29 -23.36
N THR P 129 -12.37 -7.50 -23.81
CA THR P 129 -11.58 -8.31 -24.74
C THR P 129 -12.50 -8.78 -25.89
N PRO P 130 -12.93 -7.88 -26.80
CA PRO P 130 -13.85 -8.31 -27.87
C PRO P 130 -13.20 -9.09 -29.03
N HIS P 131 -11.85 -9.13 -29.12
CA HIS P 131 -11.21 -9.84 -30.21
C HIS P 131 -11.09 -11.33 -29.92
N ILE P 132 -11.35 -12.17 -30.94
CA ILE P 132 -11.30 -13.63 -30.84
C ILE P 132 -10.42 -14.16 -31.99
N VAL P 133 -9.51 -15.10 -31.68
CA VAL P 133 -8.66 -15.78 -32.67
C VAL P 133 -9.34 -17.14 -32.88
N ALA P 134 -9.79 -17.43 -34.11
CA ALA P 134 -10.52 -18.66 -34.40
C ALA P 134 -9.86 -19.50 -35.48
N VAL P 135 -10.02 -20.83 -35.40
CA VAL P 135 -9.43 -21.79 -36.33
C VAL P 135 -10.49 -22.09 -37.41
N ARG P 136 -10.28 -21.55 -38.65
CA ARG P 136 -11.19 -21.60 -39.81
C ARG P 136 -12.14 -22.84 -39.91
N PRO P 137 -11.66 -24.12 -39.88
CA PRO P 137 -12.61 -25.24 -39.95
C PRO P 137 -13.46 -25.35 -38.67
N LEU P 138 -14.61 -24.66 -38.68
CA LEU P 138 -15.56 -24.54 -37.56
C LEU P 138 -17.00 -24.83 -38.02
N TYR P 139 -17.91 -25.05 -37.06
CA TYR P 139 -19.33 -25.24 -37.34
C TYR P 139 -19.88 -23.95 -38.00
N GLY P 140 -20.72 -24.11 -39.02
CA GLY P 140 -21.32 -23.01 -39.78
C GLY P 140 -21.88 -21.85 -38.97
N GLY P 141 -22.66 -22.16 -37.96
CA GLY P 141 -23.26 -21.16 -37.08
C GLY P 141 -22.24 -20.40 -36.26
N SER P 142 -21.26 -21.13 -35.69
CA SER P 142 -20.18 -20.51 -34.91
C SER P 142 -19.35 -19.59 -35.81
N ASP P 143 -19.09 -20.02 -37.07
CA ASP P 143 -18.34 -19.23 -38.05
C ASP P 143 -19.11 -17.97 -38.43
N HIS P 144 -20.42 -18.10 -38.72
CA HIS P 144 -21.27 -16.97 -39.11
C HIS P 144 -21.44 -15.96 -37.97
N LEU P 145 -21.55 -16.43 -36.72
CA LEU P 145 -21.71 -15.56 -35.56
C LEU P 145 -20.46 -14.68 -35.35
N LEU P 146 -19.26 -15.23 -35.59
CA LEU P 146 -18.01 -14.49 -35.45
C LEU P 146 -17.83 -13.51 -36.62
N GLU P 147 -18.13 -13.94 -37.85
CA GLU P 147 -17.99 -13.11 -39.05
C GLU P 147 -18.90 -11.88 -39.02
N THR P 148 -20.16 -12.04 -38.61
CA THR P 148 -21.13 -10.94 -38.55
C THR P 148 -20.73 -9.88 -37.52
N GLY P 149 -20.19 -10.30 -36.38
CA GLY P 149 -19.82 -9.38 -35.31
C GLY P 149 -21.06 -8.79 -34.65
N LEU P 150 -22.10 -9.61 -34.49
CA LEU P 150 -23.38 -9.20 -33.91
C LEU P 150 -23.23 -8.84 -32.43
N LEU P 151 -22.45 -9.62 -31.68
CA LEU P 151 -22.26 -9.40 -30.25
C LEU P 151 -21.09 -8.45 -29.93
N GLY P 152 -20.75 -7.55 -30.86
CA GLY P 152 -19.65 -6.62 -30.68
C GLY P 152 -18.29 -7.27 -30.67
N THR P 153 -18.10 -8.31 -31.50
CA THR P 153 -16.85 -9.07 -31.57
C THR P 153 -16.12 -8.81 -32.89
N THR P 154 -14.78 -8.86 -32.84
CA THR P 154 -13.89 -8.74 -33.99
C THR P 154 -13.14 -10.08 -34.06
N VAL P 155 -12.96 -10.65 -35.26
CA VAL P 155 -12.32 -11.96 -35.40
C VAL P 155 -11.15 -11.92 -36.40
N THR P 156 -10.07 -12.66 -36.07
CA THR P 156 -8.90 -12.83 -36.92
C THR P 156 -8.82 -14.32 -37.17
N TRP P 157 -9.17 -14.72 -38.41
CA TRP P 157 -9.17 -16.10 -38.83
C TRP P 157 -7.74 -16.60 -38.96
N ALA P 158 -7.30 -17.44 -37.99
CA ALA P 158 -5.95 -17.97 -37.94
C ALA P 158 -5.96 -19.50 -37.85
N LYS P 159 -4.99 -20.14 -38.51
CA LYS P 159 -4.83 -21.59 -38.50
C LYS P 159 -3.92 -22.05 -37.32
N GLU P 160 -3.55 -23.35 -37.23
CA GLU P 160 -2.85 -23.88 -36.05
C GLU P 160 -1.49 -23.26 -35.75
N ALA P 161 -0.64 -23.11 -36.76
CA ALA P 161 0.69 -22.54 -36.57
C ALA P 161 0.68 -21.02 -36.37
N GLU P 162 -0.28 -20.31 -36.98
CA GLU P 162 -0.31 -18.84 -36.87
C GLU P 162 -1.28 -18.34 -35.78
N ILE P 163 -1.49 -19.13 -34.70
CA ILE P 163 -2.34 -18.67 -33.59
C ILE P 163 -1.59 -17.58 -32.80
N ALA P 164 -0.33 -17.84 -32.41
CA ALA P 164 0.50 -16.91 -31.64
C ALA P 164 0.61 -15.53 -32.30
N SER P 165 0.77 -15.48 -33.64
CA SER P 165 0.88 -14.21 -34.36
C SER P 165 -0.44 -13.45 -34.38
N ALA P 166 -1.58 -14.17 -34.54
CA ALA P 166 -2.90 -13.55 -34.55
C ALA P 166 -3.34 -12.99 -33.19
N ILE P 167 -2.65 -13.36 -32.09
CA ILE P 167 -3.01 -12.88 -30.75
C ILE P 167 -2.78 -11.37 -30.68
N GLN P 168 -3.83 -10.61 -30.35
CA GLN P 168 -3.79 -9.15 -30.19
C GLN P 168 -3.86 -8.80 -28.69
N ASP P 169 -3.55 -7.56 -28.33
CA ASP P 169 -3.60 -7.11 -26.93
C ASP P 169 -5.00 -7.19 -26.30
N ASP P 170 -6.08 -7.17 -27.11
CA ASP P 170 -7.46 -7.26 -26.60
C ASP P 170 -8.12 -8.62 -26.94
N THR P 171 -7.36 -9.72 -26.95
CA THR P 171 -7.93 -11.03 -27.24
C THR P 171 -8.53 -11.64 -25.99
N GLY P 172 -9.76 -12.11 -26.10
CA GLY P 172 -10.48 -12.75 -25.01
C GLY P 172 -10.45 -14.26 -25.06
N LEU P 173 -10.57 -14.85 -26.28
CA LEU P 173 -10.62 -16.31 -26.44
C LEU P 173 -9.94 -16.79 -27.72
N VAL P 174 -9.55 -18.09 -27.72
CA VAL P 174 -8.97 -18.79 -28.86
C VAL P 174 -9.94 -19.96 -29.10
N ILE P 175 -10.76 -19.89 -30.18
CA ILE P 175 -11.78 -20.90 -30.45
C ILE P 175 -11.23 -21.98 -31.39
N VAL P 176 -11.29 -23.25 -30.94
CA VAL P 176 -10.83 -24.43 -31.67
C VAL P 176 -11.91 -25.53 -31.63
N GLU P 177 -11.95 -26.40 -32.65
CA GLU P 177 -12.90 -27.50 -32.74
C GLU P 177 -12.18 -28.68 -33.39
N THR P 178 -12.20 -29.87 -32.74
CA THR P 178 -11.52 -31.06 -33.26
C THR P 178 -12.25 -32.36 -32.83
N PRO P 179 -12.63 -33.29 -33.74
CA PRO P 179 -12.55 -33.21 -35.22
C PRO P 179 -13.46 -32.10 -35.76
N ALA P 180 -13.00 -31.36 -36.76
CA ALA P 180 -13.77 -30.25 -37.31
C ALA P 180 -15.05 -30.70 -38.02
N ASN P 181 -16.04 -29.82 -38.08
CA ASN P 181 -17.30 -30.11 -38.75
C ASN P 181 -17.26 -29.40 -40.11
N PRO P 182 -17.38 -30.07 -41.30
CA PRO P 182 -17.60 -31.51 -41.56
C PRO P 182 -16.36 -32.39 -41.81
N SER P 183 -15.30 -31.83 -42.44
CA SER P 183 -14.06 -32.51 -42.85
C SER P 183 -13.38 -33.46 -41.83
N LEU P 184 -13.62 -33.26 -40.52
CA LEU P 184 -13.01 -34.05 -39.43
C LEU P 184 -11.50 -33.84 -39.34
N ASP P 185 -11.04 -32.61 -39.57
CA ASP P 185 -9.62 -32.27 -39.46
C ASP P 185 -9.28 -32.18 -37.97
N LEU P 186 -8.18 -32.83 -37.54
CA LEU P 186 -7.77 -32.81 -36.14
C LEU P 186 -6.85 -31.63 -35.83
N VAL P 187 -6.84 -31.18 -34.57
CA VAL P 187 -6.03 -30.06 -34.10
C VAL P 187 -5.24 -30.50 -32.86
N ASP P 188 -3.92 -30.25 -32.84
CA ASP P 188 -3.11 -30.60 -31.67
C ASP P 188 -3.37 -29.56 -30.58
N LEU P 189 -4.13 -29.95 -29.55
CA LEU P 189 -4.54 -29.04 -28.47
C LEU P 189 -3.37 -28.62 -27.57
N ASP P 190 -2.34 -29.46 -27.43
CA ASP P 190 -1.19 -29.13 -26.60
C ASP P 190 -0.42 -27.95 -27.21
N SER P 191 -0.25 -27.94 -28.55
CA SER P 191 0.43 -26.85 -29.24
C SER P 191 -0.41 -25.57 -29.27
N VAL P 192 -1.75 -25.69 -29.34
CA VAL P 192 -2.67 -24.54 -29.35
C VAL P 192 -2.57 -23.78 -28.02
N VAL P 193 -2.60 -24.50 -26.89
CA VAL P 193 -2.52 -23.89 -25.55
C VAL P 193 -1.17 -23.17 -25.40
N ALA P 194 -0.09 -23.78 -25.89
CA ALA P 194 1.24 -23.16 -25.85
C ALA P 194 1.28 -21.87 -26.68
N ALA P 195 0.65 -21.88 -27.87
CA ALA P 195 0.60 -20.71 -28.75
C ALA P 195 -0.24 -19.58 -28.15
N ALA P 196 -1.38 -19.92 -27.52
CA ALA P 196 -2.26 -18.93 -26.89
C ALA P 196 -1.59 -18.28 -25.68
N GLY P 197 -0.87 -19.07 -24.89
CA GLY P 197 -0.17 -18.55 -23.71
C GLY P 197 -1.12 -18.16 -22.60
N THR P 198 -1.23 -16.85 -22.33
CA THR P 198 -2.12 -16.34 -21.28
C THR P 198 -3.59 -16.22 -21.73
N VAL P 199 -3.88 -16.34 -23.04
CA VAL P 199 -5.26 -16.20 -23.53
C VAL P 199 -6.01 -17.52 -23.29
N PRO P 200 -7.23 -17.54 -22.68
CA PRO P 200 -7.93 -18.82 -22.50
C PRO P 200 -8.33 -19.47 -23.82
N VAL P 201 -8.33 -20.82 -23.87
CA VAL P 201 -8.68 -21.58 -25.06
C VAL P 201 -10.05 -22.24 -24.87
N LEU P 202 -10.95 -22.03 -25.85
CA LEU P 202 -12.29 -22.61 -25.85
C LEU P 202 -12.29 -23.71 -26.92
N VAL P 203 -12.53 -24.98 -26.50
CA VAL P 203 -12.53 -26.12 -27.41
C VAL P 203 -13.95 -26.69 -27.52
N ASP P 204 -14.47 -26.78 -28.75
CA ASP P 204 -15.79 -27.34 -29.00
C ASP P 204 -15.62 -28.87 -29.12
N ASN P 205 -15.92 -29.60 -28.03
CA ASN P 205 -15.76 -31.05 -27.95
C ASN P 205 -17.09 -31.80 -28.19
N THR P 206 -17.91 -31.30 -29.12
CA THR P 206 -19.21 -31.91 -29.44
C THR P 206 -19.06 -33.30 -30.08
N PHE P 207 -18.21 -33.41 -31.10
CA PHE P 207 -18.00 -34.64 -31.86
C PHE P 207 -17.32 -35.76 -31.05
N CYS P 208 -16.26 -35.44 -30.30
CA CYS P 208 -15.52 -36.43 -29.51
C CYS P 208 -16.27 -36.86 -28.25
N THR P 209 -16.88 -35.89 -27.51
CA THR P 209 -17.57 -36.09 -26.22
C THR P 209 -16.55 -36.41 -25.09
N PRO P 210 -16.89 -36.28 -23.78
CA PRO P 210 -15.90 -36.63 -22.74
C PRO P 210 -15.44 -38.10 -22.73
N VAL P 211 -16.05 -38.97 -23.54
CA VAL P 211 -15.69 -40.38 -23.63
C VAL P 211 -14.33 -40.51 -24.31
N LEU P 212 -14.15 -39.77 -25.43
CA LEU P 212 -12.94 -39.81 -26.25
C LEU P 212 -11.91 -38.72 -25.96
N GLN P 213 -12.36 -37.49 -25.69
CA GLN P 213 -11.45 -36.36 -25.48
C GLN P 213 -11.83 -35.53 -24.26
N GLN P 214 -10.81 -35.00 -23.57
CA GLN P 214 -10.97 -34.13 -22.40
C GLN P 214 -10.00 -32.95 -22.58
N PRO P 215 -10.40 -31.89 -23.32
CA PRO P 215 -9.45 -30.76 -23.53
C PRO P 215 -8.91 -30.08 -22.27
N ILE P 216 -9.63 -30.14 -21.14
CA ILE P 216 -9.19 -29.54 -19.87
C ILE P 216 -7.82 -30.12 -19.45
N ARG P 217 -7.61 -31.45 -19.58
CA ARG P 217 -6.32 -32.04 -19.21
C ARG P 217 -5.18 -31.57 -20.14
N HIS P 218 -5.47 -31.19 -21.41
CA HIS P 218 -4.45 -30.62 -22.30
C HIS P 218 -4.16 -29.12 -22.03
N GLY P 219 -4.88 -28.49 -21.10
CA GLY P 219 -4.67 -27.10 -20.72
C GLY P 219 -5.72 -26.13 -21.22
N ALA P 220 -6.84 -26.61 -21.78
CA ALA P 220 -7.90 -25.72 -22.24
C ALA P 220 -8.67 -25.16 -21.05
N ALA P 221 -9.20 -23.94 -21.19
CA ALA P 221 -9.93 -23.28 -20.12
C ALA P 221 -11.44 -23.56 -20.21
N LEU P 222 -12.02 -23.52 -21.42
CA LEU P 222 -13.44 -23.77 -21.62
C LEU P 222 -13.66 -24.90 -22.63
N VAL P 223 -14.67 -25.75 -22.38
CA VAL P 223 -15.02 -26.88 -23.27
C VAL P 223 -16.51 -26.81 -23.56
N LEU P 224 -16.88 -26.42 -24.79
CA LEU P 224 -18.27 -26.32 -25.19
C LEU P 224 -18.77 -27.61 -25.84
N HIS P 225 -19.99 -28.02 -25.50
CA HIS P 225 -20.64 -29.20 -26.07
C HIS P 225 -22.03 -28.80 -26.50
N SER P 226 -22.42 -29.14 -27.72
CA SER P 226 -23.79 -28.95 -28.15
C SER P 226 -24.48 -30.20 -27.62
N ALA P 227 -25.07 -30.11 -26.42
CA ALA P 227 -25.73 -31.23 -25.77
C ALA P 227 -26.82 -31.88 -26.64
N THR P 228 -27.40 -31.11 -27.57
CA THR P 228 -28.36 -31.58 -28.58
C THR P 228 -27.88 -32.87 -29.27
N LYS P 229 -26.57 -33.05 -29.39
CA LYS P 229 -25.96 -34.18 -30.09
C LYS P 229 -25.07 -34.98 -29.13
N TYR P 230 -25.27 -36.32 -29.11
CA TYR P 230 -24.55 -37.30 -28.28
C TYR P 230 -24.90 -37.26 -26.78
N LEU P 231 -24.86 -36.09 -26.13
CA LEU P 231 -25.21 -36.00 -24.70
C LEU P 231 -26.69 -36.37 -24.52
N GLY P 232 -27.56 -35.89 -25.40
CA GLY P 232 -28.96 -36.27 -25.43
C GLY P 232 -29.06 -37.66 -26.02
N GLY P 233 -28.53 -37.81 -27.23
CA GLY P 233 -28.43 -39.08 -27.92
C GLY P 233 -29.68 -39.61 -28.61
N HIS P 234 -30.84 -38.97 -28.42
CA HIS P 234 -32.09 -39.44 -29.02
C HIS P 234 -32.79 -38.40 -29.91
N GLY P 235 -32.12 -37.30 -30.23
CA GLY P 235 -32.67 -36.24 -31.08
C GLY P 235 -33.97 -35.64 -30.58
N ASP P 236 -34.06 -35.42 -29.25
CA ASP P 236 -35.28 -34.87 -28.64
C ASP P 236 -35.02 -33.89 -27.49
N ALA P 237 -33.81 -33.35 -27.36
CA ALA P 237 -33.49 -32.40 -26.30
C ALA P 237 -32.41 -31.44 -26.75
N MET P 238 -32.79 -30.17 -26.99
CA MET P 238 -31.82 -29.14 -27.38
C MET P 238 -31.04 -28.76 -26.12
N GLY P 239 -29.80 -28.35 -26.29
CA GLY P 239 -28.98 -27.92 -25.16
C GLY P 239 -27.57 -27.53 -25.52
N GLY P 240 -26.95 -26.80 -24.60
CA GLY P 240 -25.58 -26.31 -24.74
C GLY P 240 -24.96 -26.20 -23.37
N ILE P 241 -23.65 -26.51 -23.25
CA ILE P 241 -22.99 -26.49 -21.93
C ILE P 241 -21.49 -26.28 -22.08
N ILE P 242 -20.88 -25.49 -21.17
CA ILE P 242 -19.46 -25.20 -21.17
C ILE P 242 -18.85 -25.65 -19.85
N ALA P 243 -17.96 -26.65 -19.87
CA ALA P 243 -17.25 -27.12 -18.68
C ALA P 243 -16.02 -26.22 -18.58
N THR P 244 -15.89 -25.45 -17.48
CA THR P 244 -14.80 -24.48 -17.32
C THR P 244 -14.44 -24.23 -15.84
N ASN P 245 -13.34 -23.48 -15.59
CA ASN P 245 -12.90 -23.07 -14.25
C ASN P 245 -13.95 -22.14 -13.57
N SER P 246 -13.83 -21.92 -12.26
CA SER P 246 -14.75 -21.07 -11.50
C SER P 246 -14.84 -19.61 -12.00
N ASP P 247 -13.73 -19.05 -12.52
CA ASP P 247 -13.72 -17.65 -13.00
C ASP P 247 -14.64 -17.49 -14.23
N TRP P 248 -14.46 -18.34 -15.26
CA TRP P 248 -15.30 -18.26 -16.47
C TRP P 248 -16.72 -18.74 -16.18
N ALA P 249 -16.92 -19.65 -15.22
CA ALA P 249 -18.26 -20.10 -14.84
C ALA P 249 -19.03 -18.91 -14.22
N MET P 250 -18.34 -18.11 -13.39
CA MET P 250 -18.91 -16.93 -12.75
C MET P 250 -19.30 -15.87 -13.80
N ARG P 251 -18.45 -15.67 -14.82
CA ARG P 251 -18.73 -14.68 -15.87
C ARG P 251 -19.81 -15.16 -16.85
N LEU P 252 -19.91 -16.48 -17.09
CA LEU P 252 -20.94 -17.06 -17.97
C LEU P 252 -22.32 -16.99 -17.31
N ARG P 253 -22.40 -17.30 -15.99
CA ARG P 253 -23.67 -17.21 -15.27
C ARG P 253 -24.16 -15.77 -15.20
N GLN P 254 -23.24 -14.78 -15.14
CA GLN P 254 -23.60 -13.36 -15.13
C GLN P 254 -24.38 -12.99 -16.40
N VAL P 255 -23.93 -13.52 -17.55
CA VAL P 255 -24.58 -13.29 -18.83
C VAL P 255 -25.92 -14.02 -18.86
N ARG P 256 -25.95 -15.29 -18.41
CA ARG P 256 -27.17 -16.10 -18.36
C ARG P 256 -28.28 -15.45 -17.53
N ALA P 257 -27.94 -14.86 -16.37
CA ALA P 257 -28.92 -14.25 -15.48
C ALA P 257 -29.66 -13.05 -16.09
N ILE P 258 -29.03 -12.29 -17.00
CA ILE P 258 -29.65 -11.10 -17.61
C ILE P 258 -30.08 -11.35 -19.09
N THR P 259 -29.43 -12.27 -19.83
CA THR P 259 -29.84 -12.58 -21.20
C THR P 259 -30.92 -13.67 -21.22
N GLY P 260 -30.89 -14.59 -20.26
CA GLY P 260 -31.92 -15.60 -20.09
C GLY P 260 -32.10 -16.68 -21.14
N ALA P 261 -31.01 -17.21 -21.73
CA ALA P 261 -31.13 -18.32 -22.68
C ALA P 261 -31.05 -19.59 -21.83
N LEU P 262 -32.14 -19.90 -21.12
CA LEU P 262 -32.18 -21.01 -20.16
C LEU P 262 -32.54 -22.35 -20.76
N LEU P 263 -31.99 -23.40 -20.14
CA LEU P 263 -32.28 -24.78 -20.49
C LEU P 263 -33.50 -25.17 -19.67
N HIS P 264 -34.55 -25.68 -20.32
CA HIS P 264 -35.80 -26.04 -19.65
C HIS P 264 -35.59 -27.23 -18.70
N PRO P 265 -36.25 -27.30 -17.51
CA PRO P 265 -36.03 -28.46 -16.62
C PRO P 265 -36.20 -29.84 -17.25
N MET P 266 -37.19 -30.04 -18.15
CA MET P 266 -37.35 -31.34 -18.81
C MET P 266 -36.22 -31.60 -19.82
N GLY P 267 -35.72 -30.54 -20.48
CA GLY P 267 -34.59 -30.64 -21.37
C GLY P 267 -33.35 -31.06 -20.63
N ALA P 268 -33.10 -30.43 -19.45
CA ALA P 268 -31.98 -30.79 -18.59
C ALA P 268 -32.12 -32.21 -18.06
N TYR P 269 -33.34 -32.64 -17.75
CA TYR P 269 -33.59 -34.00 -17.30
C TYR P 269 -33.20 -35.02 -18.36
N LEU P 270 -33.62 -34.80 -19.62
CA LEU P 270 -33.32 -35.74 -20.71
C LEU P 270 -31.84 -35.74 -21.10
N LEU P 271 -31.14 -34.61 -20.98
CA LEU P 271 -29.71 -34.55 -21.30
C LEU P 271 -28.90 -35.24 -20.20
N HIS P 272 -29.31 -35.09 -18.94
CA HIS P 272 -28.68 -35.78 -17.80
C HIS P 272 -28.94 -37.30 -17.92
N ARG P 273 -30.18 -37.67 -18.31
CA ARG P 273 -30.62 -39.05 -18.54
C ARG P 273 -29.76 -39.69 -19.64
N GLY P 274 -29.51 -38.93 -20.71
CA GLY P 274 -28.69 -39.39 -21.82
C GLY P 274 -27.23 -39.62 -21.47
N LEU P 275 -26.68 -38.87 -20.50
CA LEU P 275 -25.30 -39.06 -20.06
C LEU P 275 -25.09 -40.45 -19.46
N ARG P 276 -26.15 -41.02 -18.83
CA ARG P 276 -26.17 -42.37 -18.24
C ARG P 276 -25.71 -43.45 -19.26
N THR P 277 -26.15 -43.33 -20.51
CA THR P 277 -25.89 -44.25 -21.62
C THR P 277 -24.88 -43.72 -22.66
N LEU P 278 -24.19 -42.60 -22.38
CA LEU P 278 -23.27 -41.99 -23.35
C LEU P 278 -22.09 -42.89 -23.74
N ALA P 279 -21.39 -43.46 -22.75
CA ALA P 279 -20.25 -44.33 -23.02
C ALA P 279 -20.65 -45.59 -23.80
N VAL P 280 -21.81 -46.17 -23.46
CA VAL P 280 -22.29 -47.38 -24.11
C VAL P 280 -22.75 -47.07 -25.56
N ARG P 281 -23.45 -45.94 -25.78
CA ARG P 281 -23.89 -45.55 -27.13
C ARG P 281 -22.73 -45.14 -28.03
N MET P 282 -21.78 -44.35 -27.50
CA MET P 282 -20.65 -43.88 -28.29
C MET P 282 -19.79 -45.05 -28.76
N ARG P 283 -19.46 -45.98 -27.86
CA ARG P 283 -18.65 -47.15 -28.23
C ARG P 283 -19.34 -48.03 -29.29
N ALA P 284 -20.68 -48.15 -29.22
CA ALA P 284 -21.43 -48.95 -30.19
C ALA P 284 -21.43 -48.29 -31.58
N ALA P 285 -21.66 -46.97 -31.64
CA ALA P 285 -21.65 -46.23 -32.90
C ALA P 285 -20.24 -46.15 -33.49
N GLN P 286 -19.22 -46.04 -32.63
CA GLN P 286 -17.81 -45.97 -33.04
C GLN P 286 -17.38 -47.27 -33.72
N THR P 287 -17.80 -48.43 -33.18
CA THR P 287 -17.48 -49.73 -33.76
C THR P 287 -18.09 -49.84 -35.16
N THR P 288 -19.35 -49.39 -35.31
CA THR P 288 -20.05 -49.41 -36.60
C THR P 288 -19.37 -48.46 -37.59
N ALA P 289 -18.98 -47.26 -37.15
CA ALA P 289 -18.33 -46.27 -38.00
C ALA P 289 -16.95 -46.74 -38.48
N GLY P 290 -16.17 -47.36 -37.60
CA GLY P 290 -14.86 -47.88 -37.97
C GLY P 290 -14.94 -48.92 -39.07
N GLU P 291 -15.97 -49.78 -39.02
CA GLU P 291 -16.18 -50.81 -40.03
C GLU P 291 -16.74 -50.20 -41.32
N LEU P 292 -17.72 -49.28 -41.21
CA LEU P 292 -18.32 -48.63 -42.38
C LEU P 292 -17.31 -47.82 -43.19
N ALA P 293 -16.41 -47.08 -42.53
CA ALA P 293 -15.40 -46.28 -43.21
C ALA P 293 -14.50 -47.12 -44.11
N GLU P 294 -14.13 -48.33 -43.66
CA GLU P 294 -13.30 -49.24 -44.43
C GLU P 294 -14.07 -49.90 -45.57
N ARG P 295 -15.34 -50.27 -45.32
CA ARG P 295 -16.18 -50.90 -46.34
C ARG P 295 -16.53 -49.92 -47.47
N LEU P 296 -16.82 -48.65 -47.13
CA LEU P 296 -17.15 -47.63 -48.13
C LEU P 296 -15.91 -47.20 -48.95
N ALA P 297 -14.70 -47.32 -48.39
CA ALA P 297 -13.47 -46.99 -49.11
C ALA P 297 -13.26 -47.88 -50.32
N ALA P 298 -13.68 -49.17 -50.24
CA ALA P 298 -13.56 -50.11 -51.34
C ALA P 298 -14.48 -49.79 -52.52
N HIS P 299 -15.54 -48.98 -52.32
CA HIS P 299 -16.46 -48.63 -53.41
C HIS P 299 -15.76 -47.69 -54.40
N PRO P 300 -15.91 -47.88 -55.74
CA PRO P 300 -15.21 -46.98 -56.69
C PRO P 300 -15.78 -45.57 -56.79
N ALA P 301 -17.06 -45.36 -56.44
CA ALA P 301 -17.68 -44.04 -56.50
C ALA P 301 -17.10 -43.03 -55.50
N ILE P 302 -16.52 -43.52 -54.38
CA ILE P 302 -15.93 -42.65 -53.36
C ILE P 302 -14.43 -42.53 -53.59
N THR P 303 -13.91 -41.29 -53.69
CA THR P 303 -12.49 -41.04 -53.92
C THR P 303 -11.69 -41.10 -52.61
N ALA P 304 -12.21 -40.48 -51.54
CA ALA P 304 -11.53 -40.46 -50.24
C ALA P 304 -12.52 -40.54 -49.10
N VAL P 305 -12.20 -41.33 -48.06
CA VAL P 305 -13.03 -41.47 -46.87
C VAL P 305 -12.27 -40.86 -45.71
N HIS P 306 -12.86 -39.90 -45.01
CA HIS P 306 -12.22 -39.22 -43.89
C HIS P 306 -12.80 -39.78 -42.58
N TYR P 307 -11.94 -40.38 -41.76
CA TYR P 307 -12.34 -40.94 -40.46
C TYR P 307 -11.11 -40.93 -39.54
N PRO P 308 -11.11 -40.27 -38.36
CA PRO P 308 -9.89 -40.27 -37.53
C PRO P 308 -9.28 -41.65 -37.28
N GLY P 309 -8.10 -41.88 -37.84
CA GLY P 309 -7.39 -43.15 -37.74
C GLY P 309 -8.08 -44.29 -38.45
N LEU P 310 -8.34 -44.12 -39.76
CA LEU P 310 -8.96 -45.17 -40.57
C LEU P 310 -7.87 -46.24 -40.78
N ASN P 311 -6.68 -45.81 -41.25
CA ASN P 311 -5.49 -46.65 -41.42
C ASN P 311 -4.31 -45.91 -40.77
N GLY P 312 -4.16 -44.62 -41.07
CA GLY P 312 -3.15 -43.75 -40.49
C GLY P 312 -3.48 -42.28 -40.72
N GLN P 313 -4.77 -41.88 -40.56
CA GLN P 313 -5.21 -40.49 -40.79
C GLN P 313 -4.95 -39.56 -39.59
N ASP P 314 -3.73 -39.61 -39.06
CA ASP P 314 -3.26 -38.77 -37.95
C ASP P 314 -1.74 -38.87 -37.91
N PRO P 315 -1.00 -38.09 -38.72
CA PRO P 315 0.47 -38.24 -38.68
C PRO P 315 1.10 -37.75 -37.37
N ARG P 316 0.39 -36.91 -36.58
CA ARG P 316 0.91 -36.39 -35.32
C ARG P 316 0.73 -37.32 -34.10
N GLY P 317 0.09 -38.47 -34.28
CA GLY P 317 -0.13 -39.42 -33.20
C GLY P 317 -1.11 -38.91 -32.16
N LEU P 318 -2.13 -38.15 -32.60
CA LEU P 318 -3.14 -37.61 -31.69
C LEU P 318 -4.10 -38.69 -31.22
N LEU P 319 -4.35 -39.74 -32.04
CA LEU P 319 -5.22 -40.83 -31.65
C LEU P 319 -4.43 -41.74 -30.69
N GLY P 320 -4.55 -41.44 -29.40
CA GLY P 320 -3.82 -42.12 -28.33
C GLY P 320 -3.41 -41.14 -27.27
N ARG P 321 -2.85 -39.99 -27.69
CA ARG P 321 -2.42 -38.91 -26.79
C ARG P 321 -3.62 -38.01 -26.43
N GLN P 322 -4.39 -37.58 -27.44
CA GLN P 322 -5.49 -36.64 -27.30
C GLN P 322 -6.87 -37.28 -27.29
N MET P 323 -7.13 -38.24 -28.20
CA MET P 323 -8.45 -38.90 -28.29
C MET P 323 -8.31 -40.43 -28.24
N SER P 324 -9.15 -41.07 -27.41
CA SER P 324 -9.15 -42.51 -27.15
C SER P 324 -10.00 -43.33 -28.13
N GLY P 325 -10.45 -42.74 -29.24
CA GLY P 325 -11.26 -43.43 -30.22
C GLY P 325 -11.47 -42.63 -31.49
N GLY P 326 -11.83 -43.32 -32.56
CA GLY P 326 -12.06 -42.70 -33.86
C GLY P 326 -13.29 -41.84 -34.01
N GLY P 327 -14.31 -42.07 -33.18
CA GLY P 327 -15.56 -41.32 -33.25
C GLY P 327 -16.65 -42.05 -34.03
N ALA P 328 -17.79 -41.39 -34.20
CA ALA P 328 -18.94 -41.94 -34.93
C ALA P 328 -19.36 -41.07 -36.13
N MET P 329 -18.48 -40.19 -36.63
CA MET P 329 -18.75 -39.31 -37.77
C MET P 329 -17.84 -39.70 -38.93
N ILE P 330 -18.35 -39.66 -40.18
CA ILE P 330 -17.57 -39.98 -41.37
C ILE P 330 -17.90 -39.02 -42.51
N ALA P 331 -16.90 -38.29 -43.01
CA ALA P 331 -17.07 -37.40 -44.17
C ALA P 331 -16.40 -38.07 -45.37
N LEU P 332 -16.97 -37.94 -46.58
CA LEU P 332 -16.40 -38.59 -47.76
C LEU P 332 -16.63 -37.81 -49.06
N GLU P 333 -15.60 -37.78 -49.93
CA GLU P 333 -15.65 -37.09 -51.22
C GLU P 333 -16.10 -38.08 -52.29
N LEU P 334 -17.02 -37.67 -53.18
CA LEU P 334 -17.52 -38.52 -54.26
C LEU P 334 -16.88 -38.12 -55.60
N ALA P 335 -16.73 -39.09 -56.50
CA ALA P 335 -16.15 -38.89 -57.83
C ALA P 335 -17.41 -38.48 -58.62
N GLY P 336 -17.60 -37.23 -58.89
CA GLY P 336 -18.83 -36.73 -59.52
C GLY P 336 -19.21 -35.35 -59.04
N GLY P 337 -18.68 -34.95 -57.89
CA GLY P 337 -18.90 -33.62 -57.34
C GLY P 337 -20.30 -33.46 -56.80
N PHE P 338 -20.94 -32.31 -57.11
CA PHE P 338 -22.28 -31.99 -56.63
C PHE P 338 -23.36 -32.97 -57.09
N ASP P 339 -23.39 -33.35 -58.39
CA ASP P 339 -24.44 -34.25 -58.89
C ASP P 339 -24.41 -35.64 -58.22
N ALA P 340 -23.22 -36.24 -58.00
CA ALA P 340 -23.14 -37.53 -57.33
C ALA P 340 -23.52 -37.40 -55.85
N ALA P 341 -23.05 -36.32 -55.19
CA ALA P 341 -23.36 -36.05 -53.78
C ALA P 341 -24.87 -35.85 -53.57
N ARG P 342 -25.53 -35.14 -54.50
CA ARG P 342 -26.97 -34.87 -54.46
C ARG P 342 -27.78 -36.16 -54.66
N SER P 343 -27.39 -36.98 -55.64
CA SER P 343 -28.08 -38.24 -55.93
C SER P 343 -27.95 -39.25 -54.77
N PHE P 344 -26.74 -39.38 -54.21
CA PHE P 344 -26.47 -40.30 -53.09
C PHE P 344 -27.33 -39.97 -51.86
N VAL P 345 -27.49 -38.68 -51.55
CA VAL P 345 -28.31 -38.22 -50.42
C VAL P 345 -29.79 -38.53 -50.67
N GLU P 346 -30.30 -38.22 -51.87
CA GLU P 346 -31.72 -38.43 -52.20
C GLU P 346 -32.12 -39.91 -52.34
N HIS P 347 -31.22 -40.80 -52.77
CA HIS P 347 -31.56 -42.21 -52.93
C HIS P 347 -31.45 -43.05 -51.63
N CYS P 348 -31.05 -42.44 -50.49
CA CYS P 348 -30.98 -43.16 -49.22
C CYS P 348 -32.41 -43.35 -48.68
N SER P 349 -32.74 -44.56 -48.18
CA SER P 349 -34.06 -44.87 -47.64
C SER P 349 -34.01 -45.09 -46.12
N LEU P 350 -33.15 -46.00 -45.63
CA LEU P 350 -32.99 -46.28 -44.21
C LEU P 350 -32.24 -45.12 -43.56
N VAL P 351 -31.13 -44.68 -44.20
CA VAL P 351 -30.37 -43.54 -43.70
C VAL P 351 -31.17 -42.30 -44.08
N VAL P 352 -31.49 -41.45 -43.09
CA VAL P 352 -32.35 -40.30 -43.31
C VAL P 352 -31.56 -39.03 -43.65
N HIS P 353 -31.95 -38.31 -44.71
CA HIS P 353 -31.31 -37.06 -45.10
C HIS P 353 -31.82 -35.94 -44.22
N ALA P 354 -31.02 -35.55 -43.22
CA ALA P 354 -31.36 -34.50 -42.27
C ALA P 354 -30.10 -33.91 -41.64
N VAL P 355 -30.19 -32.67 -41.14
CA VAL P 355 -29.07 -32.04 -40.44
C VAL P 355 -28.97 -32.65 -39.00
N SER P 356 -27.94 -32.31 -38.21
CA SER P 356 -27.74 -32.80 -36.85
C SER P 356 -27.01 -34.16 -36.84
N LEU P 357 -26.56 -34.60 -35.65
CA LEU P 357 -25.77 -35.81 -35.46
C LEU P 357 -25.91 -36.34 -34.00
N GLY P 358 -25.24 -37.45 -33.69
CA GLY P 358 -25.24 -38.03 -32.34
C GLY P 358 -26.48 -38.79 -31.90
N GLY P 359 -27.47 -38.90 -32.77
CA GLY P 359 -28.71 -39.61 -32.43
C GLY P 359 -28.59 -41.12 -32.57
N ALA P 360 -29.67 -41.82 -32.20
CA ALA P 360 -29.73 -43.27 -32.31
C ALA P 360 -29.80 -43.74 -33.77
N ASP P 361 -30.28 -42.90 -34.70
CA ASP P 361 -30.39 -43.24 -36.13
C ASP P 361 -29.29 -42.57 -36.95
N THR P 362 -28.97 -43.17 -38.10
CA THR P 362 -27.92 -42.69 -39.00
C THR P 362 -28.49 -41.59 -39.90
N LEU P 363 -27.84 -40.42 -39.90
CA LEU P 363 -28.25 -39.27 -40.70
C LEU P 363 -27.17 -38.93 -41.74
N ILE P 364 -27.59 -38.31 -42.85
CA ILE P 364 -26.68 -37.94 -43.95
C ILE P 364 -27.04 -36.53 -44.46
N GLN P 365 -26.04 -35.78 -44.94
CA GLN P 365 -26.24 -34.43 -45.45
C GLN P 365 -25.17 -34.02 -46.47
N HIS P 366 -25.44 -32.94 -47.23
CA HIS P 366 -24.49 -32.31 -48.14
C HIS P 366 -24.13 -30.99 -47.40
N PRO P 367 -23.00 -30.92 -46.66
CA PRO P 367 -22.71 -29.71 -45.87
C PRO P 367 -22.73 -28.36 -46.59
N ALA P 368 -22.29 -28.31 -47.85
CA ALA P 368 -22.26 -27.05 -48.59
C ALA P 368 -23.67 -26.45 -48.76
N SER P 369 -24.70 -27.29 -48.94
CA SER P 369 -26.08 -26.82 -49.11
C SER P 369 -26.87 -26.65 -47.81
N LEU P 370 -26.45 -27.26 -46.69
CA LEU P 370 -27.21 -27.17 -45.43
C LEU P 370 -26.43 -26.53 -44.25
N THR P 371 -25.58 -27.27 -43.51
CA THR P 371 -24.91 -26.72 -42.33
C THR P 371 -23.95 -25.55 -42.65
N HIS P 372 -23.00 -25.76 -43.58
CA HIS P 372 -22.04 -24.73 -43.93
C HIS P 372 -22.48 -23.91 -45.14
N ARG P 373 -23.76 -23.47 -45.12
CA ARG P 373 -24.39 -22.63 -46.13
C ARG P 373 -24.18 -21.12 -45.82
N PRO P 374 -24.28 -20.63 -44.55
CA PRO P 374 -24.04 -19.19 -44.30
C PRO P 374 -22.55 -18.77 -44.30
N VAL P 375 -21.64 -19.70 -44.65
CA VAL P 375 -20.20 -19.43 -44.72
C VAL P 375 -19.85 -18.83 -46.08
N THR P 378 -15.07 -19.03 -49.54
CA THR P 378 -13.69 -19.50 -49.42
C THR P 378 -13.56 -20.60 -48.37
N ALA P 379 -14.22 -20.45 -47.21
CA ALA P 379 -14.17 -21.44 -46.14
C ALA P 379 -15.24 -22.55 -46.27
N LYS P 380 -16.00 -22.60 -47.39
CA LYS P 380 -17.02 -23.62 -47.57
C LYS P 380 -16.38 -24.98 -47.92
N PRO P 381 -16.95 -26.13 -47.49
CA PRO P 381 -16.35 -27.43 -47.86
C PRO P 381 -16.59 -27.80 -49.33
N GLY P 382 -15.90 -28.84 -49.80
CA GLY P 382 -16.04 -29.31 -51.17
C GLY P 382 -17.45 -29.77 -51.51
N ASP P 383 -17.84 -29.63 -52.77
CA ASP P 383 -19.17 -30.03 -53.24
C ASP P 383 -19.35 -31.56 -53.21
N GLY P 384 -18.28 -32.30 -53.47
CA GLY P 384 -18.32 -33.76 -53.42
C GLY P 384 -18.36 -34.32 -52.02
N LEU P 385 -18.10 -33.50 -50.97
CA LEU P 385 -18.08 -33.96 -49.59
C LEU P 385 -19.50 -34.21 -49.05
N ILE P 386 -19.65 -35.31 -48.30
CA ILE P 386 -20.90 -35.75 -47.67
C ILE P 386 -20.59 -36.15 -46.23
N ARG P 387 -21.28 -35.55 -45.25
CA ARG P 387 -21.09 -35.89 -43.83
C ARG P 387 -22.12 -36.97 -43.44
N LEU P 388 -21.71 -37.94 -42.62
CA LEU P 388 -22.56 -39.05 -42.22
C LEU P 388 -22.41 -39.34 -40.72
N SER P 389 -23.51 -39.16 -39.96
CA SER P 389 -23.52 -39.44 -38.52
C SER P 389 -23.96 -40.89 -38.33
N VAL P 390 -23.10 -41.73 -37.76
CA VAL P 390 -23.41 -43.15 -37.59
C VAL P 390 -24.21 -43.38 -36.30
N GLY P 391 -25.34 -44.06 -36.42
CA GLY P 391 -26.22 -44.37 -35.30
C GLY P 391 -25.93 -45.73 -34.68
N LEU P 392 -26.98 -46.38 -34.14
CA LEU P 392 -26.87 -47.68 -33.47
C LEU P 392 -27.50 -48.83 -34.28
N GLU P 393 -27.59 -48.70 -35.61
CA GLU P 393 -28.16 -49.77 -36.45
C GLU P 393 -27.08 -50.81 -36.77
N HIS P 394 -27.48 -51.97 -37.31
CA HIS P 394 -26.53 -53.02 -37.69
C HIS P 394 -25.62 -52.51 -38.81
N VAL P 395 -24.36 -52.98 -38.82
CA VAL P 395 -23.37 -52.52 -39.78
C VAL P 395 -23.74 -52.97 -41.21
N ASP P 396 -24.24 -54.19 -41.37
CA ASP P 396 -24.62 -54.71 -42.69
C ASP P 396 -25.80 -53.96 -43.31
N ASP P 397 -26.85 -53.65 -42.53
CA ASP P 397 -28.01 -52.92 -43.04
C ASP P 397 -27.67 -51.51 -43.48
N LEU P 398 -26.71 -50.85 -42.80
CA LEU P 398 -26.32 -49.49 -43.18
C LEU P 398 -25.50 -49.51 -44.48
N GLU P 399 -24.58 -50.50 -44.65
CA GLU P 399 -23.80 -50.57 -45.88
C GLU P 399 -24.69 -50.93 -47.08
N ASP P 400 -25.68 -51.82 -46.91
CA ASP P 400 -26.58 -52.19 -47.99
C ASP P 400 -27.36 -50.98 -48.50
N ASP P 401 -27.83 -50.12 -47.61
CA ASP P 401 -28.57 -48.92 -47.98
C ASP P 401 -27.68 -47.88 -48.67
N LEU P 402 -26.47 -47.66 -48.16
CA LEU P 402 -25.54 -46.68 -48.75
C LEU P 402 -25.02 -47.16 -50.11
N ILE P 403 -24.78 -48.47 -50.28
CA ILE P 403 -24.33 -49.02 -51.55
C ILE P 403 -25.46 -48.88 -52.58
N ALA P 404 -26.72 -49.17 -52.18
CA ALA P 404 -27.87 -49.02 -53.08
C ALA P 404 -28.01 -47.58 -53.58
N ALA P 405 -27.78 -46.59 -52.70
CA ALA P 405 -27.86 -45.17 -53.06
C ALA P 405 -26.72 -44.76 -53.99
N LEU P 406 -25.50 -45.31 -53.79
CA LEU P 406 -24.35 -45.01 -54.65
C LEU P 406 -24.56 -45.62 -56.04
N ASP P 407 -25.08 -46.86 -56.10
CA ASP P 407 -25.34 -47.54 -57.37
C ASP P 407 -26.52 -46.92 -58.16
N ALA P 408 -27.41 -46.17 -57.49
CA ALA P 408 -28.54 -45.52 -58.16
C ALA P 408 -28.13 -44.31 -59.02
N SER P 409 -26.82 -43.97 -59.10
CA SER P 409 -26.34 -42.85 -59.92
C SER P 409 -26.32 -43.25 -61.39
#